data_8ZC6
#
_entry.id   8ZC6
#
_cell.length_a   1.00
_cell.length_b   1.00
_cell.length_c   1.00
_cell.angle_alpha   90.00
_cell.angle_beta   90.00
_cell.angle_gamma   90.00
#
_symmetry.space_group_name_H-M   'P 1'
#
loop_
_entity.id
_entity.type
_entity.pdbx_description
1 polymer 'Spike glycoprotein'
2 polymer 'Light chain of D1F6 Fab'
3 polymer 'Heavy chain of D1F6 Fab'
4 non-polymer 2-acetamido-2-deoxy-beta-D-glucopyranose
#
loop_
_entity_poly.entity_id
_entity_poly.type
_entity_poly.pdbx_seq_one_letter_code
_entity_poly.pdbx_strand_id
1 'polypeptide(L)'
;QCVNLITRTQSYTNSFTRGVYYPDKVFRSSVLHSTQDLFLPFFSNVTWFHAISGTNGTKRFDNPVLPFNDGVYFASTEKS
NIIRGWIFGTTLDSKTQSLLIVNNATNVVIKVCEFQFCNDPFLDVYYHKNNKSWMESEFRVYSSANNCTFEYVSQPFLMD
LEGKQGNFKNLREFVFKNIDGYFKIYSKHTPINLGRDLPQGFSALEPLVDLPIGINITRFQTLLALHRSYLTPGDSSSGW
TAGAAAYYVGYLQPRTFLLKYNENGTITDAVDCALDPLSETKCTLKSFTVEKGIYQTSNFRVQPTESIVRFPNITNLCPF
DEVFNATRFASVYAWNRKRISNCVADYSVLYNFAPFFAFKCYGVSPTKLNDLCFTNVYADSFVIRGNEVSQIAPGQTGNI
ADYNYKLPDDFTGCVIAWNSNKLDSKVGGNYNYRYRLFRKSNLKPFERDISTEIYQAGNKPCNGVAGVNCYFPLQSYGFR
PTYGVGHQPYRVVVLSFELLHAPATVCGPKKSTNLVKNKCVNFNFNGLTGTGVLTESNKKFLPFQQFGRDIADTTDAVRD
PQTLEILDITPCSFGGVSVITPGTNTSNQVAVLYQGVNCTEVPVAIHADQLTPTWRVYSTGSNVFQTRAGCLIGAEYVNN
SYECDIPIGAGICASYQTQTKSRSVASQSIIAYTMSLGAENSVAYSNNSIAIPTNFTISVTTEILPVSMTKTSVDCTMYI
CGDSTECSNLLLQYGSFCTQLKRALTGIAVEQDKNTQEVFAQVKQIYKTPPIKYFGGFNFSQILPDPSKPSKRSPIEDLL
FNKVTLADAGFIKQYGDCLGDIAARDLICAQKFNGLTVLPPLLTDEMIAQYTSALLAGTITSGWTFGAGPALQIPFPMQM
AYRFNGIGVTQNVLYENQKLIANQFNSAIGKIQDSLSSTPSALGKLQDVVNHNAQALNTLVKQLSSKFGAISSVLNDILS
RLDPPEAEVQIDRLITGRLQSLQTYVTQQLIRAAEIRASANLAATKMSECVLGQSKRVDFCGKGYHLMSFPQSAPHGVVF
LHVTYVPAQEKNFTTAPAICHDGKAHFPREGVFVSNGTHWFVTQRNFYEPQIITTDNTFVSGNCDVVIGIVNNTVYDPLQ
PELDSFKEELDKYFKNHTSPDVDLGDISGINASVVNIQKEIDRLNEVAKNLNESLIDLQELGKYEQYIKGSGRENLYFQG
GGGSGYIPEAPRDGQAYVRKDGEWVLLSTFLGHHHHHH
;
A,B,C,D,E,F
2 'polypeptide(L)'
;QPVLTQPPSASGPPGQSVSISCSGSRSNIGTNFVYWYQQLPGAAPKLLIYKNDQRPSGVPERFFGSKSGTSASLAISGLR
SEDEVDYYCAAWDDSLSGHVFGAGTKVTVLGTKLTVLGQPKAAPSVTLFPPSSEELQANKATLVCLISDFYPGAVTVAWK
ADSSPVKAGVETTTPSKQSNNKYAASSYLSLTPEQWKSHRSYSCQVTHEGSTVEKTVAPTECS
;
G,M,N,I,K,L
3 'polypeptide(L)'
;EVQLVQSGAEVKKPGASVKVSCKASGYIFSDYNIHWVRQAPGQGLEWMGWISPDSDDTNYAQSFQGRVTMTRDTSITTVY
MELSSLRSDDTAVYFCARSVGYCSLNSCQRWMWFDTWGQGALVTVSSASTKGPSVFPLAPSSKSTSGGTAALGCLVKDYF
PEPVTVSWNSGALTSGVHTFPAVLQSSGLYSLSSVVTVPSSSLGTQTYICNVNHKPSNTKVDKKVEPKSC
;
H,Q,R,J,O,P
#
# COMPACT_ATOMS: atom_id res chain seq x y z
N SER A 11 47.08 30.19 5.35
CA SER A 11 47.98 31.34 5.40
C SER A 11 48.58 31.52 6.78
N TYR A 12 49.82 32.01 6.83
CA TYR A 12 50.52 32.24 8.08
C TYR A 12 51.15 33.62 8.08
N THR A 13 51.21 34.23 9.25
CA THR A 13 51.81 35.54 9.43
C THR A 13 52.34 35.64 10.86
N ASN A 14 52.78 36.84 11.23
CA ASN A 14 53.37 37.07 12.54
C ASN A 14 52.76 38.31 13.18
N SER A 15 52.40 38.19 14.46
CA SER A 15 51.94 39.33 15.24
C SER A 15 53.13 40.03 15.87
N PHE A 16 53.21 41.35 15.68
CA PHE A 16 54.37 42.12 16.12
C PHE A 16 54.54 42.14 17.63
N THR A 17 53.60 42.78 18.35
CA THR A 17 53.68 42.83 19.80
C THR A 17 52.32 42.75 20.48
N ARG A 18 51.24 42.58 19.72
CA ARG A 18 49.91 42.56 20.31
C ARG A 18 49.64 41.23 21.02
N GLY A 19 48.63 41.24 21.89
CA GLY A 19 48.26 40.05 22.63
C GLY A 19 48.49 40.18 24.12
N VAL A 20 48.36 41.40 24.66
CA VAL A 20 48.58 41.67 26.07
C VAL A 20 47.29 42.21 26.66
N TYR A 21 47.00 41.82 27.90
CA TYR A 21 45.78 42.21 28.59
C TYR A 21 46.06 42.37 30.07
N TYR A 22 45.08 42.87 30.80
CA TYR A 22 45.19 43.00 32.25
C TYR A 22 45.05 41.63 32.90
N PRO A 23 46.02 41.17 33.69
CA PRO A 23 45.94 39.82 34.26
C PRO A 23 45.02 39.71 35.47
N ASP A 24 44.68 40.82 36.13
CA ASP A 24 43.86 40.77 37.34
C ASP A 24 43.03 42.04 37.40
N LYS A 25 42.45 42.29 38.57
CA LYS A 25 41.55 43.43 38.79
C LYS A 25 42.19 44.48 39.68
N VAL A 26 43.50 44.45 39.84
CA VAL A 26 44.19 45.40 40.72
C VAL A 26 44.49 46.69 39.95
N PHE A 27 44.79 47.74 40.72
CA PHE A 27 45.14 49.05 40.17
C PHE A 27 46.57 49.39 40.58
N ARG A 28 47.38 49.75 39.59
CA ARG A 28 48.77 50.15 39.82
C ARG A 28 49.00 51.50 39.18
N SER A 29 49.87 52.31 39.82
CA SER A 29 50.10 53.69 39.42
C SER A 29 51.59 53.89 39.16
N SER A 30 51.98 53.84 37.87
CA SER A 30 53.33 54.16 37.40
C SER A 30 54.39 53.26 38.03
N VAL A 31 54.07 51.98 38.19
CA VAL A 31 55.01 51.00 38.71
C VAL A 31 55.20 49.90 37.67
N LEU A 32 56.18 49.04 37.92
CA LEU A 32 56.51 47.92 37.06
C LEU A 32 56.24 46.62 37.81
N HIS A 33 55.43 45.75 37.22
CA HIS A 33 55.00 44.51 37.86
C HIS A 33 55.18 43.34 36.91
N SER A 34 55.54 42.19 37.47
CA SER A 34 55.73 40.96 36.71
C SER A 34 54.73 39.91 37.18
N THR A 35 54.06 39.27 36.23
CA THR A 35 53.07 38.25 36.53
C THR A 35 53.22 37.10 35.55
N GLN A 36 52.72 35.93 35.96
CA GLN A 36 52.79 34.72 35.15
C GLN A 36 51.36 34.23 34.90
N ASP A 37 50.94 34.25 33.64
CA ASP A 37 49.63 33.76 33.24
C ASP A 37 49.77 33.25 31.80
N LEU A 38 48.66 32.96 31.15
CA LEU A 38 48.66 32.44 29.78
C LEU A 38 48.52 33.61 28.81
N PHE A 39 49.65 34.06 28.26
CA PHE A 39 49.68 35.17 27.33
C PHE A 39 50.10 34.68 25.94
N LEU A 40 50.01 35.59 24.97
CA LEU A 40 50.50 35.30 23.62
C LEU A 40 51.97 35.65 23.52
N PRO A 41 52.81 34.75 23.00
CA PRO A 41 54.23 35.06 22.86
C PRO A 41 54.47 36.18 21.86
N PHE A 42 55.51 36.98 22.12
CA PHE A 42 55.86 38.08 21.24
C PHE A 42 56.55 37.55 19.99
N PHE A 43 56.16 38.11 18.84
CA PHE A 43 56.66 37.70 17.52
C PHE A 43 56.45 36.20 17.28
N SER A 44 55.25 35.73 17.61
CA SER A 44 54.92 34.32 17.49
C SER A 44 54.36 34.03 16.10
N ASN A 45 53.86 32.80 15.89
CA ASN A 45 53.32 32.39 14.57
C ASN A 45 51.80 32.33 14.59
N VAL A 46 51.16 33.47 14.40
CA VAL A 46 49.71 33.59 14.40
C VAL A 46 49.18 33.13 13.04
N THR A 47 48.07 32.39 13.07
CA THR A 47 47.52 31.79 11.86
C THR A 47 46.43 32.69 11.27
N TRP A 48 46.55 32.98 9.98
CA TRP A 48 45.56 33.79 9.26
C TRP A 48 44.64 32.82 8.50
N PHE A 49 43.62 32.36 9.21
CA PHE A 49 42.65 31.44 8.60
C PHE A 49 41.75 32.18 7.63
N HIS A 50 41.58 31.62 6.44
CA HIS A 50 40.79 32.23 5.38
C HIS A 50 39.70 31.27 4.93
N ALA A 51 38.49 31.80 4.73
CA ALA A 51 37.37 31.00 4.28
C ALA A 51 36.45 31.87 3.45
N ILE A 52 36.03 31.36 2.30
CA ILE A 52 35.15 32.11 1.41
C ILE A 52 33.70 31.96 1.83
N PRO A 64 34.96 24.48 9.33
CA PRO A 64 36.37 24.39 9.71
C PRO A 64 36.57 23.78 11.10
N VAL A 65 37.73 23.17 11.34
CA VAL A 65 38.05 22.57 12.62
C VAL A 65 39.27 23.29 13.19
N LEU A 66 39.09 23.91 14.36
CA LEU A 66 40.15 24.63 15.03
C LEU A 66 40.33 24.07 16.44
N PRO A 67 41.50 23.53 16.77
CA PRO A 67 41.71 23.00 18.12
C PRO A 67 41.76 24.10 19.17
N PHE A 68 41.34 23.74 20.39
CA PHE A 68 41.36 24.65 21.54
C PHE A 68 42.05 23.91 22.68
N ASN A 69 43.39 23.98 22.70
CA ASN A 69 44.13 23.40 23.82
C ASN A 69 44.14 24.35 25.02
N ASP A 70 44.19 25.65 24.77
CA ASP A 70 44.18 26.67 25.80
C ASP A 70 43.50 27.91 25.22
N GLY A 71 43.70 29.05 25.86
CA GLY A 71 43.12 30.30 25.37
C GLY A 71 43.65 30.68 24.00
N VAL A 72 42.81 31.40 23.26
CA VAL A 72 43.12 31.74 21.88
C VAL A 72 43.08 33.25 21.67
N TYR A 73 43.42 33.68 20.46
CA TYR A 73 43.41 35.09 20.07
C TYR A 73 42.52 35.24 18.84
N PHE A 74 41.78 36.35 18.79
CA PHE A 74 40.86 36.59 17.69
C PHE A 74 40.97 38.05 17.26
N ALA A 75 41.27 38.26 15.97
CA ALA A 75 41.35 39.59 15.38
C ALA A 75 40.59 39.59 14.07
N SER A 76 39.65 40.51 13.93
CA SER A 76 38.85 40.61 12.71
C SER A 76 38.63 42.08 12.37
N THR A 77 38.51 42.36 11.08
CA THR A 77 38.27 43.70 10.58
C THR A 77 36.89 43.77 9.93
N GLU A 78 36.20 44.89 10.15
CA GLU A 78 34.87 45.09 9.58
C GLU A 78 34.84 46.32 8.68
N ASN A 81 30.33 43.55 8.29
CA ASN A 81 29.56 42.97 9.38
C ASN A 81 29.21 41.51 9.10
N ILE A 82 30.09 40.83 8.36
CA ILE A 82 29.87 39.43 8.02
C ILE A 82 30.43 38.47 9.07
N ILE A 83 31.05 38.98 10.12
CA ILE A 83 31.59 38.17 11.20
C ILE A 83 30.59 38.17 12.35
N ARG A 84 30.48 37.03 13.03
CA ARG A 84 29.49 36.85 14.09
C ARG A 84 30.17 36.11 15.25
N GLY A 85 29.35 35.58 16.15
CA GLY A 85 29.85 34.99 17.38
C GLY A 85 30.55 33.65 17.16
N TRP A 86 30.89 33.03 18.28
CA TRP A 86 31.72 31.83 18.30
C TRP A 86 30.96 30.67 18.94
N ILE A 87 31.50 29.47 18.75
CA ILE A 87 30.94 28.25 19.33
C ILE A 87 32.06 27.51 20.05
N PHE A 88 31.85 27.21 21.33
CA PHE A 88 32.81 26.49 22.15
C PHE A 88 32.18 25.20 22.65
N GLY A 89 32.91 24.10 22.56
CA GLY A 89 32.41 22.83 23.02
C GLY A 89 33.52 21.81 23.19
N THR A 90 33.27 20.82 24.04
CA THR A 90 34.24 19.76 24.26
C THR A 90 34.32 18.82 23.07
N THR A 91 33.17 18.43 22.53
CA THR A 91 33.10 17.45 21.46
C THR A 91 32.20 17.90 20.31
N LEU A 92 31.29 18.84 20.56
CA LEU A 92 30.26 19.29 19.62
C LEU A 92 29.38 18.11 19.18
N ASP A 93 28.71 17.53 20.17
CA ASP A 93 27.83 16.39 19.97
C ASP A 93 26.55 16.62 20.77
N SER A 94 25.75 15.58 20.91
CA SER A 94 24.50 15.64 21.67
C SER A 94 24.64 15.03 23.07
N LYS A 95 25.87 14.95 23.59
CA LYS A 95 26.10 14.40 24.93
C LYS A 95 26.77 15.35 25.90
N THR A 96 27.34 16.46 25.43
CA THR A 96 28.05 17.40 26.28
C THR A 96 27.54 18.82 26.00
N GLN A 97 27.47 19.63 27.06
CA GLN A 97 27.06 21.01 26.91
C GLN A 97 28.10 21.80 26.12
N SER A 98 27.63 22.78 25.34
CA SER A 98 28.49 23.58 24.49
C SER A 98 28.10 25.05 24.61
N LEU A 99 29.11 25.91 24.61
CA LEU A 99 28.88 27.35 24.65
C LEU A 99 28.48 27.85 23.27
N LEU A 100 27.43 28.66 23.21
CA LEU A 100 26.89 29.18 21.96
C LEU A 100 26.69 30.68 22.12
N ILE A 101 27.58 31.46 21.50
CA ILE A 101 27.53 32.92 21.58
C ILE A 101 27.09 33.45 20.22
N VAL A 102 25.97 34.16 20.20
CA VAL A 102 25.41 34.76 18.99
C VAL A 102 25.09 36.22 19.27
N ASN A 103 25.61 37.11 18.44
CA ASN A 103 25.34 38.54 18.54
C ASN A 103 24.55 38.99 17.32
N ASN A 104 23.49 39.73 17.62
CA ASN A 104 22.57 40.27 16.64
C ASN A 104 22.50 41.79 16.76
N ALA A 105 23.66 42.37 17.01
CA ALA A 105 23.90 43.82 17.07
C ALA A 105 23.01 44.55 18.05
N THR A 106 22.20 43.83 18.83
CA THR A 106 21.38 44.44 19.88
C THR A 106 21.38 43.68 21.19
N ASN A 107 21.68 42.39 21.22
CA ASN A 107 21.63 41.60 22.44
C ASN A 107 22.69 40.51 22.38
N VAL A 108 22.98 39.93 23.54
CA VAL A 108 23.93 38.83 23.67
C VAL A 108 23.16 37.56 23.93
N VAL A 109 23.38 36.54 23.09
CA VAL A 109 22.71 35.25 23.22
C VAL A 109 23.74 34.23 23.67
N ILE A 110 23.59 33.72 24.89
CA ILE A 110 24.46 32.69 25.43
C ILE A 110 23.59 31.53 25.89
N LYS A 111 23.79 30.36 25.30
CA LYS A 111 23.06 29.16 25.66
C LYS A 111 24.05 28.03 25.94
N VAL A 112 23.87 27.36 27.07
CA VAL A 112 24.72 26.25 27.49
C VAL A 112 23.84 25.01 27.48
N CYS A 113 23.85 24.28 26.37
CA CYS A 113 23.05 23.07 26.23
C CYS A 113 23.70 22.19 25.17
N GLU A 114 23.06 21.07 24.86
CA GLU A 114 23.54 20.11 23.88
C GLU A 114 22.81 20.34 22.56
N PHE A 115 23.57 20.58 21.50
CA PHE A 115 23.02 20.83 20.17
C PHE A 115 23.67 19.89 19.17
N GLN A 116 22.93 19.59 18.10
CA GLN A 116 23.41 18.72 17.02
C GLN A 116 24.06 19.61 15.96
N PHE A 117 25.35 19.89 16.15
CA PHE A 117 26.07 20.76 15.23
C PHE A 117 26.34 20.04 13.91
N CYS A 118 26.34 20.82 12.83
CA CYS A 118 26.59 20.31 11.50
C CYS A 118 28.04 20.62 11.09
N ASN A 119 28.38 20.31 9.84
CA ASN A 119 29.75 20.50 9.37
C ASN A 119 30.08 21.98 9.20
N ASP A 120 29.20 22.73 8.56
CA ASP A 120 29.42 24.15 8.25
C ASP A 120 28.21 24.96 8.72
N PRO A 121 28.15 25.31 10.01
CA PRO A 121 27.04 26.11 10.51
C PRO A 121 27.24 27.61 10.29
N PHE A 122 26.14 28.29 10.02
CA PHE A 122 26.14 29.73 9.82
C PHE A 122 24.74 30.26 10.12
N LEU A 123 24.58 31.58 9.99
CA LEU A 123 23.32 32.25 10.23
C LEU A 123 22.91 33.06 9.02
N ASP A 124 21.60 33.18 8.81
CA ASP A 124 21.07 33.93 7.69
C ASP A 124 20.86 35.40 8.07
N SER A 137 16.53 35.47 11.30
CA SER A 137 17.68 34.63 11.60
C SER A 137 17.26 33.18 11.81
N GLU A 138 17.22 32.43 10.71
CA GLU A 138 16.86 31.02 10.78
C GLU A 138 17.98 30.20 11.42
N PHE A 139 17.60 29.24 12.25
CA PHE A 139 18.56 28.45 13.01
C PHE A 139 18.90 27.19 12.22
N ARG A 140 19.91 27.30 11.35
CA ARG A 140 20.45 26.15 10.64
C ARG A 140 21.73 25.61 11.31
N VAL A 141 22.14 26.20 12.43
CA VAL A 141 23.34 25.72 13.13
C VAL A 141 23.09 24.36 13.76
N TYR A 142 21.86 24.12 14.23
CA TYR A 142 21.50 22.80 14.77
C TYR A 142 20.02 22.53 14.54
N PHE A 150 21.89 28.12 31.60
CA PHE A 150 22.56 29.39 31.80
C PHE A 150 22.15 30.40 30.72
N GLU A 151 21.73 31.58 31.15
CA GLU A 151 21.31 32.64 30.24
C GLU A 151 22.02 33.93 30.61
N TYR A 152 22.38 34.70 29.58
CA TYR A 152 23.10 35.95 29.79
C TYR A 152 22.82 36.87 28.62
N VAL A 153 22.08 37.94 28.86
CA VAL A 153 21.78 38.96 27.86
C VAL A 153 22.34 40.28 28.35
N SER A 154 23.15 40.93 27.51
CA SER A 154 23.84 42.16 27.90
C SER A 154 24.18 42.94 26.65
N GLN A 155 25.07 43.93 26.79
CA GLN A 155 25.47 44.77 25.68
C GLN A 155 26.30 43.97 24.69
N PRO A 156 25.92 43.93 23.41
CA PRO A 156 26.75 43.24 22.41
C PRO A 156 28.12 43.89 22.25
N PHE A 157 29.12 43.04 22.01
CA PHE A 157 30.49 43.52 21.87
C PHE A 157 30.69 44.26 20.55
N LEU A 158 30.07 43.78 19.48
CA LEU A 158 30.21 44.39 18.16
C LEU A 158 29.38 45.67 18.07
N LYS A 169 37.54 52.36 9.51
CA LYS A 169 38.28 51.12 9.70
C LYS A 169 38.61 50.91 11.18
N ASN A 170 38.17 49.77 11.73
CA ASN A 170 38.38 49.46 13.13
C ASN A 170 38.91 48.04 13.26
N LEU A 171 39.75 47.83 14.27
CA LEU A 171 40.32 46.52 14.57
C LEU A 171 39.80 46.05 15.93
N ARG A 172 39.25 44.85 15.97
CA ARG A 172 38.68 44.26 17.18
C ARG A 172 39.52 43.07 17.60
N GLU A 173 39.97 43.07 18.86
CA GLU A 173 40.82 42.03 19.41
C GLU A 173 40.09 41.31 20.53
N PHE A 174 40.07 39.98 20.48
CA PHE A 174 39.35 39.17 21.45
C PHE A 174 40.24 38.07 22.00
N VAL A 175 40.14 37.85 23.31
CA VAL A 175 40.86 36.78 24.00
C VAL A 175 39.86 36.00 24.83
N PHE A 176 39.83 34.68 24.65
CA PHE A 176 38.88 33.79 25.31
C PHE A 176 39.65 32.85 26.24
N LYS A 177 39.66 33.17 27.53
CA LYS A 177 40.39 32.39 28.51
C LYS A 177 39.48 31.39 29.21
N ASN A 178 40.06 30.23 29.57
CA ASN A 178 39.33 29.18 30.27
C ASN A 178 40.26 28.62 31.35
N ILE A 179 40.15 29.17 32.56
CA ILE A 179 40.94 28.70 33.70
C ILE A 179 40.04 28.59 34.93
N ASP A 180 40.35 27.61 35.77
CA ASP A 180 39.74 27.43 37.10
C ASP A 180 38.22 27.27 37.03
N GLY A 181 37.74 26.63 35.96
CA GLY A 181 36.32 26.44 35.80
C GLY A 181 35.55 27.70 35.46
N TYR A 182 36.22 28.72 34.93
CA TYR A 182 35.59 29.97 34.53
C TYR A 182 35.60 30.09 33.00
N PHE A 183 35.12 31.22 32.52
CA PHE A 183 35.18 31.53 31.08
C PHE A 183 35.25 33.04 30.96
N LYS A 184 36.45 33.56 30.69
CA LYS A 184 36.70 34.99 30.69
C LYS A 184 36.90 35.46 29.24
N ILE A 185 36.26 36.57 28.89
CA ILE A 185 36.31 37.13 27.55
C ILE A 185 36.87 38.55 27.64
N TYR A 186 37.91 38.83 26.88
CA TYR A 186 38.52 40.15 26.80
C TYR A 186 38.21 40.77 25.44
N SER A 187 37.94 42.06 25.43
CA SER A 187 37.59 42.75 24.19
C SER A 187 38.16 44.16 24.23
N LYS A 188 38.57 44.63 23.05
CA LYS A 188 39.08 45.99 22.89
C LYS A 188 38.96 46.38 21.43
N HIS A 189 38.37 47.55 21.18
CA HIS A 189 38.19 48.08 19.83
C HIS A 189 39.08 49.31 19.67
N THR A 190 39.92 49.31 18.64
CA THR A 190 40.78 50.45 18.36
C THR A 190 40.71 50.78 16.88
N PRO A 191 40.54 52.08 16.56
CA PRO A 191 40.43 52.49 15.16
C PRO A 191 41.68 52.17 14.36
N ILE A 192 41.51 51.75 13.12
CA ILE A 192 42.65 51.46 12.25
C ILE A 192 42.46 52.06 10.86
N LEU A 198 47.81 42.41 10.16
CA LEU A 198 47.72 43.00 11.49
C LEU A 198 48.47 44.33 11.53
N PRO A 199 47.75 45.41 11.84
CA PRO A 199 48.41 46.73 11.94
C PRO A 199 49.37 46.79 13.11
N GLN A 200 50.39 47.63 12.94
CA GLN A 200 51.41 47.81 13.97
C GLN A 200 50.95 48.83 15.00
N GLY A 201 51.37 48.62 16.24
CA GLY A 201 51.04 49.49 17.35
C GLY A 201 51.01 48.70 18.64
N PHE A 202 50.50 49.34 19.69
CA PHE A 202 50.43 48.70 21.00
C PHE A 202 49.19 49.20 21.72
N SER A 203 48.53 48.30 22.44
CA SER A 203 47.32 48.62 23.17
C SER A 203 47.15 47.59 24.29
N ALA A 204 45.99 47.64 24.96
CA ALA A 204 45.68 46.69 26.02
C ALA A 204 44.22 46.27 25.89
N LEU A 205 43.93 45.07 26.38
CA LEU A 205 42.58 44.51 26.32
C LEU A 205 41.97 44.48 27.71
N GLU A 206 40.74 44.97 27.82
CA GLU A 206 40.10 45.10 29.12
C GLU A 206 39.06 44.00 29.33
N PRO A 207 39.04 43.38 30.50
CA PRO A 207 38.00 42.39 30.81
C PRO A 207 36.65 43.07 31.05
N LEU A 208 35.58 42.47 30.53
CA LEU A 208 34.27 43.08 30.65
C LEU A 208 33.21 42.11 31.17
N VAL A 209 33.34 40.82 30.85
CA VAL A 209 32.32 39.83 31.21
C VAL A 209 32.99 38.61 31.82
N ASP A 210 32.20 37.88 32.61
CA ASP A 210 32.65 36.64 33.24
C ASP A 210 31.53 35.62 33.16
N LEU A 211 31.89 34.39 32.79
CA LEU A 211 30.92 33.30 32.62
C LEU A 211 31.33 32.11 33.47
N PRO A 212 30.60 31.79 34.54
CA PRO A 212 30.87 30.57 35.30
C PRO A 212 30.23 29.35 34.63
N ILE A 213 31.07 28.49 34.05
CA ILE A 213 30.59 27.32 33.34
C ILE A 213 31.16 26.06 33.97
N GLY A 214 32.49 25.99 34.06
CA GLY A 214 33.16 24.85 34.69
C GLY A 214 33.06 23.55 33.93
N ILE A 215 33.20 23.57 32.61
CA ILE A 215 33.23 22.36 31.80
C ILE A 215 34.53 22.36 30.99
N ASN A 216 34.87 21.18 30.49
CA ASN A 216 36.02 21.04 29.61
C ASN A 216 35.73 21.63 28.24
N ILE A 217 36.71 22.33 27.68
CA ILE A 217 36.59 22.95 26.36
C ILE A 217 37.75 22.45 25.50
N THR A 218 37.43 21.86 24.35
CA THR A 218 38.42 21.29 23.46
C THR A 218 38.30 21.76 22.02
N ARG A 219 37.10 22.04 21.53
CA ARG A 219 36.87 22.43 20.14
C ARG A 219 36.46 23.89 20.07
N PHE A 220 36.87 24.55 18.99
CA PHE A 220 36.57 25.96 18.76
C PHE A 220 36.17 26.15 17.30
N GLN A 221 35.13 26.94 17.07
CA GLN A 221 34.61 27.17 15.73
C GLN A 221 34.29 28.65 15.57
N THR A 222 33.84 29.02 14.37
CA THR A 222 33.49 30.41 14.06
C THR A 222 32.22 30.40 13.23
N LEU A 223 31.28 31.29 13.58
CA LEU A 223 30.00 31.40 12.88
C LEU A 223 30.03 32.63 11.97
N LEU A 224 29.69 32.42 10.70
CA LEU A 224 29.66 33.49 9.72
C LEU A 224 28.22 33.98 9.55
N ALA A 225 28.00 34.88 8.59
CA ALA A 225 26.68 35.41 8.31
C ALA A 225 26.54 35.61 6.81
N LEU A 226 25.56 34.96 6.21
CA LEU A 226 25.30 35.03 4.78
C LEU A 226 23.94 35.63 4.51
N HIS A 227 23.83 36.32 3.38
CA HIS A 227 22.59 36.97 2.96
C HIS A 227 22.05 36.27 1.72
N ARG A 228 20.79 35.85 1.79
CA ARG A 228 20.11 35.20 0.67
C ARG A 228 18.85 35.97 0.33
N SER A 229 18.65 36.26 -0.95
CA SER A 229 17.47 36.99 -1.40
C SER A 229 16.41 36.04 -1.94
N ALA A 245 35.23 36.58 6.75
CA ALA A 245 35.94 35.88 5.68
C ALA A 245 37.43 35.80 5.99
N ALA A 246 37.87 36.56 6.98
CA ALA A 246 39.28 36.57 7.37
C ALA A 246 39.37 36.93 8.86
N TYR A 247 39.89 36.00 9.66
CA TYR A 247 40.02 36.20 11.10
C TYR A 247 41.35 35.61 11.54
N TYR A 248 42.15 36.41 12.24
CA TYR A 248 43.42 35.92 12.76
C TYR A 248 43.21 35.08 14.01
N VAL A 249 43.88 33.93 14.07
CA VAL A 249 43.74 33.00 15.18
C VAL A 249 45.13 32.77 15.78
N GLY A 250 45.30 33.15 17.05
CA GLY A 250 46.53 32.92 17.77
C GLY A 250 46.31 31.96 18.93
N TYR A 251 47.43 31.47 19.46
CA TYR A 251 47.42 30.49 20.55
C TYR A 251 48.25 31.01 21.70
N LEU A 252 47.65 31.08 22.89
CA LEU A 252 48.36 31.54 24.07
C LEU A 252 49.29 30.46 24.60
N GLN A 253 50.35 30.89 25.29
CA GLN A 253 51.36 30.02 25.86
C GLN A 253 51.67 30.47 27.28
N PRO A 254 51.84 29.53 28.22
CA PRO A 254 52.16 29.91 29.61
C PRO A 254 53.56 30.48 29.73
N ARG A 255 53.64 31.79 29.93
CA ARG A 255 54.91 32.49 30.11
C ARG A 255 54.65 33.77 30.88
N THR A 256 55.72 34.33 31.43
CA THR A 256 55.63 35.53 32.25
C THR A 256 56.03 36.76 31.44
N PHE A 257 55.39 37.89 31.76
CA PHE A 257 55.66 39.18 31.14
C PHE A 257 56.13 40.17 32.20
N LEU A 258 56.29 41.43 31.79
CA LEU A 258 56.65 42.51 32.70
C LEU A 258 55.92 43.76 32.20
N LEU A 259 54.80 44.07 32.84
CA LEU A 259 53.94 45.18 32.42
C LEU A 259 54.36 46.47 33.11
N LYS A 260 54.25 47.58 32.38
CA LYS A 260 54.53 48.91 32.91
C LYS A 260 53.22 49.69 32.98
N TYR A 261 52.83 50.07 34.20
CA TYR A 261 51.66 50.90 34.39
C TYR A 261 52.04 52.37 34.35
N ASN A 262 51.03 53.23 34.27
CA ASN A 262 51.25 54.67 34.27
C ASN A 262 50.40 55.35 35.34
N GLU A 263 50.31 56.68 35.28
CA GLU A 263 49.57 57.44 36.29
C GLU A 263 48.09 57.10 36.27
N ASN A 264 47.55 56.74 35.11
CA ASN A 264 46.12 56.46 35.01
C ASN A 264 45.83 54.99 35.15
N GLY A 265 46.86 54.19 35.14
CA GLY A 265 46.68 52.77 35.39
C GLY A 265 46.56 51.90 34.16
N THR A 266 46.53 52.46 32.96
CA THR A 266 46.45 51.64 31.77
C THR A 266 47.85 51.18 31.33
N ILE A 267 47.88 50.10 30.55
CA ILE A 267 49.14 49.52 30.11
C ILE A 267 49.72 50.36 28.98
N THR A 268 50.95 50.82 29.17
CA THR A 268 51.64 51.65 28.18
C THR A 268 52.69 50.87 27.38
N ASP A 269 53.46 50.01 28.04
CA ASP A 269 54.47 49.21 27.34
C ASP A 269 54.68 47.91 28.11
N ALA A 270 54.90 46.84 27.36
CA ALA A 270 55.15 45.53 27.93
C ALA A 270 56.23 44.82 27.12
N VAL A 271 57.01 43.98 27.82
CA VAL A 271 58.09 43.23 27.18
C VAL A 271 57.95 41.76 27.57
N ASP A 272 58.54 40.90 26.75
CA ASP A 272 58.63 39.48 27.05
C ASP A 272 59.76 39.22 28.04
N CYS A 273 59.77 38.02 28.60
CA CYS A 273 60.86 37.61 29.49
C CYS A 273 61.75 36.53 28.90
N ALA A 274 61.24 35.70 27.98
CA ALA A 274 62.08 34.74 27.24
C ALA A 274 61.75 34.85 25.75
N LEU A 275 62.33 35.84 25.08
CA LEU A 275 62.28 36.03 23.64
C LEU A 275 63.65 36.34 23.05
N ASP A 276 64.48 37.08 23.77
CA ASP A 276 65.67 37.77 23.31
C ASP A 276 66.50 37.98 24.56
N PRO A 277 67.84 37.82 24.51
CA PRO A 277 68.63 38.05 25.73
C PRO A 277 68.43 39.41 26.40
N LEU A 278 68.14 40.46 25.63
CA LEU A 278 67.76 41.73 26.24
C LEU A 278 66.43 41.63 26.99
N SER A 279 65.56 40.71 26.59
CA SER A 279 64.27 40.59 27.26
C SER A 279 64.42 40.05 28.69
N GLU A 280 65.20 38.97 28.89
CA GLU A 280 65.41 38.55 30.28
C GLU A 280 66.39 39.47 31.00
N THR A 281 67.23 40.20 30.26
CA THR A 281 68.05 41.22 30.89
C THR A 281 67.18 42.31 31.51
N LYS A 282 66.12 42.72 30.81
CA LYS A 282 65.17 43.67 31.38
C LYS A 282 64.26 42.99 32.42
N CYS A 283 64.01 41.68 32.26
CA CYS A 283 63.07 40.99 33.11
C CYS A 283 63.64 40.72 34.50
N THR A 284 64.95 40.47 34.61
CA THR A 284 65.54 40.16 35.91
C THR A 284 65.98 41.41 36.68
N LEU A 285 65.91 42.59 36.07
CA LEU A 285 66.12 43.84 36.81
C LEU A 285 64.84 44.62 37.06
N LYS A 286 63.71 44.20 36.48
CA LYS A 286 62.41 44.86 36.63
C LYS A 286 62.46 46.34 36.22
N SER A 287 63.19 46.63 35.15
CA SER A 287 63.30 47.99 34.64
C SER A 287 63.54 47.94 33.14
N PHE A 288 63.16 49.03 32.46
CA PHE A 288 63.35 49.14 31.01
C PHE A 288 64.68 49.79 30.64
N THR A 289 65.48 50.22 31.60
CA THR A 289 66.77 50.82 31.34
C THR A 289 67.87 49.89 31.81
N VAL A 290 68.73 49.48 30.88
CA VAL A 290 69.86 48.59 31.17
C VAL A 290 71.13 49.40 30.98
N GLU A 291 71.90 49.54 32.05
CA GLU A 291 73.14 50.29 31.99
C GLU A 291 74.26 49.43 31.42
N LYS A 292 75.39 50.08 31.15
CA LYS A 292 76.54 49.38 30.58
C LYS A 292 77.20 48.51 31.65
N GLY A 293 77.39 47.24 31.34
CA GLY A 293 77.99 46.31 32.26
C GLY A 293 77.54 44.90 31.97
N ILE A 294 77.80 44.01 32.93
CA ILE A 294 77.44 42.60 32.84
C ILE A 294 76.37 42.30 33.88
N TYR A 295 75.39 41.48 33.50
CA TYR A 295 74.32 41.08 34.40
C TYR A 295 74.09 39.58 34.28
N GLN A 296 73.93 38.94 35.43
CA GLN A 296 73.63 37.51 35.48
C GLN A 296 72.12 37.34 35.63
N THR A 297 71.51 36.62 34.67
CA THR A 297 70.06 36.52 34.61
C THR A 297 69.51 35.11 34.83
N SER A 298 70.23 34.07 34.45
CA SER A 298 69.71 32.71 34.55
C SER A 298 70.87 31.72 34.46
N ASN A 299 70.53 30.44 34.34
CA ASN A 299 71.49 29.37 34.14
C ASN A 299 71.09 28.56 32.91
N PHE A 300 72.07 27.87 32.31
CA PHE A 300 71.81 27.19 31.05
C PHE A 300 71.40 25.73 31.29
N ARG A 301 72.30 24.93 31.87
CA ARG A 301 72.01 23.58 32.37
C ARG A 301 71.45 22.65 31.30
N VAL A 302 72.30 22.24 30.34
CA VAL A 302 71.88 21.32 29.29
C VAL A 302 71.29 20.04 29.91
N GLN A 303 70.14 19.59 29.35
CA GLN A 303 69.25 18.59 29.91
C GLN A 303 69.46 17.23 29.23
N PRO A 304 69.18 16.13 29.93
CA PRO A 304 69.18 14.82 29.28
C PRO A 304 68.06 14.71 28.25
N THR A 305 68.30 13.86 27.25
CA THR A 305 67.38 13.71 26.13
C THR A 305 66.57 12.42 26.14
N GLU A 306 66.94 11.45 26.98
CA GLU A 306 66.22 10.19 27.05
C GLU A 306 66.42 9.59 28.45
N SER A 307 65.79 8.45 28.68
CA SER A 307 65.83 7.77 29.97
C SER A 307 66.13 6.28 29.78
N ILE A 308 67.04 5.76 30.61
CA ILE A 308 67.39 4.35 30.62
C ILE A 308 67.21 3.82 32.04
N VAL A 309 67.16 2.50 32.15
CA VAL A 309 67.05 1.83 33.44
C VAL A 309 67.73 0.46 33.34
N ARG A 310 68.47 0.10 34.38
CA ARG A 310 69.21 -1.16 34.43
C ARG A 310 68.84 -1.91 35.70
N PHE A 311 68.67 -3.23 35.57
CA PHE A 311 68.27 -4.08 36.69
C PHE A 311 68.79 -5.49 36.42
N PRO A 312 69.04 -6.29 37.48
CA PRO A 312 69.55 -7.64 37.28
C PRO A 312 68.58 -8.58 36.58
N ASN A 313 69.09 -9.72 36.13
CA ASN A 313 68.24 -10.64 35.38
C ASN A 313 67.27 -11.43 36.23
N ILE A 314 66.21 -11.90 35.62
CA ILE A 314 65.21 -12.71 36.29
C ILE A 314 65.85 -14.06 36.62
N THR A 315 65.94 -14.37 37.91
CA THR A 315 66.76 -15.48 38.38
C THR A 315 65.88 -16.49 39.13
N ASN A 316 66.30 -17.75 39.08
CA ASN A 316 65.80 -18.95 39.75
C ASN A 316 64.52 -19.51 39.12
N LEU A 317 63.89 -18.80 38.17
CA LEU A 317 62.76 -19.30 37.37
C LEU A 317 61.61 -19.79 38.25
N CYS A 318 60.97 -18.81 38.93
CA CYS A 318 59.90 -18.95 39.92
C CYS A 318 58.86 -20.00 39.56
N PRO A 319 58.62 -20.98 40.43
CA PRO A 319 57.64 -22.03 40.12
C PRO A 319 56.21 -21.54 40.20
N PHE A 320 55.59 -21.34 39.05
CA PHE A 320 54.18 -20.99 38.97
C PHE A 320 53.39 -21.81 37.96
N ASP A 321 54.06 -22.42 36.98
CA ASP A 321 53.35 -23.29 36.03
C ASP A 321 52.90 -24.59 36.68
N GLU A 322 53.66 -25.08 37.67
CA GLU A 322 53.28 -26.32 38.36
C GLU A 322 52.08 -26.15 39.27
N VAL A 323 51.77 -24.92 39.70
CA VAL A 323 50.64 -24.66 40.56
C VAL A 323 49.42 -24.22 39.75
N PHE A 324 49.61 -23.33 38.78
CA PHE A 324 48.51 -22.85 37.95
C PHE A 324 48.14 -23.83 36.83
N ASN A 325 48.96 -24.84 36.56
CA ASN A 325 48.66 -25.86 35.55
C ASN A 325 49.16 -27.19 36.10
N ALA A 326 48.27 -27.92 36.77
CA ALA A 326 48.59 -29.20 37.38
C ALA A 326 47.59 -30.25 36.92
N THR A 327 48.07 -31.50 36.86
CA THR A 327 47.21 -32.60 36.45
C THR A 327 46.17 -32.90 37.51
N ARG A 328 46.58 -32.95 38.78
CA ARG A 328 45.69 -33.25 39.89
C ARG A 328 45.74 -32.11 40.91
N PHE A 329 44.65 -31.97 41.65
CA PHE A 329 44.51 -30.92 42.64
C PHE A 329 44.01 -31.51 43.95
N ALA A 330 44.24 -30.79 45.05
CA ALA A 330 43.85 -31.25 46.36
C ALA A 330 42.36 -31.03 46.59
N SER A 331 41.87 -31.50 47.74
CA SER A 331 40.45 -31.41 48.07
C SER A 331 40.08 -29.97 48.47
N VAL A 332 38.78 -29.70 48.47
CA VAL A 332 38.30 -28.34 48.74
C VAL A 332 38.39 -27.96 50.21
N TYR A 333 38.62 -28.91 51.12
CA TYR A 333 38.80 -28.59 52.52
C TYR A 333 40.21 -28.83 53.03
N ALA A 334 41.02 -29.60 52.29
CA ALA A 334 42.35 -29.99 52.73
C ALA A 334 43.35 -29.50 51.70
N TRP A 335 43.22 -28.22 51.35
CA TRP A 335 44.12 -27.57 50.42
C TRP A 335 45.56 -27.59 50.94
N ASN A 336 46.50 -27.71 50.02
CA ASN A 336 47.92 -27.75 50.35
C ASN A 336 48.50 -26.37 50.08
N ARG A 337 49.00 -25.72 51.12
CA ARG A 337 49.59 -24.39 50.99
C ARG A 337 50.97 -24.51 50.36
N LYS A 338 51.21 -23.73 49.31
CA LYS A 338 52.48 -23.74 48.59
C LYS A 338 53.20 -22.42 48.82
N ARG A 339 54.47 -22.50 49.21
CA ARG A 339 55.29 -21.33 49.47
C ARG A 339 56.37 -21.23 48.40
N ILE A 340 56.42 -20.08 47.72
CA ILE A 340 57.45 -19.79 46.73
C ILE A 340 58.23 -18.59 47.24
N SER A 341 59.55 -18.74 47.34
CA SER A 341 60.41 -17.68 47.85
C SER A 341 61.80 -17.83 47.24
N ASN A 342 62.70 -16.92 47.63
CA ASN A 342 64.09 -16.87 47.14
C ASN A 342 64.14 -16.77 45.61
N CYS A 343 63.26 -15.96 45.04
CA CYS A 343 63.08 -15.89 43.60
C CYS A 343 62.34 -14.60 43.25
N VAL A 344 62.84 -13.88 42.24
CA VAL A 344 62.16 -12.68 41.79
C VAL A 344 61.00 -13.07 40.88
N ALA A 345 59.81 -12.56 41.19
CA ALA A 345 58.60 -13.05 40.56
C ALA A 345 58.45 -12.51 39.15
N ASP A 346 57.66 -13.23 38.35
CA ASP A 346 57.28 -12.80 37.00
C ASP A 346 55.79 -13.05 36.83
N TYR A 347 55.02 -11.97 36.77
CA TYR A 347 53.57 -12.06 36.70
C TYR A 347 53.03 -12.08 35.27
N SER A 348 53.89 -12.28 34.28
CA SER A 348 53.44 -12.40 32.89
C SER A 348 52.74 -13.73 32.63
N VAL A 349 52.87 -14.71 33.52
CA VAL A 349 52.21 -16.01 33.36
C VAL A 349 50.88 -15.99 34.12
N LEU A 350 50.51 -14.82 34.62
CA LEU A 350 49.24 -14.64 35.33
C LEU A 350 48.18 -13.98 34.47
N TYR A 351 48.43 -13.78 33.18
CA TYR A 351 47.49 -13.15 32.27
C TYR A 351 47.19 -14.05 31.07
N ASN A 352 47.30 -15.35 31.25
CA ASN A 352 47.06 -16.32 30.19
C ASN A 352 46.50 -17.60 30.82
N PHE A 353 46.59 -18.71 30.09
CA PHE A 353 46.10 -20.04 30.50
C PHE A 353 44.60 -19.99 30.81
N ALA A 354 43.83 -19.75 29.72
CA ALA A 354 42.37 -19.69 29.62
C ALA A 354 41.82 -18.42 30.26
N PRO A 355 40.72 -17.86 29.75
CA PRO A 355 40.15 -16.66 30.36
C PRO A 355 39.68 -16.90 31.78
N PHE A 356 39.83 -15.88 32.61
CA PHE A 356 39.55 -16.00 34.04
C PHE A 356 38.07 -15.77 34.32
N PHE A 357 37.48 -16.63 35.15
CA PHE A 357 36.09 -16.47 35.54
C PHE A 357 35.88 -15.25 36.43
N ALA A 358 36.85 -14.94 37.28
CA ALA A 358 36.75 -13.79 38.17
C ALA A 358 38.15 -13.26 38.43
N PHE A 359 38.52 -12.16 37.76
CA PHE A 359 39.82 -11.56 37.93
C PHE A 359 39.79 -10.26 38.74
N LYS A 360 38.60 -9.75 39.06
CA LYS A 360 38.50 -8.56 39.88
C LYS A 360 38.90 -8.88 41.32
N CYS A 361 39.78 -8.07 41.88
CA CYS A 361 40.37 -8.32 43.19
C CYS A 361 39.65 -7.50 44.25
N TYR A 362 39.92 -7.86 45.51
CA TYR A 362 39.33 -7.20 46.68
C TYR A 362 40.42 -6.75 47.63
N GLY A 363 41.43 -6.08 47.08
CA GLY A 363 42.60 -5.67 47.84
C GLY A 363 43.63 -5.00 46.95
N VAL A 364 44.89 -5.44 47.05
CA VAL A 364 45.93 -4.93 46.16
C VAL A 364 45.62 -5.39 44.73
N SER A 365 45.77 -4.47 43.78
CA SER A 365 45.37 -4.73 42.41
C SER A 365 46.30 -5.77 41.78
N PRO A 366 45.77 -6.66 40.93
CA PRO A 366 46.63 -7.64 40.25
C PRO A 366 47.57 -7.02 39.22
N THR A 367 47.28 -5.81 38.75
CA THR A 367 48.20 -5.11 37.86
C THR A 367 49.30 -4.37 38.61
N LYS A 368 49.21 -4.29 39.94
CA LYS A 368 50.19 -3.60 40.76
C LYS A 368 51.06 -4.58 41.55
N LEU A 369 51.09 -5.85 41.15
CA LEU A 369 51.96 -6.82 41.83
C LEU A 369 53.43 -6.54 41.56
N ASN A 370 53.76 -5.98 40.39
CA ASN A 370 55.13 -5.58 40.11
C ASN A 370 55.52 -4.35 40.92
N ASP A 371 54.58 -3.43 41.14
CA ASP A 371 54.88 -2.18 41.82
C ASP A 371 55.14 -2.36 43.32
N LEU A 372 54.65 -3.44 43.91
CA LEU A 372 54.82 -3.69 45.33
C LEU A 372 55.71 -4.90 45.54
N CYS A 373 56.64 -4.78 46.47
CA CYS A 373 57.67 -5.79 46.71
C CYS A 373 57.26 -6.65 47.91
N PHE A 374 56.87 -7.89 47.64
CA PHE A 374 56.27 -8.77 48.63
C PHE A 374 57.32 -9.63 49.31
N THR A 375 56.93 -10.20 50.45
CA THR A 375 57.81 -11.05 51.25
C THR A 375 57.54 -12.53 51.01
N ASN A 376 56.29 -12.96 51.14
CA ASN A 376 55.90 -14.34 50.93
C ASN A 376 54.55 -14.40 50.25
N VAL A 377 54.35 -15.42 49.42
CA VAL A 377 53.08 -15.64 48.72
C VAL A 377 52.57 -17.04 49.06
N TYR A 378 51.26 -17.13 49.30
CA TYR A 378 50.61 -18.39 49.63
C TYR A 378 49.56 -18.70 48.58
N ALA A 379 49.62 -19.92 48.02
CA ALA A 379 48.69 -20.36 47.00
C ALA A 379 48.19 -21.76 47.33
N ASP A 380 46.90 -21.98 47.20
CA ASP A 380 46.28 -23.28 47.39
C ASP A 380 45.53 -23.69 46.13
N SER A 381 45.62 -24.96 45.78
CA SER A 381 45.09 -25.47 44.51
C SER A 381 43.99 -26.48 44.79
N PHE A 382 42.79 -26.21 44.28
CA PHE A 382 41.67 -27.13 44.33
C PHE A 382 40.68 -26.74 43.24
N VAL A 383 39.77 -27.66 42.94
CA VAL A 383 38.74 -27.45 41.94
C VAL A 383 37.37 -27.59 42.61
N ILE A 384 36.47 -26.66 42.30
CA ILE A 384 35.12 -26.65 42.85
C ILE A 384 34.13 -26.61 41.70
N ARG A 385 32.87 -26.82 42.02
CA ARG A 385 31.81 -26.74 41.03
C ARG A 385 31.54 -25.30 40.61
N GLY A 386 30.90 -25.14 39.46
CA GLY A 386 30.60 -23.81 38.95
C GLY A 386 29.55 -23.07 39.75
N ASN A 387 28.69 -23.78 40.47
CA ASN A 387 27.68 -23.14 41.31
C ASN A 387 28.25 -22.68 42.66
N GLU A 388 29.44 -23.14 43.03
CA GLU A 388 30.05 -22.77 44.30
C GLU A 388 31.13 -21.71 44.14
N VAL A 389 31.30 -21.15 42.95
CA VAL A 389 32.27 -20.08 42.75
C VAL A 389 31.83 -18.81 43.46
N SER A 390 30.52 -18.53 43.45
CA SER A 390 30.00 -17.35 44.13
C SER A 390 29.94 -17.53 45.64
N GLN A 391 30.08 -18.76 46.14
CA GLN A 391 30.02 -18.98 47.58
C GLN A 391 31.25 -18.43 48.29
N ILE A 392 32.42 -18.56 47.68
CA ILE A 392 33.63 -17.98 48.26
C ILE A 392 33.68 -16.49 47.93
N ALA A 393 33.68 -15.66 48.96
CA ALA A 393 33.60 -14.21 48.83
C ALA A 393 33.99 -13.59 50.17
N PRO A 394 34.50 -12.36 50.16
CA PRO A 394 34.75 -11.66 51.42
C PRO A 394 33.45 -11.34 52.13
N GLY A 395 33.28 -11.89 53.34
CA GLY A 395 32.08 -11.67 54.12
C GLY A 395 30.82 -12.29 53.54
N GLN A 396 30.92 -13.48 52.97
CA GLN A 396 29.76 -14.18 52.42
C GLN A 396 30.04 -15.68 52.44
N THR A 397 29.04 -16.46 52.85
CA THR A 397 29.20 -17.91 52.93
C THR A 397 27.83 -18.56 52.77
N GLY A 398 27.85 -19.85 52.46
CA GLY A 398 26.63 -20.63 52.31
C GLY A 398 26.74 -22.00 52.96
N ASN A 399 26.41 -23.05 52.20
CA ASN A 399 26.52 -24.41 52.71
C ASN A 399 27.89 -25.02 52.40
N ILE A 400 28.34 -24.89 51.15
CA ILE A 400 29.66 -25.41 50.78
C ILE A 400 30.79 -24.58 51.39
N ALA A 401 30.66 -23.26 51.41
CA ALA A 401 31.72 -22.37 51.89
C ALA A 401 31.93 -22.44 53.39
N ASP A 402 30.86 -22.63 54.17
CA ASP A 402 30.98 -22.64 55.62
C ASP A 402 31.65 -23.92 56.11
N TYR A 403 31.32 -25.06 55.50
CA TYR A 403 31.87 -26.35 55.90
C TYR A 403 33.21 -26.65 55.23
N ASN A 404 33.70 -25.75 54.39
CA ASN A 404 35.01 -25.88 53.77
C ASN A 404 35.83 -24.62 54.03
N TYR A 405 36.94 -24.47 53.31
CA TYR A 405 37.80 -23.29 53.47
C TYR A 405 37.03 -22.02 53.16
N LYS A 406 37.14 -21.04 54.06
CA LYS A 406 36.38 -19.81 53.98
C LYS A 406 37.32 -18.62 53.87
N LEU A 407 36.91 -17.62 53.08
CA LEU A 407 37.72 -16.43 52.88
C LEU A 407 37.12 -15.28 53.65
N PRO A 408 37.78 -14.78 54.71
CA PRO A 408 37.19 -13.71 55.53
C PRO A 408 37.24 -12.35 54.85
N ASP A 409 36.70 -11.32 55.52
CA ASP A 409 36.67 -9.99 54.92
C ASP A 409 38.06 -9.37 54.86
N ASP A 410 38.96 -9.73 55.78
CA ASP A 410 40.34 -9.31 55.73
C ASP A 410 41.21 -10.49 55.30
N PHE A 411 41.84 -10.37 54.13
CA PHE A 411 42.65 -11.46 53.58
C PHE A 411 44.00 -11.02 53.04
N THR A 412 44.17 -9.74 52.67
CA THR A 412 45.33 -9.24 51.93
C THR A 412 45.56 -10.08 50.67
N GLY A 413 44.61 -10.00 49.77
CA GLY A 413 44.62 -10.81 48.57
C GLY A 413 43.20 -11.04 48.09
N CYS A 414 43.09 -11.91 47.10
CA CYS A 414 41.80 -12.24 46.50
C CYS A 414 41.89 -13.62 45.85
N VAL A 415 40.85 -13.98 45.12
CA VAL A 415 40.73 -15.28 44.48
C VAL A 415 40.71 -15.09 42.96
N ILE A 416 41.40 -15.98 42.24
CA ILE A 416 41.43 -15.98 40.79
C ILE A 416 41.02 -17.36 40.32
N ALA A 417 39.97 -17.43 39.50
CA ALA A 417 39.45 -18.68 38.99
C ALA A 417 39.26 -18.59 37.48
N TRP A 418 39.39 -19.74 36.81
CA TRP A 418 39.25 -19.81 35.36
C TRP A 418 38.61 -21.14 34.99
N ASN A 419 38.10 -21.20 33.76
CA ASN A 419 37.45 -22.40 33.25
C ASN A 419 38.44 -23.17 32.37
N SER A 420 38.67 -24.43 32.71
CA SER A 420 39.59 -25.29 31.96
C SER A 420 39.15 -26.73 32.13
N ASN A 421 38.93 -27.43 31.02
CA ASN A 421 38.50 -28.82 31.02
C ASN A 421 39.43 -29.63 30.13
N LYS A 422 40.54 -30.09 30.71
CA LYS A 422 41.47 -30.99 30.05
C LYS A 422 41.66 -32.30 30.80
N LEU A 423 41.80 -32.25 32.12
CA LEU A 423 41.84 -33.43 32.97
C LEU A 423 41.01 -33.18 34.24
N ASP A 424 40.01 -32.31 34.14
CA ASP A 424 39.20 -31.90 35.28
C ASP A 424 37.80 -32.50 35.27
N SER A 425 37.27 -32.85 34.10
CA SER A 425 35.94 -33.40 33.97
C SER A 425 36.00 -34.77 33.31
N LYS A 426 35.20 -35.70 33.83
CA LYS A 426 35.15 -37.07 33.32
C LYS A 426 33.76 -37.36 32.78
N VAL A 427 33.70 -38.08 31.66
CA VAL A 427 32.42 -38.43 31.06
C VAL A 427 31.67 -39.45 31.89
N GLY A 428 32.38 -40.24 32.70
CA GLY A 428 31.74 -41.21 33.57
C GLY A 428 31.57 -40.67 34.98
N GLY A 429 32.40 -41.15 35.90
CA GLY A 429 32.35 -40.68 37.27
C GLY A 429 33.58 -39.88 37.65
N ASN A 430 33.46 -39.05 38.69
CA ASN A 430 34.59 -38.28 39.22
C ASN A 430 34.49 -38.33 40.75
N TYR A 431 35.14 -39.34 41.32
CA TYR A 431 35.13 -39.53 42.77
C TYR A 431 36.37 -38.97 43.46
N ASN A 432 37.34 -38.47 42.69
CA ASN A 432 38.53 -37.88 43.31
C ASN A 432 38.22 -36.54 43.93
N TYR A 433 37.44 -35.70 43.26
CA TYR A 433 37.10 -34.36 43.75
C TYR A 433 35.84 -34.45 44.58
N ARG A 434 35.98 -34.14 45.88
CA ARG A 434 34.93 -34.34 46.85
C ARG A 434 34.82 -33.13 47.78
N TYR A 435 33.62 -32.93 48.33
CA TYR A 435 33.33 -31.76 49.14
C TYR A 435 32.72 -32.17 50.46
N ARG A 436 33.02 -31.40 51.50
CA ARG A 436 32.42 -31.57 52.82
C ARG A 436 31.13 -30.77 52.86
N LEU A 437 29.99 -31.47 52.91
CA LEU A 437 28.70 -30.80 53.01
C LEU A 437 28.03 -30.98 54.36
N PHE A 438 28.65 -31.70 55.30
CA PHE A 438 28.11 -31.91 56.65
C PHE A 438 29.29 -31.97 57.61
N ARG A 439 29.60 -30.84 58.24
CA ARG A 439 30.71 -30.74 59.17
C ARG A 439 30.20 -30.66 60.60
N LYS A 440 31.12 -30.87 61.55
CA LYS A 440 30.77 -30.79 62.97
C LYS A 440 30.39 -29.37 63.36
N SER A 441 31.13 -28.38 62.87
CA SER A 441 30.87 -26.98 63.18
C SER A 441 31.41 -26.13 62.04
N ASN A 442 31.50 -24.82 62.26
CA ASN A 442 32.03 -23.92 61.25
C ASN A 442 33.54 -24.12 61.10
N LEU A 443 34.00 -24.08 59.86
CA LEU A 443 35.41 -24.27 59.54
C LEU A 443 36.10 -22.91 59.53
N LYS A 444 37.03 -22.70 60.45
CA LYS A 444 37.72 -21.43 60.55
C LYS A 444 38.68 -21.25 59.37
N PRO A 445 38.94 -20.00 58.96
CA PRO A 445 39.90 -19.77 57.88
C PRO A 445 41.31 -20.17 58.27
N PHE A 446 42.11 -20.52 57.26
CA PHE A 446 43.47 -21.04 57.42
C PHE A 446 43.50 -22.30 58.29
N GLU A 447 42.51 -23.18 58.09
CA GLU A 447 42.43 -24.43 58.81
C GLU A 447 41.91 -25.50 57.87
N ARG A 448 42.21 -26.77 58.20
CA ARG A 448 41.81 -27.88 57.37
C ARG A 448 41.47 -29.07 58.25
N ASP A 449 40.69 -30.00 57.70
CA ASP A 449 40.29 -31.20 58.42
C ASP A 449 40.00 -32.31 57.43
N ILE A 450 40.50 -33.50 57.70
CA ILE A 450 40.28 -34.68 56.86
C ILE A 450 39.72 -35.79 57.74
N SER A 451 38.71 -36.49 57.23
CA SER A 451 38.09 -37.57 57.98
C SER A 451 37.44 -38.55 57.01
N THR A 452 37.77 -39.84 57.16
CA THR A 452 37.14 -40.90 56.40
C THR A 452 36.12 -41.67 57.22
N GLU A 453 35.70 -41.13 58.36
CA GLU A 453 34.79 -41.79 59.28
C GLU A 453 33.41 -41.15 59.18
N ILE A 454 32.38 -41.96 59.46
CA ILE A 454 31.00 -41.52 59.33
C ILE A 454 30.68 -40.47 60.37
N TYR A 455 29.92 -39.46 59.98
CA TYR A 455 29.54 -38.36 60.87
C TYR A 455 28.09 -38.54 61.30
N GLN A 456 27.86 -38.52 62.61
CA GLN A 456 26.52 -38.68 63.14
C GLN A 456 25.74 -37.36 63.08
N ALA A 457 24.43 -37.46 63.33
CA ALA A 457 23.57 -36.28 63.29
C ALA A 457 22.57 -36.26 64.44
N GLY A 458 22.66 -37.17 65.40
CA GLY A 458 21.71 -37.19 66.50
C GLY A 458 22.36 -37.48 67.84
N ASN A 459 21.73 -38.33 68.64
CA ASN A 459 22.24 -38.68 69.96
C ASN A 459 22.97 -40.01 69.99
N LYS A 460 22.74 -40.89 69.04
CA LYS A 460 23.41 -42.19 69.01
C LYS A 460 24.84 -42.01 68.55
N PRO A 461 25.84 -42.45 69.34
CA PRO A 461 27.24 -42.30 68.91
C PRO A 461 27.61 -43.26 67.80
N CYS A 462 27.79 -42.74 66.59
CA CYS A 462 28.15 -43.53 65.42
C CYS A 462 29.66 -43.48 65.26
N ASN A 463 30.34 -44.54 65.67
CA ASN A 463 31.79 -44.64 65.58
C ASN A 463 32.18 -45.95 64.90
N GLY A 464 31.46 -46.30 63.84
CA GLY A 464 31.73 -47.53 63.11
C GLY A 464 30.47 -48.27 62.70
N VAL A 465 29.32 -47.81 63.18
CA VAL A 465 28.03 -48.39 62.83
C VAL A 465 27.17 -47.30 62.19
N ALA A 466 26.42 -47.67 61.16
CA ALA A 466 25.64 -46.73 60.37
C ALA A 466 24.17 -47.14 60.36
N GLY A 467 23.37 -46.43 59.58
CA GLY A 467 21.95 -46.69 59.47
C GLY A 467 21.21 -45.61 58.74
N VAL A 468 20.09 -45.15 59.30
CA VAL A 468 19.30 -44.09 58.67
C VAL A 468 19.68 -42.72 59.21
N ASN A 469 19.86 -42.59 60.52
CA ASN A 469 20.18 -41.31 61.14
C ASN A 469 21.66 -40.93 60.98
N CYS A 470 22.53 -41.87 60.60
CA CYS A 470 23.94 -41.61 60.46
C CYS A 470 24.34 -41.78 59.00
N TYR A 471 25.20 -40.89 58.52
CA TYR A 471 25.61 -40.87 57.12
C TYR A 471 27.09 -40.57 56.98
N PHE A 472 27.54 -40.32 55.75
CA PHE A 472 28.94 -39.97 55.50
C PHE A 472 29.06 -38.48 55.26
N PRO A 473 30.01 -37.80 55.91
CA PRO A 473 30.15 -36.35 55.71
C PRO A 473 30.74 -35.96 54.36
N LEU A 474 31.28 -36.90 53.61
CA LEU A 474 31.95 -36.64 52.35
C LEU A 474 31.06 -37.06 51.18
N GLN A 475 31.18 -36.35 50.06
CA GLN A 475 30.41 -36.65 48.86
C GLN A 475 31.19 -36.21 47.64
N SER A 476 31.17 -37.04 46.61
CA SER A 476 31.90 -36.76 45.38
C SER A 476 31.20 -35.68 44.56
N TYR A 477 31.98 -34.97 43.75
CA TYR A 477 31.44 -33.92 42.90
C TYR A 477 30.80 -34.51 41.65
N GLY A 478 29.81 -33.80 41.12
CA GLY A 478 29.16 -34.19 39.89
C GLY A 478 29.78 -33.54 38.67
N PHE A 479 31.04 -33.84 38.40
CA PHE A 479 31.77 -33.23 37.29
C PHE A 479 31.58 -34.10 36.05
N ARG A 480 30.65 -33.68 35.19
CA ARG A 480 30.38 -34.38 33.93
C ARG A 480 30.16 -33.36 32.82
N PRO A 481 30.63 -33.66 31.61
CA PRO A 481 30.39 -32.73 30.50
C PRO A 481 28.96 -32.73 29.99
N THR A 482 28.17 -33.74 30.32
CA THR A 482 26.77 -33.81 29.89
C THR A 482 25.85 -32.97 30.76
N TYR A 483 26.34 -32.42 31.86
CA TYR A 483 25.54 -31.61 32.76
C TYR A 483 25.52 -30.17 32.27
N GLY A 484 25.02 -29.25 33.11
CA GLY A 484 24.91 -27.86 32.74
C GLY A 484 26.21 -27.10 32.94
N VAL A 485 26.13 -25.79 32.70
CA VAL A 485 27.29 -24.92 32.85
C VAL A 485 27.67 -24.80 34.33
N GLY A 486 26.69 -24.72 35.21
CA GLY A 486 26.94 -24.57 36.64
C GLY A 486 27.48 -25.81 37.31
N HIS A 487 27.43 -26.97 36.66
CA HIS A 487 27.99 -28.20 37.20
C HIS A 487 29.41 -28.47 36.72
N GLN A 488 29.96 -27.60 35.87
CA GLN A 488 31.30 -27.81 35.35
C GLN A 488 32.35 -27.50 36.43
N PRO A 489 33.46 -28.24 36.44
CA PRO A 489 34.53 -27.93 37.40
C PRO A 489 35.32 -26.70 36.98
N TYR A 490 35.73 -25.92 37.98
CA TYR A 490 36.49 -24.70 37.77
C TYR A 490 37.77 -24.75 38.60
N ARG A 491 38.89 -24.44 37.97
CA ARG A 491 40.18 -24.38 38.67
C ARG A 491 40.24 -23.10 39.48
N VAL A 492 40.32 -23.23 40.80
CA VAL A 492 40.27 -22.10 41.72
C VAL A 492 41.57 -22.05 42.51
N VAL A 493 42.24 -20.89 42.47
CA VAL A 493 43.43 -20.64 43.26
C VAL A 493 43.24 -19.33 44.01
N VAL A 494 43.73 -19.28 45.25
CA VAL A 494 43.63 -18.09 46.10
C VAL A 494 45.04 -17.64 46.43
N LEU A 495 45.32 -16.36 46.19
CA LEU A 495 46.63 -15.78 46.45
C LEU A 495 46.58 -14.96 47.73
N SER A 496 47.48 -15.26 48.66
CA SER A 496 47.57 -14.57 49.93
C SER A 496 48.95 -13.96 50.09
N PHE A 497 48.98 -12.71 50.55
CA PHE A 497 50.22 -11.97 50.75
C PHE A 497 50.39 -11.65 52.21
N GLU A 498 51.57 -11.95 52.75
CA GLU A 498 51.90 -11.69 54.14
C GLU A 498 52.97 -10.62 54.20
N LEU A 499 52.68 -9.53 54.92
CA LEU A 499 53.54 -8.34 54.91
C LEU A 499 53.92 -7.96 56.34
N LEU A 500 55.00 -7.17 56.44
CA LEU A 500 55.45 -6.53 57.68
C LEU A 500 55.82 -7.54 58.76
N HIS A 501 56.43 -8.65 58.35
CA HIS A 501 56.94 -9.63 59.30
C HIS A 501 58.33 -10.14 58.97
N ALA A 502 58.85 -9.92 57.76
CA ALA A 502 60.09 -10.51 57.32
C ALA A 502 60.65 -9.67 56.19
N PRO A 503 61.95 -9.78 55.90
CA PRO A 503 62.50 -9.14 54.70
C PRO A 503 61.86 -9.67 53.43
N ALA A 504 61.72 -8.79 52.44
CA ALA A 504 61.00 -9.09 51.21
C ALA A 504 61.92 -9.76 50.19
N THR A 505 61.46 -10.87 49.62
CA THR A 505 62.21 -11.58 48.58
C THR A 505 61.39 -11.96 47.36
N VAL A 506 60.07 -12.08 47.46
CA VAL A 506 59.22 -12.43 46.32
C VAL A 506 58.75 -11.10 45.74
N CYS A 507 59.52 -10.56 44.81
CA CYS A 507 59.34 -9.17 44.42
C CYS A 507 59.11 -9.07 42.91
N GLY A 508 58.60 -7.92 42.48
CA GLY A 508 58.16 -7.72 41.11
C GLY A 508 59.27 -7.74 40.08
N PRO A 509 58.94 -8.07 38.83
CA PRO A 509 59.93 -8.10 37.74
C PRO A 509 60.23 -6.71 37.22
N LYS A 510 61.46 -6.25 37.44
CA LYS A 510 61.90 -4.95 36.97
C LYS A 510 62.57 -5.09 35.62
N LYS A 511 62.08 -4.34 34.63
CA LYS A 511 62.59 -4.43 33.27
C LYS A 511 63.92 -3.70 33.14
N SER A 512 64.62 -3.96 32.04
CA SER A 512 65.91 -3.36 31.76
C SER A 512 65.93 -2.82 30.34
N THR A 513 66.76 -1.81 30.12
CA THR A 513 66.89 -1.14 28.83
C THR A 513 68.25 -1.47 28.21
N ASN A 514 68.54 -0.84 27.07
CA ASN A 514 69.76 -1.09 26.33
C ASN A 514 70.91 -0.21 26.84
N LEU A 515 72.06 -0.34 26.19
CA LEU A 515 73.25 0.40 26.57
C LEU A 515 73.19 1.84 26.06
N VAL A 516 74.01 2.70 26.66
CA VAL A 516 74.16 4.08 26.22
C VAL A 516 75.59 4.51 26.53
N LYS A 517 76.12 5.41 25.70
CA LYS A 517 77.50 5.84 25.82
C LYS A 517 77.62 7.32 25.46
N ASN A 518 78.39 8.05 26.27
CA ASN A 518 78.78 9.45 26.00
C ASN A 518 77.57 10.36 25.83
N LYS A 519 76.55 10.17 26.66
CA LYS A 519 75.35 11.00 26.62
C LYS A 519 74.71 10.96 28.00
N CYS A 520 74.66 12.09 28.69
CA CYS A 520 74.18 12.09 30.06
C CYS A 520 72.66 11.96 30.11
N VAL A 521 72.19 10.94 30.82
CA VAL A 521 70.78 10.65 30.99
C VAL A 521 70.52 10.42 32.48
N ASN A 522 69.23 10.32 32.83
CA ASN A 522 68.83 9.98 34.20
C ASN A 522 68.80 8.45 34.33
N PHE A 523 70.00 7.90 34.48
CA PHE A 523 70.16 6.45 34.52
C PHE A 523 69.65 5.87 35.84
N ASN A 524 69.48 4.56 35.85
CA ASN A 524 69.06 3.82 37.05
C ASN A 524 69.77 2.47 37.01
N PHE A 525 70.90 2.37 37.73
CA PHE A 525 71.74 1.18 37.71
C PHE A 525 71.53 0.42 39.02
N ASN A 526 70.70 -0.63 38.97
CA ASN A 526 70.42 -1.52 40.10
C ASN A 526 69.90 -0.75 41.32
N GLY A 527 69.02 0.22 41.07
CA GLY A 527 68.45 1.03 42.13
C GLY A 527 69.18 2.34 42.38
N LEU A 528 70.37 2.52 41.83
CA LEU A 528 71.12 3.76 41.97
C LEU A 528 70.69 4.69 40.85
N THR A 529 69.87 5.68 41.17
CA THR A 529 69.33 6.62 40.19
C THR A 529 70.06 7.95 40.27
N GLY A 530 70.57 8.41 39.14
CA GLY A 530 71.29 9.66 39.08
C GLY A 530 71.40 10.14 37.64
N THR A 531 72.03 11.30 37.48
CA THR A 531 72.21 11.92 36.18
C THR A 531 73.70 12.10 35.92
N GLY A 532 74.16 11.63 34.78
CA GLY A 532 75.56 11.76 34.43
C GLY A 532 75.88 11.04 33.14
N VAL A 533 77.04 11.38 32.57
CA VAL A 533 77.47 10.77 31.33
C VAL A 533 77.86 9.30 31.56
N LEU A 534 77.96 8.56 30.46
CA LEU A 534 78.35 7.15 30.49
C LEU A 534 79.58 7.00 29.60
N THR A 535 80.77 7.06 30.20
CA THR A 535 82.02 6.98 29.48
C THR A 535 82.83 5.78 29.95
N GLU A 536 83.82 5.41 29.15
CA GLU A 536 84.71 4.30 29.50
C GLU A 536 85.60 4.70 30.68
N SER A 537 85.70 3.82 31.66
CA SER A 537 86.44 4.11 32.88
C SER A 537 87.88 3.61 32.77
N ASN A 538 88.83 4.51 33.07
CA ASN A 538 90.23 4.15 33.17
C ASN A 538 90.56 3.41 34.46
N LYS A 539 89.73 3.58 35.49
CA LYS A 539 89.96 2.94 36.77
C LYS A 539 89.73 1.43 36.69
N LYS A 540 90.16 0.74 37.75
CA LYS A 540 89.96 -0.70 37.87
C LYS A 540 89.23 -0.97 39.18
N PHE A 541 88.30 -1.93 39.16
CA PHE A 541 87.50 -2.25 40.32
C PHE A 541 87.93 -3.60 40.90
N LEU A 542 87.16 -4.07 41.89
CA LEU A 542 87.31 -5.34 42.56
C LEU A 542 86.00 -6.12 42.43
N PRO A 543 86.05 -7.46 42.46
CA PRO A 543 84.81 -8.24 42.24
C PRO A 543 83.74 -8.05 43.28
N PHE A 544 84.06 -7.56 44.48
CA PHE A 544 83.06 -7.34 45.52
C PHE A 544 82.61 -5.89 45.61
N GLN A 545 83.03 -5.03 44.68
CA GLN A 545 82.65 -3.62 44.70
C GLN A 545 81.64 -3.35 43.59
N GLN A 546 80.55 -2.65 43.94
CA GLN A 546 79.50 -2.35 42.99
C GLN A 546 79.67 -0.96 42.36
N PHE A 547 79.70 0.08 43.20
CA PHE A 547 79.80 1.45 42.72
C PHE A 547 80.79 2.22 43.59
N GLY A 548 81.34 3.30 43.03
CA GLY A 548 82.30 4.11 43.73
C GLY A 548 81.74 5.46 44.17
N ARG A 549 82.56 6.18 44.94
CA ARG A 549 82.22 7.51 45.42
C ARG A 549 83.49 8.35 45.45
N ASP A 550 83.42 9.52 46.08
CA ASP A 550 84.53 10.45 46.15
C ASP A 550 84.52 11.10 47.54
N ILE A 551 85.28 12.19 47.69
CA ILE A 551 85.31 12.93 48.95
C ILE A 551 83.95 13.55 49.22
N ALA A 552 83.32 14.12 48.20
CA ALA A 552 82.06 14.83 48.34
C ALA A 552 80.84 13.91 48.37
N ASP A 553 81.05 12.59 48.53
CA ASP A 553 79.98 11.59 48.59
C ASP A 553 79.08 11.63 47.36
N THR A 554 79.71 11.72 46.18
CA THR A 554 79.02 11.74 44.91
C THR A 554 79.48 10.56 44.07
N THR A 555 78.53 9.97 43.34
CA THR A 555 78.84 8.81 42.52
C THR A 555 79.65 9.22 41.29
N ASP A 556 80.76 8.53 41.07
CA ASP A 556 81.65 8.81 39.95
C ASP A 556 81.80 7.64 38.99
N ALA A 557 81.69 6.41 39.49
CA ALA A 557 81.80 5.21 38.66
C ALA A 557 80.76 4.18 39.11
N VAL A 558 80.13 3.53 38.14
CA VAL A 558 79.13 2.52 38.40
C VAL A 558 79.41 1.33 37.49
N ARG A 559 79.02 0.14 37.94
CA ARG A 559 79.23 -1.10 37.19
C ARG A 559 77.87 -1.66 36.77
N ASP A 560 77.72 -1.89 35.47
CA ASP A 560 76.51 -2.51 34.96
C ASP A 560 76.54 -4.03 35.23
N PRO A 561 75.37 -4.64 35.46
CA PRO A 561 75.35 -6.08 35.73
C PRO A 561 75.55 -6.94 34.49
N GLN A 562 75.25 -6.37 33.32
CA GLN A 562 75.32 -7.14 32.08
C GLN A 562 76.74 -7.37 31.59
N THR A 563 77.68 -6.51 31.97
CA THR A 563 79.04 -6.57 31.47
C THR A 563 80.00 -6.32 32.63
N LEU A 564 81.13 -7.02 32.62
CA LEU A 564 82.16 -6.87 33.64
C LEU A 564 82.88 -5.52 33.59
N GLU A 565 82.69 -4.74 32.51
CA GLU A 565 83.27 -3.42 32.40
C GLU A 565 82.58 -2.45 33.36
N ILE A 566 83.21 -1.28 33.55
CA ILE A 566 82.71 -0.26 34.44
C ILE A 566 82.59 1.05 33.67
N LEU A 567 81.53 1.80 33.95
CA LEU A 567 81.23 3.05 33.24
C LEU A 567 81.30 4.21 34.21
N ASP A 568 82.10 5.22 33.87
CA ASP A 568 82.26 6.40 34.71
C ASP A 568 81.02 7.29 34.63
N ILE A 569 80.81 8.07 35.70
CA ILE A 569 79.68 8.98 35.81
C ILE A 569 80.21 10.38 36.04
N THR A 570 79.81 11.33 35.18
CA THR A 570 80.14 12.73 35.32
C THR A 570 78.90 13.50 34.90
N PRO A 571 78.42 14.43 35.72
CA PRO A 571 77.17 15.13 35.42
C PRO A 571 77.26 16.00 34.18
N CYS A 572 76.09 16.42 33.70
CA CYS A 572 76.00 17.25 32.50
C CYS A 572 76.64 18.61 32.75
N SER A 573 77.17 19.19 31.68
CA SER A 573 77.91 20.45 31.78
C SER A 573 76.96 21.60 32.07
N PHE A 574 76.89 22.01 33.33
CA PHE A 574 76.04 23.10 33.77
C PHE A 574 76.85 24.39 33.87
N GLY A 575 76.13 25.52 33.78
CA GLY A 575 76.77 26.81 33.87
C GLY A 575 75.80 27.96 33.73
N GLY A 576 76.05 29.05 34.46
CA GLY A 576 75.20 30.22 34.36
C GLY A 576 75.42 30.99 33.07
N VAL A 577 74.46 31.86 32.75
CA VAL A 577 74.51 32.66 31.56
C VAL A 577 74.66 34.13 31.96
N SER A 578 75.36 34.89 31.11
CA SER A 578 75.56 36.31 31.32
C SER A 578 75.31 37.03 30.00
N VAL A 579 74.86 38.28 30.10
CA VAL A 579 74.51 39.09 28.94
C VAL A 579 75.46 40.28 28.91
N ILE A 580 76.27 40.37 27.86
CA ILE A 580 77.12 41.53 27.64
C ILE A 580 76.31 42.57 26.88
N THR A 581 76.14 43.76 27.48
CA THR A 581 75.33 44.78 26.83
C THR A 581 75.81 46.18 27.16
N PRO A 582 75.74 47.11 26.20
CA PRO A 582 75.94 48.53 26.54
C PRO A 582 74.64 49.15 27.02
N GLY A 583 74.64 50.48 27.21
CA GLY A 583 73.42 51.16 27.56
C GLY A 583 72.39 51.08 26.44
N THR A 584 71.12 51.02 26.82
CA THR A 584 70.05 50.87 25.84
C THR A 584 69.86 52.12 24.99
N ASN A 585 70.31 53.28 25.46
CA ASN A 585 70.24 54.49 24.66
C ASN A 585 71.24 54.48 23.50
N THR A 586 72.31 53.69 23.62
CA THR A 586 73.35 53.64 22.59
C THR A 586 73.01 52.62 21.51
N SER A 587 72.83 51.36 21.88
CA SER A 587 72.56 50.31 20.91
C SER A 587 71.70 49.23 21.56
N ASN A 588 71.02 48.46 20.72
CA ASN A 588 70.14 47.39 21.17
C ASN A 588 70.77 46.00 21.04
N GLN A 589 72.02 45.92 20.57
CA GLN A 589 72.66 44.62 20.39
C GLN A 589 73.20 44.10 21.72
N VAL A 590 73.12 42.78 21.90
CA VAL A 590 73.57 42.11 23.10
C VAL A 590 74.45 40.93 22.72
N ALA A 591 75.26 40.49 23.68
CA ALA A 591 76.15 39.34 23.50
C ALA A 591 75.91 38.36 24.64
N VAL A 592 75.97 37.06 24.32
CA VAL A 592 75.71 36.01 25.28
C VAL A 592 77.04 35.40 25.72
N LEU A 593 77.27 35.37 27.04
CA LEU A 593 78.48 34.80 27.62
C LEU A 593 78.09 33.64 28.51
N TYR A 594 78.73 32.49 28.30
CA TYR A 594 78.53 31.30 29.12
C TYR A 594 79.66 31.19 30.13
N GLN A 595 79.33 30.80 31.35
CA GLN A 595 80.30 30.73 32.44
C GLN A 595 80.81 29.30 32.58
N GLY A 596 82.04 29.07 32.16
CA GLY A 596 82.68 27.77 32.31
C GLY A 596 82.05 26.64 31.54
N VAL A 597 81.65 26.88 30.29
CA VAL A 597 81.03 25.87 29.45
C VAL A 597 81.81 25.78 28.15
N ASN A 598 82.33 24.59 27.86
CA ASN A 598 82.92 24.33 26.56
C ASN A 598 81.81 24.10 25.57
N CYS A 599 81.63 25.06 24.68
CA CYS A 599 80.49 25.05 23.77
C CYS A 599 80.80 24.27 22.50
N THR A 600 80.95 22.95 22.68
CA THR A 600 81.12 22.03 21.56
C THR A 600 79.83 21.29 21.23
N GLU A 601 78.74 21.58 21.92
CA GLU A 601 77.46 20.94 21.66
C GLU A 601 76.29 21.91 21.59
N VAL A 602 76.45 23.17 21.96
CA VAL A 602 75.36 24.14 21.91
C VAL A 602 75.88 25.49 21.45
N ASN A 623 79.29 35.35 15.41
CA ASN A 623 80.51 34.56 15.55
C ASN A 623 80.67 34.06 16.98
N VAL A 624 81.38 32.95 17.13
CA VAL A 624 81.63 32.33 18.42
C VAL A 624 83.14 32.31 18.67
N PHE A 625 83.56 32.91 19.77
CA PHE A 625 84.96 32.94 20.16
C PHE A 625 85.10 32.34 21.56
N GLN A 626 86.13 31.53 21.75
CA GLN A 626 86.33 30.82 23.01
C GLN A 626 87.30 31.59 23.90
N THR A 627 86.84 31.97 25.08
CA THR A 627 87.67 32.60 26.10
C THR A 627 88.06 31.56 27.14
N ARG A 628 88.88 31.98 28.10
CA ARG A 628 89.16 31.13 29.26
C ARG A 628 88.20 31.42 30.41
N ALA A 629 86.92 31.51 30.07
CA ALA A 629 85.84 31.63 31.06
C ALA A 629 84.61 30.84 30.68
N GLY A 630 84.60 30.18 29.52
CA GLY A 630 83.41 29.56 28.99
C GLY A 630 83.24 29.86 27.51
N CYS A 631 82.01 30.06 27.06
CA CYS A 631 81.74 30.39 25.67
C CYS A 631 81.22 31.82 25.56
N LEU A 632 81.64 32.50 24.49
CA LEU A 632 81.18 33.85 24.18
C LEU A 632 80.51 33.82 22.81
N ILE A 633 79.24 34.22 22.75
CA ILE A 633 78.46 34.20 21.52
C ILE A 633 77.98 35.61 21.23
N GLY A 634 78.25 36.08 20.02
CA GLY A 634 77.81 37.40 19.59
C GLY A 634 78.86 38.49 19.67
N ALA A 635 80.08 38.17 20.11
CA ALA A 635 81.16 39.15 20.21
C ALA A 635 82.39 38.58 19.52
N GLU A 636 82.85 39.26 18.47
CA GLU A 636 84.04 38.83 17.75
C GLU A 636 85.30 39.19 18.55
N TYR A 637 86.40 38.56 18.17
CA TYR A 637 87.69 38.76 18.82
C TYR A 637 88.56 39.67 17.96
N VAL A 638 89.16 40.67 18.59
CA VAL A 638 90.03 41.63 17.92
C VAL A 638 91.41 41.53 18.55
N ASN A 639 92.44 41.38 17.69
CA ASN A 639 93.81 41.26 18.18
C ASN A 639 94.32 42.54 18.83
N ASN A 640 93.76 43.69 18.48
CA ASN A 640 94.15 44.94 19.12
C ASN A 640 93.62 44.99 20.55
N SER A 641 94.20 45.88 21.35
CA SER A 641 93.87 46.00 22.75
C SER A 641 93.41 47.43 23.05
N TYR A 642 92.43 47.53 23.95
CA TYR A 642 91.88 48.82 24.38
C TYR A 642 91.65 48.78 25.87
N GLU A 643 91.24 49.92 26.42
CA GLU A 643 90.96 50.00 27.85
C GLU A 643 89.70 49.21 28.20
N CYS A 644 89.75 48.52 29.33
CA CYS A 644 88.65 47.66 29.76
C CYS A 644 87.47 48.50 30.23
N ASP A 645 86.27 48.13 29.78
CA ASP A 645 85.03 48.77 30.21
C ASP A 645 84.12 47.80 30.96
N ILE A 646 83.82 46.64 30.38
CA ILE A 646 83.00 45.63 31.03
C ILE A 646 83.88 44.44 31.38
N PRO A 647 84.13 44.17 32.66
CA PRO A 647 84.99 43.04 33.02
C PRO A 647 84.28 41.71 32.81
N ILE A 648 85.03 40.73 32.31
CA ILE A 648 84.50 39.40 32.04
C ILE A 648 85.25 38.38 32.89
N GLY A 649 86.56 38.31 32.70
CA GLY A 649 87.39 37.36 33.42
C GLY A 649 88.51 36.84 32.54
N ALA A 650 89.60 36.39 33.19
CA ALA A 650 90.79 35.85 32.52
C ALA A 650 91.39 36.83 31.52
N GLY A 651 91.43 38.11 31.89
CA GLY A 651 91.99 39.13 31.03
C GLY A 651 91.20 39.39 29.76
N ILE A 652 89.87 39.34 29.84
CA ILE A 652 89.00 39.58 28.70
C ILE A 652 88.05 40.72 29.07
N CYS A 653 87.97 41.73 28.21
CA CYS A 653 87.07 42.85 28.43
C CYS A 653 86.44 43.24 27.10
N ALA A 654 85.12 43.48 27.11
CA ALA A 654 84.37 43.79 25.91
C ALA A 654 83.73 45.17 26.04
N SER A 655 83.67 45.89 24.93
CA SER A 655 83.06 47.20 24.89
C SER A 655 82.44 47.44 23.52
N TYR A 656 81.51 48.38 23.46
CA TYR A 656 80.82 48.73 22.21
C TYR A 656 81.63 49.81 21.51
N GLN A 657 82.29 49.44 20.42
CA GLN A 657 83.10 50.38 19.66
C GLN A 657 82.24 51.24 18.75
N SER A 669 79.45 47.70 16.45
CA SER A 669 79.25 46.34 16.95
C SER A 669 79.91 46.15 18.31
N ILE A 670 79.85 44.92 18.83
CA ILE A 670 80.44 44.57 20.12
C ILE A 670 81.64 43.67 19.85
N ILE A 671 82.79 44.08 20.37
CA ILE A 671 84.04 43.34 20.16
C ILE A 671 84.61 42.96 21.52
N ALA A 672 85.41 41.90 21.52
CA ALA A 672 86.11 41.43 22.70
C ALA A 672 87.61 41.55 22.47
N TYR A 673 88.31 42.16 23.42
CA TYR A 673 89.74 42.41 23.28
C TYR A 673 90.45 42.10 24.59
N THR A 674 91.76 41.86 24.49
CA THR A 674 92.59 41.77 25.67
C THR A 674 92.70 43.15 26.33
N MET A 675 92.63 43.17 27.65
CA MET A 675 92.65 44.43 28.39
C MET A 675 94.01 45.11 28.29
N SER A 676 93.99 46.44 28.24
CA SER A 676 95.20 47.24 28.13
C SER A 676 95.65 47.66 29.52
N LEU A 677 96.91 47.36 29.85
CA LEU A 677 97.49 47.72 31.14
C LEU A 677 97.95 49.16 31.21
N GLY A 678 97.99 49.87 30.08
CA GLY A 678 98.44 51.24 30.02
C GLY A 678 99.53 51.42 28.98
N ALA A 679 99.92 52.67 28.79
CA ALA A 679 100.97 53.01 27.85
C ALA A 679 102.33 52.57 28.41
N GLU A 680 103.17 52.02 27.54
CA GLU A 680 104.50 51.56 27.91
C GLU A 680 105.42 52.77 27.99
N ASN A 681 105.33 53.48 29.12
CA ASN A 681 106.12 54.70 29.34
C ASN A 681 107.47 54.33 29.93
N SER A 682 108.34 53.81 29.06
CA SER A 682 109.69 53.47 29.45
C SER A 682 110.50 54.73 29.71
N VAL A 683 111.30 54.71 30.78
CA VAL A 683 112.10 55.86 31.20
C VAL A 683 113.56 55.46 31.16
N ALA A 684 114.39 56.34 30.59
CA ALA A 684 115.81 56.07 30.45
C ALA A 684 116.51 56.13 31.81
N TYR A 685 117.64 55.43 31.91
CA TYR A 685 118.40 55.38 33.14
C TYR A 685 119.89 55.42 32.81
N SER A 686 120.64 56.15 33.63
CA SER A 686 122.08 56.21 33.54
C SER A 686 122.63 56.38 34.95
N ASN A 687 123.96 56.44 35.01
CA ASN A 687 124.68 56.55 36.27
C ASN A 687 124.95 58.00 36.64
N ASN A 688 124.41 58.95 35.88
CA ASN A 688 124.63 60.36 36.20
C ASN A 688 123.54 61.26 35.63
N SER A 689 122.32 60.75 35.50
CA SER A 689 121.21 61.50 34.93
C SER A 689 120.15 61.76 35.99
N ILE A 690 119.83 63.03 36.22
CA ILE A 690 118.85 63.43 37.22
C ILE A 690 117.82 64.32 36.53
N ALA A 691 116.60 64.32 37.06
CA ALA A 691 115.52 65.16 36.54
C ALA A 691 114.92 65.99 37.66
N ILE A 692 114.83 67.29 37.44
CA ILE A 692 114.26 68.21 38.42
C ILE A 692 113.14 69.00 37.76
N PRO A 693 111.92 69.00 38.31
CA PRO A 693 110.83 69.77 37.72
C PRO A 693 111.06 71.27 37.84
N THR A 694 110.53 72.00 36.85
CA THR A 694 110.65 73.46 36.81
C THR A 694 109.32 74.17 37.02
N ASN A 695 108.19 73.47 36.91
CA ASN A 695 106.88 74.08 37.07
C ASN A 695 106.02 73.18 37.95
N PHE A 696 104.96 73.75 38.49
CA PHE A 696 104.00 73.01 39.30
C PHE A 696 102.59 73.36 38.86
N THR A 697 101.70 72.38 38.99
CA THR A 697 100.28 72.57 38.69
C THR A 697 99.47 71.90 39.78
N ILE A 698 98.73 72.70 40.55
CA ILE A 698 97.90 72.18 41.63
C ILE A 698 96.62 71.62 41.02
N SER A 699 96.26 70.40 41.43
CA SER A 699 95.10 69.69 40.92
C SER A 699 94.17 69.34 42.07
N VAL A 700 92.88 69.60 41.89
CA VAL A 700 91.88 69.29 42.90
C VAL A 700 91.23 67.97 42.54
N THR A 701 91.38 66.99 43.43
CA THR A 701 90.79 65.66 43.27
C THR A 701 89.83 65.42 44.42
N THR A 702 88.61 64.98 44.11
CA THR A 702 87.62 64.73 45.13
C THR A 702 87.50 63.24 45.42
N GLU A 703 87.24 62.93 46.69
CA GLU A 703 86.95 61.56 47.09
C GLU A 703 85.71 61.57 47.96
N ILE A 704 85.01 60.44 48.00
CA ILE A 704 83.71 60.33 48.65
C ILE A 704 83.76 59.19 49.64
N LEU A 705 83.31 59.44 50.87
CA LEU A 705 83.30 58.44 51.93
C LEU A 705 81.95 58.50 52.65
N PRO A 706 81.18 57.42 52.67
CA PRO A 706 79.94 57.42 53.47
C PRO A 706 80.25 57.35 54.96
N VAL A 707 79.30 57.85 55.75
CA VAL A 707 79.45 57.94 57.21
C VAL A 707 78.42 57.07 57.93
N SER A 708 77.14 57.36 57.76
CA SER A 708 76.07 56.66 58.44
C SER A 708 74.79 56.78 57.64
N MET A 709 73.81 55.94 57.95
CA MET A 709 72.57 55.90 57.19
C MET A 709 71.35 55.92 58.11
N THR A 710 70.19 55.62 57.52
CA THR A 710 68.92 55.70 58.21
C THR A 710 68.79 54.61 59.26
N LYS A 711 68.43 55.01 60.48
CA LYS A 711 68.16 54.05 61.54
C LYS A 711 66.78 53.43 61.34
N THR A 712 66.72 52.10 61.46
CA THR A 712 65.47 51.38 61.21
C THR A 712 65.08 50.58 62.45
N SER A 713 63.82 50.71 62.86
CA SER A 713 63.28 49.98 63.98
C SER A 713 62.10 49.13 63.51
N VAL A 714 62.09 47.87 63.94
CA VAL A 714 61.05 46.92 63.56
C VAL A 714 60.30 46.47 64.81
N ASP A 715 58.97 46.41 64.69
CA ASP A 715 58.10 45.89 65.73
C ASP A 715 57.69 44.49 65.33
N CYS A 716 58.15 43.50 66.11
CA CYS A 716 57.96 42.10 65.74
C CYS A 716 56.49 41.71 65.76
N THR A 717 55.75 42.15 66.79
CA THR A 717 54.37 41.72 66.98
C THR A 717 53.46 42.20 65.86
N MET A 718 53.58 43.47 65.47
CA MET A 718 52.64 44.02 64.50
C MET A 718 53.10 43.72 63.06
N TYR A 719 54.40 43.51 62.85
CA TYR A 719 54.85 43.06 61.54
C TYR A 719 54.45 41.60 61.29
N ILE A 720 54.59 40.74 62.30
CA ILE A 720 54.27 39.33 62.11
C ILE A 720 52.75 39.12 62.14
N CYS A 721 52.09 39.60 63.20
CA CYS A 721 50.67 39.37 63.41
C CYS A 721 49.82 40.57 63.04
N GLY A 722 50.09 41.73 63.62
CA GLY A 722 49.30 42.92 63.34
C GLY A 722 48.09 43.06 64.24
N ASP A 723 47.09 42.22 64.04
CA ASP A 723 45.85 42.30 64.81
C ASP A 723 45.32 40.95 65.27
N SER A 724 45.84 39.83 64.78
CA SER A 724 45.32 38.53 65.15
C SER A 724 45.84 38.14 66.54
N THR A 725 44.90 37.83 67.44
CA THR A 725 45.27 37.43 68.79
C THR A 725 45.81 36.01 68.87
N GLU A 726 45.44 35.13 67.93
CA GLU A 726 45.99 33.79 67.91
C GLU A 726 47.48 33.81 67.57
N CYS A 727 47.88 34.67 66.64
CA CYS A 727 49.30 34.83 66.33
C CYS A 727 50.05 35.40 67.52
N SER A 728 49.44 36.35 68.25
CA SER A 728 50.08 36.91 69.44
C SER A 728 50.21 35.87 70.55
N ASN A 729 49.24 34.96 70.66
CA ASN A 729 49.35 33.87 71.63
C ASN A 729 50.44 32.88 71.21
N LEU A 730 50.57 32.62 69.91
CA LEU A 730 51.61 31.73 69.43
C LEU A 730 53.00 32.37 69.50
N LEU A 731 53.07 33.70 69.60
CA LEU A 731 54.36 34.36 69.83
C LEU A 731 54.98 33.94 71.16
N LEU A 732 54.15 33.69 72.18
CA LEU A 732 54.67 33.27 73.47
C LEU A 732 55.15 31.82 73.46
N GLN A 733 54.73 31.01 72.49
CA GLN A 733 55.10 29.61 72.48
C GLN A 733 56.56 29.41 72.08
N TYR A 734 57.03 30.18 71.10
CA TYR A 734 58.40 30.03 70.63
C TYR A 734 59.43 30.64 71.57
N GLY A 735 59.00 31.44 72.54
CA GLY A 735 59.91 32.03 73.50
C GLY A 735 60.29 33.47 73.19
N SER A 736 61.53 33.83 73.50
CA SER A 736 62.01 35.21 73.33
C SER A 736 62.85 35.28 72.06
N PHE A 737 62.25 35.87 71.02
CA PHE A 737 62.90 36.10 69.74
C PHE A 737 62.85 37.56 69.35
N CYS A 738 62.22 38.38 70.17
CA CYS A 738 61.91 39.76 69.82
C CYS A 738 62.69 40.77 70.65
N THR A 739 63.00 40.44 71.91
CA THR A 739 63.85 41.31 72.71
C THR A 739 65.25 41.37 72.15
N GLN A 740 65.74 40.26 71.57
CA GLN A 740 67.07 40.25 70.96
C GLN A 740 67.12 41.16 69.74
N LEU A 741 66.09 41.11 68.88
CA LEU A 741 66.09 41.98 67.70
C LEU A 741 65.85 43.44 68.10
N LYS A 742 65.09 43.67 69.17
CA LYS A 742 64.91 45.04 69.67
C LYS A 742 66.22 45.59 70.21
N ARG A 743 66.98 44.78 70.94
CA ARG A 743 68.30 45.19 71.40
C ARG A 743 69.23 45.42 70.22
N ALA A 744 69.13 44.59 69.18
CA ALA A 744 69.96 44.77 68.00
C ALA A 744 69.64 46.07 67.26
N LEU A 745 68.36 46.41 67.15
CA LEU A 745 67.99 47.63 66.43
C LEU A 745 68.36 48.88 67.23
N THR A 746 68.17 48.85 68.56
CA THR A 746 68.63 49.96 69.39
C THR A 746 70.14 50.08 69.34
N GLY A 747 70.85 48.94 69.30
CA GLY A 747 72.30 48.98 69.18
C GLY A 747 72.77 49.58 67.88
N ILE A 748 72.23 49.12 66.75
CA ILE A 748 72.65 49.62 65.45
C ILE A 748 72.31 51.10 65.31
N ALA A 749 71.21 51.54 65.98
CA ALA A 749 70.96 52.96 66.10
C ALA A 749 72.08 53.66 66.88
N VAL A 750 72.58 53.01 67.93
CA VAL A 750 73.63 53.63 68.75
C VAL A 750 74.95 53.77 67.97
N GLU A 751 75.40 52.70 67.29
CA GLU A 751 76.63 52.85 66.50
C GLU A 751 76.44 53.76 65.29
N GLN A 752 75.25 53.83 64.69
CA GLN A 752 75.09 54.77 63.58
C GLN A 752 75.07 56.22 64.07
N ASP A 753 74.46 56.47 65.24
CA ASP A 753 74.51 57.82 65.82
C ASP A 753 75.92 58.20 66.23
N LYS A 754 76.68 57.24 66.78
CA LYS A 754 78.07 57.51 67.13
C LYS A 754 78.94 57.71 65.90
N ASN A 755 78.63 57.02 64.79
CA ASN A 755 79.34 57.24 63.54
C ASN A 755 79.06 58.65 63.01
N THR A 756 77.82 59.10 63.12
CA THR A 756 77.49 60.47 62.74
C THR A 756 78.22 61.49 63.62
N GLN A 757 78.27 61.22 64.93
CA GLN A 757 78.83 62.20 65.86
C GLN A 757 80.35 62.28 65.79
N GLU A 758 81.04 61.13 65.72
CA GLU A 758 82.48 61.09 65.87
C GLU A 758 83.25 61.63 64.67
N VAL A 759 82.62 61.77 63.51
CA VAL A 759 83.31 62.23 62.32
C VAL A 759 83.27 63.74 62.20
N PHE A 760 82.10 64.34 62.40
CA PHE A 760 81.92 65.78 62.16
C PHE A 760 82.27 66.62 63.38
N ALA A 761 82.01 66.12 64.59
CA ALA A 761 82.23 66.90 65.81
C ALA A 761 83.66 66.71 66.31
N GLN A 762 84.61 67.23 65.53
CA GLN A 762 86.02 67.21 65.88
C GLN A 762 86.48 68.47 66.59
N VAL A 763 85.59 69.44 66.77
CA VAL A 763 85.91 70.69 67.46
C VAL A 763 84.88 70.91 68.56
N LYS A 764 85.25 71.71 69.55
CA LYS A 764 84.35 72.02 70.66
C LYS A 764 83.66 73.37 70.53
N GLN A 765 84.03 74.16 69.52
CA GLN A 765 83.47 75.49 69.33
C GLN A 765 82.94 75.62 67.91
N ILE A 766 82.26 76.74 67.64
CA ILE A 766 81.79 77.09 66.30
C ILE A 766 82.51 78.36 65.89
N TYR A 767 83.27 78.29 64.80
CA TYR A 767 84.06 79.41 64.33
C TYR A 767 83.25 80.22 63.32
N LYS A 768 83.30 81.54 63.45
CA LYS A 768 82.53 82.44 62.59
C LYS A 768 83.37 82.89 61.41
N THR A 769 82.83 82.75 60.21
CA THR A 769 83.50 83.22 59.01
C THR A 769 83.55 84.74 59.01
N PRO A 770 84.71 85.33 58.69
CA PRO A 770 84.78 86.78 58.57
C PRO A 770 83.89 87.28 57.45
N PRO A 771 83.32 88.48 57.59
CA PRO A 771 82.39 88.99 56.55
C PRO A 771 83.05 89.27 55.22
N ILE A 772 84.36 89.47 55.17
CA ILE A 772 85.08 89.71 53.93
C ILE A 772 85.59 88.38 53.39
N LYS A 773 85.43 88.17 52.09
CA LYS A 773 85.80 86.93 51.43
C LYS A 773 87.03 87.10 50.53
N TYR A 774 87.88 88.07 50.84
CA TYR A 774 89.12 88.30 50.10
C TYR A 774 90.29 87.74 50.90
N PHE A 775 91.07 86.87 50.26
CA PHE A 775 92.17 86.21 50.93
C PHE A 775 93.52 86.40 50.23
N GLY A 776 93.58 87.23 49.19
CA GLY A 776 94.81 87.43 48.47
C GLY A 776 94.74 86.93 47.04
N GLY A 777 93.56 86.97 46.45
CA GLY A 777 93.34 86.50 45.10
C GLY A 777 92.72 85.12 44.99
N PHE A 778 92.39 84.48 46.12
CA PHE A 778 91.79 83.16 46.12
C PHE A 778 90.28 83.31 46.26
N ASN A 779 89.58 82.95 45.18
CA ASN A 779 88.14 82.89 45.20
C ASN A 779 87.74 81.78 46.12
N PHE A 780 87.24 82.15 47.27
CA PHE A 780 86.63 81.16 48.17
C PHE A 780 85.13 81.45 48.31
N SER A 781 84.41 81.22 47.22
CA SER A 781 82.97 81.41 47.18
C SER A 781 82.19 80.14 46.90
N GLN A 782 82.79 79.17 46.19
CA GLN A 782 82.07 77.95 45.82
C GLN A 782 81.90 76.99 46.98
N ILE A 783 82.74 77.08 48.02
CA ILE A 783 82.66 76.14 49.13
C ILE A 783 82.22 76.79 50.43
N LEU A 784 82.39 78.09 50.60
CA LEU A 784 81.90 78.76 51.80
C LEU A 784 80.39 78.91 51.73
N PRO A 785 79.70 78.80 52.87
CA PRO A 785 78.24 78.98 52.88
C PRO A 785 77.84 80.39 52.52
N ASP A 786 76.67 80.50 51.89
CA ASP A 786 76.15 81.79 51.45
C ASP A 786 74.83 82.09 52.16
N PRO A 787 74.59 83.34 52.55
CA PRO A 787 73.36 83.68 53.25
C PRO A 787 72.15 83.89 52.34
N SER A 788 72.31 83.75 51.02
CA SER A 788 71.17 83.89 50.12
C SER A 788 70.20 82.73 50.28
N LYS A 789 70.71 81.50 50.28
CA LYS A 789 69.87 80.34 50.50
C LYS A 789 69.52 80.22 51.99
N PRO A 790 68.27 79.90 52.32
CA PRO A 790 67.85 79.87 53.74
C PRO A 790 68.37 78.67 54.52
N SER A 791 68.93 77.66 53.86
CA SER A 791 69.39 76.46 54.54
C SER A 791 70.86 76.53 54.94
N LYS A 792 71.55 77.63 54.64
CA LYS A 792 72.98 77.82 54.87
C LYS A 792 73.78 76.68 54.21
N ARG A 793 73.69 76.67 52.89
CA ARG A 793 74.24 75.59 52.07
C ARG A 793 75.26 76.16 51.11
N SER A 794 76.36 75.43 50.92
CA SER A 794 77.33 75.79 49.90
C SER A 794 76.78 75.42 48.52
N PRO A 795 77.24 76.10 47.46
CA PRO A 795 76.85 75.67 46.10
C PRO A 795 77.26 74.25 45.76
N ILE A 796 78.44 73.81 46.22
CA ILE A 796 78.84 72.42 46.04
C ILE A 796 77.94 71.50 46.87
N GLU A 797 77.65 71.90 48.10
CA GLU A 797 76.77 71.11 48.97
C GLU A 797 75.36 71.02 48.39
N ASP A 798 74.85 72.14 47.86
CA ASP A 798 73.54 72.13 47.22
C ASP A 798 73.54 71.27 45.95
N LEU A 799 74.63 71.32 45.18
CA LEU A 799 74.73 70.52 43.97
C LEU A 799 74.73 69.03 44.29
N LEU A 800 75.46 68.63 45.32
CA LEU A 800 75.49 67.21 45.69
C LEU A 800 74.19 66.80 46.39
N PHE A 801 73.52 67.74 47.07
CA PHE A 801 72.22 67.45 47.65
C PHE A 801 71.15 67.27 46.56
N ASN A 802 71.30 67.95 45.43
CA ASN A 802 70.40 67.81 44.30
C ASN A 802 70.81 66.68 43.37
N LYS A 803 71.62 65.73 43.84
CA LYS A 803 72.07 64.61 43.03
C LYS A 803 71.70 63.29 43.68
N VAL A 804 71.72 63.25 45.01
CA VAL A 804 71.42 62.03 45.76
C VAL A 804 69.95 62.04 46.12
N THR A 805 69.23 61.01 45.69
CA THR A 805 67.80 60.90 45.98
C THR A 805 67.57 60.46 47.42
N ASN A 834 53.94 47.43 56.65
CA ASN A 834 53.85 47.85 58.04
C ASN A 834 54.98 47.26 58.87
N GLY A 835 55.07 47.69 60.13
CA GLY A 835 56.08 47.17 61.04
C GLY A 835 57.46 47.79 60.89
N LEU A 836 57.63 48.76 60.00
CA LEU A 836 58.93 49.36 59.73
C LEU A 836 58.82 50.87 59.91
N THR A 837 59.11 51.34 61.11
CA THR A 837 59.18 52.77 61.38
C THR A 837 60.62 53.25 61.17
N VAL A 838 60.75 54.55 60.93
CA VAL A 838 62.03 55.18 60.62
C VAL A 838 62.38 56.12 61.76
N LEU A 839 63.52 55.88 62.40
CA LEU A 839 64.02 56.79 63.42
C LEU A 839 64.82 57.91 62.77
N PRO A 840 64.45 59.16 63.02
CA PRO A 840 65.18 60.28 62.42
C PRO A 840 66.57 60.43 63.05
N PRO A 841 67.54 60.93 62.31
CA PRO A 841 68.88 61.11 62.88
C PRO A 841 68.91 62.22 63.91
N LEU A 842 69.87 62.11 64.83
CA LEU A 842 70.04 63.13 65.87
C LEU A 842 70.47 64.46 65.26
N LEU A 843 71.36 64.41 64.27
CA LEU A 843 71.84 65.61 63.59
C LEU A 843 71.23 65.68 62.20
N THR A 844 70.50 66.76 61.92
CA THR A 844 69.93 66.98 60.61
C THR A 844 70.96 67.68 59.72
N ASP A 845 70.49 68.19 58.58
CA ASP A 845 71.38 68.86 57.63
C ASP A 845 71.91 70.19 58.19
N GLU A 846 71.15 70.85 59.06
CA GLU A 846 71.55 72.17 59.53
C GLU A 846 72.74 72.11 60.46
N MET A 847 72.73 71.18 61.43
CA MET A 847 73.84 71.07 62.37
C MET A 847 75.11 70.58 61.70
N ILE A 848 74.99 69.62 60.76
CA ILE A 848 76.19 69.16 60.06
C ILE A 848 76.70 70.23 59.10
N ALA A 849 75.81 71.05 58.53
CA ALA A 849 76.24 72.16 57.71
C ALA A 849 76.98 73.21 58.54
N GLN A 850 76.50 73.46 59.76
CA GLN A 850 77.19 74.41 60.63
C GLN A 850 78.54 73.85 61.11
N TYR A 851 78.61 72.53 61.32
CA TYR A 851 79.88 71.90 61.64
C TYR A 851 80.88 72.04 60.49
N THR A 852 80.44 71.80 59.26
CA THR A 852 81.33 71.96 58.11
C THR A 852 81.74 73.41 57.91
N SER A 853 80.83 74.35 58.16
CA SER A 853 81.18 75.77 58.08
C SER A 853 82.20 76.15 59.14
N ALA A 854 82.04 75.64 60.36
CA ALA A 854 83.00 75.92 61.43
C ALA A 854 84.37 75.34 61.13
N LEU A 855 84.41 74.10 60.61
CA LEU A 855 85.70 73.50 60.23
C LEU A 855 86.35 74.25 59.08
N LEU A 856 85.55 74.68 58.09
CA LEU A 856 86.09 75.44 56.97
C LEU A 856 86.65 76.78 57.43
N ALA A 857 85.94 77.47 58.33
CA ALA A 857 86.46 78.71 58.88
C ALA A 857 87.73 78.48 59.67
N GLY A 858 87.77 77.43 60.49
CA GLY A 858 88.95 77.15 61.29
C GLY A 858 90.17 76.79 60.47
N THR A 859 89.96 76.11 59.33
CA THR A 859 91.09 75.81 58.47
C THR A 859 91.39 76.91 57.46
N ILE A 860 90.54 77.93 57.34
CA ILE A 860 90.79 78.98 56.37
C ILE A 860 91.35 80.24 57.05
N THR A 861 91.17 80.37 58.37
CA THR A 861 91.68 81.55 59.06
C THR A 861 92.63 81.25 60.20
N SER A 862 92.78 79.99 60.63
CA SER A 862 93.63 79.67 61.77
C SER A 862 94.69 78.64 61.45
N GLY A 863 94.78 78.17 60.21
CA GLY A 863 95.77 77.16 59.87
C GLY A 863 95.41 75.81 60.46
N TRP A 864 96.43 75.07 60.88
CA TRP A 864 96.25 73.78 61.54
C TRP A 864 96.38 73.88 63.05
N THR A 865 96.51 75.09 63.60
CA THR A 865 96.71 75.26 65.03
C THR A 865 95.40 75.15 65.82
N PHE A 866 94.25 75.23 65.16
CA PHE A 866 92.98 75.15 65.87
C PHE A 866 92.63 73.73 66.27
N GLY A 867 93.26 72.71 65.68
CA GLY A 867 93.05 71.34 66.04
C GLY A 867 93.83 70.85 67.23
N ALA A 868 94.66 71.72 67.82
CA ALA A 868 95.46 71.37 69.00
C ALA A 868 95.03 72.10 70.25
N GLY A 869 94.95 73.43 70.20
CA GLY A 869 94.51 74.21 71.33
C GLY A 869 93.68 75.40 70.91
N PRO A 870 93.95 76.57 71.49
CA PRO A 870 93.25 77.79 71.07
C PRO A 870 93.67 78.19 69.66
N ALA A 871 92.73 78.79 68.94
CA ALA A 871 92.99 79.19 67.55
C ALA A 871 93.83 80.46 67.53
N LEU A 872 94.79 80.50 66.62
CA LEU A 872 95.67 81.65 66.42
C LEU A 872 95.42 82.21 65.03
N GLN A 873 95.32 83.54 64.94
CA GLN A 873 95.07 84.18 63.66
C GLN A 873 96.31 84.10 62.78
N ILE A 874 96.19 83.42 61.65
CA ILE A 874 97.30 83.25 60.71
C ILE A 874 96.80 83.63 59.32
N PRO A 875 97.47 84.56 58.63
CA PRO A 875 97.05 84.89 57.26
C PRO A 875 97.28 83.74 56.29
N PHE A 876 96.48 83.74 55.24
CA PHE A 876 96.43 82.63 54.28
C PHE A 876 97.74 82.42 53.50
N PRO A 877 98.40 83.44 52.90
CA PRO A 877 99.64 83.16 52.16
C PRO A 877 100.76 82.55 53.01
N MET A 878 100.90 82.96 54.28
CA MET A 878 101.96 82.36 55.07
C MET A 878 101.60 80.95 55.55
N GLN A 879 100.32 80.61 55.59
CA GLN A 879 100.04 79.20 55.89
C GLN A 879 100.24 78.31 54.66
N MET A 880 100.02 78.81 53.43
CA MET A 880 100.53 78.03 52.30
C MET A 880 102.05 77.96 52.30
N ALA A 881 102.73 79.02 52.73
CA ALA A 881 104.19 78.97 52.84
C ALA A 881 104.64 77.92 53.87
N TYR A 882 103.96 77.85 55.01
CA TYR A 882 104.25 76.84 56.02
C TYR A 882 104.03 75.43 55.48
N ARG A 883 102.93 75.22 54.75
CA ARG A 883 102.65 73.88 54.25
C ARG A 883 103.55 73.52 53.08
N PHE A 884 104.04 74.51 52.33
CA PHE A 884 105.07 74.25 51.33
C PHE A 884 106.38 73.86 51.99
N ASN A 885 106.71 74.50 53.12
CA ASN A 885 107.86 74.08 53.91
C ASN A 885 107.69 72.66 54.44
N GLY A 886 106.47 72.29 54.83
CA GLY A 886 106.18 70.97 55.36
C GLY A 886 106.39 69.82 54.39
N ILE A 887 106.47 70.10 53.08
CA ILE A 887 106.75 69.06 52.10
C ILE A 887 108.13 69.28 51.50
N GLY A 888 109.02 69.92 52.27
CA GLY A 888 110.39 70.10 51.86
C GLY A 888 110.62 71.03 50.70
N VAL A 889 109.84 72.10 50.59
CA VAL A 889 110.01 73.12 49.56
C VAL A 889 110.10 74.47 50.25
N THR A 890 111.15 75.23 49.94
CA THR A 890 111.35 76.52 50.60
C THR A 890 110.25 77.50 50.21
N GLN A 891 109.97 78.43 51.13
CA GLN A 891 108.87 79.39 50.98
C GLN A 891 109.27 80.61 50.16
N ASN A 892 109.84 80.35 48.96
CA ASN A 892 110.21 81.40 48.03
C ASN A 892 109.62 81.20 46.64
N VAL A 893 108.93 80.10 46.39
CA VAL A 893 108.32 79.83 45.10
C VAL A 893 106.80 80.02 45.16
N LEU A 894 106.32 80.70 46.19
CA LEU A 894 104.91 81.02 46.36
C LEU A 894 104.63 82.51 46.35
N TYR A 895 105.43 83.30 47.05
CA TYR A 895 105.27 84.75 47.09
C TYR A 895 105.66 85.42 45.77
N GLU A 896 106.38 84.71 44.89
CA GLU A 896 106.79 85.28 43.61
C GLU A 896 105.78 85.04 42.49
N ASN A 897 104.92 84.03 42.62
CA ASN A 897 103.90 83.74 41.62
C ASN A 897 102.56 83.46 42.30
N GLN A 898 102.21 84.30 43.29
CA GLN A 898 100.97 84.13 44.05
C GLN A 898 99.75 84.31 43.15
N LYS A 899 99.83 85.25 42.19
CA LYS A 899 98.72 85.46 41.26
C LYS A 899 98.50 84.24 40.38
N LEU A 900 99.59 83.62 39.91
CA LEU A 900 99.48 82.44 39.06
C LEU A 900 98.89 81.25 39.80
N ILE A 901 99.35 81.02 41.03
CA ILE A 901 98.81 79.90 41.80
C ILE A 901 97.38 80.18 42.26
N ALA A 902 97.03 81.45 42.46
CA ALA A 902 95.64 81.79 42.77
C ALA A 902 94.73 81.54 41.58
N ASN A 903 95.18 81.91 40.38
CA ASN A 903 94.40 81.61 39.17
C ASN A 903 94.28 80.11 38.94
N GLN A 904 95.36 79.36 39.21
CA GLN A 904 95.30 77.91 39.09
C GLN A 904 94.32 77.30 40.07
N PHE A 905 94.30 77.80 41.31
CA PHE A 905 93.36 77.29 42.30
C PHE A 905 91.92 77.62 41.93
N ASN A 906 91.67 78.84 41.43
CA ASN A 906 90.33 79.21 41.00
C ASN A 906 89.86 78.38 39.81
N SER A 907 90.76 78.13 38.86
CA SER A 907 90.42 77.28 37.72
C SER A 907 90.15 75.84 38.15
N ALA A 908 90.93 75.33 39.10
CA ALA A 908 90.71 73.98 39.62
C ALA A 908 89.38 73.88 40.35
N ILE A 909 89.04 74.89 41.15
CA ILE A 909 87.76 74.91 41.84
C ILE A 909 86.61 74.96 40.84
N GLY A 910 86.74 75.79 39.80
CA GLY A 910 85.70 75.87 38.79
C GLY A 910 85.51 74.57 38.02
N LYS A 911 86.62 73.92 37.63
CA LYS A 911 86.48 72.68 36.88
C LYS A 911 85.98 71.53 37.75
N ILE A 912 86.34 71.50 39.04
CA ILE A 912 85.83 70.44 39.89
C ILE A 912 84.36 70.70 40.24
N GLN A 913 83.94 71.97 40.26
CA GLN A 913 82.52 72.26 40.45
C GLN A 913 81.72 71.90 39.20
N ASP A 914 82.30 72.08 38.02
CA ASP A 914 81.63 71.69 36.78
C ASP A 914 81.57 70.19 36.62
N SER A 915 82.63 69.48 37.01
CA SER A 915 82.73 68.04 36.81
C SER A 915 82.29 67.23 38.02
N LEU A 916 81.81 67.87 39.09
CA LEU A 916 81.28 67.12 40.23
C LEU A 916 80.01 66.37 39.84
N SER A 917 79.16 66.98 39.02
CA SER A 917 77.92 66.36 38.58
C SER A 917 77.94 66.04 37.09
N SER A 918 79.13 65.90 36.50
CA SER A 918 79.22 65.61 35.07
C SER A 918 78.79 64.18 34.76
N THR A 919 79.19 63.23 35.61
CA THR A 919 78.85 61.83 35.39
C THR A 919 77.88 61.34 36.48
N PRO A 920 76.89 60.52 36.12
CA PRO A 920 75.99 59.98 37.15
C PRO A 920 76.65 58.95 38.05
N SER A 921 77.80 58.39 37.66
CA SER A 921 78.50 57.39 38.46
C SER A 921 79.52 58.00 39.40
N ALA A 922 79.62 59.33 39.47
CA ALA A 922 80.55 59.97 40.39
C ALA A 922 80.13 59.76 41.84
N LEU A 923 78.84 60.00 42.14
CA LEU A 923 78.29 59.72 43.46
C LEU A 923 77.66 58.33 43.48
N GLY A 924 78.45 57.35 43.07
CA GLY A 924 77.93 56.00 42.92
C GLY A 924 77.72 55.28 44.24
N LYS A 925 78.59 55.54 45.22
CA LYS A 925 78.56 54.77 46.46
C LYS A 925 77.41 55.21 47.37
N LEU A 926 77.04 56.49 47.35
CA LEU A 926 75.85 56.92 48.09
C LEU A 926 74.58 56.34 47.47
N GLN A 927 74.50 56.33 46.14
CA GLN A 927 73.38 55.67 45.47
C GLN A 927 73.38 54.18 45.75
N ASP A 928 74.57 53.58 45.82
CA ASP A 928 74.69 52.16 46.13
C ASP A 928 74.16 51.84 47.52
N VAL A 929 74.54 52.63 48.53
CA VAL A 929 74.09 52.33 49.88
C VAL A 929 72.65 52.76 50.12
N VAL A 930 72.14 53.74 49.36
CA VAL A 930 70.71 54.07 49.41
C VAL A 930 69.89 52.93 48.83
N ASN A 931 70.33 52.38 47.68
CA ASN A 931 69.62 51.27 47.07
C ASN A 931 69.70 50.02 47.92
N HIS A 932 70.87 49.72 48.50
CA HIS A 932 71.05 48.52 49.31
C HIS A 932 70.26 48.57 50.63
N ASN A 933 69.80 49.74 51.05
CA ASN A 933 68.93 49.82 52.23
C ASN A 933 67.46 49.88 51.84
N ALA A 934 67.12 50.70 50.83
CA ALA A 934 65.73 50.86 50.43
C ALA A 934 65.19 49.58 49.80
N GLN A 935 65.97 48.94 48.91
CA GLN A 935 65.52 47.70 48.30
C GLN A 935 65.44 46.58 49.33
N ALA A 936 66.32 46.59 50.33
CA ALA A 936 66.23 45.61 51.41
C ALA A 936 64.95 45.80 52.23
N LEU A 937 64.61 47.07 52.54
CA LEU A 937 63.37 47.35 53.26
C LEU A 937 62.15 46.95 52.45
N ASN A 938 62.15 47.28 51.15
CA ASN A 938 61.02 46.90 50.29
C ASN A 938 60.92 45.39 50.13
N THR A 939 62.06 44.70 50.06
CA THR A 939 62.05 43.24 49.93
C THR A 939 61.54 42.57 51.21
N LEU A 940 61.87 43.16 52.38
CA LEU A 940 61.27 42.70 53.62
C LEU A 940 59.77 42.96 53.63
N VAL A 941 59.34 44.07 53.03
CA VAL A 941 57.92 44.36 52.91
C VAL A 941 57.21 43.33 52.02
N LYS A 942 57.87 42.92 50.92
CA LYS A 942 57.32 41.96 49.97
C LYS A 942 57.01 40.59 50.57
N GLN A 943 57.64 40.24 51.70
CA GLN A 943 57.51 38.91 52.26
C GLN A 943 56.15 38.65 52.90
N LEU A 944 55.32 39.69 53.04
CA LEU A 944 53.98 39.51 53.61
C LEU A 944 53.06 38.74 52.67
N SER A 945 53.28 38.85 51.35
CA SER A 945 52.43 38.20 50.36
C SER A 945 52.96 36.83 49.95
N SER A 946 53.67 36.15 50.84
CA SER A 946 54.22 34.83 50.57
C SER A 946 53.35 33.77 51.26
N LYS A 947 53.01 32.72 50.52
CA LYS A 947 52.16 31.67 51.07
C LYS A 947 52.88 30.85 52.14
N PHE A 948 54.20 30.67 51.98
CA PHE A 948 55.03 29.87 52.88
C PHE A 948 54.53 28.44 53.01
N GLY A 949 54.03 27.88 51.91
CA GLY A 949 53.51 26.54 51.90
C GLY A 949 52.13 26.37 52.51
N ALA A 950 51.45 27.47 52.85
CA ALA A 950 50.14 27.41 53.47
C ALA A 950 49.06 27.66 52.41
N ILE A 951 47.80 27.70 52.87
CA ILE A 951 46.69 27.94 51.95
C ILE A 951 46.69 29.37 51.44
N SER A 952 46.92 30.34 52.34
CA SER A 952 46.92 31.74 51.97
C SER A 952 47.93 32.48 52.84
N SER A 953 48.11 33.77 52.56
CA SER A 953 49.06 34.62 53.27
C SER A 953 48.35 35.66 54.14
N VAL A 954 47.07 35.45 54.44
CA VAL A 954 46.29 36.37 55.25
C VAL A 954 45.87 35.65 56.52
N LEU A 955 46.16 36.26 57.67
CA LEU A 955 45.83 35.64 58.96
C LEU A 955 44.32 35.59 59.19
N ASN A 956 43.59 36.62 58.76
CA ASN A 956 42.14 36.62 58.92
C ASN A 956 41.47 35.62 58.00
N ASP A 957 42.10 35.31 56.86
CA ASP A 957 41.50 34.35 55.93
C ASP A 957 41.58 32.93 56.47
N ILE A 958 42.74 32.54 57.03
CA ILE A 958 42.90 31.18 57.53
C ILE A 958 42.06 30.97 58.80
N LEU A 959 42.02 31.97 59.68
CA LEU A 959 41.32 31.83 60.94
C LEU A 959 39.81 31.84 60.80
N SER A 960 39.28 32.35 59.68
CA SER A 960 37.85 32.43 59.48
C SER A 960 37.34 31.48 58.39
N ARG A 961 38.17 30.53 57.96
CA ARG A 961 37.77 29.56 56.94
C ARG A 961 38.09 28.12 57.30
N LEU A 962 39.03 27.87 58.21
CA LEU A 962 39.45 26.52 58.55
C LEU A 962 39.37 26.32 60.05
N ASP A 963 39.41 25.04 60.44
CA ASP A 963 39.39 24.70 61.87
C ASP A 963 40.70 25.01 62.59
N PRO A 964 40.63 25.25 63.90
CA PRO A 964 41.83 25.62 64.65
C PRO A 964 42.97 24.62 64.54
N PRO A 965 42.70 23.34 64.78
CA PRO A 965 43.84 22.42 64.77
C PRO A 965 44.81 22.66 63.63
N GLU A 966 44.31 22.61 62.40
CA GLU A 966 45.20 22.76 61.25
C GLU A 966 45.62 24.19 61.17
N ALA A 967 44.64 25.08 61.22
CA ALA A 967 44.99 26.50 61.26
C ALA A 967 46.21 26.74 62.12
N GLU A 968 46.38 25.95 63.19
CA GLU A 968 47.58 26.05 64.03
C GLU A 968 48.83 25.73 63.23
N VAL A 969 48.77 24.69 62.39
CA VAL A 969 49.91 24.30 61.57
C VAL A 969 50.20 25.37 60.52
N GLN A 970 49.15 25.92 59.90
CA GLN A 970 49.35 26.95 58.87
C GLN A 970 49.97 28.21 59.47
N ILE A 971 49.46 28.65 60.63
CA ILE A 971 50.02 29.83 61.29
C ILE A 971 51.44 29.56 61.78
N ASP A 972 51.72 28.33 62.24
CA ASP A 972 53.08 28.00 62.66
C ASP A 972 54.07 28.05 61.49
N ARG A 973 53.68 27.51 60.33
CA ARG A 973 54.55 27.58 59.16
C ARG A 973 54.76 29.01 58.71
N LEU A 974 53.67 29.82 58.70
CA LEU A 974 53.79 31.22 58.32
C LEU A 974 54.68 32.00 59.28
N ILE A 975 54.54 31.75 60.58
CA ILE A 975 55.31 32.51 61.56
C ILE A 975 56.78 32.09 61.55
N THR A 976 57.09 30.81 61.29
CA THR A 976 58.50 30.44 61.23
C THR A 976 59.14 30.93 59.92
N GLY A 977 58.36 30.99 58.82
CA GLY A 977 58.89 31.59 57.60
C GLY A 977 59.18 33.07 57.76
N ARG A 978 58.25 33.81 58.39
CA ARG A 978 58.46 35.23 58.62
C ARG A 978 59.58 35.46 59.63
N LEU A 979 59.74 34.57 60.60
CA LEU A 979 60.84 34.67 61.56
C LEU A 979 62.19 34.49 60.87
N GLN A 980 62.29 33.50 59.98
CA GLN A 980 63.53 33.33 59.22
C GLN A 980 63.79 34.52 58.31
N SER A 981 62.73 35.09 57.72
CA SER A 981 62.88 36.27 56.88
C SER A 981 63.41 37.46 57.66
N LEU A 982 62.86 37.70 58.86
CA LEU A 982 63.32 38.86 59.63
C LEU A 982 64.71 38.62 60.21
N GLN A 983 65.06 37.36 60.51
CA GLN A 983 66.42 37.06 60.94
C GLN A 983 67.42 37.31 59.81
N THR A 984 67.05 36.94 58.58
CA THR A 984 67.89 37.23 57.42
C THR A 984 68.03 38.74 57.22
N TYR A 985 66.93 39.48 57.39
CA TYR A 985 66.98 40.93 57.28
C TYR A 985 67.88 41.55 58.35
N VAL A 986 67.81 41.03 59.58
CA VAL A 986 68.66 41.53 60.66
C VAL A 986 70.13 41.24 60.36
N THR A 987 70.43 40.05 59.83
CA THR A 987 71.81 39.71 59.46
C THR A 987 72.33 40.64 58.35
N GLN A 988 71.50 40.91 57.35
CA GLN A 988 71.88 41.84 56.29
C GLN A 988 72.10 43.25 56.84
N GLN A 989 71.23 43.69 57.75
CA GLN A 989 71.37 45.02 58.35
C GLN A 989 72.65 45.13 59.16
N LEU A 990 73.01 44.07 59.90
CA LEU A 990 74.21 44.16 60.72
C LEU A 990 75.48 44.03 59.88
N ILE A 991 75.45 43.31 58.76
CA ILE A 991 76.66 43.27 57.93
C ILE A 991 76.85 44.59 57.19
N ARG A 992 75.74 45.26 56.82
CA ARG A 992 75.89 46.62 56.30
C ARG A 992 76.32 47.59 57.40
N ALA A 993 75.93 47.32 58.65
CA ALA A 993 76.46 48.09 59.77
C ALA A 993 77.96 47.89 59.93
N ALA A 994 78.43 46.66 59.73
CA ALA A 994 79.86 46.36 59.80
C ALA A 994 80.64 47.14 58.76
N GLU A 995 80.21 47.07 57.49
CA GLU A 995 80.92 47.82 56.46
C GLU A 995 80.77 49.33 56.68
N ILE A 996 79.66 49.76 57.28
CA ILE A 996 79.45 51.20 57.40
C ILE A 996 80.26 51.79 58.56
N ARG A 997 80.53 51.04 59.65
CA ARG A 997 81.38 51.68 60.65
C ARG A 997 82.84 51.46 60.30
N ALA A 998 83.15 50.47 59.45
CA ALA A 998 84.48 50.43 58.86
C ALA A 998 84.74 51.67 58.00
N SER A 999 83.78 52.01 57.13
CA SER A 999 83.90 53.21 56.32
C SER A 999 83.87 54.48 57.17
N ALA A 1000 83.08 54.49 58.25
CA ALA A 1000 83.01 55.65 59.13
C ALA A 1000 84.31 55.85 59.91
N ASN A 1001 84.95 54.76 60.36
CA ASN A 1001 86.25 54.88 61.01
C ASN A 1001 87.31 55.37 60.04
N LEU A 1002 87.28 54.89 58.79
CA LEU A 1002 88.21 55.40 57.78
C LEU A 1002 87.97 56.87 57.50
N ALA A 1003 86.70 57.28 57.41
CA ALA A 1003 86.37 58.69 57.16
C ALA A 1003 86.75 59.57 58.34
N ALA A 1004 86.58 59.08 59.56
CA ALA A 1004 86.99 59.84 60.74
C ALA A 1004 88.50 59.98 60.81
N THR A 1005 89.24 58.93 60.45
CA THR A 1005 90.69 59.01 60.40
C THR A 1005 91.15 60.03 59.36
N LYS A 1006 90.52 60.01 58.19
CA LYS A 1006 90.87 60.97 57.14
C LYS A 1006 90.45 62.39 57.51
N MET A 1007 89.36 62.54 58.27
CA MET A 1007 88.96 63.86 58.75
C MET A 1007 89.94 64.40 59.78
N SER A 1008 90.41 63.55 60.68
CA SER A 1008 91.32 64.00 61.73
C SER A 1008 92.73 64.23 61.22
N GLU A 1009 93.15 63.46 60.22
CA GLU A 1009 94.51 63.60 59.78
C GLU A 1009 94.61 64.72 58.79
N CYS A 1010 94.28 64.42 57.55
CA CYS A 1010 94.44 65.41 56.51
C CYS A 1010 93.69 66.69 56.80
N VAL A 1011 92.47 66.58 57.29
CA VAL A 1011 91.69 67.79 57.48
C VAL A 1011 92.20 68.63 58.62
N LEU A 1012 92.41 68.01 59.78
CA LEU A 1012 92.81 68.80 60.93
C LEU A 1012 94.25 69.26 60.84
N GLY A 1013 95.07 68.51 60.11
CA GLY A 1013 96.47 68.86 59.99
C GLY A 1013 97.10 68.36 58.70
N GLN A 1014 98.34 68.75 58.45
CA GLN A 1014 98.96 68.38 57.19
C GLN A 1014 99.52 66.96 57.31
N SER A 1015 99.15 66.10 56.37
CA SER A 1015 99.59 64.71 56.36
C SER A 1015 100.79 64.55 55.44
N LYS A 1016 101.85 63.95 55.96
CA LYS A 1016 103.03 63.65 55.18
C LYS A 1016 102.98 62.26 54.54
N ARG A 1017 101.88 61.54 54.72
CA ARG A 1017 101.74 60.22 54.11
C ARG A 1017 101.51 60.37 52.62
N VAL A 1018 102.27 59.62 51.82
CA VAL A 1018 102.20 59.73 50.37
C VAL A 1018 101.01 58.91 49.86
N ASP A 1019 100.20 59.55 49.00
CA ASP A 1019 99.02 58.94 48.38
C ASP A 1019 98.02 58.45 49.43
N PHE A 1020 97.66 59.35 50.34
CA PHE A 1020 96.65 59.07 51.35
C PHE A 1020 95.42 59.96 51.24
N CYS A 1021 95.60 61.25 50.93
CA CYS A 1021 94.49 62.17 50.69
C CYS A 1021 94.81 62.92 49.39
N GLY A 1022 94.38 62.37 48.27
CA GLY A 1022 94.61 62.98 46.98
C GLY A 1022 95.78 62.36 46.25
N LYS A 1023 95.78 62.52 44.93
CA LYS A 1023 96.84 61.99 44.08
C LYS A 1023 97.92 63.05 43.90
N GLY A 1024 98.94 62.99 44.74
CA GLY A 1024 100.03 63.93 44.71
C GLY A 1024 100.42 64.35 46.11
N TYR A 1025 101.29 65.36 46.19
CA TYR A 1025 101.72 65.89 47.47
C TYR A 1025 100.57 66.65 48.14
N HIS A 1026 100.47 66.49 49.45
CA HIS A 1026 99.34 67.01 50.22
C HIS A 1026 99.53 68.48 50.56
N LEU A 1027 98.55 69.27 50.14
CA LEU A 1027 98.59 70.69 50.41
C LEU A 1027 97.48 70.98 51.38
N MET A 1028 96.24 70.92 50.88
CA MET A 1028 95.09 71.17 51.74
C MET A 1028 93.88 70.38 51.31
N SER A 1029 92.94 70.19 52.22
CA SER A 1029 91.70 69.51 51.88
C SER A 1029 90.60 70.21 52.63
N PHE A 1030 89.37 69.99 52.25
CA PHE A 1030 88.26 70.72 52.85
C PHE A 1030 87.01 69.85 52.92
N PRO A 1031 86.32 69.85 54.06
CA PRO A 1031 85.12 69.03 54.20
C PRO A 1031 83.86 69.74 53.71
N GLN A 1032 82.99 68.95 53.10
CA GLN A 1032 81.71 69.42 52.60
C GLN A 1032 80.61 68.53 53.18
N SER A 1033 79.51 69.15 53.59
CA SER A 1033 78.40 68.44 54.19
C SER A 1033 77.66 67.66 53.13
N ALA A 1034 77.37 66.38 53.42
CA ALA A 1034 76.65 65.52 52.50
C ALA A 1034 75.57 64.75 53.26
N PRO A 1035 74.45 64.47 52.61
CA PRO A 1035 73.44 63.61 53.23
C PRO A 1035 73.94 62.17 53.32
N HIS A 1036 73.95 61.64 54.56
CA HIS A 1036 74.36 60.27 54.85
C HIS A 1036 75.79 59.98 54.39
N GLY A 1037 76.66 60.97 54.54
CA GLY A 1037 78.04 60.80 54.16
C GLY A 1037 78.79 62.11 54.24
N VAL A 1038 80.01 62.10 53.68
CA VAL A 1038 80.87 63.27 53.65
C VAL A 1038 81.70 63.21 52.37
N VAL A 1039 82.05 64.38 51.84
CA VAL A 1039 82.87 64.49 50.64
C VAL A 1039 84.04 65.41 50.95
N PHE A 1040 85.25 64.92 50.75
CA PHE A 1040 86.45 65.72 50.95
C PHE A 1040 86.85 66.41 49.66
N LEU A 1041 87.59 67.52 49.80
CA LEU A 1041 88.02 68.34 48.68
C LEU A 1041 89.54 68.47 48.77
N HIS A 1042 90.25 67.49 48.21
CA HIS A 1042 91.70 67.47 48.33
C HIS A 1042 92.35 68.47 47.39
N VAL A 1043 93.40 69.13 47.88
CA VAL A 1043 94.23 70.01 47.07
C VAL A 1043 95.62 69.38 47.00
N THR A 1044 96.05 69.03 45.79
CA THR A 1044 97.29 68.30 45.58
C THR A 1044 98.36 69.22 44.99
N TYR A 1045 99.56 68.67 44.83
CA TYR A 1045 100.71 69.38 44.29
C TYR A 1045 101.40 68.46 43.29
N VAL A 1046 101.21 68.75 42.01
CA VAL A 1046 101.73 67.90 40.92
C VAL A 1046 102.85 68.67 40.23
N PRO A 1047 104.11 68.29 40.43
CA PRO A 1047 105.25 68.96 39.75
C PRO A 1047 105.54 68.41 38.35
N ALA A 1048 104.74 68.86 37.37
CA ALA A 1048 104.90 68.43 36.00
C ALA A 1048 105.89 69.35 35.28
N GLN A 1049 106.03 69.12 33.96
CA GLN A 1049 106.90 69.89 33.06
C GLN A 1049 108.35 69.87 33.54
N GLU A 1050 108.91 68.66 33.55
CA GLU A 1050 110.26 68.43 34.05
C GLU A 1050 111.29 68.64 32.95
N LYS A 1051 112.55 68.69 33.37
CA LYS A 1051 113.68 68.82 32.46
C LYS A 1051 114.90 68.22 33.14
N ASN A 1052 115.58 67.30 32.46
CA ASN A 1052 116.64 66.54 33.08
C ASN A 1052 118.00 67.21 32.92
N PHE A 1053 118.92 66.89 33.83
CA PHE A 1053 120.24 67.51 33.89
C PHE A 1053 121.27 66.42 34.22
N THR A 1054 122.47 66.86 34.57
CA THR A 1054 123.57 66.00 34.97
C THR A 1054 124.01 66.38 36.38
N THR A 1055 124.21 65.39 37.24
CA THR A 1055 124.45 65.60 38.65
C THR A 1055 125.85 65.12 39.04
N ALA A 1056 126.09 65.14 40.36
CA ALA A 1056 127.26 64.55 41.00
C ALA A 1056 126.95 64.39 42.48
N PRO A 1057 127.36 63.31 43.13
CA PRO A 1057 127.09 63.16 44.56
C PRO A 1057 127.92 64.09 45.45
N ALA A 1058 129.07 64.54 44.98
CA ALA A 1058 129.93 65.41 45.78
C ALA A 1058 130.83 66.22 44.85
N ILE A 1059 131.42 67.27 45.40
CA ILE A 1059 132.33 68.16 44.68
C ILE A 1059 133.66 68.18 45.41
N CYS A 1060 134.75 67.94 44.69
CA CYS A 1060 136.09 67.87 45.26
C CYS A 1060 136.78 69.23 45.10
N HIS A 1061 137.29 69.76 46.21
CA HIS A 1061 138.00 71.03 46.19
C HIS A 1061 138.90 71.10 47.41
N ASP A 1062 140.18 71.47 47.19
CA ASP A 1062 141.20 71.56 48.23
C ASP A 1062 141.39 70.23 48.97
N GLY A 1063 141.25 69.13 48.24
CA GLY A 1063 141.49 67.81 48.81
C GLY A 1063 140.41 67.29 49.73
N LYS A 1064 139.27 67.97 49.82
CA LYS A 1064 138.17 67.53 50.67
C LYS A 1064 136.87 67.56 49.88
N ALA A 1065 135.97 66.64 50.21
CA ALA A 1065 134.69 66.49 49.53
C ALA A 1065 133.66 67.44 50.12
N HIS A 1066 132.77 67.93 49.28
CA HIS A 1066 131.69 68.83 49.68
C HIS A 1066 130.35 68.14 49.49
N PHE A 1067 129.46 68.30 50.47
CA PHE A 1067 128.15 67.68 50.43
C PHE A 1067 127.07 68.70 50.72
N PRO A 1068 125.96 68.68 49.97
CA PRO A 1068 124.88 69.63 50.22
C PRO A 1068 124.07 69.23 51.45
N ARG A 1069 123.67 70.22 52.24
CA ARG A 1069 122.86 69.96 53.42
C ARG A 1069 121.43 69.57 53.04
N GLU A 1070 120.84 70.27 52.08
CA GLU A 1070 119.45 70.05 51.73
C GLU A 1070 119.17 69.91 50.24
N GLY A 1071 120.09 70.32 49.36
CA GLY A 1071 119.87 70.27 47.93
C GLY A 1071 120.62 69.15 47.26
N VAL A 1072 120.84 69.30 45.95
CA VAL A 1072 121.57 68.32 45.15
C VAL A 1072 122.36 69.08 44.09
N PHE A 1073 123.56 68.61 43.80
CA PHE A 1073 124.43 69.27 42.83
C PHE A 1073 123.90 69.00 41.42
N VAL A 1074 123.59 70.06 40.69
CA VAL A 1074 122.98 69.98 39.37
C VAL A 1074 123.81 70.79 38.39
N SER A 1075 124.22 70.15 37.29
CA SER A 1075 124.98 70.80 36.23
C SER A 1075 124.15 70.82 34.96
N ASN A 1076 124.23 71.92 34.21
CA ASN A 1076 123.55 72.06 32.93
C ASN A 1076 124.52 71.94 31.75
N GLY A 1077 125.70 71.37 31.96
CA GLY A 1077 126.63 71.14 30.87
C GLY A 1077 127.96 71.84 31.03
N THR A 1078 127.94 73.09 31.50
CA THR A 1078 129.16 73.88 31.64
C THR A 1078 129.48 74.19 33.09
N HIS A 1079 128.57 74.80 33.82
CA HIS A 1079 128.78 75.17 35.21
C HIS A 1079 128.07 74.18 36.13
N TRP A 1080 128.10 74.47 37.43
CA TRP A 1080 127.46 73.63 38.44
C TRP A 1080 126.61 74.49 39.35
N PHE A 1081 125.52 73.90 39.85
CA PHE A 1081 124.59 74.59 40.71
C PHE A 1081 123.97 73.62 41.70
N VAL A 1082 123.41 74.16 42.77
CA VAL A 1082 122.65 73.40 43.75
C VAL A 1082 121.22 73.94 43.76
N THR A 1083 120.25 73.03 43.74
CA THR A 1083 118.85 73.41 43.66
C THR A 1083 118.02 72.49 44.55
N GLN A 1084 116.74 72.83 44.67
CA GLN A 1084 115.83 72.07 45.52
C GLN A 1084 115.48 70.73 44.87
N ARG A 1085 114.93 69.82 45.68
CA ARG A 1085 114.59 68.49 45.23
C ARG A 1085 113.25 68.43 44.50
N ASN A 1086 112.47 69.52 44.51
CA ASN A 1086 111.17 69.52 43.84
C ASN A 1086 110.95 70.77 43.00
N PHE A 1087 111.93 71.67 42.91
CA PHE A 1087 111.79 72.87 42.07
C PHE A 1087 113.17 73.26 41.58
N TYR A 1088 113.25 73.66 40.31
CA TYR A 1088 114.53 74.03 39.70
C TYR A 1088 114.79 75.51 39.95
N GLU A 1089 115.43 75.81 41.07
CA GLU A 1089 115.88 77.17 41.41
C GLU A 1089 117.36 77.09 41.72
N PRO A 1090 118.21 77.19 40.70
CA PRO A 1090 119.65 76.97 40.91
C PRO A 1090 120.32 78.10 41.67
N GLN A 1091 121.31 77.71 42.47
CA GLN A 1091 122.11 78.64 43.25
C GLN A 1091 123.58 78.26 43.14
N ILE A 1092 124.45 79.25 43.32
CA ILE A 1092 125.89 79.00 43.25
C ILE A 1092 126.33 78.23 44.49
N ILE A 1093 127.32 77.35 44.32
CA ILE A 1093 127.81 76.54 45.43
C ILE A 1093 128.56 77.43 46.41
N THR A 1094 128.18 77.37 47.67
CA THR A 1094 128.72 78.22 48.71
C THR A 1094 129.08 77.34 49.91
N THR A 1095 130.07 77.77 50.69
CA THR A 1095 130.41 77.07 51.93
C THR A 1095 129.34 77.20 53.00
N ASP A 1096 128.37 78.09 52.82
CA ASP A 1096 127.29 78.27 53.79
C ASP A 1096 126.14 77.29 53.62
N ASN A 1097 125.99 76.66 52.46
CA ASN A 1097 124.97 75.64 52.26
C ASN A 1097 125.58 74.31 51.82
N THR A 1098 126.86 74.12 52.10
CA THR A 1098 127.53 72.84 51.90
C THR A 1098 128.35 72.51 53.15
N PHE A 1099 128.47 71.22 53.44
CA PHE A 1099 129.27 70.74 54.56
C PHE A 1099 130.29 69.72 54.06
N VAL A 1100 131.48 69.74 54.67
CA VAL A 1100 132.59 68.89 54.24
C VAL A 1100 132.71 67.70 55.18
N SER A 1101 133.13 66.57 54.62
CA SER A 1101 133.32 65.34 55.38
C SER A 1101 134.21 64.40 54.58
N GLY A 1102 135.21 63.83 55.25
CA GLY A 1102 136.07 62.87 54.59
C GLY A 1102 137.03 63.52 53.60
N ASN A 1103 137.50 62.70 52.67
CA ASN A 1103 138.43 63.17 51.64
C ASN A 1103 137.93 62.80 50.25
N CYS A 1104 138.78 62.99 49.23
CA CYS A 1104 138.37 62.86 47.84
C CYS A 1104 138.50 61.45 47.30
N ASP A 1105 139.10 60.52 48.04
CA ASP A 1105 139.38 59.18 47.52
C ASP A 1105 138.36 58.14 47.94
N VAL A 1106 137.75 58.28 49.12
CA VAL A 1106 136.79 57.27 49.58
C VAL A 1106 135.50 57.34 48.77
N VAL A 1107 135.01 58.54 48.50
CA VAL A 1107 133.77 58.72 47.76
C VAL A 1107 134.03 58.49 46.27
N ILE A 1108 133.09 57.81 45.61
CA ILE A 1108 133.18 57.54 44.19
C ILE A 1108 132.24 58.50 43.46
N GLY A 1109 132.51 58.69 42.17
CA GLY A 1109 131.68 59.56 41.35
C GLY A 1109 131.86 61.05 41.58
N ILE A 1110 132.92 61.45 42.29
CA ILE A 1110 133.13 62.86 42.59
C ILE A 1110 133.66 63.58 41.35
N VAL A 1111 133.44 64.89 41.30
CA VAL A 1111 133.91 65.74 40.23
C VAL A 1111 134.73 66.87 40.83
N ASN A 1112 135.50 67.54 39.98
CA ASN A 1112 136.37 68.64 40.39
C ASN A 1112 135.75 69.97 39.98
N ASN A 1113 135.49 70.83 40.96
CA ASN A 1113 134.94 72.15 40.69
C ASN A 1113 135.29 73.07 41.84
N THR A 1114 135.23 74.38 41.56
CA THR A 1114 135.52 75.38 42.57
C THR A 1114 134.29 75.63 43.45
N VAL A 1115 134.55 76.21 44.62
CA VAL A 1115 133.50 76.56 45.58
C VAL A 1115 133.66 78.03 45.93
N TYR A 1116 132.53 78.74 46.03
CA TYR A 1116 132.56 80.16 46.34
C TYR A 1116 132.54 80.36 47.85
N ASP A 1117 133.62 80.94 48.37
CA ASP A 1117 133.69 81.31 49.78
C ASP A 1117 133.67 82.82 49.89
N PRO A 1118 132.65 83.42 50.53
CA PRO A 1118 132.53 84.88 50.54
C PRO A 1118 133.60 85.59 51.37
N LEU A 1119 134.33 84.87 52.23
CA LEU A 1119 135.36 85.51 53.04
C LEU A 1119 136.57 85.94 52.22
N GLN A 1120 136.79 85.35 51.05
CA GLN A 1120 137.90 85.77 50.21
C GLN A 1120 137.62 87.10 49.51
N PRO A 1121 136.42 87.37 48.97
CA PRO A 1121 136.13 88.77 48.59
C PRO A 1121 135.75 89.68 49.75
N GLU A 1122 135.51 89.14 50.94
CA GLU A 1122 135.20 89.97 52.10
C GLU A 1122 136.44 90.48 52.82
N LEU A 1123 137.53 89.70 52.83
CA LEU A 1123 138.71 90.08 53.61
C LEU A 1123 139.47 91.23 52.96
N ASP A 1124 139.65 91.19 51.63
CA ASP A 1124 140.42 92.22 50.96
C ASP A 1124 139.65 93.54 50.85
N SER A 1125 138.33 93.51 51.00
CA SER A 1125 137.53 94.73 50.93
C SER A 1125 137.52 95.45 52.28
N SER B 11 32.87 54.73 102.71
CA SER B 11 34.19 55.32 102.79
C SER B 11 35.14 54.70 101.77
N TYR B 12 36.19 55.43 101.42
CA TYR B 12 37.17 54.96 100.44
C TYR B 12 38.57 55.26 100.93
N THR B 13 39.52 54.43 100.51
CA THR B 13 40.93 54.59 100.86
C THR B 13 41.77 53.96 99.75
N ASN B 14 43.09 54.09 99.89
CA ASN B 14 44.03 53.64 98.87
C ASN B 14 44.92 52.56 99.45
N SER B 15 45.06 51.45 98.72
CA SER B 15 46.00 50.39 99.07
C SER B 15 47.34 50.73 98.41
N PHE B 16 48.29 51.20 99.21
CA PHE B 16 49.56 51.73 98.71
C PHE B 16 50.42 50.68 98.03
N THR B 17 50.87 49.66 98.78
CA THR B 17 51.78 48.67 98.24
C THR B 17 51.47 47.27 98.77
N ARG B 18 50.21 47.00 99.08
CA ARG B 18 49.78 45.73 99.64
C ARG B 18 49.04 44.92 98.59
N GLY B 19 48.96 43.61 98.81
CA GLY B 19 48.23 42.73 97.91
C GLY B 19 49.10 41.94 96.95
N VAL B 20 50.14 41.30 97.47
CA VAL B 20 51.02 40.46 96.67
C VAL B 20 51.13 39.09 97.34
N TYR B 21 51.33 38.06 96.52
CA TYR B 21 51.44 36.70 97.03
C TYR B 21 52.39 35.92 96.14
N TYR B 22 52.75 34.72 96.61
CA TYR B 22 53.61 33.83 95.84
C TYR B 22 52.82 33.25 94.66
N PRO B 23 53.27 33.43 93.42
CA PRO B 23 52.47 32.95 92.28
C PRO B 23 52.47 31.43 92.12
N ASP B 24 53.46 30.73 92.66
CA ASP B 24 53.53 29.28 92.53
C ASP B 24 54.32 28.71 93.70
N LYS B 25 54.16 27.40 93.90
CA LYS B 25 54.80 26.71 95.03
C LYS B 25 56.20 26.27 94.64
N VAL B 26 57.08 27.26 94.48
CA VAL B 26 58.47 27.04 94.11
C VAL B 26 59.33 27.92 95.01
N PHE B 27 60.59 27.52 95.17
CA PHE B 27 61.55 28.25 95.98
C PHE B 27 62.62 28.86 95.08
N ARG B 28 62.92 30.13 95.33
CA ARG B 28 63.91 30.85 94.55
C ARG B 28 64.82 31.63 95.50
N SER B 29 66.04 31.90 95.06
CA SER B 29 67.06 32.54 95.90
C SER B 29 67.65 33.73 95.14
N SER B 30 67.15 34.93 95.47
CA SER B 30 67.70 36.21 95.01
C SER B 30 67.71 36.32 93.49
N VAL B 31 66.53 36.15 92.88
CA VAL B 31 66.38 36.25 91.45
C VAL B 31 65.28 37.26 91.12
N LEU B 32 65.26 37.69 89.88
CA LEU B 32 64.23 38.61 89.36
C LEU B 32 63.31 37.80 88.45
N HIS B 33 62.10 37.55 88.91
CA HIS B 33 61.12 36.74 88.20
C HIS B 33 59.88 37.56 87.87
N SER B 34 59.36 37.37 86.67
CA SER B 34 58.14 38.02 86.20
C SER B 34 57.07 36.96 85.97
N THR B 35 55.90 37.18 86.56
CA THR B 35 54.78 36.24 86.46
C THR B 35 53.53 36.97 85.99
N GLN B 36 52.59 36.20 85.44
CA GLN B 36 51.34 36.75 84.90
C GLN B 36 50.18 35.96 85.53
N ASP B 37 49.67 36.48 86.65
CA ASP B 37 48.51 35.91 87.32
C ASP B 37 47.56 37.01 87.75
N LEU B 38 46.56 36.67 88.57
CA LEU B 38 45.63 37.67 89.09
C LEU B 38 46.23 38.32 90.33
N PHE B 39 46.31 39.64 90.32
CA PHE B 39 46.88 40.39 91.44
C PHE B 39 46.11 41.67 91.68
N LEU B 40 46.17 42.16 92.90
CA LEU B 40 45.60 43.47 93.23
C LEU B 40 46.55 44.56 92.72
N PRO B 41 46.06 45.52 91.93
CA PRO B 41 46.94 46.55 91.39
C PRO B 41 47.46 47.50 92.46
N PHE B 42 48.64 48.05 92.21
CA PHE B 42 49.22 49.04 93.10
C PHE B 42 48.45 50.35 93.01
N PHE B 43 48.23 50.98 94.18
CA PHE B 43 47.49 52.24 94.31
C PHE B 43 46.08 52.13 93.70
N SER B 44 45.42 51.01 93.98
CA SER B 44 44.10 50.74 93.43
C SER B 44 43.03 51.40 94.29
N ASN B 45 41.76 51.09 94.02
CA ASN B 45 40.63 51.68 94.72
C ASN B 45 40.03 50.59 95.62
N VAL B 46 40.35 50.65 96.91
CA VAL B 46 39.85 49.70 97.90
C VAL B 46 38.81 50.38 98.77
N THR B 47 37.73 49.67 99.07
CA THR B 47 36.61 50.23 99.81
C THR B 47 36.73 49.90 101.29
N TRP B 48 36.58 50.91 102.14
CA TRP B 48 36.66 50.75 103.59
C TRP B 48 35.24 50.76 104.14
N PHE B 49 34.67 49.56 104.29
CA PHE B 49 33.31 49.43 104.80
C PHE B 49 33.29 49.63 106.31
N HIS B 50 32.17 50.16 106.80
CA HIS B 50 31.96 50.43 108.22
C HIS B 50 30.59 49.92 108.66
N ALA B 51 30.27 48.70 108.26
CA ALA B 51 28.99 48.10 108.62
C ALA B 51 28.93 47.78 110.11
N ILE B 52 27.79 48.06 110.72
CA ILE B 52 27.59 47.81 112.14
C ILE B 52 26.16 47.37 112.42
N PRO B 64 23.15 43.15 102.21
CA PRO B 64 24.57 43.46 102.08
C PRO B 64 25.34 42.36 101.36
N VAL B 65 25.22 42.30 100.05
CA VAL B 65 25.88 41.30 99.22
C VAL B 65 26.83 42.03 98.27
N LEU B 66 28.10 41.65 98.29
CA LEU B 66 29.11 42.30 97.46
C LEU B 66 29.43 41.46 96.24
N PRO B 67 29.70 42.09 95.10
CA PRO B 67 30.09 41.33 93.90
C PRO B 67 31.47 40.72 94.05
N PHE B 68 31.72 39.68 93.26
CA PHE B 68 32.99 38.97 93.28
C PHE B 68 33.32 38.49 91.88
N ASN B 69 34.50 38.87 91.38
CA ASN B 69 34.96 38.43 90.07
C ASN B 69 36.48 38.49 90.01
N ASP B 70 37.09 37.38 89.58
CA ASP B 70 38.53 37.24 89.34
C ASP B 70 39.37 37.55 90.58
N GLY B 71 38.86 37.26 91.77
CA GLY B 71 39.68 37.47 92.97
C GLY B 71 39.22 38.66 93.78
N VAL B 72 39.13 38.46 95.09
CA VAL B 72 38.77 39.51 96.03
C VAL B 72 39.80 39.53 97.15
N TYR B 73 40.17 40.75 97.57
CA TYR B 73 41.15 40.96 98.63
C TYR B 73 40.42 41.38 99.90
N PHE B 74 40.62 40.64 100.98
CA PHE B 74 39.98 40.90 102.26
C PHE B 74 41.04 41.25 103.30
N ALA B 75 40.82 42.34 104.03
CA ALA B 75 41.74 42.78 105.07
C ALA B 75 40.94 43.38 106.21
N SER B 76 41.26 42.99 107.45
CA SER B 76 40.57 43.47 108.63
C SER B 76 41.58 44.01 109.64
N THR B 77 41.11 44.96 110.46
CA THR B 77 41.95 45.59 111.46
C THR B 77 41.84 44.94 112.84
N GLU B 78 40.64 44.54 113.24
CA GLU B 78 40.43 43.91 114.54
C GLU B 78 40.89 42.46 114.51
N ASN B 81 38.89 39.10 117.12
CA ASN B 81 38.21 37.81 117.09
C ASN B 81 36.72 37.98 116.81
N ILE B 82 36.35 39.14 116.27
CA ILE B 82 34.96 39.43 115.96
C ILE B 82 34.61 39.12 114.51
N ILE B 83 35.50 39.40 113.57
CA ILE B 83 35.23 39.13 112.16
C ILE B 83 35.42 37.63 111.90
N ARG B 84 34.33 36.97 111.50
CA ARG B 84 34.35 35.54 111.22
C ARG B 84 34.50 35.30 109.72
N GLY B 85 34.24 34.06 109.29
CA GLY B 85 34.42 33.66 107.91
C GLY B 85 33.46 34.26 106.90
N TRP B 86 33.42 33.68 105.70
CA TRP B 86 32.73 34.27 104.57
C TRP B 86 31.86 33.23 103.88
N ILE B 87 30.88 33.71 103.12
CA ILE B 87 29.97 32.86 102.36
C ILE B 87 30.17 33.15 100.87
N PHE B 88 30.44 32.10 100.10
CA PHE B 88 30.59 32.21 98.66
C PHE B 88 29.47 31.42 98.00
N GLY B 89 28.74 32.05 97.08
CA GLY B 89 27.63 31.38 96.42
C GLY B 89 27.24 32.11 95.15
N THR B 90 26.37 31.45 94.38
CA THR B 90 25.88 32.00 93.13
C THR B 90 24.56 32.75 93.32
N THR B 91 23.54 32.05 93.83
CA THR B 91 22.24 32.66 94.09
C THR B 91 21.86 32.65 95.56
N LEU B 92 22.67 32.02 96.42
CA LEU B 92 22.48 31.99 97.86
C LEU B 92 21.14 31.37 98.26
N ASP B 93 20.93 30.13 97.82
CA ASP B 93 19.73 29.38 98.15
C ASP B 93 20.08 27.90 98.10
N SER B 94 19.05 27.05 98.16
CA SER B 94 19.23 25.61 98.12
C SER B 94 19.33 25.05 96.71
N LYS B 95 19.11 25.88 95.69
CA LYS B 95 19.18 25.41 94.31
C LYS B 95 20.62 25.20 93.86
N THR B 96 21.55 26.02 94.34
CA THR B 96 22.94 25.96 93.93
C THR B 96 23.82 25.76 95.16
N GLN B 97 24.88 24.96 95.00
CA GLN B 97 25.83 24.73 96.07
C GLN B 97 26.57 26.01 96.44
N SER B 98 26.85 26.17 97.73
CA SER B 98 27.49 27.37 98.25
C SER B 98 28.60 26.98 99.20
N LEU B 99 29.56 27.89 99.35
CA LEU B 99 30.71 27.70 100.24
C LEU B 99 30.43 28.38 101.57
N LEU B 100 30.58 27.64 102.66
CA LEU B 100 30.35 28.15 104.01
C LEU B 100 31.61 27.96 104.83
N ILE B 101 32.17 29.08 105.31
CA ILE B 101 33.36 29.07 106.16
C ILE B 101 33.03 29.81 107.44
N VAL B 102 33.22 29.13 108.57
CA VAL B 102 33.03 29.73 109.89
C VAL B 102 34.23 29.40 110.76
N ASN B 103 34.52 30.29 111.70
CA ASN B 103 35.63 30.13 112.64
C ASN B 103 35.10 30.18 114.07
N ASN B 104 35.60 29.27 114.90
CA ASN B 104 35.27 29.27 116.33
C ASN B 104 36.53 29.10 117.17
N ALA B 105 37.69 29.51 116.62
CA ALA B 105 39.00 29.53 117.26
C ALA B 105 39.50 28.15 117.67
N THR B 106 38.89 27.08 117.19
CA THR B 106 39.35 25.73 117.50
C THR B 106 39.49 24.92 116.20
N ASN B 107 38.55 25.11 115.28
CA ASN B 107 38.54 24.35 114.04
C ASN B 107 37.90 25.20 112.94
N VAL B 108 38.18 24.81 111.69
CA VAL B 108 37.58 25.44 110.52
C VAL B 108 36.86 24.36 109.74
N VAL B 109 35.56 24.53 109.52
CA VAL B 109 34.76 23.60 108.74
C VAL B 109 34.29 24.28 107.47
N ILE B 110 34.47 23.60 106.35
CA ILE B 110 34.08 24.10 105.04
C ILE B 110 33.05 23.15 104.46
N LYS B 111 31.82 23.63 104.27
CA LYS B 111 30.71 22.80 103.84
C LYS B 111 30.25 23.26 102.46
N VAL B 112 30.06 22.30 101.56
CA VAL B 112 29.50 22.56 100.23
C VAL B 112 28.19 21.77 100.16
N CYS B 113 27.10 22.43 100.55
CA CYS B 113 25.79 21.79 100.60
C CYS B 113 24.74 22.85 100.24
N GLU B 114 23.48 22.54 100.50
CA GLU B 114 22.38 23.46 100.27
C GLU B 114 21.95 24.08 101.61
N PHE B 115 21.67 25.38 101.58
CA PHE B 115 21.28 26.11 102.79
C PHE B 115 20.19 27.11 102.43
N GLN B 116 19.46 27.56 103.45
CA GLN B 116 18.42 28.58 103.30
C GLN B 116 18.98 29.90 103.85
N PHE B 117 19.64 30.66 102.98
CA PHE B 117 20.25 31.92 103.38
C PHE B 117 19.19 33.00 103.50
N CYS B 118 19.24 33.75 104.60
CA CYS B 118 18.28 34.82 104.84
C CYS B 118 18.83 36.14 104.29
N ASN B 119 18.13 37.24 104.57
CA ASN B 119 18.56 38.54 104.07
C ASN B 119 19.80 39.03 104.81
N ASP B 120 19.85 38.83 106.13
CA ASP B 120 20.95 39.31 106.97
C ASP B 120 21.50 38.15 107.81
N PRO B 121 22.36 37.32 107.24
CA PRO B 121 22.95 36.23 108.01
C PRO B 121 23.88 36.72 109.09
N PHE B 122 23.84 36.03 110.24
CA PHE B 122 24.64 36.39 111.39
C PHE B 122 24.78 35.17 112.29
N LEU B 123 25.74 35.24 113.21
CA LEU B 123 25.98 34.19 114.19
C LEU B 123 25.74 34.75 115.58
N ASP B 124 24.96 34.01 116.37
CA ASP B 124 24.64 34.43 117.73
C ASP B 124 25.41 33.61 118.76
N SER B 137 29.17 28.07 117.75
CA SER B 137 28.12 28.71 118.53
C SER B 137 26.74 28.42 117.94
N GLU B 138 25.74 29.20 118.36
CA GLU B 138 24.39 29.02 117.85
C GLU B 138 24.30 29.52 116.41
N PHE B 139 23.64 28.74 115.56
CA PHE B 139 23.52 29.04 114.14
C PHE B 139 22.11 29.53 113.84
N ARG B 140 22.02 30.71 113.22
CA ARG B 140 20.74 31.26 112.78
C ARG B 140 20.77 31.66 111.31
N VAL B 141 21.82 31.29 110.58
CA VAL B 141 21.90 31.62 109.15
C VAL B 141 20.88 30.80 108.36
N TYR B 142 20.80 29.51 108.64
CA TYR B 142 19.88 28.63 107.92
C TYR B 142 19.13 27.71 108.89
N PHE B 150 30.41 17.68 101.48
CA PHE B 150 31.83 17.99 101.61
C PHE B 150 32.16 18.50 103.01
N GLU B 151 33.24 17.97 103.60
CA GLU B 151 33.68 18.40 104.91
C GLU B 151 35.20 18.56 104.88
N TYR B 152 35.69 19.51 105.67
CA TYR B 152 37.11 19.83 105.67
C TYR B 152 37.49 20.37 107.04
N VAL B 153 38.66 19.96 107.53
CA VAL B 153 39.13 20.29 108.87
C VAL B 153 40.59 20.73 108.78
N SER B 154 40.91 21.90 109.33
CA SER B 154 42.27 22.38 109.43
C SER B 154 42.39 23.35 110.59
N GLN B 155 43.52 24.06 110.64
CA GLN B 155 43.79 24.99 111.72
C GLN B 155 42.91 26.24 111.60
N PRO B 156 42.62 26.90 112.72
CA PRO B 156 41.87 28.17 112.65
C PRO B 156 42.66 29.25 111.93
N PHE B 157 41.93 30.10 111.19
CA PHE B 157 42.57 31.16 110.42
C PHE B 157 43.03 32.31 111.31
N LEU B 158 42.30 32.59 112.39
CA LEU B 158 42.65 33.70 113.28
C LEU B 158 43.79 33.30 114.21
N LYS B 169 46.12 46.98 115.70
CA LYS B 169 47.00 46.07 116.41
C LYS B 169 47.64 45.06 115.45
N ASN B 170 46.85 44.05 115.08
CA ASN B 170 47.30 43.01 114.16
C ASN B 170 46.44 43.05 112.91
N LEU B 171 47.09 43.03 111.75
CA LEU B 171 46.41 43.08 110.46
C LEU B 171 46.38 41.68 109.84
N ARG B 172 45.18 41.23 109.49
CA ARG B 172 44.99 39.93 108.85
C ARG B 172 44.54 40.16 107.41
N GLU B 173 45.29 39.60 106.47
CA GLU B 173 45.04 39.77 105.04
C GLU B 173 44.61 38.43 104.44
N PHE B 174 43.49 38.44 103.72
CA PHE B 174 42.95 37.25 103.09
C PHE B 174 42.71 37.54 101.61
N VAL B 175 43.21 36.66 100.75
CA VAL B 175 43.03 36.77 99.31
C VAL B 175 42.34 35.50 98.83
N PHE B 176 41.21 35.65 98.14
CA PHE B 176 40.40 34.53 97.68
C PHE B 176 40.45 34.45 96.16
N LYS B 177 40.77 33.27 95.65
CA LYS B 177 40.86 33.04 94.22
C LYS B 177 40.13 31.76 93.86
N ASN B 178 39.51 31.75 92.68
CA ASN B 178 38.80 30.58 92.16
C ASN B 178 39.03 30.53 90.65
N ILE B 179 40.09 29.81 90.24
CA ILE B 179 40.41 29.65 88.83
C ILE B 179 40.71 28.19 88.56
N ASP B 180 40.56 27.80 87.29
CA ASP B 180 40.78 26.47 86.71
C ASP B 180 40.30 25.32 87.59
N GLY B 181 39.14 25.47 88.21
CA GLY B 181 38.60 24.44 89.08
C GLY B 181 39.26 24.35 90.45
N TYR B 182 40.12 25.29 90.80
CA TYR B 182 40.80 25.30 92.09
C TYR B 182 40.38 26.52 92.89
N PHE B 183 40.04 26.29 94.16
CA PHE B 183 39.75 27.37 95.10
C PHE B 183 40.93 27.47 96.06
N LYS B 184 41.55 28.65 96.10
CA LYS B 184 42.78 28.88 96.86
C LYS B 184 42.57 30.01 97.84
N ILE B 185 43.17 29.88 99.02
CA ILE B 185 43.11 30.91 100.05
C ILE B 185 44.54 31.29 100.43
N TYR B 186 44.78 32.59 100.58
CA TYR B 186 46.06 33.11 101.05
C TYR B 186 45.84 33.83 102.38
N SER B 187 46.61 33.45 103.40
CA SER B 187 46.48 34.03 104.73
C SER B 187 47.83 34.47 105.24
N LYS B 188 47.87 35.63 105.90
CA LYS B 188 49.09 36.16 106.49
C LYS B 188 48.72 37.10 107.63
N HIS B 189 49.46 37.01 108.73
CA HIS B 189 49.26 37.87 109.88
C HIS B 189 50.51 38.72 110.08
N THR B 190 50.32 40.04 110.18
CA THR B 190 51.41 40.98 110.37
C THR B 190 51.03 42.00 111.43
N PRO B 191 52.00 42.47 112.21
CA PRO B 191 51.73 43.54 113.17
C PRO B 191 51.94 44.92 112.57
N ILE B 192 51.22 45.89 113.14
CA ILE B 192 51.33 47.27 112.70
C ILE B 192 52.05 48.11 113.74
N LEU B 198 44.50 50.80 105.09
CA LEU B 198 45.60 49.84 105.07
C LEU B 198 46.88 50.47 105.62
N PRO B 199 47.45 49.85 106.65
CA PRO B 199 48.70 50.36 107.23
C PRO B 199 49.86 50.26 106.26
N GLN B 200 50.79 51.20 106.38
CA GLN B 200 51.97 51.22 105.52
C GLN B 200 52.93 50.10 105.89
N GLY B 201 53.54 49.52 104.87
CA GLY B 201 54.47 48.43 105.06
C GLY B 201 54.37 47.46 103.90
N PHE B 202 55.08 46.33 104.03
CA PHE B 202 55.09 45.32 102.99
C PHE B 202 55.01 43.94 103.64
N SER B 203 54.25 43.04 103.01
CA SER B 203 54.09 41.68 103.49
C SER B 203 53.86 40.75 102.31
N ALA B 204 54.14 39.47 102.53
CA ALA B 204 53.96 38.44 101.51
C ALA B 204 52.91 37.45 101.98
N LEU B 205 51.94 37.18 101.11
CA LEU B 205 50.84 36.26 101.41
C LEU B 205 51.24 34.85 101.00
N GLU B 206 50.92 33.88 101.86
CA GLU B 206 51.28 32.49 101.62
C GLU B 206 50.03 31.63 101.48
N PRO B 207 50.08 30.59 100.65
CA PRO B 207 48.93 29.68 100.54
C PRO B 207 48.73 28.86 101.80
N LEU B 208 47.47 28.61 102.13
CA LEU B 208 47.11 27.81 103.30
C LEU B 208 46.35 26.56 102.93
N VAL B 209 45.23 26.69 102.20
CA VAL B 209 44.37 25.57 101.84
C VAL B 209 44.09 25.63 100.35
N ASP B 210 44.33 24.51 99.66
CA ASP B 210 44.00 24.37 98.24
C ASP B 210 42.71 23.55 98.16
N LEU B 211 41.58 24.25 98.10
CA LEU B 211 40.28 23.58 98.10
C LEU B 211 39.98 22.96 96.74
N PRO B 212 39.74 21.65 96.66
CA PRO B 212 39.37 21.01 95.38
C PRO B 212 37.86 20.98 95.17
N ILE B 213 37.28 22.16 94.92
CA ILE B 213 35.83 22.29 94.72
C ILE B 213 35.51 22.69 93.28
N GLY B 214 35.93 23.89 92.86
CA GLY B 214 35.76 24.36 91.50
C GLY B 214 34.33 24.46 91.02
N ILE B 215 33.54 25.36 91.63
CA ILE B 215 32.15 25.56 91.21
C ILE B 215 31.94 27.01 90.78
N ASN B 216 30.72 27.32 90.35
CA ASN B 216 30.38 28.65 89.86
C ASN B 216 30.14 29.58 91.04
N ILE B 217 31.05 30.52 91.27
CA ILE B 217 30.95 31.47 92.36
C ILE B 217 31.03 32.88 91.76
N THR B 218 30.02 33.70 92.07
CA THR B 218 29.97 35.06 91.53
C THR B 218 29.55 36.11 92.55
N ARG B 219 29.21 35.73 93.78
CA ARG B 219 28.75 36.68 94.79
C ARG B 219 29.50 36.45 96.09
N PHE B 220 29.67 37.53 96.85
CA PHE B 220 30.49 37.52 98.06
C PHE B 220 29.70 38.15 99.22
N GLN B 221 29.92 37.61 100.41
CA GLN B 221 29.29 38.11 101.63
C GLN B 221 30.27 37.97 102.78
N THR B 222 29.82 38.27 104.00
CA THR B 222 30.68 38.21 105.17
C THR B 222 29.83 37.94 106.40
N LEU B 223 30.51 37.52 107.47
CA LEU B 223 29.87 37.22 108.74
C LEU B 223 30.46 38.10 109.84
N LEU B 224 29.63 38.47 110.80
CA LEU B 224 30.06 39.26 111.95
C LEU B 224 29.48 38.64 113.21
N ALA B 225 30.24 38.74 114.30
CA ALA B 225 29.79 38.17 115.57
C ALA B 225 28.83 39.12 116.28
N LEU B 226 27.69 38.58 116.71
CA LEU B 226 26.69 39.34 117.43
C LEU B 226 26.41 38.68 118.79
N HIS B 227 26.19 39.51 119.80
CA HIS B 227 25.96 39.04 121.16
C HIS B 227 24.76 39.75 121.75
N ARG B 228 24.10 39.08 122.70
CA ARG B 228 22.96 39.62 123.41
C ARG B 228 23.21 39.56 124.91
N SER B 229 22.83 40.62 125.61
CA SER B 229 23.02 40.70 127.06
C SER B 229 22.02 39.81 127.78
N ALA B 245 32.50 45.01 112.57
CA ALA B 245 33.65 45.90 112.59
C ALA B 245 33.91 46.50 111.22
N ALA B 246 35.17 46.83 110.94
CA ALA B 246 35.58 47.42 109.68
C ALA B 246 36.48 46.44 108.92
N TYR B 247 36.32 46.40 107.60
CA TYR B 247 37.09 45.48 106.77
C TYR B 247 37.24 46.08 105.38
N TYR B 248 38.44 45.97 104.82
CA TYR B 248 38.70 46.45 103.47
C TYR B 248 38.39 45.36 102.45
N VAL B 249 37.81 45.76 101.33
CA VAL B 249 37.47 44.84 100.24
C VAL B 249 38.15 45.33 98.97
N GLY B 250 39.05 44.52 98.42
CA GLY B 250 39.74 44.87 97.20
C GLY B 250 39.43 43.91 96.07
N TYR B 251 39.70 44.32 94.84
CA TYR B 251 39.41 43.51 93.66
C TYR B 251 40.69 43.26 92.87
N LEU B 252 40.84 42.04 92.37
CA LEU B 252 42.04 41.62 91.66
C LEU B 252 41.80 41.62 90.15
N GLN B 253 42.80 42.11 89.42
CA GLN B 253 42.77 42.18 87.96
C GLN B 253 44.00 41.51 87.38
N PRO B 254 43.88 40.91 86.20
CA PRO B 254 45.04 40.23 85.58
C PRO B 254 46.06 41.25 85.07
N ARG B 255 47.25 41.22 85.65
CA ARG B 255 48.34 42.09 85.22
C ARG B 255 49.66 41.45 85.63
N THR B 256 50.75 41.98 85.07
CA THR B 256 52.08 41.42 85.26
C THR B 256 52.80 42.16 86.37
N PHE B 257 53.41 41.40 87.28
CA PHE B 257 54.32 41.94 88.29
C PHE B 257 55.72 41.38 88.09
N LEU B 258 56.71 42.13 88.55
CA LEU B 258 58.09 41.68 88.62
C LEU B 258 58.44 41.49 90.09
N LEU B 259 58.83 40.27 90.46
CA LEU B 259 59.08 39.91 91.84
C LEU B 259 60.57 39.72 92.07
N LYS B 260 61.09 40.36 93.12
CA LYS B 260 62.50 40.30 93.48
C LYS B 260 62.63 39.47 94.75
N TYR B 261 63.08 38.22 94.60
CA TYR B 261 63.33 37.38 95.75
C TYR B 261 64.64 37.76 96.42
N ASN B 262 64.86 37.22 97.61
CA ASN B 262 66.07 37.49 98.39
C ASN B 262 66.85 36.19 98.60
N GLU B 263 67.89 36.28 99.42
CA GLU B 263 68.69 35.10 99.74
C GLU B 263 67.90 34.09 100.56
N ASN B 264 67.07 34.57 101.49
CA ASN B 264 66.28 33.69 102.33
C ASN B 264 65.11 33.05 101.59
N GLY B 265 64.66 33.66 100.50
CA GLY B 265 63.59 33.07 99.70
C GLY B 265 62.21 33.63 100.00
N THR B 266 62.11 34.94 100.19
CA THR B 266 60.84 35.59 100.44
C THR B 266 60.76 36.89 99.63
N ILE B 267 59.54 37.33 99.37
CA ILE B 267 59.31 38.55 98.61
C ILE B 267 59.52 39.75 99.52
N THR B 268 60.45 40.63 99.15
CA THR B 268 60.73 41.82 99.94
C THR B 268 60.22 43.12 99.31
N ASP B 269 60.03 43.14 97.99
CA ASP B 269 59.45 44.29 97.31
C ASP B 269 58.92 43.83 95.95
N ALA B 270 57.97 44.58 95.42
CA ALA B 270 57.35 44.28 94.13
C ALA B 270 57.09 45.58 93.38
N VAL B 271 57.06 45.47 92.04
CA VAL B 271 56.81 46.62 91.18
C VAL B 271 55.80 46.21 90.10
N ASP B 272 54.87 47.12 89.81
CA ASP B 272 53.89 46.90 88.76
C ASP B 272 54.52 47.12 87.38
N CYS B 273 53.95 46.47 86.37
CA CYS B 273 54.39 46.64 85.01
C CYS B 273 53.57 47.69 84.24
N ALA B 274 52.32 47.94 84.64
CA ALA B 274 51.54 49.04 84.07
C ALA B 274 50.94 49.85 85.23
N LEU B 275 51.75 50.73 85.79
CA LEU B 275 51.31 51.74 86.75
C LEU B 275 51.88 53.12 86.43
N ASP B 276 53.14 53.18 85.99
CA ASP B 276 53.86 54.41 85.72
C ASP B 276 54.79 54.09 84.57
N PRO B 277 55.17 55.06 83.73
CA PRO B 277 56.26 54.80 82.76
C PRO B 277 57.56 54.36 83.41
N LEU B 278 57.89 54.87 84.60
CA LEU B 278 59.07 54.39 85.32
C LEU B 278 58.89 52.93 85.74
N SER B 279 57.69 52.58 86.23
CA SER B 279 57.41 51.20 86.60
C SER B 279 57.45 50.27 85.40
N GLU B 280 56.91 50.73 84.26
CA GLU B 280 56.96 49.93 83.05
C GLU B 280 58.39 49.75 82.54
N THR B 281 59.21 50.79 82.64
CA THR B 281 60.63 50.68 82.26
C THR B 281 61.37 49.71 83.18
N LYS B 282 61.09 49.77 84.48
CA LYS B 282 61.70 48.84 85.43
C LYS B 282 61.25 47.41 85.17
N CYS B 283 59.99 47.23 84.75
CA CYS B 283 59.48 45.90 84.44
C CYS B 283 60.11 45.35 83.17
N THR B 284 60.27 46.17 82.14
CA THR B 284 60.77 45.69 80.86
C THR B 284 62.30 45.65 80.77
N LEU B 285 63.01 46.28 81.71
CA LEU B 285 64.46 46.16 81.78
C LEU B 285 64.92 45.07 82.73
N LYS B 286 63.99 44.41 83.43
CA LYS B 286 64.27 43.32 84.37
C LYS B 286 65.24 43.76 85.47
N SER B 287 65.08 44.99 85.94
CA SER B 287 65.94 45.53 86.99
C SER B 287 65.16 46.57 87.77
N PHE B 288 65.62 46.82 89.00
CA PHE B 288 64.97 47.81 89.87
C PHE B 288 65.65 49.18 89.79
N THR B 289 66.83 49.27 89.19
CA THR B 289 67.51 50.54 88.99
C THR B 289 67.70 50.76 87.49
N VAL B 290 67.30 51.92 87.00
CA VAL B 290 67.34 52.26 85.58
C VAL B 290 68.31 53.42 85.40
N GLU B 291 69.31 53.22 84.54
CA GLU B 291 70.28 54.26 84.27
C GLU B 291 69.69 55.35 83.38
N LYS B 292 70.39 56.49 83.33
CA LYS B 292 69.92 57.62 82.56
C LYS B 292 70.08 57.36 81.05
N GLY B 293 69.01 57.59 80.30
CA GLY B 293 69.04 57.39 78.87
C GLY B 293 67.70 56.94 78.36
N ILE B 294 67.60 56.87 77.03
CA ILE B 294 66.36 56.44 76.38
C ILE B 294 66.21 54.92 76.53
N TYR B 295 64.95 54.47 76.56
CA TYR B 295 64.65 53.05 76.71
C TYR B 295 63.34 52.75 76.03
N GLN B 296 63.37 51.92 74.98
CA GLN B 296 62.15 51.44 74.36
C GLN B 296 61.48 50.43 75.27
N THR B 297 60.16 50.55 75.45
CA THR B 297 59.49 49.74 76.45
C THR B 297 58.25 49.00 75.92
N SER B 298 57.55 49.57 74.94
CA SER B 298 56.30 48.99 74.49
C SER B 298 55.96 49.56 73.11
N ASN B 299 54.78 49.17 72.61
CA ASN B 299 54.26 49.62 71.33
C ASN B 299 52.90 50.27 71.55
N PHE B 300 52.65 51.36 70.85
CA PHE B 300 51.40 52.11 70.99
C PHE B 300 50.53 51.95 69.74
N ARG B 301 49.25 51.69 69.97
CA ARG B 301 48.29 51.51 68.89
C ARG B 301 46.88 51.86 69.34
N VAL B 302 46.18 52.69 68.58
CA VAL B 302 44.81 53.05 68.91
C VAL B 302 43.87 51.94 68.47
N GLN B 303 42.89 51.61 69.33
CA GLN B 303 41.98 50.51 69.05
C GLN B 303 40.84 50.96 68.16
N PRO B 304 40.39 50.09 67.24
CA PRO B 304 39.18 50.41 66.45
C PRO B 304 37.93 50.38 67.32
N THR B 305 36.93 51.16 66.89
CA THR B 305 35.69 51.29 67.66
C THR B 305 34.62 50.31 67.19
N GLU B 306 34.23 50.40 65.91
CA GLU B 306 33.15 49.59 65.38
C GLU B 306 33.56 49.00 64.03
N SER B 307 32.80 48.01 63.59
CA SER B 307 33.06 47.31 62.34
C SER B 307 31.92 47.59 61.36
N ILE B 308 32.27 47.78 60.10
CA ILE B 308 31.30 48.01 59.03
C ILE B 308 31.52 47.00 57.93
N VAL B 309 30.44 46.64 57.24
CA VAL B 309 30.46 45.64 56.18
C VAL B 309 29.75 46.23 54.97
N ARG B 310 30.44 46.24 53.82
CA ARG B 310 29.87 46.74 52.58
C ARG B 310 29.89 45.64 51.52
N PHE B 311 28.86 45.64 50.68
CA PHE B 311 28.63 44.59 49.70
C PHE B 311 27.74 45.15 48.60
N PRO B 312 27.77 44.55 47.41
CA PRO B 312 26.94 45.06 46.31
C PRO B 312 25.44 44.87 46.59
N ASN B 313 24.65 45.55 45.75
CA ASN B 313 23.21 45.60 45.93
C ASN B 313 22.55 44.24 45.69
N ILE B 314 21.38 44.05 46.29
CA ILE B 314 20.59 42.85 46.10
C ILE B 314 19.87 42.95 44.77
N THR B 315 20.44 42.35 43.73
CA THR B 315 19.93 42.44 42.37
C THR B 315 19.72 41.03 41.84
N ASN B 316 18.71 40.89 40.97
CA ASN B 316 18.32 39.62 40.34
C ASN B 316 17.96 38.57 41.40
N LEU B 317 16.84 38.85 42.09
CA LEU B 317 16.33 37.96 43.11
C LEU B 317 15.86 36.64 42.48
N CYS B 318 15.86 35.59 43.31
CA CYS B 318 15.54 34.25 42.82
C CYS B 318 14.05 34.14 42.48
N PRO B 319 13.69 33.25 41.53
CA PRO B 319 12.28 33.14 41.13
C PRO B 319 11.42 32.30 42.05
N PHE B 320 11.86 32.12 43.31
CA PHE B 320 11.09 31.36 44.30
C PHE B 320 9.72 31.95 44.57
N ASP B 321 9.50 33.24 44.27
CA ASP B 321 8.23 33.90 44.53
C ASP B 321 7.07 33.35 43.69
N GLU B 322 7.32 32.70 42.56
CA GLU B 322 6.25 32.17 41.74
C GLU B 322 6.13 30.66 41.78
N VAL B 323 7.17 29.95 42.25
CA VAL B 323 7.04 28.51 42.41
C VAL B 323 6.22 28.20 43.66
N PHE B 324 6.19 29.12 44.62
CA PHE B 324 5.36 28.98 45.81
C PHE B 324 4.00 29.64 45.67
N ASN B 325 3.74 30.30 44.54
CA ASN B 325 2.50 31.05 44.35
C ASN B 325 2.21 31.13 42.86
N ALA B 326 1.22 30.39 42.40
CA ALA B 326 0.84 30.39 40.99
C ALA B 326 -0.65 30.13 40.89
N THR B 327 -1.14 29.97 39.66
CA THR B 327 -2.56 29.68 39.45
C THR B 327 -2.89 28.24 39.85
N ARG B 328 -2.27 27.27 39.17
CA ARG B 328 -2.44 25.86 39.51
C ARG B 328 -1.09 25.19 39.68
N PHE B 329 -1.09 23.89 39.90
CA PHE B 329 0.14 23.12 40.06
C PHE B 329 0.05 21.83 39.26
N ALA B 330 1.22 21.33 38.86
CA ALA B 330 1.29 20.09 38.10
C ALA B 330 0.97 18.89 39.00
N SER B 331 0.51 17.81 38.38
CA SER B 331 0.15 16.62 39.12
C SER B 331 1.40 15.87 39.57
N VAL B 332 1.20 14.85 40.40
CA VAL B 332 2.31 14.11 40.98
C VAL B 332 2.96 13.18 39.96
N TYR B 333 2.25 12.82 38.89
CA TYR B 333 2.84 11.99 37.85
C TYR B 333 3.53 12.80 36.76
N ALA B 334 3.22 14.09 36.65
CA ALA B 334 3.77 14.95 35.61
C ALA B 334 4.24 16.28 36.21
N TRP B 335 5.00 16.20 37.30
CA TRP B 335 5.47 17.40 37.98
C TRP B 335 6.47 18.17 37.11
N ASN B 336 6.37 19.49 37.15
CA ASN B 336 7.22 20.37 36.35
C ASN B 336 8.43 20.83 37.16
N ARG B 337 9.59 20.27 36.84
CA ARG B 337 10.82 20.65 37.52
C ARG B 337 11.33 21.97 36.97
N LYS B 338 11.62 22.92 37.86
CA LYS B 338 12.11 24.24 37.49
C LYS B 338 13.51 24.43 38.04
N ARG B 339 14.43 24.84 37.18
CA ARG B 339 15.81 25.07 37.59
C ARG B 339 15.96 26.45 38.22
N ILE B 340 16.62 26.48 39.38
CA ILE B 340 16.88 27.73 40.11
C ILE B 340 18.39 27.88 40.20
N SER B 341 18.92 28.93 39.56
CA SER B 341 20.35 29.18 39.57
C SER B 341 20.61 30.63 39.24
N ASN B 342 21.82 31.08 39.60
CA ASN B 342 22.36 32.41 39.25
C ASN B 342 21.48 33.53 39.79
N CYS B 343 21.14 33.45 41.07
CA CYS B 343 20.36 34.50 41.72
C CYS B 343 20.64 34.46 43.22
N VAL B 344 20.23 35.52 43.90
CA VAL B 344 20.35 35.59 45.36
C VAL B 344 19.14 34.91 45.99
N ALA B 345 19.39 33.91 46.84
CA ALA B 345 18.35 33.07 47.40
C ALA B 345 18.05 33.51 48.83
N ASP B 346 17.23 34.55 48.95
CA ASP B 346 16.82 35.02 50.27
C ASP B 346 15.81 34.05 50.88
N TYR B 347 16.04 33.69 52.14
CA TYR B 347 15.19 32.75 52.86
C TYR B 347 14.29 33.43 53.88
N SER B 348 14.27 34.76 53.92
CA SER B 348 13.37 35.49 54.79
C SER B 348 11.97 35.62 54.23
N VAL B 349 11.77 35.21 52.96
CA VAL B 349 10.45 35.26 52.34
C VAL B 349 9.94 33.83 52.17
N LEU B 350 10.40 32.94 53.03
CA LEU B 350 10.02 31.52 52.99
C LEU B 350 8.99 31.15 54.05
N TYR B 351 9.02 31.80 55.20
CA TYR B 351 8.17 31.44 56.33
C TYR B 351 6.91 32.29 56.43
N ASN B 352 6.61 33.08 55.42
CA ASN B 352 5.39 33.89 55.36
C ASN B 352 4.46 33.40 54.27
N PHE B 353 4.37 32.09 54.10
CA PHE B 353 3.56 31.44 53.07
C PHE B 353 2.64 30.41 53.70
N ALA B 354 1.89 30.85 54.74
CA ALA B 354 0.89 30.12 55.54
C ALA B 354 1.57 29.10 56.45
N PRO B 355 0.97 28.73 57.58
CA PRO B 355 1.55 27.70 58.44
C PRO B 355 1.68 26.36 57.73
N PHE B 356 2.78 25.67 58.00
CA PHE B 356 3.13 24.46 57.28
C PHE B 356 2.51 23.23 57.94
N PHE B 357 2.77 22.06 57.35
CA PHE B 357 2.24 20.80 57.86
C PHE B 357 3.37 19.82 58.11
N ALA B 358 4.42 19.86 57.29
CA ALA B 358 5.56 18.97 57.42
C ALA B 358 6.81 19.68 56.96
N PHE B 359 7.77 19.84 57.87
CA PHE B 359 9.04 20.49 57.55
C PHE B 359 10.22 19.75 58.18
N LYS B 360 10.08 18.44 58.37
CA LYS B 360 11.19 17.63 58.86
C LYS B 360 12.26 17.53 57.77
N CYS B 361 13.50 17.79 58.14
CA CYS B 361 14.59 17.83 57.17
C CYS B 361 15.67 16.82 57.53
N TYR B 362 16.34 16.32 56.50
CA TYR B 362 17.24 15.17 56.62
C TYR B 362 18.65 15.55 56.20
N GLY B 363 19.16 16.66 56.72
CA GLY B 363 20.46 17.15 56.30
C GLY B 363 20.81 18.52 56.84
N VAL B 364 21.21 19.43 55.96
CA VAL B 364 21.64 20.76 56.37
C VAL B 364 20.45 21.54 56.94
N SER B 365 20.74 22.34 57.97
CA SER B 365 19.69 23.09 58.65
C SER B 365 19.19 24.22 57.74
N PRO B 366 17.88 24.52 57.78
CA PRO B 366 17.35 25.60 56.94
C PRO B 366 17.81 26.99 57.37
N THR B 367 18.25 27.17 58.62
CA THR B 367 18.68 28.47 59.09
C THR B 367 20.14 28.78 58.76
N LYS B 368 20.93 27.76 58.42
CA LYS B 368 22.32 27.95 58.06
C LYS B 368 22.55 27.92 56.54
N LEU B 369 21.48 28.00 55.76
CA LEU B 369 21.61 27.98 54.30
C LEU B 369 22.28 29.25 53.78
N ASN B 370 22.19 30.35 54.53
CA ASN B 370 22.86 31.58 54.12
C ASN B 370 24.36 31.53 54.35
N ASP B 371 24.82 30.68 55.27
CA ASP B 371 26.24 30.61 55.59
C ASP B 371 27.05 29.81 54.58
N LEU B 372 26.42 28.92 53.82
CA LEU B 372 27.09 28.12 52.80
C LEU B 372 26.45 28.43 51.46
N CYS B 373 27.27 28.78 50.48
CA CYS B 373 26.80 29.22 49.18
C CYS B 373 26.81 28.04 48.21
N PHE B 374 25.66 27.77 47.60
CA PHE B 374 25.49 26.64 46.70
C PHE B 374 25.70 27.08 45.25
N THR B 375 25.58 26.13 44.33
CA THR B 375 25.70 26.40 42.91
C THR B 375 24.52 25.91 42.08
N ASN B 376 23.80 24.90 42.55
CA ASN B 376 22.66 24.35 41.81
C ASN B 376 21.63 23.84 42.81
N VAL B 377 20.42 24.36 42.73
CA VAL B 377 19.30 23.92 43.57
C VAL B 377 18.12 23.59 42.67
N TYR B 378 17.46 22.46 42.93
CA TYR B 378 16.35 21.99 42.13
C TYR B 378 15.03 22.37 42.78
N ALA B 379 14.01 22.65 41.95
CA ALA B 379 12.70 23.02 42.44
C ALA B 379 11.63 22.30 41.61
N ASP B 380 10.82 21.48 42.27
CA ASP B 380 9.68 20.82 41.64
C ASP B 380 8.56 20.71 42.65
N SER B 381 7.33 20.77 42.16
CA SER B 381 6.17 20.82 43.04
C SER B 381 5.05 19.94 42.48
N PHE B 382 4.19 19.48 43.38
CA PHE B 382 3.01 18.69 43.03
C PHE B 382 2.02 18.81 44.18
N VAL B 383 0.85 18.18 44.00
CA VAL B 383 -0.20 18.15 45.01
C VAL B 383 -0.60 16.71 45.28
N ILE B 384 -0.73 16.36 46.56
CA ILE B 384 -1.10 15.01 46.99
C ILE B 384 -2.13 15.12 48.10
N ARG B 385 -2.79 13.99 48.39
CA ARG B 385 -3.70 13.90 49.51
C ARG B 385 -2.92 13.97 50.82
N GLY B 386 -3.59 14.48 51.86
CA GLY B 386 -2.96 14.64 53.17
C GLY B 386 -2.54 13.33 53.82
N ASN B 387 -3.08 12.20 53.38
CA ASN B 387 -2.63 10.89 53.84
C ASN B 387 -1.39 10.41 53.11
N GLU B 388 -0.92 11.16 52.11
CA GLU B 388 0.25 10.78 51.32
C GLU B 388 1.47 11.62 51.61
N VAL B 389 1.37 12.62 52.49
CA VAL B 389 2.52 13.45 52.84
C VAL B 389 3.53 12.66 53.66
N SER B 390 3.06 11.66 54.42
CA SER B 390 3.91 10.94 55.35
C SER B 390 4.99 10.13 54.64
N GLN B 391 4.66 9.50 53.51
CA GLN B 391 5.60 8.62 52.82
C GLN B 391 6.51 9.36 51.84
N ILE B 392 6.40 10.68 51.74
CA ILE B 392 7.33 11.46 50.94
C ILE B 392 8.57 11.69 51.78
N ALA B 393 9.51 10.75 51.72
CA ALA B 393 10.70 10.76 52.56
C ALA B 393 11.76 9.88 51.91
N PRO B 394 13.03 10.10 52.24
CA PRO B 394 14.08 9.18 51.75
C PRO B 394 13.91 7.79 52.33
N GLY B 395 13.63 6.82 51.46
CA GLY B 395 13.46 5.44 51.87
C GLY B 395 12.20 5.18 52.66
N GLN B 396 11.05 5.33 52.01
CA GLN B 396 9.77 5.06 52.65
C GLN B 396 8.86 4.33 51.68
N THR B 397 8.01 3.47 52.21
CA THR B 397 7.09 2.65 51.43
C THR B 397 5.65 3.08 51.68
N GLY B 398 4.89 3.18 50.60
CA GLY B 398 3.51 3.61 50.68
C GLY B 398 2.84 3.47 49.33
N ASN B 399 1.67 4.10 49.21
CA ASN B 399 0.92 4.03 47.97
C ASN B 399 1.60 4.86 46.89
N ILE B 400 1.67 6.18 47.08
CA ILE B 400 2.46 7.04 46.19
C ILE B 400 3.83 7.16 46.86
N ALA B 401 4.65 6.13 46.66
CA ALA B 401 6.05 6.16 47.08
C ALA B 401 6.94 5.65 45.96
N ASP B 402 6.46 4.67 45.21
CA ASP B 402 7.26 3.96 44.23
C ASP B 402 6.65 3.93 42.84
N TYR B 403 5.57 4.67 42.60
CA TYR B 403 4.93 4.69 41.29
C TYR B 403 4.81 6.07 40.67
N ASN B 404 4.97 7.14 41.45
CA ASN B 404 4.95 8.50 40.93
C ASN B 404 6.20 9.29 41.23
N TYR B 405 6.75 9.16 42.44
CA TYR B 405 7.87 9.98 42.87
C TYR B 405 8.60 9.27 44.00
N LYS B 406 9.88 8.95 43.78
CA LYS B 406 10.70 8.26 44.76
C LYS B 406 11.88 9.13 45.15
N LEU B 407 12.40 8.90 46.35
CA LEU B 407 13.51 9.66 46.88
C LEU B 407 14.65 8.72 47.25
N PRO B 408 15.89 9.03 46.90
CA PRO B 408 17.02 8.16 47.24
C PRO B 408 17.51 8.44 48.65
N ASP B 409 18.61 7.77 49.02
CA ASP B 409 19.19 7.94 50.35
C ASP B 409 19.77 9.34 50.51
N ASP B 410 20.55 9.80 49.53
CA ASP B 410 21.08 11.15 49.55
C ASP B 410 19.99 12.13 49.09
N PHE B 411 19.68 13.10 49.95
CA PHE B 411 18.54 13.98 49.72
C PHE B 411 18.94 15.44 49.53
N THR B 412 19.71 16.01 50.46
CA THR B 412 20.19 17.39 50.43
C THR B 412 19.04 18.39 50.26
N GLY B 413 18.17 18.41 51.25
CA GLY B 413 17.02 19.29 51.23
C GLY B 413 15.88 18.70 52.04
N CYS B 414 14.71 19.31 51.89
CA CYS B 414 13.49 18.82 52.53
C CYS B 414 12.28 19.47 51.88
N VAL B 415 11.11 18.96 52.26
CA VAL B 415 9.85 19.39 51.63
C VAL B 415 9.28 20.58 52.39
N ILE B 416 8.36 21.29 51.71
CA ILE B 416 7.60 22.38 52.30
C ILE B 416 6.13 22.08 52.01
N ALA B 417 5.43 21.53 53.00
CA ALA B 417 4.04 21.14 52.86
C ALA B 417 3.16 22.00 53.75
N TRP B 418 2.12 22.59 53.17
CA TRP B 418 1.18 23.42 53.90
C TRP B 418 -0.24 23.05 53.49
N ASN B 419 -1.21 23.75 54.06
CA ASN B 419 -2.62 23.47 53.82
C ASN B 419 -3.15 24.37 52.70
N SER B 420 -3.78 23.74 51.70
CA SER B 420 -4.38 24.45 50.56
C SER B 420 -5.76 23.86 50.31
N ASN B 421 -6.77 24.45 50.95
CA ASN B 421 -8.15 24.01 50.78
C ASN B 421 -9.07 25.11 50.27
N LYS B 422 -8.51 26.26 49.89
CA LYS B 422 -9.30 27.37 49.37
C LYS B 422 -9.06 27.64 47.89
N LEU B 423 -8.09 26.98 47.27
CA LEU B 423 -7.78 27.17 45.86
C LEU B 423 -7.96 25.92 45.01
N ASP B 424 -7.69 24.74 45.56
CA ASP B 424 -7.82 23.49 44.82
C ASP B 424 -9.04 22.68 45.25
N SER B 425 -9.90 23.23 46.08
CA SER B 425 -11.07 22.54 46.58
C SER B 425 -12.34 23.25 46.10
N LYS B 426 -13.25 22.49 45.51
CA LYS B 426 -14.52 22.99 45.02
C LYS B 426 -15.66 22.21 45.67
N VAL B 427 -16.85 22.82 45.66
CA VAL B 427 -18.04 22.15 46.20
C VAL B 427 -18.46 20.97 45.30
N GLY B 428 -18.00 20.95 44.05
CA GLY B 428 -18.23 19.84 43.17
C GLY B 428 -17.05 18.89 43.19
N GLY B 429 -16.23 18.92 42.14
CA GLY B 429 -15.04 18.09 42.08
C GLY B 429 -13.88 18.84 41.48
N ASN B 430 -12.67 18.33 41.76
CA ASN B 430 -11.43 18.84 41.18
C ASN B 430 -10.67 17.62 40.65
N TYR B 431 -10.95 17.24 39.41
CA TYR B 431 -10.41 16.03 38.82
C TYR B 431 -9.16 16.28 37.99
N ASN B 432 -8.62 17.51 38.03
CA ASN B 432 -7.44 17.84 37.23
C ASN B 432 -6.21 17.08 37.73
N TYR B 433 -6.07 16.94 39.04
CA TYR B 433 -4.93 16.25 39.61
C TYR B 433 -5.20 14.75 39.71
N ARG B 434 -4.15 13.96 39.50
CA ARG B 434 -4.28 12.51 39.50
C ARG B 434 -2.95 11.89 39.89
N TYR B 435 -3.01 10.61 40.27
CA TYR B 435 -1.82 9.85 40.61
C TYR B 435 -1.83 8.53 39.85
N ARG B 436 -0.64 8.11 39.39
CA ARG B 436 -0.47 6.91 38.60
C ARG B 436 0.12 5.82 39.50
N LEU B 437 -0.64 4.76 39.73
CA LEU B 437 -0.22 3.69 40.62
C LEU B 437 -0.11 2.32 39.95
N PHE B 438 -0.77 2.10 38.82
CA PHE B 438 -0.65 0.83 38.10
C PHE B 438 0.56 0.90 37.19
N ARG B 439 1.73 0.62 37.77
CA ARG B 439 2.99 0.63 37.06
C ARG B 439 3.54 -0.79 36.94
N LYS B 440 4.61 -0.92 36.13
CA LYS B 440 5.16 -2.24 35.84
C LYS B 440 6.05 -2.73 36.98
N SER B 441 7.08 -1.97 37.32
CA SER B 441 8.12 -2.45 38.21
C SER B 441 8.66 -1.27 39.01
N ASN B 442 9.86 -1.44 39.59
CA ASN B 442 10.47 -0.42 40.43
C ASN B 442 10.77 0.85 39.64
N LEU B 443 10.65 1.99 40.32
CA LEU B 443 10.85 3.31 39.73
C LEU B 443 12.15 3.90 40.26
N LYS B 444 13.01 4.35 39.35
CA LYS B 444 14.27 4.95 39.74
C LYS B 444 14.00 6.35 40.30
N PRO B 445 14.57 6.70 41.45
CA PRO B 445 14.29 8.00 42.07
C PRO B 445 14.81 9.17 41.23
N PHE B 446 14.13 10.31 41.40
CA PHE B 446 14.38 11.54 40.64
C PHE B 446 14.26 11.31 39.13
N GLU B 447 13.11 10.76 38.74
CA GLU B 447 12.83 10.48 37.33
C GLU B 447 11.32 10.55 37.13
N ARG B 448 10.88 11.52 36.33
CA ARG B 448 9.48 11.63 35.99
C ARG B 448 9.09 10.62 34.91
N ASP B 449 7.80 10.32 34.84
CA ASP B 449 7.30 9.34 33.87
C ASP B 449 5.87 9.69 33.51
N ILE B 450 5.59 9.71 32.21
CA ILE B 450 4.24 9.97 31.69
C ILE B 450 3.89 8.85 30.73
N SER B 451 2.69 8.29 30.88
CA SER B 451 2.26 7.18 30.02
C SER B 451 0.74 7.21 29.89
N THR B 452 0.26 6.52 28.87
CA THR B 452 -1.16 6.48 28.56
C THR B 452 -1.68 5.05 28.38
N GLU B 453 -0.80 4.12 28.00
CA GLU B 453 -1.20 2.74 27.70
C GLU B 453 -1.73 2.03 28.94
N ILE B 454 -2.70 1.15 28.72
CA ILE B 454 -3.42 0.48 29.80
C ILE B 454 -2.55 -0.62 30.38
N TYR B 455 -2.37 -0.58 31.71
CA TYR B 455 -1.61 -1.62 32.40
C TYR B 455 -2.41 -2.92 32.44
N GLN B 456 -1.71 -4.05 32.32
CA GLN B 456 -2.30 -5.37 32.38
C GLN B 456 -1.79 -6.08 33.63
N ALA B 457 -2.73 -6.54 34.47
CA ALA B 457 -2.38 -7.24 35.68
C ALA B 457 -2.31 -8.76 35.51
N GLY B 458 -2.60 -9.26 34.31
CA GLY B 458 -2.56 -10.70 34.06
C GLY B 458 -1.93 -11.05 32.73
N ASN B 459 -2.38 -12.15 32.13
CA ASN B 459 -1.87 -12.62 30.86
C ASN B 459 -2.75 -12.22 29.67
N LYS B 460 -3.78 -11.42 29.90
CA LYS B 460 -4.67 -10.99 28.82
C LYS B 460 -4.05 -9.82 28.08
N PRO B 461 -3.78 -9.93 26.78
CA PRO B 461 -3.21 -8.79 26.04
C PRO B 461 -4.22 -7.70 25.78
N CYS B 462 -4.08 -6.56 26.46
CA CYS B 462 -4.94 -5.40 26.26
C CYS B 462 -4.14 -4.32 25.55
N ASN B 463 -4.65 -3.85 24.41
CA ASN B 463 -3.99 -2.85 23.59
C ASN B 463 -4.95 -1.70 23.27
N GLY B 464 -5.66 -1.23 24.29
CA GLY B 464 -6.57 -0.12 24.10
C GLY B 464 -7.89 -0.26 24.82
N VAL B 465 -8.09 -1.39 25.50
CA VAL B 465 -9.32 -1.66 26.22
C VAL B 465 -9.00 -1.95 27.68
N ALA B 466 -10.02 -1.82 28.53
CA ALA B 466 -9.90 -2.07 29.96
C ALA B 466 -10.83 -3.24 30.31
N GLY B 467 -10.26 -4.43 30.43
CA GLY B 467 -11.01 -5.63 30.73
C GLY B 467 -11.07 -5.93 32.21
N VAL B 468 -11.19 -7.22 32.53
CA VAL B 468 -11.25 -7.65 33.92
C VAL B 468 -9.92 -7.43 34.63
N ASN B 469 -8.82 -7.82 33.99
CA ASN B 469 -7.49 -7.65 34.56
C ASN B 469 -6.74 -6.45 34.00
N CYS B 470 -7.35 -5.69 33.08
CA CYS B 470 -6.73 -4.51 32.50
C CYS B 470 -7.39 -3.27 33.10
N TYR B 471 -6.63 -2.48 33.83
CA TYR B 471 -7.12 -1.28 34.50
C TYR B 471 -6.39 -0.05 33.97
N PHE B 472 -7.09 1.07 33.96
CA PHE B 472 -6.48 2.33 33.57
C PHE B 472 -5.46 2.75 34.63
N PRO B 473 -4.23 3.10 34.25
CA PRO B 473 -3.19 3.37 35.24
C PRO B 473 -3.23 4.78 35.83
N LEU B 474 -4.14 5.63 35.38
CA LEU B 474 -4.24 7.02 35.85
C LEU B 474 -5.57 7.19 36.55
N GLN B 475 -5.54 7.30 37.87
CA GLN B 475 -6.75 7.46 38.67
C GLN B 475 -6.76 8.85 39.29
N SER B 476 -7.88 9.55 39.16
CA SER B 476 -7.99 10.93 39.58
C SER B 476 -8.38 11.03 41.06
N TYR B 477 -8.05 12.17 41.66
CA TYR B 477 -8.39 12.45 43.04
C TYR B 477 -9.84 12.93 43.15
N GLY B 478 -10.28 13.22 44.37
CA GLY B 478 -11.56 13.86 44.61
C GLY B 478 -11.45 14.82 45.78
N PHE B 479 -11.77 16.08 45.56
CA PHE B 479 -11.54 17.14 46.54
C PHE B 479 -12.85 17.84 46.84
N ARG B 480 -13.41 17.54 48.01
CA ARG B 480 -14.65 18.14 48.49
C ARG B 480 -14.45 18.76 49.87
N PRO B 481 -15.22 19.79 50.22
CA PRO B 481 -15.22 20.27 51.62
C PRO B 481 -15.80 19.26 52.60
N THR B 482 -16.58 18.28 52.13
CA THR B 482 -17.10 17.24 53.00
C THR B 482 -15.99 16.33 53.51
N TYR B 483 -14.92 16.19 52.73
CA TYR B 483 -13.79 15.35 53.15
C TYR B 483 -13.08 15.96 54.36
N GLY B 484 -12.47 15.09 55.16
CA GLY B 484 -11.86 15.51 56.41
C GLY B 484 -10.50 16.15 56.23
N VAL B 485 -9.79 16.27 57.36
CA VAL B 485 -8.48 16.92 57.36
C VAL B 485 -7.46 16.05 56.62
N GLY B 486 -7.55 14.73 56.78
CA GLY B 486 -6.59 13.83 56.16
C GLY B 486 -6.91 13.46 54.74
N HIS B 487 -7.91 14.12 54.15
CA HIS B 487 -8.32 13.87 52.77
C HIS B 487 -8.45 15.19 52.02
N GLN B 488 -7.45 16.06 52.17
CA GLN B 488 -7.43 17.37 51.53
C GLN B 488 -6.12 17.56 50.78
N PRO B 489 -6.13 18.31 49.67
CA PRO B 489 -4.90 18.48 48.88
C PRO B 489 -3.92 19.41 49.59
N TYR B 490 -2.65 18.98 49.65
CA TYR B 490 -1.57 19.77 50.20
C TYR B 490 -0.54 20.02 49.10
N ARG B 491 -0.19 21.28 48.88
CA ARG B 491 0.77 21.65 47.85
C ARG B 491 2.18 21.33 48.36
N VAL B 492 2.58 20.09 48.13
CA VAL B 492 3.87 19.60 48.60
C VAL B 492 4.94 19.98 47.58
N VAL B 493 5.91 20.78 48.00
CA VAL B 493 7.02 21.21 47.16
C VAL B 493 8.33 20.81 47.84
N VAL B 494 9.26 20.28 47.06
CA VAL B 494 10.53 19.78 47.57
C VAL B 494 11.67 20.49 46.85
N LEU B 495 12.71 20.85 47.61
CA LEU B 495 13.90 21.48 47.07
C LEU B 495 15.09 20.55 47.24
N SER B 496 15.81 20.32 46.15
CA SER B 496 16.98 19.44 46.14
C SER B 496 18.21 20.24 45.75
N PHE B 497 19.31 20.00 46.46
CA PHE B 497 20.55 20.74 46.25
C PHE B 497 21.60 19.83 45.61
N GLU B 498 22.37 20.40 44.69
CA GLU B 498 23.40 19.67 43.96
C GLU B 498 24.77 20.22 44.32
N LEU B 499 25.74 19.32 44.42
CA LEU B 499 27.10 19.65 44.82
C LEU B 499 28.09 19.17 43.77
N LEU B 500 29.23 19.87 43.70
CA LEU B 500 30.38 19.51 42.88
C LEU B 500 30.03 19.44 41.39
N HIS B 501 29.53 20.55 40.87
CA HIS B 501 29.27 20.67 39.44
C HIS B 501 29.84 21.97 38.89
N ALA B 502 29.94 22.98 39.75
CA ALA B 502 30.34 24.34 39.36
C ALA B 502 30.75 25.12 40.60
N PRO B 503 31.48 26.23 40.46
CA PRO B 503 31.69 27.12 41.61
C PRO B 503 30.38 27.74 42.07
N ALA B 504 30.36 28.15 43.34
CA ALA B 504 29.13 28.59 43.99
C ALA B 504 28.60 29.87 43.35
N THR B 505 27.29 29.87 43.05
CA THR B 505 26.66 31.03 42.41
C THR B 505 25.27 31.33 42.97
N VAL B 506 24.78 30.56 43.94
CA VAL B 506 23.47 30.84 44.52
C VAL B 506 23.51 30.75 46.05
N CYS B 507 23.13 31.84 46.71
CA CYS B 507 23.01 32.04 48.14
C CYS B 507 22.47 33.43 48.40
N GLY B 508 22.02 33.66 49.64
CA GLY B 508 21.20 34.80 49.97
C GLY B 508 21.93 36.12 50.13
N PRO B 509 21.35 37.02 50.93
CA PRO B 509 21.89 38.38 51.03
C PRO B 509 23.21 38.43 51.79
N LYS B 510 23.92 39.54 51.60
CA LYS B 510 25.24 39.75 52.19
C LYS B 510 25.25 40.74 53.34
N LYS B 511 24.08 41.30 53.70
CA LYS B 511 23.88 42.19 54.85
C LYS B 511 24.78 43.43 54.76
N SER B 512 24.50 44.24 53.75
CA SER B 512 25.20 45.51 53.56
C SER B 512 24.83 46.50 54.67
N THR B 513 25.80 47.32 55.05
CA THR B 513 25.60 48.30 56.11
C THR B 513 25.94 49.71 55.64
N ASN B 514 26.00 50.66 56.58
CA ASN B 514 26.27 52.06 56.25
C ASN B 514 27.78 52.28 56.10
N LEU B 515 28.16 53.55 55.91
CA LEU B 515 29.54 53.94 55.68
C LEU B 515 30.01 54.91 56.75
N VAL B 516 31.24 54.72 57.22
CA VAL B 516 31.84 55.57 58.24
C VAL B 516 33.13 56.15 57.67
N LYS B 517 33.30 57.47 57.79
CA LYS B 517 34.43 58.17 57.22
C LYS B 517 35.28 58.81 58.31
N ASN B 518 36.58 58.92 58.01
CA ASN B 518 37.55 59.67 58.82
C ASN B 518 37.67 59.12 60.24
N LYS B 519 37.72 57.79 60.33
CA LYS B 519 37.90 57.13 61.62
C LYS B 519 38.40 55.71 61.36
N CYS B 520 39.41 55.29 62.14
CA CYS B 520 40.07 54.01 61.93
C CYS B 520 39.16 52.84 62.30
N VAL B 521 38.67 52.12 61.30
CA VAL B 521 37.80 50.97 61.49
C VAL B 521 38.38 49.77 60.75
N ASN B 522 37.78 48.61 61.01
CA ASN B 522 38.03 47.40 60.24
C ASN B 522 36.88 47.15 59.28
N PHE B 523 37.21 46.86 58.03
CA PHE B 523 36.23 46.81 56.96
C PHE B 523 36.22 45.43 56.30
N ASN B 524 35.29 45.24 55.37
CA ASN B 524 35.19 44.01 54.60
C ASN B 524 34.61 44.32 53.22
N PHE B 525 35.47 44.46 52.23
CA PHE B 525 35.08 44.84 50.87
C PHE B 525 35.26 43.62 49.97
N ASN B 526 34.19 42.82 49.86
CA ASN B 526 34.15 41.61 49.03
C ASN B 526 35.26 40.63 49.41
N GLY B 527 35.47 40.44 50.71
CA GLY B 527 36.50 39.54 51.21
C GLY B 527 37.85 40.16 51.44
N LEU B 528 38.03 41.45 51.12
CA LEU B 528 39.30 42.13 51.34
C LEU B 528 39.31 42.68 52.76
N THR B 529 39.85 41.89 53.68
CA THR B 529 39.93 42.29 55.07
C THR B 529 41.08 43.27 55.30
N GLY B 530 41.00 44.00 56.38
CA GLY B 530 42.02 44.96 56.74
C GLY B 530 41.50 46.02 57.66
N THR B 531 42.43 46.76 58.27
CA THR B 531 42.12 47.84 59.19
C THR B 531 42.80 49.11 58.72
N GLY B 532 42.06 50.21 58.69
CA GLY B 532 42.61 51.47 58.25
C GLY B 532 41.59 52.58 58.39
N VAL B 533 42.01 53.77 57.97
CA VAL B 533 41.19 54.98 58.03
C VAL B 533 40.57 55.19 56.65
N LEU B 534 39.24 55.30 56.61
CA LEU B 534 38.53 55.50 55.36
C LEU B 534 38.57 56.97 54.98
N THR B 535 39.19 57.27 53.84
CA THR B 535 39.34 58.64 53.36
C THR B 535 39.02 58.67 51.87
N GLU B 536 38.37 59.75 51.44
CA GLU B 536 38.06 59.92 50.02
C GLU B 536 39.35 60.10 49.22
N SER B 537 39.35 59.54 48.01
CA SER B 537 40.54 59.49 47.17
C SER B 537 40.49 60.56 46.09
N ASN B 538 41.63 60.74 45.42
CA ASN B 538 41.74 61.63 44.28
C ASN B 538 42.15 60.91 43.01
N LYS B 539 42.37 59.58 43.07
CA LYS B 539 42.77 58.82 41.91
C LYS B 539 41.56 58.59 40.99
N LYS B 540 41.86 58.18 39.76
CA LYS B 540 40.85 57.90 38.74
C LYS B 540 40.90 56.42 38.40
N PHE B 541 40.05 55.63 39.05
CA PHE B 541 40.00 54.21 38.78
C PHE B 541 39.32 53.94 37.44
N LEU B 542 39.85 52.96 36.71
CA LEU B 542 39.18 52.49 35.51
C LEU B 542 37.90 51.75 35.90
N PRO B 543 36.83 51.86 35.08
CA PRO B 543 35.53 51.31 35.50
C PRO B 543 35.40 49.80 35.33
N PHE B 544 36.43 49.04 35.70
CA PHE B 544 36.31 47.60 35.83
C PHE B 544 37.11 47.04 37.00
N GLN B 545 37.73 47.89 37.82
CA GLN B 545 38.65 47.47 38.86
C GLN B 545 38.05 47.77 40.23
N GLN B 546 38.22 46.83 41.17
CA GLN B 546 37.60 46.95 42.49
C GLN B 546 38.55 47.50 43.55
N PHE B 547 39.85 47.28 43.42
CA PHE B 547 40.81 47.74 44.42
C PHE B 547 42.17 47.91 43.73
N GLY B 548 43.15 48.36 44.51
CA GLY B 548 44.47 48.60 43.97
C GLY B 548 45.52 48.56 45.06
N ARG B 549 46.76 48.28 44.67
CA ARG B 549 47.90 48.19 45.56
C ARG B 549 48.96 49.21 45.15
N ASP B 550 50.12 49.11 45.80
CA ASP B 550 51.23 50.03 45.58
C ASP B 550 52.54 49.27 45.47
N ILE B 551 53.67 49.97 45.59
CA ILE B 551 54.98 49.32 45.56
C ILE B 551 55.18 48.38 46.73
N ALA B 552 54.43 48.57 47.82
CA ALA B 552 54.47 47.69 48.97
C ALA B 552 53.58 46.46 48.83
N ASP B 553 52.79 46.39 47.75
CA ASP B 553 51.76 45.37 47.54
C ASP B 553 50.81 45.28 48.72
N THR B 554 50.39 46.45 49.20
CA THR B 554 49.41 46.56 50.28
C THR B 554 48.19 47.31 49.74
N THR B 555 47.02 46.87 50.16
CA THR B 555 45.76 47.46 49.68
C THR B 555 45.61 48.85 50.29
N ASP B 556 45.97 49.87 49.52
CA ASP B 556 45.86 51.26 49.96
C ASP B 556 44.77 52.02 49.21
N ALA B 557 44.00 51.34 48.35
CA ALA B 557 42.94 51.99 47.59
C ALA B 557 41.87 50.95 47.29
N VAL B 558 40.64 51.23 47.71
CA VAL B 558 39.53 50.30 47.52
C VAL B 558 38.35 51.08 46.94
N ARG B 559 37.48 50.39 46.22
CA ARG B 559 36.28 50.96 45.65
C ARG B 559 35.07 50.23 46.23
N ASP B 560 34.16 50.98 46.84
CA ASP B 560 32.98 50.37 47.45
C ASP B 560 32.03 49.90 46.34
N PRO B 561 31.47 48.69 46.46
CA PRO B 561 30.56 48.20 45.41
C PRO B 561 29.22 48.89 45.40
N GLN B 562 28.85 49.63 46.44
CA GLN B 562 27.56 50.30 46.48
C GLN B 562 27.55 51.53 45.59
N THR B 563 28.42 52.49 45.89
CA THR B 563 28.51 53.73 45.13
C THR B 563 29.62 53.62 44.09
N LEU B 564 29.91 54.75 43.42
CA LEU B 564 30.96 54.80 42.40
C LEU B 564 32.20 55.53 42.89
N GLU B 565 32.27 55.87 44.18
CA GLU B 565 33.42 56.58 44.71
C GLU B 565 34.58 55.63 44.94
N ILE B 566 35.74 56.22 45.25
CA ILE B 566 36.96 55.48 45.53
C ILE B 566 37.44 55.86 46.93
N LEU B 567 37.66 54.87 47.77
CA LEU B 567 38.02 55.08 49.17
C LEU B 567 39.48 54.72 49.40
N ASP B 568 40.25 55.68 49.91
CA ASP B 568 41.66 55.45 50.19
C ASP B 568 41.83 54.77 51.55
N ILE B 569 42.83 53.90 51.63
CA ILE B 569 43.10 53.12 52.83
C ILE B 569 44.44 53.56 53.40
N THR B 570 44.42 54.10 54.61
CA THR B 570 45.63 54.43 55.36
C THR B 570 45.45 53.91 56.77
N PRO B 571 46.45 53.23 57.34
CA PRO B 571 46.34 52.76 58.72
C PRO B 571 46.34 53.92 59.70
N CYS B 572 45.70 53.68 60.85
CA CYS B 572 45.63 54.69 61.90
C CYS B 572 46.94 54.70 62.70
N SER B 573 46.94 55.36 63.85
CA SER B 573 48.16 55.66 64.58
C SER B 573 48.84 54.40 65.11
N PHE B 574 50.15 54.30 64.90
CA PHE B 574 50.94 53.18 65.39
C PHE B 574 52.37 53.66 65.62
N GLY B 575 53.11 52.90 66.41
CA GLY B 575 54.50 53.20 66.68
C GLY B 575 54.89 52.84 68.10
N GLY B 576 56.18 52.63 68.30
CA GLY B 576 56.68 52.31 69.62
C GLY B 576 56.74 53.52 70.52
N VAL B 577 56.95 53.26 71.81
CA VAL B 577 57.01 54.30 72.83
C VAL B 577 58.32 54.16 73.60
N SER B 578 58.94 55.30 73.90
CA SER B 578 60.17 55.34 74.69
C SER B 578 59.96 56.26 75.87
N VAL B 579 60.51 55.86 77.03
CA VAL B 579 60.35 56.60 78.27
C VAL B 579 61.66 57.31 78.57
N ILE B 580 61.61 58.63 78.68
CA ILE B 580 62.78 59.42 79.03
C ILE B 580 62.82 59.60 80.54
N THR B 581 63.90 59.14 81.16
CA THR B 581 64.05 59.25 82.60
C THR B 581 65.52 59.46 82.97
N PRO B 582 65.78 60.17 84.07
CA PRO B 582 67.14 60.20 84.64
C PRO B 582 67.42 58.94 85.45
N GLY B 583 68.57 58.92 86.13
CA GLY B 583 68.88 57.84 87.06
C GLY B 583 67.88 57.74 88.19
N THR B 584 67.49 56.51 88.54
CA THR B 584 66.48 56.30 89.57
C THR B 584 66.96 56.71 90.96
N ASN B 585 68.27 56.80 91.18
CA ASN B 585 68.77 57.28 92.46
C ASN B 585 68.54 58.77 92.64
N THR B 586 68.45 59.52 91.54
CA THR B 586 68.26 60.96 91.62
C THR B 586 66.80 61.33 91.84
N SER B 587 65.93 60.97 90.91
CA SER B 587 64.53 61.34 90.98
C SER B 587 63.69 60.35 90.20
N ASN B 588 62.38 60.38 90.44
CA ASN B 588 61.43 59.48 89.79
C ASN B 588 60.64 60.14 88.68
N GLN B 589 60.95 61.40 88.33
CA GLN B 589 60.23 62.08 87.27
C GLN B 589 60.61 61.51 85.90
N VAL B 590 59.61 61.29 85.06
CA VAL B 590 59.81 60.66 83.76
C VAL B 590 59.12 61.50 82.68
N ALA B 591 59.51 61.24 81.44
CA ALA B 591 58.90 61.85 80.27
C ALA B 591 58.57 60.76 79.26
N VAL B 592 57.50 60.99 78.49
CA VAL B 592 57.00 60.02 77.53
C VAL B 592 57.19 60.58 76.13
N LEU B 593 57.84 59.80 75.27
CA LEU B 593 58.07 60.17 73.88
C LEU B 593 57.38 59.17 72.96
N TYR B 594 56.62 59.68 71.99
CA TYR B 594 55.97 58.84 70.98
C TYR B 594 56.78 58.95 69.69
N GLN B 595 57.17 57.80 69.14
CA GLN B 595 58.06 57.76 67.98
C GLN B 595 57.25 58.06 66.73
N GLY B 596 57.30 59.32 66.28
CA GLY B 596 56.64 59.72 65.06
C GLY B 596 55.13 59.62 65.08
N VAL B 597 54.50 60.03 66.19
CA VAL B 597 53.06 59.94 66.35
C VAL B 597 52.52 61.34 66.62
N ASN B 598 51.59 61.79 65.77
CA ASN B 598 50.86 63.03 66.01
C ASN B 598 49.77 62.72 67.03
N CYS B 599 50.11 62.92 68.31
CA CYS B 599 49.27 62.45 69.42
C CYS B 599 48.08 63.38 69.67
N THR B 600 47.20 63.44 68.67
CA THR B 600 45.92 64.11 68.79
C THR B 600 44.78 63.14 69.03
N GLU B 601 45.07 61.86 69.19
CA GLU B 601 44.07 60.81 69.39
C GLU B 601 44.45 59.92 70.56
N VAL B 602 45.05 60.51 71.59
CA VAL B 602 45.48 59.76 72.77
C VAL B 602 45.01 60.46 74.05
N ASN B 623 51.59 69.67 79.63
CA ASN B 623 52.82 70.04 78.93
C ASN B 623 53.08 69.10 77.77
N VAL B 624 52.64 69.49 76.59
CA VAL B 624 52.80 68.70 75.36
C VAL B 624 53.55 69.55 74.35
N PHE B 625 54.70 69.05 73.88
CA PHE B 625 55.49 69.72 72.86
C PHE B 625 55.75 68.73 71.72
N GLN B 626 55.61 69.22 70.48
CA GLN B 626 55.76 68.39 69.29
C GLN B 626 57.10 68.68 68.65
N THR B 627 57.91 67.63 68.51
CA THR B 627 59.20 67.73 67.82
C THR B 627 59.09 67.12 66.43
N ARG B 628 60.22 67.03 65.73
CA ARG B 628 60.25 66.33 64.45
C ARG B 628 60.25 64.82 64.61
N ALA B 629 60.82 64.31 65.72
CA ALA B 629 60.84 62.88 65.99
C ALA B 629 59.53 62.35 66.55
N GLY B 630 58.57 63.22 66.80
CA GLY B 630 57.28 62.86 67.35
C GLY B 630 56.82 63.92 68.33
N CYS B 631 55.94 63.52 69.24
CA CYS B 631 55.43 64.40 70.28
C CYS B 631 55.92 63.92 71.64
N LEU B 632 56.15 64.86 72.55
CA LEU B 632 56.71 64.57 73.86
C LEU B 632 55.75 65.09 74.93
N ILE B 633 55.50 64.26 75.95
CA ILE B 633 54.62 64.59 77.05
C ILE B 633 55.40 64.49 78.35
N GLY B 634 55.33 65.53 79.17
CA GLY B 634 55.95 65.53 80.47
C GLY B 634 57.01 66.60 80.68
N ALA B 635 57.51 67.22 79.62
CA ALA B 635 58.53 68.26 79.72
C ALA B 635 58.14 69.45 78.85
N GLU B 636 58.53 70.64 79.30
CA GLU B 636 58.22 71.87 78.59
C GLU B 636 59.34 72.17 77.59
N TYR B 637 59.29 73.37 77.00
CA TYR B 637 60.29 73.82 76.04
C TYR B 637 61.00 75.04 76.60
N VAL B 638 62.33 75.04 76.52
CA VAL B 638 63.16 76.12 77.06
C VAL B 638 63.86 76.79 75.89
N ASN B 639 63.86 78.13 75.90
CA ASN B 639 64.47 78.89 74.81
C ASN B 639 65.98 78.72 74.77
N ASN B 640 66.62 78.74 75.93
CA ASN B 640 68.07 78.57 75.97
C ASN B 640 68.45 77.11 75.74
N SER B 641 69.71 76.90 75.38
CA SER B 641 70.20 75.58 75.01
C SER B 641 71.49 75.28 75.77
N TYR B 642 71.69 73.99 76.08
CA TYR B 642 72.89 73.52 76.78
C TYR B 642 73.32 72.20 76.16
N GLU B 643 74.48 71.71 76.61
CA GLU B 643 74.96 70.42 76.15
C GLU B 643 74.15 69.31 76.80
N CYS B 644 73.65 68.39 75.97
CA CYS B 644 72.76 67.34 76.41
C CYS B 644 73.51 66.02 76.58
N ASP B 645 72.80 65.05 77.14
CA ASP B 645 73.35 63.70 77.32
C ASP B 645 72.34 62.64 76.88
N ILE B 646 71.07 63.03 76.80
CA ILE B 646 69.99 62.13 76.39
C ILE B 646 69.58 62.53 74.98
N PRO B 647 69.78 61.68 73.97
CA PRO B 647 69.34 62.02 72.62
C PRO B 647 67.90 61.59 72.34
N ILE B 648 67.26 62.34 71.44
CA ILE B 648 65.89 62.05 71.03
C ILE B 648 65.86 61.89 69.52
N GLY B 649 66.33 62.89 68.81
CA GLY B 649 66.32 62.92 67.37
C GLY B 649 66.04 64.32 66.87
N ALA B 650 66.62 64.64 65.70
CA ALA B 650 66.47 65.93 65.02
C ALA B 650 66.93 67.11 65.89
N GLY B 651 67.94 66.88 66.72
CA GLY B 651 68.56 67.93 67.51
C GLY B 651 67.68 68.57 68.57
N ILE B 652 66.83 67.79 69.23
CA ILE B 652 66.00 68.27 70.33
C ILE B 652 66.32 67.38 71.52
N CYS B 653 67.25 67.81 72.36
CA CYS B 653 67.70 67.02 73.50
C CYS B 653 66.87 67.32 74.74
N ALA B 654 66.91 66.37 75.68
CA ALA B 654 66.25 66.51 76.97
C ALA B 654 67.25 66.21 78.08
N SER B 655 67.03 66.83 79.24
CA SER B 655 67.93 66.67 80.37
C SER B 655 67.12 66.81 81.66
N TYR B 656 67.84 66.97 82.78
CA TYR B 656 67.21 67.11 84.09
C TYR B 656 68.01 68.14 84.88
N GLN B 657 67.51 69.37 84.91
CA GLN B 657 68.18 70.45 85.64
C GLN B 657 67.90 70.37 87.14
N SER B 669 63.01 69.61 87.65
CA SER B 669 62.10 69.14 86.62
C SER B 669 62.87 68.69 85.38
N ILE B 670 62.14 68.13 84.41
CA ILE B 670 62.72 67.64 83.16
C ILE B 670 62.47 68.71 82.10
N ILE B 671 63.53 69.11 81.41
CA ILE B 671 63.46 70.16 80.40
C ILE B 671 63.91 69.61 79.06
N ALA B 672 63.43 70.23 77.99
CA ALA B 672 63.80 69.88 76.62
C ALA B 672 64.19 71.15 75.89
N TYR B 673 65.25 71.07 75.09
CA TYR B 673 65.79 72.23 74.41
C TYR B 673 66.38 71.82 73.06
N THR B 674 66.66 72.82 72.24
CA THR B 674 67.33 72.60 70.97
C THR B 674 68.79 72.19 71.23
N MET B 675 69.35 71.38 70.31
CA MET B 675 70.74 70.95 70.41
C MET B 675 71.69 72.13 70.35
N SER B 676 72.64 72.17 71.28
CA SER B 676 73.68 73.18 71.25
C SER B 676 74.76 72.79 70.25
N LEU B 677 75.20 73.76 69.47
CA LEU B 677 76.27 73.55 68.50
C LEU B 677 77.65 73.77 69.10
N GLY B 678 77.72 74.26 70.32
CA GLY B 678 78.97 74.66 70.95
C GLY B 678 79.05 76.16 71.11
N ALA B 679 80.15 76.60 71.74
CA ALA B 679 80.40 78.02 71.93
C ALA B 679 80.73 78.66 70.59
N GLU B 680 79.99 79.72 70.24
CA GLU B 680 80.18 80.41 68.96
C GLU B 680 81.33 81.41 69.12
N ASN B 681 82.55 80.88 69.10
CA ASN B 681 83.73 81.71 69.21
C ASN B 681 83.97 82.49 67.92
N SER B 682 84.37 83.75 68.07
CA SER B 682 84.65 84.62 66.95
C SER B 682 86.12 85.01 66.95
N VAL B 683 86.76 84.90 65.79
CA VAL B 683 88.19 85.19 65.65
C VAL B 683 88.35 86.23 64.53
N ALA B 684 89.26 87.18 64.74
CA ALA B 684 89.51 88.21 63.76
C ALA B 684 90.41 87.69 62.63
N TYR B 685 90.48 88.46 61.55
CA TYR B 685 91.30 88.10 60.41
C TYR B 685 91.83 89.36 59.74
N SER B 686 93.09 89.31 59.33
CA SER B 686 93.73 90.37 58.56
C SER B 686 94.83 89.74 57.72
N ASN B 687 95.60 90.58 57.02
CA ASN B 687 96.72 90.11 56.23
C ASN B 687 98.06 90.63 56.75
N ASN B 688 98.07 91.18 57.97
CA ASN B 688 99.32 91.64 58.57
C ASN B 688 99.40 91.34 60.06
N SER B 689 98.53 90.48 60.58
CA SER B 689 98.47 90.18 62.01
C SER B 689 98.66 88.69 62.23
N ILE B 690 99.46 88.34 63.25
CA ILE B 690 99.73 86.96 63.61
C ILE B 690 99.59 86.84 65.12
N ALA B 691 99.24 85.64 65.58
CA ALA B 691 99.15 85.33 67.00
C ALA B 691 100.16 84.25 67.34
N ILE B 692 101.04 84.54 68.30
CA ILE B 692 102.07 83.60 68.73
C ILE B 692 101.93 83.36 70.22
N PRO B 693 101.81 82.10 70.66
CA PRO B 693 101.69 81.83 72.09
C PRO B 693 103.00 82.12 72.84
N THR B 694 102.85 82.49 74.11
CA THR B 694 103.99 82.81 74.96
C THR B 694 104.25 81.77 76.05
N ASN B 695 103.25 80.93 76.33
CA ASN B 695 103.42 79.92 77.35
C ASN B 695 102.76 78.59 77.00
N PHE B 696 103.37 77.51 77.49
CA PHE B 696 102.98 76.17 77.09
C PHE B 696 102.59 75.36 78.32
N THR B 697 101.54 74.54 78.18
CA THR B 697 101.04 73.69 79.24
C THR B 697 101.08 72.24 78.79
N ILE B 698 101.36 71.34 79.74
CA ILE B 698 101.41 69.91 79.47
C ILE B 698 100.15 69.28 80.03
N SER B 699 99.37 68.65 79.15
CA SER B 699 98.11 68.02 79.53
C SER B 699 98.17 66.52 79.28
N VAL B 700 97.42 65.77 80.09
CA VAL B 700 97.37 64.32 80.00
C VAL B 700 95.93 63.91 79.75
N THR B 701 95.69 63.22 78.65
CA THR B 701 94.38 62.67 78.31
C THR B 701 94.43 61.15 78.33
N THR B 702 93.25 60.54 78.25
CA THR B 702 93.12 59.09 78.33
C THR B 702 92.35 58.58 77.11
N GLU B 703 92.80 57.44 76.60
CA GLU B 703 92.11 56.74 75.53
C GLU B 703 91.83 55.32 76.00
N ILE B 704 90.55 54.96 76.06
CA ILE B 704 90.11 53.67 76.58
C ILE B 704 89.59 52.84 75.42
N LEU B 705 90.30 51.76 75.10
CA LEU B 705 89.96 50.94 73.95
C LEU B 705 90.09 49.47 74.34
N PRO B 706 89.13 48.62 73.98
CA PRO B 706 89.20 47.22 74.41
C PRO B 706 90.02 46.36 73.47
N VAL B 707 90.37 45.16 73.94
CA VAL B 707 91.26 44.24 73.23
C VAL B 707 90.55 42.94 72.87
N SER B 708 89.96 42.26 73.86
CA SER B 708 89.44 40.92 73.65
C SER B 708 88.30 40.66 74.63
N MET B 709 87.53 39.63 74.32
CA MET B 709 86.42 39.19 75.16
C MET B 709 86.67 37.78 75.68
N THR B 710 85.85 37.39 76.67
CA THR B 710 86.06 36.13 77.37
C THR B 710 85.70 34.95 76.45
N LYS B 711 86.63 34.03 76.31
CA LYS B 711 86.47 32.92 75.36
C LYS B 711 85.41 31.94 75.84
N THR B 712 84.53 31.54 74.93
CA THR B 712 83.45 30.60 75.22
C THR B 712 83.50 29.46 74.22
N SER B 713 83.02 28.29 74.64
CA SER B 713 82.99 27.10 73.79
C SER B 713 81.82 26.24 74.25
N VAL B 714 80.71 26.31 73.50
CA VAL B 714 79.52 25.53 73.83
C VAL B 714 79.64 24.15 73.20
N ASP B 715 78.80 23.22 73.64
CA ASP B 715 78.82 21.84 73.17
C ASP B 715 77.57 21.54 72.36
N CYS B 716 77.57 20.38 71.70
CA CYS B 716 76.52 20.00 70.77
C CYS B 716 75.50 19.05 71.39
N THR B 717 75.96 17.88 71.83
CA THR B 717 75.07 16.80 72.23
C THR B 717 74.65 16.86 73.69
N MET B 718 75.31 17.69 74.50
CA MET B 718 74.96 17.78 75.93
C MET B 718 74.35 19.11 76.33
N TYR B 719 74.59 20.19 75.56
CA TYR B 719 73.84 21.42 75.78
C TYR B 719 72.40 21.27 75.32
N ILE B 720 72.21 20.76 74.11
CA ILE B 720 70.86 20.71 73.53
C ILE B 720 70.07 19.55 74.11
N CYS B 721 70.72 18.41 74.38
CA CYS B 721 70.03 17.26 74.95
C CYS B 721 70.50 16.95 76.36
N GLY B 722 71.78 16.68 76.56
CA GLY B 722 72.24 16.24 77.86
C GLY B 722 72.65 14.78 77.90
N ASP B 723 71.94 13.99 78.71
CA ASP B 723 72.30 12.60 78.94
C ASP B 723 71.51 11.60 78.09
N SER B 724 70.66 12.06 77.18
CA SER B 724 69.82 11.15 76.40
C SER B 724 70.56 10.70 75.14
N THR B 725 70.72 9.38 74.99
CA THR B 725 71.40 8.85 73.80
C THR B 725 70.49 8.89 72.59
N GLU B 726 69.17 8.75 72.79
CA GLU B 726 68.23 8.83 71.67
C GLU B 726 68.22 10.23 71.06
N CYS B 727 68.31 11.27 71.90
CA CYS B 727 68.36 12.64 71.41
C CYS B 727 69.63 12.89 70.61
N SER B 728 70.76 12.34 71.06
CA SER B 728 72.01 12.45 70.31
C SER B 728 71.92 11.71 68.99
N ASN B 729 71.30 10.52 69.00
CA ASN B 729 71.15 9.76 67.76
C ASN B 729 70.25 10.49 66.76
N LEU B 730 69.23 11.19 67.25
CA LEU B 730 68.38 11.96 66.35
C LEU B 730 69.04 13.24 65.86
N LEU B 731 69.89 13.87 66.67
CA LEU B 731 70.61 15.04 66.17
C LEU B 731 71.72 14.64 65.22
N LEU B 732 72.19 13.38 65.30
CA LEU B 732 73.20 12.90 64.37
C LEU B 732 72.66 12.81 62.95
N GLN B 733 71.34 12.65 62.79
CA GLN B 733 70.73 12.51 61.47
C GLN B 733 70.78 13.80 60.66
N TYR B 734 70.98 14.95 61.31
CA TYR B 734 70.98 16.23 60.61
C TYR B 734 72.31 16.58 59.96
N GLY B 735 73.32 15.72 60.09
CA GLY B 735 74.57 15.98 59.41
C GLY B 735 75.52 16.84 60.24
N SER B 736 76.19 17.77 59.56
CA SER B 736 77.25 18.57 60.17
C SER B 736 76.71 19.93 60.62
N PHE B 737 75.96 19.90 61.73
CA PHE B 737 75.61 21.09 62.47
C PHE B 737 76.30 21.15 63.82
N CYS B 738 77.38 20.41 64.00
CA CYS B 738 78.18 20.44 65.23
C CYS B 738 79.60 20.92 64.97
N THR B 739 80.30 20.32 64.01
CA THR B 739 81.70 20.66 63.78
C THR B 739 81.85 22.07 63.23
N GLN B 740 80.83 22.59 62.54
CA GLN B 740 80.90 23.96 62.02
C GLN B 740 80.96 24.97 63.15
N LEU B 741 80.02 24.89 64.11
CA LEU B 741 80.04 25.81 65.23
C LEU B 741 81.23 25.54 66.16
N LYS B 742 81.64 24.27 66.27
CA LYS B 742 82.79 23.94 67.09
C LYS B 742 84.07 24.57 66.55
N ARG B 743 84.31 24.44 65.24
CA ARG B 743 85.50 25.02 64.65
C ARG B 743 85.39 26.55 64.59
N ALA B 744 84.16 27.07 64.49
CA ALA B 744 83.98 28.52 64.52
C ALA B 744 84.36 29.09 65.89
N LEU B 745 83.89 28.46 66.97
CA LEU B 745 84.23 28.93 68.30
C LEU B 745 85.70 28.71 68.63
N THR B 746 86.28 27.60 68.14
CA THR B 746 87.71 27.36 68.32
C THR B 746 88.54 28.42 67.60
N GLY B 747 88.15 28.76 66.37
CA GLY B 747 88.84 29.81 65.64
C GLY B 747 88.69 31.18 66.28
N ILE B 748 87.51 31.45 66.85
CA ILE B 748 87.31 32.71 67.57
C ILE B 748 88.21 32.78 68.79
N ALA B 749 88.32 31.68 69.54
CA ALA B 749 89.22 31.65 70.69
C ALA B 749 90.68 31.82 70.26
N VAL B 750 91.07 31.21 69.14
CA VAL B 750 92.42 31.36 68.61
C VAL B 750 92.68 32.82 68.22
N GLU B 751 91.70 33.47 67.60
CA GLU B 751 91.86 34.89 67.23
C GLU B 751 91.94 35.79 68.46
N GLN B 752 91.17 35.48 69.52
CA GLN B 752 91.27 36.25 70.75
C GLN B 752 92.65 36.10 71.40
N ASP B 753 93.16 34.87 71.44
CA ASP B 753 94.50 34.64 71.99
C ASP B 753 95.56 35.34 71.15
N LYS B 754 95.43 35.29 69.83
CA LYS B 754 96.37 35.97 68.94
C LYS B 754 96.31 37.48 69.11
N ASN B 755 95.11 38.02 69.30
CA ASN B 755 94.97 39.46 69.52
C ASN B 755 95.63 39.89 70.83
N THR B 756 95.41 39.12 71.90
CA THR B 756 96.04 39.45 73.18
C THR B 756 97.55 39.28 73.11
N GLN B 757 98.03 38.37 72.26
CA GLN B 757 99.47 38.25 72.06
C GLN B 757 100.04 39.43 71.27
N GLU B 758 99.34 39.87 70.22
CA GLU B 758 99.88 40.91 69.35
C GLU B 758 99.80 42.31 69.95
N VAL B 759 98.76 42.61 70.74
CA VAL B 759 98.61 43.98 71.24
C VAL B 759 99.61 44.32 72.34
N PHE B 760 100.27 43.33 72.93
CA PHE B 760 101.16 43.56 74.07
C PHE B 760 102.60 43.17 73.80
N ALA B 761 102.83 42.01 73.17
CA ALA B 761 104.18 41.49 72.96
C ALA B 761 104.80 42.11 71.70
N GLN B 762 105.12 43.40 71.83
CA GLN B 762 105.82 44.11 70.76
C GLN B 762 107.33 44.03 70.87
N VAL B 763 107.85 43.52 71.99
CA VAL B 763 109.29 43.36 72.19
C VAL B 763 109.57 41.91 72.59
N LYS B 764 110.70 41.38 72.10
CA LYS B 764 111.06 40.01 72.41
C LYS B 764 111.65 39.86 73.81
N GLN B 765 112.38 40.88 74.29
CA GLN B 765 113.02 40.83 75.59
C GLN B 765 112.24 41.66 76.60
N ILE B 766 112.39 41.28 77.87
CA ILE B 766 111.69 41.95 78.97
C ILE B 766 112.70 42.81 79.71
N TYR B 767 112.41 44.11 79.79
CA TYR B 767 113.27 45.06 80.47
C TYR B 767 112.88 45.19 81.93
N LYS B 768 113.79 45.76 82.71
CA LYS B 768 113.58 45.96 84.14
C LYS B 768 113.67 47.44 84.48
N THR B 769 112.89 47.84 85.48
CA THR B 769 112.92 49.23 85.94
C THR B 769 114.25 49.53 86.63
N PRO B 770 114.74 50.78 86.53
CA PRO B 770 115.96 51.13 87.24
C PRO B 770 115.75 51.10 88.75
N PRO B 771 116.79 50.83 89.52
CA PRO B 771 116.65 50.84 90.99
C PRO B 771 116.29 52.21 91.55
N ILE B 772 116.73 53.29 90.92
CA ILE B 772 116.37 54.64 91.35
C ILE B 772 115.10 55.05 90.64
N LYS B 773 114.42 56.08 91.16
CA LYS B 773 113.18 56.59 90.58
C LYS B 773 113.27 58.09 90.35
N TYR B 774 114.47 58.60 90.08
CA TYR B 774 114.68 60.01 89.82
C TYR B 774 114.89 60.21 88.32
N PHE B 775 114.08 61.08 87.72
CA PHE B 775 114.14 61.35 86.29
C PHE B 775 114.10 62.86 86.04
N GLY B 776 114.90 63.59 86.80
CA GLY B 776 114.94 65.05 86.66
C GLY B 776 113.69 65.76 87.09
N GLY B 777 113.09 65.34 88.21
CA GLY B 777 111.90 65.95 88.75
C GLY B 777 110.60 65.34 88.28
N PHE B 778 110.65 64.44 87.31
CA PHE B 778 109.44 63.78 86.82
C PHE B 778 109.09 62.62 87.75
N ASN B 779 108.00 62.82 88.46
CA ASN B 779 107.47 61.80 89.33
C ASN B 779 106.98 60.68 88.47
N PHE B 780 107.71 59.59 88.49
CA PHE B 780 107.20 58.35 87.88
C PHE B 780 106.88 57.30 88.93
N SER B 781 106.05 57.66 89.91
CA SER B 781 105.68 56.76 90.99
C SER B 781 104.22 56.34 90.92
N GLN B 782 103.53 56.63 89.82
CA GLN B 782 102.12 56.28 89.67
C GLN B 782 101.87 55.24 88.58
N ILE B 783 102.75 55.10 87.61
CA ILE B 783 102.61 54.07 86.59
C ILE B 783 103.62 52.94 86.75
N LEU B 784 104.75 53.18 87.40
CA LEU B 784 105.68 52.10 87.69
C LEU B 784 105.11 51.21 88.79
N PRO B 785 105.35 49.90 88.74
CA PRO B 785 104.85 49.01 89.79
C PRO B 785 105.54 49.26 91.13
N ASP B 786 104.80 49.00 92.20
CA ASP B 786 105.30 49.14 93.55
C ASP B 786 105.48 47.78 94.19
N PRO B 787 106.68 47.45 94.69
CA PRO B 787 106.89 46.13 95.31
C PRO B 787 106.20 45.96 96.65
N SER B 788 105.70 47.04 97.26
CA SER B 788 104.97 46.92 98.52
C SER B 788 103.64 46.19 98.33
N LYS B 789 102.93 46.52 97.25
CA LYS B 789 101.69 45.83 96.95
C LYS B 789 101.98 44.43 96.45
N PRO B 790 101.22 43.41 96.91
CA PRO B 790 101.48 42.03 96.49
C PRO B 790 100.93 41.67 95.13
N SER B 791 100.16 42.56 94.49
CA SER B 791 99.61 42.30 93.17
C SER B 791 100.54 42.72 92.04
N LYS B 792 101.70 43.32 92.37
CA LYS B 792 102.68 43.82 91.41
C LYS B 792 102.05 44.80 90.41
N ARG B 793 101.23 45.71 90.94
CA ARG B 793 100.48 46.64 90.12
C ARG B 793 100.71 48.07 90.58
N SER B 794 100.74 48.99 89.61
CA SER B 794 100.75 50.41 89.90
C SER B 794 99.38 50.83 90.45
N PRO B 795 99.31 51.93 91.20
CA PRO B 795 98.01 52.37 91.74
C PRO B 795 96.97 52.68 90.68
N ILE B 796 97.38 53.15 89.50
CA ILE B 796 96.41 53.49 88.45
C ILE B 796 95.74 52.22 87.91
N GLU B 797 96.53 51.21 87.56
CA GLU B 797 95.96 49.98 87.04
C GLU B 797 95.25 49.17 88.11
N ASP B 798 95.71 49.28 89.37
CA ASP B 798 94.96 48.70 90.49
C ASP B 798 93.61 49.39 90.66
N LEU B 799 93.58 50.71 90.49
CA LEU B 799 92.34 51.48 90.60
C LEU B 799 91.35 51.09 89.50
N LEU B 800 91.83 50.96 88.26
CA LEU B 800 90.91 50.60 87.18
C LEU B 800 90.50 49.14 87.28
N PHE B 801 91.38 48.28 87.81
CA PHE B 801 91.00 46.89 88.08
C PHE B 801 89.92 46.82 89.16
N ASN B 802 89.99 47.70 90.16
CA ASN B 802 88.96 47.76 91.19
C ASN B 802 87.65 48.34 90.68
N LYS B 803 87.65 48.97 89.51
CA LYS B 803 86.46 49.58 88.93
C LYS B 803 85.80 48.73 87.85
N VAL B 804 86.28 47.50 87.65
CA VAL B 804 85.74 46.60 86.63
C VAL B 804 85.08 45.42 87.34
N THR B 805 83.81 45.19 87.08
CA THR B 805 83.08 44.08 87.66
C THR B 805 82.68 43.06 86.60
N ASN B 834 72.11 23.02 81.04
CA ASN B 834 73.25 23.90 80.87
C ASN B 834 74.25 23.31 79.88
N GLY B 835 75.54 23.58 80.11
CA GLY B 835 76.57 23.05 79.25
C GLY B 835 77.44 24.11 78.60
N LEU B 836 77.53 25.28 79.23
CA LEU B 836 78.37 26.37 78.75
C LEU B 836 79.56 26.54 79.68
N THR B 837 80.72 26.81 79.10
CA THR B 837 81.94 27.03 79.86
C THR B 837 82.68 28.23 79.30
N VAL B 838 83.49 28.85 80.16
CA VAL B 838 84.30 30.01 79.79
C VAL B 838 85.76 29.57 79.83
N LEU B 839 86.40 29.54 78.66
CA LEU B 839 87.81 29.19 78.61
C LEU B 839 88.65 30.33 79.14
N PRO B 840 89.56 30.05 80.07
CA PRO B 840 90.43 31.10 80.61
C PRO B 840 91.45 31.55 79.56
N PRO B 841 91.83 32.82 79.57
CA PRO B 841 92.81 33.30 78.58
C PRO B 841 94.19 32.73 78.87
N LEU B 842 95.01 32.64 77.81
CA LEU B 842 96.39 32.22 77.96
C LEU B 842 97.18 33.26 78.75
N LEU B 843 96.86 34.53 78.56
CA LEU B 843 97.53 35.63 79.27
C LEU B 843 96.56 36.22 80.29
N THR B 844 96.84 36.00 81.57
CA THR B 844 96.05 36.62 82.63
C THR B 844 96.63 38.01 82.95
N ASP B 845 96.16 38.60 84.05
CA ASP B 845 96.52 39.99 84.36
C ASP B 845 97.99 40.14 84.75
N GLU B 846 98.59 39.12 85.36
CA GLU B 846 99.91 39.30 85.96
C GLU B 846 101.00 39.47 84.91
N MET B 847 101.06 38.59 83.90
CA MET B 847 102.14 38.71 82.94
C MET B 847 101.90 39.84 81.95
N ILE B 848 100.64 40.18 81.66
CA ILE B 848 100.43 41.35 80.81
C ILE B 848 100.77 42.63 81.56
N ALA B 849 100.57 42.64 82.89
CA ALA B 849 101.07 43.73 83.71
C ALA B 849 102.58 43.80 83.66
N GLN B 850 103.24 42.64 83.65
CA GLN B 850 104.70 42.61 83.52
C GLN B 850 105.16 43.11 82.16
N TYR B 851 104.45 42.77 81.08
CA TYR B 851 104.77 43.32 79.76
C TYR B 851 104.60 44.83 79.73
N THR B 852 103.53 45.35 80.32
CA THR B 852 103.33 46.80 80.35
C THR B 852 104.41 47.48 81.17
N SER B 853 104.81 46.88 82.30
CA SER B 853 105.88 47.44 83.11
C SER B 853 107.21 47.44 82.37
N ALA B 854 107.52 46.34 81.67
CA ALA B 854 108.76 46.27 80.91
C ALA B 854 108.77 47.29 79.77
N LEU B 855 107.63 47.45 79.10
CA LEU B 855 107.55 48.43 78.01
C LEU B 855 107.65 49.86 78.52
N LEU B 856 107.05 50.14 79.69
CA LEU B 856 107.19 51.45 80.30
C LEU B 856 108.64 51.74 80.69
N ALA B 857 109.32 50.76 81.29
CA ALA B 857 110.72 50.95 81.65
C ALA B 857 111.60 51.13 80.42
N GLY B 858 111.35 50.35 79.37
CA GLY B 858 112.13 50.46 78.15
C GLY B 858 111.93 51.77 77.43
N THR B 859 110.70 52.29 77.44
CA THR B 859 110.47 53.59 76.79
C THR B 859 110.81 54.76 77.70
N ILE B 860 111.03 54.52 78.99
CA ILE B 860 111.54 55.57 79.87
C ILE B 860 113.05 55.70 79.75
N THR B 861 113.77 54.58 79.76
CA THR B 861 115.23 54.64 79.71
C THR B 861 115.79 54.70 78.30
N SER B 862 114.96 54.53 77.26
CA SER B 862 115.46 54.54 75.90
C SER B 862 114.63 55.34 74.91
N GLY B 863 113.39 55.70 75.23
CA GLY B 863 112.57 56.45 74.30
C GLY B 863 112.04 55.61 73.17
N TRP B 864 112.55 55.81 71.95
CA TRP B 864 112.13 55.04 70.80
C TRP B 864 113.26 54.24 70.16
N THR B 865 114.46 54.27 70.73
CA THR B 865 115.58 53.53 70.15
C THR B 865 115.44 52.02 70.37
N PHE B 866 114.79 51.62 71.47
CA PHE B 866 114.60 50.20 71.75
C PHE B 866 113.54 49.56 70.86
N GLY B 867 112.66 50.36 70.24
CA GLY B 867 111.69 49.84 69.30
C GLY B 867 112.21 49.63 67.91
N ALA B 868 113.48 49.96 67.65
CA ALA B 868 114.10 49.74 66.36
C ALA B 868 115.31 48.83 66.42
N GLY B 869 115.60 48.23 67.59
CA GLY B 869 116.74 47.37 67.74
C GLY B 869 117.16 47.27 69.19
N PRO B 870 118.47 47.34 69.43
CA PRO B 870 118.96 47.32 70.82
C PRO B 870 118.61 48.61 71.56
N ALA B 871 118.47 48.50 72.88
CA ALA B 871 118.10 49.63 73.71
C ALA B 871 119.32 50.50 73.99
N LEU B 872 119.17 51.81 73.78
CA LEU B 872 120.21 52.80 74.05
C LEU B 872 119.80 53.59 75.27
N GLN B 873 120.68 53.66 76.27
CA GLN B 873 120.36 54.35 77.51
C GLN B 873 120.32 55.86 77.29
N ILE B 874 119.11 56.42 77.35
CA ILE B 874 118.90 57.85 77.13
C ILE B 874 118.15 58.43 78.33
N PRO B 875 118.72 59.40 79.04
CA PRO B 875 118.01 60.02 80.16
C PRO B 875 116.85 60.89 79.69
N PHE B 876 115.99 61.24 80.64
CA PHE B 876 114.71 61.88 80.32
C PHE B 876 114.80 63.29 79.72
N PRO B 877 115.60 64.24 80.23
CA PRO B 877 115.49 65.62 79.70
C PRO B 877 115.91 65.81 78.25
N MET B 878 117.00 65.16 77.81
CA MET B 878 117.41 65.35 76.42
C MET B 878 116.49 64.61 75.45
N GLN B 879 115.86 63.53 75.88
CA GLN B 879 114.87 62.92 74.99
C GLN B 879 113.56 63.71 74.96
N MET B 880 113.21 64.42 76.05
CA MET B 880 112.12 65.38 75.96
C MET B 880 112.47 66.51 75.00
N ALA B 881 113.73 66.96 75.02
CA ALA B 881 114.18 67.96 74.05
C ALA B 881 114.13 67.42 72.63
N TYR B 882 114.47 66.13 72.44
CA TYR B 882 114.34 65.48 71.15
C TYR B 882 112.89 65.47 70.67
N ARG B 883 111.96 65.21 71.58
CA ARG B 883 110.55 65.18 71.20
C ARG B 883 110.03 66.58 70.89
N PHE B 884 110.51 67.60 71.62
CA PHE B 884 110.17 68.98 71.28
C PHE B 884 110.74 69.38 69.91
N ASN B 885 111.95 68.91 69.59
CA ASN B 885 112.49 69.13 68.26
C ASN B 885 111.68 68.40 67.20
N GLY B 886 111.14 67.22 67.54
CA GLY B 886 110.29 66.50 66.62
C GLY B 886 108.96 67.20 66.35
N ILE B 887 108.41 67.86 67.36
CA ILE B 887 107.14 68.57 67.19
C ILE B 887 107.38 69.99 66.72
N GLY B 888 108.63 70.33 66.42
CA GLY B 888 108.94 71.62 65.83
C GLY B 888 109.27 72.74 66.79
N VAL B 889 109.78 72.42 67.98
CA VAL B 889 110.17 73.41 68.98
C VAL B 889 111.66 73.27 69.24
N THR B 890 112.38 74.37 69.16
CA THR B 890 113.82 74.36 69.40
C THR B 890 114.13 73.98 70.84
N GLN B 891 115.19 73.20 71.02
CA GLN B 891 115.54 72.63 72.32
C GLN B 891 116.31 73.60 73.22
N ASN B 892 115.78 74.82 73.34
CA ASN B 892 116.35 75.83 74.21
C ASN B 892 115.35 76.38 75.23
N VAL B 893 114.09 75.98 75.16
CA VAL B 893 113.06 76.45 76.09
C VAL B 893 112.65 75.31 77.01
N LEU B 894 113.55 74.35 77.22
CA LEU B 894 113.31 73.22 78.11
C LEU B 894 114.13 73.32 79.39
N TYR B 895 115.45 73.51 79.28
CA TYR B 895 116.31 73.51 80.45
C TYR B 895 116.19 74.79 81.26
N GLU B 896 115.65 75.86 80.67
CA GLU B 896 115.45 77.10 81.41
C GLU B 896 114.29 77.00 82.38
N ASN B 897 113.29 76.17 82.08
CA ASN B 897 112.11 76.01 82.91
C ASN B 897 111.73 74.52 83.05
N GLN B 898 112.74 73.70 83.33
CA GLN B 898 112.52 72.25 83.47
C GLN B 898 111.66 71.94 84.69
N LYS B 899 111.84 72.70 85.77
CA LYS B 899 111.03 72.50 86.97
C LYS B 899 109.55 72.78 86.72
N LEU B 900 109.25 73.77 85.86
CA LEU B 900 107.87 74.04 85.49
C LEU B 900 107.24 72.86 84.77
N ILE B 901 107.98 72.26 83.83
CA ILE B 901 107.47 71.10 83.10
C ILE B 901 107.28 69.91 84.03
N ALA B 902 108.22 69.70 84.96
CA ALA B 902 108.10 68.59 85.90
C ALA B 902 106.90 68.78 86.83
N ASN B 903 106.70 70.01 87.33
CA ASN B 903 105.56 70.30 88.18
C ASN B 903 104.24 70.15 87.43
N GLN B 904 104.19 70.60 86.17
CA GLN B 904 102.98 70.43 85.38
C GLN B 904 102.71 68.96 85.08
N PHE B 905 103.75 68.16 84.83
CA PHE B 905 103.56 66.73 84.60
C PHE B 905 103.03 66.04 85.86
N ASN B 906 103.57 66.39 87.03
CA ASN B 906 103.09 65.80 88.28
C ASN B 906 101.66 66.22 88.57
N SER B 907 101.34 67.49 88.32
CA SER B 907 99.98 67.98 88.53
C SER B 907 99.00 67.32 87.57
N ALA B 908 99.41 67.10 86.31
CA ALA B 908 98.53 66.44 85.35
C ALA B 908 98.32 64.97 85.70
N ILE B 909 99.36 64.30 86.21
CA ILE B 909 99.22 62.93 86.66
C ILE B 909 98.25 62.85 87.85
N GLY B 910 98.40 63.77 88.80
CA GLY B 910 97.47 63.80 89.93
C GLY B 910 96.04 64.10 89.51
N LYS B 911 95.86 65.04 88.58
CA LYS B 911 94.52 65.38 88.11
C LYS B 911 93.87 64.24 87.35
N ILE B 912 94.63 63.53 86.50
CA ILE B 912 94.04 62.43 85.78
C ILE B 912 93.77 61.25 86.70
N GLN B 913 94.59 61.06 87.75
CA GLN B 913 94.29 60.03 88.74
C GLN B 913 93.02 60.36 89.51
N ASP B 914 92.84 61.63 89.90
CA ASP B 914 91.63 62.03 90.60
C ASP B 914 90.41 61.95 89.68
N SER B 915 90.58 62.22 88.38
CA SER B 915 89.48 62.09 87.44
C SER B 915 89.07 60.64 87.23
N LEU B 916 90.05 59.72 87.17
CA LEU B 916 89.70 58.30 87.07
C LEU B 916 89.07 57.78 88.35
N SER B 917 89.54 58.25 89.50
CA SER B 917 89.00 57.79 90.78
C SER B 917 87.70 58.47 91.17
N SER B 918 87.32 59.57 90.51
CA SER B 918 86.12 60.30 90.89
C SER B 918 84.87 59.67 90.25
N THR B 919 84.82 59.63 88.93
CA THR B 919 83.66 59.12 88.23
C THR B 919 83.61 57.60 88.32
N PRO B 920 82.54 57.02 88.85
CA PRO B 920 82.47 55.54 88.91
C PRO B 920 82.22 54.89 87.57
N SER B 921 81.61 55.60 86.63
CA SER B 921 81.30 55.07 85.30
C SER B 921 82.05 55.91 84.26
N ALA B 922 83.28 55.50 83.96
CA ALA B 922 84.10 56.20 82.98
C ALA B 922 84.61 55.24 81.91
N LEU B 923 84.78 53.97 82.27
CA LEU B 923 85.24 52.95 81.35
C LEU B 923 84.05 52.49 80.52
N GLY B 924 83.85 53.11 79.37
CA GLY B 924 82.70 52.85 78.53
C GLY B 924 82.69 51.50 77.84
N LYS B 925 83.61 51.31 76.89
CA LYS B 925 83.58 50.11 76.05
C LYS B 925 84.05 48.87 76.79
N LEU B 926 84.94 49.03 77.78
CA LEU B 926 85.44 47.88 78.53
C LEU B 926 84.34 47.19 79.33
N GLN B 927 83.47 47.98 79.97
CA GLN B 927 82.31 47.40 80.63
C GLN B 927 81.24 46.98 79.62
N ASP B 928 81.17 47.68 78.48
CA ASP B 928 80.16 47.39 77.47
C ASP B 928 80.34 46.01 76.85
N VAL B 929 81.59 45.61 76.59
CA VAL B 929 81.87 44.29 76.02
C VAL B 929 81.45 43.19 77.00
N VAL B 930 81.78 43.37 78.27
CA VAL B 930 81.42 42.39 79.30
C VAL B 930 79.92 42.31 79.47
N ASN B 931 79.23 43.45 79.44
CA ASN B 931 77.77 43.46 79.57
C ASN B 931 77.10 42.78 78.39
N HIS B 932 77.60 43.02 77.17
CA HIS B 932 77.04 42.36 76.00
C HIS B 932 77.27 40.85 76.05
N ASN B 933 78.46 40.42 76.48
CA ASN B 933 78.75 38.98 76.59
C ASN B 933 77.86 38.34 77.65
N ALA B 934 77.67 39.01 78.78
CA ALA B 934 76.79 38.49 79.83
C ALA B 934 75.34 38.41 79.36
N GLN B 935 74.89 39.41 78.61
CA GLN B 935 73.53 39.40 78.08
C GLN B 935 73.36 38.26 77.07
N ALA B 936 74.39 37.99 76.27
CA ALA B 936 74.31 36.92 75.29
C ALA B 936 74.29 35.54 75.95
N LEU B 937 75.12 35.34 76.98
CA LEU B 937 75.11 34.05 77.68
C LEU B 937 73.81 33.86 78.46
N ASN B 938 73.26 34.94 79.02
CA ASN B 938 71.94 34.85 79.64
C ASN B 938 70.86 34.59 78.61
N THR B 939 71.03 35.12 77.39
CA THR B 939 70.08 34.86 76.32
C THR B 939 70.05 33.37 75.95
N LEU B 940 71.23 32.76 75.83
CA LEU B 940 71.25 31.33 75.51
C LEU B 940 70.76 30.48 76.70
N VAL B 941 71.01 30.95 77.92
CA VAL B 941 70.54 30.21 79.10
C VAL B 941 69.02 30.21 79.18
N LYS B 942 68.40 31.39 78.96
CA LYS B 942 66.95 31.50 79.08
C LYS B 942 66.20 30.83 77.92
N GLN B 943 66.90 30.46 76.84
CA GLN B 943 66.25 29.74 75.75
C GLN B 943 66.05 28.26 76.04
N LEU B 944 66.61 27.73 77.13
CA LEU B 944 66.43 26.32 77.45
C LEU B 944 65.01 26.03 77.92
N SER B 945 64.32 27.03 78.47
CA SER B 945 62.95 26.87 78.95
C SER B 945 61.92 27.13 77.86
N SER B 946 62.34 27.44 76.64
CA SER B 946 61.43 27.69 75.53
C SER B 946 60.81 26.39 75.07
N LYS B 947 59.49 26.40 74.87
CA LYS B 947 58.78 25.18 74.50
C LYS B 947 59.02 24.81 73.04
N PHE B 948 59.15 25.81 72.16
CA PHE B 948 59.32 25.63 70.70
C PHE B 948 58.18 24.81 70.10
N GLY B 949 56.96 24.99 70.61
CA GLY B 949 55.81 24.28 70.09
C GLY B 949 55.71 22.82 70.47
N ALA B 950 56.55 22.36 71.40
CA ALA B 950 56.55 20.97 71.82
C ALA B 950 55.56 20.77 72.97
N ILE B 951 55.61 19.60 73.61
CA ILE B 951 54.72 19.32 74.73
C ILE B 951 55.32 19.82 76.04
N SER B 952 56.55 19.40 76.34
CA SER B 952 57.22 19.81 77.56
C SER B 952 58.66 20.23 77.22
N SER B 953 59.14 21.24 77.94
CA SER B 953 60.49 21.76 77.73
C SER B 953 61.56 20.84 78.33
N VAL B 954 61.23 20.11 79.38
CA VAL B 954 62.19 19.21 80.01
C VAL B 954 62.38 17.98 79.12
N LEU B 955 63.64 17.64 78.83
CA LEU B 955 63.92 16.54 77.91
C LEU B 955 63.54 15.20 78.52
N ASN B 956 63.84 15.01 79.81
CA ASN B 956 63.59 13.73 80.46
C ASN B 956 62.11 13.41 80.54
N ASP B 957 61.25 14.43 80.70
CA ASP B 957 59.81 14.20 80.65
C ASP B 957 59.38 13.73 79.27
N ILE B 958 59.95 14.29 78.21
CA ILE B 958 59.63 13.86 76.85
C ILE B 958 60.07 12.41 76.63
N LEU B 959 61.27 12.06 77.11
CA LEU B 959 61.78 10.70 76.90
C LEU B 959 61.08 9.67 77.78
N SER B 960 60.55 10.07 78.94
CA SER B 960 59.92 9.13 79.86
C SER B 960 58.40 9.20 79.85
N ARG B 961 57.81 10.03 79.00
CA ARG B 961 56.35 10.15 78.96
C ARG B 961 55.72 9.72 77.63
N LEU B 962 56.46 9.71 76.53
CA LEU B 962 55.86 9.55 75.21
C LEU B 962 56.53 8.40 74.46
N ASP B 963 55.73 7.75 73.60
CA ASP B 963 56.22 6.71 72.71
C ASP B 963 57.10 7.30 71.61
N PRO B 964 58.13 6.56 71.19
CA PRO B 964 59.07 7.07 70.17
C PRO B 964 58.45 7.41 68.82
N PRO B 965 57.32 6.79 68.40
CA PRO B 965 56.63 7.32 67.19
C PRO B 965 56.28 8.81 67.22
N GLU B 966 55.83 9.34 68.35
CA GLU B 966 55.57 10.78 68.44
C GLU B 966 56.70 11.52 69.15
N ALA B 967 57.48 10.81 69.97
CA ALA B 967 58.67 11.42 70.54
C ALA B 967 59.69 11.78 69.47
N GLU B 968 59.66 11.08 68.33
CA GLU B 968 60.55 11.42 67.23
C GLU B 968 60.29 12.83 66.72
N VAL B 969 59.02 13.16 66.48
CA VAL B 969 58.71 14.50 65.97
C VAL B 969 58.82 15.54 67.08
N GLN B 970 58.58 15.16 68.34
CA GLN B 970 58.80 16.09 69.44
C GLN B 970 60.28 16.47 69.56
N ILE B 971 61.17 15.48 69.52
CA ILE B 971 62.61 15.74 69.54
C ILE B 971 63.03 16.51 68.30
N ASP B 972 62.44 16.21 67.14
CA ASP B 972 62.79 16.94 65.92
C ASP B 972 62.48 18.42 66.04
N ARG B 973 61.28 18.74 66.59
CA ARG B 973 60.92 20.14 66.81
C ARG B 973 61.85 20.81 67.82
N LEU B 974 62.18 20.12 68.91
CA LEU B 974 63.05 20.71 69.93
C LEU B 974 64.45 20.96 69.39
N ILE B 975 65.01 19.99 68.66
CA ILE B 975 66.35 20.14 68.09
C ILE B 975 66.38 21.23 67.03
N THR B 976 65.33 21.34 66.20
CA THR B 976 65.39 22.36 65.17
C THR B 976 65.23 23.77 65.76
N GLY B 977 64.39 23.93 66.80
CA GLY B 977 64.28 25.23 67.45
C GLY B 977 65.55 25.65 68.16
N ARG B 978 66.12 24.74 68.95
CA ARG B 978 67.40 25.06 69.60
C ARG B 978 68.52 25.17 68.59
N LEU B 979 68.36 24.59 67.40
CA LEU B 979 69.36 24.70 66.35
C LEU B 979 69.35 26.09 65.74
N GLN B 980 68.15 26.65 65.46
CA GLN B 980 68.12 28.04 65.01
C GLN B 980 68.63 28.98 66.10
N SER B 981 68.32 28.68 67.36
CA SER B 981 68.81 29.53 68.46
C SER B 981 70.34 29.50 68.57
N LEU B 982 70.94 28.31 68.47
CA LEU B 982 72.40 28.17 68.54
C LEU B 982 73.08 28.79 67.33
N GLN B 983 72.50 28.62 66.14
CA GLN B 983 73.05 29.25 64.94
C GLN B 983 73.01 30.77 65.04
N THR B 984 71.92 31.27 65.59
CA THR B 984 71.84 32.69 65.77
C THR B 984 72.98 33.09 66.67
N TYR B 985 73.04 32.43 67.80
CA TYR B 985 74.04 32.80 68.76
C TYR B 985 75.35 32.96 68.09
N VAL B 986 75.82 31.89 67.49
CA VAL B 986 77.15 31.94 66.92
C VAL B 986 77.38 33.18 66.09
N THR B 987 76.41 33.57 65.31
CA THR B 987 76.65 34.68 64.41
C THR B 987 77.23 35.87 65.12
N GLN B 988 76.40 36.50 65.93
CA GLN B 988 76.85 37.69 66.60
C GLN B 988 78.11 37.35 67.32
N GLN B 989 78.31 36.10 67.63
CA GLN B 989 79.49 35.82 68.37
C GLN B 989 80.57 36.24 67.44
N LEU B 990 80.49 35.73 66.22
CA LEU B 990 81.50 36.04 65.25
C LEU B 990 81.49 37.52 65.03
N ILE B 991 80.31 38.06 64.79
CA ILE B 991 80.23 39.46 64.50
C ILE B 991 80.95 40.21 65.58
N ARG B 992 80.46 40.00 66.80
CA ARG B 992 81.07 40.70 67.91
C ARG B 992 82.57 40.46 67.96
N ALA B 993 83.01 39.24 67.61
CA ALA B 993 84.44 38.97 67.52
C ALA B 993 85.09 39.70 66.36
N ALA B 994 84.35 39.92 65.27
CA ALA B 994 84.86 40.74 64.17
C ALA B 994 85.07 42.18 64.62
N GLU B 995 84.11 42.73 65.36
CA GLU B 995 84.27 44.07 65.92
C GLU B 995 85.44 44.13 66.89
N ILE B 996 85.59 43.07 67.70
CA ILE B 996 86.69 43.00 68.67
C ILE B 996 88.04 42.93 67.97
N ARG B 997 88.18 42.14 66.90
CA ARG B 997 89.46 42.07 66.21
C ARG B 997 89.75 43.37 65.46
N ALA B 998 88.71 44.06 64.98
CA ALA B 998 88.93 45.38 64.38
C ALA B 998 89.45 46.37 65.42
N SER B 999 88.85 46.38 66.61
CA SER B 999 89.32 47.25 67.69
C SER B 999 90.73 46.84 68.14
N ALA B 1000 91.02 45.54 68.14
CA ALA B 1000 92.35 45.07 68.54
C ALA B 1000 93.41 45.44 67.51
N ASN B 1001 93.07 45.40 66.22
CA ASN B 1001 94.00 45.85 65.19
C ASN B 1001 94.25 47.34 65.30
N LEU B 1002 93.20 48.11 65.59
CA LEU B 1002 93.38 49.55 65.83
C LEU B 1002 94.25 49.80 67.06
N ALA B 1003 94.05 49.00 68.12
CA ALA B 1003 94.85 49.15 69.33
C ALA B 1003 96.30 48.77 69.08
N ALA B 1004 96.54 47.75 68.24
CA ALA B 1004 97.91 47.37 67.90
C ALA B 1004 98.60 48.45 67.08
N THR B 1005 97.88 49.06 66.14
CA THR B 1005 98.43 50.16 65.37
C THR B 1005 98.77 51.35 66.26
N LYS B 1006 97.86 51.70 67.18
CA LYS B 1006 98.11 52.79 68.11
C LYS B 1006 99.28 52.47 69.05
N MET B 1007 99.36 51.20 69.49
CA MET B 1007 100.42 50.77 70.39
C MET B 1007 101.78 50.84 69.71
N SER B 1008 101.82 50.45 68.44
CA SER B 1008 103.10 50.43 67.73
C SER B 1008 103.69 51.82 67.53
N GLU B 1009 103.12 52.60 66.63
CA GLU B 1009 103.69 53.91 66.31
C GLU B 1009 103.70 54.91 67.46
N CYS B 1010 102.56 55.09 68.13
CA CYS B 1010 102.47 56.09 69.19
C CYS B 1010 103.37 55.78 70.39
N VAL B 1011 103.48 54.52 70.76
CA VAL B 1011 104.28 54.14 71.92
C VAL B 1011 105.74 53.88 71.55
N LEU B 1012 105.96 53.00 70.58
CA LEU B 1012 107.32 52.65 70.19
C LEU B 1012 107.95 53.78 69.39
N GLY B 1013 107.29 54.93 69.36
CA GLY B 1013 107.81 56.07 68.61
C GLY B 1013 107.03 57.34 68.89
N GLN B 1014 107.06 58.28 67.96
CA GLN B 1014 106.35 59.55 68.11
C GLN B 1014 105.59 59.83 66.82
N SER B 1015 104.30 60.14 66.96
CA SER B 1015 103.43 60.42 65.82
C SER B 1015 103.36 61.94 65.62
N LYS B 1016 103.91 62.42 64.51
CA LYS B 1016 103.88 63.85 64.22
C LYS B 1016 102.54 64.29 63.64
N ARG B 1017 101.70 63.36 63.22
CA ARG B 1017 100.40 63.72 62.64
C ARG B 1017 99.47 64.25 63.72
N VAL B 1018 98.64 65.21 63.34
CA VAL B 1018 97.80 65.93 64.30
C VAL B 1018 96.58 65.07 64.65
N ASP B 1019 96.29 64.98 65.95
CA ASP B 1019 95.07 64.36 66.50
C ASP B 1019 95.00 62.88 66.14
N PHE B 1020 96.01 62.12 66.58
CA PHE B 1020 95.97 60.67 66.56
C PHE B 1020 96.07 60.05 67.94
N CYS B 1021 96.91 60.61 68.81
CA CYS B 1021 97.05 60.16 70.21
C CYS B 1021 96.98 61.40 71.09
N GLY B 1022 95.77 61.77 71.48
CA GLY B 1022 95.57 62.93 72.33
C GLY B 1022 95.12 64.15 71.54
N LYS B 1023 94.47 65.08 72.25
CA LYS B 1023 93.98 66.31 71.64
C LYS B 1023 95.07 67.37 71.72
N GLY B 1024 95.88 67.42 70.67
CA GLY B 1024 96.97 68.36 70.57
C GLY B 1024 98.18 67.70 69.97
N TYR B 1025 99.32 68.37 70.09
CA TYR B 1025 100.58 67.79 69.64
C TYR B 1025 100.98 66.65 70.56
N HIS B 1026 101.31 65.51 69.97
CA HIS B 1026 101.61 64.29 70.71
C HIS B 1026 103.07 64.31 71.15
N LEU B 1027 103.30 64.16 72.45
CA LEU B 1027 104.64 64.01 73.00
C LEU B 1027 104.97 62.56 73.31
N MET B 1028 104.18 61.92 74.17
CA MET B 1028 104.41 60.54 74.55
C MET B 1028 103.12 59.97 75.12
N SER B 1029 102.90 58.67 74.92
CA SER B 1029 101.77 57.96 75.50
C SER B 1029 102.30 56.81 76.36
N PHE B 1030 101.76 56.70 77.57
CA PHE B 1030 102.16 55.65 78.49
C PHE B 1030 101.04 54.64 78.65
N PRO B 1031 101.24 53.39 78.25
CA PRO B 1031 100.17 52.39 78.36
C PRO B 1031 100.06 51.80 79.76
N GLN B 1032 98.86 51.29 80.04
CA GLN B 1032 98.57 50.62 81.30
C GLN B 1032 97.85 49.30 81.03
N SER B 1033 98.08 48.32 81.90
CA SER B 1033 97.47 47.01 81.78
C SER B 1033 96.03 47.07 82.29
N ALA B 1034 95.11 46.55 81.49
CA ALA B 1034 93.69 46.53 81.83
C ALA B 1034 93.13 45.14 81.59
N PRO B 1035 92.12 44.74 82.35
CA PRO B 1035 91.46 43.45 82.09
C PRO B 1035 90.63 43.53 80.81
N HIS B 1036 90.92 42.60 79.88
CA HIS B 1036 90.24 42.49 78.58
C HIS B 1036 90.33 43.78 77.78
N GLY B 1037 91.45 44.49 77.90
CA GLY B 1037 91.61 45.74 77.19
C GLY B 1037 92.92 46.41 77.55
N VAL B 1038 93.05 47.67 77.13
CA VAL B 1038 94.24 48.47 77.38
C VAL B 1038 93.83 49.93 77.48
N VAL B 1039 94.56 50.69 78.29
CA VAL B 1039 94.26 52.10 78.53
C VAL B 1039 95.54 52.90 78.32
N PHE B 1040 95.45 53.94 77.49
CA PHE B 1040 96.57 54.81 77.19
C PHE B 1040 96.52 56.09 78.02
N LEU B 1041 97.69 56.67 78.24
CA LEU B 1041 97.84 57.95 78.95
C LEU B 1041 98.57 58.89 78.01
N HIS B 1042 97.80 59.63 77.20
CA HIS B 1042 98.36 60.51 76.17
C HIS B 1042 98.86 61.79 76.83
N VAL B 1043 100.18 61.89 77.00
CA VAL B 1043 100.81 63.12 77.47
C VAL B 1043 101.04 64.01 76.25
N THR B 1044 100.29 65.11 76.15
CA THR B 1044 100.28 65.93 74.95
C THR B 1044 100.85 67.31 75.24
N TYR B 1045 101.10 68.05 74.16
CA TYR B 1045 101.62 69.41 74.21
C TYR B 1045 100.54 70.36 73.70
N VAL B 1046 100.14 71.31 74.55
CA VAL B 1046 99.07 72.25 74.23
C VAL B 1046 99.57 73.66 74.53
N PRO B 1047 99.63 74.56 73.54
CA PRO B 1047 100.01 75.94 73.82
C PRO B 1047 98.85 76.73 74.41
N ALA B 1048 99.19 77.87 75.01
CA ALA B 1048 98.22 78.75 75.63
C ALA B 1048 98.78 80.15 75.70
N GLN B 1049 97.93 81.09 76.14
CA GLN B 1049 98.28 82.49 76.37
C GLN B 1049 98.82 83.15 75.09
N GLU B 1050 97.93 83.24 74.10
CA GLU B 1050 98.28 83.84 72.82
C GLU B 1050 98.43 85.35 72.96
N LYS B 1051 99.17 85.94 72.03
CA LYS B 1051 99.43 87.37 72.02
C LYS B 1051 99.37 87.88 70.58
N ASN B 1052 98.75 89.06 70.41
CA ASN B 1052 98.63 89.66 69.09
C ASN B 1052 99.96 90.27 68.65
N PHE B 1053 100.25 90.13 67.36
CA PHE B 1053 101.49 90.66 66.80
C PHE B 1053 101.24 91.12 65.36
N THR B 1054 102.15 91.96 64.87
CA THR B 1054 102.11 92.45 63.49
C THR B 1054 103.24 91.79 62.72
N THR B 1055 102.92 91.20 61.57
CA THR B 1055 103.88 90.42 60.79
C THR B 1055 103.95 90.92 59.36
N ALA B 1056 104.91 90.37 58.62
CA ALA B 1056 105.08 90.62 57.20
C ALA B 1056 105.84 89.45 56.60
N PRO B 1057 105.60 89.10 55.33
CA PRO B 1057 106.27 87.94 54.73
C PRO B 1057 107.77 88.13 54.54
N ALA B 1058 108.18 89.26 53.96
CA ALA B 1058 109.57 89.49 53.61
C ALA B 1058 110.04 90.85 54.11
N ILE B 1059 111.35 90.96 54.29
CA ILE B 1059 112.00 92.19 54.73
C ILE B 1059 112.95 92.65 53.63
N CYS B 1060 112.82 93.90 53.22
CA CYS B 1060 113.62 94.47 52.15
C CYS B 1060 114.85 95.15 52.72
N HIS B 1061 116.01 94.89 52.10
CA HIS B 1061 117.27 95.49 52.54
C HIS B 1061 118.20 95.59 51.34
N ASP B 1062 118.49 96.81 50.91
CA ASP B 1062 119.43 97.12 49.82
C ASP B 1062 119.01 96.44 48.51
N GLY B 1063 117.71 96.38 48.25
CA GLY B 1063 117.19 95.90 46.99
C GLY B 1063 117.00 94.40 46.88
N LYS B 1064 117.38 93.64 47.91
CA LYS B 1064 117.21 92.19 47.90
C LYS B 1064 116.26 91.77 49.02
N ALA B 1065 115.38 90.83 48.71
CA ALA B 1065 114.43 90.33 49.69
C ALA B 1065 115.10 89.35 50.64
N HIS B 1066 114.55 89.24 51.84
CA HIS B 1066 115.05 88.32 52.86
C HIS B 1066 113.91 87.41 53.33
N PHE B 1067 114.24 86.14 53.53
CA PHE B 1067 113.25 85.15 53.96
C PHE B 1067 113.81 84.33 55.11
N PRO B 1068 112.98 83.95 56.07
CA PRO B 1068 113.45 83.11 57.18
C PRO B 1068 113.54 81.65 56.75
N ARG B 1069 114.52 80.95 57.31
CA ARG B 1069 114.65 79.52 57.05
C ARG B 1069 113.55 78.73 57.76
N GLU B 1070 113.32 79.04 59.04
CA GLU B 1070 112.39 78.26 59.85
C GLU B 1070 111.44 79.10 60.70
N GLY B 1071 111.66 80.40 60.85
CA GLY B 1071 110.82 81.19 61.72
C GLY B 1071 109.86 82.11 60.99
N VAL B 1072 109.37 83.14 61.67
CA VAL B 1072 108.44 84.11 61.10
C VAL B 1072 108.80 85.48 61.64
N PHE B 1073 108.72 86.49 60.76
CA PHE B 1073 109.05 87.86 61.12
C PHE B 1073 107.91 88.42 61.95
N VAL B 1074 108.17 88.60 63.25
CA VAL B 1074 107.16 89.09 64.20
C VAL B 1074 107.61 90.45 64.71
N SER B 1075 106.74 91.45 64.58
CA SER B 1075 107.03 92.81 65.01
C SER B 1075 106.00 93.26 66.03
N ASN B 1076 106.47 93.97 67.07
CA ASN B 1076 105.61 94.53 68.09
C ASN B 1076 105.35 96.02 67.88
N GLY B 1077 105.51 96.50 66.65
CA GLY B 1077 105.20 97.86 66.29
C GLY B 1077 106.40 98.78 66.14
N THR B 1078 107.55 98.42 66.70
CA THR B 1078 108.74 99.25 66.59
C THR B 1078 109.90 98.53 65.91
N HIS B 1079 110.22 97.31 66.31
CA HIS B 1079 111.31 96.55 65.75
C HIS B 1079 110.81 95.20 65.25
N TRP B 1080 111.66 94.52 64.49
CA TRP B 1080 111.30 93.25 63.86
C TRP B 1080 112.19 92.14 64.39
N PHE B 1081 111.58 91.03 64.77
CA PHE B 1081 112.29 89.86 65.29
C PHE B 1081 111.73 88.60 64.64
N VAL B 1082 112.55 87.56 64.63
CA VAL B 1082 112.17 86.25 64.11
C VAL B 1082 112.00 85.29 65.28
N THR B 1083 110.85 84.61 65.33
CA THR B 1083 110.54 83.66 66.38
C THR B 1083 110.10 82.35 65.76
N GLN B 1084 110.25 81.27 66.52
CA GLN B 1084 109.73 79.97 66.08
C GLN B 1084 108.21 79.96 66.14
N ARG B 1085 107.61 79.09 65.34
CA ARG B 1085 106.18 79.13 65.08
C ARG B 1085 105.33 78.59 66.23
N ASN B 1086 105.93 77.97 67.24
CA ASN B 1086 105.17 77.39 68.34
C ASN B 1086 105.49 78.00 69.70
N PHE B 1087 106.42 78.95 69.77
CA PHE B 1087 106.78 79.57 71.03
C PHE B 1087 107.35 80.96 70.75
N TYR B 1088 107.12 81.89 71.66
CA TYR B 1088 107.61 83.26 71.49
C TYR B 1088 109.05 83.35 72.01
N GLU B 1089 109.96 83.70 71.11
CA GLU B 1089 111.38 83.86 71.45
C GLU B 1089 112.01 84.83 70.47
N PRO B 1090 111.99 86.14 70.75
CA PRO B 1090 112.48 87.12 69.77
C PRO B 1090 113.99 87.10 69.66
N GLN B 1091 114.48 87.18 68.43
CA GLN B 1091 115.90 87.27 68.13
C GLN B 1091 116.14 88.34 67.08
N ILE B 1092 117.34 88.92 67.11
CA ILE B 1092 117.70 89.96 66.15
C ILE B 1092 117.85 89.34 64.77
N ILE B 1093 117.33 90.03 63.75
CA ILE B 1093 117.43 89.57 62.37
C ILE B 1093 118.89 89.59 61.93
N THR B 1094 119.40 88.42 61.54
CA THR B 1094 120.81 88.22 61.27
C THR B 1094 120.94 87.44 59.96
N THR B 1095 122.02 87.68 59.22
CA THR B 1095 122.20 87.07 57.91
C THR B 1095 122.45 85.57 57.96
N ASP B 1096 122.74 84.99 59.13
CA ASP B 1096 123.00 83.56 59.18
C ASP B 1096 121.73 82.73 59.11
N ASN B 1097 120.63 83.24 59.69
CA ASN B 1097 119.35 82.54 59.67
C ASN B 1097 118.36 83.19 58.71
N THR B 1098 118.86 83.92 57.71
CA THR B 1098 118.03 84.47 56.64
C THR B 1098 118.71 84.22 55.30
N PHE B 1099 117.90 83.97 54.28
CA PHE B 1099 118.39 83.72 52.93
C PHE B 1099 117.66 84.62 51.95
N VAL B 1100 118.34 84.95 50.85
CA VAL B 1100 117.83 85.90 49.88
C VAL B 1100 117.26 85.16 48.68
N SER B 1101 116.18 85.71 48.12
CA SER B 1101 115.55 85.16 46.92
C SER B 1101 114.75 86.27 46.25
N GLY B 1102 115.20 86.71 45.08
CA GLY B 1102 114.49 87.72 44.33
C GLY B 1102 114.79 89.14 44.80
N ASN B 1103 114.27 90.09 44.03
CA ASN B 1103 114.46 91.50 44.31
C ASN B 1103 113.30 92.02 45.17
N CYS B 1104 113.20 93.35 45.30
CA CYS B 1104 112.20 93.98 46.15
C CYS B 1104 110.97 94.43 45.38
N ASP B 1105 110.59 93.73 44.32
CA ASP B 1105 109.42 94.11 43.54
C ASP B 1105 108.43 92.97 43.32
N VAL B 1106 108.93 91.74 43.15
CA VAL B 1106 108.03 90.63 42.85
C VAL B 1106 107.22 90.23 44.08
N VAL B 1107 107.86 90.18 45.24
CA VAL B 1107 107.18 89.74 46.47
C VAL B 1107 106.28 90.86 46.98
N ILE B 1108 105.06 90.50 47.35
CA ILE B 1108 104.08 91.48 47.83
C ILE B 1108 104.09 91.50 49.36
N GLY B 1109 103.61 92.60 49.93
CA GLY B 1109 103.55 92.76 51.36
C GLY B 1109 104.89 92.94 52.04
N ILE B 1110 105.94 93.16 51.27
CA ILE B 1110 107.30 93.22 51.86
C ILE B 1110 107.49 94.41 52.77
N VAL B 1111 108.61 94.44 53.50
CA VAL B 1111 108.79 95.53 54.46
C VAL B 1111 110.16 96.17 54.38
N ASN B 1112 110.26 97.39 54.90
CA ASN B 1112 111.53 98.09 54.90
C ASN B 1112 112.17 98.06 56.28
N ASN B 1113 113.22 97.29 56.43
CA ASN B 1113 113.93 97.16 57.70
C ASN B 1113 115.37 96.77 57.42
N THR B 1114 116.28 97.27 58.26
CA THR B 1114 117.69 96.94 58.13
C THR B 1114 117.95 95.50 58.59
N VAL B 1115 119.03 94.92 58.07
CA VAL B 1115 119.43 93.56 58.40
C VAL B 1115 120.81 93.62 59.04
N TYR B 1116 120.93 93.07 60.23
CA TYR B 1116 122.19 93.10 60.97
C TYR B 1116 123.13 92.02 60.45
N ASP B 1117 124.31 92.44 60.00
CA ASP B 1117 125.35 91.52 59.55
C ASP B 1117 126.43 91.44 60.63
N PRO B 1118 126.64 90.29 61.25
CA PRO B 1118 127.60 90.22 62.37
C PRO B 1118 129.06 90.31 61.93
N LEU B 1119 129.37 90.10 60.65
CA LEU B 1119 130.75 90.14 60.21
C LEU B 1119 131.29 91.57 60.15
N GLN B 1120 130.41 92.55 59.88
CA GLN B 1120 130.85 93.93 59.77
C GLN B 1120 131.42 94.51 61.06
N PRO B 1121 130.80 94.37 62.25
CA PRO B 1121 131.49 94.84 63.47
C PRO B 1121 132.55 93.88 63.97
N GLU B 1122 132.49 92.60 63.60
CA GLU B 1122 133.53 91.66 64.01
C GLU B 1122 134.84 91.93 63.28
N LEU B 1123 134.77 92.41 62.04
CA LEU B 1123 135.97 92.79 61.31
C LEU B 1123 136.61 94.05 61.92
N ASP B 1124 135.79 94.94 62.46
CA ASP B 1124 136.30 96.16 63.10
C ASP B 1124 136.76 95.94 64.53
N SER B 1125 136.50 94.75 65.10
CA SER B 1125 136.90 94.46 66.47
C SER B 1125 137.88 93.29 66.52
N SER C 11 92.43 -20.69 77.68
CA SER C 11 93.59 -19.85 77.39
C SER C 11 93.16 -18.52 76.78
N TYR C 12 93.88 -17.46 77.12
CA TYR C 12 93.59 -16.11 76.62
C TYR C 12 94.79 -15.60 75.84
N THR C 13 94.50 -14.95 74.71
CA THR C 13 95.54 -14.39 73.85
C THR C 13 95.00 -13.10 73.23
N ASN C 14 95.77 -12.02 73.36
CA ASN C 14 95.33 -10.73 72.87
C ASN C 14 95.39 -10.67 71.34
N SER C 15 94.33 -10.14 70.75
CA SER C 15 94.27 -9.92 69.31
C SER C 15 94.84 -8.54 69.00
N PHE C 16 96.00 -8.51 68.35
CA PHE C 16 96.77 -7.29 68.16
C PHE C 16 96.06 -6.25 67.29
N THR C 17 95.88 -6.54 66.00
CA THR C 17 95.28 -5.58 65.09
C THR C 17 94.37 -6.18 64.03
N ARG C 18 94.10 -7.49 64.06
CA ARG C 18 93.32 -8.10 63.01
C ARG C 18 91.83 -7.90 63.25
N GLY C 19 91.03 -8.26 62.24
CA GLY C 19 89.59 -8.16 62.34
C GLY C 19 89.02 -6.88 61.75
N VAL C 20 89.40 -6.57 60.50
CA VAL C 20 88.90 -5.40 59.79
C VAL C 20 88.24 -5.89 58.50
N TYR C 21 86.97 -5.52 58.31
CA TYR C 21 86.21 -5.93 57.15
C TYR C 21 85.60 -4.71 56.49
N TYR C 22 85.21 -4.87 55.23
CA TYR C 22 84.59 -3.79 54.47
C TYR C 22 83.18 -3.54 54.99
N PRO C 23 82.85 -2.33 55.43
CA PRO C 23 81.48 -2.06 55.90
C PRO C 23 80.44 -2.04 54.80
N ASP C 24 80.84 -1.76 53.55
CA ASP C 24 79.91 -1.68 52.44
C ASP C 24 80.70 -1.97 51.16
N LYS C 25 79.97 -2.20 50.06
CA LYS C 25 80.58 -2.49 48.77
C LYS C 25 80.91 -1.23 47.98
N VAL C 26 81.07 -0.09 48.64
CA VAL C 26 81.33 1.17 47.96
C VAL C 26 82.84 1.32 47.77
N PHE C 27 83.25 1.57 46.53
CA PHE C 27 84.66 1.76 46.19
C PHE C 27 85.09 3.18 46.53
N ARG C 28 86.30 3.32 47.07
CA ARG C 28 86.87 4.61 47.36
C ARG C 28 88.36 4.59 47.03
N SER C 29 88.88 5.74 46.61
CA SER C 29 90.26 5.84 46.12
C SER C 29 91.00 6.92 46.91
N SER C 30 91.89 6.47 47.81
CA SER C 30 92.82 7.34 48.55
C SER C 30 92.11 8.41 49.37
N VAL C 31 90.97 8.04 49.97
CA VAL C 31 90.24 8.96 50.85
C VAL C 31 90.07 8.31 52.22
N LEU C 32 89.56 9.08 53.18
CA LEU C 32 89.28 8.58 54.52
C LEU C 32 87.77 8.60 54.72
N HIS C 33 87.21 7.45 55.12
CA HIS C 33 85.77 7.29 55.31
C HIS C 33 85.51 6.90 56.76
N SER C 34 84.74 7.71 57.47
CA SER C 34 84.33 7.41 58.83
C SER C 34 83.05 6.58 58.79
N THR C 35 83.06 5.42 59.45
CA THR C 35 81.94 4.50 59.43
C THR C 35 81.45 4.21 60.84
N GLN C 36 80.17 3.87 60.95
CA GLN C 36 79.53 3.52 62.22
C GLN C 36 78.88 2.16 62.04
N ASP C 37 79.61 1.10 62.36
CA ASP C 37 79.12 -0.26 62.20
C ASP C 37 79.79 -1.16 63.25
N LEU C 38 79.40 -2.42 63.32
CA LEU C 38 79.92 -3.35 64.32
C LEU C 38 81.22 -3.95 63.80
N PHE C 39 82.35 -3.53 64.36
CA PHE C 39 83.66 -4.06 64.01
C PHE C 39 84.28 -4.77 65.21
N LEU C 40 85.52 -5.23 65.03
CA LEU C 40 86.28 -5.85 66.10
C LEU C 40 87.25 -4.84 66.68
N PRO C 41 87.17 -4.53 67.97
CA PRO C 41 88.11 -3.57 68.56
C PRO C 41 89.53 -4.11 68.62
N PHE C 42 90.48 -3.18 68.54
CA PHE C 42 91.89 -3.55 68.61
C PHE C 42 92.30 -3.78 70.06
N PHE C 43 93.31 -4.66 70.24
CA PHE C 43 93.87 -5.01 71.55
C PHE C 43 92.81 -5.55 72.49
N SER C 44 92.05 -6.53 72.01
CA SER C 44 91.01 -7.19 72.80
C SER C 44 91.32 -8.68 72.91
N ASN C 45 91.19 -9.21 74.13
CA ASN C 45 91.41 -10.63 74.35
C ASN C 45 90.32 -11.47 73.69
N VAL C 46 90.72 -12.58 73.11
CA VAL C 46 89.80 -13.55 72.51
C VAL C 46 90.04 -14.90 73.15
N THR C 47 88.99 -15.71 73.23
CA THR C 47 89.05 -17.01 73.89
C THR C 47 89.68 -18.02 72.94
N TRP C 48 90.98 -18.24 73.09
CA TRP C 48 91.69 -19.23 72.30
C TRP C 48 91.41 -20.62 72.87
N PHE C 49 90.55 -21.38 72.20
CA PHE C 49 90.16 -22.69 72.69
C PHE C 49 91.17 -23.75 72.27
N HIS C 50 91.21 -24.83 73.06
CA HIS C 50 92.09 -25.97 72.79
C HIS C 50 91.37 -27.29 72.98
N ALA C 51 90.06 -27.32 72.71
CA ALA C 51 89.28 -28.53 72.91
C ALA C 51 89.63 -29.57 71.85
N ILE C 52 89.67 -30.83 72.28
CA ILE C 52 90.01 -31.94 71.39
C ILE C 52 89.06 -33.10 71.63
N PRO C 64 80.75 -28.08 74.03
CA PRO C 64 79.58 -27.47 74.68
C PRO C 64 78.87 -26.47 73.76
N VAL C 65 78.42 -25.35 74.32
CA VAL C 65 77.74 -24.31 73.58
C VAL C 65 78.41 -22.98 73.92
N LEU C 66 78.53 -22.10 72.91
CA LEU C 66 79.18 -20.81 73.10
C LEU C 66 78.18 -19.67 72.98
N PRO C 67 78.26 -18.67 73.86
CA PRO C 67 77.32 -17.55 73.78
C PRO C 67 77.56 -16.69 72.55
N PHE C 68 76.48 -16.10 72.05
CA PHE C 68 76.51 -15.20 70.90
C PHE C 68 75.85 -13.89 71.30
N ASN C 69 76.67 -12.87 71.59
CA ASN C 69 76.13 -11.52 71.71
C ASN C 69 76.06 -10.86 70.34
N ASP C 70 77.22 -10.62 69.72
CA ASP C 70 77.33 -10.04 68.39
C ASP C 70 78.69 -10.42 67.83
N GLY C 71 78.72 -11.21 66.76
CA GLY C 71 79.97 -11.52 66.09
C GLY C 71 80.52 -12.92 66.34
N VAL C 72 80.84 -13.61 65.26
CA VAL C 72 81.35 -14.99 65.30
C VAL C 72 82.72 -14.92 64.62
N TYR C 73 83.47 -13.85 64.88
CA TYR C 73 84.82 -13.67 64.36
C TYR C 73 85.69 -14.89 64.61
N PHE C 74 86.10 -15.55 63.53
CA PHE C 74 86.64 -16.90 63.56
C PHE C 74 87.95 -16.95 62.80
N ALA C 75 88.97 -17.55 63.40
CA ALA C 75 90.26 -17.73 62.75
C ALA C 75 90.91 -19.00 63.29
N SER C 76 91.30 -19.89 62.37
CA SER C 76 91.90 -21.16 62.74
C SER C 76 93.03 -21.48 61.77
N THR C 77 93.96 -22.30 62.23
CA THR C 77 95.10 -22.72 61.41
C THR C 77 95.09 -24.22 61.17
N ILE C 82 91.36 -27.34 58.92
CA ILE C 82 91.13 -28.68 59.49
C ILE C 82 89.66 -28.82 59.88
N ILE C 83 89.17 -27.88 60.69
CA ILE C 83 87.79 -27.90 61.16
C ILE C 83 86.89 -27.24 60.14
N ARG C 84 85.71 -27.81 59.94
CA ARG C 84 84.70 -27.28 59.04
C ARG C 84 83.32 -27.47 59.65
N GLY C 85 82.49 -26.43 59.58
CA GLY C 85 81.14 -26.51 60.07
C GLY C 85 80.77 -25.46 61.10
N TRP C 86 79.55 -24.94 61.04
CA TRP C 86 79.08 -23.94 61.98
C TRP C 86 77.59 -24.16 62.24
N ILE C 87 77.22 -24.22 63.51
CA ILE C 87 75.82 -24.34 63.91
C ILE C 87 75.28 -22.96 64.26
N PHE C 88 74.17 -22.58 63.63
CA PHE C 88 73.52 -21.30 63.90
C PHE C 88 72.05 -21.53 64.15
N GLY C 89 71.48 -20.72 65.03
CA GLY C 89 70.08 -20.86 65.38
C GLY C 89 69.76 -20.08 66.63
N THR C 90 68.58 -20.39 67.20
CA THR C 90 68.09 -19.74 68.40
C THR C 90 68.05 -20.68 69.60
N THR C 91 67.36 -21.82 69.48
CA THR C 91 67.25 -22.78 70.56
C THR C 91 67.87 -24.14 70.24
N LEU C 92 68.55 -24.27 69.08
CA LEU C 92 69.34 -25.42 68.64
C LEU C 92 68.49 -26.65 68.32
N ASP C 93 67.18 -26.60 68.53
CA ASP C 93 66.29 -27.74 68.31
C ASP C 93 65.31 -27.44 67.19
N SER C 94 64.35 -28.35 66.99
CA SER C 94 63.36 -28.23 65.93
C SER C 94 62.18 -27.35 66.31
N LYS C 95 62.21 -26.71 67.49
CA LYS C 95 61.13 -25.82 67.88
C LYS C 95 61.07 -24.58 66.99
N THR C 96 62.23 -24.05 66.59
CA THR C 96 62.30 -22.91 65.69
C THR C 96 63.25 -23.26 64.55
N GLN C 97 63.45 -22.29 63.66
CA GLN C 97 64.35 -22.49 62.52
C GLN C 97 65.81 -22.52 62.97
N SER C 98 66.58 -23.41 62.36
CA SER C 98 68.00 -23.55 62.68
C SER C 98 68.79 -23.62 61.38
N LEU C 99 70.03 -23.18 61.43
CA LEU C 99 70.89 -23.07 60.26
C LEU C 99 72.03 -24.08 60.34
N LEU C 100 72.38 -24.65 59.19
CA LEU C 100 73.42 -25.67 59.09
C LEU C 100 74.37 -25.31 57.96
N ILE C 101 75.66 -25.43 58.22
CA ILE C 101 76.71 -25.20 57.22
C ILE C 101 77.68 -26.37 57.28
N VAL C 102 77.85 -27.08 56.17
CA VAL C 102 78.82 -28.15 56.04
C VAL C 102 79.64 -27.88 54.79
N ASN C 103 80.96 -27.82 54.94
CA ASN C 103 81.87 -27.50 53.86
C ASN C 103 82.77 -28.71 53.58
N ASN C 104 82.77 -29.16 52.32
CA ASN C 104 83.70 -30.21 51.89
C ASN C 104 84.40 -29.80 50.60
N ALA C 105 85.11 -30.73 49.96
CA ALA C 105 85.96 -30.40 48.83
C ALA C 105 85.17 -30.05 47.57
N THR C 106 83.91 -30.46 47.46
CA THR C 106 83.14 -30.23 46.25
C THR C 106 82.42 -28.88 46.26
N ASN C 107 81.55 -28.67 47.24
CA ASN C 107 80.75 -27.45 47.28
C ASN C 107 80.47 -27.11 48.75
N VAL C 108 79.51 -26.21 48.97
CA VAL C 108 79.06 -25.84 50.30
C VAL C 108 77.53 -25.88 50.31
N VAL C 109 76.95 -26.41 51.37
CA VAL C 109 75.51 -26.53 51.51
C VAL C 109 75.08 -25.76 52.75
N ILE C 110 74.19 -24.78 52.56
CA ILE C 110 73.64 -24.00 53.66
C ILE C 110 72.16 -24.31 53.79
N LYS C 111 71.82 -25.28 54.64
CA LYS C 111 70.46 -25.76 54.82
C LYS C 111 69.85 -25.14 56.06
N VAL C 112 68.72 -24.46 55.91
CA VAL C 112 67.99 -23.88 57.03
C VAL C 112 66.60 -24.51 57.10
N CYS C 113 66.25 -24.98 58.29
CA CYS C 113 64.98 -25.67 58.55
C CYS C 113 64.82 -25.79 60.06
N GLU C 114 63.80 -26.53 60.48
CA GLU C 114 63.61 -26.87 61.89
C GLU C 114 64.27 -28.23 62.14
N PHE C 115 65.59 -28.18 62.27
CA PHE C 115 66.42 -29.38 62.36
C PHE C 115 66.77 -29.67 63.81
N GLN C 116 66.77 -30.96 64.16
CA GLN C 116 67.16 -31.41 65.49
C GLN C 116 68.66 -31.69 65.52
N PHE C 117 69.33 -31.20 66.57
CA PHE C 117 70.75 -31.34 66.72
C PHE C 117 71.11 -31.98 68.04
N CYS C 118 72.24 -32.68 68.06
CA CYS C 118 72.75 -33.30 69.27
C CYS C 118 73.51 -32.28 70.12
N ASN C 119 73.85 -32.69 71.34
CA ASN C 119 74.58 -31.81 72.24
C ASN C 119 76.01 -31.59 71.77
N ASP C 120 76.67 -32.63 71.27
CA ASP C 120 78.04 -32.55 70.77
C ASP C 120 78.10 -33.20 69.39
N PRO C 121 77.66 -32.51 68.35
CA PRO C 121 77.72 -33.08 67.00
C PRO C 121 79.14 -33.12 66.47
N PHE C 122 79.39 -34.07 65.57
CA PHE C 122 80.70 -34.21 64.95
C PHE C 122 80.53 -34.90 63.61
N LEU C 123 81.54 -34.72 62.75
CA LEU C 123 81.54 -35.30 61.42
C LEU C 123 82.36 -36.60 61.42
N ASP C 124 82.48 -37.19 60.24
CA ASP C 124 83.24 -38.43 60.08
C ASP C 124 84.30 -38.28 59.00
N GLU C 136 84.85 -39.25 54.58
CA GLU C 136 83.79 -38.31 54.94
C GLU C 136 82.54 -38.57 54.10
N SER C 137 81.78 -39.60 54.49
CA SER C 137 80.55 -39.96 53.78
C SER C 137 79.40 -40.31 54.70
N GLU C 138 79.56 -40.21 56.01
CA GLU C 138 78.51 -40.53 56.96
C GLU C 138 78.18 -39.30 57.79
N PHE C 139 76.89 -39.08 58.04
CA PHE C 139 76.39 -37.92 58.79
C PHE C 139 75.99 -38.39 60.18
N ARG C 140 76.73 -37.93 61.19
CA ARG C 140 76.43 -38.25 62.58
C ARG C 140 75.90 -37.05 63.35
N VAL C 141 75.59 -35.95 62.66
CA VAL C 141 75.08 -34.76 63.35
C VAL C 141 73.67 -35.00 63.86
N TYR C 142 72.82 -35.60 63.03
CA TYR C 142 71.44 -35.87 63.43
C TYR C 142 71.26 -37.36 63.74
N PHE C 150 65.77 -23.73 52.61
CA PHE C 150 66.36 -23.66 51.28
C PHE C 150 67.87 -23.84 51.35
N GLU C 151 68.45 -24.50 50.34
CA GLU C 151 69.88 -24.72 50.28
C GLU C 151 70.55 -23.65 49.43
N TYR C 152 71.87 -23.55 49.57
CA TYR C 152 72.67 -22.56 48.85
C TYR C 152 73.98 -23.23 48.45
N VAL C 153 74.07 -23.64 47.19
CA VAL C 153 75.24 -24.33 46.65
C VAL C 153 76.10 -23.33 45.89
N SER C 154 77.37 -23.22 46.29
CA SER C 154 78.29 -22.29 45.65
C SER C 154 79.72 -22.80 45.83
N GLN C 155 80.69 -21.94 45.55
CA GLN C 155 82.08 -22.31 45.68
C GLN C 155 82.46 -22.45 47.15
N PRO C 156 83.27 -23.45 47.52
CA PRO C 156 83.63 -23.65 48.92
C PRO C 156 84.50 -22.53 49.46
N PHE C 157 84.70 -22.56 50.78
CA PHE C 157 85.45 -21.53 51.49
C PHE C 157 86.92 -21.90 51.64
N LEU C 158 87.46 -22.69 50.71
CA LEU C 158 88.86 -23.07 50.75
C LEU C 158 89.67 -22.35 49.69
N LYS C 169 101.84 -21.58 57.04
CA LYS C 169 100.53 -22.04 56.58
C LYS C 169 99.55 -20.88 56.44
N ASN C 170 98.34 -21.19 56.02
CA ASN C 170 97.32 -20.17 55.81
C ASN C 170 96.59 -19.86 57.13
N LEU C 171 95.66 -18.92 57.07
CA LEU C 171 94.86 -18.54 58.24
C LEU C 171 93.48 -18.14 57.72
N ARG C 172 92.50 -19.02 57.93
CA ARG C 172 91.13 -18.79 57.44
C ARG C 172 90.43 -17.87 58.44
N GLU C 173 90.44 -16.58 58.14
CA GLU C 173 89.78 -15.58 58.97
C GLU C 173 88.34 -15.41 58.51
N PHE C 174 87.40 -15.68 59.40
CA PHE C 174 85.97 -15.59 59.09
C PHE C 174 85.30 -14.62 60.05
N VAL C 175 84.54 -13.67 59.49
CA VAL C 175 83.75 -12.72 60.26
C VAL C 175 82.29 -12.91 59.88
N PHE C 176 81.44 -13.15 60.88
CA PHE C 176 80.03 -13.37 60.67
C PHE C 176 79.21 -12.25 61.31
N LYS C 177 78.13 -11.87 60.65
CA LYS C 177 77.25 -10.81 61.14
C LYS C 177 75.81 -11.25 61.02
N ASN C 178 74.96 -10.69 61.88
CA ASN C 178 73.53 -11.03 61.88
C ASN C 178 72.75 -9.76 62.26
N ILE C 179 72.27 -9.04 61.25
CA ILE C 179 71.50 -7.82 61.46
C ILE C 179 70.54 -7.66 60.30
N ASP C 180 69.41 -6.99 60.57
CA ASP C 180 68.35 -6.69 59.59
C ASP C 180 67.78 -7.96 58.96
N GLY C 181 67.77 -9.06 59.71
CA GLY C 181 67.25 -10.31 59.19
C GLY C 181 68.09 -10.97 58.13
N TYR C 182 69.36 -10.60 58.03
CA TYR C 182 70.26 -11.13 57.02
C TYR C 182 71.38 -11.93 57.67
N PHE C 183 72.28 -12.44 56.83
CA PHE C 183 73.44 -13.19 57.31
C PHE C 183 74.58 -12.96 56.33
N LYS C 184 75.67 -12.36 56.81
CA LYS C 184 76.79 -11.96 55.99
C LYS C 184 78.02 -12.77 56.37
N ILE C 185 78.81 -13.15 55.36
CA ILE C 185 80.02 -13.94 55.53
C ILE C 185 81.19 -13.15 54.96
N TYR C 186 82.23 -12.95 55.76
CA TYR C 186 83.45 -12.29 55.34
C TYR C 186 84.62 -13.26 55.49
N SER C 187 85.44 -13.38 54.45
CA SER C 187 86.51 -14.35 54.46
C SER C 187 87.72 -13.81 53.71
N LYS C 188 88.91 -14.21 54.17
CA LYS C 188 90.16 -13.87 53.50
C LYS C 188 91.22 -14.87 53.96
N HIS C 189 91.78 -15.61 53.01
CA HIS C 189 92.81 -16.61 53.29
C HIS C 189 94.17 -15.98 53.09
N THR C 190 94.77 -15.51 54.20
CA THR C 190 96.07 -14.86 54.15
C THR C 190 97.10 -15.75 54.82
N PRO C 191 98.13 -16.21 54.10
CA PRO C 191 99.17 -17.03 54.72
C PRO C 191 100.03 -16.23 55.68
N ILE C 192 100.57 -16.93 56.67
CA ILE C 192 101.42 -16.32 57.68
C ILE C 192 102.89 -16.51 57.33
N ASP C 197 98.62 -16.80 69.34
CA ASP C 197 99.41 -15.64 68.97
C ASP C 197 99.16 -15.25 67.51
N LEU C 198 98.40 -14.18 67.32
CA LEU C 198 98.11 -13.71 65.97
C LEU C 198 99.36 -13.12 65.33
N PRO C 199 99.60 -13.37 64.04
CA PRO C 199 100.79 -12.82 63.39
C PRO C 199 100.71 -11.32 63.19
N GLN C 200 101.88 -10.70 63.09
CA GLN C 200 101.96 -9.26 62.83
C GLN C 200 101.65 -8.99 61.37
N GLY C 201 100.64 -8.16 61.12
CA GLY C 201 100.28 -7.82 59.76
C GLY C 201 98.91 -7.17 59.73
N PHE C 202 98.56 -6.70 58.53
CA PHE C 202 97.27 -6.06 58.30
C PHE C 202 96.70 -6.55 56.97
N SER C 203 95.41 -6.86 56.98
CA SER C 203 94.74 -7.33 55.76
C SER C 203 93.26 -7.01 55.88
N ALA C 204 92.59 -6.97 54.74
CA ALA C 204 91.17 -6.71 54.68
C ALA C 204 90.38 -8.02 54.57
N LEU C 205 89.08 -7.93 54.84
CA LEU C 205 88.17 -9.07 54.79
C LEU C 205 87.10 -8.77 53.74
N GLU C 206 87.23 -9.39 52.57
CA GLU C 206 86.28 -9.17 51.50
C GLU C 206 84.95 -9.87 51.81
N PRO C 207 83.84 -9.31 51.36
CA PRO C 207 82.53 -9.94 51.62
C PRO C 207 82.27 -11.13 50.70
N LEU C 208 81.10 -11.71 50.88
CA LEU C 208 80.68 -12.89 50.14
C LEU C 208 79.16 -12.82 49.94
N VAL C 209 78.55 -13.96 49.62
CA VAL C 209 77.12 -13.99 49.37
C VAL C 209 76.34 -13.73 50.67
N ASP C 210 75.11 -13.26 50.52
CA ASP C 210 74.25 -12.90 51.64
C ASP C 210 73.10 -13.91 51.73
N LEU C 211 72.82 -14.38 52.94
CA LEU C 211 71.77 -15.37 53.16
C LEU C 211 70.58 -14.72 53.84
N PRO C 212 69.47 -14.50 53.14
CA PRO C 212 68.28 -13.94 53.80
C PRO C 212 67.59 -14.96 54.68
N ILE C 213 67.60 -14.74 56.00
CA ILE C 213 66.98 -15.64 56.97
C ILE C 213 65.75 -15.00 57.62
N GLY C 214 65.95 -13.87 58.30
CA GLY C 214 64.84 -13.17 58.92
C GLY C 214 64.79 -13.32 60.42
N ILE C 215 65.07 -14.52 60.92
CA ILE C 215 65.02 -14.76 62.36
C ILE C 215 66.28 -14.23 63.03
N ASN C 216 66.23 -14.14 64.35
CA ASN C 216 67.38 -13.71 65.14
C ASN C 216 68.20 -14.90 65.61
N ILE C 217 69.45 -14.64 65.97
CA ILE C 217 70.39 -15.66 66.41
C ILE C 217 70.75 -15.38 67.86
N THR C 218 70.61 -16.40 68.71
CA THR C 218 70.92 -16.28 70.14
C THR C 218 72.15 -17.08 70.55
N ARG C 219 72.27 -18.33 70.11
CA ARG C 219 73.39 -19.18 70.45
C ARG C 219 73.93 -19.84 69.19
N PHE C 220 75.22 -20.18 69.22
CA PHE C 220 75.89 -20.79 68.08
C PHE C 220 76.80 -21.91 68.58
N GLN C 221 77.29 -22.72 67.64
CA GLN C 221 78.21 -23.80 67.96
C GLN C 221 79.05 -24.10 66.73
N THR C 222 80.20 -24.72 66.96
CA THR C 222 81.11 -25.11 65.90
C THR C 222 81.09 -26.62 65.70
N LEU C 223 81.85 -27.10 64.72
CA LEU C 223 81.93 -28.52 64.41
C LEU C 223 83.38 -28.97 64.46
N LEU C 224 83.55 -30.27 64.69
CA LEU C 224 84.87 -30.92 64.65
C LEU C 224 84.87 -31.92 63.51
N ALA C 225 85.84 -31.77 62.60
CA ALA C 225 85.96 -32.63 61.43
C ALA C 225 86.89 -33.78 61.77
N LEU C 226 86.35 -34.99 61.79
CA LEU C 226 87.13 -36.19 62.11
C LEU C 226 87.81 -36.68 60.83
N HIS C 227 89.13 -36.57 60.78
CA HIS C 227 89.89 -37.00 59.61
C HIS C 227 90.09 -38.52 59.62
N ALA C 244 92.03 -31.92 67.41
CA ALA C 244 92.25 -31.66 65.98
C ALA C 244 93.10 -30.40 65.80
N ALA C 245 92.46 -29.24 65.89
CA ALA C 245 93.13 -27.96 65.72
C ALA C 245 92.61 -27.01 66.78
N ALA C 246 92.98 -25.74 66.65
CA ALA C 246 92.57 -24.69 67.58
C ALA C 246 92.06 -23.48 66.80
N TYR C 247 91.16 -22.72 67.41
CA TYR C 247 90.51 -21.61 66.73
C TYR C 247 90.29 -20.47 67.72
N TYR C 248 90.30 -19.24 67.18
CA TYR C 248 90.00 -18.06 67.98
C TYR C 248 88.53 -17.69 67.82
N VAL C 249 87.95 -17.19 68.91
CA VAL C 249 86.55 -16.75 68.93
C VAL C 249 86.52 -15.32 69.43
N GLY C 250 85.98 -14.41 68.61
CA GLY C 250 85.89 -13.01 68.95
C GLY C 250 84.46 -12.52 69.08
N TYR C 251 84.33 -11.32 69.64
CA TYR C 251 83.03 -10.69 69.86
C TYR C 251 83.09 -9.25 69.40
N LEU C 252 81.99 -8.77 68.82
CA LEU C 252 81.93 -7.41 68.29
C LEU C 252 80.91 -6.58 69.06
N GLN C 253 81.21 -5.29 69.20
CA GLN C 253 80.28 -4.30 69.72
C GLN C 253 80.34 -3.07 68.82
N PRO C 254 79.23 -2.33 68.69
CA PRO C 254 79.22 -1.19 67.76
C PRO C 254 80.12 -0.05 68.24
N ARG C 255 80.95 0.44 67.32
CA ARG C 255 81.82 1.58 67.56
C ARG C 255 82.12 2.25 66.22
N THR C 256 83.04 3.20 66.24
CA THR C 256 83.37 3.99 65.06
C THR C 256 84.81 3.70 64.64
N PHE C 257 85.00 3.37 63.36
CA PHE C 257 86.33 3.18 62.80
C PHE C 257 86.68 4.36 61.90
N LEU C 258 87.94 4.40 61.47
CA LEU C 258 88.41 5.35 60.47
C LEU C 258 89.31 4.59 59.51
N LEU C 259 88.77 4.21 58.36
CA LEU C 259 89.47 3.37 57.39
C LEU C 259 90.16 4.24 56.34
N LYS C 260 91.44 3.95 56.09
CA LYS C 260 92.24 4.67 55.10
C LYS C 260 92.29 3.82 53.84
N TYR C 261 91.42 4.14 52.88
CA TYR C 261 91.42 3.46 51.59
C TYR C 261 92.64 3.87 50.79
N ASN C 262 93.13 2.92 49.98
CA ASN C 262 94.26 3.19 49.09
C ASN C 262 93.73 3.72 47.76
N GLU C 263 94.64 4.05 46.84
CA GLU C 263 94.21 4.57 45.54
C GLU C 263 93.66 3.46 44.66
N ASN C 264 94.09 2.22 44.88
CA ASN C 264 93.52 1.09 44.16
C ASN C 264 92.15 0.71 44.69
N GLY C 265 91.89 0.93 45.98
CA GLY C 265 90.61 0.63 46.57
C GLY C 265 90.65 -0.47 47.61
N THR C 266 91.80 -0.62 48.26
CA THR C 266 91.99 -1.65 49.29
C THR C 266 92.24 -0.99 50.63
N ILE C 267 91.66 -1.58 51.68
CA ILE C 267 91.86 -1.09 53.04
C ILE C 267 93.20 -1.61 53.55
N THR C 268 94.09 -0.69 53.94
CA THR C 268 95.43 -1.04 54.38
C THR C 268 95.77 -0.57 55.78
N ASP C 269 95.01 0.36 56.35
CA ASP C 269 95.30 0.86 57.69
C ASP C 269 94.01 1.36 58.31
N ALA C 270 93.73 0.90 59.53
CA ALA C 270 92.56 1.32 60.29
C ALA C 270 92.97 1.78 61.68
N VAL C 271 92.38 2.87 62.14
CA VAL C 271 92.62 3.40 63.48
C VAL C 271 91.27 3.53 64.18
N ASP C 272 91.27 3.25 65.49
CA ASP C 272 90.02 3.24 66.24
C ASP C 272 89.60 4.66 66.59
N CYS C 273 88.52 4.77 67.37
CA CYS C 273 88.03 6.05 67.85
C CYS C 273 87.86 6.05 69.36
N ALA C 274 88.02 4.90 70.02
CA ALA C 274 87.93 4.81 71.48
C ALA C 274 89.16 4.04 71.95
N LEU C 275 90.24 4.77 72.22
CA LEU C 275 91.53 4.24 72.60
C LEU C 275 92.28 5.33 73.36
N ASP C 276 93.60 5.19 73.44
CA ASP C 276 94.45 6.27 73.92
C ASP C 276 94.21 7.53 73.08
N PRO C 277 94.28 8.72 73.69
CA PRO C 277 93.66 9.92 73.06
C PRO C 277 94.26 10.35 71.73
N LEU C 278 95.44 9.84 71.34
CA LEU C 278 95.95 10.10 70.00
C LEU C 278 95.05 9.48 68.94
N SER C 279 94.55 8.26 69.20
CA SER C 279 93.62 7.63 68.27
C SER C 279 92.30 8.39 68.18
N GLU C 280 91.83 8.93 69.30
CA GLU C 280 90.61 9.73 69.29
C GLU C 280 90.83 11.06 68.56
N THR C 281 92.02 11.64 68.69
CA THR C 281 92.35 12.85 67.92
C THR C 281 92.38 12.55 66.43
N LYS C 282 92.94 11.39 66.04
CA LYS C 282 92.93 11.00 64.64
C LYS C 282 91.52 10.73 64.14
N CYS C 283 90.65 10.20 65.02
CA CYS C 283 89.25 10.01 64.68
C CYS C 283 88.54 11.33 64.45
N THR C 284 88.76 12.31 65.32
CA THR C 284 88.05 13.57 65.24
C THR C 284 88.67 14.55 64.26
N LEU C 285 89.88 14.28 63.76
CA LEU C 285 90.53 15.17 62.80
C LEU C 285 90.46 14.66 61.37
N LYS C 286 90.02 13.41 61.18
CA LYS C 286 89.91 12.76 59.86
C LYS C 286 91.26 12.74 59.13
N SER C 287 92.33 12.47 59.86
CA SER C 287 93.66 12.41 59.28
C SER C 287 94.50 11.43 60.09
N PHE C 288 95.54 10.90 59.44
CA PHE C 288 96.43 9.95 60.08
C PHE C 288 97.68 10.60 60.68
N THR C 289 98.06 11.78 60.19
CA THR C 289 99.23 12.49 60.68
C THR C 289 98.77 13.79 61.35
N VAL C 290 99.17 13.97 62.60
CA VAL C 290 98.80 15.15 63.37
C VAL C 290 100.07 15.92 63.73
N GLU C 291 99.91 17.22 63.95
CA GLU C 291 101.00 18.09 64.33
C GLU C 291 100.85 18.50 65.80
N LYS C 292 101.83 19.26 66.29
CA LYS C 292 101.77 19.75 67.66
C LYS C 292 100.73 20.85 67.80
N GLY C 293 100.20 20.99 69.01
CA GLY C 293 99.18 21.97 69.29
C GLY C 293 98.14 21.39 70.23
N ILE C 294 97.01 22.09 70.33
CA ILE C 294 95.91 21.69 71.20
C ILE C 294 94.70 21.35 70.34
N TYR C 295 94.05 20.22 70.66
CA TYR C 295 92.88 19.77 69.93
C TYR C 295 91.80 19.37 70.91
N GLN C 296 90.59 19.88 70.71
CA GLN C 296 89.43 19.49 71.50
C GLN C 296 88.64 18.43 70.73
N THR C 297 88.52 17.25 71.31
CA THR C 297 87.98 16.09 70.62
C THR C 297 86.58 15.71 71.11
N SER C 298 86.41 15.51 72.42
CA SER C 298 85.15 15.02 72.95
C SER C 298 84.93 15.65 74.33
N ASN C 299 83.98 15.09 75.08
CA ASN C 299 83.60 15.60 76.39
C ASN C 299 83.87 14.54 77.45
N PHE C 300 83.73 14.95 78.71
CA PHE C 300 83.93 14.05 79.84
C PHE C 300 82.96 14.34 80.97
N ARG C 301 82.42 13.29 81.59
CA ARG C 301 81.53 13.43 82.74
C ARG C 301 81.46 12.12 83.50
N VAL C 302 80.97 12.17 84.75
CA VAL C 302 80.91 10.99 85.59
C VAL C 302 79.52 10.36 85.47
N GLN C 303 79.49 9.09 85.06
CA GLN C 303 78.24 8.37 84.90
C GLN C 303 77.66 7.96 86.25
N PRO C 304 76.34 7.90 86.37
CA PRO C 304 75.72 7.43 87.62
C PRO C 304 75.94 5.93 87.82
N THR C 305 75.77 5.50 89.07
CA THR C 305 75.97 4.11 89.45
C THR C 305 74.73 3.43 90.01
N GLU C 306 73.70 4.18 90.40
CA GLU C 306 72.50 3.58 90.96
C GLU C 306 71.32 4.53 90.73
N SER C 307 70.12 3.98 90.89
CA SER C 307 68.88 4.72 90.70
C SER C 307 68.16 4.88 92.04
N ILE C 308 67.64 6.09 92.28
CA ILE C 308 66.94 6.42 93.52
C ILE C 308 65.53 6.87 93.14
N VAL C 309 64.52 6.16 93.63
CA VAL C 309 63.13 6.53 93.45
C VAL C 309 62.46 6.61 94.81
N ARG C 310 61.71 7.68 95.05
CA ARG C 310 61.03 7.91 96.33
C ARG C 310 59.67 8.54 96.06
N PHE C 311 58.61 7.87 96.51
CA PHE C 311 57.22 8.27 96.43
C PHE C 311 56.61 8.30 97.83
N PRO C 312 55.54 9.09 98.05
CA PRO C 312 54.96 9.19 99.40
C PRO C 312 54.38 7.87 99.89
N ASN C 313 54.41 7.71 101.21
CA ASN C 313 54.03 6.45 101.86
C ASN C 313 52.51 6.36 102.08
N ILE C 314 51.78 6.45 100.97
CA ILE C 314 50.33 6.34 100.95
C ILE C 314 49.95 5.13 100.11
N THR C 315 49.02 4.33 100.64
CA THR C 315 48.53 3.16 99.91
C THR C 315 47.01 3.11 100.12
N ASN C 316 46.27 3.74 99.19
CA ASN C 316 44.83 3.86 99.32
C ASN C 316 44.04 3.17 98.22
N LEU C 317 44.69 2.66 97.18
CA LEU C 317 44.07 1.83 96.13
C LEU C 317 42.94 2.58 95.42
N CYS C 318 43.37 3.59 94.61
CA CYS C 318 42.55 4.54 93.85
C CYS C 318 41.28 3.93 93.27
N PRO C 319 40.13 4.56 93.49
CA PRO C 319 38.83 3.95 93.10
C PRO C 319 38.58 4.01 91.60
N PHE C 320 39.33 3.19 90.85
CA PHE C 320 39.10 3.02 89.43
C PHE C 320 38.03 1.98 89.13
N ASP C 321 37.50 1.32 90.16
CA ASP C 321 36.56 0.22 89.94
C ASP C 321 35.16 0.72 89.59
N GLU C 322 34.61 1.66 90.38
CA GLU C 322 33.22 2.05 90.17
C GLU C 322 33.08 2.97 88.96
N VAL C 323 34.18 3.58 88.52
CA VAL C 323 34.12 4.38 87.29
C VAL C 323 34.20 3.46 86.07
N PHE C 324 34.72 2.25 86.23
CA PHE C 324 34.78 1.28 85.14
C PHE C 324 33.67 0.23 85.26
N ASN C 325 33.57 -0.41 86.43
CA ASN C 325 32.59 -1.48 86.65
C ASN C 325 31.33 -0.87 87.27
N ALA C 326 30.49 -0.32 86.41
CA ALA C 326 29.21 0.26 86.82
C ALA C 326 28.11 -0.22 85.88
N THR C 327 26.89 -0.28 86.41
CA THR C 327 25.76 -0.75 85.62
C THR C 327 25.39 0.28 84.53
N ARG C 328 25.27 1.54 84.91
CA ARG C 328 24.96 2.62 83.98
C ARG C 328 25.94 3.76 84.22
N PHE C 329 26.58 4.24 83.14
CA PHE C 329 27.58 5.28 83.30
C PHE C 329 26.92 6.66 83.38
N ALA C 330 26.32 7.11 82.28
CA ALA C 330 25.74 8.44 82.12
C ALA C 330 25.11 8.58 80.74
N SER C 331 24.46 9.72 80.49
CA SER C 331 24.09 10.10 79.15
C SER C 331 25.21 10.93 78.51
N VAL C 332 25.08 11.19 77.21
CA VAL C 332 26.09 11.97 76.51
C VAL C 332 26.04 13.43 76.94
N TYR C 333 24.83 14.00 77.03
CA TYR C 333 24.67 15.39 77.45
C TYR C 333 24.73 15.55 78.97
N ALA C 334 24.72 14.46 79.73
CA ALA C 334 24.75 14.48 81.19
C ALA C 334 25.87 13.61 81.71
N TRP C 335 27.07 13.79 81.14
CA TRP C 335 28.23 13.00 81.56
C TRP C 335 28.69 13.44 82.94
N ASN C 336 28.94 12.45 83.81
CA ASN C 336 29.43 12.74 85.15
C ASN C 336 30.91 13.12 85.12
N ARG C 337 31.36 13.76 86.20
CA ARG C 337 32.74 14.22 86.34
C ARG C 337 33.19 13.92 87.76
N LYS C 338 33.89 12.80 87.94
CA LYS C 338 34.36 12.38 89.26
C LYS C 338 35.81 12.78 89.46
N ARG C 339 36.11 13.24 90.68
CA ARG C 339 37.45 13.69 91.06
C ARG C 339 38.11 12.60 91.89
N ILE C 340 39.24 12.10 91.41
CA ILE C 340 39.99 11.04 92.08
C ILE C 340 41.34 11.61 92.51
N SER C 341 41.64 11.50 93.80
CA SER C 341 42.86 12.10 94.35
C SER C 341 43.24 11.37 95.62
N ASN C 342 44.48 11.63 96.07
CA ASN C 342 45.02 11.18 97.36
C ASN C 342 45.07 9.65 97.46
N CYS C 343 45.70 9.03 96.47
CA CYS C 343 45.90 7.58 96.46
C CYS C 343 47.02 7.26 95.49
N VAL C 344 47.27 5.97 95.29
CA VAL C 344 48.26 5.49 94.33
C VAL C 344 47.55 4.69 93.25
N ALA C 345 47.89 4.95 91.99
CA ALA C 345 47.19 4.38 90.87
C ALA C 345 47.64 2.93 90.63
N ASP C 346 46.78 2.19 89.91
CA ASP C 346 47.09 0.81 89.53
C ASP C 346 46.50 0.58 88.15
N TYR C 347 47.33 0.75 87.12
CA TYR C 347 46.90 0.62 85.73
C TYR C 347 46.99 -0.80 85.21
N SER C 348 47.40 -1.75 86.05
CA SER C 348 47.48 -3.16 85.65
C SER C 348 46.12 -3.85 85.68
N VAL C 349 45.11 -3.24 86.29
CA VAL C 349 43.77 -3.84 86.35
C VAL C 349 42.88 -3.39 85.19
N LEU C 350 43.32 -2.44 84.37
CA LEU C 350 42.50 -1.98 83.26
C LEU C 350 42.42 -3.02 82.15
N TYR C 351 43.52 -3.73 81.90
CA TYR C 351 43.56 -4.71 80.81
C TYR C 351 42.75 -5.96 81.12
N ASN C 352 42.40 -6.21 82.38
CA ASN C 352 41.66 -7.39 82.76
C ASN C 352 40.15 -7.22 82.65
N PHE C 353 39.67 -6.01 82.37
CA PHE C 353 38.23 -5.77 82.31
C PHE C 353 37.65 -6.17 80.96
N ALA C 354 38.11 -5.54 79.88
CA ALA C 354 37.58 -5.77 78.55
C ALA C 354 38.65 -5.43 77.53
N PRO C 355 38.65 -6.07 76.36
CA PRO C 355 39.60 -5.69 75.29
C PRO C 355 39.28 -4.30 74.75
N PHE C 356 40.31 -3.48 74.62
CA PHE C 356 40.14 -2.10 74.20
C PHE C 356 39.95 -2.01 72.69
N PHE C 357 39.37 -0.90 72.24
CA PHE C 357 39.04 -0.70 70.83
C PHE C 357 40.14 0.04 70.09
N ALA C 358 40.44 1.27 70.49
CA ALA C 358 41.45 2.08 69.83
C ALA C 358 42.72 2.21 70.66
N PHE C 359 42.59 2.70 71.91
CA PHE C 359 43.68 2.81 72.89
C PHE C 359 44.83 3.69 72.40
N LYS C 360 44.55 4.63 71.50
CA LYS C 360 45.55 5.62 71.12
C LYS C 360 45.69 6.66 72.22
N CYS C 361 46.91 7.16 72.42
CA CYS C 361 47.14 8.13 73.47
C CYS C 361 48.08 9.24 73.02
N TYR C 362 47.73 10.46 73.40
CA TYR C 362 48.53 11.65 73.16
C TYR C 362 48.95 12.24 74.51
N GLY C 363 50.05 12.98 74.50
CA GLY C 363 50.53 13.60 75.72
C GLY C 363 51.35 12.67 76.59
N VAL C 364 50.75 11.55 76.98
CA VAL C 364 51.43 10.51 77.73
C VAL C 364 51.34 9.20 76.95
N SER C 365 52.31 8.32 77.19
CA SER C 365 52.31 7.01 76.55
C SER C 365 51.64 5.98 77.44
N PRO C 366 50.81 5.09 76.88
CA PRO C 366 50.17 4.07 77.72
C PRO C 366 51.02 2.84 77.95
N THR C 367 52.32 3.04 78.19
CA THR C 367 53.20 1.97 78.63
C THR C 367 53.99 2.44 79.85
N LYS C 368 54.37 3.72 79.84
CA LYS C 368 55.10 4.34 80.95
C LYS C 368 54.14 5.06 81.90
N LEU C 369 53.13 4.35 82.38
CA LEU C 369 52.16 4.90 83.31
C LEU C 369 52.45 4.52 84.76
N ASN C 370 53.38 3.60 84.98
CA ASN C 370 53.75 3.18 86.33
C ASN C 370 54.92 3.98 86.88
N ASP C 371 55.43 4.95 86.13
CA ASP C 371 56.55 5.77 86.56
C ASP C 371 56.19 7.23 86.78
N LEU C 372 55.02 7.67 86.35
CA LEU C 372 54.64 9.07 86.49
C LEU C 372 53.94 9.31 87.82
N CYS C 373 53.91 10.59 88.22
CA CYS C 373 53.38 10.98 89.52
C CYS C 373 52.91 12.43 89.42
N PHE C 374 51.59 12.60 89.34
CA PHE C 374 50.97 13.91 89.12
C PHE C 374 49.80 14.04 90.08
N THR C 375 48.93 15.02 89.85
CA THR C 375 47.81 15.27 90.76
C THR C 375 46.53 15.52 89.99
N ASN C 376 45.40 15.17 90.63
CA ASN C 376 44.05 15.58 90.26
C ASN C 376 43.66 15.13 88.85
N VAL C 377 43.57 13.81 88.69
CA VAL C 377 43.04 13.26 87.45
C VAL C 377 41.54 13.53 87.36
N TYR C 378 41.02 13.48 86.13
CA TYR C 378 39.61 13.70 85.87
C TYR C 378 39.08 12.57 85.00
N ALA C 379 37.95 12.00 85.40
CA ALA C 379 37.33 10.89 84.69
C ALA C 379 35.89 11.23 84.36
N ASP C 380 35.52 11.05 83.09
CA ASP C 380 34.16 11.25 82.62
C ASP C 380 33.70 9.99 81.90
N SER C 381 32.39 9.73 81.98
CA SER C 381 31.83 8.49 81.43
C SER C 381 30.66 8.83 80.51
N PHE C 382 30.67 8.24 79.32
CA PHE C 382 29.57 8.37 78.38
C PHE C 382 29.63 7.21 77.39
N VAL C 383 28.55 7.02 76.65
CA VAL C 383 28.42 5.93 75.70
C VAL C 383 28.11 6.50 74.32
N ILE C 384 28.80 5.98 73.30
CA ILE C 384 28.65 6.45 71.92
C ILE C 384 28.58 5.25 70.98
N ARG C 385 28.06 5.49 69.79
CA ARG C 385 27.70 4.43 68.85
C ARG C 385 28.83 4.12 67.85
N GLY C 386 30.02 3.82 68.34
CA GLY C 386 31.05 3.24 67.50
C GLY C 386 31.76 4.17 66.54
N ASN C 387 31.04 4.71 65.56
CA ASN C 387 31.66 5.55 64.54
C ASN C 387 32.12 6.89 65.10
N GLU C 388 31.62 7.29 66.26
CA GLU C 388 32.01 8.55 66.89
C GLU C 388 33.11 8.37 67.94
N VAL C 389 33.74 7.18 67.98
CA VAL C 389 34.88 6.97 68.86
C VAL C 389 36.05 7.84 68.44
N SER C 390 36.32 7.90 67.13
CA SER C 390 37.36 8.77 66.60
C SER C 390 37.05 10.26 66.77
N GLN C 391 35.79 10.62 66.96
CA GLN C 391 35.42 12.01 67.22
C GLN C 391 35.77 12.46 68.62
N ILE C 392 36.02 11.53 69.54
CA ILE C 392 36.46 11.89 70.90
C ILE C 392 37.97 12.02 70.83
N ALA C 393 38.42 13.20 70.42
CA ALA C 393 39.83 13.49 70.20
C ALA C 393 40.02 14.99 70.26
N PRO C 394 41.24 15.47 70.55
CA PRO C 394 41.48 16.92 70.56
C PRO C 394 41.36 17.55 69.17
N GLY C 395 40.29 18.31 68.95
CA GLY C 395 40.11 19.02 67.70
C GLY C 395 39.51 18.19 66.58
N GLN C 396 38.31 17.66 66.79
CA GLN C 396 37.59 16.92 65.76
C GLN C 396 36.16 17.43 65.67
N THR C 397 35.60 17.36 64.47
CA THR C 397 34.25 17.83 64.20
C THR C 397 33.30 16.65 64.02
N GLY C 398 32.01 16.95 64.09
CA GLY C 398 30.98 15.95 63.93
C GLY C 398 29.76 16.31 64.74
N ASN C 399 28.85 15.34 64.86
CA ASN C 399 27.65 15.54 65.67
C ASN C 399 28.01 15.65 67.15
N ILE C 400 28.94 14.82 67.61
CA ILE C 400 29.48 14.92 68.96
C ILE C 400 30.87 15.54 68.82
N ALA C 401 31.35 16.16 69.91
CA ALA C 401 32.55 16.97 70.08
C ALA C 401 32.42 18.34 69.43
N ASP C 402 31.25 18.69 68.88
CA ASP C 402 30.93 20.05 68.50
C ASP C 402 29.77 20.63 69.29
N TYR C 403 28.84 19.80 69.75
CA TYR C 403 27.62 20.27 70.41
C TYR C 403 27.48 19.73 71.82
N ASN C 404 28.09 18.58 72.10
CA ASN C 404 27.86 17.87 73.36
C ASN C 404 29.05 17.91 74.29
N TYR C 405 30.22 17.43 73.86
CA TYR C 405 31.38 17.32 74.74
C TYR C 405 32.63 17.44 73.88
N LYS C 406 33.23 18.62 73.87
CA LYS C 406 34.37 18.93 73.02
C LYS C 406 35.65 18.87 73.85
N LEU C 407 36.67 18.21 73.31
CA LEU C 407 37.98 18.19 73.94
C LEU C 407 38.75 19.46 73.59
N PRO C 408 39.63 19.93 74.49
CA PRO C 408 40.45 21.11 74.17
C PRO C 408 41.56 20.81 73.18
N ASP C 409 42.34 21.84 72.82
CA ASP C 409 43.46 21.64 71.90
C ASP C 409 44.56 20.79 72.53
N ASP C 410 44.92 21.09 73.77
CA ASP C 410 45.84 20.27 74.55
C ASP C 410 45.06 19.54 75.63
N PHE C 411 45.19 18.22 75.65
CA PHE C 411 44.37 17.38 76.51
C PHE C 411 45.17 16.68 77.59
N THR C 412 46.40 16.27 77.29
CA THR C 412 47.33 15.60 78.21
C THR C 412 46.69 14.35 78.84
N GLY C 413 46.34 13.42 77.97
CA GLY C 413 45.69 12.20 78.41
C GLY C 413 45.09 11.48 77.22
N CYS C 414 44.27 10.49 77.52
CA CYS C 414 43.61 9.72 76.46
C CYS C 414 42.38 9.00 77.01
N VAL C 415 41.66 8.36 76.10
CA VAL C 415 40.41 7.70 76.39
C VAL C 415 40.65 6.20 76.52
N ILE C 416 39.69 5.51 77.11
CA ILE C 416 39.67 4.06 77.20
C ILE C 416 38.30 3.60 76.71
N ALA C 417 38.27 2.97 75.54
CA ALA C 417 37.03 2.56 74.89
C ALA C 417 37.02 1.05 74.71
N TRP C 418 35.90 0.42 75.07
CA TRP C 418 35.72 -1.02 74.89
C TRP C 418 34.30 -1.30 74.44
N ASN C 419 34.13 -2.44 73.79
CA ASN C 419 32.83 -2.84 73.26
C ASN C 419 31.95 -3.40 74.38
N SER C 420 30.66 -3.06 74.34
CA SER C 420 29.69 -3.61 75.29
C SER C 420 28.35 -3.69 74.56
N ASN C 421 28.07 -4.87 74.01
CA ASN C 421 26.84 -5.12 73.26
C ASN C 421 25.88 -6.03 74.00
N LYS C 422 26.16 -6.36 75.26
CA LYS C 422 25.28 -7.21 76.04
C LYS C 422 25.01 -6.70 77.45
N LEU C 423 25.86 -5.85 78.01
CA LEU C 423 25.63 -5.33 79.36
C LEU C 423 24.55 -4.26 79.37
N ASP C 424 24.43 -3.47 78.30
CA ASP C 424 23.45 -2.40 78.26
C ASP C 424 22.69 -2.32 76.94
N SER C 425 22.86 -3.30 76.05
CA SER C 425 22.15 -3.34 74.79
C SER C 425 21.06 -4.40 74.86
N LYS C 426 19.84 -4.01 74.47
CA LYS C 426 18.68 -4.88 74.57
C LYS C 426 18.04 -5.05 73.20
N VAL C 427 17.30 -6.16 73.07
CA VAL C 427 16.76 -6.55 71.76
C VAL C 427 15.74 -5.53 71.25
N GLY C 428 14.82 -5.10 72.12
CA GLY C 428 13.88 -4.08 71.72
C GLY C 428 14.48 -2.69 71.64
N GLY C 429 15.59 -2.45 72.33
CA GLY C 429 16.25 -1.16 72.29
C GLY C 429 16.43 -0.59 73.68
N ASN C 430 17.52 0.16 73.86
CA ASN C 430 17.79 0.87 75.10
C ASN C 430 17.64 2.36 74.84
N TYR C 431 16.63 2.97 75.46
CA TYR C 431 16.32 4.37 75.22
C TYR C 431 16.88 5.30 76.30
N ASN C 432 17.54 4.76 77.33
CA ASN C 432 18.08 5.60 78.38
C ASN C 432 19.27 6.42 77.88
N TYR C 433 20.02 5.88 76.92
CA TYR C 433 21.23 6.54 76.41
C TYR C 433 20.83 7.46 75.27
N ARG C 434 20.72 8.74 75.58
CA ARG C 434 20.38 9.77 74.61
C ARG C 434 21.56 10.71 74.40
N TYR C 435 21.43 11.59 73.42
CA TYR C 435 22.44 12.61 73.18
C TYR C 435 21.76 13.87 72.66
N ARG C 436 22.47 14.98 72.77
CA ARG C 436 21.98 16.29 72.36
C ARG C 436 22.27 16.50 70.87
N LEU C 437 21.26 16.98 70.14
CA LEU C 437 21.34 17.08 68.69
C LEU C 437 21.52 18.50 68.19
N PHE C 438 20.76 19.46 68.71
CA PHE C 438 20.74 20.82 68.19
C PHE C 438 21.13 21.81 69.29
N ARG C 439 21.89 22.83 68.91
CA ARG C 439 22.29 23.89 69.82
C ARG C 439 22.35 25.21 69.06
N LYS C 440 22.31 26.31 69.82
CA LYS C 440 22.39 27.63 69.22
C LYS C 440 23.77 27.92 68.67
N SER C 441 24.83 27.45 69.34
CA SER C 441 26.19 27.68 68.91
C SER C 441 27.05 26.50 69.34
N ASN C 442 28.37 26.68 69.29
CA ASN C 442 29.30 25.62 69.67
C ASN C 442 29.40 25.54 71.19
N LEU C 443 30.12 24.54 71.66
CA LEU C 443 30.27 24.27 73.09
C LEU C 443 31.75 24.39 73.47
N LYS C 444 32.02 25.20 74.49
CA LYS C 444 33.39 25.39 74.96
C LYS C 444 33.92 24.11 75.61
N PRO C 445 35.21 23.82 75.46
CA PRO C 445 35.75 22.54 75.94
C PRO C 445 35.63 22.37 77.44
N PHE C 446 35.35 21.12 77.85
CA PHE C 446 35.17 20.72 79.24
C PHE C 446 34.05 21.53 79.92
N GLU C 447 32.84 21.40 79.38
CA GLU C 447 31.69 22.10 79.91
C GLU C 447 30.44 21.30 79.55
N ARG C 448 29.79 20.73 80.56
CA ARG C 448 28.56 20.01 80.34
C ARG C 448 27.40 20.98 80.16
N ASP C 449 26.30 20.49 79.60
CA ASP C 449 25.13 21.31 79.35
C ASP C 449 23.89 20.43 79.37
N ILE C 450 23.05 20.60 80.38
CA ILE C 450 21.78 19.89 80.48
C ILE C 450 20.65 20.90 80.31
N SER C 451 19.79 20.68 79.31
CA SER C 451 18.68 21.57 79.02
C SER C 451 17.67 20.82 78.16
N THR C 452 16.38 21.10 78.40
CA THR C 452 15.29 20.53 77.61
C THR C 452 14.53 21.59 76.84
N GLU C 453 15.11 22.78 76.68
CA GLU C 453 14.45 23.86 75.97
C GLU C 453 14.41 23.56 74.47
N ILE C 454 13.32 23.98 73.84
CA ILE C 454 13.10 23.71 72.41
C ILE C 454 13.96 24.65 71.58
N TYR C 455 14.68 24.09 70.62
CA TYR C 455 15.50 24.86 69.70
C TYR C 455 14.66 25.31 68.52
N GLN C 456 14.64 26.61 68.25
CA GLN C 456 13.84 27.18 67.18
C GLN C 456 14.68 27.28 65.91
N ALA C 457 14.04 27.03 64.77
CA ALA C 457 14.68 27.09 63.46
C ALA C 457 13.81 27.85 62.47
N GLY C 458 13.24 28.98 62.91
CA GLY C 458 12.39 29.78 62.05
C GLY C 458 12.23 31.17 62.60
N ASN C 459 11.47 31.99 61.87
CA ASN C 459 11.22 33.36 62.29
C ASN C 459 10.31 33.41 63.52
N LYS C 460 9.34 32.49 63.59
CA LYS C 460 8.44 32.46 64.73
C LYS C 460 9.18 31.97 65.98
N PRO C 461 8.86 32.52 67.15
CA PRO C 461 9.54 32.08 68.37
C PRO C 461 8.89 30.84 68.98
N CYS C 462 9.72 29.97 69.53
CA CYS C 462 9.28 28.74 70.17
C CYS C 462 9.74 28.71 71.62
N ASN C 463 8.81 28.50 72.53
CA ASN C 463 9.14 28.36 73.94
C ASN C 463 8.51 27.09 74.52
N GLY C 464 7.35 26.72 74.00
CA GLY C 464 6.67 25.51 74.43
C GLY C 464 5.96 24.79 73.30
N VAL C 465 6.18 25.26 72.07
CA VAL C 465 5.56 24.71 70.88
C VAL C 465 6.64 24.10 70.00
N ALA C 466 6.37 22.91 69.47
CA ALA C 466 7.31 22.25 68.57
C ALA C 466 6.53 21.36 67.61
N GLY C 467 7.17 21.04 66.48
CA GLY C 467 6.57 20.14 65.52
C GLY C 467 6.61 20.64 64.09
N VAL C 468 6.46 21.94 63.89
CA VAL C 468 6.40 22.51 62.55
C VAL C 468 7.76 23.09 62.12
N ASN C 469 8.45 23.81 63.00
CA ASN C 469 9.78 24.31 62.68
C ASN C 469 10.75 24.28 63.85
N CYS C 470 10.32 23.78 65.01
CA CYS C 470 11.16 23.72 66.20
C CYS C 470 11.21 22.27 66.68
N TYR C 471 12.38 21.84 67.14
CA TYR C 471 12.64 20.44 67.42
C TYR C 471 13.20 20.27 68.82
N PHE C 472 12.93 19.12 69.41
CA PHE C 472 13.46 18.79 70.73
C PHE C 472 14.94 18.52 70.63
N PRO C 473 15.77 19.07 71.54
CA PRO C 473 17.23 18.90 71.39
C PRO C 473 17.72 17.48 71.62
N LEU C 474 17.05 16.68 72.44
CA LEU C 474 17.51 15.32 72.67
C LEU C 474 16.88 14.33 71.71
N GLN C 475 17.63 13.28 71.39
CA GLN C 475 17.16 12.18 70.57
C GLN C 475 17.82 10.91 71.08
N SER C 476 17.05 9.83 71.16
CA SER C 476 17.49 8.60 71.79
C SER C 476 18.17 7.66 70.80
N TYR C 477 19.19 6.95 71.29
CA TYR C 477 19.86 5.94 70.48
C TYR C 477 19.00 4.68 70.36
N GLY C 478 18.99 4.10 69.17
CA GLY C 478 18.35 2.81 68.97
C GLY C 478 19.31 1.66 69.14
N PHE C 479 19.75 1.41 70.38
CA PHE C 479 20.78 0.42 70.66
C PHE C 479 20.17 -0.98 70.59
N ARG C 480 20.47 -1.69 69.51
CA ARG C 480 20.01 -3.06 69.29
C ARG C 480 21.19 -3.97 68.99
N PRO C 481 21.13 -5.24 69.40
CA PRO C 481 22.18 -6.19 69.02
C PRO C 481 22.05 -6.73 67.61
N THR C 482 20.93 -6.44 66.92
CA THR C 482 20.77 -6.91 65.55
C THR C 482 21.59 -6.08 64.57
N TYR C 483 22.10 -4.92 65.00
CA TYR C 483 22.93 -4.08 64.16
C TYR C 483 24.33 -4.68 64.04
N GLY C 484 25.14 -4.07 63.18
CA GLY C 484 26.47 -4.57 62.89
C GLY C 484 27.53 -4.04 63.83
N VAL C 485 28.55 -3.40 63.28
CA VAL C 485 29.68 -2.89 64.06
C VAL C 485 29.55 -1.41 64.40
N GLY C 486 29.15 -0.58 63.45
CA GLY C 486 29.13 0.87 63.62
C GLY C 486 27.96 1.44 64.37
N HIS C 487 27.15 0.61 65.03
CA HIS C 487 26.04 1.13 65.83
C HIS C 487 25.98 0.51 67.22
N GLN C 488 27.00 -0.23 67.64
CA GLN C 488 27.01 -0.82 68.97
C GLN C 488 27.35 0.23 70.03
N PRO C 489 26.76 0.12 71.23
CA PRO C 489 27.09 1.07 72.30
C PRO C 489 28.46 0.85 72.88
N TYR C 490 29.36 1.82 72.69
CA TYR C 490 30.73 1.74 73.20
C TYR C 490 30.83 2.59 74.46
N ARG C 491 31.17 1.95 75.58
CA ARG C 491 31.37 2.65 76.84
C ARG C 491 32.75 3.32 76.82
N VAL C 492 32.77 4.64 76.78
CA VAL C 492 34.01 5.40 76.63
C VAL C 492 34.25 6.18 77.91
N VAL C 493 35.42 6.00 78.51
CA VAL C 493 35.83 6.72 79.70
C VAL C 493 37.13 7.48 79.37
N VAL C 494 37.20 8.74 79.80
CA VAL C 494 38.33 9.59 79.47
C VAL C 494 39.18 9.79 80.72
N LEU C 495 40.44 10.16 80.50
CA LEU C 495 41.36 10.51 81.56
C LEU C 495 42.09 11.79 81.18
N SER C 496 41.96 12.83 82.00
CA SER C 496 42.51 14.15 81.72
C SER C 496 43.50 14.50 82.83
N PHE C 497 44.79 14.26 82.55
CA PHE C 497 45.84 14.59 83.50
C PHE C 497 46.30 16.04 83.29
N GLU C 498 47.09 16.54 84.23
CA GLU C 498 47.76 17.82 84.07
C GLU C 498 49.08 17.79 84.84
N LEU C 499 50.01 18.64 84.41
CA LEU C 499 51.35 18.69 84.98
C LEU C 499 51.61 20.03 85.66
N LEU C 500 50.62 20.50 86.42
CA LEU C 500 50.78 21.74 87.17
C LEU C 500 51.77 21.54 88.32
N HIS C 501 52.54 22.59 88.61
CA HIS C 501 53.52 22.53 89.69
C HIS C 501 52.83 22.54 91.04
N ALA C 502 52.43 21.37 91.50
CA ALA C 502 51.63 21.22 92.71
C ALA C 502 52.08 19.94 93.41
N PRO C 503 51.79 19.80 94.71
CA PRO C 503 52.02 18.50 95.37
C PRO C 503 51.21 17.39 94.72
N ALA C 504 51.93 16.42 94.16
CA ALA C 504 51.29 15.32 93.42
C ALA C 504 50.54 14.41 94.39
N THR C 505 49.33 14.01 94.00
CA THR C 505 48.46 13.24 94.87
C THR C 505 48.14 11.85 94.35
N VAL C 506 48.26 11.60 93.04
CA VAL C 506 48.00 10.27 92.47
C VAL C 506 49.17 9.86 91.59
N CYS C 507 49.82 8.75 91.94
CA CYS C 507 51.09 8.38 91.34
C CYS C 507 51.11 6.88 91.09
N GLY C 508 52.00 6.47 90.18
CA GLY C 508 52.16 5.08 89.84
C GLY C 508 52.80 4.28 90.96
N PRO C 509 52.60 2.96 90.96
CA PRO C 509 53.13 2.12 92.04
C PRO C 509 54.62 1.85 91.89
N LYS C 510 55.42 2.51 92.71
CA LYS C 510 56.86 2.27 92.79
C LYS C 510 57.27 2.23 94.24
N LYS C 511 58.20 1.34 94.56
CA LYS C 511 58.69 1.20 95.93
C LYS C 511 59.75 2.25 96.22
N SER C 512 59.85 2.62 97.50
CA SER C 512 60.81 3.63 97.92
C SER C 512 62.22 3.04 98.01
N THR C 513 63.21 3.92 97.96
CA THR C 513 64.60 3.54 97.99
C THR C 513 65.34 4.47 98.93
N ASN C 514 66.28 3.91 99.71
CA ASN C 514 67.01 4.66 100.71
C ASN C 514 67.92 5.70 100.06
N LEU C 515 68.17 6.79 100.79
CA LEU C 515 68.93 7.91 100.27
C LEU C 515 70.42 7.56 100.18
N VAL C 516 71.10 8.24 99.26
CA VAL C 516 72.55 8.17 99.12
C VAL C 516 73.09 9.61 99.09
N LYS C 517 74.29 9.79 99.62
CA LYS C 517 74.90 11.11 99.74
C LYS C 517 76.27 11.14 99.09
N ASN C 518 76.63 12.31 98.57
CA ASN C 518 77.94 12.64 98.00
C ASN C 518 78.28 11.79 96.78
N LYS C 519 77.30 11.18 96.13
CA LYS C 519 77.49 10.43 94.89
C LYS C 519 76.46 10.93 93.89
N CYS C 520 76.91 11.29 92.70
CA CYS C 520 76.00 11.78 91.67
C CYS C 520 75.30 10.60 90.99
N VAL C 521 73.98 10.60 91.05
CA VAL C 521 73.14 9.53 90.52
C VAL C 521 72.00 10.17 89.73
N ASN C 522 71.09 9.31 89.25
CA ASN C 522 69.85 9.76 88.65
C ASN C 522 68.69 9.46 89.58
N PHE C 523 67.67 10.33 89.55
CA PHE C 523 66.57 10.28 90.50
C PHE C 523 65.24 10.50 89.79
N ASN C 524 64.16 10.01 90.42
CA ASN C 524 62.80 10.24 89.97
C ASN C 524 61.99 10.64 91.21
N PHE C 525 61.70 11.93 91.33
CA PHE C 525 61.03 12.49 92.49
C PHE C 525 59.74 13.17 92.03
N ASN C 526 58.64 12.43 92.09
CA ASN C 526 57.29 12.89 91.72
C ASN C 526 57.26 13.39 90.27
N GLY C 527 57.70 12.52 89.36
CA GLY C 527 57.70 12.83 87.95
C GLY C 527 58.85 13.70 87.49
N LEU C 528 59.77 14.07 88.36
CA LEU C 528 60.91 14.92 88.02
C LEU C 528 62.12 14.02 87.86
N THR C 529 62.45 13.70 86.61
CA THR C 529 63.59 12.85 86.28
C THR C 529 64.81 13.73 86.02
N GLY C 530 65.85 13.55 86.82
CA GLY C 530 67.06 14.33 86.68
C GLY C 530 68.27 13.55 87.17
N THR C 531 69.45 14.08 86.85
CA THR C 531 70.71 13.46 87.23
C THR C 531 71.54 14.47 88.00
N GLY C 532 71.96 14.10 89.20
CA GLY C 532 72.77 14.98 90.02
C GLY C 532 73.07 14.35 91.36
N VAL C 533 73.89 15.07 92.13
CA VAL C 533 74.28 14.60 93.46
C VAL C 533 73.21 14.99 94.46
N LEU C 534 73.08 14.19 95.51
CA LEU C 534 72.13 14.45 96.60
C LEU C 534 72.90 14.70 97.87
N THR C 535 72.65 15.84 98.51
CA THR C 535 73.34 16.21 99.73
C THR C 535 72.49 17.20 100.51
N GLU C 536 72.84 17.37 101.79
CA GLU C 536 72.15 18.35 102.62
C GLU C 536 72.48 19.76 102.16
N SER C 537 71.46 20.62 102.12
CA SER C 537 71.60 21.97 101.61
C SER C 537 71.48 22.99 102.74
N ASN C 538 72.13 24.14 102.54
CA ASN C 538 72.03 25.25 103.47
C ASN C 538 70.73 26.02 103.32
N LYS C 539 69.98 25.79 102.24
CA LYS C 539 68.72 26.47 102.02
C LYS C 539 67.65 25.96 102.99
N LYS C 540 66.57 26.73 103.10
CA LYS C 540 65.44 26.37 103.93
C LYS C 540 64.15 26.52 103.13
N PHE C 541 63.16 25.70 103.48
CA PHE C 541 61.88 25.67 102.78
C PHE C 541 60.75 26.03 103.73
N LEU C 542 59.83 26.86 103.24
CA LEU C 542 58.56 27.03 103.91
C LEU C 542 57.75 25.73 103.79
N PRO C 543 56.93 25.39 104.80
CA PRO C 543 56.24 24.09 104.83
C PRO C 543 55.01 24.01 103.92
N PHE C 544 55.15 24.51 102.68
CA PHE C 544 54.13 24.32 101.66
C PHE C 544 54.73 24.06 100.28
N GLN C 545 56.05 24.06 100.13
CA GLN C 545 56.68 23.99 98.83
C GLN C 545 57.08 22.55 98.49
N GLN C 546 57.35 22.33 97.20
CA GLN C 546 57.73 21.02 96.68
C GLN C 546 59.16 20.98 96.17
N PHE C 547 59.53 21.89 95.27
CA PHE C 547 60.88 21.89 94.71
C PHE C 547 61.28 23.33 94.39
N GLY C 548 62.60 23.56 94.38
CA GLY C 548 63.14 24.86 94.05
C GLY C 548 63.56 24.97 92.59
N ARG C 549 64.08 26.14 92.24
CA ARG C 549 64.53 26.43 90.89
C ARG C 549 65.78 27.29 90.96
N ASP C 550 66.24 27.76 89.80
CA ASP C 550 67.44 28.59 89.70
C ASP C 550 67.25 29.58 88.56
N ILE C 551 68.35 30.23 88.17
CA ILE C 551 68.29 31.20 87.08
C ILE C 551 68.12 30.51 85.72
N ALA C 552 68.52 29.25 85.61
CA ALA C 552 68.48 28.52 84.34
C ALA C 552 67.15 27.84 84.09
N ASP C 553 66.14 28.09 84.93
CA ASP C 553 64.81 27.48 84.86
C ASP C 553 64.90 25.95 84.90
N THR C 554 65.79 25.45 85.73
CA THR C 554 65.97 24.02 85.97
C THR C 554 65.67 23.72 87.44
N THR C 555 65.94 22.48 87.84
CA THR C 555 65.69 22.04 89.21
C THR C 555 67.00 21.90 89.95
N ASP C 556 67.14 22.62 91.07
CA ASP C 556 68.34 22.55 91.89
C ASP C 556 68.04 22.18 93.34
N ALA C 557 66.78 22.04 93.72
CA ALA C 557 66.43 21.67 95.09
C ALA C 557 65.12 20.88 95.04
N VAL C 558 65.11 19.73 95.73
CA VAL C 558 63.97 18.83 95.72
C VAL C 558 63.67 18.41 97.16
N ARG C 559 62.41 18.10 97.42
CA ARG C 559 61.95 17.61 98.72
C ARG C 559 61.37 16.20 98.53
N ASP C 560 61.90 15.25 99.30
CA ASP C 560 61.37 13.89 99.20
C ASP C 560 60.09 13.77 100.01
N PRO C 561 59.08 13.05 99.48
CA PRO C 561 57.82 12.94 100.20
C PRO C 561 57.85 11.91 101.32
N GLN C 562 58.86 11.02 101.30
CA GLN C 562 58.97 10.01 102.36
C GLN C 562 59.30 10.63 103.70
N THR C 563 60.29 11.52 103.74
CA THR C 563 60.70 12.23 104.94
C THR C 563 60.76 13.71 104.63
N LEU C 564 60.12 14.53 105.47
CA LEU C 564 60.03 15.97 105.24
C LEU C 564 61.38 16.61 105.53
N GLU C 565 62.27 16.52 104.53
CA GLU C 565 63.60 17.10 104.62
C GLU C 565 63.98 17.68 103.27
N ILE C 566 64.93 18.62 103.29
CA ILE C 566 65.32 19.36 102.11
C ILE C 566 66.61 18.77 101.55
N LEU C 567 66.64 18.59 100.22
CA LEU C 567 67.79 18.03 99.53
C LEU C 567 68.25 19.00 98.45
N ASP C 568 69.52 18.87 98.07
CA ASP C 568 70.14 19.72 97.06
C ASP C 568 70.38 18.90 95.79
N ILE C 569 70.10 19.52 94.64
CA ILE C 569 70.31 18.89 93.34
C ILE C 569 71.38 19.69 92.61
N THR C 570 72.47 19.00 92.22
CA THR C 570 73.55 19.61 91.45
C THR C 570 74.21 18.48 90.67
N PRO C 571 74.37 18.63 89.35
CA PRO C 571 75.11 17.63 88.58
C PRO C 571 76.57 17.59 89.00
N CYS C 572 77.18 16.41 88.88
CA CYS C 572 78.56 16.24 89.29
C CYS C 572 79.51 16.75 88.20
N SER C 573 80.79 16.41 88.33
CA SER C 573 81.83 17.02 87.52
C SER C 573 81.70 16.65 86.04
N PHE C 574 81.70 17.65 85.18
CA PHE C 574 81.60 17.47 83.74
C PHE C 574 82.49 18.51 83.06
N GLY C 575 82.92 18.20 81.84
CA GLY C 575 83.74 19.12 81.10
C GLY C 575 84.16 18.54 79.77
N GLY C 576 85.05 19.26 79.10
CA GLY C 576 85.58 18.85 77.81
C GLY C 576 87.01 18.36 77.97
N VAL C 577 87.36 17.31 77.23
CA VAL C 577 88.68 16.70 77.27
C VAL C 577 89.46 17.16 76.04
N SER C 578 90.73 17.53 76.25
CA SER C 578 91.61 17.95 75.17
C SER C 578 92.87 17.09 75.18
N VAL C 579 93.44 16.91 74.00
CA VAL C 579 94.60 16.04 73.81
C VAL C 579 95.80 16.92 73.50
N ILE C 580 96.79 16.90 74.38
CA ILE C 580 98.03 17.64 74.13
C ILE C 580 99.06 16.66 73.58
N THR C 581 99.40 16.82 72.30
CA THR C 581 100.27 15.89 71.62
C THR C 581 101.34 16.64 70.84
N PRO C 582 102.52 16.05 70.67
CA PRO C 582 103.52 16.61 69.75
C PRO C 582 103.25 16.17 68.31
N GLY C 583 104.17 16.51 67.41
CA GLY C 583 104.03 16.07 66.04
C GLY C 583 104.12 14.55 65.91
N THR C 584 103.57 14.04 64.80
CA THR C 584 103.45 12.59 64.63
C THR C 584 104.82 11.92 64.52
N ASN C 585 105.72 12.49 63.72
CA ASN C 585 107.07 11.95 63.61
C ASN C 585 108.03 12.61 64.60
N THR C 586 107.62 12.70 65.86
CA THR C 586 108.48 13.16 66.94
C THR C 586 108.46 12.23 68.14
N SER C 587 107.29 11.70 68.49
CA SER C 587 107.11 10.83 69.66
C SER C 587 105.75 10.15 69.51
N ASN C 588 105.32 9.46 70.57
CA ASN C 588 104.01 8.82 70.60
C ASN C 588 103.21 9.08 71.86
N GLN C 589 103.82 9.59 72.92
CA GLN C 589 103.10 9.86 74.16
C GLN C 589 102.20 11.09 74.01
N VAL C 590 101.11 11.09 74.75
CA VAL C 590 100.13 12.17 74.72
C VAL C 590 99.81 12.60 76.15
N ALA C 591 99.27 13.80 76.27
CA ALA C 591 98.85 14.37 77.55
C ALA C 591 97.36 14.66 77.53
N VAL C 592 96.72 14.46 78.67
CA VAL C 592 95.27 14.61 78.81
C VAL C 592 94.99 15.79 79.73
N LEU C 593 94.20 16.75 79.25
CA LEU C 593 93.79 17.90 80.03
C LEU C 593 92.27 17.91 80.13
N TYR C 594 91.76 18.01 81.35
CA TYR C 594 90.32 18.09 81.61
C TYR C 594 89.96 19.52 81.92
N GLN C 595 89.00 20.07 81.18
CA GLN C 595 88.60 21.46 81.32
C GLN C 595 87.49 21.57 82.36
N GLY C 596 87.75 22.35 83.42
CA GLY C 596 86.75 22.56 84.44
C GLY C 596 86.51 21.42 85.38
N VAL C 597 87.39 20.41 85.39
CA VAL C 597 87.22 19.23 86.23
C VAL C 597 88.40 19.15 87.18
N ASN C 598 88.11 19.10 88.48
CA ASN C 598 89.14 18.92 89.50
C ASN C 598 89.56 17.45 89.55
N CYS C 599 90.85 17.22 89.75
CA CYS C 599 91.40 15.86 89.85
C CYS C 599 91.26 15.31 91.27
N THR C 600 90.01 15.23 91.71
CA THR C 600 89.68 14.60 92.99
C THR C 600 88.59 13.55 92.74
N GLU C 601 87.68 13.87 91.81
CA GLU C 601 86.59 12.96 91.44
C GLU C 601 86.72 12.51 89.98
N VAL C 602 87.94 12.43 89.47
CA VAL C 602 88.18 12.03 88.09
C VAL C 602 88.02 10.52 87.94
N ASN C 623 102.86 13.94 88.13
CA ASN C 623 102.03 13.43 87.04
C ASN C 623 100.63 14.02 87.09
N VAL C 624 100.23 14.47 88.27
CA VAL C 624 98.91 15.07 88.48
C VAL C 624 99.16 16.53 88.84
N PHE C 625 99.03 17.41 87.86
CA PHE C 625 99.23 18.84 88.04
C PHE C 625 97.92 19.57 87.79
N GLN C 626 97.57 20.50 88.69
CA GLN C 626 96.32 21.24 88.62
C GLN C 626 96.62 22.69 88.30
N THR C 627 95.99 23.20 87.23
CA THR C 627 96.09 24.59 86.82
C THR C 627 94.71 25.26 86.95
N ARG C 628 94.65 26.53 86.55
CA ARG C 628 93.39 27.26 86.54
C ARG C 628 92.49 26.85 85.37
N ALA C 629 93.05 26.27 84.30
CA ALA C 629 92.27 25.77 83.19
C ALA C 629 91.80 24.35 83.41
N GLY C 630 92.12 23.74 84.55
CA GLY C 630 91.80 22.37 84.88
C GLY C 630 93.03 21.66 85.38
N CYS C 631 92.88 20.36 85.61
CA CYS C 631 93.97 19.52 86.09
C CYS C 631 94.54 18.72 84.93
N LEU C 632 95.87 18.62 84.87
CA LEU C 632 96.57 17.98 83.77
C LEU C 632 97.00 16.58 84.18
N ILE C 633 96.74 15.61 83.29
CA ILE C 633 97.05 14.20 83.53
C ILE C 633 97.96 13.72 82.43
N GLY C 634 99.10 13.15 82.80
CA GLY C 634 100.05 12.61 81.85
C GLY C 634 101.29 13.44 81.60
N ALA C 635 101.49 14.52 82.35
CA ALA C 635 102.66 15.36 82.20
C ALA C 635 103.19 15.75 83.57
N GLU C 636 104.48 16.08 83.61
CA GLU C 636 105.16 16.45 84.84
C GLU C 636 105.45 17.95 84.86
N TYR C 637 105.54 18.51 86.06
CA TYR C 637 105.79 19.93 86.24
C TYR C 637 107.29 20.21 86.33
N VAL C 638 107.72 21.26 85.65
CA VAL C 638 109.12 21.67 85.63
C VAL C 638 109.19 23.12 86.11
N ASN C 639 110.01 23.38 87.12
CA ASN C 639 110.12 24.72 87.70
C ASN C 639 110.86 25.68 86.79
N ASN C 640 111.65 25.18 85.83
CA ASN C 640 112.37 26.06 84.92
C ASN C 640 111.40 26.67 83.90
N SER C 641 111.87 27.73 83.24
CA SER C 641 111.06 28.47 82.28
C SER C 641 111.74 28.46 80.92
N TYR C 642 111.01 28.04 79.89
CA TYR C 642 111.48 28.07 78.52
C TYR C 642 110.38 28.63 77.63
N GLU C 643 110.76 29.01 76.40
CA GLU C 643 109.79 29.43 75.41
C GLU C 643 108.94 28.23 75.00
N CYS C 644 107.62 28.43 74.98
CA CYS C 644 106.67 27.33 74.83
C CYS C 644 106.08 27.33 73.42
N ASP C 645 105.59 26.16 73.02
CA ASP C 645 105.03 25.95 71.69
C ASP C 645 103.53 25.66 71.73
N ILE C 646 103.09 24.75 72.59
CA ILE C 646 101.71 24.31 72.66
C ILE C 646 101.06 25.00 73.86
N PRO C 647 100.13 25.93 73.65
CA PRO C 647 99.46 26.58 74.78
C PRO C 647 98.49 25.65 75.48
N ILE C 648 98.29 25.91 76.78
CA ILE C 648 97.34 25.14 77.58
C ILE C 648 96.25 26.09 78.07
N GLY C 649 96.65 27.14 78.77
CA GLY C 649 95.75 28.13 79.30
C GLY C 649 96.21 28.58 80.67
N ALA C 650 95.94 29.87 80.97
CA ALA C 650 96.26 30.51 82.25
C ALA C 650 97.75 30.42 82.57
N GLY C 651 98.58 30.74 81.58
CA GLY C 651 100.02 30.76 81.80
C GLY C 651 100.69 29.40 81.81
N ILE C 652 100.10 28.39 81.17
CA ILE C 652 100.65 27.05 81.09
C ILE C 652 100.91 26.70 79.63
N CYS C 653 102.06 26.09 79.37
CA CYS C 653 102.37 25.48 78.08
C CYS C 653 103.01 24.12 78.30
N ALA C 654 102.90 23.25 77.29
CA ALA C 654 103.52 21.94 77.30
C ALA C 654 104.35 21.75 76.03
N SER C 655 105.44 21.00 76.15
CA SER C 655 106.34 20.80 75.02
C SER C 655 107.08 19.48 75.21
N TYR C 656 107.65 18.99 74.10
CA TYR C 656 108.41 17.75 74.08
C TYR C 656 109.88 18.11 73.85
N GLN C 657 110.62 18.30 74.94
CA GLN C 657 112.02 18.66 74.86
C GLN C 657 112.78 18.15 76.10
N SER C 669 109.79 13.09 77.15
CA SER C 669 108.45 13.14 77.75
C SER C 669 107.82 14.51 77.59
N ILE C 670 106.59 14.65 78.06
CA ILE C 670 105.85 15.90 77.98
C ILE C 670 105.98 16.62 79.32
N ILE C 671 106.49 17.84 79.29
CA ILE C 671 106.73 18.64 80.49
C ILE C 671 105.89 19.91 80.40
N ALA C 672 105.33 20.32 81.54
CA ALA C 672 104.53 21.53 81.63
C ALA C 672 105.23 22.51 82.57
N TYR C 673 105.42 23.74 82.11
CA TYR C 673 106.11 24.77 82.88
C TYR C 673 105.38 26.09 82.77
N THR C 674 105.93 27.11 83.43
CA THR C 674 105.34 28.44 83.43
C THR C 674 105.92 29.28 82.29
N MET C 675 105.43 30.51 82.20
CA MET C 675 105.80 31.40 81.11
C MET C 675 107.21 31.95 81.26
N SER C 676 107.96 31.88 80.16
CA SER C 676 109.21 32.62 80.01
C SER C 676 108.92 33.79 79.07
N LEU C 677 108.82 34.99 79.65
CA LEU C 677 108.37 36.14 78.88
C LEU C 677 109.44 36.68 77.95
N GLY C 678 110.68 36.25 78.10
CA GLY C 678 111.75 36.67 77.22
C GLY C 678 113.06 36.68 77.98
N ALA C 679 114.11 37.09 77.27
CA ALA C 679 115.43 37.21 77.87
C ALA C 679 115.46 38.42 78.79
N GLU C 680 115.86 38.22 80.03
CA GLU C 680 115.89 39.30 81.02
C GLU C 680 117.08 40.20 80.71
N ASN C 681 116.84 41.26 79.95
CA ASN C 681 117.87 42.21 79.56
C ASN C 681 117.58 43.54 80.25
N SER C 682 118.33 43.83 81.31
CA SER C 682 118.17 45.06 82.09
C SER C 682 119.37 45.96 81.82
N VAL C 683 119.09 47.22 81.48
CA VAL C 683 120.12 48.22 81.23
C VAL C 683 120.26 49.11 82.46
N ALA C 684 121.49 49.38 82.85
CA ALA C 684 121.77 50.19 84.04
C ALA C 684 121.61 51.65 83.68
N TYR C 685 120.44 52.20 84.04
CA TYR C 685 120.18 53.62 83.78
C TYR C 685 121.03 54.48 84.69
N SER C 686 121.60 55.54 84.12
CA SER C 686 122.46 56.47 84.85
C SER C 686 121.96 57.89 84.63
N ASN C 687 122.29 58.77 85.56
CA ASN C 687 121.87 60.15 85.37
C ASN C 687 122.54 60.69 84.12
N ASN C 688 123.83 60.42 83.98
CA ASN C 688 124.58 61.04 82.89
C ASN C 688 125.28 59.92 82.12
N SER C 689 124.63 59.43 81.07
CA SER C 689 125.17 58.39 80.22
C SER C 689 124.43 58.39 78.91
N ILE C 690 125.12 57.96 77.85
CA ILE C 690 124.54 57.92 76.51
C ILE C 690 125.23 56.82 75.71
N ALA C 691 124.47 56.14 74.86
CA ALA C 691 124.99 55.13 73.96
C ALA C 691 124.71 55.54 72.53
N ILE C 692 125.77 55.56 71.71
CA ILE C 692 125.68 55.95 70.31
C ILE C 692 126.16 54.78 69.46
N PRO C 693 125.34 54.27 68.54
CA PRO C 693 125.79 53.18 67.68
C PRO C 693 126.89 53.61 66.74
N THR C 694 127.78 52.65 66.41
CA THR C 694 128.87 52.88 65.48
C THR C 694 128.75 52.08 64.19
N ASN C 695 127.90 51.06 64.19
CA ASN C 695 127.77 50.17 63.05
C ASN C 695 126.33 49.70 62.83
N PHE C 696 125.91 49.65 61.56
CA PHE C 696 124.52 49.37 61.24
C PHE C 696 124.43 48.12 60.39
N THR C 697 123.37 47.35 60.62
CA THR C 697 123.11 46.12 59.89
C THR C 697 121.79 46.27 59.12
N ILE C 698 121.85 46.06 57.80
CA ILE C 698 120.68 46.13 56.95
C ILE C 698 120.13 44.72 56.78
N SER C 699 118.90 44.50 57.21
CA SER C 699 118.25 43.21 57.14
C SER C 699 116.89 43.35 56.47
N VAL C 700 116.43 42.27 55.86
CA VAL C 700 115.15 42.24 55.17
C VAL C 700 114.19 41.36 55.96
N THR C 701 112.97 41.86 56.16
CA THR C 701 111.91 41.14 56.84
C THR C 701 110.76 40.91 55.87
N THR C 702 110.11 39.76 55.99
CA THR C 702 109.00 39.39 55.12
C THR C 702 107.70 39.28 55.91
N GLU C 703 106.67 39.97 55.42
CA GLU C 703 105.31 39.77 55.92
C GLU C 703 104.43 39.57 54.70
N ILE C 704 103.36 38.79 54.86
CA ILE C 704 102.45 38.46 53.78
C ILE C 704 101.09 39.04 54.15
N LEU C 705 100.34 39.48 53.14
CA LEU C 705 98.99 39.96 53.37
C LEU C 705 98.07 39.39 52.29
N PRO C 706 96.98 38.72 52.67
CA PRO C 706 96.02 38.26 51.66
C PRO C 706 95.28 39.42 51.02
N VAL C 707 94.85 39.21 49.78
CA VAL C 707 94.22 40.24 48.97
C VAL C 707 92.77 39.89 48.64
N SER C 708 92.55 38.73 48.03
CA SER C 708 91.23 38.36 47.55
C SER C 708 91.12 36.85 47.44
N MET C 709 89.89 36.38 47.24
CA MET C 709 89.60 34.96 47.05
C MET C 709 88.87 34.71 45.73
N THR C 710 88.81 33.43 45.36
CA THR C 710 88.14 33.02 44.12
C THR C 710 86.66 33.34 44.18
N LYS C 711 86.13 33.88 43.08
CA LYS C 711 84.73 34.24 43.02
C LYS C 711 83.86 32.99 42.95
N THR C 712 82.75 33.01 43.70
CA THR C 712 81.87 31.86 43.81
C THR C 712 80.48 32.22 43.31
N SER C 713 79.89 31.31 42.53
CA SER C 713 78.51 31.43 42.09
C SER C 713 77.82 30.09 42.24
N VAL C 714 76.68 30.09 42.90
CA VAL C 714 75.93 28.86 43.20
C VAL C 714 74.67 28.84 42.36
N ASP C 715 74.35 27.67 41.83
CA ASP C 715 73.09 27.45 41.12
C ASP C 715 72.02 27.21 42.19
N CYS C 716 71.08 28.15 42.30
CA CYS C 716 70.18 28.21 43.44
C CYS C 716 69.16 27.08 43.42
N THR C 717 68.29 27.07 42.40
CA THR C 717 67.26 26.05 42.30
C THR C 717 67.84 24.68 41.95
N MET C 718 69.05 24.63 41.39
CA MET C 718 69.69 23.34 41.14
C MET C 718 70.23 22.73 42.43
N TYR C 719 70.80 23.55 43.31
CA TYR C 719 71.31 23.02 44.58
C TYR C 719 70.18 22.71 45.54
N ILE C 720 69.06 23.45 45.45
CA ILE C 720 67.90 23.13 46.30
C ILE C 720 67.36 21.75 45.96
N CYS C 721 66.86 21.58 44.72
CA CYS C 721 66.38 20.31 44.18
C CYS C 721 66.13 20.45 42.68
N GLY C 722 66.67 19.53 41.89
CA GLY C 722 66.61 19.66 40.44
C GLY C 722 65.69 18.67 39.76
N ASP C 723 65.23 19.04 38.56
CA ASP C 723 64.40 18.20 37.69
C ASP C 723 63.10 17.77 38.37
N SER C 724 62.32 18.77 38.79
CA SER C 724 61.05 18.50 39.46
C SER C 724 60.15 19.72 39.32
N THR C 725 58.94 19.51 38.81
CA THR C 725 57.97 20.61 38.73
C THR C 725 57.39 20.93 40.09
N GLU C 726 57.29 19.93 40.97
CA GLU C 726 56.83 20.16 42.34
C GLU C 726 57.81 21.05 43.09
N CYS C 727 59.11 20.85 42.83
CA CYS C 727 60.14 21.74 43.39
C CYS C 727 59.94 23.18 42.94
N SER C 728 59.64 23.37 41.66
CA SER C 728 59.43 24.72 41.13
C SER C 728 58.20 25.38 41.74
N ASN C 729 57.08 24.65 41.80
CA ASN C 729 55.87 25.26 42.31
C ASN C 729 55.83 25.36 43.83
N LEU C 730 56.72 24.66 44.55
CA LEU C 730 56.88 24.90 45.97
C LEU C 730 57.96 25.92 46.29
N LEU C 731 58.86 26.22 45.35
CA LEU C 731 59.89 27.22 45.58
C LEU C 731 59.46 28.61 45.13
N LEU C 732 58.60 28.71 44.11
CA LEU C 732 58.18 30.04 43.66
C LEU C 732 57.19 30.70 44.62
N GLN C 733 56.57 29.95 45.52
CA GLN C 733 55.58 30.51 46.45
C GLN C 733 56.19 30.93 47.78
N TYR C 734 57.51 30.82 47.94
CA TYR C 734 58.18 31.23 49.17
C TYR C 734 58.56 32.70 49.17
N GLY C 735 57.93 33.52 48.33
CA GLY C 735 58.35 34.90 48.21
C GLY C 735 59.68 34.99 47.51
N SER C 736 60.74 35.26 48.27
CA SER C 736 62.10 35.33 47.74
C SER C 736 63.08 34.94 48.85
N PHE C 737 63.63 33.72 48.73
CA PHE C 737 64.78 33.29 49.51
C PHE C 737 66.03 33.14 48.67
N CYS C 738 65.98 33.55 47.39
CA CYS C 738 67.02 33.24 46.43
C CYS C 738 67.60 34.46 45.73
N THR C 739 66.77 35.48 45.47
CA THR C 739 67.27 36.71 44.86
C THR C 739 68.25 37.43 45.78
N GLN C 740 67.99 37.38 47.10
CA GLN C 740 68.89 38.00 48.06
C GLN C 740 70.25 37.34 48.06
N LEU C 741 70.28 36.00 48.05
CA LEU C 741 71.57 35.30 48.06
C LEU C 741 72.31 35.50 46.76
N LYS C 742 71.59 35.50 45.63
CA LYS C 742 72.25 35.72 44.34
C LYS C 742 72.84 37.13 44.25
N ARG C 743 72.07 38.14 44.70
CA ARG C 743 72.55 39.52 44.69
C ARG C 743 73.73 39.70 45.64
N ALA C 744 73.66 39.09 46.84
CA ALA C 744 74.75 39.20 47.80
C ALA C 744 76.02 38.52 47.28
N LEU C 745 75.88 37.36 46.65
CA LEU C 745 77.05 36.64 46.13
C LEU C 745 77.67 37.40 44.96
N THR C 746 76.85 37.97 44.07
CA THR C 746 77.39 38.77 42.98
C THR C 746 78.05 40.04 43.50
N GLY C 747 77.49 40.66 44.54
CA GLY C 747 78.12 41.82 45.14
C GLY C 747 79.44 41.49 45.81
N ILE C 748 79.52 40.31 46.43
CA ILE C 748 80.78 39.87 47.02
C ILE C 748 81.82 39.62 45.93
N ALA C 749 81.41 39.03 44.81
CA ALA C 749 82.33 38.81 43.70
C ALA C 749 82.83 40.13 43.11
N VAL C 750 81.93 41.11 42.97
CA VAL C 750 82.31 42.44 42.52
C VAL C 750 83.26 43.09 43.53
N GLU C 751 83.03 42.85 44.81
CA GLU C 751 83.91 43.38 45.85
C GLU C 751 85.31 42.78 45.76
N GLN C 752 85.40 41.47 45.49
CA GLN C 752 86.71 40.85 45.34
C GLN C 752 87.44 41.36 44.10
N ASP C 753 86.69 41.57 43.00
CA ASP C 753 87.30 42.16 41.81
C ASP C 753 87.79 43.58 42.07
N LYS C 754 87.01 44.37 42.81
CA LYS C 754 87.42 45.72 43.17
C LYS C 754 88.63 45.71 44.10
N ASN C 755 88.70 44.74 45.00
CA ASN C 755 89.87 44.58 45.85
C ASN C 755 91.11 44.27 45.03
N THR C 756 90.99 43.37 44.05
CA THR C 756 92.10 43.12 43.13
C THR C 756 92.45 44.39 42.33
N GLN C 757 91.48 45.28 42.14
CA GLN C 757 91.76 46.50 41.40
C GLN C 757 92.58 47.50 42.21
N GLU C 758 92.08 47.95 43.38
CA GLU C 758 92.87 48.95 44.11
C GLU C 758 93.98 48.37 44.98
N VAL C 759 94.14 47.05 45.11
CA VAL C 759 95.35 46.57 45.77
C VAL C 759 96.56 46.70 44.85
N PHE C 760 96.42 46.29 43.60
CA PHE C 760 97.60 46.16 42.73
C PHE C 760 97.74 47.27 41.70
N ALA C 761 96.63 47.87 41.26
CA ALA C 761 96.68 48.88 40.18
C ALA C 761 96.59 50.28 40.77
N GLN C 762 97.74 50.76 41.26
CA GLN C 762 97.88 52.13 41.73
C GLN C 762 98.51 53.05 40.70
N VAL C 763 98.98 52.52 39.58
CA VAL C 763 99.64 53.33 38.55
C VAL C 763 98.95 53.11 37.22
N LYS C 764 98.90 54.17 36.42
CA LYS C 764 98.29 54.12 35.09
C LYS C 764 99.32 53.93 33.98
N GLN C 765 100.59 53.72 34.34
CA GLN C 765 101.65 53.49 33.38
C GLN C 765 102.36 52.18 33.69
N ILE C 766 102.88 51.54 32.64
CA ILE C 766 103.61 50.29 32.77
C ILE C 766 105.07 50.61 32.47
N TYR C 767 105.86 50.76 33.52
CA TYR C 767 107.27 51.10 33.36
C TYR C 767 108.09 49.87 32.99
N LYS C 768 109.11 50.08 32.18
CA LYS C 768 110.00 49.02 31.74
C LYS C 768 111.39 49.25 32.33
N THR C 769 112.04 48.17 32.77
CA THR C 769 113.37 48.28 33.35
C THR C 769 114.39 48.65 32.27
N PRO C 770 115.43 49.41 32.64
CA PRO C 770 116.50 49.68 31.68
C PRO C 770 117.28 48.43 31.37
N PRO C 771 117.88 48.34 30.17
CA PRO C 771 118.68 47.15 29.84
C PRO C 771 119.95 47.00 30.66
N ILE C 772 120.44 48.07 31.29
CA ILE C 772 121.62 47.97 32.13
C ILE C 772 121.27 47.29 33.44
N LYS C 773 122.04 46.26 33.80
CA LYS C 773 121.82 45.49 35.01
C LYS C 773 122.70 45.96 36.17
N TYR C 774 123.50 47.00 35.96
CA TYR C 774 124.39 47.52 36.99
C TYR C 774 123.72 48.74 37.63
N PHE C 775 123.19 48.54 38.83
CA PHE C 775 122.56 49.61 39.58
C PHE C 775 123.48 50.23 40.63
N GLY C 776 124.77 49.91 40.59
CA GLY C 776 125.72 50.43 41.55
C GLY C 776 126.33 49.35 42.42
N GLY C 777 126.46 48.14 41.86
CA GLY C 777 126.93 47.00 42.61
C GLY C 777 125.86 46.25 43.37
N PHE C 778 124.60 46.63 43.21
CA PHE C 778 123.49 46.05 43.95
C PHE C 778 122.83 44.98 43.10
N ASN C 779 122.67 43.81 43.72
CA ASN C 779 122.12 42.67 43.01
C ASN C 779 120.63 42.66 42.96
N PHE C 780 120.09 43.16 41.87
CA PHE C 780 118.64 43.09 41.64
C PHE C 780 118.32 42.01 40.61
N SER C 781 118.60 40.76 40.99
CA SER C 781 118.31 39.61 40.14
C SER C 781 117.21 38.71 40.69
N GLN C 782 117.10 38.56 42.00
CA GLN C 782 116.03 37.78 42.59
C GLN C 782 114.75 38.58 42.77
N ILE C 783 114.76 39.88 42.44
CA ILE C 783 113.61 40.74 42.63
C ILE C 783 113.08 41.14 41.26
N LEU C 784 113.95 41.65 40.41
CA LEU C 784 113.54 42.07 39.07
C LEU C 784 113.28 40.85 38.20
N PRO C 785 112.11 40.74 37.57
CA PRO C 785 111.81 39.57 36.73
C PRO C 785 112.67 39.55 35.48
N ASP C 786 112.87 38.34 34.96
CA ASP C 786 113.65 38.10 33.77
C ASP C 786 112.78 37.54 32.66
N PRO C 787 113.07 37.87 31.40
CA PRO C 787 112.25 37.36 30.29
C PRO C 787 112.54 35.92 29.90
N SER C 788 113.53 35.28 30.53
CA SER C 788 113.84 33.89 30.21
C SER C 788 112.76 32.94 30.72
N LYS C 789 112.12 33.27 31.83
CA LYS C 789 111.05 32.44 32.36
C LYS C 789 109.81 32.52 31.47
N PRO C 790 109.10 31.40 31.28
CA PRO C 790 107.89 31.43 30.45
C PRO C 790 106.74 32.22 31.05
N SER C 791 106.68 32.36 32.37
CA SER C 791 105.61 33.09 33.03
C SER C 791 105.97 34.54 33.32
N LYS C 792 107.19 34.97 32.97
CA LYS C 792 107.70 36.32 33.22
C LYS C 792 107.60 36.70 34.70
N ARG C 793 108.14 35.83 35.55
CA ARG C 793 108.06 35.99 36.99
C ARG C 793 109.45 35.92 37.61
N SER C 794 109.61 36.58 38.75
CA SER C 794 110.85 36.54 39.50
C SER C 794 111.06 35.17 40.11
N PRO C 795 112.30 34.78 40.39
CA PRO C 795 112.55 33.50 41.08
C PRO C 795 111.91 33.42 42.45
N ILE C 796 111.80 34.54 43.18
CA ILE C 796 111.09 34.54 44.46
C ILE C 796 109.61 34.25 44.24
N GLU C 797 109.01 34.88 43.23
CA GLU C 797 107.59 34.66 42.93
C GLU C 797 107.35 33.22 42.47
N ASP C 798 108.24 32.68 41.65
CA ASP C 798 108.10 31.29 41.20
C ASP C 798 108.28 30.33 42.37
N LEU C 799 109.22 30.63 43.28
CA LEU C 799 109.43 29.78 44.45
C LEU C 799 108.22 29.76 45.36
N LEU C 800 107.61 30.94 45.60
CA LEU C 800 106.44 30.96 46.47
C LEU C 800 105.22 30.38 45.78
N PHE C 801 105.13 30.50 44.45
CA PHE C 801 104.01 29.90 43.73
C PHE C 801 104.12 28.38 43.71
N ASN C 802 105.34 27.85 43.60
CA ASN C 802 105.53 26.41 43.68
C ASN C 802 105.33 25.90 45.10
N LYS C 803 105.68 26.69 46.11
CA LYS C 803 105.44 26.29 47.48
C LYS C 803 103.95 26.31 47.81
N VAL C 804 103.21 27.29 47.28
CA VAL C 804 101.77 27.37 47.50
C VAL C 804 101.09 26.25 46.71
N THR C 805 100.36 25.40 47.42
CA THR C 805 99.57 24.35 46.78
C THR C 805 98.11 24.43 47.20
N ASN C 834 75.79 18.74 43.23
CA ASN C 834 76.75 19.77 42.88
C ASN C 834 76.06 21.12 42.69
N GLY C 835 76.23 21.71 41.51
CA GLY C 835 75.66 23.00 41.20
C GLY C 835 76.52 24.18 41.55
N LEU C 836 77.65 23.96 42.23
CA LEU C 836 78.54 25.04 42.61
C LEU C 836 79.48 25.36 41.45
N THR C 837 79.69 26.66 41.21
CA THR C 837 80.57 27.12 40.15
C THR C 837 81.57 28.12 40.72
N VAL C 838 82.84 27.93 40.39
CA VAL C 838 83.90 28.84 40.82
C VAL C 838 84.27 29.73 39.64
N LEU C 839 83.98 31.03 39.76
CA LEU C 839 84.28 31.96 38.68
C LEU C 839 85.78 32.27 38.65
N PRO C 840 86.37 32.37 37.47
CA PRO C 840 87.78 32.76 37.37
C PRO C 840 87.94 34.24 37.66
N PRO C 841 89.07 34.65 38.22
CA PRO C 841 89.29 36.08 38.49
C PRO C 841 89.49 36.86 37.20
N LEU C 842 89.18 38.15 37.27
CA LEU C 842 89.39 39.04 36.14
C LEU C 842 90.88 39.19 35.83
N LEU C 843 91.70 39.30 36.87
CA LEU C 843 93.15 39.42 36.71
C LEU C 843 93.80 38.11 37.14
N THR C 844 94.38 37.39 36.18
CA THR C 844 95.14 36.19 36.53
C THR C 844 96.57 36.58 36.94
N ASP C 845 97.45 35.59 36.94
CA ASP C 845 98.80 35.80 37.49
C ASP C 845 99.65 36.70 36.60
N GLU C 846 99.41 36.72 35.28
CA GLU C 846 100.37 37.34 34.37
C GLU C 846 100.32 38.86 34.42
N MET C 847 99.12 39.46 34.46
CA MET C 847 99.09 40.92 34.55
C MET C 847 99.41 41.41 35.96
N ILE C 848 99.18 40.58 36.99
CA ILE C 848 99.66 40.92 38.32
C ILE C 848 101.19 40.92 38.35
N ALA C 849 101.80 39.95 37.66
CA ALA C 849 103.27 39.93 37.55
C ALA C 849 103.78 41.15 36.79
N GLN C 850 103.06 41.54 35.72
CA GLN C 850 103.44 42.74 34.98
C GLN C 850 103.30 43.99 35.85
N TYR C 851 102.26 44.03 36.68
CA TYR C 851 102.07 45.15 37.60
C TYR C 851 103.20 45.23 38.63
N THR C 852 103.62 44.06 39.16
CA THR C 852 104.74 44.06 40.09
C THR C 852 106.03 44.50 39.41
N SER C 853 106.23 44.10 38.15
CA SER C 853 107.39 44.56 37.40
C SER C 853 107.37 46.07 37.19
N ALA C 854 106.19 46.62 36.87
CA ALA C 854 106.06 48.06 36.69
C ALA C 854 106.30 48.82 38.00
N LEU C 855 105.77 48.32 39.11
CA LEU C 855 105.98 48.97 40.40
C LEU C 855 107.44 48.92 40.83
N LEU C 856 108.12 47.78 40.61
CA LEU C 856 109.54 47.71 40.94
C LEU C 856 110.37 48.60 40.04
N ALA C 857 110.00 48.72 38.75
CA ALA C 857 110.69 49.68 37.90
C ALA C 857 110.50 51.10 38.39
N GLY C 858 109.28 51.45 38.80
CA GLY C 858 109.03 52.79 39.31
C GLY C 858 109.76 53.09 40.60
N THR C 859 109.89 52.09 41.48
CA THR C 859 110.61 52.28 42.73
C THR C 859 112.12 52.15 42.61
N ILE C 860 112.63 51.61 41.50
CA ILE C 860 114.08 51.48 41.35
C ILE C 860 114.63 52.62 40.50
N THR C 861 114.16 52.76 39.25
CA THR C 861 114.79 53.72 38.35
C THR C 861 114.16 55.10 38.40
N SER C 862 113.10 55.29 39.19
CA SER C 862 112.44 56.59 39.29
C SER C 862 112.34 57.11 40.72
N GLY C 863 112.89 56.38 41.69
CA GLY C 863 112.80 56.83 43.07
C GLY C 863 111.38 56.70 43.62
N TRP C 864 111.03 57.64 44.49
CA TRP C 864 109.68 57.72 45.03
C TRP C 864 108.86 58.85 44.41
N THR C 865 109.46 59.64 43.53
CA THR C 865 108.76 60.74 42.88
C THR C 865 108.13 60.33 41.55
N PHE C 866 107.37 59.23 41.58
CA PHE C 866 106.64 58.77 40.41
C PHE C 866 105.16 58.52 40.70
N GLY C 867 104.78 58.22 41.93
CA GLY C 867 103.39 58.13 42.31
C GLY C 867 102.73 59.46 42.60
N ALA C 868 103.51 60.54 42.60
CA ALA C 868 102.98 61.89 42.79
C ALA C 868 103.47 62.72 41.59
N GLY C 869 102.69 62.69 40.52
CA GLY C 869 103.06 63.37 39.29
C GLY C 869 103.82 62.47 38.35
N PRO C 870 104.48 63.06 37.35
CA PRO C 870 105.23 62.27 36.38
C PRO C 870 106.52 61.72 36.96
N ALA C 871 106.99 60.63 36.36
CA ALA C 871 108.22 59.98 36.80
C ALA C 871 109.44 60.80 36.40
N LEU C 872 110.46 60.75 37.24
CA LEU C 872 111.71 61.46 37.02
C LEU C 872 112.87 60.47 37.05
N GLN C 873 113.90 60.74 36.26
CA GLN C 873 115.09 59.89 36.25
C GLN C 873 115.88 60.10 37.53
N ILE C 874 115.93 59.07 38.37
CA ILE C 874 116.63 59.15 39.66
C ILE C 874 117.66 58.05 39.74
N PRO C 875 118.95 58.38 39.85
CA PRO C 875 119.96 57.34 40.10
C PRO C 875 119.76 56.67 41.45
N PHE C 876 120.13 55.41 41.52
CA PHE C 876 119.94 54.58 42.70
C PHE C 876 120.74 55.04 43.94
N PRO C 877 122.05 55.35 43.87
CA PRO C 877 122.78 55.64 45.13
C PRO C 877 122.36 56.94 45.81
N MET C 878 122.10 58.02 45.07
CA MET C 878 121.69 59.25 45.75
C MET C 878 120.24 59.14 46.22
N GLN C 879 119.45 58.27 45.58
CA GLN C 879 118.15 57.91 46.12
C GLN C 879 118.30 57.20 47.47
N MET C 880 119.27 56.30 47.57
CA MET C 880 119.52 55.62 48.85
C MET C 880 120.01 56.61 49.90
N ALA C 881 120.80 57.58 49.47
CA ALA C 881 121.24 58.66 50.37
C ALA C 881 120.06 59.49 50.85
N TYR C 882 119.09 59.74 49.96
CA TYR C 882 117.86 60.42 50.37
C TYR C 882 117.08 59.59 51.38
N ARG C 883 117.04 58.26 51.18
CA ARG C 883 116.36 57.38 52.13
C ARG C 883 117.03 57.41 53.50
N PHE C 884 118.37 57.45 53.53
CA PHE C 884 119.05 57.64 54.81
C PHE C 884 118.81 59.04 55.38
N ASN C 885 118.65 60.03 54.51
CA ASN C 885 118.36 61.38 54.97
C ASN C 885 116.94 61.52 55.53
N GLY C 886 116.04 60.62 55.15
CA GLY C 886 114.68 60.68 55.66
C GLY C 886 114.52 60.21 57.09
N ILE C 887 115.52 59.52 57.63
CA ILE C 887 115.44 59.01 58.99
C ILE C 887 116.45 59.74 59.89
N GLY C 888 116.80 60.95 59.51
CA GLY C 888 117.66 61.78 60.34
C GLY C 888 119.13 61.42 60.33
N VAL C 889 119.61 60.73 59.30
CA VAL C 889 121.00 60.35 59.17
C VAL C 889 121.58 61.08 57.96
N THR C 890 122.74 61.71 58.15
CA THR C 890 123.38 62.45 57.07
C THR C 890 123.82 61.50 55.96
N GLN C 891 123.83 62.02 54.73
CA GLN C 891 124.06 61.19 53.56
C GLN C 891 125.54 60.87 53.34
N ASN C 892 126.44 61.46 54.14
CA ASN C 892 127.86 61.21 53.93
C ASN C 892 128.28 59.82 54.38
N VAL C 893 127.49 59.19 55.25
CA VAL C 893 127.83 57.86 55.74
C VAL C 893 127.62 56.80 54.66
N LEU C 894 126.78 57.07 53.65
CA LEU C 894 126.58 56.11 52.57
C LEU C 894 127.80 56.01 51.68
N TYR C 895 128.36 57.14 51.27
CA TYR C 895 129.40 57.17 50.25
C TYR C 895 130.74 56.69 50.76
N GLU C 896 130.93 56.59 52.07
CA GLU C 896 132.12 55.98 52.65
C GLU C 896 131.92 54.49 52.94
N ASN C 897 130.70 53.97 52.78
CA ASN C 897 130.41 52.57 53.08
C ASN C 897 129.46 51.96 52.04
N GLN C 898 129.56 52.41 50.79
CA GLN C 898 128.64 51.94 49.75
C GLN C 898 128.84 50.46 49.45
N LYS C 899 130.09 50.00 49.39
CA LYS C 899 130.38 48.59 49.11
C LYS C 899 129.86 47.69 50.22
N LEU C 900 130.02 48.12 51.48
CA LEU C 900 129.51 47.34 52.61
C LEU C 900 128.00 47.26 52.60
N ILE C 901 127.32 48.37 52.27
CA ILE C 901 125.87 48.38 52.19
C ILE C 901 125.38 47.47 51.07
N ALA C 902 126.04 47.51 49.91
CA ALA C 902 125.65 46.66 48.78
C ALA C 902 125.86 45.19 49.12
N ASN C 903 126.99 44.85 49.75
CA ASN C 903 127.26 43.47 50.12
C ASN C 903 126.27 42.97 51.17
N GLN C 904 125.93 43.81 52.14
CA GLN C 904 124.96 43.43 53.16
C GLN C 904 123.58 43.22 52.56
N PHE C 905 123.18 44.08 51.61
CA PHE C 905 121.86 43.96 51.01
C PHE C 905 121.79 42.70 50.14
N ASN C 906 122.86 42.40 49.40
CA ASN C 906 122.88 41.18 48.60
C ASN C 906 122.89 39.94 49.47
N SER C 907 123.65 39.95 50.59
CA SER C 907 123.66 38.83 51.51
C SER C 907 122.30 38.62 52.16
N ALA C 908 121.62 39.72 52.50
CA ALA C 908 120.28 39.62 53.07
C ALA C 908 119.28 39.07 52.06
N ILE C 909 119.42 39.46 50.78
CA ILE C 909 118.57 38.92 49.73
C ILE C 909 118.79 37.42 49.58
N GLY C 910 120.06 36.98 49.58
CA GLY C 910 120.34 35.55 49.49
C GLY C 910 119.81 34.78 50.69
N LYS C 911 119.98 35.34 51.89
CA LYS C 911 119.50 34.68 53.11
C LYS C 911 117.98 34.58 53.11
N ILE C 912 117.29 35.64 52.69
CA ILE C 912 115.83 35.59 52.70
C ILE C 912 115.30 34.71 51.57
N GLN C 913 116.04 34.60 50.46
CA GLN C 913 115.64 33.68 49.40
C GLN C 913 115.80 32.23 49.85
N ASP C 914 116.85 31.94 50.62
CA ASP C 914 116.99 30.61 51.21
C ASP C 914 115.94 30.36 52.28
N SER C 915 115.60 31.39 53.07
CA SER C 915 114.67 31.24 54.17
C SER C 915 113.22 31.11 53.72
N LEU C 916 112.87 31.65 52.55
CA LEU C 916 111.52 31.49 52.03
C LEU C 916 111.21 30.04 51.70
N SER C 917 112.20 29.26 51.29
CA SER C 917 112.01 27.85 50.98
C SER C 917 112.39 26.92 52.12
N SER C 918 113.30 27.34 53.01
CA SER C 918 113.70 26.47 54.11
C SER C 918 112.59 26.35 55.15
N THR C 919 111.97 27.47 55.51
CA THR C 919 110.91 27.44 56.51
C THR C 919 109.61 26.95 55.89
N PRO C 920 109.01 25.87 56.38
CA PRO C 920 107.71 25.45 55.84
C PRO C 920 106.54 26.20 56.42
N SER C 921 106.69 26.80 57.60
CA SER C 921 105.61 27.52 58.27
C SER C 921 105.77 29.03 58.16
N ALA C 922 106.41 29.51 57.09
CA ALA C 922 106.37 30.92 56.74
C ALA C 922 105.20 31.23 55.82
N LEU C 923 104.43 30.21 55.46
CA LEU C 923 103.27 30.40 54.59
C LEU C 923 102.08 29.69 55.20
N GLY C 924 101.28 30.41 55.98
CA GLY C 924 100.17 29.78 56.66
C GLY C 924 98.80 30.33 56.35
N LYS C 925 98.54 31.57 56.76
CA LYS C 925 97.19 32.13 56.58
C LYS C 925 96.62 31.92 55.19
N LEU C 926 97.41 32.21 54.15
CA LEU C 926 96.92 32.06 52.79
C LEU C 926 96.50 30.62 52.57
N GLN C 927 97.34 29.68 52.98
CA GLN C 927 97.01 28.27 52.85
C GLN C 927 95.85 27.94 53.78
N ASP C 928 95.86 28.52 54.98
CA ASP C 928 94.79 28.27 55.92
C ASP C 928 93.47 28.78 55.37
N VAL C 929 93.47 30.02 54.89
CA VAL C 929 92.22 30.61 54.40
C VAL C 929 91.76 29.90 53.11
N VAL C 930 92.67 29.32 52.33
CA VAL C 930 92.20 28.55 51.19
C VAL C 930 91.68 27.18 51.65
N ASN C 931 92.21 26.64 52.76
CA ASN C 931 91.60 25.45 53.34
C ASN C 931 90.24 25.78 53.95
N HIS C 932 90.09 26.99 54.49
CA HIS C 932 88.78 27.47 54.92
C HIS C 932 87.80 27.51 53.76
N ASN C 933 88.24 28.05 52.61
CA ASN C 933 87.37 28.13 51.44
C ASN C 933 87.03 26.74 50.90
N ALA C 934 88.02 25.84 50.84
CA ALA C 934 87.78 24.48 50.37
C ALA C 934 86.85 23.71 51.31
N GLN C 935 87.04 23.88 52.62
CA GLN C 935 86.19 23.21 53.59
C GLN C 935 84.75 23.74 53.54
N ALA C 936 84.60 25.05 53.36
CA ALA C 936 83.27 25.63 53.24
C ALA C 936 82.60 25.20 51.94
N LEU C 937 83.37 25.02 50.88
CA LEU C 937 82.82 24.49 49.63
C LEU C 937 82.44 23.02 49.75
N ASN C 938 83.22 22.22 50.48
CA ASN C 938 82.94 20.79 50.60
C ASN C 938 81.81 20.51 51.58
N THR C 939 81.68 21.31 52.64
CA THR C 939 80.64 21.04 53.63
C THR C 939 79.25 21.34 53.10
N LEU C 940 79.12 22.17 52.07
CA LEU C 940 77.82 22.39 51.43
C LEU C 940 77.34 21.12 50.73
N VAL C 941 78.23 20.46 49.99
CA VAL C 941 77.88 19.20 49.35
C VAL C 941 77.73 18.10 50.40
N LYS C 942 78.49 18.18 51.50
CA LYS C 942 78.33 17.24 52.60
C LYS C 942 76.94 17.35 53.23
N GLN C 943 76.44 18.57 53.38
CA GLN C 943 75.08 18.79 53.88
C GLN C 943 74.02 18.56 52.80
N LEU C 944 74.41 18.47 51.53
CA LEU C 944 73.45 18.18 50.48
C LEU C 944 72.91 16.76 50.57
N SER C 945 73.65 15.86 51.23
CA SER C 945 73.29 14.44 51.28
C SER C 945 72.87 14.02 52.69
N SER C 946 72.09 14.87 53.35
CA SER C 946 71.55 14.57 54.67
C SER C 946 70.03 14.49 54.60
N LYS C 947 69.46 13.65 55.47
CA LYS C 947 68.02 13.39 55.41
C LYS C 947 67.19 14.56 55.92
N PHE C 948 67.77 15.39 56.80
CA PHE C 948 67.10 16.55 57.41
C PHE C 948 65.83 16.15 58.16
N GLY C 949 65.82 14.95 58.75
CA GLY C 949 64.67 14.49 59.49
C GLY C 949 63.50 14.01 58.67
N ALA C 950 63.65 13.94 57.35
CA ALA C 950 62.57 13.52 56.47
C ALA C 950 62.59 12.00 56.30
N ILE C 951 61.79 11.49 55.37
CA ILE C 951 61.78 10.06 55.08
C ILE C 951 63.07 9.64 54.41
N SER C 952 63.51 10.39 53.41
CA SER C 952 64.73 10.09 52.69
C SER C 952 65.44 11.40 52.33
N SER C 953 66.52 11.30 51.56
CA SER C 953 67.29 12.44 51.12
C SER C 953 67.46 12.49 49.60
N VAL C 954 66.73 11.66 48.86
CA VAL C 954 66.82 11.59 47.41
C VAL C 954 65.48 12.03 46.84
N LEU C 955 65.53 12.89 45.82
CA LEU C 955 64.30 13.46 45.25
C LEU C 955 63.42 12.41 44.61
N ASN C 956 64.01 11.51 43.81
CA ASN C 956 63.23 10.52 43.08
C ASN C 956 62.73 9.39 43.98
N ASP C 957 63.31 9.22 45.16
CA ASP C 957 62.82 8.25 46.13
C ASP C 957 61.72 8.82 47.02
N ILE C 958 61.74 10.13 47.27
CA ILE C 958 60.75 10.76 48.13
C ILE C 958 59.55 11.29 47.34
N LEU C 959 59.68 11.47 46.02
CA LEU C 959 58.60 12.00 45.21
C LEU C 959 57.90 10.95 44.38
N SER C 960 58.30 9.69 44.46
CA SER C 960 57.67 8.61 43.71
C SER C 960 57.06 7.55 44.61
N ARG C 961 57.79 7.11 45.64
CA ARG C 961 57.28 6.06 46.52
C ARG C 961 56.19 6.60 47.45
N LEU C 962 56.37 7.81 47.95
CA LEU C 962 55.48 8.36 48.97
C LEU C 962 54.20 8.91 48.33
N ASP C 963 53.18 9.06 49.19
CA ASP C 963 51.92 9.72 48.86
C ASP C 963 52.12 11.23 48.91
N PRO C 964 51.81 11.96 47.85
CA PRO C 964 52.09 13.42 47.80
C PRO C 964 51.40 14.21 48.90
N PRO C 965 50.24 13.78 49.47
CA PRO C 965 49.76 14.44 50.70
C PRO C 965 50.77 14.54 51.84
N GLU C 966 51.62 13.53 52.05
CA GLU C 966 52.70 13.68 53.02
C GLU C 966 54.05 13.96 52.36
N ALA C 967 54.22 13.61 51.09
CA ALA C 967 55.47 13.86 50.41
C ALA C 967 55.71 15.35 50.18
N GLU C 968 54.63 16.13 50.03
CA GLU C 968 54.78 17.59 49.93
C GLU C 968 55.37 18.16 51.22
N VAL C 969 54.88 17.70 52.37
CA VAL C 969 55.40 18.17 53.66
C VAL C 969 56.84 17.69 53.87
N GLN C 970 57.12 16.45 53.45
CA GLN C 970 58.48 15.91 53.60
C GLN C 970 59.48 16.69 52.76
N ILE C 971 59.15 16.96 51.49
CA ILE C 971 60.05 17.72 50.64
C ILE C 971 60.11 19.18 51.07
N ASP C 972 59.04 19.71 51.68
CA ASP C 972 59.06 21.06 52.23
C ASP C 972 60.05 21.16 53.38
N ARG C 973 60.04 20.19 54.29
CA ARG C 973 61.00 20.18 55.39
C ARG C 973 62.43 19.98 54.88
N LEU C 974 62.60 19.13 53.86
CA LEU C 974 63.92 18.90 53.29
C LEU C 974 64.50 20.16 52.66
N ILE C 975 63.70 20.87 51.86
CA ILE C 975 64.22 22.08 51.23
C ILE C 975 64.32 23.22 52.24
N THR C 976 63.54 23.18 53.33
CA THR C 976 63.73 24.15 54.41
C THR C 976 65.08 23.95 55.09
N GLY C 977 65.43 22.69 55.39
CA GLY C 977 66.75 22.43 55.93
C GLY C 977 67.87 22.79 54.96
N ARG C 978 67.66 22.54 53.67
CA ARG C 978 68.66 22.90 52.67
C ARG C 978 68.83 24.41 52.56
N LEU C 979 67.73 25.17 52.62
CA LEU C 979 67.86 26.63 52.53
C LEU C 979 68.49 27.20 53.79
N GLN C 980 68.22 26.60 54.96
CA GLN C 980 68.92 27.01 56.17
C GLN C 980 70.42 26.74 56.07
N SER C 981 70.78 25.58 55.52
CA SER C 981 72.20 25.25 55.35
C SER C 981 72.90 26.22 54.40
N LEU C 982 72.25 26.55 53.27
CA LEU C 982 72.91 27.44 52.32
C LEU C 982 72.94 28.88 52.82
N GLN C 983 71.94 29.30 53.60
CA GLN C 983 71.99 30.66 54.13
C GLN C 983 73.03 30.76 55.26
N THR C 984 73.26 29.67 55.99
CA THR C 984 74.37 29.64 56.93
C THR C 984 75.71 29.73 56.20
N TYR C 985 75.83 29.02 55.07
CA TYR C 985 77.03 29.10 54.24
C TYR C 985 77.23 30.52 53.69
N VAL C 986 76.14 31.17 53.29
CA VAL C 986 76.22 32.55 52.80
C VAL C 986 76.64 33.49 53.92
N THR C 987 76.18 33.24 55.15
CA THR C 987 76.60 34.04 56.30
C THR C 987 78.11 33.91 56.55
N GLN C 988 78.62 32.67 56.54
CA GLN C 988 80.07 32.50 56.70
C GLN C 988 80.83 33.12 55.54
N GLN C 989 80.29 33.03 54.32
CA GLN C 989 80.95 33.61 53.16
C GLN C 989 81.03 35.13 53.27
N LEU C 990 79.95 35.78 53.72
CA LEU C 990 79.97 37.24 53.83
C LEU C 990 80.87 37.70 54.97
N ILE C 991 80.92 36.94 56.08
CA ILE C 991 81.85 37.27 57.15
C ILE C 991 83.30 37.15 56.68
N ARG C 992 83.62 36.06 55.97
CA ARG C 992 84.98 35.89 55.46
C ARG C 992 85.31 36.93 54.40
N ALA C 993 84.32 37.33 53.60
CA ALA C 993 84.55 38.37 52.60
C ALA C 993 84.77 39.73 53.25
N ALA C 994 84.08 40.02 54.36
CA ALA C 994 84.35 41.26 55.10
C ALA C 994 85.75 41.24 55.69
N GLU C 995 86.18 40.10 56.21
CA GLU C 995 87.55 39.98 56.72
C GLU C 995 88.58 40.17 55.61
N ILE C 996 88.33 39.59 54.44
CA ILE C 996 89.22 39.72 53.29
C ILE C 996 89.25 41.17 52.80
N ARG C 997 88.09 41.85 52.83
CA ARG C 997 88.03 43.24 52.42
C ARG C 997 88.82 44.14 53.37
N ALA C 998 88.72 43.90 54.68
CA ALA C 998 89.50 44.67 55.64
C ALA C 998 90.99 44.42 55.47
N SER C 999 91.38 43.16 55.26
CA SER C 999 92.79 42.84 55.03
C SER C 999 93.30 43.48 53.74
N ALA C 1000 92.47 43.49 52.69
CA ALA C 1000 92.87 44.12 51.43
C ALA C 1000 92.96 45.64 51.55
N ASN C 1001 92.10 46.25 52.36
CA ASN C 1001 92.19 47.69 52.60
C ASN C 1001 93.49 48.03 53.34
N LEU C 1002 93.85 47.23 54.35
CA LEU C 1002 95.11 47.48 55.06
C LEU C 1002 96.30 47.18 54.14
N ALA C 1003 96.16 46.20 53.24
CA ALA C 1003 97.19 45.93 52.26
C ALA C 1003 97.35 47.08 51.27
N ALA C 1004 96.24 47.71 50.89
CA ALA C 1004 96.31 48.89 50.02
C ALA C 1004 96.97 50.06 50.73
N THR C 1005 96.70 50.21 52.04
CA THR C 1005 97.39 51.24 52.83
C THR C 1005 98.90 50.98 52.88
N LYS C 1006 99.29 49.71 53.07
CA LYS C 1006 100.70 49.35 53.05
C LYS C 1006 101.31 49.57 51.67
N MET C 1007 100.53 49.31 50.62
CA MET C 1007 100.98 49.53 49.25
C MET C 1007 101.23 51.01 48.98
N SER C 1008 100.34 51.87 49.47
CA SER C 1008 100.46 53.30 49.24
C SER C 1008 101.55 53.94 50.09
N GLU C 1009 101.80 53.42 51.30
CA GLU C 1009 102.73 54.06 52.23
C GLU C 1009 104.12 53.44 52.19
N CYS C 1010 104.23 52.14 52.42
CA CYS C 1010 105.55 51.51 52.55
C CYS C 1010 106.27 51.36 51.23
N VAL C 1011 105.56 51.42 50.10
CA VAL C 1011 106.16 51.22 48.78
C VAL C 1011 106.32 52.54 48.03
N LEU C 1012 105.22 53.28 47.84
CA LEU C 1012 105.25 54.53 47.08
C LEU C 1012 105.68 55.66 48.02
N GLY C 1013 106.95 55.63 48.39
CA GLY C 1013 107.53 56.61 49.28
C GLY C 1013 108.04 55.96 50.56
N GLN C 1014 108.53 56.82 51.46
CA GLN C 1014 109.05 56.40 52.74
C GLN C 1014 108.10 56.81 53.86
N SER C 1015 107.78 55.86 54.72
CA SER C 1015 106.90 56.07 55.87
C SER C 1015 107.77 56.08 57.13
N LYS C 1016 107.73 57.20 57.87
CA LYS C 1016 108.62 57.38 59.00
C LYS C 1016 108.15 56.69 60.28
N ARG C 1017 106.88 56.30 60.36
CA ARG C 1017 106.35 55.71 61.58
C ARG C 1017 106.89 54.30 61.78
N VAL C 1018 107.28 54.00 63.02
CA VAL C 1018 107.95 52.75 63.34
C VAL C 1018 106.93 51.62 63.41
N ASP C 1019 107.36 50.45 62.96
CA ASP C 1019 106.49 49.28 62.95
C ASP C 1019 105.60 49.29 61.72
N PHE C 1020 105.26 50.47 61.22
CA PHE C 1020 104.33 50.48 60.11
C PHE C 1020 104.93 49.83 58.88
N CYS C 1021 106.22 50.02 58.66
CA CYS C 1021 106.87 49.38 57.51
C CYS C 1021 108.18 48.71 57.87
N GLY C 1022 108.12 47.66 58.68
CA GLY C 1022 109.31 46.91 59.04
C GLY C 1022 109.78 47.11 60.46
N LYS C 1023 110.29 46.06 61.08
CA LYS C 1023 110.87 46.23 62.41
C LYS C 1023 112.11 47.11 62.33
N GLY C 1024 112.01 48.32 62.85
CA GLY C 1024 113.08 49.29 62.80
C GLY C 1024 112.74 50.46 61.90
N TYR C 1025 113.76 51.25 61.58
CA TYR C 1025 113.59 52.37 60.68
C TYR C 1025 113.34 51.88 59.27
N HIS C 1026 112.29 52.41 58.64
CA HIS C 1026 111.88 51.99 57.31
C HIS C 1026 112.66 52.75 56.25
N LEU C 1027 113.08 52.03 55.21
CA LEU C 1027 113.78 52.63 54.08
C LEU C 1027 112.97 52.49 52.79
N MET C 1028 112.64 51.27 52.37
CA MET C 1028 111.81 51.02 51.20
C MET C 1028 111.34 49.57 51.26
N SER C 1029 110.58 49.15 50.25
CA SER C 1029 110.09 47.79 50.19
C SER C 1029 109.88 47.39 48.73
N PHE C 1030 109.85 46.08 48.51
CA PHE C 1030 109.70 45.51 47.17
C PHE C 1030 108.60 44.45 47.21
N PRO C 1031 107.41 44.74 46.70
CA PRO C 1031 106.34 43.73 46.67
C PRO C 1031 106.54 42.73 45.55
N GLN C 1032 106.02 41.52 45.76
CA GLN C 1032 106.06 40.48 44.75
C GLN C 1032 104.67 39.88 44.58
N SER C 1033 104.40 39.38 43.39
CA SER C 1033 103.10 38.78 43.11
C SER C 1033 102.95 37.45 43.84
N ALA C 1034 101.76 37.22 44.38
CA ALA C 1034 101.44 36.00 45.12
C ALA C 1034 100.07 35.51 44.70
N PRO C 1035 99.83 34.20 44.75
CA PRO C 1035 98.48 33.68 44.44
C PRO C 1035 97.50 34.04 45.54
N HIS C 1036 96.44 34.77 45.16
CA HIS C 1036 95.36 35.18 46.05
C HIS C 1036 95.86 36.02 47.22
N GLY C 1037 96.92 36.79 46.98
CA GLY C 1037 97.50 37.60 48.04
C GLY C 1037 98.69 38.39 47.52
N VAL C 1038 99.39 39.03 48.46
CA VAL C 1038 100.57 39.82 48.16
C VAL C 1038 101.60 39.58 49.26
N VAL C 1039 102.87 39.63 48.89
CA VAL C 1039 103.98 39.42 49.82
C VAL C 1039 104.89 40.65 49.77
N PHE C 1040 105.36 41.08 50.94
CA PHE C 1040 106.18 42.27 51.06
C PHE C 1040 107.61 41.90 51.43
N LEU C 1041 108.56 42.67 50.93
CA LEU C 1041 109.98 42.49 51.22
C LEU C 1041 110.51 43.83 51.74
N HIS C 1042 110.40 44.04 53.05
CA HIS C 1042 110.84 45.27 53.66
C HIS C 1042 112.37 45.34 53.73
N VAL C 1043 112.89 46.55 53.82
CA VAL C 1043 114.30 46.81 54.07
C VAL C 1043 114.38 47.73 55.29
N THR C 1044 115.05 47.26 56.33
CA THR C 1044 115.07 47.96 57.61
C THR C 1044 116.50 48.37 57.96
N TYR C 1045 116.61 49.51 58.66
CA TYR C 1045 117.88 50.03 59.14
C TYR C 1045 117.98 49.71 60.62
N VAL C 1046 118.77 48.69 60.95
CA VAL C 1046 118.91 48.22 62.32
C VAL C 1046 120.34 48.52 62.79
N PRO C 1047 120.53 49.51 63.66
CA PRO C 1047 121.88 49.78 64.19
C PRO C 1047 122.29 48.76 65.24
N ALA C 1048 123.59 48.70 65.48
CA ALA C 1048 124.16 47.79 66.47
C ALA C 1048 125.49 48.38 66.95
N GLN C 1049 126.25 47.57 67.70
CA GLN C 1049 127.58 47.90 68.21
C GLN C 1049 127.55 49.17 69.07
N GLU C 1050 126.84 49.05 70.19
CA GLU C 1050 126.68 50.15 71.13
C GLU C 1050 128.01 50.52 71.78
N LYS C 1051 128.11 51.78 72.18
CA LYS C 1051 129.34 52.30 72.79
C LYS C 1051 128.95 53.33 73.85
N ASN C 1052 129.43 53.14 75.07
CA ASN C 1052 129.09 54.04 76.16
C ASN C 1052 129.86 55.36 76.03
N PHE C 1053 129.18 56.46 76.38
CA PHE C 1053 129.77 57.78 76.32
C PHE C 1053 129.19 58.64 77.44
N THR C 1054 129.81 59.80 77.64
CA THR C 1054 129.36 60.80 78.61
C THR C 1054 128.94 62.06 77.85
N THR C 1055 127.75 62.56 78.17
CA THR C 1055 127.17 63.68 77.45
C THR C 1055 126.93 64.86 78.40
N ALA C 1056 126.30 65.92 77.87
CA ALA C 1056 125.93 67.09 78.64
C ALA C 1056 124.81 67.80 77.88
N PRO C 1057 123.83 68.38 78.57
CA PRO C 1057 122.75 69.08 77.86
C PRO C 1057 123.20 70.35 77.16
N ALA C 1058 124.25 71.02 77.64
CA ALA C 1058 124.70 72.26 77.03
C ALA C 1058 126.18 72.45 77.36
N ILE C 1059 126.81 73.37 76.63
CA ILE C 1059 128.21 73.72 76.82
C ILE C 1059 128.29 75.18 77.24
N CYS C 1060 129.01 75.43 78.34
CA CYS C 1060 129.18 76.76 78.89
C CYS C 1060 130.46 77.39 78.34
N HIS C 1061 130.34 78.60 77.82
CA HIS C 1061 131.49 79.30 77.25
C HIS C 1061 131.24 80.79 77.32
N ASP C 1062 132.12 81.52 78.02
CA ASP C 1062 132.09 82.98 78.13
C ASP C 1062 130.76 83.49 78.70
N GLY C 1063 130.20 82.75 79.65
CA GLY C 1063 128.99 83.17 80.32
C GLY C 1063 127.70 82.90 79.58
N LYS C 1064 127.75 82.26 78.41
CA LYS C 1064 126.57 81.93 77.65
C LYS C 1064 126.57 80.45 77.31
N ALA C 1065 125.38 79.89 77.13
CA ALA C 1065 125.20 78.47 76.88
C ALA C 1065 125.08 78.18 75.39
N HIS C 1066 125.59 77.02 74.99
CA HIS C 1066 125.51 76.56 73.62
C HIS C 1066 124.66 75.30 73.53
N PHE C 1067 123.88 75.20 72.48
CA PHE C 1067 122.99 74.07 72.28
C PHE C 1067 123.22 73.45 70.91
N PRO C 1068 123.16 72.12 70.81
CA PRO C 1068 123.38 71.47 69.51
C PRO C 1068 122.22 71.71 68.56
N ARG C 1069 122.54 71.77 67.26
CA ARG C 1069 121.53 72.05 66.26
C ARG C 1069 120.92 70.75 65.72
N GLU C 1070 121.75 69.76 65.42
CA GLU C 1070 121.30 68.53 64.80
C GLU C 1070 121.53 67.28 65.66
N GLY C 1071 122.36 67.36 66.68
CA GLY C 1071 122.69 66.17 67.45
C GLY C 1071 122.83 66.39 68.94
N VAL C 1072 123.91 65.85 69.52
CA VAL C 1072 124.12 65.88 70.96
C VAL C 1072 125.63 65.93 71.22
N PHE C 1073 126.03 66.64 72.27
CA PHE C 1073 127.42 66.72 72.66
C PHE C 1073 127.85 65.41 73.30
N VAL C 1074 128.86 64.76 72.73
CA VAL C 1074 129.31 63.45 73.16
C VAL C 1074 130.79 63.52 73.50
N SER C 1075 131.14 63.07 74.71
CA SER C 1075 132.52 63.04 75.18
C SER C 1075 132.90 61.63 75.55
N ASN C 1076 134.08 61.19 75.09
CA ASN C 1076 134.63 59.90 75.49
C ASN C 1076 135.51 60.03 76.73
N GLY C 1077 136.48 60.95 76.71
CA GLY C 1077 137.33 61.21 77.84
C GLY C 1077 137.22 62.64 78.33
N THR C 1078 138.27 63.42 78.09
CA THR C 1078 138.32 64.82 78.49
C THR C 1078 138.06 65.78 77.33
N HIS C 1079 137.67 65.26 76.17
CA HIS C 1079 137.38 66.09 75.00
C HIS C 1079 135.94 65.89 74.56
N TRP C 1080 135.33 66.97 74.09
CA TRP C 1080 133.92 66.99 73.73
C TRP C 1080 133.76 67.15 72.22
N PHE C 1081 132.82 66.40 71.66
CA PHE C 1081 132.53 66.46 70.23
C PHE C 1081 131.02 66.43 70.02
N VAL C 1082 130.60 66.91 68.85
CA VAL C 1082 129.20 66.87 68.45
C VAL C 1082 129.04 65.79 67.40
N THR C 1083 127.97 64.99 67.55
CA THR C 1083 127.71 63.85 66.68
C THR C 1083 126.23 63.83 66.29
N GLN C 1084 125.94 63.18 65.17
CA GLN C 1084 124.55 62.98 64.79
C GLN C 1084 123.90 61.91 65.66
N ARG C 1085 122.58 61.82 65.57
CA ARG C 1085 121.80 61.05 66.54
C ARG C 1085 121.99 59.55 66.36
N ASN C 1086 121.96 59.06 65.12
CA ASN C 1086 121.94 57.63 64.86
C ASN C 1086 123.28 57.07 64.40
N PHE C 1087 124.35 57.87 64.46
CA PHE C 1087 125.66 57.39 64.05
C PHE C 1087 126.73 58.18 64.77
N TYR C 1088 127.91 57.58 64.90
CA TYR C 1088 129.05 58.19 65.58
C TYR C 1088 129.95 58.85 64.55
N GLU C 1089 129.93 60.18 64.51
CA GLU C 1089 130.79 60.96 63.63
C GLU C 1089 131.31 62.16 64.41
N PRO C 1090 132.46 62.03 65.06
CA PRO C 1090 132.95 63.10 65.95
C PRO C 1090 133.47 64.29 65.15
N GLN C 1091 132.92 65.47 65.43
CA GLN C 1091 133.32 66.71 64.80
C GLN C 1091 133.69 67.74 65.87
N ILE C 1092 134.53 68.70 65.48
CA ILE C 1092 134.93 69.75 66.40
C ILE C 1092 133.77 70.71 66.64
N ILE C 1093 133.59 71.13 67.88
CA ILE C 1093 132.47 72.00 68.26
C ILE C 1093 132.77 73.40 67.74
N THR C 1094 131.96 73.86 66.80
CA THR C 1094 132.09 75.20 66.22
C THR C 1094 130.77 75.95 66.38
N THR C 1095 130.77 77.20 65.90
CA THR C 1095 129.59 78.05 65.98
C THR C 1095 128.65 77.90 64.79
N ASP C 1096 129.05 77.16 63.76
CA ASP C 1096 128.20 76.96 62.59
C ASP C 1096 127.15 75.87 62.78
N ASN C 1097 127.30 75.03 63.81
CA ASN C 1097 126.34 73.98 64.11
C ASN C 1097 125.80 74.11 65.53
N THR C 1098 125.98 75.28 66.15
CA THR C 1098 125.46 75.56 67.47
C THR C 1098 124.76 76.91 67.46
N PHE C 1099 123.78 77.06 68.35
CA PHE C 1099 123.05 78.30 68.51
C PHE C 1099 123.00 78.66 69.98
N VAL C 1100 123.16 79.95 70.28
CA VAL C 1100 123.21 80.42 71.66
C VAL C 1100 121.81 80.83 72.10
N SER C 1101 121.55 80.73 73.40
CA SER C 1101 120.26 81.08 73.98
C SER C 1101 120.45 81.29 75.48
N GLY C 1102 120.09 82.47 75.97
CA GLY C 1102 120.16 82.74 77.39
C GLY C 1102 121.58 82.89 77.89
N ASN C 1103 121.77 82.60 79.18
CA ASN C 1103 123.06 82.70 79.83
C ASN C 1103 123.36 81.40 80.56
N CYS C 1104 124.57 81.33 81.13
CA CYS C 1104 125.05 80.12 81.79
C CYS C 1104 124.79 80.20 83.30
N ASP C 1105 123.50 80.28 83.64
CA ASP C 1105 123.10 80.29 85.05
C ASP C 1105 121.86 79.46 85.34
N VAL C 1106 121.24 78.85 84.34
CA VAL C 1106 119.97 78.16 84.53
C VAL C 1106 119.99 76.71 84.05
N VAL C 1107 120.91 76.34 83.14
CA VAL C 1107 120.91 74.99 82.59
C VAL C 1107 121.46 74.02 83.62
N ILE C 1108 120.68 72.98 83.93
CA ILE C 1108 121.08 71.99 84.92
C ILE C 1108 121.97 70.95 84.24
N GLY C 1109 123.18 70.76 84.78
CA GLY C 1109 124.10 69.80 84.23
C GLY C 1109 125.04 70.34 83.17
N ILE C 1110 125.14 71.66 83.03
CA ILE C 1110 126.03 72.25 82.03
C ILE C 1110 127.47 72.08 82.47
N VAL C 1111 128.38 71.97 81.49
CA VAL C 1111 129.80 71.79 81.75
C VAL C 1111 130.57 72.91 81.06
N ASN C 1112 131.77 73.16 81.57
CA ASN C 1112 132.63 74.22 81.05
C ASN C 1112 133.54 73.65 79.97
N ASN C 1113 133.44 74.20 78.76
CA ASN C 1113 134.30 73.79 77.66
C ASN C 1113 134.37 74.91 76.65
N THR C 1114 135.56 75.10 76.07
CA THR C 1114 135.74 76.09 75.03
C THR C 1114 135.12 75.60 73.72
N VAL C 1115 134.81 76.55 72.85
CA VAL C 1115 134.22 76.27 71.54
C VAL C 1115 135.14 76.86 70.47
N TYR C 1116 135.36 76.10 69.40
CA TYR C 1116 136.21 76.57 68.32
C TYR C 1116 135.51 77.68 67.54
N ASP C 1117 136.20 78.80 67.35
CA ASP C 1117 135.68 79.92 66.57
C ASP C 1117 136.13 79.79 65.13
N PRO C 1118 135.17 79.75 64.19
CA PRO C 1118 135.60 79.50 62.81
C PRO C 1118 136.43 80.63 62.20
N LEU C 1119 137.10 80.36 61.08
CA LEU C 1119 137.87 81.39 60.36
C LEU C 1119 138.77 82.26 61.23
N GLN C 1120 139.26 81.71 62.34
CA GLN C 1120 140.05 82.53 63.23
C GLN C 1120 141.42 82.88 62.66
N PRO C 1121 142.21 81.88 62.26
CA PRO C 1121 143.55 82.24 61.78
C PRO C 1121 143.41 82.95 60.46
N GLU C 1122 142.20 83.37 60.14
CA GLU C 1122 141.91 84.03 58.88
C GLU C 1122 141.77 85.54 58.98
N LEU C 1123 141.19 86.06 60.07
CA LEU C 1123 140.98 87.50 60.18
C LEU C 1123 142.25 88.26 60.51
N ASP C 1124 143.27 87.57 61.05
CA ASP C 1124 144.54 88.20 61.38
C ASP C 1124 145.64 87.91 60.36
N SER C 1125 145.40 87.02 59.41
CA SER C 1125 146.40 86.68 58.40
C SER C 1125 146.28 87.60 57.19
N PRO D 2 38.92 -58.33 60.21
CA PRO D 2 38.12 -57.49 59.31
C PRO D 2 37.60 -58.26 58.09
N VAL D 3 37.64 -59.58 58.17
CA VAL D 3 37.17 -60.43 57.08
C VAL D 3 35.65 -60.53 57.12
N LEU D 4 35.03 -60.51 55.95
CA LEU D 4 33.58 -60.63 55.87
C LEU D 4 33.14 -62.05 56.23
N THR D 5 32.05 -62.14 56.99
CA THR D 5 31.51 -63.42 57.44
C THR D 5 30.24 -63.73 56.65
N GLN D 6 30.24 -64.81 55.89
CA GLN D 6 29.08 -65.26 55.15
C GLN D 6 28.91 -66.76 55.32
N PRO D 7 27.67 -67.25 55.37
CA PRO D 7 27.44 -68.69 55.46
C PRO D 7 27.83 -69.37 54.16
N PRO D 8 28.31 -70.62 54.20
CA PRO D 8 28.65 -71.30 52.96
C PRO D 8 27.43 -71.75 52.17
N SER D 9 26.30 -71.99 52.83
CA SER D 9 25.08 -72.39 52.16
C SER D 9 23.91 -71.62 52.73
N ALA D 10 22.86 -71.47 51.93
CA ALA D 10 21.66 -70.76 52.33
C ALA D 10 20.45 -71.67 52.19
N SER D 11 19.58 -71.63 53.19
CA SER D 11 18.36 -72.43 53.23
C SER D 11 17.17 -71.49 53.03
N GLY D 12 16.80 -71.28 51.78
CA GLY D 12 15.70 -70.40 51.44
C GLY D 12 14.50 -71.16 50.90
N PRO D 13 13.43 -71.22 51.67
CA PRO D 13 12.21 -71.89 51.21
C PRO D 13 11.37 -70.98 50.33
N PRO D 14 10.94 -71.46 49.18
CA PRO D 14 10.09 -70.63 48.31
C PRO D 14 8.70 -70.43 48.88
N GLY D 15 8.08 -69.31 48.52
CA GLY D 15 6.75 -68.97 48.96
C GLY D 15 6.69 -68.01 50.13
N GLN D 16 7.82 -67.75 50.79
CA GLN D 16 7.84 -66.83 51.92
C GLN D 16 9.17 -66.09 51.93
N SER D 17 9.18 -64.93 52.56
CA SER D 17 10.37 -64.10 52.64
C SER D 17 11.35 -64.65 53.69
N VAL D 18 12.63 -64.42 53.45
CA VAL D 18 13.68 -64.83 54.37
C VAL D 18 14.82 -63.82 54.26
N SER D 19 15.59 -63.68 55.34
CA SER D 19 16.67 -62.71 55.41
C SER D 19 17.99 -63.42 55.65
N ILE D 20 19.05 -62.93 55.02
CA ILE D 20 20.40 -63.45 55.20
C ILE D 20 21.29 -62.30 55.64
N SER D 21 22.39 -62.63 56.32
CA SER D 21 23.25 -61.65 56.93
C SER D 21 24.67 -61.71 56.35
N CYS D 22 25.27 -60.55 56.18
CA CYS D 22 26.67 -60.41 55.77
C CYS D 22 27.35 -59.47 56.76
N SER D 23 28.14 -60.03 57.67
CA SER D 23 28.74 -59.27 58.76
C SER D 23 30.25 -59.23 58.61
N GLY D 24 30.85 -58.15 59.12
CA GLY D 24 32.29 -57.99 59.07
C GLY D 24 32.92 -57.99 60.46
N SER D 25 33.50 -56.86 60.84
CA SER D 25 34.18 -56.73 62.13
C SER D 25 34.17 -55.26 62.53
N ARG D 26 35.00 -54.91 63.51
CA ARG D 26 35.09 -53.54 63.97
C ARG D 26 35.72 -52.65 62.89
N SER D 27 35.07 -51.52 62.64
CA SER D 27 35.49 -50.53 61.63
C SER D 27 35.62 -51.16 60.24
N ASN D 28 34.68 -52.05 59.91
CA ASN D 28 34.68 -52.74 58.63
C ASN D 28 33.38 -52.54 57.86
N ILE D 29 32.24 -52.56 58.53
CA ILE D 29 30.94 -52.35 57.91
C ILE D 29 30.28 -51.15 58.58
N GLY D 30 29.86 -50.18 57.77
CA GLY D 30 29.23 -48.99 58.29
C GLY D 30 30.02 -47.74 57.95
N THR D 31 31.34 -47.81 58.06
CA THR D 31 32.18 -46.69 57.64
C THR D 31 32.24 -46.57 56.13
N ASN D 32 32.10 -47.69 55.42
CA ASN D 32 32.09 -47.71 53.96
C ASN D 32 30.85 -48.45 53.48
N PHE D 33 30.41 -48.10 52.28
CA PHE D 33 29.21 -48.71 51.71
C PHE D 33 29.47 -50.17 51.34
N VAL D 34 28.42 -50.97 51.47
CA VAL D 34 28.47 -52.41 51.21
C VAL D 34 27.68 -52.70 49.95
N TYR D 35 28.27 -53.47 49.04
CA TYR D 35 27.67 -53.79 47.76
C TYR D 35 27.28 -55.26 47.70
N TRP D 36 26.29 -55.54 46.86
CA TRP D 36 25.84 -56.91 46.60
C TRP D 36 26.18 -57.28 45.16
N TYR D 37 26.89 -58.39 44.98
CA TYR D 37 27.33 -58.83 43.68
C TYR D 37 26.95 -60.29 43.46
N GLN D 38 26.74 -60.65 42.19
CA GLN D 38 26.40 -62.01 41.82
C GLN D 38 27.15 -62.37 40.55
N GLN D 39 27.32 -63.68 40.34
CA GLN D 39 27.96 -64.19 39.13
C GLN D 39 27.22 -65.42 38.64
N LEU D 40 27.01 -65.50 37.33
CA LEU D 40 26.42 -66.69 36.75
C LEU D 40 27.46 -67.80 36.69
N PRO D 41 27.04 -69.06 36.77
CA PRO D 41 28.00 -70.17 36.64
C PRO D 41 28.55 -70.25 35.22
N GLY D 42 29.85 -70.05 35.09
CA GLY D 42 30.50 -70.07 33.78
C GLY D 42 30.31 -68.80 32.97
N ALA D 43 30.04 -67.68 33.63
CA ALA D 43 29.83 -66.41 32.92
C ALA D 43 30.35 -65.27 33.77
N ALA D 44 30.38 -64.09 33.17
CA ALA D 44 30.89 -62.91 33.85
C ALA D 44 29.93 -62.45 34.96
N PRO D 45 30.46 -61.90 36.05
CA PRO D 45 29.60 -61.42 37.14
C PRO D 45 28.86 -60.15 36.75
N LYS D 46 27.87 -59.82 37.57
CA LYS D 46 27.10 -58.58 37.42
C LYS D 46 26.86 -57.99 38.81
N LEU D 47 26.13 -56.88 38.85
CA LEU D 47 25.82 -56.18 40.09
C LEU D 47 24.35 -56.35 40.43
N LEU D 48 24.10 -56.69 41.69
CA LEU D 48 22.72 -56.84 42.20
C LEU D 48 22.23 -55.57 42.87
N ILE D 49 22.90 -55.14 43.94
CA ILE D 49 22.53 -53.95 44.69
C ILE D 49 23.81 -53.18 45.00
N TYR D 50 23.84 -51.89 44.65
CA TYR D 50 24.98 -51.03 44.94
C TYR D 50 24.57 -49.97 45.95
N LYS D 51 25.45 -49.73 46.93
CA LYS D 51 25.32 -48.73 48.00
C LYS D 51 24.19 -49.01 48.99
N ASN D 52 23.45 -50.12 48.77
CA ASN D 52 22.37 -50.59 49.66
C ASN D 52 21.27 -49.54 49.86
N ASP D 53 21.12 -48.63 48.90
CA ASP D 53 20.10 -47.60 48.99
C ASP D 53 19.15 -47.60 47.79
N GLN D 54 19.67 -47.68 46.57
CA GLN D 54 18.86 -47.67 45.37
C GLN D 54 19.14 -48.91 44.53
N ARG D 55 18.11 -49.32 43.77
CA ARG D 55 18.15 -50.51 42.91
C ARG D 55 18.58 -50.10 41.50
N PRO D 56 19.56 -50.78 40.91
CA PRO D 56 19.98 -50.46 39.55
C PRO D 56 18.95 -50.87 38.52
N SER D 57 19.02 -50.23 37.36
CA SER D 57 18.15 -50.57 36.26
C SER D 57 18.58 -51.88 35.60
N GLY D 58 17.61 -52.57 35.01
CA GLY D 58 17.85 -53.85 34.38
C GLY D 58 17.75 -55.04 35.32
N VAL D 59 17.55 -54.81 36.61
CA VAL D 59 17.42 -55.87 37.60
C VAL D 59 16.01 -55.77 38.19
N PRO D 60 15.25 -56.87 38.27
CA PRO D 60 13.93 -56.82 38.89
C PRO D 60 14.00 -56.47 40.37
N GLU D 61 12.98 -55.76 40.84
CA GLU D 61 12.94 -55.27 42.22
C GLU D 61 12.44 -56.38 43.13
N ARG D 62 13.34 -57.31 43.44
CA ARG D 62 13.08 -58.40 44.36
C ARG D 62 14.02 -58.40 45.55
N PHE D 63 15.31 -58.15 45.33
CA PHE D 63 16.28 -58.11 46.41
C PHE D 63 16.29 -56.72 47.05
N PHE D 64 16.17 -56.68 48.37
CA PHE D 64 16.20 -55.43 49.12
C PHE D 64 17.52 -55.34 49.88
N GLY D 65 18.22 -54.22 49.69
CA GLY D 65 19.52 -54.00 50.31
C GLY D 65 19.42 -52.96 51.42
N SER D 66 19.98 -53.31 52.57
CA SER D 66 20.02 -52.40 53.72
C SER D 66 21.17 -52.81 54.62
N LYS D 67 21.57 -51.88 55.48
CA LYS D 67 22.64 -52.11 56.44
C LYS D 67 22.14 -51.83 57.84
N SER D 68 22.49 -52.71 58.78
CA SER D 68 22.14 -52.55 60.20
C SER D 68 23.42 -52.78 61.00
N GLY D 69 24.20 -51.72 61.17
CA GLY D 69 25.45 -51.84 61.92
C GLY D 69 26.46 -52.70 61.19
N THR D 70 27.01 -53.67 61.91
CA THR D 70 27.99 -54.58 61.31
C THR D 70 27.32 -55.57 60.35
N SER D 71 26.11 -56.01 60.66
CA SER D 71 25.41 -56.99 59.84
C SER D 71 24.66 -56.29 58.70
N ALA D 72 24.87 -56.78 57.49
CA ALA D 72 24.16 -56.30 56.31
C ALA D 72 23.13 -57.33 55.89
N SER D 73 21.89 -56.89 55.71
CA SER D 73 20.76 -57.78 55.45
C SER D 73 20.34 -57.69 53.99
N LEU D 74 20.11 -58.85 53.38
CA LEU D 74 19.60 -58.96 52.02
C LEU D 74 18.21 -59.57 52.08
N ALA D 75 17.19 -58.72 51.98
CA ALA D 75 15.80 -59.15 52.05
C ALA D 75 15.29 -59.49 50.66
N ILE D 76 14.55 -60.59 50.55
CA ILE D 76 14.00 -61.06 49.29
C ILE D 76 12.50 -61.27 49.45
N SER D 77 11.79 -61.21 48.33
CA SER D 77 10.34 -61.41 48.30
C SER D 77 10.02 -62.39 47.18
N GLY D 78 9.77 -63.66 47.54
CA GLY D 78 9.46 -64.68 46.58
C GLY D 78 10.70 -65.29 45.93
N LEU D 79 10.67 -66.60 45.73
CA LEU D 79 11.79 -67.33 45.14
C LEU D 79 11.36 -67.96 43.83
N ARG D 80 12.17 -67.77 42.80
CA ARG D 80 11.91 -68.31 41.47
C ARG D 80 13.02 -69.26 41.06
N SER D 81 12.71 -70.14 40.11
CA SER D 81 13.69 -71.12 39.65
C SER D 81 14.77 -70.48 38.80
N GLU D 82 14.47 -69.35 38.16
CA GLU D 82 15.44 -68.66 37.32
C GLU D 82 16.26 -67.64 38.08
N ASP D 83 16.05 -67.50 39.38
CA ASP D 83 16.78 -66.56 40.23
C ASP D 83 17.69 -67.28 41.21
N GLU D 84 18.32 -68.37 40.76
CA GLU D 84 19.23 -69.16 41.59
C GLU D 84 20.69 -68.82 41.33
N VAL D 85 20.97 -67.54 41.06
CA VAL D 85 22.33 -67.11 40.79
C VAL D 85 23.15 -67.12 42.08
N ASP D 86 24.46 -67.29 41.92
CA ASP D 86 25.37 -67.35 43.06
C ASP D 86 25.55 -65.96 43.65
N TYR D 87 25.05 -65.76 44.88
CA TYR D 87 25.11 -64.46 45.53
C TYR D 87 26.42 -64.29 46.28
N TYR D 88 26.89 -63.04 46.36
CA TYR D 88 28.14 -62.72 47.02
C TYR D 88 28.01 -61.36 47.70
N CYS D 89 28.89 -61.12 48.67
CA CYS D 89 28.91 -59.88 49.44
C CYS D 89 30.20 -59.14 49.15
N ALA D 90 30.09 -57.85 48.83
CA ALA D 90 31.24 -57.01 48.52
C ALA D 90 31.27 -55.81 49.45
N ALA D 91 32.45 -55.53 50.01
CA ALA D 91 32.59 -54.44 50.96
C ALA D 91 34.00 -53.87 50.87
N TRP D 92 34.15 -52.66 51.39
CA TRP D 92 35.43 -51.95 51.39
C TRP D 92 35.86 -51.68 52.83
N ASP D 93 37.15 -51.90 53.10
CA ASP D 93 37.72 -51.68 54.42
C ASP D 93 38.95 -50.78 54.30
N ASP D 94 39.07 -49.82 55.21
CA ASP D 94 40.18 -48.89 55.21
C ASP D 94 41.42 -49.44 55.91
N SER D 95 41.30 -50.56 56.61
CA SER D 95 42.43 -51.15 57.31
C SER D 95 43.25 -52.10 56.45
N LEU D 96 42.82 -52.34 55.20
CA LEU D 96 43.50 -53.27 54.31
C LEU D 96 43.84 -52.68 52.95
N SER D 97 43.18 -51.59 52.54
CA SER D 97 43.31 -51.01 51.20
C SER D 97 43.01 -52.03 50.12
N GLY D 98 42.03 -52.89 50.37
CA GLY D 98 41.62 -53.89 49.41
C GLY D 98 40.21 -54.35 49.73
N HIS D 99 39.47 -54.72 48.69
CA HIS D 99 38.10 -55.16 48.88
C HIS D 99 38.06 -56.51 49.58
N VAL D 100 37.13 -56.64 50.53
CA VAL D 100 36.93 -57.86 51.28
C VAL D 100 35.61 -58.48 50.83
N PHE D 101 35.66 -59.75 50.44
CA PHE D 101 34.50 -60.46 49.94
C PHE D 101 34.14 -61.59 50.89
N GLY D 102 32.84 -61.91 50.96
CA GLY D 102 32.37 -62.97 51.82
C GLY D 102 32.67 -64.34 51.25
N ALA D 103 32.35 -65.35 52.05
CA ALA D 103 32.59 -66.74 51.65
C ALA D 103 31.69 -67.19 50.52
N GLY D 104 30.54 -66.54 50.34
CA GLY D 104 29.63 -66.91 49.28
C GLY D 104 28.51 -67.81 49.76
N THR D 105 27.26 -67.41 49.52
CA THR D 105 26.08 -68.14 49.96
C THR D 105 25.45 -68.84 48.77
N LYS D 106 25.23 -70.14 48.91
CA LYS D 106 24.60 -70.94 47.86
C LYS D 106 23.13 -71.14 48.22
N VAL D 107 22.23 -70.67 47.36
CA VAL D 107 20.80 -70.76 47.58
C VAL D 107 20.27 -71.99 46.85
N THR D 108 19.67 -72.91 47.61
CA THR D 108 19.10 -74.13 47.06
C THR D 108 17.63 -74.21 47.44
N VAL D 109 16.80 -74.62 46.48
CA VAL D 109 15.36 -74.72 46.72
C VAL D 109 15.08 -75.93 47.60
N LEU D 110 14.36 -75.70 48.69
CA LEU D 110 14.03 -76.76 49.64
C LEU D 110 12.94 -77.67 49.07
N GLY D 118 13.44 -83.81 46.61
CA GLY D 118 13.74 -83.44 45.24
C GLY D 118 13.64 -84.60 44.27
N GLN D 119 14.64 -85.48 44.31
CA GLN D 119 14.67 -86.64 43.43
C GLN D 119 14.47 -87.92 44.22
N PRO D 120 13.75 -88.90 43.67
CA PRO D 120 13.53 -90.16 44.40
C PRO D 120 14.81 -90.99 44.47
N LYS D 121 14.86 -91.87 45.47
CA LYS D 121 15.99 -92.75 45.65
C LYS D 121 16.03 -93.79 44.53
N ALA D 122 17.25 -94.13 44.10
CA ALA D 122 17.46 -95.11 43.04
C ALA D 122 18.57 -96.07 43.45
N ALA D 123 18.51 -97.27 42.91
CA ALA D 123 19.53 -98.27 43.19
C ALA D 123 20.82 -97.91 42.47
N PRO D 124 21.95 -97.80 43.18
CA PRO D 124 23.21 -97.47 42.51
C PRO D 124 23.71 -98.61 41.64
N SER D 125 24.44 -98.25 40.58
CA SER D 125 25.01 -99.21 39.65
C SER D 125 26.51 -98.97 39.56
N VAL D 126 27.29 -100.02 39.79
CA VAL D 126 28.75 -99.96 39.76
C VAL D 126 29.24 -100.96 38.73
N THR D 127 30.00 -100.48 37.75
CA THR D 127 30.60 -101.33 36.73
C THR D 127 32.10 -101.09 36.71
N LEU D 128 32.86 -102.19 36.73
CA LEU D 128 34.32 -102.13 36.79
C LEU D 128 34.90 -102.49 35.44
N PHE D 129 35.87 -101.71 34.99
CA PHE D 129 36.53 -101.93 33.70
C PHE D 129 38.00 -102.22 33.92
N PRO D 130 38.41 -103.50 33.86
CA PRO D 130 39.83 -103.81 34.03
C PRO D 130 40.62 -103.41 32.80
N PRO D 131 41.90 -103.12 32.95
CA PRO D 131 42.73 -102.81 31.78
C PRO D 131 42.96 -104.06 30.93
N SER D 132 43.22 -103.82 29.65
CA SER D 132 43.40 -104.91 28.69
C SER D 132 44.82 -105.46 28.80
N SER D 133 45.19 -106.34 27.86
CA SER D 133 46.50 -106.99 27.90
C SER D 133 47.62 -106.09 27.38
N GLU D 134 47.29 -104.95 26.77
CA GLU D 134 48.33 -104.06 26.24
C GLU D 134 48.90 -103.13 27.30
N GLU D 135 48.23 -102.98 28.44
CA GLU D 135 48.74 -102.12 29.50
C GLU D 135 49.90 -102.76 30.26
N LEU D 136 49.85 -104.09 30.46
CA LEU D 136 50.90 -104.76 31.21
C LEU D 136 52.20 -104.86 30.43
N GLN D 137 52.15 -104.73 29.10
CA GLN D 137 53.37 -104.63 28.31
C GLN D 137 54.09 -103.31 28.55
N ALA D 138 53.34 -102.26 28.89
CA ALA D 138 53.90 -100.94 29.17
C ALA D 138 54.19 -100.71 30.64
N ASN D 139 54.04 -101.75 31.47
CA ASN D 139 54.30 -101.72 32.91
C ASN D 139 53.44 -100.67 33.62
N LYS D 140 52.19 -100.54 33.19
CA LYS D 140 51.24 -99.63 33.82
C LYS D 140 49.92 -100.35 34.00
N ALA D 141 49.20 -99.98 35.07
CA ALA D 141 47.92 -100.61 35.38
C ALA D 141 47.09 -99.66 36.22
N THR D 142 45.85 -99.41 35.79
CA THR D 142 44.91 -98.59 36.53
C THR D 142 43.54 -99.26 36.51
N LEU D 143 42.75 -98.96 37.55
CA LEU D 143 41.41 -99.53 37.69
C LEU D 143 40.42 -98.40 37.87
N VAL D 144 39.44 -98.32 36.97
CA VAL D 144 38.39 -97.30 37.00
C VAL D 144 37.04 -97.98 37.07
N CYS D 145 36.24 -97.61 38.07
CA CYS D 145 34.86 -98.05 38.17
C CYS D 145 33.97 -96.85 38.48
N LEU D 146 32.85 -96.75 37.77
CA LEU D 146 31.96 -95.61 37.86
C LEU D 146 30.81 -95.88 38.82
N ILE D 147 30.39 -94.83 39.54
CA ILE D 147 29.27 -94.89 40.47
C ILE D 147 28.26 -93.85 40.05
N SER D 148 27.01 -94.27 39.85
CA SER D 148 25.94 -93.38 39.42
C SER D 148 24.65 -93.82 40.09
N ASP D 149 23.55 -93.16 39.70
CA ASP D 149 22.20 -93.43 40.19
C ASP D 149 22.09 -93.32 41.71
N PHE D 150 22.64 -92.24 42.26
CA PHE D 150 22.59 -91.99 43.69
C PHE D 150 22.16 -90.54 43.93
N TYR D 151 21.41 -90.33 45.01
CA TYR D 151 20.89 -89.02 45.37
C TYR D 151 20.66 -88.94 46.87
N PRO D 152 21.32 -88.02 47.59
CA PRO D 152 22.32 -87.07 47.08
C PRO D 152 23.73 -87.67 46.98
N GLY D 153 24.73 -86.81 46.91
CA GLY D 153 26.10 -87.25 46.79
C GLY D 153 26.76 -87.55 48.12
N ALA D 154 28.00 -87.06 48.28
CA ALA D 154 28.82 -87.26 49.49
C ALA D 154 28.98 -88.74 49.82
N VAL D 155 29.21 -89.55 48.79
CA VAL D 155 29.39 -90.98 48.97
C VAL D 155 30.86 -91.29 49.22
N THR D 156 31.12 -92.48 49.76
CA THR D 156 32.48 -92.94 50.07
C THR D 156 32.79 -94.16 49.22
N VAL D 157 33.96 -94.16 48.61
CA VAL D 157 34.41 -95.25 47.74
C VAL D 157 35.64 -95.89 48.36
N ALA D 158 35.68 -97.22 48.35
CA ALA D 158 36.80 -97.98 48.90
C ALA D 158 37.15 -99.11 47.95
N TRP D 159 38.39 -99.57 48.04
CA TRP D 159 38.91 -100.66 47.22
C TRP D 159 39.19 -101.87 48.09
N LYS D 160 38.74 -103.04 47.66
CA LYS D 160 38.90 -104.27 48.40
C LYS D 160 39.60 -105.31 47.52
N ALA D 161 40.60 -105.97 48.08
CA ALA D 161 41.32 -107.04 47.40
C ALA D 161 40.88 -108.43 47.85
N ASP D 162 39.74 -108.51 48.56
CA ASP D 162 39.12 -109.73 49.09
C ASP D 162 39.98 -110.45 50.13
N SER D 163 41.07 -109.84 50.57
CA SER D 163 41.87 -110.38 51.67
C SER D 163 42.14 -109.34 52.76
N SER D 164 42.37 -108.09 52.39
CA SER D 164 42.61 -106.99 53.32
C SER D 164 42.46 -105.69 52.56
N PRO D 165 41.83 -104.66 53.14
CA PRO D 165 41.74 -103.37 52.46
C PRO D 165 43.11 -102.71 52.34
N VAL D 166 43.29 -101.97 51.26
CA VAL D 166 44.54 -101.29 50.96
C VAL D 166 44.27 -99.80 50.78
N LYS D 167 45.11 -98.97 51.39
CA LYS D 167 45.02 -97.50 51.28
C LYS D 167 46.35 -97.01 50.75
N ALA D 168 46.49 -96.97 49.42
CA ALA D 168 47.73 -96.54 48.79
C ALA D 168 47.38 -96.00 47.40
N GLY D 169 47.48 -94.68 47.23
CA GLY D 169 47.18 -94.06 45.96
C GLY D 169 45.72 -94.14 45.55
N VAL D 170 44.81 -93.97 46.50
CA VAL D 170 43.37 -94.00 46.23
C VAL D 170 42.93 -92.59 45.86
N GLU D 171 42.35 -92.43 44.68
CA GLU D 171 41.93 -91.14 44.16
C GLU D 171 40.41 -91.04 44.22
N THR D 172 39.91 -90.01 44.91
CA THR D 172 38.49 -89.74 45.00
C THR D 172 38.23 -88.26 44.79
N THR D 173 37.02 -87.93 44.37
CA THR D 173 36.65 -86.55 44.08
C THR D 173 35.18 -86.34 44.42
N THR D 174 34.82 -85.07 44.59
CA THR D 174 33.43 -84.72 44.88
C THR D 174 32.57 -84.92 43.63
N PRO D 175 31.41 -85.56 43.74
CA PRO D 175 30.55 -85.71 42.57
C PRO D 175 29.98 -84.38 42.10
N SER D 176 29.76 -84.29 40.79
CA SER D 176 29.22 -83.09 40.16
C SER D 176 27.75 -83.28 39.82
N LYS D 177 27.05 -82.16 39.65
CA LYS D 177 25.64 -82.19 39.32
C LYS D 177 25.46 -82.55 37.85
N GLN D 178 24.72 -83.62 37.59
CA GLN D 178 24.44 -84.03 36.23
C GLN D 178 23.42 -83.10 35.58
N SER D 179 23.40 -83.11 34.25
CA SER D 179 22.44 -82.29 33.51
C SER D 179 21.01 -82.82 33.63
N ASN D 180 20.85 -84.10 33.98
CA ASN D 180 19.54 -84.70 34.16
C ASN D 180 19.10 -84.70 35.62
N ASN D 181 19.56 -83.73 36.41
CA ASN D 181 19.24 -83.58 37.83
C ASN D 181 19.63 -84.82 38.63
N LYS D 182 20.91 -85.17 38.56
CA LYS D 182 21.46 -86.32 39.25
C LYS D 182 22.89 -86.03 39.63
N TYR D 183 23.55 -87.03 40.24
CA TYR D 183 24.97 -86.96 40.57
C TYR D 183 25.66 -88.22 40.11
N ALA D 184 26.91 -88.07 39.67
CA ALA D 184 27.74 -89.18 39.22
C ALA D 184 29.13 -89.05 39.82
N ALA D 185 29.70 -90.18 40.21
CA ALA D 185 31.02 -90.22 40.84
C ALA D 185 31.93 -91.18 40.09
N SER D 186 33.19 -90.80 39.97
CA SER D 186 34.21 -91.62 39.32
C SER D 186 35.37 -91.83 40.27
N SER D 187 35.87 -93.07 40.31
CA SER D 187 36.98 -93.44 41.17
C SER D 187 38.10 -94.06 40.34
N TYR D 188 39.34 -93.78 40.76
CA TYR D 188 40.52 -94.23 40.05
C TYR D 188 41.51 -94.84 41.04
N LEU D 189 42.33 -95.76 40.54
CA LEU D 189 43.35 -96.41 41.37
C LEU D 189 44.50 -96.83 40.46
N SER D 190 45.57 -96.04 40.45
CA SER D 190 46.75 -96.34 39.65
C SER D 190 47.70 -97.20 40.49
N LEU D 191 48.02 -98.39 39.97
CA LEU D 191 48.86 -99.33 40.71
C LEU D 191 50.07 -99.77 39.90
N THR D 192 50.81 -100.76 40.41
CA THR D 192 51.98 -101.34 39.78
C THR D 192 51.67 -102.75 39.31
N PRO D 193 52.34 -103.23 38.25
CA PRO D 193 52.11 -104.62 37.81
C PRO D 193 52.49 -105.67 38.84
N GLU D 194 53.39 -105.36 39.77
CA GLU D 194 53.67 -106.28 40.87
C GLU D 194 52.45 -106.45 41.78
N GLN D 195 51.73 -105.36 42.03
CA GLN D 195 50.53 -105.42 42.86
C GLN D 195 49.28 -105.79 42.07
N TRP D 196 49.24 -105.42 40.78
CA TRP D 196 48.07 -105.74 39.95
C TRP D 196 47.94 -107.25 39.72
N LYS D 197 49.06 -107.94 39.56
CA LYS D 197 49.07 -109.39 39.37
C LYS D 197 49.26 -110.16 40.67
N SER D 198 49.34 -109.47 41.81
CA SER D 198 49.53 -110.17 43.08
C SER D 198 48.27 -110.91 43.50
N HIS D 199 47.10 -110.29 43.34
CA HIS D 199 45.83 -110.89 43.70
C HIS D 199 44.98 -111.09 42.45
N ARG D 200 44.15 -112.14 42.47
CA ARG D 200 43.34 -112.51 41.33
C ARG D 200 41.90 -112.05 41.45
N SER D 201 41.61 -111.16 42.39
CA SER D 201 40.25 -110.64 42.56
C SER D 201 40.34 -109.23 43.13
N TYR D 202 39.98 -108.23 42.32
CA TYR D 202 39.98 -106.84 42.72
C TYR D 202 38.58 -106.27 42.56
N SER D 203 38.13 -105.52 43.57
CA SER D 203 36.79 -104.95 43.57
C SER D 203 36.80 -103.57 44.22
N CYS D 204 35.82 -102.75 43.84
CA CYS D 204 35.58 -101.47 44.46
C CYS D 204 34.17 -101.44 45.02
N GLN D 205 34.01 -100.90 46.22
CA GLN D 205 32.74 -100.89 46.91
C GLN D 205 32.39 -99.48 47.36
N VAL D 206 31.09 -99.21 47.45
CA VAL D 206 30.56 -97.94 47.93
C VAL D 206 29.43 -98.23 48.91
N THR D 207 29.10 -97.23 49.71
CA THR D 207 28.01 -97.34 50.67
C THR D 207 26.87 -96.42 50.28
N HIS D 208 25.64 -96.88 50.53
CA HIS D 208 24.44 -96.12 50.18
C HIS D 208 23.37 -96.45 51.21
N GLU D 209 23.27 -95.61 52.25
CA GLU D 209 22.32 -95.77 53.36
C GLU D 209 22.47 -97.14 54.03
N GLY D 210 23.72 -97.59 54.21
CA GLY D 210 24.01 -98.86 54.83
C GLY D 210 24.10 -100.03 53.89
N SER D 211 23.80 -99.85 52.61
CA SER D 211 23.87 -100.92 51.62
C SER D 211 25.13 -100.80 50.79
N THR D 212 25.74 -101.94 50.49
CA THR D 212 26.97 -101.98 49.71
C THR D 212 26.83 -102.96 48.55
N VAL D 213 27.53 -102.67 47.46
CA VAL D 213 27.52 -103.51 46.26
C VAL D 213 28.97 -103.78 45.87
N GLU D 214 29.33 -105.05 45.74
CA GLU D 214 30.68 -105.45 45.36
C GLU D 214 30.61 -106.23 44.05
N LYS D 215 31.47 -105.87 43.10
CA LYS D 215 31.55 -106.52 41.79
C LYS D 215 32.92 -107.18 41.68
N THR D 216 32.93 -108.51 41.59
CA THR D 216 34.16 -109.28 41.49
C THR D 216 34.54 -109.43 40.03
N VAL D 217 35.65 -108.83 39.63
CA VAL D 217 36.15 -108.89 38.27
C VAL D 217 37.60 -109.38 38.31
N ALA D 218 37.86 -110.50 37.62
CA ALA D 218 39.20 -111.06 37.57
C ALA D 218 40.10 -110.24 36.65
N PRO D 219 41.39 -110.13 36.96
CA PRO D 219 42.33 -109.45 36.04
C PRO D 219 42.44 -110.14 34.69
N THR D 220 42.30 -111.46 34.63
CA THR D 220 42.36 -112.18 33.36
C THR D 220 41.07 -112.09 32.57
N GLU D 221 39.98 -111.63 33.20
CA GLU D 221 38.66 -111.44 32.58
C GLU D 221 38.13 -112.73 31.94
N VAL E 2 31.13 -52.90 25.02
CA VAL E 2 32.48 -52.54 24.62
C VAL E 2 33.29 -53.80 24.28
N GLN E 3 34.48 -53.60 23.74
CA GLN E 3 35.34 -54.70 23.29
C GLN E 3 36.25 -55.09 24.46
N LEU E 4 35.80 -56.06 25.25
CA LEU E 4 36.48 -56.47 26.47
C LEU E 4 36.85 -57.95 26.47
N VAL E 5 37.32 -58.49 25.35
CA VAL E 5 37.67 -59.90 25.28
C VAL E 5 39.04 -60.11 25.92
N GLN E 6 39.40 -61.36 26.18
CA GLN E 6 40.65 -61.71 26.83
C GLN E 6 41.53 -62.51 25.87
N SER E 7 42.85 -62.38 26.08
CA SER E 7 43.83 -63.11 25.30
C SER E 7 44.07 -64.47 25.93
N GLY E 8 44.18 -65.50 25.08
CA GLY E 8 44.39 -66.84 25.57
C GLY E 8 45.79 -67.03 26.14
N ALA E 9 45.88 -67.86 27.17
CA ALA E 9 47.14 -68.17 27.83
C ALA E 9 47.24 -69.66 28.07
N GLU E 10 48.47 -70.14 28.13
CA GLU E 10 48.76 -71.56 28.35
C GLU E 10 49.07 -71.83 29.82
N VAL E 11 49.00 -73.10 30.18
CA VAL E 11 49.30 -73.53 31.55
C VAL E 11 50.80 -73.72 31.68
N LYS E 12 51.41 -73.03 32.65
CA LYS E 12 52.84 -73.07 32.88
C LYS E 12 53.13 -73.62 34.26
N LYS E 13 54.22 -74.38 34.37
CA LYS E 13 54.66 -74.91 35.65
C LYS E 13 55.16 -73.78 36.55
N PRO E 14 55.11 -73.98 37.87
CA PRO E 14 55.70 -72.98 38.79
C PRO E 14 57.19 -72.83 38.57
N GLY E 15 57.68 -71.61 38.74
CA GLY E 15 59.07 -71.26 38.46
C GLY E 15 59.24 -70.28 37.31
N ALA E 16 58.17 -69.73 36.76
CA ALA E 16 58.25 -68.78 35.66
C ALA E 16 57.08 -67.81 35.78
N SER E 17 56.82 -67.07 34.70
CA SER E 17 55.74 -66.09 34.68
C SER E 17 54.95 -66.22 33.39
N VAL E 18 53.67 -65.82 33.46
CA VAL E 18 52.76 -65.88 32.32
C VAL E 18 52.21 -64.48 32.07
N LYS E 19 51.62 -64.31 30.88
CA LYS E 19 51.02 -63.05 30.47
C LYS E 19 49.52 -63.24 30.31
N VAL E 20 48.74 -62.42 31.02
CA VAL E 20 47.29 -62.38 30.88
C VAL E 20 46.92 -60.97 30.48
N SER E 21 46.23 -60.83 29.34
CA SER E 21 45.90 -59.53 28.78
C SER E 21 44.41 -59.43 28.53
N CYS E 22 43.86 -58.25 28.80
CA CYS E 22 42.46 -57.92 28.53
C CYS E 22 42.42 -56.73 27.59
N LYS E 23 41.64 -56.85 26.51
CA LYS E 23 41.55 -55.77 25.54
C LYS E 23 40.77 -54.59 26.13
N ALA E 24 41.33 -53.39 25.98
CA ALA E 24 40.75 -52.19 26.57
C ALA E 24 40.17 -51.24 25.52
N SER E 25 40.07 -51.66 24.27
CA SER E 25 39.51 -50.80 23.23
C SER E 25 37.99 -50.80 23.31
N GLY E 26 37.37 -49.99 22.45
CA GLY E 26 35.94 -49.79 22.49
C GLY E 26 35.49 -48.66 23.39
N TYR E 27 36.40 -48.04 24.13
CA TYR E 27 36.09 -46.91 25.00
C TYR E 27 37.35 -46.08 25.17
N ILE E 28 37.18 -44.86 25.67
CA ILE E 28 38.30 -43.96 25.86
C ILE E 28 39.17 -44.45 27.02
N PHE E 29 40.49 -44.33 26.86
CA PHE E 29 41.44 -44.86 27.81
C PHE E 29 41.92 -43.81 28.82
N SER E 30 41.40 -42.58 28.75
CA SER E 30 41.84 -41.51 29.63
C SER E 30 40.87 -41.22 30.78
N ASP E 31 39.70 -41.85 30.77
CA ASP E 31 38.69 -41.57 31.79
C ASP E 31 38.08 -42.81 32.44
N TYR E 32 38.27 -44.00 31.89
CA TYR E 32 37.65 -45.21 32.39
C TYR E 32 38.71 -46.10 33.04
N ASN E 33 38.43 -46.57 34.25
CA ASN E 33 39.34 -47.44 34.98
C ASN E 33 39.06 -48.90 34.67
N ILE E 34 40.08 -49.73 34.86
CA ILE E 34 40.00 -51.17 34.65
C ILE E 34 40.40 -51.85 35.95
N HIS E 35 39.52 -52.74 36.46
CA HIS E 35 39.77 -53.45 37.70
C HIS E 35 39.83 -54.95 37.43
N TRP E 36 40.65 -55.64 38.21
CA TRP E 36 40.85 -57.09 38.05
C TRP E 36 40.44 -57.78 39.34
N VAL E 37 39.49 -58.71 39.24
CA VAL E 37 38.98 -59.45 40.39
C VAL E 37 39.14 -60.94 40.11
N ARG E 38 39.69 -61.67 41.07
CA ARG E 38 39.94 -63.09 40.92
C ARG E 38 38.97 -63.89 41.80
N GLN E 39 38.33 -64.90 41.21
CA GLN E 39 37.39 -65.76 41.90
C GLN E 39 38.00 -67.15 42.06
N ALA E 40 38.15 -67.60 43.30
CA ALA E 40 38.72 -68.90 43.59
C ALA E 40 37.72 -69.75 44.36
N PRO E 41 37.52 -71.01 43.97
CA PRO E 41 36.58 -71.87 44.70
C PRO E 41 37.09 -72.22 46.09
N GLY E 42 36.14 -72.41 47.01
CA GLY E 42 36.46 -72.74 48.38
C GLY E 42 36.74 -71.56 49.28
N GLN E 43 36.77 -70.34 48.75
CA GLN E 43 37.04 -69.15 49.53
C GLN E 43 36.41 -67.95 48.83
N GLY E 44 36.58 -66.78 49.43
CA GLY E 44 36.04 -65.56 48.85
C GLY E 44 36.93 -64.99 47.76
N LEU E 45 36.40 -63.97 47.09
CA LEU E 45 37.13 -63.29 46.04
C LEU E 45 38.24 -62.41 46.61
N GLU E 46 39.24 -62.14 45.80
CA GLU E 46 40.41 -61.36 46.21
C GLU E 46 40.54 -60.12 45.33
N TRP E 47 40.99 -59.03 45.94
CA TRP E 47 41.16 -57.75 45.26
C TRP E 47 42.40 -57.07 45.81
N MET E 48 43.30 -56.64 44.93
CA MET E 48 44.61 -56.18 45.36
C MET E 48 45.03 -54.81 44.82
N GLY E 49 44.41 -54.31 43.76
CA GLY E 49 44.79 -53.00 43.26
C GLY E 49 44.07 -52.52 42.01
N TRP E 50 44.14 -51.22 41.75
CA TRP E 50 43.55 -50.60 40.56
C TRP E 50 44.65 -49.98 39.71
N ILE E 51 44.26 -49.40 38.58
CA ILE E 51 45.18 -48.70 37.71
C ILE E 51 44.60 -47.35 37.33
N SER E 52 45.49 -46.39 37.04
CA SER E 52 45.10 -45.10 36.47
C SER E 52 45.68 -45.03 35.06
N PRO E 53 44.86 -45.17 34.01
CA PRO E 53 45.41 -45.33 32.66
C PRO E 53 45.79 -44.03 31.98
N ASP E 54 46.46 -43.13 32.72
CA ASP E 54 47.09 -41.95 32.11
C ASP E 54 48.45 -41.65 32.68
N SER E 55 48.84 -42.23 33.81
CA SER E 55 50.13 -41.99 34.44
C SER E 55 50.45 -43.18 35.34
N ASP E 56 51.45 -43.03 36.21
CA ASP E 56 51.86 -44.08 37.12
C ASP E 56 51.24 -43.82 38.49
N ASP E 57 50.23 -44.62 38.84
CA ASP E 57 49.56 -44.51 40.12
C ASP E 57 48.92 -45.85 40.46
N THR E 58 49.23 -46.38 41.64
CA THR E 58 48.72 -47.68 42.04
C THR E 58 48.69 -47.78 43.56
N ASN E 59 47.94 -48.75 44.05
CA ASN E 59 47.86 -49.06 45.47
C ASN E 59 47.81 -50.56 45.65
N TYR E 60 48.51 -51.06 46.66
CA TYR E 60 48.59 -52.48 46.94
C TYR E 60 47.96 -52.80 48.30
N ALA E 61 47.36 -53.98 48.38
CA ALA E 61 46.78 -54.47 49.62
C ALA E 61 47.76 -55.38 50.35
N GLN E 62 47.40 -55.74 51.57
CA GLN E 62 48.24 -56.63 52.38
C GLN E 62 47.93 -58.10 52.12
N SER E 63 48.00 -58.51 50.85
CA SER E 63 47.86 -59.92 50.49
C SER E 63 48.97 -60.42 49.57
N PHE E 64 49.35 -59.65 48.55
CA PHE E 64 50.40 -60.02 47.62
C PHE E 64 51.16 -58.76 47.20
N GLN E 65 52.47 -58.87 47.02
CA GLN E 65 53.30 -57.68 46.81
C GLN E 65 54.04 -57.64 45.48
N GLY E 66 54.64 -58.75 45.04
CA GLY E 66 55.49 -58.68 43.85
C GLY E 66 55.11 -59.69 42.78
N ARG E 67 54.16 -60.56 43.11
CA ARG E 67 53.74 -61.61 42.20
C ARG E 67 52.92 -61.04 41.03
N VAL E 68 52.33 -59.86 41.17
CA VAL E 68 51.68 -59.16 40.07
C VAL E 68 52.33 -57.80 39.87
N THR E 69 52.74 -57.52 38.64
CA THR E 69 53.20 -56.21 38.21
C THR E 69 52.22 -55.66 37.17
N MET E 70 51.61 -54.52 37.48
CA MET E 70 50.53 -53.96 36.68
C MET E 70 51.09 -52.89 35.75
N THR E 71 50.73 -52.99 34.48
CA THR E 71 51.21 -52.11 33.43
C THR E 71 50.03 -51.51 32.69
N ARG E 72 50.33 -50.58 31.79
CA ARG E 72 49.31 -49.96 30.97
C ARG E 72 49.96 -49.47 29.68
N ASP E 73 49.15 -49.34 28.64
CA ASP E 73 49.63 -48.88 27.35
C ASP E 73 48.55 -48.02 26.72
N THR E 74 48.83 -46.73 26.55
CA THR E 74 47.88 -45.81 25.96
C THR E 74 48.00 -45.70 24.45
N SER E 75 49.13 -46.12 23.87
CA SER E 75 49.29 -46.06 22.43
C SER E 75 48.44 -47.12 21.72
N ILE E 76 48.37 -48.32 22.28
CA ILE E 76 47.60 -49.40 21.67
C ILE E 76 46.30 -49.69 22.40
N THR E 77 46.07 -49.07 23.56
CA THR E 77 44.88 -49.26 24.41
C THR E 77 44.70 -50.74 24.77
N THR E 78 45.69 -51.27 25.46
CA THR E 78 45.68 -52.66 25.92
C THR E 78 46.49 -52.76 27.20
N VAL E 79 45.92 -53.39 28.22
CA VAL E 79 46.60 -53.61 29.49
C VAL E 79 47.16 -55.02 29.53
N TYR E 80 48.29 -55.18 30.20
CA TYR E 80 48.97 -56.47 30.31
C TYR E 80 49.31 -56.76 31.77
N MET E 81 48.84 -57.91 32.25
CA MET E 81 49.09 -58.36 33.61
C MET E 81 50.11 -59.49 33.59
N GLU E 82 51.09 -59.41 34.50
CA GLU E 82 52.12 -60.44 34.65
C GLU E 82 51.83 -61.25 35.91
N LEU E 83 51.70 -62.56 35.76
CA LEU E 83 51.41 -63.48 36.85
C LEU E 83 52.56 -64.46 36.99
N SER E 84 53.18 -64.48 38.17
CA SER E 84 54.36 -65.30 38.42
C SER E 84 54.12 -66.24 39.60
N SER E 85 54.77 -67.40 39.54
CA SER E 85 54.75 -68.41 40.60
C SER E 85 53.32 -68.86 40.92
N LEU E 86 52.67 -69.45 39.92
CA LEU E 86 51.30 -69.89 40.06
C LEU E 86 51.20 -71.08 41.01
N ARG E 87 50.13 -71.11 41.79
CA ARG E 87 49.92 -72.16 42.79
C ARG E 87 48.43 -72.35 42.99
N SER E 88 48.06 -73.17 43.99
CA SER E 88 46.66 -73.41 44.30
C SER E 88 45.98 -72.14 44.82
N ASP E 89 46.71 -71.32 45.57
CA ASP E 89 46.18 -70.02 45.98
C ASP E 89 46.00 -69.10 44.78
N ASP E 90 46.92 -69.15 43.82
CA ASP E 90 46.85 -68.31 42.63
C ASP E 90 45.91 -68.85 41.56
N THR E 91 45.41 -70.08 41.71
CA THR E 91 44.52 -70.66 40.72
C THR E 91 43.12 -70.07 40.86
N ALA E 92 42.82 -69.04 40.07
CA ALA E 92 41.54 -68.36 40.16
C ALA E 92 41.19 -67.79 38.79
N VAL E 93 39.90 -67.50 38.61
CA VAL E 93 39.40 -66.93 37.36
C VAL E 93 39.61 -65.42 37.41
N TYR E 94 40.54 -64.92 36.61
CA TYR E 94 40.88 -63.50 36.60
C TYR E 94 39.87 -62.76 35.74
N PHE E 95 39.00 -61.99 36.38
CA PHE E 95 37.91 -61.30 35.70
C PHE E 95 38.32 -59.88 35.33
N CYS E 96 38.07 -59.50 34.08
CA CYS E 96 38.36 -58.16 33.60
C CYS E 96 37.11 -57.30 33.78
N ALA E 97 37.20 -56.32 34.68
CA ALA E 97 36.06 -55.47 35.03
C ALA E 97 36.32 -54.03 34.61
N ARG E 98 35.27 -53.38 34.11
CA ARG E 98 35.33 -51.99 33.69
C ARG E 98 34.41 -51.16 34.57
N SER E 99 34.94 -50.08 35.15
CA SER E 99 34.19 -49.17 35.97
C SER E 99 34.55 -47.73 35.61
N VAL E 100 33.57 -46.83 35.73
CA VAL E 100 33.82 -45.42 35.46
C VAL E 100 34.37 -44.75 36.72
N GLY E 101 35.18 -43.74 36.51
CA GLY E 101 35.81 -43.03 37.61
C GLY E 101 37.33 -43.14 37.56
N TYR E 102 37.99 -42.06 37.97
CA TYR E 102 39.45 -42.03 37.94
C TYR E 102 40.06 -42.73 39.14
N CYS E 103 39.80 -42.18 40.34
CA CYS E 103 40.12 -42.80 41.64
C CYS E 103 41.62 -43.10 41.78
N SER E 104 42.40 -42.02 41.80
CA SER E 104 43.82 -42.11 42.09
C SER E 104 44.14 -41.86 43.57
N LEU E 105 43.12 -41.75 44.41
CA LEU E 105 43.30 -41.54 45.84
C LEU E 105 42.75 -42.76 46.60
N ASN E 106 42.71 -42.64 47.92
CA ASN E 106 42.28 -43.76 48.77
C ASN E 106 40.82 -43.66 49.21
N SER E 107 40.23 -42.47 49.20
CA SER E 107 38.87 -42.28 49.68
C SER E 107 37.81 -42.39 48.58
N CYS E 108 38.22 -42.54 47.33
CA CYS E 108 37.29 -42.63 46.21
C CYS E 108 36.79 -44.04 45.96
N GLN E 109 37.43 -45.04 46.56
CA GLN E 109 37.08 -46.44 46.30
C GLN E 109 35.75 -46.80 46.94
N ARG E 110 35.31 -46.03 47.94
CA ARG E 110 34.03 -46.29 48.60
C ARG E 110 32.85 -46.02 47.67
N TRP E 111 32.96 -45.05 46.77
CA TRP E 111 31.91 -44.76 45.81
C TRP E 111 32.04 -45.56 44.52
N MET E 112 33.04 -46.43 44.43
CA MET E 112 33.31 -47.19 43.22
C MET E 112 32.47 -48.46 43.18
N TRP E 113 32.02 -48.81 41.97
CA TRP E 113 31.30 -50.06 41.75
C TRP E 113 31.61 -50.57 40.36
N PHE E 114 31.75 -51.88 40.23
CA PHE E 114 32.12 -52.51 38.96
C PHE E 114 30.93 -52.43 38.01
N ASP E 115 31.05 -51.60 36.97
CA ASP E 115 29.94 -51.38 36.06
C ASP E 115 29.69 -52.60 35.17
N THR E 116 30.74 -53.13 34.56
CA THR E 116 30.61 -54.20 33.58
C THR E 116 31.78 -55.17 33.73
N TRP E 117 31.49 -56.46 33.68
CA TRP E 117 32.50 -57.51 33.73
C TRP E 117 32.54 -58.19 32.37
N GLY E 118 33.74 -58.26 31.78
CA GLY E 118 33.85 -58.84 30.45
C GLY E 118 34.96 -59.85 30.26
N GLN E 119 34.58 -61.10 29.96
CA GLN E 119 35.47 -62.16 29.47
C GLN E 119 36.61 -62.44 30.46
N GLY E 120 36.22 -62.95 31.63
CA GLY E 120 37.19 -63.36 32.62
C GLY E 120 38.09 -64.50 32.17
N ALA E 121 39.40 -64.30 32.25
CA ALA E 121 40.35 -65.29 31.79
C ALA E 121 40.46 -66.44 32.78
N LEU E 122 40.69 -67.64 32.24
CA LEU E 122 40.85 -68.85 33.05
C LEU E 122 42.33 -69.20 33.10
N VAL E 123 42.88 -69.24 34.31
CA VAL E 123 44.29 -69.56 34.53
C VAL E 123 44.36 -70.75 35.49
N THR E 124 45.08 -71.79 35.10
CA THR E 124 45.24 -72.92 36.00
C THR E 124 46.70 -73.39 35.95
N VAL E 125 47.30 -73.58 37.11
CA VAL E 125 48.70 -73.98 37.17
C VAL E 125 48.90 -75.40 37.67
N SER E 126 49.89 -76.09 37.13
CA SER E 126 50.22 -77.43 37.61
C SER E 126 51.63 -77.75 37.20
N SER E 127 52.29 -78.62 37.97
CA SER E 127 53.63 -79.05 37.58
C SER E 127 53.52 -79.64 36.20
N ALA E 128 52.40 -80.33 35.95
CA ALA E 128 52.18 -80.95 34.65
C ALA E 128 52.36 -79.97 33.50
N SER E 129 53.29 -80.26 32.60
CA SER E 129 53.50 -79.42 31.43
C SER E 129 53.05 -80.08 30.15
N THR E 130 53.07 -79.33 29.04
CA THR E 130 52.64 -79.88 27.76
C THR E 130 53.15 -81.29 27.54
N LYS E 131 52.24 -82.24 27.38
CA LYS E 131 52.61 -83.62 27.11
C LYS E 131 51.50 -84.29 26.30
N GLY E 132 51.83 -85.43 25.72
CA GLY E 132 50.89 -86.17 24.91
C GLY E 132 50.40 -87.43 25.59
N PRO E 133 49.14 -87.80 25.34
CA PRO E 133 48.59 -89.00 25.97
C PRO E 133 49.15 -90.27 25.34
N SER E 134 49.10 -91.34 26.13
CA SER E 134 49.54 -92.68 25.71
C SER E 134 48.46 -93.70 26.07
N VAL E 135 47.23 -93.40 25.70
CA VAL E 135 46.07 -94.19 26.11
C VAL E 135 46.04 -95.49 25.31
N PHE E 136 45.84 -96.61 26.02
CA PHE E 136 45.69 -97.93 25.48
C PHE E 136 44.21 -98.34 25.49
N PRO E 137 43.81 -99.27 24.60
CA PRO E 137 42.41 -99.70 24.57
C PRO E 137 41.99 -100.42 25.85
N LEU E 138 40.70 -100.30 26.17
CA LEU E 138 40.13 -100.84 27.39
C LEU E 138 39.37 -102.12 27.10
N ALA E 139 39.42 -103.06 28.05
CA ALA E 139 38.69 -104.31 27.95
C ALA E 139 37.53 -104.31 28.94
N PRO E 140 36.29 -104.23 28.48
CA PRO E 140 35.16 -104.21 29.40
C PRO E 140 34.88 -105.59 29.99
N SER E 141 34.25 -105.57 31.17
CA SER E 141 33.89 -106.81 31.86
C SER E 141 32.62 -106.62 32.68
N THR E 149 21.17 -102.95 33.45
CA THR E 149 21.75 -103.03 32.12
C THR E 149 23.27 -102.95 32.18
N ALA E 150 23.93 -103.29 31.08
CA ALA E 150 25.38 -103.26 31.02
C ALA E 150 25.87 -101.83 30.76
N ALA E 151 27.17 -101.64 30.93
CA ALA E 151 27.80 -100.35 30.72
C ALA E 151 29.12 -100.53 29.99
N LEU E 152 29.41 -99.61 29.07
CA LEU E 152 30.65 -99.62 28.31
C LEU E 152 31.23 -98.21 28.30
N GLY E 153 32.54 -98.12 28.53
CA GLY E 153 33.20 -96.82 28.55
C GLY E 153 34.65 -96.93 28.14
N CYS E 154 35.21 -95.79 27.75
CA CYS E 154 36.61 -95.66 27.39
C CYS E 154 37.27 -94.59 28.25
N LEU E 155 38.50 -94.83 28.66
CA LEU E 155 39.22 -93.93 29.54
C LEU E 155 40.23 -93.09 28.77
N VAL E 156 40.71 -92.04 29.43
CA VAL E 156 41.86 -91.26 28.96
C VAL E 156 42.76 -90.98 30.16
N LYS E 157 44.06 -91.16 29.98
CA LYS E 157 45.02 -91.03 31.07
C LYS E 157 46.25 -90.30 30.58
N ASP E 158 47.07 -89.88 31.54
CA ASP E 158 48.31 -89.10 31.38
C ASP E 158 48.17 -87.99 30.33
N TYR E 159 47.08 -87.23 30.44
CA TYR E 159 46.80 -86.12 29.55
C TYR E 159 46.68 -84.83 30.36
N PHE E 160 47.11 -83.73 29.75
CA PHE E 160 47.13 -82.43 30.42
C PHE E 160 47.23 -81.34 29.36
N PRO E 161 46.48 -80.24 29.48
CA PRO E 161 45.47 -79.96 30.51
C PRO E 161 44.03 -80.22 30.04
N GLU E 162 43.07 -79.76 30.84
CA GLU E 162 41.67 -79.82 30.47
C GLU E 162 41.39 -78.88 29.29
N PRO E 163 40.38 -79.17 28.47
CA PRO E 163 39.49 -80.33 28.45
C PRO E 163 39.73 -81.31 27.30
N VAL E 164 38.96 -82.41 27.30
CA VAL E 164 38.95 -83.37 26.21
C VAL E 164 37.51 -83.73 25.89
N THR E 165 37.29 -84.26 24.70
CA THR E 165 35.99 -84.68 24.25
C THR E 165 36.02 -86.15 23.84
N VAL E 166 34.86 -86.80 23.93
CA VAL E 166 34.72 -88.21 23.62
C VAL E 166 33.67 -88.36 22.52
N SER E 167 33.84 -89.38 21.68
CA SER E 167 32.90 -89.68 20.61
C SER E 167 32.75 -91.18 20.49
N TRP E 168 31.51 -91.64 20.35
CA TRP E 168 31.20 -93.05 20.19
C TRP E 168 30.64 -93.28 18.79
N ASN E 169 31.26 -94.22 18.06
CA ASN E 169 30.94 -94.52 16.66
C ASN E 169 31.01 -93.26 15.80
N SER E 170 32.11 -92.52 15.98
CA SER E 170 32.35 -91.22 15.34
C SER E 170 31.22 -90.22 15.61
N GLY E 171 30.70 -90.26 16.84
CA GLY E 171 29.66 -89.32 17.24
C GLY E 171 28.30 -89.55 16.63
N ALA E 172 28.01 -90.77 16.15
CA ALA E 172 26.75 -91.05 15.49
C ALA E 172 25.65 -91.47 16.47
N LEU E 173 25.97 -91.71 17.74
CA LEU E 173 25.00 -92.12 18.73
C LEU E 173 25.13 -91.26 19.98
N THR E 174 23.99 -90.96 20.61
CA THR E 174 23.95 -90.17 21.83
C THR E 174 23.28 -91.00 22.92
N SER E 175 23.94 -91.13 24.07
CA SER E 175 23.42 -91.90 25.17
C SER E 175 23.51 -91.13 26.50
N GLY E 176 23.45 -89.81 26.44
CA GLY E 176 23.53 -89.00 27.63
C GLY E 176 24.93 -88.96 28.22
N VAL E 177 25.90 -88.50 27.44
CA VAL E 177 27.29 -88.44 27.89
C VAL E 177 27.47 -87.22 28.78
N HIS E 178 28.02 -87.44 29.97
CA HIS E 178 28.27 -86.38 30.94
C HIS E 178 29.71 -86.46 31.42
N THR E 179 30.33 -85.30 31.61
CA THR E 179 31.70 -85.24 32.06
C THR E 179 31.81 -85.64 33.54
N PHE E 180 33.01 -86.05 33.94
CA PHE E 180 33.28 -86.46 35.30
C PHE E 180 34.48 -85.70 35.85
N PRO E 181 34.46 -85.34 37.14
CA PRO E 181 35.63 -84.66 37.72
C PRO E 181 36.82 -85.58 37.86
N ALA E 182 38.00 -84.99 37.84
CA ALA E 182 39.26 -85.72 37.95
C ALA E 182 39.92 -85.42 39.29
N VAL E 183 40.97 -86.18 39.59
CA VAL E 183 41.72 -86.06 40.84
C VAL E 183 43.15 -85.67 40.50
N LEU E 184 43.64 -84.61 41.15
CA LEU E 184 45.02 -84.18 40.93
C LEU E 184 45.99 -85.16 41.57
N GLN E 185 47.02 -85.53 40.84
CA GLN E 185 48.01 -86.49 41.29
C GLN E 185 49.28 -85.78 41.77
N SER E 186 50.25 -86.57 42.22
CA SER E 186 51.51 -86.01 42.69
C SER E 186 52.33 -85.45 41.53
N SER E 187 52.46 -86.23 40.45
CA SER E 187 53.16 -85.75 39.27
C SER E 187 52.32 -84.75 38.49
N GLY E 188 50.99 -84.92 38.51
CA GLY E 188 50.09 -84.00 37.86
C GLY E 188 49.56 -84.53 36.54
N LEU E 189 48.35 -85.09 36.58
CA LEU E 189 47.68 -85.62 35.39
C LEU E 189 46.20 -85.77 35.71
N TYR E 190 45.37 -85.62 34.69
CA TYR E 190 43.93 -85.76 34.84
C TYR E 190 43.48 -87.16 34.43
N SER E 191 42.24 -87.49 34.78
CA SER E 191 41.70 -88.81 34.49
C SER E 191 40.20 -88.67 34.22
N LEU E 192 39.78 -89.06 33.02
CA LEU E 192 38.39 -89.02 32.61
C LEU E 192 38.01 -90.35 31.98
N SER E 193 36.83 -90.85 32.32
CA SER E 193 36.32 -92.11 31.77
C SER E 193 34.81 -91.95 31.53
N SER E 194 34.45 -91.57 30.32
CA SER E 194 33.05 -91.41 29.95
C SER E 194 32.44 -92.78 29.69
N VAL E 195 31.34 -93.08 30.40
CA VAL E 195 30.69 -94.39 30.34
C VAL E 195 29.27 -94.19 29.83
N VAL E 196 28.91 -94.92 28.79
CA VAL E 196 27.57 -94.87 28.21
C VAL E 196 26.86 -96.19 28.49
N THR E 197 25.53 -96.13 28.45
CA THR E 197 24.71 -97.30 28.71
C THR E 197 24.56 -98.13 27.43
N VAL E 198 24.83 -99.43 27.55
CA VAL E 198 24.73 -100.34 26.42
C VAL E 198 23.85 -101.53 26.80
N PRO E 199 23.19 -102.18 25.86
CA PRO E 199 22.44 -103.40 26.19
C PRO E 199 23.38 -104.54 26.58
N SER E 200 22.87 -105.44 27.42
CA SER E 200 23.67 -106.58 27.87
C SER E 200 23.93 -107.57 26.74
N SER E 201 23.01 -107.68 25.78
CA SER E 201 23.15 -108.59 24.66
C SER E 201 23.84 -107.96 23.46
N SER E 202 24.22 -106.68 23.55
CA SER E 202 24.89 -105.97 22.47
C SER E 202 26.22 -105.44 22.99
N LEU E 203 27.25 -106.28 22.89
CA LEU E 203 28.60 -105.91 23.32
C LEU E 203 29.64 -106.12 22.23
N GLY E 204 29.49 -107.16 21.42
CA GLY E 204 30.43 -107.43 20.35
C GLY E 204 29.77 -107.53 18.99
N THR E 205 28.45 -107.73 18.98
CA THR E 205 27.71 -107.78 17.72
C THR E 205 27.66 -106.41 17.05
N GLN E 206 27.50 -105.36 17.83
CA GLN E 206 27.48 -103.99 17.34
C GLN E 206 28.82 -103.33 17.64
N THR E 207 29.39 -102.66 16.65
CA THR E 207 30.69 -102.02 16.81
C THR E 207 30.59 -100.84 17.77
N TYR E 208 31.68 -100.61 18.50
CA TYR E 208 31.73 -99.54 19.51
C TYR E 208 33.16 -99.03 19.56
N ILE E 209 33.41 -97.88 18.93
CA ILE E 209 34.72 -97.26 18.92
C ILE E 209 34.67 -96.00 19.77
N CYS E 210 35.84 -95.58 20.24
CA CYS E 210 35.96 -94.40 21.09
C CYS E 210 37.00 -93.45 20.48
N ASN E 211 36.64 -92.18 20.37
CA ASN E 211 37.51 -91.14 19.83
C ASN E 211 37.83 -90.15 20.92
N VAL E 212 39.12 -89.93 21.17
CA VAL E 212 39.59 -89.00 22.18
C VAL E 212 40.43 -87.94 21.49
N ASN E 213 40.04 -86.68 21.66
CA ASN E 213 40.71 -85.55 21.01
C ASN E 213 41.35 -84.67 22.08
N HIS E 214 42.63 -84.36 21.89
CA HIS E 214 43.38 -83.48 22.78
C HIS E 214 43.75 -82.22 22.00
N LYS E 215 43.02 -81.13 22.25
CA LYS E 215 43.30 -79.87 21.56
C LYS E 215 44.66 -79.27 21.88
N PRO E 216 45.12 -79.18 23.14
CA PRO E 216 46.48 -78.65 23.35
C PRO E 216 47.58 -79.55 22.82
N SER E 217 47.41 -80.87 22.87
CA SER E 217 48.43 -81.79 22.38
C SER E 217 48.40 -81.97 20.87
N ASN E 218 47.30 -81.58 20.22
CA ASN E 218 47.11 -81.69 18.77
C ASN E 218 47.32 -83.12 18.27
N THR E 219 46.71 -84.08 18.95
CA THR E 219 46.80 -85.48 18.58
C THR E 219 45.42 -86.11 18.55
N LYS E 220 45.25 -87.12 17.70
CA LYS E 220 43.98 -87.82 17.54
C LYS E 220 44.23 -89.32 17.69
N VAL E 221 43.44 -89.96 18.55
CA VAL E 221 43.50 -91.41 18.76
C VAL E 221 42.11 -91.99 18.57
N ASP E 222 42.05 -93.16 17.95
CA ASP E 222 40.78 -93.86 17.70
C ASP E 222 41.02 -95.34 17.98
N LYS E 223 40.77 -95.76 19.22
CA LYS E 223 41.01 -97.13 19.65
C LYS E 223 39.68 -97.77 20.04
N LYS E 224 39.42 -98.96 19.50
CA LYS E 224 38.21 -99.69 19.81
C LYS E 224 38.34 -100.37 21.18
N VAL E 225 37.19 -100.75 21.74
CA VAL E 225 37.13 -101.47 23.01
C VAL E 225 36.49 -102.83 22.76
N GLU E 226 37.16 -103.88 23.24
CA GLU E 226 36.71 -105.25 23.05
C GLU E 226 37.10 -106.06 24.28
N PRO E 227 36.38 -107.13 24.59
CA PRO E 227 36.78 -108.01 25.69
C PRO E 227 38.05 -108.77 25.37
N LYS E 228 38.67 -109.29 26.42
CA LYS E 228 39.93 -110.02 26.28
C LYS E 228 39.71 -111.34 25.54
N SER E 229 40.73 -111.75 24.79
CA SER E 229 40.68 -112.98 24.03
C SER E 229 41.82 -113.91 24.43
N PRO F 2 -12.57 9.18 12.69
CA PRO F 2 -13.53 8.15 13.09
C PRO F 2 -14.89 8.74 13.46
N VAL F 3 -15.96 8.16 12.94
CA VAL F 3 -17.32 8.62 13.21
C VAL F 3 -18.07 7.51 13.91
N LEU F 4 -18.64 7.85 15.07
CA LEU F 4 -19.43 6.91 15.85
C LEU F 4 -20.77 6.66 15.17
N THR F 5 -21.17 5.40 15.14
CA THR F 5 -22.38 4.97 14.44
C THR F 5 -23.40 4.39 15.40
N GLN F 6 -24.67 4.53 15.04
CA GLN F 6 -25.80 3.98 15.77
C GLN F 6 -26.86 3.56 14.77
N PRO F 7 -27.70 2.59 15.11
CA PRO F 7 -28.82 2.26 14.23
C PRO F 7 -29.80 3.42 14.16
N PRO F 8 -30.47 3.59 13.01
CA PRO F 8 -31.46 4.68 12.90
C PRO F 8 -32.64 4.53 13.85
N SER F 9 -33.06 3.31 14.14
CA SER F 9 -34.17 3.07 15.05
C SER F 9 -34.01 1.69 15.69
N ALA F 10 -34.59 1.54 16.87
CA ALA F 10 -34.56 0.28 17.60
C ALA F 10 -35.92 -0.39 17.53
N SER F 11 -35.93 -1.68 17.18
CA SER F 11 -37.14 -2.47 17.11
C SER F 11 -37.28 -3.25 18.42
N GLY F 12 -38.16 -2.78 19.30
CA GLY F 12 -38.34 -3.42 20.58
C GLY F 12 -39.80 -3.64 20.94
N PRO F 13 -40.18 -4.90 21.11
CA PRO F 13 -41.56 -5.20 21.52
C PRO F 13 -41.71 -5.09 23.02
N PRO F 14 -42.88 -4.64 23.50
CA PRO F 14 -43.10 -4.56 24.94
C PRO F 14 -43.27 -5.93 25.58
N GLY F 15 -42.97 -5.99 26.88
CA GLY F 15 -43.15 -7.20 27.65
C GLY F 15 -41.93 -8.10 27.73
N GLN F 16 -40.88 -7.83 26.95
CA GLN F 16 -39.66 -8.62 26.99
C GLN F 16 -38.47 -7.71 26.73
N SER F 17 -37.31 -8.13 27.24
CA SER F 17 -36.15 -7.26 27.28
C SER F 17 -35.56 -7.02 25.90
N VAL F 18 -35.07 -5.80 25.68
CA VAL F 18 -34.37 -5.39 24.47
C VAL F 18 -33.13 -4.59 24.88
N SER F 19 -32.23 -4.40 23.93
CA SER F 19 -31.01 -3.65 24.19
C SER F 19 -30.50 -3.06 22.88
N ILE F 20 -29.57 -2.11 23.02
CA ILE F 20 -28.98 -1.43 21.88
C ILE F 20 -27.46 -1.49 22.02
N SER F 21 -26.76 -1.38 20.89
CA SER F 21 -25.31 -1.45 20.87
C SER F 21 -24.74 -0.18 20.25
N CYS F 22 -23.52 0.17 20.68
CA CYS F 22 -22.82 1.37 20.19
C CYS F 22 -21.37 0.98 19.94
N SER F 23 -21.07 0.58 18.70
CA SER F 23 -19.71 0.20 18.34
C SER F 23 -18.85 1.44 18.09
N GLY F 24 -17.60 1.37 18.52
CA GLY F 24 -16.69 2.48 18.35
C GLY F 24 -15.32 2.08 17.85
N SER F 25 -14.27 2.56 18.51
CA SER F 25 -12.91 2.26 18.11
C SER F 25 -12.10 1.88 19.35
N ARG F 26 -10.84 1.50 19.12
CA ARG F 26 -9.98 1.08 20.22
C ARG F 26 -9.59 2.26 21.11
N SER F 27 -9.41 3.45 20.53
CA SER F 27 -9.06 4.64 21.28
C SER F 27 -10.29 5.41 21.77
N ASN F 28 -11.49 4.90 21.51
CA ASN F 28 -12.73 5.56 21.89
C ASN F 28 -13.54 4.79 22.92
N ILE F 29 -13.60 3.47 22.80
CA ILE F 29 -14.36 2.62 23.72
C ILE F 29 -13.37 1.69 24.42
N GLY F 30 -13.65 1.39 25.69
CA GLY F 30 -12.78 0.55 26.48
C GLY F 30 -11.81 1.33 27.35
N THR F 31 -10.99 2.16 26.73
CA THR F 31 -10.08 3.00 27.49
C THR F 31 -10.79 4.16 28.17
N ASN F 32 -11.98 4.53 27.69
CA ASN F 32 -12.77 5.60 28.27
C ASN F 32 -14.18 5.09 28.56
N PHE F 33 -14.83 5.71 29.53
CA PHE F 33 -16.18 5.31 29.91
C PHE F 33 -17.18 5.74 28.83
N VAL F 34 -18.31 5.03 28.78
CA VAL F 34 -19.36 5.26 27.81
C VAL F 34 -20.59 5.78 28.53
N TYR F 35 -21.13 6.90 28.05
CA TYR F 35 -22.28 7.54 28.65
C TYR F 35 -23.48 7.43 27.72
N TRP F 36 -24.65 7.18 28.30
CA TRP F 36 -25.90 7.07 27.56
C TRP F 36 -26.82 8.23 27.91
N TYR F 37 -27.42 8.83 26.90
CA TYR F 37 -28.32 9.97 27.07
C TYR F 37 -29.65 9.68 26.38
N GLN F 38 -30.73 10.19 26.96
CA GLN F 38 -32.05 10.08 26.38
C GLN F 38 -32.77 11.40 26.48
N GLN F 39 -33.54 11.74 25.45
CA GLN F 39 -34.28 13.00 25.40
C GLN F 39 -35.76 12.73 25.18
N LEU F 40 -36.59 13.58 25.76
CA LEU F 40 -38.03 13.53 25.52
C LEU F 40 -38.35 14.21 24.19
N PRO F 41 -39.42 13.81 23.50
CA PRO F 41 -39.81 14.50 22.26
C PRO F 41 -40.25 15.95 22.52
N GLY F 42 -39.46 16.89 22.02
CA GLY F 42 -39.72 18.29 22.23
C GLY F 42 -39.22 18.86 23.54
N ALA F 43 -38.36 18.15 24.25
CA ALA F 43 -37.83 18.61 25.53
C ALA F 43 -36.33 18.36 25.56
N ALA F 44 -35.71 18.63 26.74
CA ALA F 44 -34.29 18.56 27.01
C ALA F 44 -33.84 17.12 27.26
N PRO F 45 -32.58 16.79 26.92
CA PRO F 45 -32.07 15.44 27.21
C PRO F 45 -31.80 15.20 28.68
N LYS F 46 -31.42 13.96 29.01
CA LYS F 46 -31.10 13.60 30.39
C LYS F 46 -30.18 12.39 30.36
N LEU F 47 -29.12 12.42 31.15
CA LEU F 47 -28.18 11.30 31.22
C LEU F 47 -28.84 10.07 31.84
N LEU F 48 -28.45 8.90 31.36
CA LEU F 48 -29.00 7.63 31.82
C LEU F 48 -28.00 6.81 32.61
N ILE F 49 -26.85 6.50 32.01
CA ILE F 49 -25.82 5.68 32.65
C ILE F 49 -24.48 6.39 32.52
N TYR F 50 -23.79 6.56 33.65
CA TYR F 50 -22.44 7.13 33.66
C TYR F 50 -21.51 6.21 34.42
N LYS F 51 -20.28 6.08 33.92
CA LYS F 51 -19.19 5.25 34.46
C LYS F 51 -19.51 3.75 34.41
N ASN F 52 -20.56 3.37 33.67
CA ASN F 52 -20.92 2.02 33.24
C ASN F 52 -21.36 1.10 34.37
N ASP F 53 -21.29 1.51 35.64
CA ASP F 53 -21.77 0.65 36.72
C ASP F 53 -22.54 1.35 37.83
N GLN F 54 -22.52 2.68 37.92
CA GLN F 54 -23.37 3.39 38.88
C GLN F 54 -24.37 4.26 38.12
N ARG F 55 -25.46 4.61 38.81
CA ARG F 55 -26.60 5.26 38.18
C ARG F 55 -26.97 6.54 38.93
N PRO F 56 -27.51 7.54 38.24
CA PRO F 56 -27.88 8.79 38.91
C PRO F 56 -29.11 8.61 39.78
N SER F 57 -29.32 9.57 40.67
CA SER F 57 -30.48 9.59 41.56
C SER F 57 -31.64 10.24 40.82
N GLY F 58 -32.75 9.51 40.69
CA GLY F 58 -33.91 10.00 39.98
C GLY F 58 -34.49 8.96 39.04
N VAL F 59 -33.86 7.80 38.98
CA VAL F 59 -34.31 6.70 38.14
C VAL F 59 -34.39 5.43 39.01
N PRO F 60 -35.45 4.63 38.89
CA PRO F 60 -35.51 3.39 39.66
C PRO F 60 -34.60 2.32 39.08
N GLU F 61 -34.55 1.18 39.77
CA GLU F 61 -33.74 0.03 39.34
C GLU F 61 -34.47 -0.65 38.18
N ARG F 62 -34.30 -0.04 37.00
CA ARG F 62 -35.06 -0.46 35.82
C ARG F 62 -34.12 -0.67 34.63
N PHE F 63 -33.04 0.11 34.56
CA PHE F 63 -32.14 0.10 33.42
C PHE F 63 -30.79 -0.51 33.81
N PHE F 64 -30.04 -0.96 32.82
CA PHE F 64 -28.70 -1.50 33.01
C PHE F 64 -27.83 -1.18 31.81
N GLY F 65 -26.56 -0.89 32.06
CA GLY F 65 -25.62 -0.61 31.00
C GLY F 65 -24.30 -1.27 31.27
N SER F 66 -23.62 -1.65 30.19
CA SER F 66 -22.33 -2.33 30.30
C SER F 66 -21.50 -2.04 29.07
N LYS F 67 -20.18 -2.20 29.22
CA LYS F 67 -19.23 -2.00 28.15
C LYS F 67 -18.36 -3.25 28.01
N SER F 68 -18.15 -3.68 26.76
CA SER F 68 -17.39 -4.90 26.50
C SER F 68 -16.60 -4.68 25.21
N GLY F 69 -15.34 -4.26 25.35
CA GLY F 69 -14.46 -4.09 24.22
C GLY F 69 -14.81 -2.93 23.31
N THR F 70 -15.09 -3.23 22.03
CA THR F 70 -15.36 -2.18 21.05
C THR F 70 -16.76 -1.61 21.21
N SER F 71 -17.73 -2.44 21.58
CA SER F 71 -19.13 -2.03 21.66
C SER F 71 -19.62 -2.06 23.10
N ALA F 72 -20.60 -1.22 23.39
CA ALA F 72 -21.22 -1.16 24.71
C ALA F 72 -22.71 -1.42 24.55
N SER F 73 -23.28 -2.18 25.49
CA SER F 73 -24.68 -2.60 25.43
C SER F 73 -25.46 -1.95 26.57
N LEU F 74 -26.69 -1.54 26.28
CA LEU F 74 -27.58 -0.90 27.25
C LEU F 74 -28.82 -1.78 27.38
N ALA F 75 -28.83 -2.66 28.38
CA ALA F 75 -29.93 -3.59 28.57
C ALA F 75 -31.14 -2.89 29.17
N ILE F 76 -32.32 -3.13 28.59
CA ILE F 76 -33.56 -2.49 29.00
C ILE F 76 -34.53 -3.61 29.37
N SER F 77 -35.15 -3.48 30.55
CA SER F 77 -36.09 -4.49 31.03
C SER F 77 -37.47 -4.22 30.43
N GLY F 78 -37.72 -4.76 29.24
CA GLY F 78 -38.97 -4.55 28.56
C GLY F 78 -39.09 -3.15 27.98
N LEU F 79 -40.33 -2.78 27.64
CA LEU F 79 -40.61 -1.48 27.08
C LEU F 79 -41.99 -1.02 27.50
N ARG F 80 -42.10 0.23 27.92
CA ARG F 80 -43.39 0.85 28.20
C ARG F 80 -43.90 1.55 26.94
N SER F 81 -45.16 1.26 26.58
CA SER F 81 -45.73 1.84 25.37
C SER F 81 -45.95 3.33 25.49
N GLU F 82 -46.26 3.82 26.71
CA GLU F 82 -46.51 5.23 26.92
C GLU F 82 -45.23 6.05 27.10
N ASP F 83 -44.08 5.39 27.22
CA ASP F 83 -42.80 6.07 27.42
C ASP F 83 -41.82 5.55 26.38
N GLU F 84 -41.69 6.28 25.27
CA GLU F 84 -40.76 5.94 24.20
C GLU F 84 -39.89 7.16 23.92
N VAL F 85 -38.58 6.99 24.06
CA VAL F 85 -37.62 8.09 23.88
C VAL F 85 -36.46 7.61 23.03
N ASP F 86 -35.77 8.56 22.43
CA ASP F 86 -34.56 8.29 21.65
C ASP F 86 -33.36 8.17 22.59
N TYR F 87 -32.40 7.34 22.19
CA TYR F 87 -31.23 7.05 23.01
C TYR F 87 -29.97 7.56 22.31
N TYR F 88 -29.00 8.00 23.11
CA TYR F 88 -27.75 8.54 22.61
C TYR F 88 -26.57 7.76 23.18
N CYS F 89 -25.45 7.81 22.45
CA CYS F 89 -24.19 7.19 22.87
C CYS F 89 -23.10 8.23 22.75
N ALA F 90 -22.32 8.40 23.83
CA ALA F 90 -21.27 9.41 23.87
C ALA F 90 -19.97 8.80 24.40
N ALA F 91 -18.86 9.32 23.91
CA ALA F 91 -17.53 8.87 24.31
C ALA F 91 -16.53 10.00 24.03
N TRP F 92 -15.25 9.69 24.15
CA TRP F 92 -14.18 10.65 23.93
C TRP F 92 -13.08 10.00 23.09
N ASP F 93 -12.49 10.78 22.18
CA ASP F 93 -11.37 10.33 21.38
C ASP F 93 -10.22 11.30 21.57
N ASP F 94 -9.02 10.76 21.85
CA ASP F 94 -7.87 11.62 22.11
C ASP F 94 -7.35 12.29 20.84
N SER F 95 -7.43 11.60 19.69
CA SER F 95 -6.97 12.19 18.44
C SER F 95 -7.91 13.29 17.97
N LEU F 96 -9.22 13.08 18.12
CA LEU F 96 -10.19 14.11 17.73
C LEU F 96 -10.20 15.25 18.74
N SER F 97 -9.87 14.97 20.00
CA SER F 97 -9.84 15.96 21.09
C SER F 97 -11.19 16.64 21.26
N GLY F 98 -12.26 15.88 21.11
CA GLY F 98 -13.61 16.40 21.25
C GLY F 98 -14.59 15.30 21.56
N HIS F 99 -15.67 15.67 22.24
CA HIS F 99 -16.74 14.72 22.53
C HIS F 99 -17.46 14.33 21.24
N VAL F 100 -17.75 13.04 21.12
CA VAL F 100 -18.43 12.48 19.96
C VAL F 100 -19.75 11.88 20.43
N PHE F 101 -20.82 12.14 19.69
CA PHE F 101 -22.15 11.66 20.02
C PHE F 101 -22.64 10.72 18.93
N GLY F 102 -23.49 9.76 19.33
CA GLY F 102 -24.02 8.79 18.40
C GLY F 102 -25.09 9.38 17.50
N ALA F 103 -25.51 8.57 16.51
CA ALA F 103 -26.53 9.01 15.57
C ALA F 103 -27.88 9.17 16.25
N GLY F 104 -28.22 8.26 17.15
CA GLY F 104 -29.49 8.32 17.85
C GLY F 104 -30.40 7.16 17.51
N THR F 105 -30.77 6.37 18.51
CA THR F 105 -31.62 5.20 18.34
C THR F 105 -32.97 5.47 18.99
N LYS F 106 -34.03 5.40 18.20
CA LYS F 106 -35.39 5.58 18.69
C LYS F 106 -36.06 4.21 18.78
N VAL F 107 -36.55 3.86 19.96
CA VAL F 107 -37.19 2.56 20.15
C VAL F 107 -38.62 2.62 19.63
N THR F 108 -39.04 1.58 18.92
CA THR F 108 -40.36 1.49 18.32
C THR F 108 -41.04 0.19 18.75
N VAL F 109 -42.33 0.28 19.05
CA VAL F 109 -43.08 -0.91 19.42
C VAL F 109 -43.36 -1.78 18.19
N LEU F 110 -43.74 -3.02 18.44
CA LEU F 110 -44.07 -3.95 17.37
C LEU F 110 -45.54 -4.39 17.46
N GLY F 118 -48.39 -4.13 15.52
CA GLY F 118 -49.04 -4.42 14.26
C GLY F 118 -50.52 -4.08 14.27
N GLN F 119 -50.92 -3.12 13.46
CA GLN F 119 -52.30 -2.68 13.35
C GLN F 119 -52.72 -2.65 11.89
N PRO F 120 -54.00 -2.94 11.60
CA PRO F 120 -54.46 -2.91 10.21
C PRO F 120 -54.54 -1.49 9.67
N LYS F 121 -54.51 -1.39 8.35
CA LYS F 121 -54.57 -0.11 7.67
C LYS F 121 -55.99 0.47 7.73
N ALA F 122 -56.10 1.75 7.42
CA ALA F 122 -57.37 2.47 7.40
C ALA F 122 -57.66 2.95 5.98
N ALA F 123 -58.78 3.68 5.84
CA ALA F 123 -59.18 4.21 4.55
C ALA F 123 -58.83 5.69 4.49
N PRO F 124 -57.86 6.11 3.67
CA PRO F 124 -57.49 7.52 3.63
C PRO F 124 -58.54 8.38 2.93
N SER F 125 -58.54 9.66 3.29
CA SER F 125 -59.42 10.65 2.68
C SER F 125 -58.57 11.79 2.14
N VAL F 126 -58.80 12.15 0.88
CA VAL F 126 -57.99 13.14 0.18
C VAL F 126 -58.90 14.27 -0.29
N THR F 127 -58.39 15.50 -0.18
CA THR F 127 -59.08 16.69 -0.67
C THR F 127 -58.09 17.56 -1.44
N LEU F 128 -58.64 18.36 -2.36
CA LEU F 128 -57.84 19.23 -3.21
C LEU F 128 -58.47 20.61 -3.21
N PHE F 129 -57.65 21.64 -2.95
CA PHE F 129 -58.14 23.00 -2.83
C PHE F 129 -57.63 23.85 -4.00
N PRO F 130 -58.47 24.24 -4.95
CA PRO F 130 -58.04 25.16 -5.99
C PRO F 130 -57.81 26.56 -5.43
N PRO F 131 -56.96 27.36 -6.06
CA PRO F 131 -56.75 28.73 -5.58
C PRO F 131 -57.97 29.61 -5.85
N SER F 132 -58.11 30.64 -5.01
CA SER F 132 -59.21 31.58 -5.13
C SER F 132 -58.85 32.69 -6.12
N SER F 133 -59.84 33.53 -6.46
CA SER F 133 -59.61 34.60 -7.42
C SER F 133 -58.70 35.69 -6.86
N GLU F 134 -58.68 35.84 -5.54
CA GLU F 134 -57.78 36.82 -4.93
C GLU F 134 -56.32 36.40 -5.11
N GLU F 135 -56.03 35.10 -5.13
CA GLU F 135 -54.68 34.66 -5.44
C GLU F 135 -54.34 34.92 -6.90
N LEU F 136 -55.31 34.71 -7.80
CA LEU F 136 -55.06 34.87 -9.23
C LEU F 136 -54.97 36.33 -9.66
N GLN F 137 -55.53 37.27 -8.89
CA GLN F 137 -55.42 38.67 -9.30
C GLN F 137 -54.02 39.23 -9.05
N ALA F 138 -53.22 38.53 -8.23
CA ALA F 138 -51.84 38.92 -7.98
C ALA F 138 -50.85 38.25 -8.94
N ASN F 139 -51.33 37.79 -10.11
CA ASN F 139 -50.53 37.14 -11.15
C ASN F 139 -49.78 35.91 -10.60
N LYS F 140 -50.47 35.12 -9.79
CA LYS F 140 -49.88 33.90 -9.23
C LYS F 140 -50.99 32.88 -9.00
N ALA F 141 -50.58 31.62 -8.87
CA ALA F 141 -51.53 30.53 -8.65
C ALA F 141 -50.81 29.37 -7.98
N THR F 142 -51.34 28.90 -6.87
CA THR F 142 -50.78 27.76 -6.15
C THR F 142 -51.84 26.70 -5.97
N LEU F 143 -51.40 25.44 -5.96
CA LEU F 143 -52.27 24.29 -5.80
C LEU F 143 -51.80 23.44 -4.63
N VAL F 144 -52.71 23.12 -3.72
CA VAL F 144 -52.41 22.32 -2.55
C VAL F 144 -53.48 21.24 -2.39
N CYS F 145 -53.03 20.02 -2.10
CA CYS F 145 -53.91 18.91 -1.77
C CYS F 145 -53.41 18.22 -0.52
N LEU F 146 -54.34 17.71 0.28
CA LEU F 146 -54.03 17.19 1.61
C LEU F 146 -54.56 15.77 1.74
N ILE F 147 -53.86 14.97 2.55
CA ILE F 147 -54.25 13.61 2.86
C ILE F 147 -54.35 13.46 4.37
N SER F 148 -55.41 12.78 4.82
CA SER F 148 -55.66 12.58 6.23
C SER F 148 -56.42 11.28 6.42
N ASP F 149 -56.73 10.97 7.69
CA ASP F 149 -57.51 9.80 8.09
C ASP F 149 -56.87 8.49 7.60
N PHE F 150 -55.55 8.40 7.70
CA PHE F 150 -54.82 7.21 7.31
C PHE F 150 -53.81 6.84 8.39
N TYR F 151 -53.57 5.53 8.52
CA TYR F 151 -52.64 5.01 9.49
C TYR F 151 -52.04 3.78 8.82
N PRO F 152 -50.71 3.62 8.83
CA PRO F 152 -49.72 4.57 9.37
C PRO F 152 -49.32 5.62 8.34
N GLY F 153 -48.21 6.32 8.59
CA GLY F 153 -47.75 7.35 7.69
C GLY F 153 -46.97 6.81 6.50
N ALA F 154 -45.87 7.50 6.16
CA ALA F 154 -44.99 7.14 5.04
C ALA F 154 -45.75 7.07 3.72
N VAL F 155 -46.30 8.21 3.32
CA VAL F 155 -47.09 8.33 2.10
C VAL F 155 -46.38 9.28 1.15
N THR F 156 -46.63 9.11 -0.15
CA THR F 156 -46.05 9.95 -1.19
C THR F 156 -47.17 10.52 -2.04
N VAL F 157 -47.13 11.83 -2.27
CA VAL F 157 -48.14 12.54 -3.03
C VAL F 157 -47.50 13.13 -4.28
N ALA F 158 -48.10 12.86 -5.44
CA ALA F 158 -47.62 13.38 -6.71
C ALA F 158 -48.80 13.95 -7.50
N TRP F 159 -48.51 15.01 -8.26
CA TRP F 159 -49.54 15.69 -9.03
C TRP F 159 -49.71 15.05 -10.40
N LYS F 160 -50.88 15.26 -10.99
CA LYS F 160 -51.21 14.70 -12.30
C LYS F 160 -52.25 15.58 -12.98
N ALA F 161 -52.01 15.89 -14.25
CA ALA F 161 -52.92 16.70 -15.05
C ALA F 161 -53.80 15.85 -15.95
N ASP F 162 -54.00 14.57 -15.60
CA ASP F 162 -54.86 13.60 -16.29
C ASP F 162 -54.39 13.27 -17.71
N SER F 163 -53.25 13.80 -18.12
CA SER F 163 -52.61 13.43 -19.38
C SER F 163 -51.14 13.06 -19.20
N SER F 164 -50.43 13.76 -18.31
CA SER F 164 -49.04 13.50 -17.99
C SER F 164 -48.71 14.22 -16.70
N PRO F 165 -47.96 13.62 -15.79
CA PRO F 165 -47.59 14.33 -14.56
C PRO F 165 -46.65 15.49 -14.84
N VAL F 166 -46.79 16.53 -14.02
CA VAL F 166 -46.00 17.76 -14.16
C VAL F 166 -45.06 17.87 -12.96
N LYS F 167 -43.82 18.28 -13.24
CA LYS F 167 -42.79 18.47 -12.23
C LYS F 167 -42.28 19.90 -12.33
N ALA F 168 -42.95 20.81 -11.63
CA ALA F 168 -42.58 22.22 -11.61
C ALA F 168 -42.27 22.66 -10.18
N GLY F 169 -41.52 21.84 -9.46
CA GLY F 169 -41.21 22.12 -8.07
C GLY F 169 -42.06 21.31 -7.11
N VAL F 170 -42.23 20.02 -7.41
CA VAL F 170 -43.05 19.14 -6.60
C VAL F 170 -42.27 18.72 -5.36
N GLU F 171 -42.88 18.89 -4.19
CA GLU F 171 -42.28 18.49 -2.93
C GLU F 171 -43.25 17.61 -2.16
N THR F 172 -42.71 16.79 -1.25
CA THR F 172 -43.51 15.89 -0.42
C THR F 172 -43.10 16.09 1.03
N THR F 173 -44.00 16.65 1.82
CA THR F 173 -43.72 16.89 3.23
C THR F 173 -43.75 15.57 4.01
N THR F 174 -42.92 15.51 5.04
CA THR F 174 -42.86 14.32 5.89
C THR F 174 -44.13 14.22 6.73
N PRO F 175 -44.64 13.00 6.96
CA PRO F 175 -45.82 12.85 7.81
C PRO F 175 -45.54 13.20 9.26
N SER F 176 -46.58 13.69 9.94
CA SER F 176 -46.49 14.08 11.34
C SER F 176 -47.55 13.36 12.14
N LYS F 177 -47.18 12.95 13.36
CA LYS F 177 -48.11 12.23 14.22
C LYS F 177 -48.92 13.22 15.05
N GLN F 178 -50.24 13.09 14.99
CA GLN F 178 -51.14 13.94 15.76
C GLN F 178 -51.46 13.28 17.10
N SER F 179 -52.43 13.85 17.81
CA SER F 179 -52.83 13.32 19.12
C SER F 179 -54.03 12.41 19.06
N ASN F 180 -54.77 12.40 17.95
CA ASN F 180 -55.97 11.57 17.81
C ASN F 180 -55.68 10.24 17.12
N ASN F 181 -54.44 9.74 17.21
CA ASN F 181 -54.01 8.47 16.61
C ASN F 181 -54.26 8.44 15.10
N LYS F 182 -53.74 9.46 14.41
CA LYS F 182 -53.96 9.60 12.98
C LYS F 182 -52.80 10.37 12.37
N TYR F 183 -52.34 9.89 11.22
CA TYR F 183 -51.24 10.50 10.49
C TYR F 183 -51.76 11.44 9.42
N ALA F 184 -50.96 12.44 9.09
CA ALA F 184 -51.37 13.45 8.12
C ALA F 184 -50.17 13.91 7.32
N ALA F 185 -50.41 14.33 6.08
CA ALA F 185 -49.37 14.84 5.19
C ALA F 185 -50.02 15.76 4.17
N SER F 186 -49.17 16.55 3.51
CA SER F 186 -49.66 17.49 2.50
C SER F 186 -48.57 17.74 1.48
N SER F 187 -48.98 18.24 0.31
CA SER F 187 -48.08 18.59 -0.76
C SER F 187 -48.48 19.95 -1.34
N TYR F 188 -47.49 20.76 -1.70
CA TYR F 188 -47.70 22.09 -2.23
C TYR F 188 -47.14 22.19 -3.64
N LEU F 189 -47.73 23.09 -4.43
CA LEU F 189 -47.26 23.32 -5.80
C LEU F 189 -47.69 24.71 -6.22
N SER F 190 -46.73 25.56 -6.55
CA SER F 190 -46.98 26.93 -6.99
C SER F 190 -46.67 27.06 -8.47
N LEU F 191 -47.59 27.68 -9.22
CA LEU F 191 -47.42 27.83 -10.66
C LEU F 191 -47.72 29.26 -11.11
N THR F 192 -47.81 29.46 -12.42
CA THR F 192 -48.20 30.68 -13.10
C THR F 192 -49.64 30.56 -13.61
N PRO F 193 -50.38 31.67 -13.71
CA PRO F 193 -51.76 31.58 -14.24
C PRO F 193 -51.85 31.12 -15.68
N GLU F 194 -50.79 31.25 -16.47
CA GLU F 194 -50.83 30.76 -17.85
C GLU F 194 -50.84 29.24 -17.90
N GLN F 195 -49.99 28.58 -17.10
CA GLN F 195 -49.96 27.13 -17.07
C GLN F 195 -51.12 26.55 -16.26
N TRP F 196 -51.60 27.29 -15.24
CA TRP F 196 -52.69 26.81 -14.41
C TRP F 196 -53.99 26.68 -15.20
N LYS F 197 -54.27 27.64 -16.07
CA LYS F 197 -55.48 27.61 -16.89
C LYS F 197 -55.30 26.83 -18.19
N SER F 198 -54.10 26.30 -18.44
CA SER F 198 -53.88 25.50 -19.64
C SER F 198 -54.58 24.15 -19.54
N HIS F 199 -54.63 23.57 -18.35
CA HIS F 199 -55.29 22.29 -18.11
C HIS F 199 -56.58 22.51 -17.33
N ARG F 200 -57.65 21.86 -17.78
CA ARG F 200 -58.96 22.01 -17.15
C ARG F 200 -59.26 20.90 -16.15
N SER F 201 -58.26 20.10 -15.79
CA SER F 201 -58.45 19.04 -14.80
C SER F 201 -57.12 18.78 -14.10
N TYR F 202 -57.12 18.93 -12.78
CA TYR F 202 -55.92 18.71 -11.97
C TYR F 202 -56.27 17.80 -10.80
N SER F 203 -55.36 16.91 -10.45
CA SER F 203 -55.56 15.97 -9.36
C SER F 203 -54.22 15.52 -8.81
N CYS F 204 -54.25 15.00 -7.59
CA CYS F 204 -53.07 14.41 -6.96
C CYS F 204 -53.42 13.04 -6.41
N GLN F 205 -52.43 12.14 -6.44
CA GLN F 205 -52.60 10.76 -6.01
C GLN F 205 -51.77 10.50 -4.77
N VAL F 206 -52.30 9.65 -3.88
CA VAL F 206 -51.61 9.27 -2.66
C VAL F 206 -51.30 7.78 -2.72
N THR F 207 -50.26 7.38 -2.01
CA THR F 207 -49.79 6.00 -1.98
C THR F 207 -49.85 5.51 -0.53
N HIS F 208 -50.86 4.70 -0.23
CA HIS F 208 -51.04 4.12 1.11
C HIS F 208 -50.46 2.71 1.20
N GLU F 209 -49.40 2.42 0.43
CA GLU F 209 -48.75 1.12 0.37
C GLU F 209 -49.73 0.01 0.00
N GLY F 210 -50.58 0.28 -1.00
CA GLY F 210 -51.57 -0.69 -1.44
C GLY F 210 -52.89 -0.05 -1.82
N SER F 211 -53.10 1.20 -1.39
CA SER F 211 -54.32 1.92 -1.68
C SER F 211 -53.98 3.24 -2.36
N THR F 212 -54.76 3.58 -3.39
CA THR F 212 -54.53 4.81 -4.15
C THR F 212 -55.88 5.36 -4.58
N VAL F 213 -56.16 6.62 -4.22
CA VAL F 213 -57.40 7.29 -4.57
C VAL F 213 -57.07 8.61 -5.23
N GLU F 214 -58.03 9.12 -6.01
CA GLU F 214 -57.87 10.34 -6.78
C GLU F 214 -58.91 11.36 -6.38
N LYS F 215 -58.48 12.62 -6.24
CA LYS F 215 -59.38 13.73 -5.93
C LYS F 215 -59.31 14.71 -7.10
N THR F 216 -60.34 14.69 -7.95
CA THR F 216 -60.37 15.49 -9.17
C THR F 216 -61.28 16.70 -8.95
N VAL F 217 -60.74 17.90 -9.19
CA VAL F 217 -61.51 19.13 -9.11
C VAL F 217 -61.46 19.83 -10.46
N ALA F 218 -62.15 20.95 -10.57
CA ALA F 218 -62.16 21.75 -11.79
C ALA F 218 -61.80 23.19 -11.47
N PRO F 219 -61.09 23.89 -12.38
CA PRO F 219 -60.72 25.29 -12.16
C PRO F 219 -61.82 26.29 -12.53
N THR F 220 -63.04 26.00 -12.07
CA THR F 220 -64.18 26.88 -12.30
C THR F 220 -64.75 27.43 -11.00
N GLU F 221 -65.06 26.56 -10.04
CA GLU F 221 -65.59 26.99 -8.75
C GLU F 221 -64.84 26.32 -7.60
N PRO G 2 -1.86 18.31 82.66
CA PRO G 2 -2.66 17.28 83.33
C PRO G 2 -3.53 16.49 82.36
N VAL G 3 -4.83 16.44 82.61
CA VAL G 3 -5.75 15.71 81.76
C VAL G 3 -6.00 16.51 80.49
N LEU G 4 -6.57 15.86 79.47
CA LEU G 4 -6.82 16.47 78.18
C LEU G 4 -8.32 16.53 77.91
N THR G 5 -8.75 17.58 77.22
CA THR G 5 -10.15 17.78 76.89
C THR G 5 -10.49 17.05 75.60
N GLN G 6 -11.52 16.22 75.64
CA GLN G 6 -11.97 15.44 74.51
C GLN G 6 -13.48 15.56 74.39
N PRO G 7 -14.03 15.51 73.18
CA PRO G 7 -15.48 15.53 73.01
C PRO G 7 -16.10 14.25 73.53
N PRO G 8 -17.23 14.34 74.25
CA PRO G 8 -17.89 13.12 74.74
C PRO G 8 -18.39 12.20 73.64
N SER G 9 -18.85 12.74 72.52
CA SER G 9 -19.39 11.93 71.44
C SER G 9 -19.21 12.65 70.11
N ALA G 10 -18.65 11.94 69.13
CA ALA G 10 -18.53 12.44 67.77
C ALA G 10 -19.01 11.36 66.82
N SER G 11 -19.88 11.73 65.88
CA SER G 11 -20.50 10.78 64.97
C SER G 11 -20.41 11.29 63.54
N GLY G 12 -20.44 10.35 62.61
CA GLY G 12 -20.40 10.66 61.20
C GLY G 12 -21.00 9.54 60.36
N PRO G 13 -21.74 9.93 59.31
CA PRO G 13 -22.32 8.92 58.43
C PRO G 13 -21.25 8.22 57.62
N PRO G 14 -21.47 6.96 57.22
CA PRO G 14 -20.47 6.26 56.41
C PRO G 14 -20.38 6.82 55.00
N GLY G 15 -19.23 6.59 54.38
CA GLY G 15 -18.93 7.10 53.06
C GLY G 15 -17.99 8.29 53.03
N GLN G 16 -17.75 8.91 54.18
CA GLN G 16 -16.82 10.02 54.28
C GLN G 16 -16.02 9.87 55.57
N SER G 17 -15.31 10.93 55.94
CA SER G 17 -14.41 10.90 57.10
C SER G 17 -14.89 11.85 58.18
N VAL G 18 -14.50 11.54 59.42
CA VAL G 18 -14.82 12.35 60.58
C VAL G 18 -13.52 12.62 61.33
N SER G 19 -13.49 13.74 62.05
CA SER G 19 -12.30 14.20 62.75
C SER G 19 -12.53 14.18 64.25
N ILE G 20 -11.52 13.75 65.00
CA ILE G 20 -11.55 13.73 66.45
C ILE G 20 -10.41 14.60 66.96
N SER G 21 -10.73 15.58 67.80
CA SER G 21 -9.76 16.53 68.30
C SER G 21 -9.31 16.15 69.70
N CYS G 22 -8.08 16.56 70.03
CA CYS G 22 -7.51 16.32 71.36
C CYS G 22 -6.58 17.50 71.67
N SER G 23 -7.05 18.41 72.50
CA SER G 23 -6.26 19.59 72.87
C SER G 23 -5.33 19.25 74.03
N GLY G 24 -4.47 20.21 74.38
CA GLY G 24 -3.53 20.03 75.46
C GLY G 24 -2.95 21.36 75.89
N SER G 25 -2.24 21.32 77.01
CA SER G 25 -1.60 22.51 77.57
C SER G 25 -0.21 22.68 76.94
N ARG G 26 0.58 23.59 77.52
CA ARG G 26 1.91 23.87 76.98
C ARG G 26 2.88 22.72 77.21
N SER G 27 2.72 21.98 78.30
CA SER G 27 3.63 20.90 78.66
C SER G 27 3.01 19.52 78.46
N ASN G 28 1.84 19.46 77.83
CA ASN G 28 1.19 18.19 77.54
C ASN G 28 1.37 17.76 76.09
N ILE G 29 0.99 18.60 75.13
CA ILE G 29 1.24 18.36 73.71
C ILE G 29 1.94 19.59 73.16
N GLY G 30 3.11 19.39 72.56
CA GLY G 30 3.91 20.51 72.09
C GLY G 30 5.37 20.30 72.43
N THR G 31 5.63 19.51 73.47
CA THR G 31 6.98 19.12 73.84
C THR G 31 7.18 17.61 73.91
N ASN G 32 6.11 16.83 73.97
CA ASN G 32 6.17 15.38 74.03
C ASN G 32 5.26 14.79 72.96
N PHE G 33 5.55 13.55 72.57
CA PHE G 33 4.74 12.87 71.58
C PHE G 33 3.38 12.48 72.15
N VAL G 34 2.39 12.39 71.28
CA VAL G 34 1.03 12.02 71.65
C VAL G 34 0.64 10.78 70.84
N TYR G 35 -0.04 9.84 71.49
CA TYR G 35 -0.39 8.57 70.89
C TYR G 35 -1.90 8.34 70.96
N TRP G 36 -2.40 7.54 70.03
CA TRP G 36 -3.82 7.25 69.91
C TRP G 36 -4.06 5.78 70.23
N TYR G 37 -5.02 5.52 71.11
CA TYR G 37 -5.38 4.16 71.51
C TYR G 37 -6.87 3.95 71.34
N GLN G 38 -7.25 2.77 70.85
CA GLN G 38 -8.63 2.34 70.80
C GLN G 38 -8.75 0.96 71.45
N GLN G 39 -9.94 0.65 71.94
CA GLN G 39 -10.17 -0.64 72.58
C GLN G 39 -11.52 -1.19 72.17
N LEU G 40 -11.55 -2.49 71.89
CA LEU G 40 -12.81 -3.16 71.61
C LEU G 40 -13.59 -3.34 72.91
N PRO G 41 -14.92 -3.40 72.83
CA PRO G 41 -15.72 -3.64 74.05
C PRO G 41 -15.47 -5.04 74.59
N GLY G 42 -15.08 -5.10 75.86
CA GLY G 42 -14.72 -6.36 76.49
C GLY G 42 -13.47 -7.01 75.92
N ALA G 43 -12.43 -6.22 75.66
CA ALA G 43 -11.19 -6.72 75.11
C ALA G 43 -10.06 -5.80 75.55
N ALA G 44 -8.88 -5.96 74.91
CA ALA G 44 -7.70 -5.21 75.26
C ALA G 44 -7.40 -4.14 74.21
N PRO G 45 -6.88 -2.99 74.63
CA PRO G 45 -6.50 -1.95 73.65
C PRO G 45 -5.27 -2.38 72.84
N LYS G 46 -5.12 -1.73 71.68
CA LYS G 46 -4.04 -2.00 70.75
C LYS G 46 -3.38 -0.69 70.34
N LEU G 47 -2.44 -0.77 69.40
CA LEU G 47 -1.67 0.37 68.94
C LEU G 47 -2.09 0.77 67.52
N LEU G 48 -2.37 2.05 67.33
CA LEU G 48 -2.74 2.59 66.03
C LEU G 48 -1.72 3.59 65.51
N ILE G 49 -1.42 4.64 66.29
CA ILE G 49 -0.52 5.72 65.87
C ILE G 49 0.57 5.86 66.92
N TYR G 50 1.82 5.80 66.48
CA TYR G 50 2.97 6.09 67.33
C TYR G 50 3.91 7.06 66.61
N LYS G 51 4.53 7.94 67.39
CA LYS G 51 5.39 9.03 66.89
C LYS G 51 4.65 9.94 65.91
N ASN G 52 3.33 10.06 66.09
CA ASN G 52 2.46 11.08 65.50
C ASN G 52 2.30 10.97 63.98
N ASP G 53 3.00 10.06 63.33
CA ASP G 53 2.91 10.04 61.87
C ASP G 53 2.64 8.65 61.29
N GLN G 54 3.24 7.60 61.85
CA GLN G 54 3.21 6.30 61.20
C GLN G 54 2.35 5.31 61.97
N ARG G 55 2.29 4.09 61.44
CA ARG G 55 1.44 3.02 61.94
C ARG G 55 2.26 1.75 62.04
N PRO G 56 1.86 0.82 62.91
CA PRO G 56 2.50 -0.50 62.93
C PRO G 56 1.96 -1.39 61.82
N SER G 57 2.56 -2.58 61.72
CA SER G 57 2.15 -3.54 60.70
C SER G 57 0.77 -4.11 61.04
N GLY G 58 -0.01 -4.41 60.01
CA GLY G 58 -1.35 -4.94 60.18
C GLY G 58 -2.42 -3.89 60.37
N VAL G 59 -2.12 -2.62 60.15
CA VAL G 59 -3.05 -1.52 60.33
C VAL G 59 -3.35 -0.93 58.96
N PRO G 60 -4.61 -0.76 58.58
CA PRO G 60 -4.93 -0.15 57.28
C PRO G 60 -4.52 1.32 57.23
N GLU G 61 -4.35 1.80 56.00
CA GLU G 61 -3.83 3.14 55.75
C GLU G 61 -4.87 4.24 55.95
N ARG G 62 -6.13 3.88 56.18
CA ARG G 62 -7.19 4.88 56.35
C ARG G 62 -7.11 5.63 57.68
N PHE G 63 -6.36 5.12 58.64
CA PHE G 63 -6.23 5.76 59.95
C PHE G 63 -5.06 6.75 59.90
N PHE G 64 -5.37 8.04 59.91
CA PHE G 64 -4.35 9.08 59.82
C PHE G 64 -4.55 10.11 60.93
N GLY G 65 -3.44 10.54 61.53
CA GLY G 65 -3.50 11.57 62.55
C GLY G 65 -2.25 12.41 62.52
N SER G 66 -2.40 13.66 62.91
CA SER G 66 -1.29 14.62 62.88
C SER G 66 -1.58 15.74 63.85
N LYS G 67 -0.54 16.50 64.17
CA LYS G 67 -0.63 17.65 65.06
C LYS G 67 0.10 18.83 64.43
N SER G 68 -0.37 20.04 64.75
CA SER G 68 0.23 21.26 64.25
C SER G 68 0.85 22.10 65.36
N GLY G 69 0.08 22.43 66.40
CA GLY G 69 0.59 23.21 67.50
C GLY G 69 0.54 22.48 68.82
N THR G 70 -0.30 22.95 69.74
CA THR G 70 -0.47 22.32 71.04
C THR G 70 -1.64 21.34 71.07
N SER G 71 -2.21 21.03 69.92
CA SER G 71 -3.33 20.11 69.85
C SER G 71 -3.12 19.14 68.70
N ALA G 72 -3.76 17.98 68.80
CA ALA G 72 -3.65 16.93 67.79
C ALA G 72 -5.03 16.53 67.32
N SER G 73 -5.11 16.09 66.06
CA SER G 73 -6.37 15.68 65.45
C SER G 73 -6.18 14.32 64.78
N LEU G 74 -7.24 13.51 64.84
CA LEU G 74 -7.25 12.18 64.26
C LEU G 74 -8.43 12.07 63.29
N ALA G 75 -8.18 11.61 62.08
CA ALA G 75 -9.19 11.46 61.05
C ALA G 75 -9.28 10.00 60.63
N ILE G 76 -10.51 9.47 60.56
CA ILE G 76 -10.76 8.10 60.16
C ILE G 76 -11.74 8.10 59.00
N SER G 77 -11.42 7.33 57.96
CA SER G 77 -12.23 7.24 56.76
C SER G 77 -12.69 5.80 56.58
N GLY G 78 -14.01 5.60 56.52
CA GLY G 78 -14.57 4.27 56.35
C GLY G 78 -15.06 3.70 57.66
N LEU G 79 -16.36 3.76 57.90
CA LEU G 79 -16.97 3.35 59.16
C LEU G 79 -18.06 2.32 58.86
N ARG G 80 -17.70 1.04 58.92
CA ARG G 80 -18.66 -0.03 58.71
C ARG G 80 -18.83 -0.93 59.94
N SER G 81 -17.75 -1.43 60.53
CA SER G 81 -17.86 -2.25 61.73
C SER G 81 -16.78 -2.01 62.77
N GLU G 82 -15.68 -1.30 62.45
CA GLU G 82 -14.54 -1.21 63.34
C GLU G 82 -14.38 0.13 64.04
N ASP G 83 -15.01 1.20 63.53
CA ASP G 83 -14.84 2.52 64.11
C ASP G 83 -15.91 2.85 65.14
N GLU G 84 -16.77 1.89 65.49
CA GLU G 84 -17.75 2.10 66.55
C GLU G 84 -17.15 2.03 67.94
N VAL G 85 -15.89 1.59 68.07
CA VAL G 85 -15.21 1.50 69.35
C VAL G 85 -14.76 2.89 69.79
N ASP G 86 -14.42 3.01 71.07
CA ASP G 86 -13.98 4.29 71.62
C ASP G 86 -12.50 4.53 71.33
N TYR G 87 -12.08 5.78 71.48
CA TYR G 87 -10.71 6.20 71.25
C TYR G 87 -10.19 6.97 72.45
N TYR G 88 -8.88 6.90 72.67
CA TYR G 88 -8.22 7.58 73.77
C TYR G 88 -7.01 8.33 73.26
N CYS G 89 -6.69 9.43 73.94
CA CYS G 89 -5.60 10.33 73.56
C CYS G 89 -4.50 10.22 74.62
N ALA G 90 -3.49 9.40 74.33
CA ALA G 90 -2.42 9.17 75.27
C ALA G 90 -1.23 10.08 74.96
N ALA G 91 -0.72 10.73 76.01
CA ALA G 91 0.42 11.63 75.87
C ALA G 91 1.25 11.54 77.15
N TRP G 92 2.27 12.40 77.26
CA TRP G 92 3.14 12.42 78.41
C TRP G 92 3.44 13.87 78.79
N ASP G 93 3.66 14.10 80.08
CA ASP G 93 3.95 15.45 80.57
C ASP G 93 4.94 15.33 81.73
N ASP G 94 5.21 16.47 82.38
CA ASP G 94 6.14 16.52 83.50
C ASP G 94 5.48 16.89 84.82
N SER G 95 4.25 17.42 84.79
CA SER G 95 3.58 17.81 86.03
C SER G 95 3.17 16.58 86.84
N LEU G 96 2.57 15.59 86.19
CA LEU G 96 2.23 14.34 86.85
C LEU G 96 3.35 13.31 86.80
N SER G 97 4.42 13.60 86.05
CA SER G 97 5.60 12.72 85.92
C SER G 97 5.23 11.32 85.45
N GLY G 98 4.30 11.26 84.49
CA GLY G 98 3.87 9.97 83.98
C GLY G 98 2.88 10.15 82.85
N HIS G 99 2.43 9.02 82.31
CA HIS G 99 1.49 9.02 81.20
C HIS G 99 0.12 9.51 81.65
N VAL G 100 -0.50 10.35 80.82
CA VAL G 100 -1.83 10.88 81.07
C VAL G 100 -2.74 10.48 79.91
N PHE G 101 -4.02 10.30 80.20
CA PHE G 101 -5.01 9.88 79.23
C PHE G 101 -6.20 10.82 79.24
N GLY G 102 -6.90 10.86 78.10
CA GLY G 102 -8.08 11.68 77.98
C GLY G 102 -9.30 11.06 78.63
N ALA G 103 -10.41 11.82 78.58
CA ALA G 103 -11.66 11.34 79.17
C ALA G 103 -12.25 10.20 78.35
N GLY G 104 -12.21 10.31 77.03
CA GLY G 104 -12.74 9.27 76.17
C GLY G 104 -13.72 9.79 75.13
N THR G 105 -13.54 9.37 73.88
CA THR G 105 -14.41 9.78 72.78
C THR G 105 -15.21 8.58 72.31
N LYS G 106 -16.53 8.75 72.23
CA LYS G 106 -17.43 7.70 71.75
C LYS G 106 -17.79 8.00 70.30
N VAL G 107 -17.56 7.02 69.43
CA VAL G 107 -17.79 7.17 67.99
C VAL G 107 -18.93 6.24 67.58
N THR G 108 -19.92 6.80 66.91
CA THR G 108 -21.07 6.05 66.42
C THR G 108 -21.28 6.38 64.95
N VAL G 109 -22.35 5.84 64.38
CA VAL G 109 -22.70 6.07 62.98
C VAL G 109 -24.15 6.55 62.90
N LEU G 110 -24.46 7.23 61.80
CA LEU G 110 -25.81 7.75 61.58
C LEU G 110 -26.70 6.70 60.92
N GLY G 118 -29.68 3.39 64.01
CA GLY G 118 -31.02 3.55 63.46
C GLY G 118 -31.89 2.32 63.65
N GLN G 119 -32.72 2.35 64.69
CA GLN G 119 -33.63 1.26 65.01
C GLN G 119 -35.03 1.78 65.20
N PRO G 120 -36.05 0.99 64.87
CA PRO G 120 -37.43 1.42 65.11
C PRO G 120 -37.75 1.52 66.59
N LYS G 121 -38.70 2.39 66.90
CA LYS G 121 -39.11 2.60 68.29
C LYS G 121 -39.91 1.40 68.79
N ALA G 122 -39.58 0.94 69.99
CA ALA G 122 -40.24 -0.20 70.61
C ALA G 122 -41.07 0.27 71.81
N ALA G 123 -42.33 -0.14 71.84
CA ALA G 123 -43.20 0.21 72.96
C ALA G 123 -42.78 -0.55 74.21
N PRO G 124 -42.77 0.09 75.38
CA PRO G 124 -42.41 -0.62 76.61
C PRO G 124 -43.46 -1.65 77.00
N SER G 125 -43.00 -2.72 77.65
CA SER G 125 -43.86 -3.81 78.11
C SER G 125 -43.54 -4.06 79.58
N VAL G 126 -44.22 -3.34 80.46
CA VAL G 126 -44.02 -3.48 81.90
C VAL G 126 -44.98 -4.55 82.43
N THR G 127 -44.47 -5.41 83.32
CA THR G 127 -45.24 -6.49 83.91
C THR G 127 -45.00 -6.45 85.42
N LEU G 128 -45.98 -5.94 86.17
CA LEU G 128 -45.88 -5.88 87.62
C LEU G 128 -46.21 -7.25 88.20
N PHE G 129 -45.25 -7.86 88.88
CA PHE G 129 -45.41 -9.20 89.41
C PHE G 129 -45.70 -9.12 90.91
N PRO G 130 -46.91 -9.48 91.36
CA PRO G 130 -47.16 -9.52 92.80
C PRO G 130 -46.43 -10.69 93.44
N PRO G 131 -46.11 -10.60 94.73
CA PRO G 131 -45.49 -11.74 95.42
C PRO G 131 -46.44 -12.94 95.50
N SER G 132 -45.86 -14.13 95.41
CA SER G 132 -46.63 -15.36 95.46
C SER G 132 -46.96 -15.74 96.90
N SER G 133 -47.84 -16.73 97.05
CA SER G 133 -48.20 -17.21 98.38
C SER G 133 -47.04 -17.94 99.06
N GLU G 134 -46.10 -18.46 98.26
CA GLU G 134 -44.90 -19.07 98.83
C GLU G 134 -44.03 -18.03 99.53
N GLU G 135 -44.08 -16.77 99.08
CA GLU G 135 -43.40 -15.69 99.80
C GLU G 135 -44.16 -15.29 101.05
N LEU G 136 -45.51 -15.29 100.98
CA LEU G 136 -46.32 -14.91 102.13
C LEU G 136 -46.22 -15.92 103.27
N GLN G 137 -46.12 -17.22 102.94
CA GLN G 137 -45.93 -18.20 104.00
C GLN G 137 -44.52 -18.18 104.58
N ALA G 138 -43.58 -17.55 103.89
CA ALA G 138 -42.22 -17.38 104.38
C ALA G 138 -41.96 -15.97 104.91
N ASN G 139 -43.02 -15.27 105.34
CA ASN G 139 -43.05 -13.88 105.84
C ASN G 139 -42.07 -12.96 105.08
N LYS G 140 -42.26 -12.90 103.77
CA LYS G 140 -41.50 -11.97 102.94
C LYS G 140 -42.36 -11.51 101.78
N ALA G 141 -42.07 -10.31 101.27
CA ALA G 141 -42.82 -9.74 100.16
C ALA G 141 -41.95 -8.70 99.47
N THR G 142 -41.48 -9.02 98.26
CA THR G 142 -40.67 -8.11 97.46
C THR G 142 -41.48 -7.72 96.23
N LEU G 143 -41.85 -6.44 96.15
CA LEU G 143 -42.60 -5.94 95.01
C LEU G 143 -41.65 -5.68 93.85
N VAL G 144 -41.91 -6.32 92.71
CA VAL G 144 -41.04 -6.23 91.55
C VAL G 144 -41.86 -5.87 90.32
N CYS G 145 -41.29 -5.04 89.45
CA CYS G 145 -41.88 -4.73 88.16
C CYS G 145 -40.77 -4.34 87.20
N LEU G 146 -40.70 -5.03 86.07
CA LEU G 146 -39.59 -4.89 85.13
C LEU G 146 -40.12 -4.46 83.77
N ILE G 147 -39.31 -3.68 83.06
CA ILE G 147 -39.64 -3.18 81.73
C ILE G 147 -38.61 -3.75 80.75
N SER G 148 -39.10 -4.36 79.67
CA SER G 148 -38.25 -5.00 78.68
C SER G 148 -38.73 -4.62 77.29
N ASP G 149 -37.81 -4.75 76.32
CA ASP G 149 -38.05 -4.50 74.89
C ASP G 149 -38.53 -3.08 74.65
N PHE G 150 -37.67 -2.13 74.98
CA PHE G 150 -37.95 -0.71 74.78
C PHE G 150 -36.72 -0.03 74.17
N TYR G 151 -36.96 0.91 73.26
CA TYR G 151 -35.90 1.67 72.62
C TYR G 151 -36.45 3.00 72.13
N PRO G 152 -35.76 4.13 72.39
CA PRO G 152 -34.52 4.25 73.17
C PRO G 152 -34.77 4.27 74.68
N GLY G 153 -33.71 4.12 75.47
CA GLY G 153 -33.85 4.09 76.91
C GLY G 153 -34.19 5.45 77.50
N ALA G 154 -35.44 5.59 77.97
CA ALA G 154 -35.90 6.81 78.63
C ALA G 154 -36.90 6.48 79.73
N VAL G 155 -36.82 5.28 80.30
CA VAL G 155 -37.82 4.84 81.26
C VAL G 155 -37.59 5.49 82.62
N THR G 156 -38.66 5.64 83.38
CA THR G 156 -38.59 6.18 84.74
C THR G 156 -39.71 5.52 85.54
N VAL G 157 -39.33 4.60 86.44
CA VAL G 157 -40.30 3.84 87.22
C VAL G 157 -40.70 4.66 88.43
N ALA G 158 -42.00 4.67 88.74
CA ALA G 158 -42.54 5.37 89.89
C ALA G 158 -43.23 4.37 90.81
N TRP G 159 -42.85 4.39 92.08
CA TRP G 159 -43.43 3.49 93.09
C TRP G 159 -44.61 4.22 93.73
N LYS G 160 -45.82 3.86 93.31
CA LYS G 160 -47.04 4.52 93.74
C LYS G 160 -47.82 3.58 94.65
N ALA G 161 -48.10 4.02 95.86
CA ALA G 161 -48.98 3.26 96.76
C ALA G 161 -50.43 3.72 96.64
N ASP G 162 -50.89 3.81 95.38
CA ASP G 162 -52.27 4.03 94.97
C ASP G 162 -52.83 5.41 95.33
N SER G 163 -52.09 6.22 96.09
CA SER G 163 -52.51 7.59 96.34
C SER G 163 -51.37 8.60 96.38
N SER G 164 -50.10 8.17 96.34
CA SER G 164 -48.96 9.06 96.47
C SER G 164 -47.68 8.32 96.06
N PRO G 165 -46.80 8.96 95.29
CA PRO G 165 -45.46 8.40 95.04
C PRO G 165 -44.68 8.26 96.33
N VAL G 166 -44.42 7.02 96.73
CA VAL G 166 -43.66 6.71 97.94
C VAL G 166 -42.38 6.01 97.53
N LYS G 167 -41.24 6.57 97.93
CA LYS G 167 -39.93 6.00 97.62
C LYS G 167 -39.17 5.77 98.92
N ALA G 168 -38.78 4.52 99.15
CA ALA G 168 -38.05 4.14 100.36
C ALA G 168 -37.29 2.87 100.09
N GLY G 169 -35.96 2.92 100.21
CA GLY G 169 -35.12 1.78 99.89
C GLY G 169 -35.18 1.42 98.42
N VAL G 170 -35.05 2.41 97.56
CA VAL G 170 -35.20 2.22 96.12
C VAL G 170 -33.86 1.80 95.52
N GLU G 171 -33.86 0.71 94.76
CA GLU G 171 -32.72 0.29 93.96
C GLU G 171 -33.16 0.24 92.49
N THR G 172 -32.38 0.88 91.62
CA THR G 172 -32.65 0.93 90.19
C THR G 172 -31.33 0.80 89.44
N THR G 173 -31.27 -0.12 88.48
CA THR G 173 -30.09 -0.35 87.68
C THR G 173 -30.22 0.39 86.34
N THR G 174 -29.22 0.24 85.49
CA THR G 174 -29.20 0.84 84.16
C THR G 174 -29.60 -0.18 83.10
N PRO G 175 -30.23 0.24 82.01
CA PRO G 175 -30.50 -0.69 80.90
C PRO G 175 -29.20 -1.16 80.25
N SER G 176 -29.22 -2.39 79.76
CA SER G 176 -28.07 -3.01 79.15
C SER G 176 -28.39 -3.41 77.71
N LYS G 177 -27.37 -3.35 76.86
CA LYS G 177 -27.54 -3.69 75.45
C LYS G 177 -27.49 -5.19 75.28
N GLN G 178 -28.58 -5.78 74.80
CA GLN G 178 -28.68 -7.21 74.57
C GLN G 178 -28.15 -7.55 73.19
N SER G 179 -28.38 -8.79 72.74
CA SER G 179 -27.90 -9.23 71.44
C SER G 179 -28.72 -8.65 70.29
N ASN G 180 -29.91 -8.13 70.56
CA ASN G 180 -30.77 -7.53 69.54
C ASN G 180 -30.72 -6.01 69.55
N ASN G 181 -29.69 -5.44 70.19
CA ASN G 181 -29.51 -3.99 70.32
C ASN G 181 -30.72 -3.32 70.98
N LYS G 182 -31.24 -3.96 72.02
CA LYS G 182 -32.39 -3.45 72.77
C LYS G 182 -31.97 -3.17 74.21
N TYR G 183 -32.95 -2.81 75.04
CA TYR G 183 -32.71 -2.49 76.43
C TYR G 183 -33.69 -3.24 77.32
N ALA G 184 -33.26 -3.53 78.54
CA ALA G 184 -34.09 -4.24 79.51
C ALA G 184 -33.74 -3.71 80.90
N ALA G 185 -34.52 -2.75 81.37
CA ALA G 185 -34.28 -2.16 82.68
C ALA G 185 -34.87 -3.04 83.78
N SER G 186 -34.44 -2.76 85.01
CA SER G 186 -34.89 -3.54 86.16
C SER G 186 -34.96 -2.62 87.37
N SER G 187 -35.93 -2.90 88.25
CA SER G 187 -36.15 -2.09 89.44
C SER G 187 -36.92 -2.91 90.46
N TYR G 188 -36.37 -3.00 91.67
CA TYR G 188 -37.01 -3.72 92.77
C TYR G 188 -37.21 -2.78 93.95
N LEU G 189 -38.06 -3.20 94.89
CA LEU G 189 -38.25 -2.46 96.14
C LEU G 189 -38.81 -3.44 97.16
N SER G 190 -38.03 -3.74 98.20
CA SER G 190 -38.43 -4.70 99.20
C SER G 190 -39.22 -4.03 100.33
N LEU G 191 -40.23 -4.73 100.83
CA LEU G 191 -41.07 -4.25 101.91
C LEU G 191 -41.32 -5.37 102.91
N THR G 192 -41.82 -4.99 104.09
CA THR G 192 -42.32 -5.97 105.03
C THR G 192 -43.60 -6.58 104.49
N PRO G 193 -43.89 -7.86 104.79
CA PRO G 193 -45.12 -8.48 104.25
C PRO G 193 -46.40 -7.82 104.73
N GLU G 194 -46.44 -7.32 105.96
CA GLU G 194 -47.65 -6.70 106.47
C GLU G 194 -47.94 -5.37 105.79
N GLN G 195 -46.90 -4.61 105.41
CA GLN G 195 -47.11 -3.36 104.71
C GLN G 195 -47.63 -3.61 103.30
N TRP G 196 -47.12 -4.65 102.63
CA TRP G 196 -47.63 -5.01 101.31
C TRP G 196 -49.06 -5.53 101.39
N LYS G 197 -49.36 -6.32 102.42
CA LYS G 197 -50.72 -6.82 102.60
C LYS G 197 -51.70 -5.73 103.01
N SER G 198 -51.21 -4.64 103.61
CA SER G 198 -52.08 -3.52 103.96
C SER G 198 -52.55 -2.76 102.73
N HIS G 199 -51.75 -2.69 101.68
CA HIS G 199 -52.17 -2.03 100.45
C HIS G 199 -53.24 -2.85 99.74
N ARG G 200 -54.25 -2.15 99.21
CA ARG G 200 -55.34 -2.85 98.54
C ARG G 200 -54.93 -3.34 97.16
N SER G 201 -53.94 -2.68 96.55
CA SER G 201 -53.42 -3.06 95.24
C SER G 201 -52.05 -2.41 95.07
N TYR G 202 -51.51 -2.50 93.86
CA TYR G 202 -50.25 -1.84 93.53
C TYR G 202 -50.21 -1.56 92.04
N SER G 203 -49.41 -0.57 91.66
CA SER G 203 -49.25 -0.19 90.27
C SER G 203 -47.82 0.26 90.03
N CYS G 204 -47.28 -0.11 88.87
CA CYS G 204 -45.96 0.33 88.42
C CYS G 204 -46.15 1.05 87.08
N GLN G 205 -46.31 2.37 87.13
CA GLN G 205 -46.50 3.19 85.95
C GLN G 205 -45.13 3.71 85.50
N VAL G 206 -44.69 3.29 84.33
CA VAL G 206 -43.39 3.68 83.77
C VAL G 206 -43.63 4.67 82.64
N THR G 207 -42.85 5.76 82.63
CA THR G 207 -42.96 6.80 81.62
C THR G 207 -41.82 6.63 80.63
N HIS G 208 -42.12 6.09 79.46
CA HIS G 208 -41.15 5.91 78.38
C HIS G 208 -41.62 6.72 77.18
N GLU G 209 -41.08 7.95 77.05
CA GLU G 209 -41.36 8.88 75.97
C GLU G 209 -42.84 9.24 75.89
N GLY G 210 -43.53 9.22 77.02
CA GLY G 210 -44.94 9.57 77.10
C GLY G 210 -45.89 8.40 76.99
N SER G 211 -45.45 7.24 76.52
CA SER G 211 -46.31 6.07 76.37
C SER G 211 -46.34 5.30 77.68
N THR G 212 -47.09 5.83 78.64
CA THR G 212 -47.22 5.20 79.95
C THR G 212 -48.26 4.10 79.89
N VAL G 213 -47.87 2.90 80.29
CA VAL G 213 -48.75 1.73 80.28
C VAL G 213 -49.15 1.43 81.72
N GLU G 214 -50.45 1.44 81.98
CA GLU G 214 -50.97 1.16 83.31
C GLU G 214 -50.98 -0.34 83.57
N LYS G 215 -50.42 -0.75 84.72
CA LYS G 215 -50.35 -2.16 85.10
C LYS G 215 -50.69 -2.25 86.59
N THR G 216 -51.96 -2.48 86.88
CA THR G 216 -52.46 -2.63 88.25
C THR G 216 -52.94 -4.06 88.45
N VAL G 217 -52.39 -4.72 89.47
CA VAL G 217 -52.73 -6.11 89.75
C VAL G 217 -53.10 -6.24 91.23
N ALA G 218 -54.04 -7.13 91.51
CA ALA G 218 -54.49 -7.40 92.88
C ALA G 218 -53.46 -8.26 93.61
N PRO G 219 -53.37 -8.13 94.94
CA PRO G 219 -52.51 -9.04 95.71
C PRO G 219 -52.93 -10.49 95.61
N THR G 220 -54.23 -10.77 95.48
CA THR G 220 -54.74 -12.12 95.32
C THR G 220 -54.96 -12.49 93.86
N GLU G 221 -54.60 -11.58 92.93
CA GLU G 221 -54.75 -11.76 91.49
C GLU G 221 -56.18 -12.10 91.06
N VAL H 2 -30.71 23.51 40.42
CA VAL H 2 -30.10 24.06 39.23
C VAL H 2 -31.17 24.55 38.26
N GLN H 3 -30.79 25.46 37.36
CA GLN H 3 -31.74 26.05 36.43
C GLN H 3 -30.98 26.52 35.19
N LEU H 4 -31.67 26.47 34.05
CA LEU H 4 -31.10 26.88 32.76
C LEU H 4 -32.15 27.57 31.90
N VAL H 5 -33.01 28.38 32.49
CA VAL H 5 -34.02 29.08 31.70
C VAL H 5 -33.40 30.30 31.05
N GLN H 6 -33.64 30.46 29.74
CA GLN H 6 -33.07 31.54 28.96
C GLN H 6 -34.14 32.05 28.00
N SER H 7 -33.71 32.86 27.04
CA SER H 7 -34.60 33.40 26.02
C SER H 7 -34.29 32.75 24.67
N GLY H 8 -35.31 32.72 23.81
CA GLY H 8 -35.13 32.12 22.50
C GLY H 8 -34.27 33.01 21.61
N ALA H 9 -33.32 32.37 20.92
CA ALA H 9 -32.41 33.10 20.06
C ALA H 9 -33.12 33.58 18.80
N GLU H 10 -32.77 34.78 18.36
CA GLU H 10 -33.39 35.37 17.19
C GLU H 10 -32.76 34.82 15.93
N VAL H 11 -33.58 34.64 14.89
CA VAL H 11 -33.13 33.99 13.66
C VAL H 11 -32.17 34.91 12.91
N LYS H 12 -31.04 34.35 12.48
CA LYS H 12 -29.97 35.11 11.86
C LYS H 12 -29.76 34.64 10.43
N LYS H 13 -29.62 35.61 9.53
CA LYS H 13 -29.24 35.33 8.15
C LYS H 13 -27.77 34.91 8.08
N PRO H 14 -27.36 34.24 7.01
CA PRO H 14 -25.93 33.94 6.83
C PRO H 14 -25.10 35.22 6.76
N GLY H 15 -23.93 35.17 7.38
CA GLY H 15 -23.07 36.35 7.46
C GLY H 15 -23.53 37.34 8.49
N ALA H 16 -23.66 36.89 9.74
CA ALA H 16 -24.12 37.74 10.84
C ALA H 16 -23.52 37.23 12.14
N SER H 17 -23.98 37.80 13.25
CA SER H 17 -23.51 37.41 14.58
C SER H 17 -24.70 37.27 15.52
N VAL H 18 -24.65 36.24 16.36
CA VAL H 18 -25.72 35.95 17.32
C VAL H 18 -25.09 35.70 18.68
N LYS H 19 -25.85 35.97 19.74
CA LYS H 19 -25.40 35.74 21.11
C LYS H 19 -26.51 35.03 21.86
N VAL H 20 -26.16 33.95 22.56
CA VAL H 20 -27.09 33.19 23.38
C VAL H 20 -26.43 32.97 24.74
N SER H 21 -27.26 32.94 25.80
CA SER H 21 -26.75 32.81 27.16
C SER H 21 -27.84 32.24 28.05
N CYS H 22 -27.50 31.21 28.82
CA CYS H 22 -28.41 30.59 29.78
C CYS H 22 -28.04 31.03 31.19
N LYS H 23 -29.03 31.46 31.95
CA LYS H 23 -28.81 32.05 33.27
C LYS H 23 -28.35 31.00 34.28
N ALA H 24 -27.40 31.38 35.12
CA ALA H 24 -26.87 30.53 36.18
C ALA H 24 -27.18 31.14 37.54
N SER H 25 -27.83 30.38 38.42
CA SER H 25 -28.20 30.86 39.73
C SER H 25 -28.39 29.67 40.66
N GLY H 26 -28.47 29.97 41.96
CA GLY H 26 -28.63 28.94 42.97
C GLY H 26 -27.35 28.29 43.43
N TYR H 27 -26.21 28.71 42.92
CA TYR H 27 -24.90 28.15 43.26
C TYR H 27 -23.85 29.22 42.98
N ILE H 28 -22.58 28.86 43.17
CA ILE H 28 -21.48 29.79 42.91
C ILE H 28 -20.84 29.42 41.58
N PHE H 29 -20.71 30.41 40.70
CA PHE H 29 -20.30 30.18 39.32
C PHE H 29 -18.79 30.38 39.19
N SER H 30 -18.06 29.54 39.93
CA SER H 30 -16.61 29.54 39.89
C SER H 30 -16.00 28.14 39.97
N ASP H 31 -16.82 27.09 39.88
CA ASP H 31 -16.32 25.72 40.06
C ASP H 31 -16.81 24.72 39.02
N TYR H 32 -17.83 25.04 38.24
CA TYR H 32 -18.34 24.15 37.20
C TYR H 32 -18.11 24.80 35.85
N ASN H 33 -17.45 24.08 34.95
CA ASN H 33 -17.23 24.58 33.60
C ASN H 33 -18.46 24.33 32.73
N ILE H 34 -18.96 25.40 32.12
CA ILE H 34 -20.17 25.31 31.30
C ILE H 34 -19.78 24.89 29.89
N HIS H 35 -20.58 24.03 29.29
CA HIS H 35 -20.34 23.52 27.95
C HIS H 35 -21.39 24.06 26.99
N TRP H 36 -21.20 23.77 25.70
CA TRP H 36 -22.14 24.18 24.67
C TRP H 36 -22.19 23.09 23.61
N VAL H 37 -23.38 22.85 23.08
CA VAL H 37 -23.60 21.79 22.11
C VAL H 37 -24.87 22.12 21.33
N ARG H 38 -24.94 21.64 20.09
CA ARG H 38 -26.10 21.86 19.24
C ARG H 38 -26.70 20.52 18.82
N GLN H 39 -28.03 20.49 18.77
CA GLN H 39 -28.78 19.29 18.42
C GLN H 39 -29.25 19.42 16.97
N ALA H 40 -28.47 18.87 16.06
CA ALA H 40 -28.86 18.87 14.65
C ALA H 40 -30.02 17.90 14.44
N PRO H 41 -31.02 18.28 13.64
CA PRO H 41 -32.17 17.39 13.42
C PRO H 41 -31.79 16.19 12.57
N GLY H 42 -32.22 15.00 13.01
CA GLY H 42 -32.02 13.78 12.27
C GLY H 42 -30.65 13.15 12.41
N GLN H 43 -29.76 13.71 13.22
CA GLN H 43 -28.41 13.16 13.39
C GLN H 43 -27.94 13.48 14.80
N GLY H 44 -26.64 13.34 15.02
CA GLY H 44 -26.05 13.50 16.34
C GLY H 44 -25.75 14.94 16.70
N LEU H 45 -24.71 15.12 17.52
CA LEU H 45 -24.35 16.43 18.04
C LEU H 45 -22.85 16.64 17.87
N GLU H 46 -22.45 17.91 17.86
CA GLU H 46 -21.04 18.29 17.74
C GLU H 46 -20.67 19.26 18.84
N TRP H 47 -19.40 19.23 19.23
CA TRP H 47 -18.89 19.92 20.41
C TRP H 47 -17.66 20.72 20.05
N MET H 48 -17.44 21.83 20.76
CA MET H 48 -16.35 22.73 20.41
C MET H 48 -15.36 23.00 21.55
N GLY H 49 -15.77 22.86 22.80
CA GLY H 49 -14.86 23.10 23.91
C GLY H 49 -15.60 23.48 25.16
N TRP H 50 -14.83 23.58 26.25
CA TRP H 50 -15.34 23.93 27.57
C TRP H 50 -14.95 25.36 27.92
N ILE H 51 -15.71 25.95 28.84
CA ILE H 51 -15.50 27.32 29.29
C ILE H 51 -15.40 27.28 30.81
N SER H 52 -14.20 27.42 31.34
CA SER H 52 -14.03 27.57 32.78
C SER H 52 -14.40 29.00 33.19
N PRO H 53 -15.15 29.17 34.28
CA PRO H 53 -15.62 30.51 34.68
C PRO H 53 -14.62 31.34 35.46
N ASP H 54 -13.34 30.98 35.50
CA ASP H 54 -12.36 31.69 36.31
C ASP H 54 -11.29 32.38 35.46
N SER H 55 -10.60 31.65 34.59
CA SER H 55 -9.47 32.20 33.86
C SER H 55 -9.57 31.81 32.38
N ASP H 56 -8.62 32.30 31.60
CA ASP H 56 -8.57 32.10 30.15
C ASP H 56 -7.82 30.80 29.79
N ASP H 57 -8.52 29.68 29.92
CA ASP H 57 -7.93 28.39 29.58
C ASP H 57 -8.79 27.56 28.64
N THR H 58 -9.71 28.20 27.90
CA THR H 58 -10.57 27.48 26.98
C THR H 58 -9.78 27.03 25.74
N ASN H 59 -10.30 25.99 25.08
CA ASN H 59 -9.67 25.45 23.90
C ASN H 59 -10.66 25.32 22.75
N TYR H 60 -10.23 24.71 21.64
CA TYR H 60 -11.07 24.55 20.47
C TYR H 60 -10.90 23.14 19.92
N ALA H 61 -11.92 22.70 19.18
CA ALA H 61 -11.88 21.40 18.52
C ALA H 61 -11.17 21.52 17.17
N GLN H 62 -11.08 20.39 16.46
CA GLN H 62 -10.42 20.39 15.16
C GLN H 62 -11.35 20.79 14.03
N SER H 63 -12.62 21.06 14.31
CA SER H 63 -13.58 21.50 13.30
C SER H 63 -14.03 22.93 13.49
N PHE H 64 -13.89 23.51 14.68
CA PHE H 64 -14.34 24.87 14.97
C PHE H 64 -13.14 25.68 15.47
N GLN H 65 -12.50 26.41 14.54
CA GLN H 65 -11.35 27.22 14.90
C GLN H 65 -11.74 28.67 15.19
N GLY H 66 -12.32 29.35 14.20
CA GLY H 66 -12.67 30.75 14.36
C GLY H 66 -14.16 31.03 14.26
N ARG H 67 -14.95 29.99 14.01
CA ARG H 67 -16.40 30.19 13.87
C ARG H 67 -17.06 30.46 15.22
N VAL H 68 -16.48 29.96 16.31
CA VAL H 68 -17.05 30.14 17.64
C VAL H 68 -16.07 30.92 18.51
N THR H 69 -16.60 31.87 19.27
CA THR H 69 -15.84 32.62 20.25
C THR H 69 -16.64 32.71 21.54
N MET H 70 -15.93 32.68 22.67
CA MET H 70 -16.57 32.68 23.98
C MET H 70 -16.06 33.85 24.81
N THR H 71 -16.88 34.29 25.76
CA THR H 71 -16.54 35.40 26.63
C THR H 71 -17.23 35.21 27.98
N ARG H 72 -16.45 35.24 29.05
CA ARG H 72 -16.99 35.05 30.39
C ARG H 72 -17.39 36.40 31.01
N ASP H 73 -18.25 36.32 32.03
CA ASP H 73 -18.73 37.52 32.72
C ASP H 73 -19.04 37.12 34.16
N THR H 74 -18.15 37.46 35.08
CA THR H 74 -18.30 37.07 36.48
C THR H 74 -19.22 38.00 37.26
N SER H 75 -19.52 39.20 36.74
CA SER H 75 -20.42 40.11 37.44
C SER H 75 -21.86 39.64 37.34
N ILE H 76 -22.24 39.08 36.19
CA ILE H 76 -23.59 38.55 35.97
C ILE H 76 -23.63 37.04 36.22
N THR H 77 -22.47 36.37 36.23
CA THR H 77 -22.36 34.91 36.31
C THR H 77 -23.16 34.24 35.18
N THR H 78 -22.99 34.76 33.97
CA THR H 78 -23.58 34.19 32.77
C THR H 78 -22.53 34.24 31.67
N VAL H 79 -22.36 33.14 30.96
CA VAL H 79 -21.36 33.05 29.89
C VAL H 79 -21.94 33.66 28.62
N TYR H 80 -21.06 34.26 27.82
CA TYR H 80 -21.46 34.90 26.57
C TYR H 80 -20.64 34.32 25.42
N MET H 81 -21.24 34.33 24.24
CA MET H 81 -20.62 33.79 23.04
C MET H 81 -21.00 34.63 21.83
N GLU H 82 -20.06 34.73 20.88
CA GLU H 82 -20.22 35.52 19.66
C GLU H 82 -20.00 34.57 18.48
N LEU H 83 -21.10 34.04 17.93
CA LEU H 83 -21.01 33.14 16.80
C LEU H 83 -20.74 33.92 15.52
N SER H 84 -19.87 33.36 14.67
CA SER H 84 -19.51 33.99 13.40
C SER H 84 -19.52 32.94 12.30
N SER H 85 -19.71 33.43 11.07
CA SER H 85 -19.73 32.62 9.84
C SER H 85 -20.81 31.53 9.92
N LEU H 86 -22.05 31.98 10.01
CA LEU H 86 -23.19 31.08 10.08
C LEU H 86 -23.51 30.52 8.70
N ARG H 87 -23.64 29.20 8.60
CA ARG H 87 -23.96 28.55 7.34
C ARG H 87 -25.15 27.61 7.49
N SER H 88 -25.46 26.84 6.44
CA SER H 88 -26.59 25.93 6.48
C SER H 88 -26.39 24.77 7.43
N ASP H 89 -25.14 24.43 7.77
CA ASP H 89 -24.86 23.38 8.72
C ASP H 89 -25.03 23.82 10.17
N ASP H 90 -25.23 25.12 10.41
CA ASP H 90 -25.39 25.66 11.75
C ASP H 90 -26.85 25.60 12.22
N THR H 91 -27.77 25.19 11.35
CA THR H 91 -29.19 25.19 11.68
C THR H 91 -29.51 24.09 12.68
N ALA H 92 -29.48 24.43 13.97
CA ALA H 92 -29.76 23.50 15.05
C ALA H 92 -30.07 24.29 16.31
N VAL H 93 -30.81 23.66 17.22
CA VAL H 93 -31.09 24.26 18.51
C VAL H 93 -29.85 24.17 19.39
N TYR H 94 -29.62 25.20 20.20
CA TYR H 94 -28.41 25.31 21.00
C TYR H 94 -28.73 25.01 22.45
N PHE H 95 -28.01 24.07 23.04
CA PHE H 95 -28.17 23.69 24.44
C PHE H 95 -26.84 23.89 25.16
N CYS H 96 -26.89 24.51 26.34
CA CYS H 96 -25.72 24.62 27.20
C CYS H 96 -25.73 23.45 28.18
N ALA H 97 -24.65 22.66 28.16
CA ALA H 97 -24.59 21.41 28.91
C ALA H 97 -23.93 21.64 30.26
N ARG H 98 -24.66 21.31 31.32
CA ARG H 98 -24.10 21.39 32.66
C ARG H 98 -23.10 20.26 32.90
N SER H 99 -22.01 20.58 33.59
CA SER H 99 -20.96 19.62 33.89
C SER H 99 -20.64 19.65 35.37
N VAL H 100 -20.23 18.49 35.89
CA VAL H 100 -19.83 18.36 37.29
C VAL H 100 -18.31 18.36 37.37
N GLY H 101 -17.79 18.83 38.50
CA GLY H 101 -16.35 18.84 38.70
C GLY H 101 -15.66 19.99 37.97
N TYR H 102 -14.34 19.92 37.99
CA TYR H 102 -13.49 20.91 37.35
C TYR H 102 -12.48 20.22 36.45
N CYS H 103 -12.25 20.78 35.28
CA CYS H 103 -11.33 20.19 34.31
C CYS H 103 -10.68 21.30 33.49
N SER H 104 -9.36 21.41 33.58
CA SER H 104 -8.61 22.37 32.76
C SER H 104 -7.72 21.67 31.74
N LEU H 105 -7.19 20.50 32.07
CA LEU H 105 -6.33 19.75 31.17
C LEU H 105 -7.20 18.92 30.23
N ASN H 106 -6.62 18.42 29.14
CA ASN H 106 -7.35 17.65 28.13
C ASN H 106 -7.42 16.17 28.48
N SER H 107 -7.25 15.81 29.76
CA SER H 107 -7.32 14.41 30.17
C SER H 107 -8.08 14.20 31.48
N CYS H 108 -8.66 15.24 32.06
CA CYS H 108 -9.36 15.13 33.34
C CYS H 108 -10.86 14.96 33.23
N GLN H 109 -11.42 15.02 32.01
CA GLN H 109 -12.86 15.03 31.82
C GLN H 109 -13.45 13.63 31.65
N ARG H 110 -12.64 12.57 31.68
CA ARG H 110 -13.17 11.23 31.49
C ARG H 110 -13.99 10.79 32.69
N TRP H 111 -13.72 11.36 33.86
CA TRP H 111 -14.58 11.16 35.02
C TRP H 111 -15.73 12.15 35.07
N MET H 112 -15.75 13.13 34.16
CA MET H 112 -16.83 14.10 34.10
C MET H 112 -17.99 13.57 33.29
N TRP H 113 -19.20 13.83 33.76
CA TRP H 113 -20.43 13.45 33.06
C TRP H 113 -21.36 14.66 33.01
N PHE H 114 -22.13 14.76 31.93
CA PHE H 114 -23.00 15.91 31.72
C PHE H 114 -24.18 15.87 32.68
N ASP H 115 -24.35 16.94 33.47
CA ASP H 115 -25.26 16.91 34.60
C ASP H 115 -26.71 17.20 34.18
N THR H 116 -26.97 18.39 33.68
CA THR H 116 -28.33 18.89 33.51
C THR H 116 -28.50 19.53 32.14
N TRP H 117 -29.62 19.24 31.49
CA TRP H 117 -30.03 19.87 30.25
C TRP H 117 -31.38 20.54 30.48
N GLY H 118 -31.55 21.76 29.98
CA GLY H 118 -32.83 22.43 30.14
C GLY H 118 -33.02 23.72 29.37
N GLN H 119 -34.15 23.80 28.65
CA GLN H 119 -34.66 25.03 28.02
C GLN H 119 -33.65 25.65 27.05
N GLY H 120 -33.34 24.90 25.99
CA GLY H 120 -32.45 25.40 24.98
C GLY H 120 -33.13 26.37 24.02
N ALA H 121 -32.31 27.19 23.37
CA ALA H 121 -32.80 28.14 22.37
C ALA H 121 -32.69 27.54 20.98
N LEU H 122 -33.44 28.13 20.05
CA LEU H 122 -33.49 27.66 18.67
C LEU H 122 -32.71 28.62 17.77
N VAL H 123 -31.85 28.07 16.92
CA VAL H 123 -31.08 28.84 15.96
C VAL H 123 -31.28 28.21 14.59
N THR H 124 -31.83 28.99 13.66
CA THR H 124 -32.04 28.49 12.30
C THR H 124 -31.40 29.44 11.31
N VAL H 125 -30.55 28.93 10.44
CA VAL H 125 -29.84 29.79 9.50
C VAL H 125 -30.56 29.86 8.16
N SER H 126 -31.06 31.04 7.82
CA SER H 126 -31.69 31.27 6.53
C SER H 126 -31.42 32.68 6.05
N SER H 127 -31.27 32.86 4.75
CA SER H 127 -31.03 34.20 4.20
C SER H 127 -32.16 35.10 4.65
N ALA H 128 -33.36 34.56 4.74
CA ALA H 128 -34.51 35.33 5.18
C ALA H 128 -34.32 35.84 6.59
N SER H 129 -34.87 37.01 6.88
CA SER H 129 -34.76 37.58 8.22
C SER H 129 -36.14 37.92 8.76
N THR H 130 -36.63 39.12 8.45
CA THR H 130 -37.97 39.49 8.88
C THR H 130 -38.72 40.09 7.69
N LYS H 131 -39.86 39.49 7.34
CA LYS H 131 -40.70 40.02 6.29
C LYS H 131 -42.17 39.93 6.71
N GLY H 132 -42.94 40.93 6.28
CA GLY H 132 -44.35 40.98 6.58
C GLY H 132 -45.16 40.15 5.60
N PRO H 133 -46.11 39.37 6.11
CA PRO H 133 -46.91 38.53 5.20
C PRO H 133 -47.95 39.32 4.45
N SER H 134 -48.31 38.81 3.28
CA SER H 134 -49.36 39.35 2.42
C SER H 134 -50.30 38.23 2.01
N VAL H 135 -50.76 37.46 3.00
CA VAL H 135 -51.50 36.23 2.75
C VAL H 135 -52.90 36.55 2.28
N PHE H 136 -53.31 35.92 1.18
CA PHE H 136 -54.54 35.99 0.41
C PHE H 136 -55.40 34.75 0.65
N PRO H 137 -56.71 34.89 0.56
CA PRO H 137 -57.61 33.75 0.86
C PRO H 137 -57.47 32.61 -0.14
N LEU H 138 -57.70 31.39 0.36
CA LEU H 138 -57.62 30.17 -0.42
C LEU H 138 -59.01 29.57 -0.54
N ALA H 139 -59.39 29.21 -1.77
CA ALA H 139 -60.71 28.65 -2.02
C ALA H 139 -60.81 27.20 -1.54
N PRO H 140 -61.97 26.78 -1.08
CA PRO H 140 -62.17 25.38 -0.67
C PRO H 140 -62.33 24.47 -1.88
N SER H 141 -62.58 23.20 -1.59
CA SER H 141 -62.79 22.20 -2.64
C SER H 141 -64.14 22.39 -3.32
N THR H 149 -69.13 14.92 2.82
CA THR H 149 -68.59 16.02 3.62
C THR H 149 -67.68 16.91 2.78
N ALA H 150 -67.36 18.09 3.31
CA ALA H 150 -66.52 19.06 2.62
C ALA H 150 -65.42 19.54 3.57
N ALA H 151 -64.34 20.04 2.98
CA ALA H 151 -63.19 20.54 3.73
C ALA H 151 -62.80 21.91 3.21
N LEU H 152 -62.21 22.71 4.09
CA LEU H 152 -61.74 24.04 3.72
C LEU H 152 -60.60 24.44 4.65
N GLY H 153 -59.81 25.40 4.19
CA GLY H 153 -58.69 25.89 5.00
C GLY H 153 -58.03 27.05 4.31
N CYS H 154 -57.17 27.73 5.06
CA CYS H 154 -56.40 28.86 4.57
C CYS H 154 -54.91 28.54 4.72
N LEU H 155 -54.16 28.72 3.63
CA LEU H 155 -52.73 28.43 3.62
C LEU H 155 -51.95 29.73 3.71
N VAL H 156 -50.88 29.72 4.50
CA VAL H 156 -50.05 30.88 4.75
C VAL H 156 -48.77 30.76 3.93
N LYS H 157 -48.36 31.88 3.34
CA LYS H 157 -47.15 31.91 2.52
C LYS H 157 -46.56 33.31 2.54
N ASP H 158 -45.30 33.40 2.09
CA ASP H 158 -44.52 34.64 2.05
C ASP H 158 -44.40 35.26 3.45
N TYR H 159 -43.79 34.49 4.34
CA TYR H 159 -43.59 34.90 5.73
C TYR H 159 -42.40 34.13 6.28
N PHE H 160 -41.78 34.70 7.32
CA PHE H 160 -40.60 34.09 7.92
C PHE H 160 -40.41 34.76 9.27
N PRO H 161 -40.11 34.01 10.35
CA PRO H 161 -39.90 32.57 10.41
C PRO H 161 -41.06 31.74 10.96
N GLU H 162 -40.81 30.44 11.08
CA GLU H 162 -41.77 29.52 11.67
C GLU H 162 -41.83 29.72 13.18
N PRO H 163 -43.00 29.46 13.80
CA PRO H 163 -44.29 29.12 13.19
C PRO H 163 -45.31 30.25 13.24
N VAL H 164 -46.53 29.96 12.78
CA VAL H 164 -47.67 30.85 12.94
C VAL H 164 -48.83 30.04 13.48
N THR H 165 -49.77 30.74 14.12
CA THR H 165 -50.92 30.11 14.75
C THR H 165 -52.17 30.42 13.95
N VAL H 166 -52.89 29.37 13.54
CA VAL H 166 -54.13 29.50 12.77
C VAL H 166 -55.28 29.16 13.69
N SER H 167 -56.14 30.14 13.95
CA SER H 167 -57.31 29.99 14.80
C SER H 167 -58.57 30.26 13.99
N TRP H 168 -59.58 29.42 14.16
CA TRP H 168 -60.83 29.53 13.42
C TRP H 168 -61.96 29.96 14.35
N ASN H 169 -62.85 30.81 13.81
CA ASN H 169 -64.02 31.33 14.53
C ASN H 169 -63.63 32.05 15.81
N SER H 170 -62.53 32.83 15.74
CA SER H 170 -61.98 33.59 16.87
C SER H 170 -61.66 32.68 18.06
N GLY H 171 -61.10 31.51 17.78
CA GLY H 171 -60.71 30.58 18.82
C GLY H 171 -61.82 29.77 19.43
N ALA H 172 -63.02 29.80 18.86
CA ALA H 172 -64.14 29.02 19.38
C ALA H 172 -64.20 27.60 18.84
N LEU H 173 -63.32 27.25 17.90
CA LEU H 173 -63.27 25.91 17.33
C LEU H 173 -61.85 25.39 17.47
N THR H 174 -61.70 24.22 18.09
CA THR H 174 -60.39 23.61 18.29
C THR H 174 -60.33 22.15 17.84
N SER H 175 -61.44 21.57 17.40
CA SER H 175 -61.48 20.18 16.96
C SER H 175 -61.10 20.10 15.49
N GLY H 176 -60.10 19.27 15.17
CA GLY H 176 -59.64 19.11 13.81
C GLY H 176 -58.64 20.16 13.35
N VAL H 177 -58.28 21.12 14.19
CA VAL H 177 -57.33 22.16 13.83
C VAL H 177 -55.94 21.58 13.98
N HIS H 178 -55.33 21.15 12.87
CA HIS H 178 -54.02 20.56 12.86
C HIS H 178 -53.08 21.39 11.99
N THR H 179 -51.88 21.66 12.49
CA THR H 179 -50.88 22.43 11.76
C THR H 179 -50.04 21.45 10.94
N PHE H 180 -50.28 21.44 9.63
CA PHE H 180 -49.53 20.57 8.74
C PHE H 180 -48.09 21.07 8.61
N PRO H 181 -47.12 20.16 8.47
CA PRO H 181 -45.72 20.59 8.39
C PRO H 181 -45.41 21.37 7.12
N ALA H 182 -44.46 22.28 7.23
CA ALA H 182 -44.04 23.13 6.12
C ALA H 182 -42.82 22.52 5.43
N VAL H 183 -42.24 23.26 4.48
CA VAL H 183 -41.09 22.80 3.73
C VAL H 183 -40.29 24.03 3.32
N LEU H 184 -38.98 23.85 3.18
CA LEU H 184 -38.08 24.94 2.80
C LEU H 184 -38.19 25.16 1.29
N GLN H 185 -38.80 26.27 0.90
CA GLN H 185 -38.97 26.59 -0.51
C GLN H 185 -37.67 27.11 -1.11
N SER H 186 -37.64 27.18 -2.45
CA SER H 186 -36.49 27.73 -3.14
C SER H 186 -36.32 29.22 -2.87
N SER H 187 -37.43 29.95 -2.74
CA SER H 187 -37.38 31.36 -2.40
C SER H 187 -37.28 31.62 -0.90
N GLY H 188 -37.35 30.57 -0.08
CA GLY H 188 -37.23 30.72 1.36
C GLY H 188 -38.52 30.86 2.11
N LEU H 189 -39.66 30.62 1.48
CA LEU H 189 -40.96 30.77 2.13
C LEU H 189 -41.39 29.45 2.78
N TYR H 190 -42.38 29.56 3.66
CA TYR H 190 -42.95 28.41 4.36
C TYR H 190 -44.43 28.30 4.02
N SER H 191 -45.02 27.16 4.41
CA SER H 191 -46.43 26.89 4.11
C SER H 191 -46.99 26.03 5.24
N LEU H 192 -47.66 26.67 6.19
CA LEU H 192 -48.36 25.99 7.27
C LEU H 192 -49.83 25.89 6.90
N SER H 193 -50.36 24.67 6.87
CA SER H 193 -51.73 24.42 6.44
C SER H 193 -52.58 23.94 7.61
N SER H 194 -53.72 24.61 7.82
CA SER H 194 -54.68 24.21 8.83
C SER H 194 -56.05 24.09 8.16
N VAL H 195 -56.73 22.97 8.39
CA VAL H 195 -57.99 22.68 7.73
C VAL H 195 -59.04 22.28 8.77
N VAL H 196 -60.30 22.57 8.46
CA VAL H 196 -61.44 22.15 9.26
C VAL H 196 -62.47 21.52 8.34
N THR H 197 -63.36 20.72 8.93
CA THR H 197 -64.34 19.95 8.19
C THR H 197 -65.74 20.47 8.49
N VAL H 198 -66.49 20.78 7.44
CA VAL H 198 -67.88 21.25 7.56
C VAL H 198 -68.77 20.33 6.73
N PRO H 199 -70.06 20.22 7.06
CA PRO H 199 -70.97 19.45 6.19
C PRO H 199 -71.16 20.13 4.84
N SER H 200 -71.47 19.32 3.83
CA SER H 200 -71.62 19.80 2.46
C SER H 200 -72.87 20.63 2.26
N SER H 201 -73.82 20.62 3.21
CA SER H 201 -75.03 21.42 3.07
C SER H 201 -74.77 22.91 3.27
N SER H 202 -73.65 23.28 3.91
CA SER H 202 -73.31 24.68 4.15
C SER H 202 -71.88 24.90 3.66
N LEU H 203 -71.74 25.48 2.47
CA LEU H 203 -70.44 25.76 1.87
C LEU H 203 -70.25 27.23 1.53
N GLY H 204 -71.30 27.89 1.06
CA GLY H 204 -71.20 29.29 0.69
C GLY H 204 -72.24 30.16 1.41
N THR H 205 -72.88 29.59 2.43
CA THR H 205 -73.90 30.29 3.20
C THR H 205 -73.37 30.86 4.50
N GLN H 206 -72.66 30.06 5.29
CA GLN H 206 -72.12 30.49 6.57
C GLN H 206 -70.73 31.10 6.37
N THR H 207 -70.51 32.26 6.98
CA THR H 207 -69.23 32.95 6.87
C THR H 207 -68.19 32.25 7.74
N TYR H 208 -67.07 31.86 7.13
CA TYR H 208 -65.97 31.20 7.83
C TYR H 208 -64.72 32.07 7.73
N ILE H 209 -64.07 32.30 8.87
CA ILE H 209 -62.87 33.13 8.94
C ILE H 209 -61.79 32.37 9.69
N CYS H 210 -60.54 32.70 9.40
CA CYS H 210 -59.39 32.15 10.11
C CYS H 210 -58.41 33.27 10.41
N ASN H 211 -57.78 33.19 11.59
CA ASN H 211 -56.87 34.22 12.06
C ASN H 211 -55.45 33.67 12.07
N VAL H 212 -54.54 34.38 11.40
CA VAL H 212 -53.13 34.05 11.38
C VAL H 212 -52.36 35.25 11.91
N ASN H 213 -51.57 35.04 12.97
CA ASN H 213 -50.80 36.10 13.60
C ASN H 213 -49.32 35.92 13.33
N HIS H 214 -48.62 37.04 13.14
CA HIS H 214 -47.18 37.06 12.90
C HIS H 214 -46.52 37.79 14.06
N LYS H 215 -45.55 37.15 14.70
CA LYS H 215 -44.90 37.72 15.88
C LYS H 215 -43.90 38.83 15.56
N PRO H 216 -42.88 38.64 14.65
CA PRO H 216 -41.95 39.75 14.44
C PRO H 216 -42.51 40.88 13.59
N SER H 217 -43.48 40.58 12.72
CA SER H 217 -44.05 41.59 11.83
C SER H 217 -45.24 42.32 12.44
N ASN H 218 -45.79 41.80 13.54
CA ASN H 218 -46.94 42.41 14.25
C ASN H 218 -48.15 42.59 13.32
N THR H 219 -48.40 41.60 12.46
CA THR H 219 -49.51 41.64 11.52
C THR H 219 -50.50 40.54 11.90
N LYS H 220 -51.72 40.96 12.25
CA LYS H 220 -52.81 40.04 12.55
C LYS H 220 -53.93 40.30 11.55
N VAL H 221 -54.25 39.30 10.75
CA VAL H 221 -55.20 39.43 9.64
C VAL H 221 -56.39 38.51 9.90
N ASP H 222 -57.60 39.04 9.63
CA ASP H 222 -58.83 38.25 9.69
C ASP H 222 -59.32 38.05 8.26
N LYS H 223 -58.84 36.98 7.63
CA LYS H 223 -59.12 36.71 6.23
C LYS H 223 -60.32 35.77 6.11
N LYS H 224 -61.34 36.21 5.38
CA LYS H 224 -62.47 35.35 5.08
C LYS H 224 -62.17 34.50 3.85
N VAL H 225 -62.57 33.24 3.92
CA VAL H 225 -62.35 32.27 2.84
C VAL H 225 -63.60 32.23 1.97
N GLU H 226 -63.40 32.23 0.66
CA GLU H 226 -64.48 32.23 -0.31
C GLU H 226 -64.15 31.28 -1.45
N PRO H 227 -65.16 30.69 -2.08
CA PRO H 227 -64.90 29.83 -3.24
C PRO H 227 -64.39 30.63 -4.44
N LYS H 228 -63.71 29.91 -5.33
CA LYS H 228 -63.13 30.55 -6.51
C LYS H 228 -64.22 30.97 -7.49
N SER H 229 -64.17 32.22 -7.92
CA SER H 229 -65.15 32.75 -8.85
C SER H 229 -64.54 32.95 -10.24
N VAL I 2 2.93 -11.93 71.97
CA VAL I 2 2.74 -13.13 72.79
C VAL I 2 1.66 -12.90 73.83
N GLN I 3 1.36 -13.94 74.60
CA GLN I 3 0.30 -13.87 75.60
C GLN I 3 0.81 -13.26 76.90
N LEU I 4 -0.03 -12.42 77.52
CA LEU I 4 0.27 -11.69 78.73
C LEU I 4 -0.85 -11.87 79.76
N VAL I 5 -1.20 -13.14 80.02
CA VAL I 5 -2.32 -13.44 80.91
C VAL I 5 -1.99 -13.01 82.34
N GLN I 6 -3.04 -12.63 83.08
CA GLN I 6 -2.90 -12.19 84.46
C GLN I 6 -3.97 -12.85 85.32
N SER I 7 -3.76 -12.84 86.62
CA SER I 7 -4.66 -13.45 87.58
C SER I 7 -5.40 -12.35 88.35
N GLY I 8 -6.73 -12.46 88.40
CA GLY I 8 -7.56 -11.49 89.07
C GLY I 8 -7.89 -11.89 90.50
N ALA I 9 -8.85 -11.16 91.07
CA ALA I 9 -9.29 -11.39 92.44
C ALA I 9 -10.80 -11.20 92.49
N GLU I 10 -11.35 -11.11 93.71
CA GLU I 10 -12.78 -10.98 93.89
C GLU I 10 -13.07 -9.83 94.86
N VAL I 11 -14.32 -9.68 95.28
CA VAL I 11 -14.71 -8.61 96.18
C VAL I 11 -14.11 -8.85 97.57
N LYS I 12 -13.87 -7.76 98.30
CA LYS I 12 -13.22 -7.83 99.61
C LYS I 12 -13.60 -6.59 100.41
N LYS I 13 -13.34 -6.67 101.72
CA LYS I 13 -13.59 -5.55 102.60
C LYS I 13 -12.60 -4.42 102.34
N PRO I 14 -13.01 -3.17 102.54
CA PRO I 14 -12.08 -2.05 102.37
C PRO I 14 -10.99 -2.03 103.43
N GLY I 15 -9.83 -1.51 103.05
CA GLY I 15 -8.72 -1.36 103.96
C GLY I 15 -7.77 -2.53 104.03
N ALA I 16 -8.08 -3.64 103.36
CA ALA I 16 -7.23 -4.81 103.38
C ALA I 16 -6.26 -4.76 102.20
N SER I 17 -5.59 -5.88 101.93
CA SER I 17 -4.61 -5.97 100.86
C SER I 17 -5.08 -7.01 99.85
N VAL I 18 -4.95 -6.69 98.57
CA VAL I 18 -5.36 -7.56 97.47
C VAL I 18 -4.13 -7.89 96.64
N LYS I 19 -4.03 -9.14 96.19
CA LYS I 19 -2.89 -9.59 95.41
C LYS I 19 -3.34 -9.97 94.01
N VAL I 20 -2.75 -9.31 93.01
CA VAL I 20 -2.95 -9.64 91.61
C VAL I 20 -1.59 -9.85 90.97
N SER I 21 -1.51 -10.79 90.03
CA SER I 21 -0.24 -11.14 89.40
C SER I 21 -0.40 -11.22 87.89
N CYS I 22 0.69 -10.90 87.18
CA CYS I 22 0.74 -11.00 85.72
C CYS I 22 1.91 -11.89 85.34
N LYS I 23 1.68 -12.79 84.39
CA LYS I 23 2.68 -13.77 83.96
C LYS I 23 3.13 -13.45 82.54
N ALA I 24 4.43 -13.62 82.29
CA ALA I 24 5.03 -13.37 81.00
C ALA I 24 5.69 -14.64 80.47
N SER I 25 5.62 -14.82 79.16
CA SER I 25 6.21 -15.99 78.52
C SER I 25 6.55 -15.65 77.08
N GLY I 26 7.38 -16.50 76.47
CA GLY I 26 7.79 -16.32 75.10
C GLY I 26 8.99 -15.40 74.95
N TYR I 27 8.78 -14.11 75.20
CA TYR I 27 9.86 -13.14 75.10
C TYR I 27 10.74 -13.19 76.34
N ILE I 28 11.95 -12.67 76.21
CA ILE I 28 12.90 -12.66 77.32
C ILE I 28 12.53 -11.54 78.30
N PHE I 29 12.45 -11.87 79.58
CA PHE I 29 12.01 -10.93 80.60
C PHE I 29 13.19 -10.23 81.25
N SER I 30 14.05 -9.63 80.43
CA SER I 30 15.16 -8.83 80.93
C SER I 30 15.41 -7.58 80.09
N ASP I 31 14.57 -7.33 79.07
CA ASP I 31 14.79 -6.22 78.15
C ASP I 31 13.61 -5.27 78.03
N TYR I 32 12.42 -5.66 78.48
CA TYR I 32 11.21 -4.87 78.28
C TYR I 32 10.67 -4.39 79.62
N ASN I 33 10.37 -3.09 79.70
CA ASN I 33 9.66 -2.56 80.85
C ASN I 33 8.18 -2.91 80.76
N ILE I 34 7.53 -2.94 81.93
CA ILE I 34 6.10 -3.17 82.00
C ILE I 34 5.43 -1.94 82.59
N HIS I 35 4.15 -1.77 82.28
CA HIS I 35 3.36 -0.68 82.80
C HIS I 35 2.03 -1.20 83.31
N TRP I 36 1.52 -0.56 84.37
CA TRP I 36 0.29 -0.98 85.02
C TRP I 36 -0.72 0.15 84.94
N VAL I 37 -1.84 -0.12 84.28
CA VAL I 37 -2.91 0.86 84.11
C VAL I 37 -4.23 0.23 84.52
N ARG I 38 -5.14 1.05 85.04
CA ARG I 38 -6.45 0.60 85.46
C ARG I 38 -7.54 1.32 84.65
N GLN I 39 -8.65 0.60 84.43
CA GLN I 39 -9.77 1.13 83.66
C GLN I 39 -11.05 0.84 84.45
N ALA I 40 -11.71 1.90 84.91
CA ALA I 40 -12.97 1.79 85.63
C ALA I 40 -14.13 2.15 84.71
N PRO I 41 -15.30 1.55 84.93
CA PRO I 41 -16.49 1.94 84.16
C PRO I 41 -16.89 3.38 84.44
N GLY I 42 -17.33 4.06 83.39
CA GLY I 42 -17.72 5.45 83.50
C GLY I 42 -16.59 6.45 83.41
N GLN I 43 -15.35 6.00 83.22
CA GLN I 43 -14.21 6.89 83.10
C GLN I 43 -13.14 6.23 82.23
N GLY I 44 -12.07 6.96 81.96
CA GLY I 44 -11.01 6.52 81.10
C GLY I 44 -9.91 5.78 81.83
N LEU I 45 -8.79 5.58 81.14
CA LEU I 45 -7.66 4.84 81.68
C LEU I 45 -6.81 5.75 82.58
N GLU I 46 -6.23 5.16 83.61
CA GLU I 46 -5.37 5.88 84.55
C GLU I 46 -4.07 5.11 84.74
N TRP I 47 -2.98 5.84 84.95
CA TRP I 47 -1.64 5.29 85.03
C TRP I 47 -1.12 5.37 86.47
N MET I 48 -0.39 4.32 86.89
CA MET I 48 0.16 4.27 88.23
C MET I 48 1.69 4.30 88.24
N GLY I 49 2.35 3.38 87.56
CA GLY I 49 3.81 3.34 87.61
C GLY I 49 4.36 2.21 86.76
N TRP I 50 5.69 2.14 86.73
CA TRP I 50 6.41 1.13 85.97
C TRP I 50 7.58 0.61 86.80
N ILE I 51 8.03 -0.60 86.44
CA ILE I 51 9.21 -1.21 87.04
C ILE I 51 10.07 -1.81 85.93
N SER I 52 11.17 -2.44 86.34
CA SER I 52 12.08 -3.12 85.44
C SER I 52 12.29 -4.55 85.92
N PRO I 53 12.39 -5.51 84.99
CA PRO I 53 12.59 -6.91 85.40
C PRO I 53 14.04 -7.22 85.74
N ASP I 54 14.98 -6.46 85.16
CA ASP I 54 16.41 -6.68 85.37
C ASP I 54 17.00 -5.75 86.42
N SER I 55 16.20 -4.90 87.04
CA SER I 55 16.71 -3.94 88.03
C SER I 55 15.65 -3.71 89.09
N ASP I 56 16.03 -2.98 90.14
CA ASP I 56 15.14 -2.66 91.24
C ASP I 56 14.55 -1.26 91.12
N ASP I 57 14.33 -0.79 89.89
CA ASP I 57 13.77 0.54 89.69
C ASP I 57 12.30 0.56 90.05
N THR I 58 11.87 1.61 90.74
CA THR I 58 10.49 1.76 91.15
C THR I 58 10.08 3.21 91.02
N ASN I 59 8.94 3.46 90.38
CA ASN I 59 8.41 4.80 90.20
C ASN I 59 6.92 4.80 90.54
N TYR I 60 6.45 5.92 91.09
CA TYR I 60 5.08 6.07 91.54
C TYR I 60 4.41 7.24 90.83
N ALA I 61 3.08 7.22 90.84
CA ALA I 61 2.32 8.35 90.33
C ALA I 61 2.33 9.49 91.35
N GLN I 62 1.90 10.67 90.89
CA GLN I 62 1.84 11.84 91.77
C GLN I 62 0.67 11.80 92.73
N SER I 63 -0.28 10.88 92.55
CA SER I 63 -1.41 10.74 93.45
C SER I 63 -1.37 9.49 94.31
N PHE I 64 -0.60 8.47 93.92
CA PHE I 64 -0.47 7.22 94.65
C PHE I 64 0.99 7.06 95.05
N GLN I 65 1.34 7.59 96.22
CA GLN I 65 2.72 7.52 96.71
C GLN I 65 2.94 6.41 97.73
N GLY I 66 2.01 6.21 98.66
CA GLY I 66 2.16 5.18 99.67
C GLY I 66 1.04 4.17 99.67
N ARG I 67 0.01 4.40 98.83
CA ARG I 67 -1.13 3.51 98.77
C ARG I 67 -0.82 2.20 98.06
N VAL I 68 0.11 2.21 97.10
CA VAL I 68 0.41 1.03 96.28
C VAL I 68 1.92 0.80 96.30
N THR I 69 2.33 -0.47 96.38
CA THR I 69 3.73 -0.84 96.36
C THR I 69 3.96 -1.94 95.33
N MET I 70 5.13 -1.90 94.70
CA MET I 70 5.50 -2.85 93.65
C MET I 70 6.31 -4.00 94.24
N THR I 71 6.24 -5.16 93.58
CA THR I 71 7.04 -6.33 93.92
C THR I 71 7.39 -7.07 92.64
N ARG I 72 8.65 -7.48 92.52
CA ARG I 72 9.16 -8.14 91.33
C ARG I 72 9.67 -9.54 91.66
N ASP I 73 9.40 -10.49 90.77
CA ASP I 73 9.84 -11.88 90.88
C ASP I 73 10.53 -12.25 89.57
N THR I 74 11.87 -12.18 89.56
CA THR I 74 12.61 -12.46 88.34
C THR I 74 12.65 -13.95 88.01
N SER I 75 12.86 -14.79 89.02
CA SER I 75 13.02 -16.22 88.79
C SER I 75 11.70 -16.87 88.36
N ILE I 76 10.58 -16.45 88.95
CA ILE I 76 9.28 -16.98 88.57
C ILE I 76 8.77 -16.37 87.27
N THR I 77 9.39 -15.27 86.83
CA THR I 77 8.95 -14.47 85.67
C THR I 77 7.49 -14.06 85.88
N THR I 78 7.25 -13.44 87.03
CA THR I 78 5.95 -12.89 87.39
C THR I 78 6.15 -11.55 88.07
N VAL I 79 5.12 -10.72 88.04
CA VAL I 79 5.13 -9.45 88.76
C VAL I 79 3.90 -9.41 89.68
N TYR I 80 4.12 -8.97 90.91
CA TYR I 80 3.09 -9.00 91.93
C TYR I 80 2.77 -7.58 92.39
N MET I 81 1.49 -7.22 92.29
CA MET I 81 1.01 -5.89 92.64
C MET I 81 0.24 -5.96 93.96
N GLU I 82 0.52 -5.04 94.86
CA GLU I 82 -0.15 -4.97 96.15
C GLU I 82 -0.83 -3.62 96.32
N LEU I 83 -2.12 -3.64 96.65
CA LEU I 83 -2.90 -2.43 96.90
C LEU I 83 -3.23 -2.37 98.38
N SER I 84 -2.87 -1.26 99.02
CA SER I 84 -3.13 -1.07 100.44
C SER I 84 -4.11 0.09 100.63
N SER I 85 -5.02 -0.08 101.60
CA SER I 85 -6.04 0.90 101.96
C SER I 85 -6.92 1.25 100.75
N LEU I 86 -7.64 0.23 100.29
CA LEU I 86 -8.54 0.39 99.16
C LEU I 86 -9.70 1.31 99.51
N ARG I 87 -9.98 2.25 98.62
CA ARG I 87 -11.06 3.21 98.82
C ARG I 87 -12.35 2.64 98.25
N SER I 88 -13.38 3.49 98.12
CA SER I 88 -14.65 3.07 97.54
C SER I 88 -14.68 3.22 96.03
N ASP I 89 -14.06 4.27 95.50
CA ASP I 89 -14.05 4.53 94.06
C ASP I 89 -12.78 3.99 93.41
N ASP I 90 -12.62 2.66 93.47
CA ASP I 90 -11.48 2.01 92.84
C ASP I 90 -11.84 0.74 92.11
N THR I 91 -13.13 0.48 91.88
CA THR I 91 -13.57 -0.71 91.15
C THR I 91 -13.21 -0.53 89.68
N ALA I 92 -12.10 -1.13 89.26
CA ALA I 92 -11.58 -0.94 87.92
C ALA I 92 -11.04 -2.26 87.38
N VAL I 93 -10.64 -2.24 86.12
CA VAL I 93 -10.03 -3.38 85.46
C VAL I 93 -8.54 -3.06 85.27
N TYR I 94 -7.69 -3.86 85.90
CA TYR I 94 -6.25 -3.64 85.87
C TYR I 94 -5.64 -4.43 84.73
N PHE I 95 -4.83 -3.76 83.91
CA PHE I 95 -4.27 -4.33 82.70
C PHE I 95 -2.76 -4.44 82.83
N CYS I 96 -2.22 -5.61 82.47
CA CYS I 96 -0.78 -5.84 82.43
C CYS I 96 -0.28 -5.48 81.03
N ALA I 97 0.38 -4.32 80.92
CA ALA I 97 0.79 -3.78 79.62
C ALA I 97 2.31 -3.82 79.52
N ARG I 98 2.81 -4.30 78.39
CA ARG I 98 4.23 -4.36 78.11
C ARG I 98 4.58 -3.33 77.04
N SER I 99 5.62 -2.54 77.31
CA SER I 99 6.10 -1.53 76.38
C SER I 99 7.45 -1.97 75.80
N VAL I 100 7.64 -1.71 74.51
CA VAL I 100 8.92 -2.00 73.88
C VAL I 100 9.97 -1.00 74.37
N GLY I 101 11.23 -1.38 74.21
CA GLY I 101 12.32 -0.54 74.67
C GLY I 101 12.54 -0.67 76.17
N TYR I 102 13.35 0.25 76.70
CA TYR I 102 13.71 0.23 78.11
C TYR I 102 14.02 1.65 78.55
N CYS I 103 13.43 2.07 79.67
CA CYS I 103 13.69 3.39 80.23
C CYS I 103 13.76 3.29 81.76
N SER I 104 14.61 4.10 82.36
CA SER I 104 14.72 4.21 83.80
C SER I 104 14.72 5.64 84.31
N LEU I 105 15.13 6.60 83.48
CA LEU I 105 15.13 8.00 83.89
C LEU I 105 13.73 8.60 83.80
N ASN I 106 13.58 9.79 84.39
CA ASN I 106 12.28 10.45 84.39
C ASN I 106 11.92 10.98 83.01
N SER I 107 12.90 11.55 82.30
CA SER I 107 12.65 12.15 80.99
C SER I 107 12.67 11.13 79.85
N CYS I 108 12.94 9.86 80.13
CA CYS I 108 13.02 8.84 79.09
C CYS I 108 11.67 8.45 78.52
N GLN I 109 10.59 8.68 79.27
CA GLN I 109 9.25 8.19 78.98
C GLN I 109 8.56 8.86 77.77
N ARG I 110 9.21 9.74 76.99
CA ARG I 110 8.54 10.37 75.86
C ARG I 110 8.29 9.41 74.71
N TRP I 111 9.14 8.40 74.56
CA TRP I 111 9.06 7.46 73.44
C TRP I 111 8.34 6.17 73.80
N MET I 112 7.79 6.05 75.00
CA MET I 112 7.15 4.80 75.43
C MET I 112 5.70 4.74 74.98
N TRP I 113 5.36 3.65 74.29
CA TRP I 113 3.97 3.30 73.99
C TRP I 113 3.71 1.88 74.45
N PHE I 114 2.47 1.62 74.85
CA PHE I 114 2.08 0.29 75.32
C PHE I 114 1.74 -0.56 74.11
N ASP I 115 2.70 -1.39 73.67
CA ASP I 115 2.54 -2.14 72.43
C ASP I 115 1.71 -3.41 72.64
N THR I 116 2.20 -4.32 73.47
CA THR I 116 1.56 -5.63 73.68
C THR I 116 0.77 -5.58 74.98
N TRP I 117 -0.55 -5.48 74.85
CA TRP I 117 -1.43 -5.46 76.01
C TRP I 117 -1.80 -6.88 76.44
N GLY I 118 -2.33 -6.98 77.66
CA GLY I 118 -2.86 -8.23 78.16
C GLY I 118 -4.29 -8.05 78.61
N GLN I 119 -4.99 -9.18 78.73
CA GLN I 119 -6.38 -9.14 79.16
C GLN I 119 -6.48 -8.73 80.63
N GLY I 120 -7.49 -7.94 80.95
CA GLY I 120 -7.67 -7.46 82.31
C GLY I 120 -8.70 -8.24 83.08
N ALA I 121 -8.71 -8.01 84.39
CA ALA I 121 -9.68 -8.61 85.29
C ALA I 121 -10.29 -7.53 86.18
N LEU I 122 -11.59 -7.66 86.44
CA LEU I 122 -12.32 -6.66 87.19
C LEU I 122 -12.28 -7.02 88.68
N VAL I 123 -11.79 -6.09 89.49
CA VAL I 123 -11.73 -6.34 90.93
C VAL I 123 -12.47 -5.25 91.68
N THR I 124 -13.19 -5.63 92.73
CA THR I 124 -13.95 -4.67 93.51
C THR I 124 -13.70 -4.87 94.99
N VAL I 125 -13.92 -3.82 95.77
CA VAL I 125 -13.71 -3.91 97.22
C VAL I 125 -14.98 -3.52 97.98
N SER I 126 -15.77 -4.51 98.35
CA SER I 126 -16.99 -4.24 99.10
C SER I 126 -17.13 -5.21 100.27
N SER I 127 -17.48 -4.69 101.44
CA SER I 127 -17.63 -5.53 102.62
C SER I 127 -19.06 -6.03 102.78
N ALA I 128 -19.29 -7.29 102.48
CA ALA I 128 -20.63 -7.86 102.63
C ALA I 128 -20.55 -9.35 102.95
N SER I 129 -21.59 -9.89 103.58
CA SER I 129 -21.57 -11.29 103.97
C SER I 129 -21.44 -12.21 102.77
N THR I 130 -20.51 -13.16 102.83
CA THR I 130 -20.34 -14.11 101.76
C THR I 130 -21.10 -15.38 102.10
N LYS I 131 -21.97 -15.82 101.20
CA LYS I 131 -22.79 -16.99 101.48
C LYS I 131 -23.46 -17.49 100.22
N GLY I 132 -24.21 -18.57 100.33
CA GLY I 132 -24.94 -19.05 99.18
C GLY I 132 -26.16 -18.22 98.82
N PRO I 133 -26.67 -18.39 97.61
CA PRO I 133 -27.82 -17.60 97.16
C PRO I 133 -29.12 -18.07 97.81
N SER I 134 -30.08 -17.14 97.83
CA SER I 134 -31.43 -17.41 98.31
C SER I 134 -32.41 -17.07 97.19
N VAL I 135 -33.33 -17.98 96.91
CA VAL I 135 -34.25 -17.85 95.79
C VAL I 135 -35.61 -17.40 96.32
N PHE I 136 -36.15 -16.34 95.74
CA PHE I 136 -37.43 -15.79 96.17
C PHE I 136 -38.51 -16.17 95.18
N PRO I 137 -39.58 -16.84 95.60
CA PRO I 137 -40.65 -17.20 94.68
C PRO I 137 -41.41 -15.98 94.17
N LEU I 138 -42.00 -16.14 92.99
CA LEU I 138 -42.74 -15.06 92.35
C LEU I 138 -43.97 -15.63 91.65
N ALA I 139 -45.05 -14.80 91.57
CA ALA I 139 -46.30 -15.12 90.91
C ALA I 139 -46.44 -14.34 89.61
N PRO I 140 -47.09 -14.93 88.60
CA PRO I 140 -47.32 -14.19 87.35
C PRO I 140 -48.33 -13.06 87.53
N SER I 141 -48.22 -12.08 86.64
CA SER I 141 -49.10 -10.92 86.66
C SER I 141 -50.53 -11.30 86.23
N THR I 149 -49.88 -14.92 75.95
CA THR I 149 -48.71 -15.41 76.67
C THR I 149 -48.63 -14.80 78.06
N ALA I 150 -48.43 -15.65 79.06
CA ALA I 150 -48.31 -15.23 80.45
C ALA I 150 -46.85 -15.25 80.87
N ALA I 151 -46.39 -14.16 81.47
CA ALA I 151 -45.00 -14.01 81.87
C ALA I 151 -44.84 -14.25 83.36
N LEU I 152 -43.87 -15.08 83.73
CA LEU I 152 -43.53 -15.35 85.11
C LEU I 152 -42.01 -15.29 85.25
N GLY I 153 -41.56 -14.92 86.46
CA GLY I 153 -40.14 -14.76 86.71
C GLY I 153 -39.71 -15.51 87.96
N CYS I 154 -38.39 -15.68 88.07
CA CYS I 154 -37.76 -16.29 89.22
C CYS I 154 -36.78 -15.31 89.82
N LEU I 155 -36.89 -15.07 91.12
CA LEU I 155 -36.07 -14.08 91.82
C LEU I 155 -35.04 -14.77 92.69
N VAL I 156 -33.78 -14.35 92.57
CA VAL I 156 -32.70 -14.80 93.43
C VAL I 156 -32.13 -13.58 94.15
N LYS I 157 -31.92 -13.71 95.45
CA LYS I 157 -31.48 -12.61 96.28
C LYS I 157 -30.29 -13.02 97.12
N ASP I 158 -29.63 -12.01 97.70
CA ASP I 158 -28.47 -12.07 98.60
C ASP I 158 -27.41 -13.10 98.20
N TYR I 159 -27.11 -13.20 96.92
CA TYR I 159 -26.00 -14.03 96.45
C TYR I 159 -24.71 -13.23 96.51
N PHE I 160 -23.63 -13.89 96.95
CA PHE I 160 -22.38 -13.21 97.20
C PHE I 160 -21.22 -14.18 97.09
N PRO I 161 -20.24 -13.94 96.20
CA PRO I 161 -20.17 -12.82 95.26
C PRO I 161 -20.60 -13.19 93.84
N GLU I 162 -20.36 -12.28 92.89
CA GLU I 162 -20.65 -12.54 91.50
C GLU I 162 -19.72 -13.61 90.94
N PRO I 163 -20.15 -14.36 89.90
CA PRO I 163 -21.45 -14.37 89.23
C PRO I 163 -22.31 -15.57 89.60
N VAL I 164 -23.48 -15.67 88.97
CA VAL I 164 -24.38 -16.80 89.13
C VAL I 164 -24.80 -17.31 87.76
N THR I 165 -25.11 -18.59 87.68
CA THR I 165 -25.59 -19.23 86.46
C THR I 165 -27.02 -19.70 86.69
N VAL I 166 -27.91 -19.36 85.76
CA VAL I 166 -29.33 -19.69 85.87
C VAL I 166 -29.66 -20.75 84.83
N SER I 167 -30.44 -21.75 85.24
CA SER I 167 -30.90 -22.81 84.36
C SER I 167 -32.35 -23.14 84.69
N TRP I 168 -33.07 -23.64 83.70
CA TRP I 168 -34.48 -23.99 83.85
C TRP I 168 -34.67 -25.46 83.49
N ASN I 169 -35.36 -26.19 84.38
CA ASN I 169 -35.59 -27.63 84.25
C ASN I 169 -34.28 -28.40 84.12
N SER I 170 -33.26 -27.96 84.87
CA SER I 170 -31.90 -28.52 84.84
C SER I 170 -31.33 -28.53 83.42
N GLY I 171 -31.57 -27.43 82.68
CA GLY I 171 -31.08 -27.30 81.34
C GLY I 171 -32.03 -27.77 80.24
N ALA I 172 -33.15 -28.38 80.60
CA ALA I 172 -34.09 -28.86 79.59
C ALA I 172 -34.88 -27.75 78.92
N LEU I 173 -34.99 -26.59 79.56
CA LEU I 173 -35.69 -25.44 78.99
C LEU I 173 -34.68 -24.35 78.65
N THR I 174 -34.65 -23.97 77.38
CA THR I 174 -33.74 -22.92 76.91
C THR I 174 -34.51 -21.80 76.23
N SER I 175 -35.64 -22.15 75.60
CA SER I 175 -36.44 -21.17 74.89
C SER I 175 -37.14 -20.23 75.86
N GLY I 176 -37.06 -18.93 75.58
CA GLY I 176 -37.71 -17.93 76.40
C GLY I 176 -36.95 -17.50 77.63
N VAL I 177 -35.78 -18.09 77.90
CA VAL I 177 -35.02 -17.74 79.08
C VAL I 177 -34.30 -16.42 78.85
N HIS I 178 -34.51 -15.46 79.76
CA HIS I 178 -33.92 -14.13 79.65
C HIS I 178 -33.56 -13.64 81.04
N THR I 179 -32.26 -13.61 81.34
CA THR I 179 -31.78 -13.12 82.62
C THR I 179 -31.73 -11.60 82.62
N PHE I 180 -31.44 -11.03 83.79
CA PHE I 180 -31.38 -9.59 83.97
C PHE I 180 -30.08 -9.19 84.64
N PRO I 181 -29.58 -7.99 84.36
CA PRO I 181 -28.35 -7.53 85.01
C PRO I 181 -28.53 -7.29 86.49
N ALA I 182 -27.43 -7.41 87.22
CA ALA I 182 -27.47 -7.27 88.68
C ALA I 182 -27.67 -5.82 89.08
N VAL I 183 -28.60 -5.59 90.01
CA VAL I 183 -28.85 -4.26 90.56
C VAL I 183 -27.93 -4.06 91.76
N LEU I 184 -27.81 -2.81 92.21
CA LEU I 184 -26.98 -2.46 93.36
C LEU I 184 -27.84 -2.33 94.60
N GLN I 185 -27.32 -2.76 95.74
CA GLN I 185 -28.03 -2.73 97.01
C GLN I 185 -27.31 -1.84 98.00
N SER I 186 -28.09 -1.22 98.90
CA SER I 186 -27.49 -0.43 99.96
C SER I 186 -27.02 -1.29 101.12
N SER I 187 -27.43 -2.56 101.17
CA SER I 187 -27.03 -3.47 102.23
C SER I 187 -25.77 -4.26 101.91
N GLY I 188 -25.23 -4.11 100.69
CA GLY I 188 -24.01 -4.78 100.31
C GLY I 188 -24.19 -6.06 99.52
N LEU I 189 -25.39 -6.64 99.50
CA LEU I 189 -25.64 -7.86 98.76
C LEU I 189 -25.98 -7.53 97.30
N TYR I 190 -26.31 -8.57 96.55
CA TYR I 190 -26.63 -8.46 95.14
C TYR I 190 -27.96 -9.16 94.84
N SER I 191 -28.65 -8.68 93.82
CA SER I 191 -29.95 -9.21 93.42
C SER I 191 -29.96 -9.45 91.91
N LEU I 192 -30.76 -10.43 91.50
CA LEU I 192 -30.88 -10.80 90.10
C LEU I 192 -32.23 -11.46 89.87
N SER I 193 -32.73 -11.39 88.64
CA SER I 193 -34.00 -11.97 88.27
C SER I 193 -33.87 -12.70 86.94
N SER I 194 -34.77 -13.66 86.72
CA SER I 194 -34.82 -14.42 85.48
C SER I 194 -36.30 -14.61 85.12
N VAL I 195 -36.76 -13.86 84.11
CA VAL I 195 -38.15 -13.89 83.67
C VAL I 195 -38.23 -14.61 82.35
N VAL I 196 -39.13 -15.60 82.26
CA VAL I 196 -39.31 -16.39 81.06
C VAL I 196 -40.63 -16.02 80.41
N THR I 197 -40.71 -16.21 79.09
CA THR I 197 -41.91 -15.92 78.31
C THR I 197 -42.49 -17.24 77.83
N VAL I 198 -43.58 -17.67 78.47
CA VAL I 198 -44.25 -18.91 78.13
C VAL I 198 -45.66 -18.56 77.67
N PRO I 199 -46.28 -19.41 76.85
CA PRO I 199 -47.69 -19.19 76.50
C PRO I 199 -48.60 -19.32 77.72
N SER I 200 -49.70 -18.56 77.69
CA SER I 200 -50.64 -18.56 78.80
C SER I 200 -51.45 -19.85 78.88
N SER I 201 -51.54 -20.61 77.79
CA SER I 201 -52.27 -21.87 77.82
C SER I 201 -51.48 -22.99 78.48
N SER I 202 -50.18 -22.78 78.70
CA SER I 202 -49.31 -23.78 79.33
C SER I 202 -48.76 -23.29 80.65
N LEU I 203 -49.48 -22.36 81.30
CA LEU I 203 -49.01 -21.82 82.58
C LEU I 203 -49.19 -22.84 83.70
N GLY I 204 -50.28 -23.61 83.67
CA GLY I 204 -50.56 -24.55 84.74
C GLY I 204 -50.60 -26.00 84.27
N THR I 205 -50.74 -26.21 82.97
CA THR I 205 -50.76 -27.57 82.44
C THR I 205 -49.40 -28.24 82.57
N GLN I 206 -48.33 -27.51 82.21
CA GLN I 206 -46.97 -27.98 82.39
C GLN I 206 -46.24 -27.00 83.30
N THR I 207 -45.50 -27.53 84.27
CA THR I 207 -44.86 -26.72 85.30
C THR I 207 -43.35 -26.77 85.13
N TYR I 208 -42.71 -25.61 85.14
CA TYR I 208 -41.27 -25.50 84.95
C TYR I 208 -40.57 -25.43 86.31
N ILE I 209 -39.25 -25.64 86.27
CA ILE I 209 -38.41 -25.63 87.47
C ILE I 209 -37.37 -24.54 87.31
N CYS I 210 -37.21 -23.73 88.36
CA CYS I 210 -36.19 -22.68 88.39
C CYS I 210 -34.99 -23.15 89.19
N ASN I 211 -33.81 -23.06 88.58
CA ASN I 211 -32.57 -23.52 89.20
C ASN I 211 -31.50 -22.43 89.07
N VAL I 212 -30.59 -22.42 90.03
CA VAL I 212 -29.48 -21.46 90.04
C VAL I 212 -28.29 -22.13 90.72
N ASN I 213 -27.09 -21.83 90.24
CA ASN I 213 -25.86 -22.39 90.77
C ASN I 213 -24.89 -21.27 91.10
N HIS I 214 -24.17 -21.41 92.21
CA HIS I 214 -23.16 -20.44 92.65
C HIS I 214 -21.89 -21.20 92.97
N LYS I 215 -20.91 -21.12 92.07
CA LYS I 215 -19.63 -21.80 92.16
C LYS I 215 -18.77 -21.42 93.38
N PRO I 216 -18.60 -20.13 93.76
CA PRO I 216 -17.77 -19.86 94.95
C PRO I 216 -18.33 -20.41 96.24
N SER I 217 -19.65 -20.46 96.42
CA SER I 217 -20.23 -21.00 97.63
C SER I 217 -20.38 -22.52 97.59
N ASN I 218 -20.27 -23.14 96.41
CA ASN I 218 -20.36 -24.58 96.22
C ASN I 218 -21.66 -25.15 96.76
N THR I 219 -22.77 -24.48 96.46
CA THR I 219 -24.09 -24.92 96.90
C THR I 219 -25.07 -24.86 95.74
N LYS I 220 -26.08 -25.72 95.79
CA LYS I 220 -27.13 -25.77 94.78
C LYS I 220 -28.47 -25.92 95.47
N VAL I 221 -29.45 -25.11 95.06
CA VAL I 221 -30.78 -25.12 95.63
C VAL I 221 -31.80 -25.20 94.49
N ASP I 222 -32.84 -26.01 94.68
CA ASP I 222 -33.90 -26.19 93.71
C ASP I 222 -35.24 -25.90 94.37
N LYS I 223 -36.22 -25.55 93.54
CA LYS I 223 -37.54 -25.15 94.02
C LYS I 223 -38.59 -25.69 93.06
N LYS I 224 -39.82 -25.19 93.21
CA LYS I 224 -40.93 -25.57 92.34
C LYS I 224 -41.86 -24.36 92.26
N VAL I 225 -41.76 -23.62 91.16
CA VAL I 225 -42.58 -22.41 90.99
C VAL I 225 -44.00 -22.80 90.62
N GLU I 226 -44.98 -22.22 91.31
CA GLU I 226 -46.38 -22.50 91.05
C GLU I 226 -47.18 -21.19 90.99
N PRO I 227 -47.88 -20.92 89.90
CA PRO I 227 -48.72 -19.72 89.84
C PRO I 227 -49.91 -19.82 90.79
N LYS I 228 -50.31 -18.67 91.31
CA LYS I 228 -51.42 -18.59 92.24
C LYS I 228 -52.72 -18.32 91.50
N SER I 229 -53.83 -18.75 92.09
CA SER I 229 -55.14 -18.57 91.50
C SER I 229 -55.74 -17.22 91.87
N SER J 11 5.38 -13.86 -52.22
CA SER J 11 5.79 -14.69 -53.35
C SER J 11 4.57 -15.13 -54.16
N TYR J 12 4.76 -15.28 -55.46
CA TYR J 12 3.69 -15.70 -56.37
C TYR J 12 4.19 -16.81 -57.27
N THR J 13 3.28 -17.71 -57.63
CA THR J 13 3.57 -18.82 -58.52
C THR J 13 2.29 -19.22 -59.24
N ASN J 14 2.35 -20.33 -59.98
CA ASN J 14 1.23 -20.78 -60.78
C ASN J 14 0.99 -22.26 -60.55
N SER J 15 -0.28 -22.63 -60.37
CA SER J 15 -0.65 -24.03 -60.27
C SER J 15 -0.98 -24.58 -61.66
N PHE J 16 -0.35 -25.71 -62.01
CA PHE J 16 -0.45 -26.26 -63.36
C PHE J 16 -1.87 -26.69 -63.72
N THR J 17 -2.38 -27.74 -63.06
CA THR J 17 -3.73 -28.20 -63.34
C THR J 17 -4.47 -28.68 -62.10
N ARG J 18 -3.89 -28.55 -60.91
CA ARG J 18 -4.53 -29.06 -59.71
C ARG J 18 -5.65 -28.13 -59.26
N GLY J 19 -6.53 -28.65 -58.41
CA GLY J 19 -7.64 -27.88 -57.90
C GLY J 19 -9.00 -28.38 -58.35
N VAL J 20 -9.11 -29.70 -58.55
CA VAL J 20 -10.34 -30.33 -59.02
C VAL J 20 -10.81 -31.32 -57.96
N TYR J 21 -12.12 -31.42 -57.79
CA TYR J 21 -12.73 -32.28 -56.78
C TYR J 21 -14.07 -32.77 -57.28
N TYR J 22 -14.61 -33.76 -56.57
CA TYR J 22 -15.94 -34.28 -56.88
C TYR J 22 -17.01 -33.28 -56.47
N PRO J 23 -17.89 -32.84 -57.38
CA PRO J 23 -18.89 -31.83 -57.01
C PRO J 23 -20.06 -32.37 -56.20
N ASP J 24 -20.30 -33.68 -56.23
CA ASP J 24 -21.44 -34.26 -55.51
C ASP J 24 -21.09 -35.70 -55.16
N LYS J 25 -22.11 -36.45 -54.72
CA LYS J 25 -21.93 -37.83 -54.27
C LYS J 25 -22.47 -38.85 -55.26
N VAL J 26 -22.56 -38.48 -56.54
CA VAL J 26 -23.06 -39.40 -57.55
C VAL J 26 -21.92 -40.29 -58.06
N PHE J 27 -22.30 -41.39 -58.70
CA PHE J 27 -21.36 -42.34 -59.27
C PHE J 27 -21.55 -42.40 -60.77
N ARG J 28 -20.46 -42.19 -61.52
CA ARG J 28 -20.47 -42.25 -62.97
C ARG J 28 -19.41 -43.23 -63.44
N SER J 29 -19.73 -43.98 -64.50
CA SER J 29 -18.88 -45.06 -65.00
C SER J 29 -18.48 -44.76 -66.43
N SER J 30 -17.27 -44.22 -66.61
CA SER J 30 -16.64 -44.00 -67.92
C SER J 30 -17.48 -43.10 -68.82
N VAL J 31 -18.06 -42.05 -68.24
CA VAL J 31 -18.83 -41.07 -69.00
C VAL J 31 -18.19 -39.70 -68.80
N LEU J 32 -18.66 -38.73 -69.58
CA LEU J 32 -18.18 -37.36 -69.54
C LEU J 32 -19.30 -36.46 -69.07
N HIS J 33 -19.05 -35.68 -68.02
CA HIS J 33 -20.08 -34.85 -67.41
C HIS J 33 -19.53 -33.44 -67.17
N SER J 34 -20.42 -32.45 -67.28
CA SER J 34 -20.09 -31.06 -67.05
C SER J 34 -20.97 -30.50 -65.94
N THR J 35 -20.36 -29.77 -65.01
CA THR J 35 -21.08 -29.21 -63.87
C THR J 35 -20.60 -27.79 -63.62
N GLN J 36 -21.44 -27.00 -62.96
CA GLN J 36 -21.16 -25.62 -62.62
C GLN J 36 -21.06 -25.49 -61.11
N ASP J 37 -19.87 -25.16 -60.62
CA ASP J 37 -19.62 -24.99 -59.19
C ASP J 37 -18.42 -24.05 -59.07
N LEU J 38 -17.94 -23.84 -57.84
CA LEU J 38 -16.83 -22.93 -57.57
C LEU J 38 -15.53 -23.75 -57.55
N PHE J 39 -14.83 -23.75 -58.67
CA PHE J 39 -13.57 -24.47 -58.80
C PHE J 39 -12.40 -23.49 -58.90
N LEU J 40 -11.19 -24.05 -58.90
CA LEU J 40 -9.99 -23.25 -59.10
C LEU J 40 -9.67 -23.16 -60.59
N PRO J 41 -9.43 -21.96 -61.12
CA PRO J 41 -9.10 -21.83 -62.55
C PRO J 41 -7.79 -22.51 -62.89
N PHE J 42 -7.72 -23.06 -64.09
CA PHE J 42 -6.50 -23.71 -64.56
C PHE J 42 -5.47 -22.67 -64.95
N PHE J 43 -4.21 -22.93 -64.55
CA PHE J 43 -3.07 -22.03 -64.77
C PHE J 43 -3.36 -20.63 -64.21
N SER J 44 -3.88 -20.60 -62.99
CA SER J 44 -4.25 -19.36 -62.33
C SER J 44 -3.07 -18.81 -61.55
N ASN J 45 -3.31 -17.77 -60.74
CA ASN J 45 -2.28 -17.10 -59.96
C ASN J 45 -2.47 -17.51 -58.49
N VAL J 46 -1.83 -18.60 -58.10
CA VAL J 46 -1.86 -19.08 -56.73
C VAL J 46 -0.77 -18.38 -55.93
N THR J 47 -1.10 -17.99 -54.70
CA THR J 47 -0.19 -17.22 -53.87
C THR J 47 0.60 -18.14 -52.94
N TRP J 48 1.93 -17.98 -52.94
CA TRP J 48 2.81 -18.74 -52.07
C TRP J 48 3.16 -17.88 -50.87
N PHE J 49 2.28 -17.91 -49.86
CA PHE J 49 2.48 -17.13 -48.65
C PHE J 49 3.59 -17.75 -47.80
N HIS J 50 4.54 -16.91 -47.36
CA HIS J 50 5.68 -17.36 -46.59
C HIS J 50 5.73 -16.61 -45.27
N ALA J 51 6.02 -17.35 -44.20
CA ALA J 51 6.12 -16.76 -42.87
C ALA J 51 7.15 -17.54 -42.06
N ILE J 52 8.04 -16.83 -41.38
CA ILE J 52 9.08 -17.47 -40.58
C ILE J 52 8.54 -17.83 -39.20
N PRO J 64 -1.02 -12.97 -39.73
CA PRO J 64 -1.30 -12.61 -41.12
C PRO J 64 -2.80 -12.44 -41.37
N VAL J 65 -3.15 -11.65 -42.38
CA VAL J 65 -4.54 -11.40 -42.74
C VAL J 65 -4.76 -11.91 -44.16
N LEU J 66 -5.66 -12.88 -44.31
CA LEU J 66 -5.99 -13.46 -45.59
C LEU J 66 -7.49 -13.33 -45.84
N PRO J 67 -7.91 -12.63 -46.90
CA PRO J 67 -9.34 -12.50 -47.16
C PRO J 67 -9.98 -13.81 -47.60
N PHE J 68 -11.26 -13.96 -47.28
CA PHE J 68 -12.05 -15.14 -47.62
C PHE J 68 -13.35 -14.65 -48.26
N ASN J 69 -13.30 -14.39 -49.58
CA ASN J 69 -14.51 -14.01 -50.31
C ASN J 69 -15.31 -15.25 -50.72
N ASP J 70 -14.62 -16.33 -51.04
CA ASP J 70 -15.24 -17.60 -51.41
C ASP J 70 -14.31 -18.72 -50.93
N GLY J 71 -14.50 -19.92 -51.48
CA GLY J 71 -13.67 -21.04 -51.10
C GLY J 71 -12.22 -20.85 -51.51
N VAL J 72 -11.33 -21.49 -50.77
CA VAL J 72 -9.90 -21.31 -50.96
C VAL J 72 -9.21 -22.64 -51.22
N TYR J 73 -7.91 -22.60 -51.49
CA TYR J 73 -7.09 -23.77 -51.73
C TYR J 73 -5.92 -23.76 -50.76
N PHE J 74 -5.56 -24.96 -50.28
CA PHE J 74 -4.49 -25.07 -49.29
C PHE J 74 -3.60 -26.25 -49.67
N ALA J 75 -2.31 -25.97 -49.82
CA ALA J 75 -1.32 -27.00 -50.12
C ALA J 75 -0.11 -26.79 -49.22
N SER J 76 0.27 -27.83 -48.48
CA SER J 76 1.40 -27.77 -47.57
C SER J 76 2.18 -29.07 -47.64
N THR J 77 3.49 -28.96 -47.41
CA THR J 77 4.40 -30.11 -47.41
C THR J 77 4.95 -30.32 -46.01
N GLU J 78 5.07 -31.58 -45.61
CA GLU J 78 5.60 -31.93 -44.30
C GLU J 78 6.85 -32.79 -44.43
N ASN J 81 6.06 -31.29 -39.40
CA ASN J 81 4.79 -31.28 -38.68
C ASN J 81 4.56 -29.95 -37.98
N ILE J 82 5.08 -28.88 -38.57
CA ILE J 82 4.93 -27.54 -38.00
C ILE J 82 3.66 -26.84 -38.47
N ILE J 83 2.87 -27.47 -39.33
CA ILE J 83 1.62 -26.91 -39.82
C ILE J 83 0.47 -27.51 -39.01
N ARG J 84 -0.55 -26.71 -38.75
CA ARG J 84 -1.66 -27.10 -37.89
C ARG J 84 -2.95 -26.61 -38.53
N GLY J 85 -4.03 -26.60 -37.76
CA GLY J 85 -5.35 -26.30 -38.27
C GLY J 85 -5.54 -24.84 -38.60
N TRP J 86 -6.79 -24.51 -38.95
CA TRP J 86 -7.15 -23.21 -39.48
C TRP J 86 -8.17 -22.53 -38.58
N ILE J 87 -8.36 -21.23 -38.81
CA ILE J 87 -9.33 -20.43 -38.08
C ILE J 87 -10.19 -19.69 -39.10
N PHE J 88 -11.51 -19.85 -39.00
CA PHE J 88 -12.46 -19.19 -39.88
C PHE J 88 -13.39 -18.33 -39.04
N GLY J 89 -13.61 -17.09 -39.48
CA GLY J 89 -14.49 -16.19 -38.77
C GLY J 89 -14.94 -15.04 -39.64
N THR J 90 -16.08 -14.45 -39.26
CA THR J 90 -16.60 -13.31 -40.00
C THR J 90 -15.78 -12.05 -39.73
N THR J 91 -15.44 -11.80 -38.47
CA THR J 91 -14.73 -10.60 -38.07
C THR J 91 -13.56 -10.90 -37.13
N LEU J 92 -13.52 -12.09 -36.53
CA LEU J 92 -12.54 -12.50 -35.51
C LEU J 92 -12.58 -11.53 -34.32
N ASP J 93 -13.76 -11.43 -33.72
CA ASP J 93 -14.00 -10.55 -32.59
C ASP J 93 -14.75 -11.35 -31.52
N SER J 94 -15.24 -10.65 -30.50
CA SER J 94 -15.98 -11.25 -29.41
C SER J 94 -17.49 -11.11 -29.59
N LYS J 95 -17.95 -10.78 -30.80
CA LYS J 95 -19.37 -10.60 -31.07
C LYS J 95 -19.94 -11.61 -32.05
N THR J 96 -19.11 -12.35 -32.79
CA THR J 96 -19.59 -13.30 -33.80
C THR J 96 -18.90 -14.64 -33.59
N GLN J 97 -19.63 -15.72 -33.85
CA GLN J 97 -19.05 -17.06 -33.74
C GLN J 97 -17.99 -17.28 -34.81
N SER J 98 -16.98 -18.05 -34.46
CA SER J 98 -15.87 -18.32 -35.37
C SER J 98 -15.53 -19.80 -35.34
N LEU J 99 -15.19 -20.35 -36.51
CA LEU J 99 -14.77 -21.73 -36.60
C LEU J 99 -13.33 -21.87 -36.15
N LEU J 100 -13.07 -22.88 -35.31
CA LEU J 100 -11.75 -23.11 -34.73
C LEU J 100 -11.42 -24.59 -34.90
N ILE J 101 -10.53 -24.90 -35.84
CA ILE J 101 -10.12 -26.27 -36.14
C ILE J 101 -8.70 -26.46 -35.64
N VAL J 102 -8.50 -27.38 -34.71
CA VAL J 102 -7.20 -27.71 -34.15
C VAL J 102 -7.01 -29.22 -34.19
N ASN J 103 -5.90 -29.66 -34.78
CA ASN J 103 -5.54 -31.06 -34.85
C ASN J 103 -4.29 -31.30 -34.04
N ASN J 104 -4.33 -32.29 -33.14
CA ASN J 104 -3.18 -32.69 -32.33
C ASN J 104 -2.81 -34.14 -32.61
N ALA J 105 -2.93 -34.53 -33.89
CA ALA J 105 -2.52 -35.82 -34.45
C ALA J 105 -3.25 -37.03 -33.87
N THR J 106 -4.26 -36.80 -33.03
CA THR J 106 -5.10 -37.89 -32.53
C THR J 106 -6.59 -37.60 -32.53
N ASN J 107 -7.01 -36.34 -32.54
CA ASN J 107 -8.43 -35.99 -32.48
C ASN J 107 -8.67 -34.70 -33.25
N VAL J 108 -9.94 -34.46 -33.56
CA VAL J 108 -10.36 -33.25 -34.27
C VAL J 108 -11.07 -32.34 -33.26
N VAL J 109 -10.61 -31.11 -33.13
CA VAL J 109 -11.19 -30.14 -32.22
C VAL J 109 -11.90 -29.08 -33.05
N ILE J 110 -13.22 -29.03 -32.94
CA ILE J 110 -14.03 -28.03 -33.64
C ILE J 110 -14.89 -27.32 -32.60
N LYS J 111 -14.70 -26.01 -32.46
CA LYS J 111 -15.47 -25.20 -31.54
C LYS J 111 -16.05 -24.01 -32.28
N VAL J 112 -17.35 -23.79 -32.11
CA VAL J 112 -18.06 -22.68 -32.73
C VAL J 112 -18.52 -21.75 -31.61
N CYS J 113 -17.70 -20.75 -31.30
CA CYS J 113 -18.01 -19.79 -30.25
C CYS J 113 -17.26 -18.50 -30.54
N GLU J 114 -17.35 -17.55 -29.61
CA GLU J 114 -16.71 -16.25 -29.73
C GLU J 114 -15.44 -16.24 -28.90
N PHE J 115 -14.31 -15.91 -29.54
CA PHE J 115 -13.01 -15.87 -28.89
C PHE J 115 -12.33 -14.54 -29.18
N GLN J 116 -11.47 -14.13 -28.25
CA GLN J 116 -10.70 -12.88 -28.39
C GLN J 116 -9.39 -13.21 -29.07
N PHE J 117 -9.39 -13.20 -30.39
CA PHE J 117 -8.20 -13.54 -31.17
C PHE J 117 -7.17 -12.41 -31.09
N CYS J 118 -5.90 -12.81 -31.11
CA CYS J 118 -4.79 -11.87 -31.07
C CYS J 118 -4.23 -11.66 -32.47
N ASN J 119 -3.12 -10.92 -32.57
CA ASN J 119 -2.54 -10.60 -33.87
C ASN J 119 -1.87 -11.81 -34.49
N ASP J 120 -1.08 -12.54 -33.71
CA ASP J 120 -0.32 -13.69 -34.20
C ASP J 120 -0.56 -14.89 -33.28
N PRO J 121 -1.65 -15.61 -33.48
CA PRO J 121 -1.93 -16.79 -32.65
C PRO J 121 -1.23 -18.04 -33.15
N PHE J 122 -0.82 -18.87 -32.20
CA PHE J 122 -0.15 -20.12 -32.49
C PHE J 122 -0.34 -21.06 -31.31
N LEU J 123 0.21 -22.27 -31.42
CA LEU J 123 0.12 -23.27 -30.38
C LEU J 123 1.51 -23.75 -30.01
N ASP J 124 1.67 -24.14 -28.74
CA ASP J 124 2.95 -24.63 -28.24
C ASP J 124 3.05 -26.14 -28.42
N SER J 137 -0.21 -28.29 -24.69
CA SER J 137 -0.71 -27.32 -25.65
C SER J 137 -1.41 -26.15 -24.95
N GLU J 138 -0.62 -25.14 -24.59
CA GLU J 138 -1.17 -23.96 -23.94
C GLU J 138 -1.97 -23.12 -24.93
N PHE J 139 -3.09 -22.58 -24.46
CA PHE J 139 -4.02 -21.83 -25.32
C PHE J 139 -3.66 -20.35 -25.26
N ARG J 140 -2.75 -19.93 -26.15
CA ARG J 140 -2.43 -18.53 -26.33
C ARG J 140 -3.15 -17.92 -27.52
N VAL J 141 -4.00 -18.70 -28.20
CA VAL J 141 -4.75 -18.17 -29.34
C VAL J 141 -5.80 -17.16 -28.88
N TYR J 142 -6.40 -17.39 -27.71
CA TYR J 142 -7.34 -16.43 -27.14
C TYR J 142 -7.31 -16.49 -25.62
N PHE J 150 -21.49 -26.30 -30.94
CA PHE J 150 -21.23 -27.39 -31.88
C PHE J 150 -19.91 -28.08 -31.57
N GLU J 151 -19.93 -29.40 -31.50
CA GLU J 151 -18.75 -30.19 -31.22
C GLU J 151 -18.64 -31.31 -32.25
N TYR J 152 -17.40 -31.63 -32.61
CA TYR J 152 -17.14 -32.66 -33.61
C TYR J 152 -15.75 -33.22 -33.40
N VAL J 153 -15.66 -34.48 -32.98
CA VAL J 153 -14.39 -35.18 -32.78
C VAL J 153 -14.40 -36.40 -33.69
N SER J 154 -13.36 -36.54 -34.50
CA SER J 154 -13.27 -37.61 -35.49
C SER J 154 -11.81 -37.86 -35.82
N GLN J 155 -11.58 -38.59 -36.89
CA GLN J 155 -10.22 -38.93 -37.33
C GLN J 155 -9.50 -37.67 -37.82
N PRO J 156 -8.34 -37.34 -37.28
CA PRO J 156 -7.57 -36.20 -37.79
C PRO J 156 -7.14 -36.40 -39.24
N PHE J 157 -7.13 -35.29 -39.98
CA PHE J 157 -6.76 -35.34 -41.39
C PHE J 157 -5.27 -35.57 -41.56
N LEU J 158 -4.44 -34.96 -40.72
CA LEU J 158 -3.00 -35.09 -40.81
C LEU J 158 -2.54 -36.45 -40.27
N LYS J 169 8.15 -37.94 -48.49
CA LYS J 169 7.62 -36.67 -48.95
C LYS J 169 6.18 -36.84 -49.45
N ASN J 170 5.27 -36.09 -48.85
CA ASN J 170 3.85 -36.16 -49.19
C ASN J 170 3.30 -34.75 -49.38
N LEU J 171 2.34 -34.64 -50.29
CA LEU J 171 1.66 -33.38 -50.58
C LEU J 171 0.20 -33.49 -50.15
N ARG J 172 -0.25 -32.55 -49.35
CA ARG J 172 -1.61 -32.52 -48.83
C ARG J 172 -2.37 -31.34 -49.42
N GLU J 173 -3.53 -31.61 -50.02
CA GLU J 173 -4.33 -30.60 -50.69
C GLU J 173 -5.66 -30.48 -49.97
N PHE J 174 -6.06 -29.24 -49.66
CA PHE J 174 -7.27 -28.97 -48.91
C PHE J 174 -8.10 -27.90 -49.60
N VAL J 175 -9.41 -28.12 -49.64
CA VAL J 175 -10.37 -27.17 -50.19
C VAL J 175 -11.46 -26.95 -49.16
N PHE J 176 -11.72 -25.69 -48.81
CA PHE J 176 -12.70 -25.32 -47.78
C PHE J 176 -13.83 -24.54 -48.45
N LYS J 177 -14.95 -25.23 -48.70
CA LYS J 177 -16.08 -24.62 -49.37
C LYS J 177 -17.13 -24.16 -48.34
N ASN J 178 -17.81 -23.06 -48.69
CA ASN J 178 -18.87 -22.51 -47.83
C ASN J 178 -20.01 -22.09 -48.74
N ILE J 179 -20.98 -22.99 -48.94
CA ILE J 179 -22.16 -22.70 -49.74
C ILE J 179 -23.40 -23.21 -49.01
N ASP J 180 -24.51 -22.47 -49.21
CA ASP J 180 -25.85 -22.88 -48.76
C ASP J 180 -25.92 -23.08 -47.25
N GLY J 181 -25.14 -22.30 -46.50
CA GLY J 181 -25.13 -22.44 -45.06
C GLY J 181 -24.45 -23.69 -44.55
N TYR J 182 -23.58 -24.29 -45.36
CA TYR J 182 -22.86 -25.51 -44.99
C TYR J 182 -21.37 -25.22 -44.89
N PHE J 183 -20.59 -26.25 -44.61
CA PHE J 183 -19.13 -26.13 -44.58
C PHE J 183 -18.55 -27.48 -44.96
N LYS J 184 -18.07 -27.60 -46.19
CA LYS J 184 -17.53 -28.84 -46.72
C LYS J 184 -16.03 -28.73 -46.85
N ILE J 185 -15.31 -29.74 -46.37
CA ILE J 185 -13.85 -29.78 -46.39
C ILE J 185 -13.42 -30.96 -47.24
N TYR J 186 -12.61 -30.68 -48.26
CA TYR J 186 -12.06 -31.71 -49.14
C TYR J 186 -10.60 -31.93 -48.78
N SER J 187 -10.18 -33.20 -48.78
CA SER J 187 -8.82 -33.55 -48.42
C SER J 187 -8.34 -34.72 -49.26
N LYS J 188 -7.06 -34.69 -49.60
CA LYS J 188 -6.43 -35.77 -50.37
C LYS J 188 -4.93 -35.72 -50.13
N HIS J 189 -4.36 -36.87 -49.78
CA HIS J 189 -2.92 -37.00 -49.55
C HIS J 189 -2.32 -37.87 -50.64
N THR J 190 -1.29 -37.35 -51.31
CA THR J 190 -0.62 -38.07 -52.38
C THR J 190 0.89 -37.98 -52.23
N PRO J 191 1.61 -39.05 -52.59
CA PRO J 191 3.07 -39.00 -52.57
C PRO J 191 3.64 -38.34 -53.81
N ILE J 192 4.87 -37.84 -53.66
CA ILE J 192 5.59 -37.23 -54.78
C ILE J 192 6.98 -37.84 -54.89
N LEU J 198 4.91 -26.36 -56.27
CA LEU J 198 3.84 -27.33 -56.51
C LEU J 198 4.27 -28.38 -57.53
N PRO J 199 4.30 -29.65 -57.13
CA PRO J 199 4.67 -30.71 -58.06
C PRO J 199 3.65 -30.89 -59.16
N GLN J 200 4.11 -31.35 -60.31
CA GLN J 200 3.26 -31.58 -61.46
C GLN J 200 2.60 -32.95 -61.38
N GLY J 201 1.38 -33.02 -61.89
CA GLY J 201 0.59 -34.24 -61.89
C GLY J 201 -0.88 -33.91 -61.87
N PHE J 202 -1.69 -34.93 -61.64
CA PHE J 202 -3.14 -34.77 -61.62
C PHE J 202 -3.73 -35.77 -60.63
N SER J 203 -4.75 -35.33 -59.90
CA SER J 203 -5.41 -36.15 -58.90
C SER J 203 -6.81 -35.61 -58.68
N ALA J 204 -7.48 -36.12 -57.65
CA ALA J 204 -8.82 -35.68 -57.28
C ALA J 204 -8.94 -35.58 -55.77
N LEU J 205 -9.84 -34.73 -55.31
CA LEU J 205 -10.04 -34.49 -53.88
C LEU J 205 -11.42 -34.98 -53.48
N GLU J 206 -11.48 -35.73 -52.37
CA GLU J 206 -12.72 -36.34 -51.90
C GLU J 206 -13.23 -35.65 -50.64
N PRO J 207 -14.53 -35.38 -50.55
CA PRO J 207 -15.09 -34.88 -49.29
C PRO J 207 -15.17 -35.99 -48.25
N LEU J 208 -14.90 -35.63 -47.00
CA LEU J 208 -14.89 -36.62 -45.93
C LEU J 208 -15.71 -36.17 -44.72
N VAL J 209 -15.84 -34.85 -44.53
CA VAL J 209 -16.56 -34.30 -43.39
C VAL J 209 -17.55 -33.24 -43.88
N ASP J 210 -18.55 -32.97 -43.05
CA ASP J 210 -19.57 -31.97 -43.35
C ASP J 210 -19.95 -31.27 -42.06
N LEU J 211 -19.99 -29.95 -42.10
CA LEU J 211 -20.27 -29.12 -40.93
C LEU J 211 -21.44 -28.18 -41.21
N PRO J 212 -22.60 -28.37 -40.58
CA PRO J 212 -23.69 -27.39 -40.68
C PRO J 212 -23.48 -26.24 -39.71
N ILE J 213 -23.14 -25.07 -40.25
CA ILE J 213 -22.87 -23.89 -39.43
C ILE J 213 -23.84 -22.78 -39.80
N GLY J 214 -23.87 -22.40 -41.08
CA GLY J 214 -24.78 -21.38 -41.56
C GLY J 214 -24.49 -19.97 -41.08
N ILE J 215 -23.22 -19.57 -41.03
CA ILE J 215 -22.84 -18.20 -40.69
C ILE J 215 -22.00 -17.63 -41.82
N ASN J 216 -21.88 -16.31 -41.82
CA ASN J 216 -21.02 -15.64 -42.79
C ASN J 216 -19.56 -15.85 -42.43
N ILE J 217 -18.74 -16.07 -43.46
CA ILE J 217 -17.30 -16.26 -43.28
C ILE J 217 -16.58 -15.25 -44.16
N THR J 218 -15.72 -14.43 -43.55
CA THR J 218 -15.00 -13.39 -44.28
C THR J 218 -13.49 -13.41 -44.03
N ARG J 219 -13.04 -13.80 -42.84
CA ARG J 219 -11.62 -13.82 -42.50
C ARG J 219 -11.10 -15.25 -42.45
N PHE J 220 -9.87 -15.44 -42.94
CA PHE J 220 -9.21 -16.73 -42.94
C PHE J 220 -7.79 -16.56 -42.43
N GLN J 221 -7.36 -17.48 -41.56
CA GLN J 221 -6.03 -17.40 -40.95
C GLN J 221 -5.43 -18.80 -40.92
N THR J 222 -4.20 -18.89 -40.40
CA THR J 222 -3.49 -20.15 -40.31
C THR J 222 -2.78 -20.23 -38.97
N LEU J 223 -2.89 -21.37 -38.30
CA LEU J 223 -2.28 -21.59 -37.00
C LEU J 223 -1.02 -22.43 -37.17
N LEU J 224 0.09 -21.95 -36.62
CA LEU J 224 1.36 -22.66 -36.70
C LEU J 224 1.62 -23.41 -35.38
N ALA J 225 2.79 -24.01 -35.27
CA ALA J 225 3.15 -24.75 -34.06
C ALA J 225 4.63 -24.50 -33.77
N LEU J 226 4.93 -23.97 -32.59
CA LEU J 226 6.29 -23.67 -32.18
C LEU J 226 6.66 -24.49 -30.95
N HIS J 227 7.95 -24.81 -30.85
CA HIS J 227 8.49 -25.59 -29.74
C HIS J 227 9.40 -24.71 -28.90
N ARG J 228 9.13 -24.67 -27.59
CA ARG J 228 9.93 -23.90 -26.65
C ARG J 228 10.42 -24.83 -25.55
N SER J 229 11.72 -24.75 -25.26
CA SER J 229 12.31 -25.59 -24.22
C SER J 229 12.46 -24.83 -22.91
N ALA J 245 5.48 -23.17 -42.38
CA ALA J 245 6.31 -22.03 -42.77
C ALA J 245 6.08 -21.67 -44.23
N ALA J 246 5.42 -22.56 -44.97
CA ALA J 246 5.15 -22.34 -46.39
C ALA J 246 3.88 -23.08 -46.76
N TYR J 247 2.83 -22.34 -47.12
CA TYR J 247 1.55 -22.94 -47.50
C TYR J 247 1.02 -22.19 -48.71
N TYR J 248 0.66 -22.92 -49.75
CA TYR J 248 0.09 -22.31 -50.95
C TYR J 248 -1.38 -21.97 -50.71
N VAL J 249 -1.78 -20.77 -51.13
CA VAL J 249 -3.14 -20.29 -50.96
C VAL J 249 -3.70 -19.92 -52.32
N GLY J 250 -4.75 -20.61 -52.74
CA GLY J 250 -5.44 -20.32 -53.98
C GLY J 250 -6.86 -19.83 -53.71
N TYR J 251 -7.46 -19.25 -54.75
CA TYR J 251 -8.80 -18.68 -54.67
C TYR J 251 -9.68 -19.28 -55.74
N LEU J 252 -10.80 -19.85 -55.34
CA LEU J 252 -11.74 -20.46 -56.28
C LEU J 252 -12.53 -19.38 -57.03
N GLN J 253 -13.00 -19.74 -58.22
CA GLN J 253 -13.76 -18.86 -59.08
C GLN J 253 -14.93 -19.62 -59.67
N PRO J 254 -16.11 -19.00 -59.77
CA PRO J 254 -17.28 -19.69 -60.34
C PRO J 254 -17.11 -19.91 -61.84
N ARG J 255 -16.87 -21.16 -62.22
CA ARG J 255 -16.73 -21.54 -63.62
C ARG J 255 -17.04 -23.03 -63.75
N THR J 256 -17.32 -23.45 -64.97
CA THR J 256 -17.68 -24.84 -65.25
C THR J 256 -16.51 -25.61 -65.81
N PHE J 257 -16.46 -26.90 -65.48
CA PHE J 257 -15.43 -27.82 -65.97
C PHE J 257 -16.10 -28.94 -66.78
N LEU J 258 -15.29 -29.92 -67.16
CA LEU J 258 -15.76 -31.10 -67.89
C LEU J 258 -14.94 -32.28 -67.38
N LEU J 259 -15.51 -33.04 -66.46
CA LEU J 259 -14.82 -34.15 -65.82
C LEU J 259 -15.01 -35.44 -66.61
N LYS J 260 -13.98 -36.26 -66.65
CA LYS J 260 -14.02 -37.57 -67.30
C LYS J 260 -13.92 -38.65 -66.23
N TYR J 261 -14.98 -39.43 -66.06
CA TYR J 261 -14.95 -40.55 -65.14
C TYR J 261 -14.42 -41.79 -65.84
N ASN J 262 -14.11 -42.82 -65.05
CA ASN J 262 -13.64 -44.08 -65.59
C ASN J 262 -14.47 -45.24 -65.05
N GLU J 263 -13.99 -46.47 -65.27
CA GLU J 263 -14.73 -47.66 -64.85
C GLU J 263 -14.91 -47.73 -63.35
N ASN J 264 -13.91 -47.27 -62.60
CA ASN J 264 -13.97 -47.29 -61.13
C ASN J 264 -14.53 -46.01 -60.54
N GLY J 265 -14.87 -45.01 -61.36
CA GLY J 265 -15.58 -43.84 -60.91
C GLY J 265 -14.72 -42.68 -60.44
N THR J 266 -13.40 -42.85 -60.38
CA THR J 266 -12.54 -41.74 -59.97
C THR J 266 -12.21 -40.84 -61.15
N ILE J 267 -11.83 -39.62 -60.84
CA ILE J 267 -11.53 -38.62 -61.87
C ILE J 267 -10.15 -38.90 -62.44
N THR J 268 -10.09 -39.06 -63.77
CA THR J 268 -8.84 -39.33 -64.48
C THR J 268 -8.29 -38.11 -65.19
N ASP J 269 -9.15 -37.32 -65.84
CA ASP J 269 -8.70 -36.13 -66.54
C ASP J 269 -9.84 -35.12 -66.58
N ALA J 270 -9.48 -33.84 -66.48
CA ALA J 270 -10.45 -32.76 -66.52
C ALA J 270 -9.86 -31.58 -67.29
N VAL J 271 -10.74 -30.84 -67.97
CA VAL J 271 -10.35 -29.68 -68.76
C VAL J 271 -11.20 -28.49 -68.36
N ASP J 272 -10.68 -27.29 -68.63
CA ASP J 272 -11.43 -26.06 -68.40
C ASP J 272 -12.38 -25.82 -69.57
N CYS J 273 -13.39 -24.98 -69.32
CA CYS J 273 -14.34 -24.61 -70.36
C CYS J 273 -14.09 -23.22 -70.94
N ALA J 274 -13.56 -22.28 -70.16
CA ALA J 274 -13.11 -20.99 -70.69
C ALA J 274 -11.69 -20.73 -70.17
N LEU J 275 -10.72 -21.34 -70.83
CA LEU J 275 -9.30 -21.03 -70.68
C LEU J 275 -8.61 -20.87 -72.02
N ASP J 276 -8.97 -21.68 -73.01
CA ASP J 276 -8.36 -21.71 -74.33
C ASP J 276 -9.49 -21.92 -75.33
N PRO J 277 -9.33 -21.44 -76.57
CA PRO J 277 -10.32 -21.77 -77.60
C PRO J 277 -10.47 -23.26 -77.86
N LEU J 278 -9.37 -24.02 -77.78
CA LEU J 278 -9.49 -25.47 -77.88
C LEU J 278 -10.17 -26.07 -76.65
N SER J 279 -9.94 -25.47 -75.47
CA SER J 279 -10.65 -25.92 -74.27
C SER J 279 -12.14 -25.64 -74.38
N GLU J 280 -12.52 -24.49 -74.96
CA GLU J 280 -13.93 -24.19 -75.18
C GLU J 280 -14.54 -25.13 -76.22
N THR J 281 -13.76 -25.48 -77.25
CA THR J 281 -14.24 -26.43 -78.26
C THR J 281 -14.45 -27.80 -77.65
N LYS J 282 -13.55 -28.24 -76.76
CA LYS J 282 -13.73 -29.49 -76.05
C LYS J 282 -14.92 -29.43 -75.09
N CYS J 283 -15.17 -28.26 -74.50
CA CYS J 283 -16.30 -28.11 -73.59
C CYS J 283 -17.63 -28.13 -74.31
N THR J 284 -17.70 -27.60 -75.53
CA THR J 284 -18.97 -27.52 -76.25
C THR J 284 -19.28 -28.75 -77.09
N LEU J 285 -18.35 -29.70 -77.19
CA LEU J 285 -18.64 -30.99 -77.82
C LEU J 285 -18.72 -32.14 -76.83
N LYS J 286 -18.38 -31.91 -75.56
CA LYS J 286 -18.40 -32.92 -74.50
C LYS J 286 -17.55 -34.14 -74.84
N SER J 287 -16.38 -33.89 -75.44
CA SER J 287 -15.45 -34.95 -75.80
C SER J 287 -14.04 -34.39 -75.80
N PHE J 288 -13.08 -35.28 -75.59
CA PHE J 288 -11.67 -34.92 -75.60
C PHE J 288 -11.02 -35.04 -76.98
N THR J 289 -11.76 -35.53 -77.97
CA THR J 289 -11.25 -35.66 -79.33
C THR J 289 -11.94 -34.66 -80.23
N VAL J 290 -11.16 -33.77 -80.84
CA VAL J 290 -11.66 -32.75 -81.75
C VAL J 290 -11.16 -33.09 -83.14
N GLU J 291 -12.08 -33.40 -84.06
CA GLU J 291 -11.70 -33.76 -85.41
C GLU J 291 -11.39 -32.51 -86.23
N LYS J 292 -10.85 -32.73 -87.43
CA LYS J 292 -10.49 -31.63 -88.31
C LYS J 292 -11.74 -31.00 -88.90
N GLY J 293 -11.88 -29.70 -88.74
CA GLY J 293 -13.03 -28.97 -89.23
C GLY J 293 -13.22 -27.68 -88.46
N ILE J 294 -14.40 -27.10 -88.62
CA ILE J 294 -14.78 -25.85 -87.97
C ILE J 294 -15.91 -26.12 -86.99
N TYR J 295 -15.84 -25.49 -85.82
CA TYR J 295 -16.86 -25.62 -84.79
C TYR J 295 -17.18 -24.25 -84.21
N GLN J 296 -18.47 -23.99 -84.03
CA GLN J 296 -18.93 -22.77 -83.39
C GLN J 296 -19.21 -23.05 -81.91
N THR J 297 -18.65 -22.23 -81.02
CA THR J 297 -18.69 -22.53 -79.60
C THR J 297 -19.29 -21.43 -78.74
N SER J 298 -19.30 -20.18 -79.18
CA SER J 298 -19.77 -19.07 -78.34
C SER J 298 -20.15 -17.90 -79.23
N ASN J 299 -20.60 -16.82 -78.58
CA ASN J 299 -20.93 -15.56 -79.24
C ASN J 299 -20.05 -14.47 -78.66
N PHE J 300 -19.87 -13.39 -79.42
CA PHE J 300 -18.92 -12.34 -79.06
C PHE J 300 -19.56 -10.96 -79.03
N ARG J 301 -20.68 -10.80 -78.33
CA ARG J 301 -21.28 -9.48 -78.09
C ARG J 301 -20.30 -8.53 -77.42
N VAL J 302 -20.17 -7.33 -77.96
CA VAL J 302 -19.40 -6.28 -77.27
C VAL J 302 -20.35 -5.47 -76.40
N GLN J 303 -19.90 -5.14 -75.19
CA GLN J 303 -20.84 -4.60 -74.22
C GLN J 303 -20.68 -3.10 -74.06
N PRO J 304 -21.75 -2.39 -73.69
CA PRO J 304 -21.62 -0.96 -73.37
C PRO J 304 -20.75 -0.74 -72.15
N THR J 305 -20.08 0.42 -72.13
CA THR J 305 -19.09 0.73 -71.10
C THR J 305 -19.57 1.75 -70.07
N GLU J 306 -20.65 2.48 -70.33
CA GLU J 306 -21.14 3.48 -69.41
C GLU J 306 -22.64 3.66 -69.63
N SER J 307 -23.25 4.49 -68.79
CA SER J 307 -24.69 4.74 -68.82
C SER J 307 -24.97 6.24 -68.75
N ILE J 308 -25.88 6.70 -69.60
CA ILE J 308 -26.33 8.08 -69.62
C ILE J 308 -27.86 8.10 -69.55
N VAL J 309 -28.40 9.25 -69.19
CA VAL J 309 -29.85 9.45 -69.11
C VAL J 309 -30.16 10.89 -69.47
N ARG J 310 -31.22 11.09 -70.26
CA ARG J 310 -31.63 12.41 -70.71
C ARG J 310 -33.08 12.65 -70.32
N PHE J 311 -33.37 13.85 -69.84
CA PHE J 311 -34.71 14.23 -69.40
C PHE J 311 -34.86 15.73 -69.56
N PRO J 312 -36.10 16.25 -69.74
CA PRO J 312 -36.28 17.69 -69.92
C PRO J 312 -35.95 18.52 -68.69
N ASN J 313 -35.96 19.83 -68.85
CA ASN J 313 -35.53 20.74 -67.79
C ASN J 313 -36.60 20.85 -66.70
N ILE J 314 -36.18 21.35 -65.54
CA ILE J 314 -37.10 21.66 -64.46
C ILE J 314 -37.80 22.97 -64.80
N THR J 315 -39.12 22.92 -64.95
CA THR J 315 -39.89 24.02 -65.53
C THR J 315 -40.92 24.52 -64.53
N ASN J 316 -41.26 25.80 -64.66
CA ASN J 316 -42.28 26.59 -63.96
C ASN J 316 -41.88 26.98 -62.54
N LEU J 317 -40.78 26.46 -61.99
CA LEU J 317 -40.20 26.87 -60.70
C LEU J 317 -41.22 26.77 -59.56
N CYS J 318 -41.57 25.51 -59.25
CA CYS J 318 -42.58 25.08 -58.28
C CYS J 318 -42.61 25.89 -57.00
N PRO J 319 -43.76 26.46 -56.63
CA PRO J 319 -43.83 27.30 -55.43
C PRO J 319 -43.78 26.47 -54.15
N PHE J 320 -42.62 26.50 -53.47
CA PHE J 320 -42.47 25.86 -52.17
C PHE J 320 -41.79 26.74 -51.14
N ASP J 321 -41.05 27.77 -51.55
CA ASP J 321 -40.42 28.67 -50.58
C ASP J 321 -41.44 29.54 -49.88
N GLU J 322 -42.53 29.90 -50.55
CA GLU J 322 -43.55 30.74 -49.93
C GLU J 322 -44.47 29.97 -48.99
N VAL J 323 -44.37 28.65 -48.97
CA VAL J 323 -45.11 27.83 -48.02
C VAL J 323 -44.24 27.42 -46.84
N PHE J 324 -43.01 26.98 -47.11
CA PHE J 324 -42.10 26.54 -46.06
C PHE J 324 -41.36 27.69 -45.40
N ASN J 325 -41.42 28.90 -45.97
CA ASN J 325 -40.79 30.09 -45.38
C ASN J 325 -41.73 31.27 -45.62
N ALA J 326 -42.59 31.53 -44.65
CA ALA J 326 -43.57 32.61 -44.74
C ALA J 326 -43.49 33.48 -43.49
N THR J 327 -43.80 34.76 -43.67
CA THR J 327 -43.78 35.69 -42.55
C THR J 327 -44.92 35.41 -41.58
N ARG J 328 -46.12 35.18 -42.10
CA ARG J 328 -47.29 34.91 -41.28
C ARG J 328 -47.91 33.57 -41.67
N PHE J 329 -48.59 32.94 -40.71
CA PHE J 329 -49.21 31.64 -40.91
C PHE J 329 -50.65 31.70 -40.41
N ALA J 330 -51.45 30.74 -40.89
CA ALA J 330 -52.85 30.67 -40.52
C ALA J 330 -53.00 30.08 -39.11
N SER J 331 -54.23 30.06 -38.63
CA SER J 331 -54.52 29.53 -37.30
C SER J 331 -54.43 28.01 -37.31
N VAL J 332 -54.36 27.45 -36.09
CA VAL J 332 -54.25 26.00 -35.95
C VAL J 332 -55.54 25.26 -36.24
N TYR J 333 -56.67 25.97 -36.32
CA TYR J 333 -57.93 25.36 -36.71
C TYR J 333 -58.44 25.88 -38.05
N ALA J 334 -57.78 26.88 -38.63
CA ALA J 334 -58.23 27.50 -39.87
C ALA J 334 -57.10 27.49 -40.90
N TRP J 335 -56.48 26.33 -41.08
CA TRP J 335 -55.36 26.19 -42.01
C TRP J 335 -55.81 26.43 -43.44
N ASN J 336 -54.92 27.02 -44.24
CA ASN J 336 -55.19 27.31 -45.64
C ASN J 336 -54.54 26.24 -46.50
N ARG J 337 -55.36 25.47 -47.21
CA ARG J 337 -54.86 24.41 -48.07
C ARG J 337 -54.27 25.01 -49.34
N LYS J 338 -53.06 24.59 -49.69
CA LYS J 338 -52.36 25.08 -50.88
C LYS J 338 -52.18 23.93 -51.86
N ARG J 339 -52.54 24.16 -53.11
CA ARG J 339 -52.42 23.17 -54.17
C ARG J 339 -51.33 23.60 -55.14
N ILE J 340 -50.39 22.70 -55.40
CA ILE J 340 -49.31 22.94 -56.35
C ILE J 340 -49.41 21.88 -57.43
N SER J 341 -49.54 22.31 -58.68
CA SER J 341 -49.65 21.41 -59.81
C SER J 341 -49.12 22.12 -61.05
N ASN J 342 -49.17 21.41 -62.19
CA ASN J 342 -48.68 21.89 -63.49
C ASN J 342 -47.21 22.31 -63.41
N CYS J 343 -46.42 21.54 -62.68
CA CYS J 343 -45.04 21.89 -62.38
C CYS J 343 -44.30 20.65 -61.91
N VAL J 344 -43.11 20.41 -62.46
CA VAL J 344 -42.30 19.29 -62.03
C VAL J 344 -41.60 19.64 -60.73
N ALA J 345 -41.82 18.83 -59.69
CA ALA J 345 -41.41 19.17 -58.34
C ALA J 345 -39.90 19.03 -58.18
N ASP J 346 -39.37 19.74 -57.19
CA ASP J 346 -37.97 19.65 -56.80
C ASP J 346 -37.89 19.58 -55.28
N TYR J 347 -37.53 18.41 -54.75
CA TYR J 347 -37.53 18.16 -53.33
C TYR J 347 -36.18 18.47 -52.67
N SER J 348 -35.28 19.16 -53.38
CA SER J 348 -34.02 19.58 -52.78
C SER J 348 -34.18 20.71 -51.79
N VAL J 349 -35.33 21.38 -51.77
CA VAL J 349 -35.59 22.47 -50.83
C VAL J 349 -36.33 21.91 -49.62
N LEU J 350 -36.45 20.59 -49.55
CA LEU J 350 -37.10 19.91 -48.43
C LEU J 350 -36.11 19.30 -47.45
N TYR J 351 -34.81 19.57 -47.63
CA TYR J 351 -33.76 19.03 -46.77
C TYR J 351 -32.91 20.15 -46.17
N ASN J 352 -33.49 21.33 -46.00
CA ASN J 352 -32.78 22.48 -45.45
C ASN J 352 -33.79 23.34 -44.70
N PHE J 353 -33.43 24.60 -44.45
CA PHE J 353 -34.25 25.59 -43.73
C PHE J 353 -34.56 25.09 -42.31
N ALA J 354 -33.47 25.02 -41.52
CA ALA J 354 -33.37 24.63 -40.11
C ALA J 354 -33.60 23.14 -39.93
N PRO J 355 -32.96 22.51 -38.93
CA PRO J 355 -33.18 21.08 -38.69
C PRO J 355 -34.62 20.77 -38.30
N PHE J 356 -35.08 19.61 -38.76
CA PHE J 356 -36.49 19.24 -38.59
C PHE J 356 -36.71 18.58 -37.24
N PHE J 357 -37.78 18.99 -36.55
CA PHE J 357 -38.12 18.39 -35.27
C PHE J 357 -38.60 16.96 -35.41
N ALA J 358 -39.29 16.65 -36.51
CA ALA J 358 -39.79 15.29 -36.75
C ALA J 358 -39.85 15.07 -38.25
N PHE J 359 -38.87 14.35 -38.79
CA PHE J 359 -38.81 14.04 -40.21
C PHE J 359 -39.18 12.60 -40.53
N LYS J 360 -39.34 11.74 -39.53
CA LYS J 360 -39.76 10.37 -39.78
C LYS J 360 -41.21 10.35 -40.22
N CYS J 361 -41.47 9.64 -41.31
CA CYS J 361 -42.79 9.62 -41.95
C CYS J 361 -43.56 8.37 -41.52
N TYR J 362 -44.86 8.40 -41.81
CA TYR J 362 -45.78 7.31 -41.50
C TYR J 362 -46.52 6.87 -42.76
N GLY J 363 -45.77 6.65 -43.84
CA GLY J 363 -46.34 6.32 -45.13
C GLY J 363 -45.26 6.21 -46.19
N VAL J 364 -45.48 6.88 -47.32
CA VAL J 364 -44.45 6.94 -48.37
C VAL J 364 -43.24 7.70 -47.83
N SER J 365 -42.05 7.17 -48.09
CA SER J 365 -40.83 7.73 -47.53
C SER J 365 -40.53 9.10 -48.14
N PRO J 366 -40.02 10.05 -47.35
CA PRO J 366 -39.66 11.36 -47.91
C PRO J 366 -38.48 11.31 -48.86
N THR J 367 -37.65 10.27 -48.81
CA THR J 367 -36.56 10.10 -49.76
C THR J 367 -37.01 9.46 -51.06
N LYS J 368 -38.25 8.97 -51.12
CA LYS J 368 -38.79 8.33 -52.31
C LYS J 368 -39.82 9.21 -53.03
N LEU J 369 -39.83 10.51 -52.74
CA LEU J 369 -40.74 11.41 -53.43
C LEU J 369 -40.34 11.61 -54.90
N ASN J 370 -39.05 11.44 -55.21
CA ASN J 370 -38.61 11.52 -56.60
C ASN J 370 -39.01 10.28 -57.38
N ASP J 371 -39.04 9.12 -56.73
CA ASP J 371 -39.31 7.87 -57.42
C ASP J 371 -40.77 7.72 -57.84
N LEU J 372 -41.69 8.45 -57.21
CA LEU J 372 -43.11 8.34 -57.51
C LEU J 372 -43.67 9.70 -57.87
N CYS J 373 -44.49 9.74 -58.91
CA CYS J 373 -45.13 10.97 -59.36
C CYS J 373 -46.54 11.05 -58.78
N PHE J 374 -46.86 12.20 -58.19
CA PHE J 374 -48.16 12.43 -57.56
C PHE J 374 -49.02 13.32 -58.44
N THR J 375 -50.33 13.29 -58.16
CA THR J 375 -51.29 14.10 -58.90
C THR J 375 -51.42 15.49 -58.30
N ASN J 376 -51.82 15.57 -57.03
CA ASN J 376 -51.96 16.84 -56.33
C ASN J 376 -51.35 16.72 -54.95
N VAL J 377 -50.69 17.79 -54.51
CA VAL J 377 -50.08 17.85 -53.19
C VAL J 377 -50.80 18.92 -52.37
N TYR J 378 -51.09 18.60 -51.12
CA TYR J 378 -51.81 19.48 -50.22
C TYR J 378 -50.91 19.84 -49.05
N ALA J 379 -50.74 21.13 -48.80
CA ALA J 379 -49.89 21.62 -47.71
C ALA J 379 -50.64 22.71 -46.95
N ASP J 380 -50.59 22.62 -45.62
CA ASP J 380 -51.21 23.60 -44.74
C ASP J 380 -50.18 24.19 -43.80
N SER J 381 -50.26 25.51 -43.59
CA SER J 381 -49.24 26.24 -42.85
C SER J 381 -49.85 26.82 -41.58
N PHE J 382 -49.30 26.41 -40.43
CA PHE J 382 -49.68 26.98 -39.14
C PHE J 382 -48.55 26.71 -38.16
N VAL J 383 -48.56 27.44 -37.05
CA VAL J 383 -47.56 27.29 -36.00
C VAL J 383 -48.27 26.90 -34.70
N ILE J 384 -47.71 25.90 -34.01
CA ILE J 384 -48.26 25.41 -32.76
C ILE J 384 -47.17 25.48 -31.70
N ARG J 385 -47.57 25.27 -30.45
CA ARG J 385 -46.63 25.24 -29.35
C ARG J 385 -45.79 23.97 -29.38
N GLY J 386 -44.65 24.01 -28.68
CA GLY J 386 -43.76 22.87 -28.64
C GLY J 386 -44.29 21.69 -27.86
N ASN J 387 -45.24 21.92 -26.94
CA ASN J 387 -45.84 20.83 -26.19
C ASN J 387 -46.95 20.12 -26.96
N GLU J 388 -47.43 20.70 -28.05
CA GLU J 388 -48.50 20.11 -28.85
C GLU J 388 -48.00 19.47 -30.14
N VAL J 389 -46.69 19.35 -30.31
CA VAL J 389 -46.15 18.68 -31.49
C VAL J 389 -46.45 17.18 -31.44
N SER J 390 -46.40 16.60 -30.24
CA SER J 390 -46.73 15.18 -30.09
C SER J 390 -48.23 14.93 -30.16
N GLN J 391 -49.06 15.98 -30.08
CA GLN J 391 -50.51 15.79 -30.13
C GLN J 391 -50.97 15.43 -31.54
N ILE J 392 -50.27 15.93 -32.56
CA ILE J 392 -50.59 15.56 -33.94
C ILE J 392 -49.79 14.32 -34.33
N ALA J 393 -50.50 13.21 -34.52
CA ALA J 393 -49.91 11.92 -34.81
C ALA J 393 -51.02 10.99 -35.30
N PRO J 394 -50.68 9.96 -36.08
CA PRO J 394 -51.70 8.99 -36.52
C PRO J 394 -52.27 8.20 -35.34
N GLY J 395 -53.60 8.20 -35.23
CA GLY J 395 -54.31 7.38 -34.26
C GLY J 395 -54.13 7.74 -32.80
N GLN J 396 -53.98 9.02 -32.47
CA GLN J 396 -54.00 9.47 -31.09
C GLN J 396 -54.37 10.95 -31.08
N THR J 397 -54.95 11.40 -29.96
CA THR J 397 -55.36 12.79 -29.83
C THR J 397 -55.42 13.16 -28.35
N GLY J 398 -55.46 14.47 -28.10
CA GLY J 398 -55.55 14.97 -26.74
C GLY J 398 -56.57 16.07 -26.59
N ASN J 399 -56.19 17.19 -25.97
CA ASN J 399 -57.09 18.33 -25.83
C ASN J 399 -56.96 19.31 -26.99
N ILE J 400 -55.72 19.69 -27.34
CA ILE J 400 -55.50 20.60 -28.46
C ILE J 400 -55.79 19.94 -29.80
N ALA J 401 -55.41 18.67 -29.98
CA ALA J 401 -55.58 17.98 -31.24
C ALA J 401 -57.03 17.66 -31.56
N ASP J 402 -57.84 17.35 -30.55
CA ASP J 402 -59.23 16.98 -30.80
C ASP J 402 -60.07 18.19 -31.20
N TYR J 403 -59.84 19.34 -30.56
CA TYR J 403 -60.60 20.55 -30.84
C TYR J 403 -60.03 21.34 -32.02
N ASN J 404 -58.95 20.87 -32.62
CA ASN J 404 -58.37 21.48 -33.81
C ASN J 404 -58.22 20.43 -34.90
N TYR J 405 -57.46 20.76 -35.95
CA TYR J 405 -57.25 19.83 -37.05
C TYR J 405 -56.56 18.55 -36.57
N LYS J 406 -57.13 17.40 -36.95
CA LYS J 406 -56.68 16.10 -36.49
C LYS J 406 -56.19 15.28 -37.67
N LEU J 407 -55.10 14.53 -37.45
CA LEU J 407 -54.52 13.68 -38.47
C LEU J 407 -54.92 12.24 -38.18
N PRO J 408 -55.75 11.61 -39.02
CA PRO J 408 -56.23 10.25 -38.72
C PRO J 408 -55.17 9.18 -38.95
N ASP J 409 -55.56 7.91 -38.76
CA ASP J 409 -54.63 6.80 -38.95
C ASP J 409 -54.24 6.65 -40.41
N ASP J 410 -55.20 6.80 -41.33
CA ASP J 410 -54.94 6.74 -42.76
C ASP J 410 -54.93 8.15 -43.32
N PHE J 411 -53.79 8.59 -43.84
CA PHE J 411 -53.63 9.94 -44.34
C PHE J 411 -52.95 10.03 -45.71
N THR J 412 -52.20 9.02 -46.13
CA THR J 412 -51.33 9.05 -47.31
C THR J 412 -50.41 10.27 -47.24
N GLY J 413 -49.53 10.24 -46.26
CA GLY J 413 -48.64 11.35 -45.98
C GLY J 413 -48.26 11.36 -44.51
N CYS J 414 -47.59 12.44 -44.12
CA CYS J 414 -47.13 12.60 -42.75
C CYS J 414 -46.93 14.08 -42.48
N VAL J 415 -46.36 14.38 -41.31
CA VAL J 415 -46.15 15.75 -40.85
C VAL J 415 -44.66 16.02 -40.74
N ILE J 416 -44.24 17.21 -41.15
CA ILE J 416 -42.85 17.66 -41.05
C ILE J 416 -42.86 18.98 -40.28
N ALA J 417 -42.11 19.03 -39.18
CA ALA J 417 -42.02 20.22 -38.35
C ALA J 417 -40.57 20.54 -38.06
N TRP J 418 -40.29 21.83 -37.86
CA TRP J 418 -38.94 22.30 -37.57
C TRP J 418 -39.01 23.48 -36.62
N ASN J 419 -37.88 23.79 -36.01
CA ASN J 419 -37.76 24.89 -35.07
C ASN J 419 -37.15 26.10 -35.78
N SER J 420 -37.85 27.22 -35.75
CA SER J 420 -37.38 28.45 -36.38
C SER J 420 -38.00 29.63 -35.66
N ASN J 421 -37.17 30.56 -35.20
CA ASN J 421 -37.62 31.74 -34.47
C ASN J 421 -37.00 32.98 -35.11
N LYS J 422 -37.66 33.50 -36.14
CA LYS J 422 -37.29 34.75 -36.78
C LYS J 422 -38.41 35.77 -36.74
N LEU J 423 -39.65 35.35 -37.02
CA LEU J 423 -40.83 36.19 -36.87
C LEU J 423 -41.97 35.43 -36.23
N ASP J 424 -41.64 34.40 -35.44
CA ASP J 424 -42.61 33.50 -34.84
C ASP J 424 -42.83 33.73 -33.36
N SER J 425 -41.83 34.27 -32.66
CA SER J 425 -41.91 34.50 -31.22
C SER J 425 -41.72 35.98 -30.92
N LYS J 426 -42.50 36.50 -29.98
CA LYS J 426 -42.43 37.90 -29.58
C LYS J 426 -42.02 38.00 -28.12
N VAL J 427 -41.16 38.97 -27.82
CA VAL J 427 -40.69 39.15 -26.45
C VAL J 427 -41.79 39.68 -25.54
N GLY J 428 -42.79 40.36 -26.10
CA GLY J 428 -43.92 40.84 -25.32
C GLY J 428 -45.10 39.90 -25.40
N GLY J 429 -46.11 40.27 -26.17
CA GLY J 429 -47.26 39.41 -26.36
C GLY J 429 -47.37 38.88 -27.77
N ASN J 430 -47.98 37.71 -27.93
CA ASN J 430 -48.22 37.12 -29.26
C ASN J 430 -49.67 36.61 -29.27
N TYR J 431 -50.59 37.50 -29.64
CA TYR J 431 -52.01 37.17 -29.67
C TYR J 431 -52.54 36.90 -31.07
N ASN J 432 -51.66 36.88 -32.08
CA ASN J 432 -52.10 36.48 -33.42
C ASN J 432 -52.34 34.98 -33.49
N TYR J 433 -51.44 34.18 -32.91
CA TYR J 433 -51.52 32.73 -32.95
C TYR J 433 -52.37 32.25 -31.78
N ARG J 434 -53.50 31.62 -32.09
CA ARG J 434 -54.48 31.22 -31.09
C ARG J 434 -55.00 29.83 -31.39
N TYR J 435 -55.51 29.16 -30.36
CA TYR J 435 -55.96 27.78 -30.48
C TYR J 435 -57.36 27.63 -29.90
N ARG J 436 -58.09 26.66 -30.42
CA ARG J 436 -59.42 26.32 -29.95
C ARG J 436 -59.32 25.30 -28.82
N LEU J 437 -59.78 25.69 -27.63
CA LEU J 437 -59.75 24.81 -26.47
C LEU J 437 -61.13 24.49 -25.91
N PHE J 438 -62.19 25.13 -26.40
CA PHE J 438 -63.56 24.84 -25.96
C PHE J 438 -64.42 24.78 -27.22
N ARG J 439 -64.53 23.59 -27.79
CA ARG J 439 -65.31 23.39 -29.00
C ARG J 439 -66.63 22.71 -28.69
N LYS J 440 -67.56 22.80 -29.64
CA LYS J 440 -68.88 22.19 -29.46
C LYS J 440 -68.79 20.66 -29.45
N SER J 441 -67.97 20.09 -30.32
CA SER J 441 -67.82 18.64 -30.42
C SER J 441 -66.44 18.36 -31.01
N ASN J 442 -66.23 17.10 -31.41
CA ASN J 442 -64.96 16.72 -32.03
C ASN J 442 -64.85 17.32 -33.43
N LEU J 443 -63.65 17.77 -33.78
CA LEU J 443 -63.38 18.38 -35.07
C LEU J 443 -62.95 17.28 -36.04
N LYS J 444 -63.75 17.04 -37.07
CA LYS J 444 -63.45 16.00 -38.03
C LYS J 444 -62.26 16.39 -38.90
N PRO J 445 -61.49 15.42 -39.38
CA PRO J 445 -60.38 15.73 -40.29
C PRO J 445 -60.88 16.32 -41.60
N PHE J 446 -60.04 17.16 -42.20
CA PHE J 446 -60.35 17.93 -43.42
C PHE J 446 -61.62 18.78 -43.24
N GLU J 447 -61.77 19.36 -42.05
CA GLU J 447 -62.88 20.24 -41.75
C GLU J 447 -62.36 21.41 -40.92
N ARG J 448 -63.08 22.53 -40.97
CA ARG J 448 -62.62 23.75 -40.36
C ARG J 448 -63.80 24.54 -39.81
N ASP J 449 -63.52 25.42 -38.85
CA ASP J 449 -64.53 26.26 -38.25
C ASP J 449 -63.88 27.51 -37.68
N ILE J 450 -64.52 28.66 -37.87
CA ILE J 450 -64.06 29.94 -37.32
C ILE J 450 -65.22 30.56 -36.56
N SER J 451 -64.98 30.93 -35.30
CA SER J 451 -66.02 31.52 -34.48
C SER J 451 -65.42 32.57 -33.57
N THR J 452 -65.90 33.81 -33.68
CA THR J 452 -65.50 34.90 -32.80
C THR J 452 -66.54 35.17 -31.71
N GLU J 453 -67.51 34.27 -31.55
CA GLU J 453 -68.59 34.44 -30.59
C GLU J 453 -68.34 33.54 -29.38
N ILE J 454 -68.88 33.95 -28.23
CA ILE J 454 -68.63 33.24 -26.98
C ILE J 454 -69.30 31.87 -27.01
N TYR J 455 -68.62 30.89 -26.43
CA TYR J 455 -69.10 29.51 -26.38
C TYR J 455 -69.64 29.20 -24.99
N GLN J 456 -70.90 28.74 -24.94
CA GLN J 456 -71.52 28.40 -23.67
C GLN J 456 -71.07 27.03 -23.19
N ALA J 457 -71.28 26.78 -21.89
CA ALA J 457 -70.88 25.51 -21.30
C ALA J 457 -71.95 24.94 -20.37
N GLY J 458 -73.17 25.49 -20.36
CA GLY J 458 -74.21 24.98 -19.50
C GLY J 458 -75.56 24.91 -20.18
N ASN J 459 -76.61 25.38 -19.48
CA ASN J 459 -77.96 25.35 -20.02
C ASN J 459 -78.48 26.71 -20.46
N LYS J 460 -77.70 27.77 -20.27
CA LYS J 460 -78.16 29.11 -20.66
C LYS J 460 -77.53 29.47 -22.01
N PRO J 461 -78.32 29.69 -23.07
CA PRO J 461 -77.76 30.14 -24.34
C PRO J 461 -77.08 31.50 -24.25
N CYS J 462 -75.78 31.54 -24.47
CA CYS J 462 -75.00 32.78 -24.46
C CYS J 462 -74.82 33.23 -25.89
N ASN J 463 -75.63 34.21 -26.31
CA ASN J 463 -75.59 34.73 -27.67
C ASN J 463 -75.58 36.26 -27.65
N GLY J 464 -74.73 36.82 -26.80
CA GLY J 464 -74.64 38.26 -26.67
C GLY J 464 -74.43 38.70 -25.24
N VAL J 465 -74.62 37.79 -24.30
CA VAL J 465 -74.41 38.05 -22.88
C VAL J 465 -73.46 37.00 -22.32
N ALA J 466 -72.54 37.42 -21.46
CA ALA J 466 -71.54 36.54 -20.89
C ALA J 466 -71.64 36.57 -19.36
N GLY J 467 -70.69 35.91 -18.70
CA GLY J 467 -70.67 35.84 -17.26
C GLY J 467 -69.64 34.86 -16.72
N VAL J 468 -70.05 34.02 -15.79
CA VAL J 468 -69.14 33.05 -15.18
C VAL J 468 -69.22 31.69 -15.88
N ASN J 469 -70.44 31.24 -16.22
CA ASN J 469 -70.62 29.94 -16.84
C ASN J 469 -70.29 29.92 -18.32
N CYS J 470 -70.12 31.09 -18.95
CA CYS J 470 -69.83 31.18 -20.37
C CYS J 470 -68.44 31.79 -20.56
N TYR J 471 -67.62 31.14 -21.38
CA TYR J 471 -66.27 31.62 -21.65
C TYR J 471 -66.06 31.82 -23.14
N PHE J 472 -64.83 32.14 -23.54
CA PHE J 472 -64.50 32.31 -24.96
C PHE J 472 -63.88 31.03 -25.49
N PRO J 473 -64.29 30.55 -26.66
CA PRO J 473 -63.70 29.33 -27.21
C PRO J 473 -62.27 29.51 -27.72
N LEU J 474 -61.80 30.74 -27.83
CA LEU J 474 -60.50 31.05 -28.43
C LEU J 474 -59.55 31.56 -27.35
N GLN J 475 -58.29 31.13 -27.44
CA GLN J 475 -57.26 31.56 -26.50
C GLN J 475 -55.93 31.62 -27.23
N SER J 476 -55.17 32.69 -26.98
CA SER J 476 -53.91 32.91 -27.68
C SER J 476 -52.82 32.00 -27.14
N TYR J 477 -51.75 31.86 -27.92
CA TYR J 477 -50.61 31.05 -27.53
C TYR J 477 -49.63 31.86 -26.67
N GLY J 478 -48.92 31.15 -25.80
CA GLY J 478 -47.90 31.77 -24.98
C GLY J 478 -46.52 31.71 -25.62
N PHE J 479 -46.36 32.36 -26.77
CA PHE J 479 -45.12 32.33 -27.52
C PHE J 479 -44.21 33.45 -27.02
N ARG J 480 -43.26 33.10 -26.15
CA ARG J 480 -42.30 34.05 -25.61
C ARG J 480 -40.93 33.39 -25.53
N PRO J 481 -39.86 34.13 -25.80
CA PRO J 481 -38.51 33.54 -25.67
C PRO J 481 -38.07 33.35 -24.24
N THR J 482 -38.71 34.01 -23.28
CA THR J 482 -38.34 33.87 -21.87
C THR J 482 -38.93 32.63 -21.23
N TYR J 483 -39.80 31.90 -21.94
CA TYR J 483 -40.42 30.70 -21.41
C TYR J 483 -39.51 29.49 -21.68
N GLY J 484 -40.02 28.29 -21.46
CA GLY J 484 -39.24 27.08 -21.63
C GLY J 484 -39.16 26.64 -23.09
N VAL J 485 -38.54 25.47 -23.26
CA VAL J 485 -38.39 24.90 -24.60
C VAL J 485 -39.73 24.44 -25.15
N GLY J 486 -40.58 23.87 -24.28
CA GLY J 486 -41.87 23.37 -24.71
C GLY J 486 -42.90 24.44 -25.02
N HIS J 487 -42.64 25.69 -24.65
CA HIS J 487 -43.52 26.80 -24.97
C HIS J 487 -43.11 27.54 -26.24
N GLN J 488 -42.03 27.12 -26.89
CA GLN J 488 -41.57 27.79 -28.10
C GLN J 488 -42.48 27.44 -29.28
N PRO J 489 -42.69 28.38 -30.20
CA PRO J 489 -43.48 28.07 -31.39
C PRO J 489 -42.69 27.24 -32.40
N TYR J 490 -43.39 26.33 -33.06
CA TYR J 490 -42.79 25.44 -34.05
C TYR J 490 -43.58 25.54 -35.35
N ARG J 491 -42.87 25.71 -36.46
CA ARG J 491 -43.49 25.76 -37.78
C ARG J 491 -43.86 24.34 -38.20
N VAL J 492 -45.15 24.09 -38.38
CA VAL J 492 -45.68 22.76 -38.65
C VAL J 492 -46.38 22.77 -40.00
N VAL J 493 -45.98 21.87 -40.89
CA VAL J 493 -46.62 21.69 -42.18
C VAL J 493 -46.93 20.19 -42.35
N VAL J 494 -48.09 19.90 -42.95
CA VAL J 494 -48.51 18.53 -43.21
C VAL J 494 -48.65 18.36 -44.71
N LEU J 495 -48.03 17.32 -45.25
CA LEU J 495 -48.08 17.03 -46.68
C LEU J 495 -49.04 15.88 -46.93
N SER J 496 -50.00 16.10 -47.83
CA SER J 496 -50.99 15.10 -48.19
C SER J 496 -50.91 14.82 -49.69
N PHE J 497 -50.96 13.54 -50.04
CA PHE J 497 -50.89 13.10 -51.43
C PHE J 497 -52.20 12.41 -51.80
N GLU J 498 -52.77 12.82 -52.93
CA GLU J 498 -54.02 12.27 -53.43
C GLU J 498 -53.73 11.50 -54.72
N LEU J 499 -54.05 10.22 -54.79
CA LEU J 499 -53.65 9.50 -56.00
C LEU J 499 -54.75 8.71 -56.67
N LEU J 500 -54.48 8.23 -57.87
CA LEU J 500 -55.45 7.39 -58.58
C LEU J 500 -56.73 8.13 -58.92
N HIS J 501 -56.74 9.44 -58.71
CA HIS J 501 -57.96 10.20 -58.94
C HIS J 501 -57.85 11.06 -60.19
N ALA J 502 -56.62 11.36 -60.60
CA ALA J 502 -56.43 12.26 -61.74
C ALA J 502 -55.13 12.03 -62.48
N PRO J 503 -55.11 12.36 -63.78
CA PRO J 503 -53.83 12.24 -64.48
C PRO J 503 -52.78 12.99 -63.70
N ALA J 504 -51.70 12.32 -63.33
CA ALA J 504 -50.70 12.98 -62.47
C ALA J 504 -49.88 14.03 -63.17
N THR J 505 -49.30 14.94 -62.41
CA THR J 505 -48.46 15.99 -62.96
C THR J 505 -47.34 16.45 -62.04
N VAL J 506 -47.42 16.20 -60.73
CA VAL J 506 -46.37 16.61 -59.80
C VAL J 506 -45.41 15.44 -59.70
N CYS J 507 -44.46 15.40 -60.65
CA CYS J 507 -43.47 14.35 -60.71
C CYS J 507 -42.17 14.81 -60.05
N GLY J 508 -41.34 13.83 -59.67
CA GLY J 508 -40.08 14.10 -59.05
C GLY J 508 -39.05 14.63 -60.04
N PRO J 509 -37.99 15.26 -59.53
CA PRO J 509 -36.95 15.83 -60.40
C PRO J 509 -36.00 14.75 -60.89
N LYS J 510 -36.06 14.44 -62.18
CA LYS J 510 -35.18 13.45 -62.78
C LYS J 510 -33.96 14.16 -63.37
N LYS J 511 -32.77 13.71 -62.97
CA LYS J 511 -31.54 14.36 -63.38
C LYS J 511 -31.20 14.01 -64.83
N SER J 512 -30.27 14.77 -65.40
CA SER J 512 -29.82 14.58 -66.77
C SER J 512 -28.29 14.50 -66.79
N THR J 513 -27.78 13.78 -67.79
CA THR J 513 -26.35 13.56 -67.95
C THR J 513 -25.82 14.40 -69.11
N ASN J 514 -24.53 14.23 -69.41
CA ASN J 514 -23.87 14.97 -70.47
C ASN J 514 -24.03 14.26 -71.81
N LEU J 515 -23.42 14.85 -72.84
CA LEU J 515 -23.48 14.29 -74.18
C LEU J 515 -22.49 13.15 -74.35
N VAL J 516 -22.71 12.35 -75.39
CA VAL J 516 -21.81 11.25 -75.74
C VAL J 516 -21.85 11.09 -77.26
N LYS J 517 -20.74 10.61 -77.82
CA LYS J 517 -20.61 10.50 -79.26
C LYS J 517 -19.82 9.25 -79.63
N ASN J 518 -20.33 8.49 -80.60
CA ASN J 518 -19.63 7.38 -81.25
C ASN J 518 -19.21 6.30 -80.26
N LYS J 519 -20.13 5.92 -79.36
CA LYS J 519 -19.84 4.88 -78.37
C LYS J 519 -21.18 4.30 -77.93
N CYS J 520 -21.37 2.99 -78.11
CA CYS J 520 -22.66 2.39 -77.85
C CYS J 520 -22.86 2.17 -76.35
N VAL J 521 -23.90 2.79 -75.80
CA VAL J 521 -24.24 2.73 -74.39
C VAL J 521 -25.71 2.33 -74.25
N ASN J 522 -26.12 2.08 -73.01
CA ASN J 522 -27.54 1.86 -72.70
C ASN J 522 -28.18 3.23 -72.42
N PHE J 523 -28.37 3.99 -73.50
CA PHE J 523 -28.87 5.35 -73.38
C PHE J 523 -30.33 5.38 -72.94
N ASN J 524 -30.69 6.41 -72.20
CA ASN J 524 -32.07 6.64 -71.76
C ASN J 524 -32.49 8.03 -72.21
N PHE J 525 -33.15 8.11 -73.36
CA PHE J 525 -33.53 9.37 -73.98
C PHE J 525 -35.03 9.61 -73.76
N ASN J 526 -35.34 10.36 -72.71
CA ASN J 526 -36.72 10.75 -72.35
C ASN J 526 -37.62 9.53 -72.16
N GLY J 527 -37.10 8.50 -71.50
CA GLY J 527 -37.84 7.28 -71.25
C GLY J 527 -37.60 6.17 -72.26
N LEU J 528 -37.03 6.48 -73.41
CA LEU J 528 -36.72 5.47 -74.42
C LEU J 528 -35.34 4.91 -74.10
N THR J 529 -35.31 3.69 -73.56
CA THR J 529 -34.05 3.05 -73.15
C THR J 529 -33.70 1.93 -74.11
N GLY J 530 -32.50 1.99 -74.67
CA GLY J 530 -32.03 0.97 -75.60
C GLY J 530 -30.53 1.02 -75.71
N THR J 531 -29.99 0.11 -76.52
CA THR J 531 -28.55 -0.03 -76.71
C THR J 531 -28.20 0.27 -78.16
N GLY J 532 -27.24 1.16 -78.37
CA GLY J 532 -26.81 1.50 -79.71
C GLY J 532 -25.83 2.64 -79.68
N VAL J 533 -25.11 2.79 -80.81
CA VAL J 533 -24.12 3.86 -80.92
C VAL J 533 -24.81 5.21 -81.00
N LEU J 534 -24.03 6.27 -80.78
CA LEU J 534 -24.51 7.65 -80.83
C LEU J 534 -23.63 8.38 -81.84
N THR J 535 -23.99 8.32 -83.11
CA THR J 535 -23.22 8.95 -84.18
C THR J 535 -23.97 10.15 -84.75
N GLU J 536 -23.24 10.96 -85.50
CA GLU J 536 -23.83 12.12 -86.15
C GLU J 536 -24.75 11.68 -87.28
N SER J 537 -25.97 12.23 -87.29
CA SER J 537 -26.99 11.81 -88.25
C SER J 537 -26.94 12.70 -89.49
N ASN J 538 -26.91 12.06 -90.66
CA ASN J 538 -27.05 12.77 -91.93
C ASN J 538 -28.50 12.98 -92.32
N LYS J 539 -29.43 12.41 -91.58
CA LYS J 539 -30.85 12.57 -91.85
C LYS J 539 -31.33 13.96 -91.43
N LYS J 540 -32.53 14.32 -91.88
CA LYS J 540 -33.17 15.58 -91.52
C LYS J 540 -34.52 15.29 -90.90
N PHE J 541 -34.74 15.78 -89.68
CA PHE J 541 -35.96 15.53 -88.95
C PHE J 541 -36.93 16.70 -89.12
N LEU J 542 -38.01 16.67 -88.35
CA LEU J 542 -39.05 17.69 -88.28
C LEU J 542 -39.22 18.11 -86.82
N PRO J 543 -39.69 19.35 -86.57
CA PRO J 543 -39.78 19.83 -85.18
C PRO J 543 -40.74 19.06 -84.30
N PHE J 544 -41.71 18.34 -84.86
CA PHE J 544 -42.66 17.57 -84.07
C PHE J 544 -42.31 16.09 -83.97
N GLN J 545 -41.13 15.67 -84.44
CA GLN J 545 -40.71 14.28 -84.39
C GLN J 545 -39.64 14.10 -83.32
N GLN J 546 -39.82 13.08 -82.48
CA GLN J 546 -38.89 12.81 -81.39
C GLN J 546 -37.84 11.77 -81.79
N PHE J 547 -38.29 10.57 -82.18
CA PHE J 547 -37.39 9.48 -82.53
C PHE J 547 -37.92 8.77 -83.76
N GLY J 548 -37.02 8.04 -84.44
CA GLY J 548 -37.37 7.33 -85.64
C GLY J 548 -37.38 5.81 -85.46
N ARG J 549 -37.81 5.13 -86.51
CA ARG J 549 -37.86 3.67 -86.55
C ARG J 549 -37.55 3.21 -87.97
N ASP J 550 -37.71 1.92 -88.21
CA ASP J 550 -37.43 1.32 -89.52
C ASP J 550 -38.50 0.28 -89.81
N ILE J 551 -38.25 -0.56 -90.81
CA ILE J 551 -39.17 -1.64 -91.17
C ILE J 551 -39.27 -2.65 -90.03
N ALA J 552 -38.13 -3.01 -89.43
CA ALA J 552 -38.07 -4.06 -88.42
C ALA J 552 -38.47 -3.58 -87.02
N ASP J 553 -39.13 -2.42 -86.92
CA ASP J 553 -39.63 -1.86 -85.66
C ASP J 553 -38.51 -1.68 -84.62
N THR J 554 -37.39 -1.15 -85.09
CA THR J 554 -36.24 -0.89 -84.25
C THR J 554 -35.82 0.57 -84.38
N THR J 555 -35.36 1.14 -83.26
CA THR J 555 -34.97 2.54 -83.22
C THR J 555 -33.64 2.74 -83.94
N ASP J 556 -33.60 3.72 -84.83
CA ASP J 556 -32.41 4.02 -85.61
C ASP J 556 -31.89 5.43 -85.41
N ALA J 557 -32.72 6.35 -84.92
CA ALA J 557 -32.33 7.73 -84.67
C ALA J 557 -33.14 8.29 -83.52
N VAL J 558 -32.48 9.07 -82.66
CA VAL J 558 -33.12 9.71 -81.52
C VAL J 558 -32.62 11.15 -81.44
N ARG J 559 -33.43 12.01 -80.84
CA ARG J 559 -33.11 13.42 -80.68
C ARG J 559 -32.96 13.74 -79.20
N ASP J 560 -31.81 14.32 -78.84
CA ASP J 560 -31.58 14.75 -77.47
C ASP J 560 -32.34 16.05 -77.18
N PRO J 561 -32.80 16.25 -75.93
CA PRO J 561 -33.55 17.47 -75.63
C PRO J 561 -32.68 18.69 -75.45
N GLN J 562 -31.41 18.49 -75.10
CA GLN J 562 -30.51 19.62 -74.83
C GLN J 562 -30.03 20.32 -76.08
N THR J 563 -30.02 19.64 -77.23
CA THR J 563 -29.50 20.21 -78.46
C THR J 563 -30.45 19.86 -79.60
N LEU J 564 -30.59 20.78 -80.55
CA LEU J 564 -31.47 20.58 -81.71
C LEU J 564 -30.94 19.53 -82.68
N GLU J 565 -29.71 19.07 -82.52
CA GLU J 565 -29.15 18.04 -83.38
C GLU J 565 -29.80 16.69 -83.11
N ILE J 566 -29.56 15.73 -84.00
CA ILE J 566 -30.13 14.39 -83.90
C ILE J 566 -29.00 13.38 -83.97
N LEU J 567 -29.11 12.33 -83.17
CA LEU J 567 -28.07 11.30 -83.05
C LEU J 567 -28.62 9.96 -83.53
N ASP J 568 -27.92 9.36 -84.49
CA ASP J 568 -28.33 8.07 -85.04
C ASP J 568 -28.04 6.95 -84.05
N ILE J 569 -28.82 5.87 -84.17
CA ILE J 569 -28.70 4.70 -83.30
C ILE J 569 -28.42 3.49 -84.18
N THR J 570 -27.37 2.76 -83.84
CA THR J 570 -27.01 1.50 -84.51
C THR J 570 -26.46 0.62 -83.39
N PRO J 571 -26.95 -0.61 -83.25
CA PRO J 571 -26.53 -1.46 -82.13
C PRO J 571 -25.06 -1.85 -82.20
N CYS J 572 -24.56 -2.33 -81.06
CA CYS J 572 -23.16 -2.71 -80.95
C CYS J 572 -22.86 -3.90 -81.86
N SER J 573 -21.62 -3.94 -82.35
CA SER J 573 -21.22 -4.93 -83.36
C SER J 573 -21.20 -6.33 -82.76
N PHE J 574 -22.06 -7.20 -83.27
CA PHE J 574 -22.15 -8.57 -82.80
C PHE J 574 -21.60 -9.53 -83.85
N GLY J 575 -21.35 -10.77 -83.42
CA GLY J 575 -20.85 -11.80 -84.31
C GLY J 575 -20.41 -13.05 -83.59
N GLY J 576 -20.69 -14.21 -84.17
CA GLY J 576 -20.29 -15.46 -83.56
C GLY J 576 -18.80 -15.72 -83.70
N VAL J 577 -18.32 -16.69 -82.92
CA VAL J 577 -16.92 -17.07 -82.94
C VAL J 577 -16.82 -18.51 -83.43
N SER J 578 -15.72 -18.81 -84.12
CA SER J 578 -15.44 -20.15 -84.62
C SER J 578 -13.98 -20.48 -84.34
N VAL J 579 -13.71 -21.77 -84.20
CA VAL J 579 -12.36 -22.26 -83.88
C VAL J 579 -11.88 -23.11 -85.04
N ILE J 580 -10.82 -22.66 -85.72
CA ILE J 580 -10.19 -23.44 -86.76
C ILE J 580 -9.19 -24.40 -86.11
N THR J 581 -9.39 -25.69 -86.30
CA THR J 581 -8.51 -26.65 -85.66
C THR J 581 -8.32 -27.91 -86.49
N PRO J 582 -7.12 -28.49 -86.47
CA PRO J 582 -6.94 -29.85 -87.01
C PRO J 582 -7.29 -30.90 -85.96
N GLY J 583 -7.03 -32.16 -86.27
CA GLY J 583 -7.21 -33.21 -85.27
C GLY J 583 -6.25 -33.04 -84.11
N THR J 584 -6.71 -33.43 -82.91
CA THR J 584 -5.91 -33.25 -81.70
C THR J 584 -4.69 -34.16 -81.68
N ASN J 585 -4.71 -35.26 -82.44
CA ASN J 585 -3.54 -36.13 -82.54
C ASN J 585 -2.42 -35.49 -83.34
N THR J 586 -2.74 -34.50 -84.19
CA THR J 586 -1.75 -33.88 -85.05
C THR J 586 -1.06 -32.70 -84.37
N SER J 587 -1.84 -31.69 -83.95
CA SER J 587 -1.28 -30.49 -83.36
C SER J 587 -2.23 -29.95 -82.30
N ASN J 588 -1.67 -29.16 -81.39
CA ASN J 588 -2.42 -28.54 -80.30
C ASN J 588 -2.83 -27.10 -80.60
N GLN J 589 -2.37 -26.53 -81.71
CA GLN J 589 -2.64 -25.14 -82.02
C GLN J 589 -4.02 -24.97 -82.63
N VAL J 590 -4.64 -23.81 -82.36
CA VAL J 590 -5.95 -23.47 -82.87
C VAL J 590 -5.92 -22.04 -83.39
N ALA J 591 -6.91 -21.72 -84.22
CA ALA J 591 -7.07 -20.39 -84.79
C ALA J 591 -8.47 -19.89 -84.50
N VAL J 592 -8.59 -18.58 -84.21
CA VAL J 592 -9.86 -17.97 -83.84
C VAL J 592 -10.40 -17.22 -85.04
N LEU J 593 -11.64 -17.54 -85.44
CA LEU J 593 -12.31 -16.88 -86.56
C LEU J 593 -13.56 -16.18 -86.05
N TYR J 594 -13.70 -14.90 -86.38
CA TYR J 594 -14.87 -14.10 -86.04
C TYR J 594 -15.80 -14.03 -87.25
N GLN J 595 -17.10 -14.12 -87.00
CA GLN J 595 -18.10 -14.15 -88.07
C GLN J 595 -18.68 -12.75 -88.25
N GLY J 596 -18.29 -12.07 -89.33
CA GLY J 596 -18.83 -10.76 -89.66
C GLY J 596 -18.50 -9.65 -88.69
N VAL J 597 -17.26 -9.60 -88.21
CA VAL J 597 -16.82 -8.58 -87.27
C VAL J 597 -15.58 -7.91 -87.84
N ASN J 598 -15.65 -6.59 -88.01
CA ASN J 598 -14.49 -5.80 -88.42
C ASN J 598 -13.67 -5.53 -87.17
N CYS J 599 -12.54 -6.23 -87.05
CA CYS J 599 -11.74 -6.23 -85.82
C CYS J 599 -10.78 -5.04 -85.79
N THR J 600 -11.37 -3.86 -85.65
CA THR J 600 -10.62 -2.63 -85.46
C THR J 600 -10.61 -2.16 -84.01
N GLU J 601 -11.25 -2.90 -83.11
CA GLU J 601 -11.29 -2.56 -81.70
C GLU J 601 -10.95 -3.70 -80.76
N VAL J 602 -10.83 -4.93 -81.25
CA VAL J 602 -10.54 -6.07 -80.40
C VAL J 602 -9.61 -7.04 -81.12
N ASN J 623 -0.58 -13.50 -85.83
CA ASN J 623 -0.89 -12.51 -86.84
C ASN J 623 -2.39 -12.43 -87.08
N VAL J 624 -2.84 -11.27 -87.55
CA VAL J 624 -4.26 -11.02 -87.82
C VAL J 624 -4.41 -10.70 -89.31
N PHE J 625 -5.24 -11.48 -89.99
CA PHE J 625 -5.53 -11.28 -91.41
C PHE J 625 -7.02 -11.12 -91.59
N GLN J 626 -7.42 -10.17 -92.44
CA GLN J 626 -8.83 -9.84 -92.63
C GLN J 626 -9.38 -10.57 -93.86
N THR J 627 -10.39 -11.40 -93.66
CA THR J 627 -11.10 -12.05 -94.75
C THR J 627 -12.41 -11.30 -95.01
N ARG J 628 -13.14 -11.76 -96.02
CA ARG J 628 -14.49 -11.23 -96.25
C ARG J 628 -15.54 -12.09 -95.54
N ALA J 629 -15.26 -12.41 -94.28
CA ALA J 629 -16.20 -13.09 -93.41
C ALA J 629 -16.16 -12.58 -91.98
N GLY J 630 -15.28 -11.63 -91.66
CA GLY J 630 -15.03 -11.21 -90.30
C GLY J 630 -13.55 -11.09 -90.02
N CYS J 631 -13.12 -11.44 -88.82
CA CYS J 631 -11.71 -11.40 -88.45
C CYS J 631 -11.17 -12.81 -88.25
N LEU J 632 -9.92 -13.01 -88.66
CA LEU J 632 -9.21 -14.27 -88.48
C LEU J 632 -7.96 -14.00 -87.64
N ILE J 633 -7.85 -14.68 -86.51
CA ILE J 633 -6.75 -14.49 -85.58
C ILE J 633 -6.04 -15.82 -85.40
N GLY J 634 -4.72 -15.83 -85.57
CA GLY J 634 -3.92 -17.01 -85.40
C GLY J 634 -3.58 -17.77 -86.66
N ALA J 635 -4.04 -17.30 -87.82
CA ALA J 635 -3.75 -17.95 -89.10
C ALA J 635 -3.23 -16.92 -90.07
N GLU J 636 -2.00 -17.11 -90.53
CA GLU J 636 -1.40 -16.19 -91.49
C GLU J 636 -1.96 -16.44 -92.88
N TYR J 637 -1.72 -15.48 -93.78
CA TYR J 637 -2.19 -15.53 -95.15
C TYR J 637 -1.04 -15.88 -96.08
N VAL J 638 -1.28 -16.83 -96.97
CA VAL J 638 -0.27 -17.29 -97.93
C VAL J 638 -0.82 -17.04 -99.33
N ASN J 639 -0.01 -16.38 -100.17
CA ASN J 639 -0.44 -16.07 -101.54
C ASN J 639 -0.60 -17.32 -102.40
N ASN J 640 0.08 -18.41 -102.08
CA ASN J 640 -0.09 -19.65 -102.81
C ASN J 640 -1.45 -20.27 -102.49
N SER J 641 -1.87 -21.19 -103.37
CA SER J 641 -3.17 -21.82 -103.25
C SER J 641 -3.02 -23.33 -103.16
N TYR J 642 -3.88 -23.96 -102.36
CA TYR J 642 -3.89 -25.40 -102.19
C TYR J 642 -5.34 -25.87 -102.16
N GLU J 643 -5.52 -27.19 -102.08
CA GLU J 643 -6.86 -27.76 -102.00
C GLU J 643 -7.50 -27.44 -100.65
N CYS J 644 -8.78 -27.10 -100.68
CA CYS J 644 -9.50 -26.71 -99.48
C CYS J 644 -9.76 -27.92 -98.59
N ASP J 645 -9.54 -27.75 -97.28
CA ASP J 645 -9.80 -28.80 -96.31
C ASP J 645 -10.88 -28.39 -95.31
N ILE J 646 -10.73 -27.23 -94.68
CA ILE J 646 -11.72 -26.73 -93.71
C ILE J 646 -12.46 -25.55 -94.35
N PRO J 647 -13.78 -25.66 -94.55
CA PRO J 647 -14.51 -24.55 -95.17
C PRO J 647 -14.71 -23.40 -94.20
N ILE J 648 -14.48 -22.18 -94.70
CA ILE J 648 -14.60 -20.98 -93.89
C ILE J 648 -15.65 -20.05 -94.48
N GLY J 649 -15.41 -19.59 -95.71
CA GLY J 649 -16.33 -18.72 -96.40
C GLY J 649 -15.61 -17.64 -97.21
N ALA J 650 -16.29 -17.14 -98.24
CA ALA J 650 -15.81 -16.07 -99.12
C ALA J 650 -14.47 -16.39 -99.76
N GLY J 651 -14.35 -17.62 -100.27
CA GLY J 651 -13.13 -18.06 -100.93
C GLY J 651 -11.94 -18.19 -100.02
N ILE J 652 -12.14 -18.63 -98.78
CA ILE J 652 -11.08 -18.81 -97.80
C ILE J 652 -11.16 -20.23 -97.26
N CYS J 653 -10.03 -20.94 -97.28
CA CYS J 653 -9.94 -22.28 -96.71
C CYS J 653 -8.59 -22.42 -96.02
N ALA J 654 -8.60 -23.00 -94.82
CA ALA J 654 -7.41 -23.13 -94.00
C ALA J 654 -7.12 -24.60 -93.72
N SER J 655 -5.83 -24.94 -93.65
CA SER J 655 -5.40 -26.30 -93.35
C SER J 655 -4.07 -26.25 -92.62
N TYR J 656 -3.76 -27.34 -91.93
CA TYR J 656 -2.51 -27.47 -91.18
C TYR J 656 -1.45 -28.04 -92.11
N GLN J 657 -0.50 -27.20 -92.51
CA GLN J 657 0.57 -27.63 -93.40
C GLN J 657 1.66 -28.37 -92.65
N SER J 669 2.48 -25.09 -88.88
CA SER J 669 1.55 -24.05 -88.44
C SER J 669 0.25 -24.12 -89.22
N ILE J 670 -0.64 -23.16 -88.98
CA ILE J 670 -1.94 -23.07 -89.63
C ILE J 670 -1.91 -21.86 -90.55
N ILE J 671 -2.21 -22.10 -91.84
CA ILE J 671 -2.17 -21.05 -92.85
C ILE J 671 -3.54 -20.97 -93.51
N ALA J 672 -3.83 -19.79 -94.07
CA ALA J 672 -5.06 -19.54 -94.81
C ALA J 672 -4.71 -19.23 -96.25
N TYR J 673 -5.37 -19.90 -97.19
CA TYR J 673 -5.09 -19.75 -98.61
C TYR J 673 -6.40 -19.68 -99.40
N THR J 674 -6.31 -19.10 -100.58
CA THR J 674 -7.44 -19.12 -101.50
C THR J 674 -7.61 -20.52 -102.08
N MET J 675 -8.81 -20.80 -102.59
CA MET J 675 -9.13 -22.15 -103.05
C MET J 675 -8.40 -22.48 -104.34
N SER J 676 -8.04 -23.75 -104.50
CA SER J 676 -7.54 -24.28 -105.75
C SER J 676 -8.68 -25.03 -106.44
N LEU J 677 -9.09 -24.53 -107.60
CA LEU J 677 -10.19 -25.12 -108.34
C LEU J 677 -9.78 -26.36 -109.13
N GLY J 678 -8.50 -26.68 -109.17
CA GLY J 678 -7.98 -27.82 -109.90
C GLY J 678 -6.86 -27.41 -110.82
N ALA J 679 -6.26 -28.42 -111.45
CA ALA J 679 -5.20 -28.19 -112.42
C ALA J 679 -5.77 -27.56 -113.68
N GLU J 680 -5.04 -26.58 -114.23
CA GLU J 680 -5.47 -25.89 -115.44
C GLU J 680 -5.15 -26.78 -116.64
N ASN J 681 -6.05 -27.76 -116.85
CA ASN J 681 -5.87 -28.75 -117.91
C ASN J 681 -6.47 -28.22 -119.21
N SER J 682 -5.75 -27.28 -119.82
CA SER J 682 -6.16 -26.74 -121.11
C SER J 682 -5.97 -27.78 -122.20
N VAL J 683 -6.91 -27.81 -123.15
CA VAL J 683 -6.91 -28.79 -124.23
C VAL J 683 -6.95 -28.04 -125.55
N ALA J 684 -6.13 -28.50 -126.51
CA ALA J 684 -6.05 -27.84 -127.81
C ALA J 684 -7.29 -28.14 -128.64
N TYR J 685 -7.46 -27.34 -129.69
CA TYR J 685 -8.61 -27.47 -130.58
C TYR J 685 -8.20 -27.08 -131.98
N SER J 686 -8.78 -27.77 -132.96
CA SER J 686 -8.55 -27.49 -134.37
C SER J 686 -9.82 -27.84 -135.14
N ASN J 687 -9.76 -27.73 -136.47
CA ASN J 687 -10.89 -28.04 -137.32
C ASN J 687 -10.90 -29.49 -137.80
N ASN J 688 -9.77 -30.19 -137.71
CA ASN J 688 -9.68 -31.56 -138.21
C ASN J 688 -8.90 -32.45 -137.25
N SER J 689 -8.99 -32.20 -135.96
CA SER J 689 -8.26 -32.96 -134.95
C SER J 689 -9.25 -33.75 -134.10
N ILE J 690 -9.03 -35.07 -134.00
CA ILE J 690 -9.86 -35.94 -133.20
C ILE J 690 -8.95 -36.80 -132.34
N ALA J 691 -9.49 -37.31 -131.24
CA ALA J 691 -8.75 -38.17 -130.32
C ALA J 691 -9.57 -39.43 -130.05
N ILE J 692 -8.94 -40.59 -130.22
CA ILE J 692 -9.59 -41.88 -129.99
C ILE J 692 -8.75 -42.67 -128.99
N PRO J 693 -9.34 -43.13 -127.88
CA PRO J 693 -8.57 -43.92 -126.91
C PRO J 693 -8.17 -45.27 -127.47
N THR J 694 -7.03 -45.77 -127.00
CA THR J 694 -6.51 -47.07 -127.42
C THR J 694 -6.55 -48.12 -126.31
N ASN J 695 -6.74 -47.72 -125.06
CA ASN J 695 -6.77 -48.63 -123.93
C ASN J 695 -7.93 -48.29 -123.03
N PHE J 696 -8.30 -49.24 -122.18
CA PHE J 696 -9.38 -49.05 -121.22
C PHE J 696 -8.93 -49.53 -119.85
N THR J 697 -9.44 -48.86 -118.82
CA THR J 697 -9.14 -49.23 -117.43
C THR J 697 -10.47 -49.33 -116.68
N ILE J 698 -10.74 -50.50 -116.13
CA ILE J 698 -11.98 -50.75 -115.38
C ILE J 698 -11.75 -50.33 -113.94
N SER J 699 -12.75 -49.69 -113.34
CA SER J 699 -12.66 -49.18 -111.98
C SER J 699 -13.96 -49.48 -111.24
N VAL J 700 -13.83 -49.84 -109.96
CA VAL J 700 -14.99 -50.10 -109.11
C VAL J 700 -15.13 -48.94 -108.14
N THR J 701 -16.23 -48.19 -108.27
CA THR J 701 -16.52 -47.06 -107.41
C THR J 701 -17.73 -47.38 -106.55
N THR J 702 -17.59 -47.21 -105.24
CA THR J 702 -18.65 -47.52 -104.30
C THR J 702 -19.39 -46.25 -103.86
N GLU J 703 -20.64 -46.43 -103.46
CA GLU J 703 -21.43 -45.35 -102.90
C GLU J 703 -22.35 -45.92 -101.84
N ILE J 704 -22.74 -45.07 -100.90
CA ILE J 704 -23.55 -45.46 -99.75
C ILE J 704 -24.83 -44.63 -99.76
N LEU J 705 -25.97 -45.30 -99.70
CA LEU J 705 -27.28 -44.65 -99.63
C LEU J 705 -28.04 -45.24 -98.45
N PRO J 706 -28.42 -44.44 -97.46
CA PRO J 706 -29.24 -44.96 -96.36
C PRO J 706 -30.64 -45.31 -96.84
N VAL J 707 -31.22 -46.33 -96.20
CA VAL J 707 -32.56 -46.81 -96.54
C VAL J 707 -33.58 -46.49 -95.46
N SER J 708 -33.32 -46.95 -94.23
CA SER J 708 -34.23 -46.70 -93.12
C SER J 708 -33.48 -46.86 -91.81
N MET J 709 -34.06 -46.30 -90.75
CA MET J 709 -33.53 -46.35 -89.41
C MET J 709 -34.55 -47.06 -88.49
N THR J 710 -34.09 -47.51 -87.32
CA THR J 710 -34.89 -48.24 -86.36
C THR J 710 -36.13 -47.46 -85.91
N LYS J 711 -37.27 -48.15 -85.90
CA LYS J 711 -38.56 -47.54 -85.55
C LYS J 711 -38.61 -47.22 -84.06
N THR J 712 -39.22 -46.08 -83.73
CA THR J 712 -39.30 -45.62 -82.34
C THR J 712 -40.74 -45.31 -81.97
N SER J 713 -41.16 -45.82 -80.81
CA SER J 713 -42.50 -45.59 -80.27
C SER J 713 -42.38 -44.98 -78.88
N VAL J 714 -43.26 -44.02 -78.58
CA VAL J 714 -43.25 -43.36 -77.29
C VAL J 714 -44.51 -43.77 -76.52
N ASP J 715 -44.44 -43.62 -75.20
CA ASP J 715 -45.58 -43.79 -74.32
C ASP J 715 -45.76 -42.49 -73.55
N CYS J 716 -46.78 -41.71 -73.92
CA CYS J 716 -46.92 -40.35 -73.41
C CYS J 716 -47.17 -40.32 -71.92
N THR J 717 -48.09 -41.16 -71.43
CA THR J 717 -48.43 -41.18 -70.01
C THR J 717 -47.26 -41.65 -69.16
N MET J 718 -46.55 -42.68 -69.62
CA MET J 718 -45.48 -43.24 -68.80
C MET J 718 -44.22 -42.39 -68.87
N TYR J 719 -43.97 -41.72 -70.00
CA TYR J 719 -42.83 -40.82 -70.09
C TYR J 719 -43.08 -39.52 -69.32
N ILE J 720 -44.29 -38.97 -69.42
CA ILE J 720 -44.56 -37.70 -68.77
C ILE J 720 -44.85 -37.91 -67.28
N CYS J 721 -45.77 -38.80 -66.96
CA CYS J 721 -46.19 -39.02 -65.58
C CYS J 721 -45.53 -40.25 -64.98
N GLY J 722 -45.70 -41.43 -65.59
CA GLY J 722 -45.10 -42.64 -65.09
C GLY J 722 -45.94 -43.36 -64.06
N ASP J 723 -46.03 -42.81 -62.84
CA ASP J 723 -46.77 -43.44 -61.77
C ASP J 723 -47.68 -42.49 -61.00
N SER J 724 -47.54 -41.17 -61.18
CA SER J 724 -48.36 -40.21 -60.46
C SER J 724 -49.75 -40.13 -61.08
N THR J 725 -50.78 -40.38 -60.28
CA THR J 725 -52.15 -40.34 -60.77
C THR J 725 -52.66 -38.91 -60.99
N GLU J 726 -52.07 -37.91 -60.31
CA GLU J 726 -52.47 -36.53 -60.53
C GLU J 726 -52.09 -36.06 -61.94
N CYS J 727 -50.90 -36.44 -62.40
CA CYS J 727 -50.49 -36.12 -63.76
C CYS J 727 -51.38 -36.80 -64.79
N SER J 728 -51.77 -38.06 -64.51
CA SER J 728 -52.70 -38.76 -65.39
C SER J 728 -54.07 -38.10 -65.42
N ASN J 729 -54.52 -37.56 -64.28
CA ASN J 729 -55.79 -36.84 -64.25
C ASN J 729 -55.70 -35.52 -65.02
N LEU J 730 -54.57 -34.82 -64.90
CA LEU J 730 -54.41 -33.57 -65.64
C LEU J 730 -54.11 -33.79 -67.11
N LEU J 731 -53.79 -35.02 -67.52
CA LEU J 731 -53.72 -35.32 -68.95
C LEU J 731 -55.07 -35.17 -69.64
N LEU J 732 -56.16 -35.51 -68.96
CA LEU J 732 -57.49 -35.38 -69.56
C LEU J 732 -57.93 -33.92 -69.68
N GLN J 733 -57.34 -33.02 -68.88
CA GLN J 733 -57.68 -31.61 -68.98
C GLN J 733 -57.18 -31.02 -70.29
N TYR J 734 -56.02 -31.46 -70.76
CA TYR J 734 -55.47 -30.97 -72.02
C TYR J 734 -56.16 -31.57 -73.23
N GLY J 735 -56.92 -32.65 -73.06
CA GLY J 735 -57.61 -33.27 -74.17
C GLY J 735 -56.82 -34.41 -74.80
N SER J 736 -56.94 -34.55 -76.12
CA SER J 736 -56.25 -35.61 -76.85
C SER J 736 -54.99 -35.02 -77.49
N PHE J 737 -53.87 -35.23 -76.80
CA PHE J 737 -52.55 -34.79 -77.25
C PHE J 737 -51.59 -35.96 -77.40
N CYS J 738 -52.10 -37.17 -77.35
CA CYS J 738 -51.28 -38.37 -77.36
C CYS J 738 -51.65 -39.34 -78.47
N THR J 739 -52.94 -39.41 -78.82
CA THR J 739 -53.38 -40.29 -79.91
C THR J 739 -52.81 -39.82 -81.25
N GLN J 740 -52.71 -38.50 -81.44
CA GLN J 740 -52.13 -37.98 -82.67
C GLN J 740 -50.66 -38.34 -82.79
N LEU J 741 -49.92 -38.24 -81.68
CA LEU J 741 -48.51 -38.63 -81.67
C LEU J 741 -48.35 -40.13 -81.92
N LYS J 742 -49.24 -40.95 -81.34
CA LYS J 742 -49.18 -42.39 -81.56
C LYS J 742 -49.46 -42.74 -83.02
N ARG J 743 -50.47 -42.09 -83.62
CA ARG J 743 -50.77 -42.32 -85.03
C ARG J 743 -49.62 -41.84 -85.93
N ALA J 744 -48.99 -40.71 -85.58
CA ALA J 744 -47.86 -40.21 -86.36
C ALA J 744 -46.68 -41.16 -86.29
N LEU J 745 -46.36 -41.67 -85.09
CA LEU J 745 -45.21 -42.58 -84.97
C LEU J 745 -45.48 -43.91 -85.65
N THR J 746 -46.73 -44.40 -85.59
CA THR J 746 -47.05 -45.64 -86.32
C THR J 746 -47.00 -45.42 -87.82
N GLY J 747 -47.40 -44.23 -88.29
CA GLY J 747 -47.28 -43.92 -89.71
C GLY J 747 -45.83 -43.86 -90.17
N ILE J 748 -44.97 -43.24 -89.37
CA ILE J 748 -43.54 -43.21 -89.68
C ILE J 748 -42.96 -44.63 -89.66
N ALA J 749 -43.38 -45.45 -88.69
CA ALA J 749 -42.90 -46.83 -88.62
C ALA J 749 -43.33 -47.64 -89.83
N VAL J 750 -44.58 -47.48 -90.27
CA VAL J 750 -45.09 -48.20 -91.43
C VAL J 750 -44.37 -47.74 -92.71
N GLU J 751 -44.14 -46.43 -92.85
CA GLU J 751 -43.47 -45.94 -94.05
C GLU J 751 -41.99 -46.34 -94.07
N GLN J 752 -41.34 -46.42 -92.91
CA GLN J 752 -39.97 -46.91 -92.89
C GLN J 752 -39.90 -48.41 -93.18
N ASP J 753 -40.91 -49.17 -92.72
CA ASP J 753 -40.98 -50.58 -93.09
C ASP J 753 -41.19 -50.74 -94.59
N LYS J 754 -42.02 -49.88 -95.20
CA LYS J 754 -42.22 -49.91 -96.64
C LYS J 754 -40.96 -49.49 -97.39
N ASN J 755 -40.20 -48.56 -96.82
CA ASN J 755 -38.92 -48.18 -97.41
C ASN J 755 -37.93 -49.35 -97.39
N THR J 756 -37.89 -50.06 -96.27
CA THR J 756 -37.01 -51.23 -96.16
C THR J 756 -37.43 -52.33 -97.13
N GLN J 757 -38.74 -52.54 -97.27
CA GLN J 757 -39.23 -53.61 -98.14
C GLN J 757 -39.11 -53.24 -99.62
N GLU J 758 -39.23 -51.97 -99.96
CA GLU J 758 -39.30 -51.54 -101.35
C GLU J 758 -37.94 -51.56 -102.06
N VAL J 759 -36.84 -51.64 -101.33
CA VAL J 759 -35.51 -51.58 -101.94
C VAL J 759 -34.99 -52.98 -102.25
N PHE J 760 -35.02 -53.88 -101.27
CA PHE J 760 -34.42 -55.19 -101.42
C PHE J 760 -35.34 -56.20 -102.10
N ALA J 761 -36.65 -56.09 -101.92
CA ALA J 761 -37.59 -57.07 -102.47
C ALA J 761 -38.04 -56.65 -103.87
N GLN J 762 -37.07 -56.66 -104.80
CA GLN J 762 -37.34 -56.39 -106.20
C GLN J 762 -37.53 -57.66 -107.03
N VAL J 763 -37.42 -58.83 -106.41
CA VAL J 763 -37.64 -60.10 -107.08
C VAL J 763 -38.61 -60.93 -106.26
N LYS J 764 -39.40 -61.75 -106.94
CA LYS J 764 -40.40 -62.58 -106.28
C LYS J 764 -39.87 -63.97 -105.91
N GLN J 765 -38.65 -64.31 -106.33
CA GLN J 765 -38.06 -65.62 -106.08
C GLN J 765 -36.70 -65.44 -105.41
N ILE J 766 -36.14 -66.55 -104.95
CA ILE J 766 -34.79 -66.59 -104.39
C ILE J 766 -33.95 -67.46 -105.29
N TYR J 767 -32.90 -66.89 -105.88
CA TYR J 767 -32.05 -67.60 -106.82
C TYR J 767 -30.88 -68.23 -106.08
N LYS J 768 -30.56 -69.47 -106.44
CA LYS J 768 -29.51 -70.22 -105.78
C LYS J 768 -28.19 -70.07 -106.54
N THR J 769 -27.14 -69.70 -105.81
CA THR J 769 -25.81 -69.59 -106.41
C THR J 769 -25.31 -70.98 -106.80
N PRO J 770 -24.75 -71.13 -108.00
CA PRO J 770 -24.16 -72.42 -108.37
C PRO J 770 -22.98 -72.75 -107.47
N PRO J 771 -22.76 -74.05 -107.21
CA PRO J 771 -21.67 -74.43 -106.29
C PRO J 771 -20.27 -74.10 -106.81
N ILE J 772 -20.10 -73.96 -108.12
CA ILE J 772 -18.80 -73.62 -108.70
C ILE J 772 -18.70 -72.10 -108.83
N LYS J 773 -17.53 -71.57 -108.45
CA LYS J 773 -17.29 -70.13 -108.45
C LYS J 773 -16.32 -69.71 -109.54
N TYR J 774 -16.25 -70.47 -110.62
CA TYR J 774 -15.40 -70.15 -111.76
C TYR J 774 -16.27 -69.59 -112.88
N PHE J 775 -15.93 -68.39 -113.35
CA PHE J 775 -16.72 -67.71 -114.37
C PHE J 775 -15.93 -67.35 -115.62
N GLY J 776 -14.67 -67.77 -115.72
CA GLY J 776 -13.85 -67.42 -116.87
C GLY J 776 -12.69 -66.52 -116.52
N GLY J 777 -12.17 -66.66 -115.31
CA GLY J 777 -11.10 -65.82 -114.82
C GLY J 777 -11.52 -64.70 -113.90
N PHE J 778 -12.81 -64.54 -113.66
CA PHE J 778 -13.33 -63.49 -112.77
C PHE J 778 -13.47 -64.08 -111.37
N ASN J 779 -12.65 -63.60 -110.43
CA ASN J 779 -12.64 -64.08 -109.06
C ASN J 779 -13.80 -63.42 -108.32
N PHE J 780 -14.95 -64.09 -108.31
CA PHE J 780 -16.14 -63.59 -107.63
C PHE J 780 -16.27 -64.26 -106.26
N SER J 781 -15.36 -63.89 -105.37
CA SER J 781 -15.35 -64.42 -104.01
C SER J 781 -15.53 -63.36 -102.94
N GLN J 782 -15.13 -62.11 -103.20
CA GLN J 782 -15.23 -61.06 -102.20
C GLN J 782 -16.65 -60.56 -101.99
N ILE J 783 -17.51 -60.65 -103.01
CA ILE J 783 -18.89 -60.17 -102.88
C ILE J 783 -19.89 -61.30 -102.72
N LEU J 784 -19.57 -62.52 -103.16
CA LEU J 784 -20.48 -63.64 -102.97
C LEU J 784 -20.46 -64.11 -101.52
N PRO J 785 -21.59 -64.54 -100.99
CA PRO J 785 -21.62 -65.08 -99.63
C PRO J 785 -20.85 -66.38 -99.51
N ASP J 786 -20.32 -66.61 -98.31
CA ASP J 786 -19.53 -67.80 -98.03
C ASP J 786 -20.19 -68.62 -96.93
N PRO J 787 -20.16 -69.96 -97.02
CA PRO J 787 -20.78 -70.79 -95.98
C PRO J 787 -19.92 -70.98 -94.73
N SER J 788 -18.71 -70.41 -94.69
CA SER J 788 -17.89 -70.51 -93.50
C SER J 788 -18.47 -69.71 -92.35
N LYS J 789 -18.93 -68.49 -92.62
CA LYS J 789 -19.57 -67.68 -91.59
C LYS J 789 -20.98 -68.20 -91.34
N PRO J 790 -21.40 -68.28 -90.07
CA PRO J 790 -22.73 -68.82 -89.76
C PRO J 790 -23.88 -67.90 -90.13
N SER J 791 -23.63 -66.61 -90.35
CA SER J 791 -24.68 -65.66 -90.66
C SER J 791 -24.89 -65.45 -92.16
N LYS J 792 -24.16 -66.18 -93.00
CA LYS J 792 -24.17 -66.05 -94.46
C LYS J 792 -23.88 -64.61 -94.87
N ARG J 793 -22.65 -64.20 -94.56
CA ARG J 793 -22.21 -62.82 -94.73
C ARG J 793 -21.03 -62.78 -95.69
N SER J 794 -21.09 -61.89 -96.66
CA SER J 794 -19.96 -61.65 -97.54
C SER J 794 -18.84 -60.95 -96.78
N PRO J 795 -17.58 -61.12 -97.21
CA PRO J 795 -16.49 -60.36 -96.57
C PRO J 795 -16.64 -58.85 -96.66
N ILE J 796 -17.16 -58.34 -97.77
CA ILE J 796 -17.46 -56.92 -97.87
C ILE J 796 -18.62 -56.56 -96.94
N GLU J 797 -19.64 -57.42 -96.88
CA GLU J 797 -20.76 -57.21 -95.96
C GLU J 797 -20.29 -57.30 -94.50
N ASP J 798 -19.38 -58.23 -94.21
CA ASP J 798 -18.85 -58.35 -92.85
C ASP J 798 -18.02 -57.12 -92.48
N LEU J 799 -17.23 -56.59 -93.42
CA LEU J 799 -16.47 -55.39 -93.17
C LEU J 799 -17.37 -54.17 -92.97
N LEU J 800 -18.47 -54.11 -93.71
CA LEU J 800 -19.45 -53.04 -93.52
C LEU J 800 -20.15 -53.17 -92.17
N PHE J 801 -20.45 -54.40 -91.75
CA PHE J 801 -21.10 -54.61 -90.46
C PHE J 801 -20.16 -54.31 -89.30
N ASN J 802 -18.86 -54.56 -89.47
CA ASN J 802 -17.87 -54.33 -88.43
C ASN J 802 -17.30 -52.91 -88.45
N LYS J 803 -18.01 -51.95 -89.07
CA LYS J 803 -17.55 -50.57 -89.11
C LYS J 803 -18.61 -49.64 -88.55
N VAL J 804 -19.88 -49.98 -88.73
CA VAL J 804 -20.99 -49.17 -88.25
C VAL J 804 -21.39 -49.67 -86.86
N THR J 805 -21.33 -48.79 -85.87
CA THR J 805 -21.69 -49.14 -84.51
C THR J 805 -23.20 -49.24 -84.35
N ASN J 834 -37.02 -44.19 -69.82
CA ASN J 834 -38.42 -44.50 -69.56
C ASN J 834 -39.31 -43.85 -70.60
N GLY J 835 -40.30 -44.60 -71.08
CA GLY J 835 -41.23 -44.11 -72.07
C GLY J 835 -40.76 -44.20 -73.50
N LEU J 836 -39.61 -44.81 -73.76
CA LEU J 836 -39.04 -44.91 -75.11
C LEU J 836 -38.75 -46.38 -75.40
N THR J 837 -39.73 -47.07 -75.98
CA THR J 837 -39.54 -48.44 -76.42
C THR J 837 -39.03 -48.47 -77.85
N VAL J 838 -38.41 -49.59 -78.22
CA VAL J 838 -37.78 -49.76 -79.53
C VAL J 838 -38.50 -50.89 -80.26
N LEU J 839 -39.07 -50.57 -81.42
CA LEU J 839 -39.71 -51.59 -82.25
C LEU J 839 -38.68 -52.22 -83.19
N PRO J 840 -38.53 -53.54 -83.16
CA PRO J 840 -37.57 -54.20 -84.04
C PRO J 840 -38.04 -54.17 -85.49
N PRO J 841 -37.10 -54.12 -86.44
CA PRO J 841 -37.49 -54.07 -87.85
C PRO J 841 -38.06 -55.40 -88.33
N LEU J 842 -38.92 -55.31 -89.35
CA LEU J 842 -39.48 -56.53 -89.96
C LEU J 842 -38.42 -57.33 -90.70
N LEU J 843 -37.49 -56.64 -91.37
CA LEU J 843 -36.41 -57.31 -92.08
C LEU J 843 -35.15 -57.26 -91.21
N THR J 844 -34.67 -58.43 -90.80
CA THR J 844 -33.42 -58.52 -90.07
C THR J 844 -32.27 -58.73 -91.04
N ASP J 845 -31.07 -58.94 -90.50
CA ASP J 845 -29.87 -58.99 -91.33
C ASP J 845 -29.81 -60.24 -92.20
N GLU J 846 -30.32 -61.37 -91.69
CA GLU J 846 -30.18 -62.63 -92.43
C GLU J 846 -31.06 -62.64 -93.69
N MET J 847 -32.29 -62.13 -93.58
CA MET J 847 -33.19 -62.15 -94.75
C MET J 847 -32.79 -61.11 -95.79
N ILE J 848 -32.28 -59.95 -95.36
CA ILE J 848 -31.79 -59.00 -96.35
C ILE J 848 -30.49 -59.50 -96.99
N ALA J 849 -29.69 -60.25 -96.23
CA ALA J 849 -28.53 -60.91 -96.81
C ALA J 849 -28.95 -61.95 -97.84
N GLN J 850 -30.03 -62.68 -97.56
CA GLN J 850 -30.56 -63.65 -98.52
C GLN J 850 -31.11 -62.95 -99.76
N TYR J 851 -31.78 -61.80 -99.59
CA TYR J 851 -32.24 -61.02 -100.72
C TYR J 851 -31.07 -60.55 -101.60
N THR J 852 -30.02 -60.03 -100.97
CA THR J 852 -28.85 -59.59 -101.74
C THR J 852 -28.14 -60.75 -102.42
N SER J 853 -28.06 -61.91 -101.74
CA SER J 853 -27.44 -63.10 -102.34
C SER J 853 -28.24 -63.58 -103.54
N ALA J 854 -29.57 -63.62 -103.42
CA ALA J 854 -30.42 -64.05 -104.53
C ALA J 854 -30.33 -63.07 -105.70
N LEU J 855 -30.33 -61.77 -105.41
CA LEU J 855 -30.20 -60.77 -106.46
C LEU J 855 -28.85 -60.87 -107.17
N LEU J 856 -27.78 -61.06 -106.40
CA LEU J 856 -26.43 -61.21 -106.97
C LEU J 856 -26.34 -62.45 -107.85
N ALA J 857 -26.88 -63.57 -107.37
CA ALA J 857 -26.88 -64.79 -108.17
C ALA J 857 -27.69 -64.62 -109.46
N GLY J 858 -28.86 -63.99 -109.35
CA GLY J 858 -29.70 -63.80 -110.52
C GLY J 858 -29.09 -62.88 -111.55
N THR J 859 -28.36 -61.86 -111.10
CA THR J 859 -27.72 -60.97 -112.08
C THR J 859 -26.36 -61.48 -112.54
N ILE J 860 -25.81 -62.50 -111.88
CA ILE J 860 -24.49 -63.02 -112.26
C ILE J 860 -24.63 -64.26 -113.12
N THR J 861 -25.80 -64.91 -113.11
CA THR J 861 -25.99 -66.09 -113.95
C THR J 861 -27.06 -65.91 -115.03
N SER J 862 -27.85 -64.84 -114.99
CA SER J 862 -28.92 -64.65 -115.97
C SER J 862 -28.88 -63.28 -116.64
N GLY J 863 -27.87 -62.47 -116.35
CA GLY J 863 -27.81 -61.15 -116.95
C GLY J 863 -28.85 -60.21 -116.36
N TRP J 864 -29.46 -59.41 -117.24
CA TRP J 864 -30.52 -58.50 -116.84
C TRP J 864 -31.91 -59.01 -117.24
N THR J 865 -32.00 -60.24 -117.75
CA THR J 865 -33.27 -60.77 -118.19
C THR J 865 -34.15 -61.26 -117.05
N PHE J 866 -33.59 -61.46 -115.85
CA PHE J 866 -34.37 -61.92 -114.71
C PHE J 866 -35.26 -60.84 -114.11
N GLY J 867 -34.97 -59.57 -114.40
CA GLY J 867 -35.77 -58.47 -113.92
C GLY J 867 -37.01 -58.16 -114.74
N ALA J 868 -37.23 -58.91 -115.81
CA ALA J 868 -38.40 -58.73 -116.67
C ALA J 868 -39.36 -59.90 -116.59
N GLY J 869 -38.88 -61.12 -116.81
CA GLY J 869 -39.71 -62.29 -116.72
C GLY J 869 -38.96 -63.47 -116.13
N PRO J 870 -39.11 -64.65 -116.73
CA PRO J 870 -38.35 -65.82 -116.27
C PRO J 870 -36.87 -65.66 -116.56
N ALA J 871 -36.05 -66.23 -115.68
CA ALA J 871 -34.60 -66.14 -115.85
C ALA J 871 -34.12 -67.06 -116.95
N LEU J 872 -33.19 -66.58 -117.76
CA LEU J 872 -32.60 -67.34 -118.86
C LEU J 872 -31.11 -67.50 -118.59
N GLN J 873 -30.61 -68.71 -118.77
CA GLN J 873 -29.19 -68.98 -118.52
C GLN J 873 -28.33 -68.33 -119.60
N ILE J 874 -27.42 -67.46 -119.17
CA ILE J 874 -26.55 -66.72 -120.09
C ILE J 874 -25.14 -66.74 -119.51
N PRO J 875 -24.12 -67.14 -120.29
CA PRO J 875 -22.75 -67.14 -119.78
C PRO J 875 -22.25 -65.72 -119.52
N PHE J 876 -21.32 -65.62 -118.56
CA PHE J 876 -20.81 -64.33 -118.11
C PHE J 876 -20.06 -63.54 -119.19
N PRO J 877 -19.12 -64.11 -119.98
CA PRO J 877 -18.53 -63.31 -121.06
C PRO J 877 -19.53 -62.84 -122.10
N MET J 878 -20.59 -63.62 -122.35
CA MET J 878 -21.63 -63.18 -123.28
C MET J 878 -22.37 -61.96 -122.75
N GLN J 879 -22.67 -61.92 -121.45
CA GLN J 879 -23.39 -60.76 -120.91
C GLN J 879 -22.48 -59.54 -120.76
N MET J 880 -21.18 -59.73 -120.50
CA MET J 880 -20.26 -58.60 -120.60
C MET J 880 -20.13 -58.09 -122.04
N ALA J 881 -20.16 -58.98 -123.02
CA ALA J 881 -20.18 -58.52 -124.41
C ALA J 881 -21.47 -57.77 -124.74
N TYR J 882 -22.60 -58.23 -124.19
CA TYR J 882 -23.87 -57.52 -124.39
C TYR J 882 -23.82 -56.13 -123.76
N ARG J 883 -23.26 -56.02 -122.56
CA ARG J 883 -23.18 -54.72 -121.90
C ARG J 883 -22.15 -53.81 -122.56
N PHE J 884 -21.11 -54.38 -123.18
CA PHE J 884 -20.20 -53.59 -124.00
C PHE J 884 -20.90 -53.08 -125.25
N ASN J 885 -21.76 -53.91 -125.85
CA ASN J 885 -22.55 -53.46 -127.00
C ASN J 885 -23.53 -52.36 -126.60
N GLY J 886 -24.08 -52.43 -125.39
CA GLY J 886 -25.05 -51.45 -124.91
C GLY J 886 -24.51 -50.04 -124.75
N ILE J 887 -23.19 -49.86 -124.73
CA ILE J 887 -22.60 -48.52 -124.66
C ILE J 887 -21.91 -48.20 -125.98
N GLY J 888 -22.38 -48.82 -127.06
CA GLY J 888 -21.88 -48.54 -128.39
C GLY J 888 -20.45 -48.97 -128.65
N VAL J 889 -20.03 -50.11 -128.12
CA VAL J 889 -18.72 -50.68 -128.37
C VAL J 889 -18.91 -52.11 -128.84
N THR J 890 -18.32 -52.46 -129.98
CA THR J 890 -18.52 -53.78 -130.57
C THR J 890 -17.90 -54.86 -129.69
N GLN J 891 -18.47 -56.07 -129.78
CA GLN J 891 -18.08 -57.19 -128.93
C GLN J 891 -16.89 -57.96 -129.50
N ASN J 892 -15.85 -57.22 -129.87
CA ASN J 892 -14.59 -57.81 -130.32
C ASN J 892 -13.39 -57.36 -129.50
N VAL J 893 -13.58 -56.48 -128.53
CA VAL J 893 -12.51 -55.99 -127.67
C VAL J 893 -12.64 -56.56 -126.26
N LEU J 894 -13.37 -57.66 -126.10
CA LEU J 894 -13.48 -58.36 -124.84
C LEU J 894 -12.97 -59.80 -124.91
N TYR J 895 -13.34 -60.54 -125.95
CA TYR J 895 -12.88 -61.92 -126.11
C TYR J 895 -11.42 -62.02 -126.49
N GLU J 896 -10.78 -60.92 -126.91
CA GLU J 896 -9.38 -60.94 -127.28
C GLU J 896 -8.44 -60.64 -126.12
N ASN J 897 -8.91 -59.95 -125.09
CA ASN J 897 -8.11 -59.66 -123.91
C ASN J 897 -8.93 -59.95 -122.65
N GLN J 898 -9.56 -61.12 -122.62
CA GLN J 898 -10.40 -61.50 -121.48
C GLN J 898 -9.57 -61.70 -120.22
N LYS J 899 -8.36 -62.26 -120.36
CA LYS J 899 -7.50 -62.45 -119.20
C LYS J 899 -7.05 -61.11 -118.61
N LEU J 900 -6.73 -60.14 -119.47
CA LEU J 900 -6.30 -58.83 -118.98
C LEU J 900 -7.41 -58.10 -118.25
N ILE J 901 -8.62 -58.11 -118.81
CA ILE J 901 -9.73 -57.42 -118.16
C ILE J 901 -10.17 -58.17 -116.91
N ALA J 902 -10.01 -59.50 -116.88
CA ALA J 902 -10.31 -60.27 -115.68
C ALA J 902 -9.32 -59.94 -114.56
N ASN J 903 -8.03 -59.85 -114.89
CA ASN J 903 -7.03 -59.47 -113.89
C ASN J 903 -7.25 -58.04 -113.41
N GLN J 904 -7.64 -57.14 -114.31
CA GLN J 904 -7.93 -55.76 -113.92
C GLN J 904 -9.14 -55.70 -113.00
N PHE J 905 -10.18 -56.49 -113.29
CA PHE J 905 -11.37 -56.52 -112.44
C PHE J 905 -11.04 -57.10 -111.07
N ASN J 906 -10.22 -58.15 -111.01
CA ASN J 906 -9.83 -58.72 -109.73
C ASN J 906 -8.98 -57.74 -108.92
N SER J 907 -8.09 -57.00 -109.59
CA SER J 907 -7.30 -55.99 -108.91
C SER J 907 -8.18 -54.85 -108.39
N ALA J 908 -9.19 -54.46 -109.18
CA ALA J 908 -10.12 -53.42 -108.73
C ALA J 908 -10.94 -53.88 -107.53
N ILE J 909 -11.39 -55.14 -107.54
CA ILE J 909 -12.14 -55.69 -106.42
C ILE J 909 -11.28 -55.74 -105.17
N GLY J 910 -10.02 -56.18 -105.33
CA GLY J 910 -9.12 -56.23 -104.18
C GLY J 910 -8.79 -54.86 -103.62
N LYS J 911 -8.57 -53.87 -104.49
CA LYS J 911 -8.24 -52.54 -103.99
C LYS J 911 -9.46 -51.84 -103.39
N ILE J 912 -10.67 -52.13 -103.88
CA ILE J 912 -11.84 -51.51 -103.27
C ILE J 912 -12.19 -52.22 -101.97
N GLN J 913 -11.85 -53.51 -101.83
CA GLN J 913 -11.99 -54.18 -100.54
C GLN J 913 -10.98 -53.65 -99.53
N ASP J 914 -9.76 -53.33 -100.00
CA ASP J 914 -8.76 -52.76 -99.11
C ASP J 914 -9.10 -51.34 -98.70
N SER J 915 -9.64 -50.54 -99.63
CA SER J 915 -9.93 -49.14 -99.38
C SER J 915 -11.35 -48.88 -98.92
N LEU J 916 -12.16 -49.92 -98.73
CA LEU J 916 -13.51 -49.72 -98.19
C LEU J 916 -13.46 -49.21 -96.75
N SER J 917 -12.55 -49.74 -95.94
CA SER J 917 -12.38 -49.31 -94.56
C SER J 917 -11.06 -48.58 -94.33
N SER J 918 -10.51 -47.96 -95.38
CA SER J 918 -9.24 -47.25 -95.24
C SER J 918 -9.40 -45.98 -94.40
N THR J 919 -10.51 -45.26 -94.59
CA THR J 919 -10.74 -44.02 -93.84
C THR J 919 -12.02 -44.12 -93.02
N PRO J 920 -12.05 -43.50 -91.83
CA PRO J 920 -13.29 -43.53 -91.04
C PRO J 920 -14.40 -42.68 -91.61
N SER J 921 -14.11 -41.77 -92.53
CA SER J 921 -15.11 -40.91 -93.13
C SER J 921 -15.77 -41.52 -94.37
N ALA J 922 -15.40 -42.75 -94.73
CA ALA J 922 -16.01 -43.40 -95.89
C ALA J 922 -17.48 -43.73 -95.63
N LEU J 923 -17.78 -44.28 -94.45
CA LEU J 923 -19.16 -44.60 -94.07
C LEU J 923 -19.77 -43.44 -93.28
N GLY J 924 -19.75 -42.27 -93.90
CA GLY J 924 -20.20 -41.06 -93.21
C GLY J 924 -21.70 -41.00 -93.04
N LYS J 925 -22.46 -41.44 -94.06
CA LYS J 925 -23.91 -41.28 -94.03
C LYS J 925 -24.56 -42.18 -93.00
N LEU J 926 -24.12 -43.44 -92.90
CA LEU J 926 -24.67 -44.36 -91.92
C LEU J 926 -24.35 -43.91 -90.50
N GLN J 927 -23.12 -43.47 -90.26
CA GLN J 927 -22.75 -42.97 -88.94
C GLN J 927 -23.52 -41.70 -88.59
N ASP J 928 -23.72 -40.81 -89.56
CA ASP J 928 -24.49 -39.59 -89.33
C ASP J 928 -25.94 -39.89 -89.01
N VAL J 929 -26.56 -40.81 -89.75
CA VAL J 929 -27.97 -41.13 -89.50
C VAL J 929 -28.12 -41.94 -88.21
N VAL J 930 -27.08 -42.66 -87.78
CA VAL J 930 -27.12 -43.28 -86.46
C VAL J 930 -27.05 -42.21 -85.36
N ASN J 931 -26.12 -41.27 -85.50
CA ASN J 931 -25.88 -40.29 -84.45
C ASN J 931 -27.03 -39.31 -84.32
N HIS J 932 -27.60 -38.86 -85.45
CA HIS J 932 -28.66 -37.87 -85.42
C HIS J 932 -29.95 -38.39 -84.78
N ASN J 933 -30.15 -39.70 -84.73
CA ASN J 933 -31.28 -40.25 -84.02
C ASN J 933 -30.93 -40.65 -82.60
N ALA J 934 -29.74 -41.22 -82.38
CA ALA J 934 -29.34 -41.64 -81.04
C ALA J 934 -29.17 -40.46 -80.10
N GLN J 935 -28.51 -39.39 -80.57
CA GLN J 935 -28.32 -38.21 -79.74
C GLN J 935 -29.65 -37.49 -79.49
N ALA J 936 -30.55 -37.50 -80.47
CA ALA J 936 -31.87 -36.90 -80.27
C ALA J 936 -32.68 -37.68 -79.23
N LEU J 937 -32.64 -39.01 -79.30
CA LEU J 937 -33.35 -39.82 -78.31
C LEU J 937 -32.76 -39.63 -76.92
N ASN J 938 -31.43 -39.57 -76.82
CA ASN J 938 -30.79 -39.38 -75.52
C ASN J 938 -31.06 -37.99 -74.97
N THR J 939 -31.12 -36.98 -75.84
CA THR J 939 -31.45 -35.63 -75.40
C THR J 939 -32.90 -35.54 -74.95
N LEU J 940 -33.79 -36.31 -75.58
CA LEU J 940 -35.16 -36.43 -75.08
C LEU J 940 -35.18 -37.11 -73.71
N VAL J 941 -34.26 -38.05 -73.48
CA VAL J 941 -34.15 -38.68 -72.17
C VAL J 941 -33.71 -37.66 -71.12
N LYS J 942 -32.72 -36.81 -71.44
CA LYS J 942 -32.27 -35.81 -70.47
C LYS J 942 -33.31 -34.73 -70.17
N GLN J 943 -34.38 -34.64 -70.94
CA GLN J 943 -35.39 -33.61 -70.70
C GLN J 943 -36.22 -33.87 -69.45
N LEU J 944 -36.14 -35.06 -68.86
CA LEU J 944 -36.88 -35.33 -67.63
C LEU J 944 -36.25 -34.63 -66.43
N SER J 945 -34.96 -34.29 -66.51
CA SER J 945 -34.24 -33.64 -65.41
C SER J 945 -34.22 -32.13 -65.53
N SER J 946 -35.24 -31.53 -66.12
CA SER J 946 -35.35 -30.09 -66.27
C SER J 946 -36.41 -29.56 -65.33
N LYS J 947 -36.08 -28.47 -64.61
CA LYS J 947 -37.02 -27.92 -63.64
C LYS J 947 -38.20 -27.24 -64.31
N PHE J 948 -38.01 -26.70 -65.52
CA PHE J 948 -39.03 -25.99 -66.30
C PHE J 948 -39.62 -24.82 -65.52
N GLY J 949 -38.77 -24.13 -64.75
CA GLY J 949 -39.22 -23.01 -63.95
C GLY J 949 -39.93 -23.36 -62.67
N ALA J 950 -39.97 -24.64 -62.30
CA ALA J 950 -40.65 -25.09 -61.09
C ALA J 950 -39.62 -25.28 -59.98
N ILE J 951 -40.08 -25.81 -58.84
CA ILE J 951 -39.20 -26.04 -57.70
C ILE J 951 -38.23 -27.18 -57.99
N SER J 952 -38.72 -28.27 -58.58
CA SER J 952 -37.89 -29.42 -58.86
C SER J 952 -38.38 -30.07 -60.15
N SER J 953 -37.74 -31.19 -60.52
CA SER J 953 -38.07 -31.92 -61.73
C SER J 953 -38.63 -33.30 -61.44
N VAL J 954 -39.06 -33.56 -60.21
CA VAL J 954 -39.61 -34.84 -59.80
C VAL J 954 -41.07 -34.63 -59.41
N LEU J 955 -41.96 -35.41 -60.04
CA LEU J 955 -43.39 -35.26 -59.77
C LEU J 955 -43.77 -35.71 -58.37
N ASN J 956 -43.11 -36.75 -57.86
CA ASN J 956 -43.42 -37.23 -56.52
C ASN J 956 -42.87 -36.28 -55.46
N ASP J 957 -41.82 -35.52 -55.78
CA ASP J 957 -41.24 -34.59 -54.81
C ASP J 957 -42.16 -33.41 -54.55
N ILE J 958 -42.76 -32.86 -55.61
CA ILE J 958 -43.62 -31.68 -55.46
C ILE J 958 -44.91 -32.03 -54.74
N LEU J 959 -45.47 -33.21 -55.03
CA LEU J 959 -46.76 -33.59 -54.45
C LEU J 959 -46.65 -34.00 -52.99
N SER J 960 -45.44 -34.16 -52.46
CA SER J 960 -45.25 -34.67 -51.10
C SER J 960 -44.77 -33.60 -50.12
N ARG J 961 -44.56 -32.37 -50.58
CA ARG J 961 -44.09 -31.31 -49.69
C ARG J 961 -44.87 -30.01 -49.78
N LEU J 962 -45.54 -29.71 -50.89
CA LEU J 962 -46.33 -28.50 -51.03
C LEU J 962 -47.81 -28.83 -51.16
N ASP J 963 -48.63 -27.79 -50.96
CA ASP J 963 -50.07 -27.94 -51.03
C ASP J 963 -50.52 -28.17 -52.48
N PRO J 964 -51.68 -28.79 -52.68
CA PRO J 964 -52.22 -29.02 -54.04
C PRO J 964 -52.42 -27.76 -54.88
N PRO J 965 -52.78 -26.57 -54.32
CA PRO J 965 -52.92 -25.40 -55.21
C PRO J 965 -51.64 -25.00 -55.95
N GLU J 966 -50.53 -24.81 -55.26
CA GLU J 966 -49.28 -24.48 -55.95
C GLU J 966 -48.74 -25.66 -56.74
N ALA J 967 -48.97 -26.89 -56.25
CA ALA J 967 -48.55 -28.07 -56.99
C ALA J 967 -49.29 -28.20 -58.31
N GLU J 968 -50.53 -27.70 -58.39
CA GLU J 968 -51.25 -27.70 -59.66
C GLU J 968 -50.53 -26.86 -60.70
N VAL J 969 -50.06 -25.67 -60.31
CA VAL J 969 -49.34 -24.80 -61.24
C VAL J 969 -47.99 -25.42 -61.61
N GLN J 970 -47.29 -26.01 -60.63
CA GLN J 970 -46.00 -26.61 -60.90
C GLN J 970 -46.13 -27.80 -61.86
N ILE J 971 -47.12 -28.67 -61.61
CA ILE J 971 -47.36 -29.81 -62.48
C ILE J 971 -47.82 -29.36 -63.86
N ASP J 972 -48.62 -28.29 -63.94
CA ASP J 972 -49.05 -27.77 -65.25
C ASP J 972 -47.86 -27.24 -66.05
N ARG J 973 -46.96 -26.50 -65.41
CA ARG J 973 -45.77 -26.01 -66.11
C ARG J 973 -44.87 -27.16 -66.54
N LEU J 974 -44.68 -28.16 -65.67
CA LEU J 974 -43.86 -29.31 -66.02
C LEU J 974 -44.46 -30.10 -67.18
N ILE J 975 -45.77 -30.32 -67.15
CA ILE J 975 -46.41 -31.13 -68.19
C ILE J 975 -46.45 -30.38 -69.51
N THR J 976 -46.61 -29.04 -69.50
CA THR J 976 -46.59 -28.33 -70.77
C THR J 976 -45.17 -28.23 -71.33
N GLY J 977 -44.16 -28.12 -70.47
CA GLY J 977 -42.79 -28.15 -70.96
C GLY J 977 -42.42 -29.48 -71.58
N ARG J 978 -42.80 -30.58 -70.91
CA ARG J 978 -42.59 -31.90 -71.50
C ARG J 978 -43.43 -32.09 -72.76
N LEU J 979 -44.57 -31.41 -72.85
CA LEU J 979 -45.39 -31.48 -74.05
C LEU J 979 -44.71 -30.81 -75.24
N GLN J 980 -44.16 -29.61 -75.04
CA GLN J 980 -43.43 -28.97 -76.16
C GLN J 980 -42.17 -29.73 -76.48
N SER J 981 -41.53 -30.36 -75.49
CA SER J 981 -40.37 -31.20 -75.77
C SER J 981 -40.74 -32.40 -76.64
N LEU J 982 -41.85 -33.07 -76.32
CA LEU J 982 -42.31 -34.19 -77.13
C LEU J 982 -42.74 -33.75 -78.52
N GLN J 983 -43.39 -32.58 -78.64
CA GLN J 983 -43.78 -32.09 -79.95
C GLN J 983 -42.56 -31.74 -80.81
N THR J 984 -41.53 -31.14 -80.20
CA THR J 984 -40.29 -30.86 -80.93
C THR J 984 -39.61 -32.14 -81.37
N TYR J 985 -39.60 -33.17 -80.50
CA TYR J 985 -39.01 -34.45 -80.87
C TYR J 985 -39.79 -35.11 -82.00
N VAL J 986 -41.12 -35.02 -81.96
CA VAL J 986 -41.95 -35.59 -83.02
C VAL J 986 -41.72 -34.88 -84.35
N THR J 987 -41.62 -33.55 -84.32
CA THR J 987 -41.36 -32.80 -85.55
C THR J 987 -39.99 -33.13 -86.13
N GLN J 988 -38.97 -33.25 -85.26
CA GLN J 988 -37.64 -33.65 -85.71
C GLN J 988 -37.66 -35.06 -86.29
N GLN J 989 -38.39 -35.97 -85.65
CA GLN J 989 -38.52 -37.33 -86.17
C GLN J 989 -39.19 -37.34 -87.53
N LEU J 990 -40.21 -36.49 -87.72
CA LEU J 990 -40.90 -36.43 -89.01
C LEU J 990 -40.00 -35.86 -90.10
N ILE J 991 -39.20 -34.83 -89.80
CA ILE J 991 -38.38 -34.23 -90.85
C ILE J 991 -37.22 -35.15 -91.22
N ARG J 992 -36.63 -35.84 -90.23
CA ARG J 992 -35.59 -36.81 -90.59
C ARG J 992 -36.20 -38.01 -91.29
N ALA J 993 -37.44 -38.37 -90.96
CA ALA J 993 -38.12 -39.44 -91.68
C ALA J 993 -38.42 -39.04 -93.11
N ALA J 994 -38.77 -37.77 -93.35
CA ALA J 994 -38.97 -37.29 -94.71
C ALA J 994 -37.68 -37.37 -95.52
N GLU J 995 -36.56 -37.00 -94.90
CA GLU J 995 -35.26 -37.17 -95.55
C GLU J 995 -34.96 -38.64 -95.81
N ILE J 996 -35.38 -39.52 -94.89
CA ILE J 996 -35.18 -40.95 -95.05
C ILE J 996 -36.01 -41.50 -96.22
N ARG J 997 -37.28 -41.09 -96.35
CA ARG J 997 -38.07 -41.48 -97.52
C ARG J 997 -37.47 -40.95 -98.82
N ALA J 998 -36.94 -39.72 -98.82
CA ALA J 998 -36.31 -39.20 -100.03
C ALA J 998 -35.09 -40.03 -100.42
N SER J 999 -34.21 -40.31 -99.46
CA SER J 999 -33.02 -41.12 -99.73
C SER J 999 -33.38 -42.55 -100.11
N ALA J 1000 -34.43 -43.11 -99.49
CA ALA J 1000 -34.85 -44.47 -99.81
C ALA J 1000 -35.47 -44.57 -101.19
N ASN J 1001 -36.24 -43.55 -101.60
CA ASN J 1001 -36.76 -43.53 -102.97
C ASN J 1001 -35.64 -43.40 -103.99
N LEU J 1002 -34.64 -42.56 -103.70
CA LEU J 1002 -33.49 -42.46 -104.60
C LEU J 1002 -32.72 -43.77 -104.67
N ALA J 1003 -32.54 -44.45 -103.52
CA ALA J 1003 -31.83 -45.72 -103.49
C ALA J 1003 -32.62 -46.80 -104.22
N ALA J 1004 -33.95 -46.81 -104.09
CA ALA J 1004 -34.76 -47.79 -104.79
C ALA J 1004 -34.73 -47.55 -106.30
N THR J 1005 -34.73 -46.28 -106.72
CA THR J 1005 -34.58 -45.96 -108.14
C THR J 1005 -33.25 -46.44 -108.68
N LYS J 1006 -32.17 -46.20 -107.91
CA LYS J 1006 -30.84 -46.66 -108.32
C LYS J 1006 -30.75 -48.18 -108.32
N MET J 1007 -31.46 -48.86 -107.41
CA MET J 1007 -31.49 -50.32 -107.39
C MET J 1007 -32.22 -50.88 -108.59
N SER J 1008 -33.37 -50.28 -108.95
CA SER J 1008 -34.16 -50.80 -110.05
C SER J 1008 -33.55 -50.46 -111.41
N GLU J 1009 -32.81 -49.36 -111.51
CA GLU J 1009 -32.34 -48.86 -112.79
C GLU J 1009 -30.85 -49.05 -113.04
N CYS J 1010 -30.13 -49.68 -112.11
CA CYS J 1010 -28.71 -49.92 -112.33
C CYS J 1010 -28.27 -51.34 -111.98
N VAL J 1011 -29.12 -52.15 -111.37
CA VAL J 1011 -28.79 -53.53 -111.02
C VAL J 1011 -29.61 -54.51 -111.86
N LEU J 1012 -30.93 -54.29 -111.96
CA LEU J 1012 -31.80 -55.14 -112.77
C LEU J 1012 -31.59 -54.94 -114.26
N GLY J 1013 -30.89 -53.89 -114.67
CA GLY J 1013 -30.63 -53.65 -116.07
C GLY J 1013 -29.44 -52.74 -116.24
N GLN J 1014 -29.18 -52.36 -117.49
CA GLN J 1014 -28.08 -51.49 -117.84
C GLN J 1014 -28.61 -50.08 -118.10
N SER J 1015 -28.03 -49.11 -117.41
CA SER J 1015 -28.46 -47.72 -117.51
C SER J 1015 -27.58 -46.98 -118.52
N LYS J 1016 -28.22 -46.30 -119.48
CA LYS J 1016 -27.51 -45.49 -120.45
C LYS J 1016 -27.36 -44.04 -119.99
N ARG J 1017 -27.83 -43.72 -118.79
CA ARG J 1017 -27.68 -42.37 -118.26
C ARG J 1017 -26.24 -42.13 -117.84
N VAL J 1018 -25.67 -41.02 -118.32
CA VAL J 1018 -24.27 -40.71 -118.06
C VAL J 1018 -24.13 -40.10 -116.68
N ASP J 1019 -23.15 -40.59 -115.91
CA ASP J 1019 -22.84 -40.13 -114.55
C ASP J 1019 -24.05 -40.26 -113.62
N PHE J 1020 -24.65 -41.44 -113.62
CA PHE J 1020 -25.75 -41.75 -112.73
C PHE J 1020 -25.42 -42.87 -111.74
N CYS J 1021 -24.69 -43.89 -112.15
CA CYS J 1021 -24.20 -44.95 -111.27
C CYS J 1021 -22.73 -45.16 -111.57
N GLY J 1022 -21.88 -44.44 -110.87
CA GLY J 1022 -20.45 -44.56 -111.05
C GLY J 1022 -19.88 -43.45 -111.93
N LYS J 1023 -18.58 -43.20 -111.77
CA LYS J 1023 -17.89 -42.17 -112.54
C LYS J 1023 -17.29 -42.81 -113.79
N GLY J 1024 -18.01 -42.71 -114.90
CA GLY J 1024 -17.60 -43.27 -116.16
C GLY J 1024 -18.78 -43.90 -116.86
N TYR J 1025 -18.48 -44.62 -117.93
CA TYR J 1025 -19.51 -45.35 -118.66
C TYR J 1025 -20.01 -46.52 -117.83
N HIS J 1026 -21.32 -46.72 -117.82
CA HIS J 1026 -21.96 -47.74 -117.00
C HIS J 1026 -21.77 -49.12 -117.62
N LEU J 1027 -21.25 -50.05 -116.83
CA LEU J 1027 -21.10 -51.44 -117.23
C LEU J 1027 -21.93 -52.38 -116.36
N MET J 1028 -21.77 -52.30 -115.04
CA MET J 1028 -22.31 -53.30 -114.13
C MET J 1028 -22.39 -52.68 -112.74
N SER J 1029 -23.21 -53.29 -111.88
CA SER J 1029 -23.30 -52.88 -110.49
C SER J 1029 -23.78 -54.07 -109.67
N PHE J 1030 -23.38 -54.09 -108.40
CA PHE J 1030 -23.77 -55.15 -107.50
C PHE J 1030 -24.28 -54.60 -106.18
N PRO J 1031 -25.32 -55.20 -105.61
CA PRO J 1031 -25.80 -54.77 -104.28
C PRO J 1031 -25.17 -55.55 -103.15
N GLN J 1032 -24.93 -54.82 -102.06
CA GLN J 1032 -24.38 -55.41 -100.84
C GLN J 1032 -25.21 -54.97 -99.64
N SER J 1033 -25.41 -55.89 -98.70
CA SER J 1033 -26.23 -55.63 -97.52
C SER J 1033 -25.42 -54.81 -96.51
N ALA J 1034 -26.05 -53.77 -95.97
CA ALA J 1034 -25.43 -52.89 -94.99
C ALA J 1034 -26.40 -52.67 -93.83
N PRO J 1035 -25.89 -52.45 -92.63
CA PRO J 1035 -26.78 -52.13 -91.49
C PRO J 1035 -27.40 -50.75 -91.66
N HIS J 1036 -28.74 -50.72 -91.69
CA HIS J 1036 -29.55 -49.50 -91.85
C HIS J 1036 -29.17 -48.73 -93.11
N GLY J 1037 -29.03 -49.46 -94.22
CA GLY J 1037 -28.68 -48.84 -95.48
C GLY J 1037 -28.30 -49.90 -96.50
N VAL J 1038 -27.78 -49.41 -97.62
CA VAL J 1038 -27.33 -50.28 -98.71
C VAL J 1038 -26.06 -49.67 -99.31
N VAL J 1039 -25.19 -50.54 -99.82
CA VAL J 1039 -23.93 -50.14 -100.43
C VAL J 1039 -23.85 -50.73 -101.82
N PHE J 1040 -23.63 -49.88 -102.82
CA PHE J 1040 -23.50 -50.33 -104.20
C PHE J 1040 -22.04 -50.43 -104.60
N LEU J 1041 -21.78 -51.32 -105.56
CA LEU J 1041 -20.44 -51.51 -106.14
C LEU J 1041 -20.57 -51.29 -107.65
N HIS J 1042 -20.48 -50.03 -108.07
CA HIS J 1042 -20.61 -49.70 -109.47
C HIS J 1042 -19.36 -50.11 -110.24
N VAL J 1043 -19.55 -50.70 -111.42
CA VAL J 1043 -18.47 -51.07 -112.31
C VAL J 1043 -18.51 -50.11 -113.49
N THR J 1044 -17.42 -49.39 -113.70
CA THR J 1044 -17.34 -48.32 -114.69
C THR J 1044 -16.43 -48.73 -115.85
N TYR J 1045 -16.31 -47.82 -116.82
CA TYR J 1045 -15.48 -48.04 -118.01
C TYR J 1045 -14.77 -46.71 -118.30
N VAL J 1046 -13.49 -46.65 -117.99
CA VAL J 1046 -12.69 -45.43 -118.15
C VAL J 1046 -11.74 -45.64 -119.32
N PRO J 1047 -11.99 -45.03 -120.48
CA PRO J 1047 -11.06 -45.16 -121.64
C PRO J 1047 -9.91 -44.16 -121.61
N ALA J 1048 -8.89 -44.47 -120.81
CA ALA J 1048 -7.72 -43.63 -120.69
C ALA J 1048 -6.68 -44.00 -121.74
N GLN J 1049 -5.51 -43.35 -121.65
CA GLN J 1049 -4.37 -43.56 -122.54
C GLN J 1049 -4.75 -43.32 -124.01
N GLU J 1050 -5.12 -42.06 -124.27
CA GLU J 1050 -5.59 -41.66 -125.58
C GLU J 1050 -4.44 -41.26 -126.49
N LYS J 1051 -4.76 -41.10 -127.77
CA LYS J 1051 -3.79 -40.65 -128.78
C LYS J 1051 -4.56 -39.99 -129.91
N ASN J 1052 -4.21 -38.76 -130.24
CA ASN J 1052 -4.98 -37.97 -131.18
C ASN J 1052 -4.49 -38.20 -132.62
N PHE J 1053 -5.40 -37.97 -133.56
CA PHE J 1053 -5.14 -38.16 -134.98
C PHE J 1053 -5.71 -36.98 -135.76
N THR J 1054 -5.76 -37.11 -137.07
CA THR J 1054 -6.35 -36.13 -137.97
C THR J 1054 -7.54 -36.77 -138.68
N THR J 1055 -8.69 -36.10 -138.63
CA THR J 1055 -9.93 -36.64 -139.15
C THR J 1055 -10.50 -35.76 -140.25
N ALA J 1056 -11.59 -36.24 -140.86
CA ALA J 1056 -12.34 -35.52 -141.88
C ALA J 1056 -13.75 -36.07 -141.88
N PRO J 1057 -14.77 -35.23 -142.10
CA PRO J 1057 -16.16 -35.73 -142.00
C PRO J 1057 -16.59 -36.63 -143.13
N ALA J 1058 -15.95 -36.57 -144.30
CA ALA J 1058 -16.37 -37.38 -145.44
C ALA J 1058 -15.20 -37.61 -146.37
N ILE J 1059 -15.38 -38.59 -147.26
CA ILE J 1059 -14.36 -38.98 -148.24
C ILE J 1059 -14.99 -38.89 -149.62
N CYS J 1060 -14.33 -38.19 -150.54
CA CYS J 1060 -14.82 -37.97 -151.89
C CYS J 1060 -14.18 -38.99 -152.84
N HIS J 1061 -15.01 -39.69 -153.61
CA HIS J 1061 -14.53 -40.67 -154.57
C HIS J 1061 -15.60 -40.90 -155.62
N ASP J 1062 -15.18 -40.84 -156.90
CA ASP J 1062 -16.07 -40.98 -158.07
C ASP J 1062 -17.20 -39.95 -158.05
N GLY J 1063 -16.90 -38.75 -157.58
CA GLY J 1063 -17.86 -37.67 -157.63
C GLY J 1063 -18.98 -37.74 -156.61
N LYS J 1064 -18.92 -38.67 -155.65
CA LYS J 1064 -19.93 -38.81 -154.63
C LYS J 1064 -19.27 -38.88 -153.26
N ALA J 1065 -19.97 -38.40 -152.25
CA ALA J 1065 -19.46 -38.33 -150.89
C ALA J 1065 -19.76 -39.63 -150.15
N HIS J 1066 -18.82 -40.05 -149.32
CA HIS J 1066 -18.96 -41.25 -148.50
C HIS J 1066 -19.06 -40.86 -147.03
N PHE J 1067 -19.92 -41.55 -146.30
CA PHE J 1067 -20.14 -41.28 -144.89
C PHE J 1067 -20.02 -42.55 -144.08
N PRO J 1068 -19.46 -42.49 -142.88
CA PRO J 1068 -19.34 -43.69 -142.05
C PRO J 1068 -20.68 -44.13 -141.49
N ARG J 1069 -20.91 -45.45 -141.49
CA ARG J 1069 -22.16 -45.98 -140.99
C ARG J 1069 -22.24 -45.85 -139.47
N GLU J 1070 -21.17 -46.24 -138.77
CA GLU J 1070 -21.14 -46.16 -137.31
C GLU J 1070 -19.85 -45.61 -136.74
N GLY J 1071 -18.77 -45.51 -137.50
CA GLY J 1071 -17.48 -45.05 -137.02
C GLY J 1071 -17.16 -43.64 -137.43
N VAL J 1072 -15.87 -43.34 -137.52
CA VAL J 1072 -15.37 -42.02 -137.91
C VAL J 1072 -14.13 -42.21 -138.76
N PHE J 1073 -13.98 -41.37 -139.79
CA PHE J 1073 -12.82 -41.44 -140.67
C PHE J 1073 -11.60 -40.88 -139.95
N VAL J 1074 -10.59 -41.73 -139.74
CA VAL J 1074 -9.41 -41.38 -138.96
C VAL J 1074 -8.18 -41.60 -139.82
N SER J 1075 -7.34 -40.58 -139.93
CA SER J 1075 -6.08 -40.66 -140.68
C SER J 1075 -4.92 -40.50 -139.72
N ASN J 1076 -3.87 -41.30 -139.92
CA ASN J 1076 -2.66 -41.23 -139.12
C ASN J 1076 -1.51 -40.54 -139.84
N GLY J 1077 -1.81 -39.77 -140.89
CA GLY J 1077 -0.80 -39.00 -141.59
C GLY J 1077 -0.63 -39.36 -143.05
N THR J 1078 -0.68 -40.66 -143.37
CA THR J 1078 -0.49 -41.12 -144.74
C THR J 1078 -1.75 -41.75 -145.31
N HIS J 1079 -2.30 -42.76 -144.65
CA HIS J 1079 -3.49 -43.46 -145.13
C HIS J 1079 -4.71 -43.00 -144.34
N TRP J 1080 -5.85 -43.63 -144.60
CA TRP J 1080 -7.10 -43.32 -143.91
C TRP J 1080 -7.73 -44.62 -143.42
N PHE J 1081 -8.44 -44.52 -142.30
CA PHE J 1081 -9.08 -45.67 -141.69
C PHE J 1081 -10.36 -45.24 -140.99
N VAL J 1082 -11.22 -46.22 -140.75
CA VAL J 1082 -12.44 -46.03 -139.97
C VAL J 1082 -12.33 -46.87 -138.71
N THR J 1083 -12.66 -46.27 -137.56
CA THR J 1083 -12.53 -46.95 -136.28
C THR J 1083 -13.70 -46.58 -135.39
N GLN J 1084 -13.78 -47.26 -134.24
CA GLN J 1084 -14.86 -47.05 -133.30
C GLN J 1084 -14.70 -45.72 -132.57
N ARG J 1085 -15.79 -45.27 -131.96
CA ARG J 1085 -15.80 -43.99 -131.26
C ARG J 1085 -15.24 -44.07 -129.84
N ASN J 1086 -14.93 -45.27 -129.35
CA ASN J 1086 -14.39 -45.41 -128.00
C ASN J 1086 -13.20 -46.35 -127.94
N PHE J 1087 -12.76 -46.91 -129.07
CA PHE J 1087 -11.61 -47.79 -129.09
C PHE J 1087 -10.93 -47.67 -130.45
N TYR J 1088 -9.60 -47.61 -130.44
CA TYR J 1088 -8.83 -47.44 -131.67
C TYR J 1088 -8.56 -48.82 -132.27
N GLU J 1089 -9.48 -49.27 -133.12
CA GLU J 1089 -9.34 -50.51 -133.88
C GLU J 1089 -9.58 -50.15 -135.34
N PRO J 1090 -8.55 -49.71 -136.05
CA PRO J 1090 -8.76 -49.18 -137.41
C PRO J 1090 -9.07 -50.27 -138.42
N GLN J 1091 -9.93 -49.92 -139.37
CA GLN J 1091 -10.31 -50.79 -140.47
C GLN J 1091 -10.25 -50.01 -141.77
N ILE J 1092 -10.01 -50.72 -142.87
CA ILE J 1092 -9.92 -50.08 -144.17
C ILE J 1092 -11.32 -49.67 -144.63
N ILE J 1093 -11.41 -48.61 -145.41
CA ILE J 1093 -12.70 -48.10 -145.87
C ILE J 1093 -13.29 -49.05 -146.88
N THR J 1094 -14.54 -49.47 -146.64
CA THR J 1094 -15.22 -50.47 -147.45
C THR J 1094 -16.61 -49.93 -147.77
N THR J 1095 -17.12 -50.28 -148.96
CA THR J 1095 -18.47 -49.88 -149.34
C THR J 1095 -19.56 -50.62 -148.56
N ASP J 1096 -19.20 -51.65 -147.79
CA ASP J 1096 -20.17 -52.41 -147.02
C ASP J 1096 -20.52 -51.77 -145.68
N ASN J 1097 -19.66 -50.90 -145.15
CA ASN J 1097 -19.95 -50.19 -143.91
C ASN J 1097 -19.91 -48.68 -144.11
N THR J 1098 -20.21 -48.23 -145.33
CA THR J 1098 -20.36 -46.82 -145.64
C THR J 1098 -21.59 -46.63 -146.51
N PHE J 1099 -22.19 -45.45 -146.43
CA PHE J 1099 -23.35 -45.09 -147.24
C PHE J 1099 -23.09 -43.77 -147.94
N VAL J 1100 -23.53 -43.69 -149.19
CA VAL J 1100 -23.30 -42.51 -150.03
C VAL J 1100 -24.55 -41.66 -150.06
N SER J 1101 -24.36 -40.35 -150.13
CA SER J 1101 -25.47 -39.39 -150.18
C SER J 1101 -24.95 -38.07 -150.70
N GLY J 1102 -25.70 -37.47 -151.63
CA GLY J 1102 -25.33 -36.17 -152.15
C GLY J 1102 -24.12 -36.23 -153.07
N ASN J 1103 -23.48 -35.07 -153.21
CA ASN J 1103 -22.29 -34.95 -154.06
C ASN J 1103 -21.13 -34.32 -153.29
N CYS J 1104 -20.06 -34.00 -154.00
CA CYS J 1104 -18.82 -33.56 -153.38
C CYS J 1104 -18.75 -32.06 -153.13
N ASP J 1105 -19.72 -31.28 -153.61
CA ASP J 1105 -19.64 -29.83 -153.50
C ASP J 1105 -20.43 -29.24 -152.35
N VAL J 1106 -21.54 -29.88 -151.95
CA VAL J 1106 -22.35 -29.34 -150.87
C VAL J 1106 -21.64 -29.47 -149.53
N VAL J 1107 -21.02 -30.61 -149.28
CA VAL J 1107 -20.32 -30.85 -148.02
C VAL J 1107 -18.97 -30.13 -148.04
N ILE J 1108 -18.62 -29.53 -146.92
CA ILE J 1108 -17.34 -28.85 -146.75
C ILE J 1108 -16.42 -29.73 -145.93
N GLY J 1109 -15.11 -29.48 -146.06
CA GLY J 1109 -14.13 -30.24 -145.33
C GLY J 1109 -13.87 -31.64 -145.84
N ILE J 1110 -14.34 -31.97 -147.04
CA ILE J 1110 -14.15 -33.31 -147.58
C ILE J 1110 -12.72 -33.48 -148.06
N VAL J 1111 -12.28 -34.74 -148.14
CA VAL J 1111 -10.95 -35.09 -148.60
C VAL J 1111 -11.09 -36.11 -149.73
N ASN J 1112 -10.04 -36.21 -150.54
CA ASN J 1112 -10.01 -37.11 -151.69
C ASN J 1112 -9.22 -38.36 -151.33
N ASN J 1113 -9.89 -39.51 -151.38
CA ASN J 1113 -9.25 -40.78 -151.10
C ASN J 1113 -10.03 -41.89 -151.79
N THR J 1114 -9.37 -43.02 -152.00
CA THR J 1114 -9.98 -44.16 -152.63
C THR J 1114 -10.81 -44.97 -151.63
N VAL J 1115 -11.73 -45.76 -152.16
CA VAL J 1115 -12.58 -46.66 -151.37
C VAL J 1115 -12.41 -48.06 -151.91
N TYR J 1116 -12.28 -49.04 -151.02
CA TYR J 1116 -12.06 -50.43 -151.42
C TYR J 1116 -13.41 -51.12 -151.63
N ASP J 1117 -13.67 -51.53 -152.86
CA ASP J 1117 -14.87 -52.30 -153.20
C ASP J 1117 -14.47 -53.72 -153.53
N PRO J 1118 -14.93 -54.73 -152.77
CA PRO J 1118 -14.46 -56.10 -152.99
C PRO J 1118 -14.96 -56.73 -154.28
N LEU J 1119 -15.97 -56.15 -154.93
CA LEU J 1119 -16.49 -56.73 -156.17
C LEU J 1119 -15.50 -56.58 -157.33
N GLN J 1120 -14.58 -55.61 -157.27
CA GLN J 1120 -13.59 -55.48 -158.34
C GLN J 1120 -12.52 -56.56 -158.27
N PRO J 1121 -11.97 -56.94 -157.09
CA PRO J 1121 -11.17 -58.18 -157.07
C PRO J 1121 -11.99 -59.46 -157.05
N GLU J 1122 -13.31 -59.39 -156.87
CA GLU J 1122 -14.14 -60.59 -156.90
C GLU J 1122 -14.59 -60.96 -158.31
N LEU J 1123 -14.80 -59.97 -159.18
CA LEU J 1123 -15.34 -60.24 -160.52
C LEU J 1123 -14.31 -60.93 -161.41
N ASP J 1124 -13.06 -60.43 -161.40
CA ASP J 1124 -12.04 -60.98 -162.27
C ASP J 1124 -11.55 -62.35 -161.81
N SER J 1125 -11.77 -62.71 -160.56
CA SER J 1125 -11.35 -64.01 -160.05
C SER J 1125 -12.38 -65.08 -160.39
N SER K 11 -79.21 -69.56 -57.10
CA SER K 11 -79.01 -69.79 -58.53
C SER K 11 -78.20 -68.66 -59.15
N TYR K 12 -77.58 -68.95 -60.29
CA TYR K 12 -76.75 -67.98 -60.99
C TYR K 12 -77.04 -68.05 -62.48
N THR K 13 -76.86 -66.91 -63.15
CA THR K 13 -77.06 -66.82 -64.59
C THR K 13 -76.17 -65.69 -65.12
N ASN K 14 -76.18 -65.51 -66.44
CA ASN K 14 -75.31 -64.55 -67.11
C ASN K 14 -76.16 -63.51 -67.81
N SER K 15 -75.82 -62.23 -67.60
CA SER K 15 -76.44 -61.13 -68.33
C SER K 15 -75.64 -60.90 -69.60
N PHE K 16 -76.19 -61.34 -70.74
CA PHE K 16 -75.47 -61.35 -72.00
C PHE K 16 -75.12 -59.95 -72.50
N THR K 17 -76.14 -59.15 -72.82
CA THR K 17 -75.91 -57.83 -73.40
C THR K 17 -76.88 -56.79 -72.86
N ARG K 18 -77.34 -56.96 -71.62
CA ARG K 18 -78.31 -56.08 -71.01
C ARG K 18 -77.62 -55.21 -69.96
N GLY K 19 -78.27 -54.09 -69.61
CA GLY K 19 -77.75 -53.20 -68.60
C GLY K 19 -77.05 -51.97 -69.12
N VAL K 20 -77.68 -51.27 -70.07
CA VAL K 20 -77.14 -50.04 -70.63
C VAL K 20 -78.22 -48.96 -70.53
N TYR K 21 -77.77 -47.71 -70.38
CA TYR K 21 -78.69 -46.59 -70.26
C TYR K 21 -78.06 -45.36 -70.89
N TYR K 22 -78.86 -44.31 -71.02
CA TYR K 22 -78.36 -43.04 -71.55
C TYR K 22 -77.48 -42.36 -70.51
N PRO K 23 -76.21 -42.06 -70.81
CA PRO K 23 -75.34 -41.46 -69.80
C PRO K 23 -75.66 -40.02 -69.48
N ASP K 24 -76.38 -39.32 -70.35
CA ASP K 24 -76.73 -37.93 -70.10
C ASP K 24 -78.03 -37.60 -70.82
N LYS K 25 -78.68 -36.53 -70.38
CA LYS K 25 -79.97 -36.11 -70.94
C LYS K 25 -79.72 -35.18 -72.13
N VAL K 26 -79.10 -35.76 -73.17
CA VAL K 26 -78.79 -35.06 -74.40
C VAL K 26 -79.27 -35.90 -75.57
N PHE K 27 -79.35 -35.27 -76.74
CA PHE K 27 -79.81 -35.92 -77.96
C PHE K 27 -78.69 -35.96 -78.98
N ARG K 28 -78.54 -37.10 -79.65
CA ARG K 28 -77.52 -37.29 -80.67
C ARG K 28 -78.13 -38.03 -81.84
N SER K 29 -77.55 -37.83 -83.03
CA SER K 29 -78.06 -38.40 -84.27
C SER K 29 -76.95 -39.12 -85.01
N SER K 30 -76.89 -40.45 -84.82
CA SER K 30 -76.02 -41.35 -85.58
C SER K 30 -74.54 -40.99 -85.42
N VAL K 31 -74.08 -40.90 -84.18
CA VAL K 31 -72.69 -40.60 -83.87
C VAL K 31 -72.15 -41.68 -82.95
N LEU K 32 -70.82 -41.75 -82.89
CA LEU K 32 -70.11 -42.70 -82.02
C LEU K 32 -69.57 -41.91 -80.83
N HIS K 33 -70.18 -42.10 -79.67
CA HIS K 33 -69.81 -41.39 -78.46
C HIS K 33 -69.28 -42.37 -77.41
N SER K 34 -68.22 -41.96 -76.72
CA SER K 34 -67.62 -42.76 -75.66
C SER K 34 -67.82 -42.04 -74.33
N THR K 35 -68.39 -42.75 -73.35
CA THR K 35 -68.67 -42.21 -72.04
C THR K 35 -68.10 -43.13 -70.96
N GLN K 36 -67.84 -42.56 -69.79
CA GLN K 36 -67.26 -43.29 -68.66
C GLN K 36 -68.09 -43.00 -67.41
N ASP K 37 -69.12 -43.81 -67.19
CA ASP K 37 -69.96 -43.71 -65.99
C ASP K 37 -70.13 -45.09 -65.36
N LEU K 38 -71.02 -45.19 -64.38
CA LEU K 38 -71.29 -46.47 -63.71
C LEU K 38 -72.20 -47.30 -64.59
N PHE K 39 -71.72 -48.46 -65.03
CA PHE K 39 -72.48 -49.35 -65.90
C PHE K 39 -72.33 -50.79 -65.45
N LEU K 40 -73.31 -51.61 -65.82
CA LEU K 40 -73.20 -53.04 -65.60
C LEU K 40 -72.33 -53.65 -66.69
N PRO K 41 -71.29 -54.41 -66.32
CA PRO K 41 -70.39 -54.97 -67.34
C PRO K 41 -71.07 -56.04 -68.19
N PHE K 42 -70.59 -56.18 -69.41
CA PHE K 42 -71.09 -57.21 -70.31
C PHE K 42 -70.61 -58.59 -69.84
N PHE K 43 -71.52 -59.58 -69.94
CA PHE K 43 -71.27 -60.96 -69.52
C PHE K 43 -70.81 -61.03 -68.06
N SER K 44 -71.49 -60.27 -67.20
CA SER K 44 -71.13 -60.20 -65.79
C SER K 44 -71.78 -61.36 -65.02
N ASN K 45 -71.71 -61.31 -63.70
CA ASN K 45 -72.24 -62.35 -62.83
C ASN K 45 -73.47 -61.78 -62.13
N VAL K 46 -74.65 -62.15 -62.62
CA VAL K 46 -75.92 -61.70 -62.07
C VAL K 46 -76.59 -62.85 -61.34
N THR K 47 -77.15 -62.57 -60.17
CA THR K 47 -77.74 -63.60 -59.31
C THR K 47 -79.24 -63.70 -59.57
N TRP K 48 -79.71 -64.93 -59.76
CA TRP K 48 -81.13 -65.20 -60.00
C TRP K 48 -81.72 -65.73 -58.69
N PHE K 49 -82.28 -64.83 -57.90
CA PHE K 49 -82.90 -65.20 -56.63
C PHE K 49 -84.25 -65.85 -56.86
N HIS K 50 -84.60 -66.77 -55.96
CA HIS K 50 -85.87 -67.50 -56.01
C HIS K 50 -86.52 -67.52 -54.64
N ALA K 51 -86.58 -66.35 -53.99
CA ALA K 51 -87.18 -66.24 -52.68
C ALA K 51 -88.69 -66.42 -52.76
N ILE K 52 -89.24 -67.14 -51.78
CA ILE K 52 -90.67 -67.39 -51.74
C ILE K 52 -91.16 -67.45 -50.29
N PRO K 64 -83.08 -61.23 -45.06
CA PRO K 64 -82.77 -61.12 -46.48
C PRO K 64 -82.40 -59.68 -46.89
N VAL K 65 -81.18 -59.26 -46.57
CA VAL K 65 -80.70 -57.92 -46.89
C VAL K 65 -79.51 -58.07 -47.83
N LEU K 66 -79.59 -57.40 -48.98
CA LEU K 66 -78.53 -57.51 -49.98
C LEU K 66 -77.62 -56.28 -49.94
N PRO K 67 -76.33 -56.44 -50.20
CA PRO K 67 -75.43 -55.29 -50.25
C PRO K 67 -75.69 -54.44 -51.48
N PHE K 68 -75.30 -53.17 -51.38
CA PHE K 68 -75.48 -52.22 -52.46
C PHE K 68 -74.30 -51.25 -52.48
N ASN K 69 -73.66 -51.13 -53.64
CA ASN K 69 -72.54 -50.21 -53.80
C ASN K 69 -72.38 -49.85 -55.28
N ASP K 70 -72.30 -48.55 -55.56
CA ASP K 70 -72.03 -47.98 -56.89
C ASP K 70 -73.06 -48.42 -57.94
N GLY K 71 -74.30 -48.66 -57.54
CA GLY K 71 -75.31 -49.00 -58.54
C GLY K 71 -75.75 -50.44 -58.44
N VAL K 72 -77.06 -50.65 -58.53
CA VAL K 72 -77.66 -51.97 -58.52
C VAL K 72 -78.60 -52.10 -59.72
N TYR K 73 -78.59 -53.26 -60.36
CA TYR K 73 -79.44 -53.55 -61.50
C TYR K 73 -80.53 -54.52 -61.07
N PHE K 74 -81.79 -54.11 -61.24
CA PHE K 74 -82.94 -54.90 -60.84
C PHE K 74 -83.75 -55.27 -62.07
N ALA K 75 -84.06 -56.55 -62.23
CA ALA K 75 -84.85 -57.04 -63.35
C ALA K 75 -85.78 -58.14 -62.85
N SER K 76 -87.03 -58.07 -63.24
CA SER K 76 -88.04 -59.05 -62.84
C SER K 76 -88.76 -59.59 -64.07
N THR K 77 -89.25 -60.83 -63.94
CA THR K 77 -89.94 -61.51 -65.02
C THR K 77 -91.46 -61.36 -64.95
N GLU K 78 -92.04 -61.41 -63.75
CA GLU K 78 -93.48 -61.28 -63.60
C GLU K 78 -93.90 -59.82 -63.70
N ASN K 81 -97.59 -58.04 -61.39
CA ASN K 81 -98.01 -57.02 -60.44
C ASN K 81 -97.78 -57.48 -59.00
N ILE K 82 -96.92 -58.48 -58.83
CA ILE K 82 -96.61 -59.00 -57.51
C ILE K 82 -95.36 -58.36 -56.91
N ILE K 83 -94.32 -58.12 -57.70
CA ILE K 83 -93.10 -57.50 -57.19
C ILE K 83 -93.34 -56.00 -57.01
N ARG K 84 -93.24 -55.54 -55.76
CA ARG K 84 -93.46 -54.14 -55.41
C ARG K 84 -92.10 -53.43 -55.30
N GLY K 85 -92.13 -52.23 -54.71
CA GLY K 85 -90.95 -51.38 -54.61
C GLY K 85 -89.85 -51.88 -53.69
N TRP K 86 -88.92 -50.99 -53.36
CA TRP K 86 -87.68 -51.36 -52.69
C TRP K 86 -87.43 -50.40 -51.53
N ILE K 87 -86.60 -50.87 -50.58
CA ILE K 87 -86.21 -50.10 -49.41
C ILE K 87 -84.71 -49.86 -49.46
N PHE K 88 -84.31 -48.60 -49.40
CA PHE K 88 -82.91 -48.21 -49.35
C PHE K 88 -82.63 -47.57 -48.00
N GLY K 89 -81.62 -48.07 -47.29
CA GLY K 89 -81.31 -47.55 -45.98
C GLY K 89 -79.90 -47.89 -45.57
N THR K 90 -79.48 -47.28 -44.46
CA THR K 90 -78.13 -47.49 -43.93
C THR K 90 -78.12 -48.60 -42.87
N THR K 91 -78.89 -48.43 -41.80
CA THR K 91 -78.98 -49.41 -40.75
C THR K 91 -80.40 -49.96 -40.56
N LEU K 92 -81.37 -49.44 -41.31
CA LEU K 92 -82.77 -49.90 -41.30
C LEU K 92 -83.39 -49.78 -39.91
N ASP K 93 -83.38 -48.55 -39.40
CA ASP K 93 -83.99 -48.24 -38.11
C ASP K 93 -84.39 -46.77 -38.12
N SER K 94 -84.78 -46.26 -36.95
CA SER K 94 -85.20 -44.87 -36.81
C SER K 94 -84.03 -43.91 -36.60
N LYS K 95 -82.81 -44.42 -36.43
CA LYS K 95 -81.66 -43.56 -36.22
C LYS K 95 -81.21 -42.86 -37.50
N THR K 96 -81.36 -43.52 -38.65
CA THR K 96 -80.91 -42.99 -39.93
C THR K 96 -82.08 -42.96 -40.90
N GLN K 97 -82.13 -41.91 -41.71
CA GLN K 97 -83.16 -41.77 -42.72
C GLN K 97 -83.05 -42.87 -43.77
N SER K 98 -84.20 -43.33 -44.26
CA SER K 98 -84.26 -44.43 -45.20
C SER K 98 -85.23 -44.09 -46.33
N LEU K 99 -85.01 -44.73 -47.48
CA LEU K 99 -85.84 -44.52 -48.66
C LEU K 99 -86.89 -45.64 -48.73
N LEU K 100 -88.15 -45.24 -48.86
CA LEU K 100 -89.26 -46.18 -48.92
C LEU K 100 -90.02 -45.94 -50.22
N ILE K 101 -90.09 -46.97 -51.07
CA ILE K 101 -90.81 -46.91 -52.33
C ILE K 101 -91.82 -48.05 -52.35
N VAL K 102 -93.09 -47.72 -52.54
CA VAL K 102 -94.16 -48.71 -52.66
C VAL K 102 -95.01 -48.37 -53.86
N ASN K 103 -95.59 -49.41 -54.48
CA ASN K 103 -96.46 -49.26 -55.64
C ASN K 103 -97.82 -49.88 -55.34
N ASN K 104 -98.88 -49.17 -55.71
CA ASN K 104 -100.25 -49.68 -55.60
C ASN K 104 -101.02 -49.47 -56.89
N ALA K 105 -100.31 -49.38 -58.02
CA ALA K 105 -100.83 -49.26 -59.38
C ALA K 105 -101.65 -48.00 -59.62
N THR K 106 -101.57 -47.02 -58.71
CA THR K 106 -102.28 -45.75 -58.90
C THR K 106 -101.32 -44.59 -58.69
N ASN K 107 -100.43 -44.71 -57.70
CA ASN K 107 -99.51 -43.65 -57.36
C ASN K 107 -98.24 -44.25 -56.78
N VAL K 108 -97.17 -43.46 -56.80
CA VAL K 108 -95.90 -43.83 -56.20
C VAL K 108 -95.56 -42.77 -55.17
N VAL K 109 -95.36 -43.20 -53.92
CA VAL K 109 -94.99 -42.31 -52.83
C VAL K 109 -93.60 -42.69 -52.34
N ILE K 110 -92.74 -41.68 -52.20
CA ILE K 110 -91.36 -41.86 -51.75
C ILE K 110 -91.19 -41.06 -50.48
N LYS K 111 -90.93 -41.74 -49.36
CA LYS K 111 -90.84 -41.12 -48.05
C LYS K 111 -89.43 -41.23 -47.51
N VAL K 112 -88.90 -40.13 -47.01
CA VAL K 112 -87.59 -40.10 -46.34
C VAL K 112 -87.87 -39.69 -44.90
N CYS K 113 -88.07 -40.69 -44.04
CA CYS K 113 -88.40 -40.46 -42.64
C CYS K 113 -87.77 -41.59 -41.82
N GLU K 114 -88.20 -41.70 -40.56
CA GLU K 114 -87.74 -42.76 -39.68
C GLU K 114 -88.83 -43.83 -39.59
N PHE K 115 -88.40 -45.10 -39.60
CA PHE K 115 -89.32 -46.23 -39.54
C PHE K 115 -88.71 -47.32 -38.68
N GLN K 116 -89.57 -48.22 -38.21
CA GLN K 116 -89.16 -49.38 -37.42
C GLN K 116 -89.22 -50.62 -38.31
N PHE K 117 -88.11 -50.87 -39.02
CA PHE K 117 -88.04 -52.00 -39.94
C PHE K 117 -87.85 -53.30 -39.17
N CYS K 118 -88.63 -54.31 -39.53
CA CYS K 118 -88.56 -55.61 -38.87
C CYS K 118 -87.59 -56.51 -39.63
N ASN K 119 -87.52 -57.78 -39.23
CA ASN K 119 -86.60 -58.72 -39.87
C ASN K 119 -87.07 -59.09 -41.28
N ASP K 120 -88.37 -59.29 -41.45
CA ASP K 120 -88.96 -59.70 -42.73
C ASP K 120 -90.09 -58.76 -43.12
N PRO K 121 -89.77 -57.60 -43.70
CA PRO K 121 -90.83 -56.67 -44.12
C PRO K 121 -91.64 -57.23 -45.28
N PHE K 122 -92.94 -56.95 -45.24
CA PHE K 122 -93.87 -57.43 -46.25
C PHE K 122 -95.12 -56.55 -46.23
N LEU K 123 -95.90 -56.65 -47.30
CA LEU K 123 -97.15 -55.92 -47.43
C LEU K 123 -98.30 -56.91 -47.51
N ASP K 124 -99.33 -56.68 -46.70
CA ASP K 124 -100.50 -57.55 -46.67
C ASP K 124 -101.69 -56.92 -47.37
N SER K 137 -102.33 -50.56 -49.62
CA SER K 137 -102.91 -51.66 -48.86
C SER K 137 -102.54 -51.56 -47.39
N GLU K 138 -102.74 -52.66 -46.66
CA GLU K 138 -102.40 -52.69 -45.24
C GLU K 138 -100.88 -52.73 -45.08
N PHE K 139 -100.37 -51.92 -44.15
CA PHE K 139 -98.94 -51.79 -43.90
C PHE K 139 -98.57 -52.52 -42.61
N ARG K 140 -97.61 -53.44 -42.70
CA ARG K 140 -97.09 -54.14 -41.53
C ARG K 140 -95.57 -54.04 -41.45
N VAL K 141 -94.94 -53.22 -42.28
CA VAL K 141 -93.49 -53.07 -42.24
C VAL K 141 -93.07 -52.33 -40.97
N TYR K 142 -93.75 -51.25 -40.64
CA TYR K 142 -93.41 -50.45 -39.46
C TYR K 142 -94.66 -50.10 -38.66
N PHE K 150 -90.34 -35.72 -46.34
CA PHE K 150 -90.26 -35.71 -47.80
C PHE K 150 -91.39 -36.52 -48.42
N GLU K 151 -92.04 -35.94 -49.43
CA GLU K 151 -93.12 -36.62 -50.14
C GLU K 151 -92.93 -36.39 -51.64
N TYR K 152 -93.31 -37.40 -52.42
CA TYR K 152 -93.12 -37.35 -53.87
C TYR K 152 -94.22 -38.16 -54.53
N VAL K 153 -94.77 -37.61 -55.62
CA VAL K 153 -95.90 -38.20 -56.33
C VAL K 153 -95.60 -38.21 -57.82
N SER K 154 -95.71 -39.38 -58.45
CA SER K 154 -95.54 -39.51 -59.89
C SER K 154 -96.34 -40.72 -60.38
N GLN K 155 -96.10 -41.08 -61.64
CA GLN K 155 -96.81 -42.19 -62.26
C GLN K 155 -96.34 -43.52 -61.67
N PRO K 156 -97.20 -44.56 -61.69
CA PRO K 156 -96.77 -45.88 -61.24
C PRO K 156 -95.68 -46.46 -62.14
N PHE K 157 -94.76 -47.20 -61.52
CA PHE K 157 -93.65 -47.78 -62.27
C PHE K 157 -94.09 -48.99 -63.09
N LEU K 158 -95.04 -49.76 -62.59
CA LEU K 158 -95.51 -50.96 -63.29
C LEU K 158 -96.45 -50.59 -64.43
N LYS K 169 -93.26 -63.02 -69.94
CA LYS K 169 -94.17 -62.16 -70.68
C LYS K 169 -93.56 -60.80 -70.93
N ASN K 170 -93.59 -59.94 -69.90
CA ASN K 170 -93.03 -58.60 -69.97
C ASN K 170 -91.88 -58.48 -68.99
N LEU K 171 -90.76 -57.94 -69.45
CA LEU K 171 -89.57 -57.76 -68.64
C LEU K 171 -89.44 -56.31 -68.22
N ARG K 172 -89.33 -56.08 -66.91
CA ARG K 172 -89.17 -54.75 -66.34
C ARG K 172 -87.76 -54.63 -65.78
N GLU K 173 -87.01 -53.65 -66.27
CA GLU K 173 -85.63 -53.43 -65.87
C GLU K 173 -85.52 -52.13 -65.08
N PHE K 174 -84.90 -52.20 -63.90
CA PHE K 174 -84.72 -51.04 -63.04
C PHE K 174 -83.25 -50.92 -62.67
N VAL K 175 -82.69 -49.73 -62.88
CA VAL K 175 -81.32 -49.43 -62.52
C VAL K 175 -81.33 -48.27 -61.53
N PHE K 176 -80.71 -48.47 -60.37
CA PHE K 176 -80.70 -47.49 -59.30
C PHE K 176 -79.28 -46.98 -59.09
N LYS K 177 -79.12 -45.65 -59.06
CA LYS K 177 -77.83 -45.04 -58.87
C LYS K 177 -77.91 -43.97 -57.79
N ASN K 178 -76.82 -43.82 -57.04
CA ASN K 178 -76.71 -42.80 -56.00
C ASN K 178 -75.29 -42.26 -56.05
N ILE K 179 -75.09 -41.18 -56.80
CA ILE K 179 -73.79 -40.56 -56.95
C ILE K 179 -73.97 -39.05 -56.95
N ASP K 180 -72.90 -38.34 -56.54
CA ASP K 180 -72.78 -36.89 -56.34
C ASP K 180 -74.03 -36.25 -55.73
N GLY K 181 -74.62 -36.91 -54.74
CA GLY K 181 -75.79 -36.37 -54.07
C GLY K 181 -77.10 -36.50 -54.82
N TYR K 182 -77.11 -37.23 -55.93
CA TYR K 182 -78.31 -37.42 -56.73
C TYR K 182 -78.72 -38.88 -56.70
N PHE K 183 -80.03 -39.12 -56.56
CA PHE K 183 -80.60 -40.46 -56.65
C PHE K 183 -81.40 -40.55 -57.94
N LYS K 184 -81.01 -41.46 -58.83
CA LYS K 184 -81.60 -41.60 -60.15
C LYS K 184 -82.16 -42.99 -60.33
N ILE K 185 -83.34 -43.07 -60.93
CA ILE K 185 -84.02 -44.33 -61.20
C ILE K 185 -84.27 -44.44 -62.69
N TYR K 186 -83.77 -45.51 -63.30
CA TYR K 186 -83.97 -45.78 -64.71
C TYR K 186 -84.98 -46.91 -64.86
N SER K 187 -86.02 -46.70 -65.67
CA SER K 187 -87.09 -47.66 -65.86
C SER K 187 -87.34 -47.88 -67.34
N LYS K 188 -87.62 -49.13 -67.71
CA LYS K 188 -87.92 -49.48 -69.08
C LYS K 188 -88.70 -50.79 -69.10
N HIS K 189 -89.71 -50.86 -69.95
CA HIS K 189 -90.52 -52.06 -70.13
C HIS K 189 -90.35 -52.58 -71.55
N THR K 190 -90.06 -53.87 -71.66
CA THR K 190 -89.86 -54.51 -72.95
C THR K 190 -90.57 -55.87 -72.96
N PRO K 191 -91.08 -56.29 -74.10
CA PRO K 191 -91.66 -57.63 -74.21
C PRO K 191 -90.64 -58.67 -74.65
N ILE K 192 -90.90 -59.91 -74.25
CA ILE K 192 -90.01 -61.02 -74.60
C ILE K 192 -90.70 -61.92 -75.63
N LEU K 198 -82.08 -63.72 -67.77
CA LEU K 198 -82.32 -62.55 -68.62
C LEU K 198 -82.57 -62.97 -70.07
N PRO K 199 -83.70 -62.56 -70.63
CA PRO K 199 -84.00 -62.90 -72.02
C PRO K 199 -83.05 -62.20 -72.99
N GLN K 200 -82.81 -62.87 -74.11
CA GLN K 200 -81.93 -62.34 -75.14
C GLN K 200 -82.59 -61.18 -75.87
N GLY K 201 -81.78 -60.18 -76.20
CA GLY K 201 -82.26 -58.99 -76.88
C GLY K 201 -81.50 -57.77 -76.41
N PHE K 202 -81.95 -56.61 -76.85
CA PHE K 202 -81.30 -55.35 -76.50
C PHE K 202 -82.36 -54.32 -76.20
N SER K 203 -82.10 -53.49 -75.18
CA SER K 203 -83.02 -52.43 -74.78
C SER K 203 -82.22 -51.27 -74.19
N ALA K 204 -82.83 -50.09 -74.19
CA ALA K 204 -82.22 -48.89 -73.66
C ALA K 204 -83.04 -48.37 -72.49
N LEU K 205 -82.37 -48.12 -71.37
CA LEU K 205 -83.00 -47.63 -70.16
C LEU K 205 -83.07 -46.11 -70.18
N GLU K 206 -84.21 -45.55 -69.78
CA GLU K 206 -84.41 -44.12 -69.80
C GLU K 206 -84.62 -43.58 -68.39
N PRO K 207 -84.19 -42.35 -68.11
CA PRO K 207 -84.42 -41.76 -66.79
C PRO K 207 -85.88 -41.46 -66.55
N LEU K 208 -86.33 -41.71 -65.32
CA LEU K 208 -87.72 -41.44 -64.93
C LEU K 208 -87.80 -40.43 -63.80
N VAL K 209 -87.10 -40.66 -62.69
CA VAL K 209 -87.19 -39.82 -61.50
C VAL K 209 -85.78 -39.42 -61.08
N ASP K 210 -85.57 -38.11 -60.89
CA ASP K 210 -84.31 -37.57 -60.37
C ASP K 210 -84.57 -37.11 -58.94
N LEU K 211 -84.31 -37.99 -57.98
CA LEU K 211 -84.58 -37.69 -56.58
C LEU K 211 -83.48 -36.82 -55.99
N PRO K 212 -83.80 -35.63 -55.47
CA PRO K 212 -82.79 -34.78 -54.81
C PRO K 212 -82.70 -35.04 -53.31
N ILE K 213 -82.12 -36.18 -52.94
CA ILE K 213 -81.99 -36.58 -51.54
C ILE K 213 -80.53 -36.54 -51.08
N GLY K 214 -79.67 -37.35 -51.69
CA GLY K 214 -78.24 -37.34 -51.39
C GLY K 214 -77.87 -37.76 -49.99
N ILE K 215 -78.15 -39.02 -49.63
CA ILE K 215 -77.76 -39.57 -48.34
C ILE K 215 -76.96 -40.84 -48.57
N ASN K 216 -76.25 -41.30 -47.54
CA ASN K 216 -75.39 -42.48 -47.66
C ASN K 216 -76.26 -43.73 -47.60
N ILE K 217 -76.18 -44.55 -48.66
CA ILE K 217 -76.96 -45.78 -48.78
C ILE K 217 -75.99 -46.90 -49.09
N THR K 218 -76.05 -47.98 -48.31
CA THR K 218 -75.17 -49.12 -48.51
C THR K 218 -75.87 -50.46 -48.46
N ARG K 219 -77.16 -50.52 -48.12
CA ARG K 219 -77.88 -51.78 -47.99
C ARG K 219 -79.14 -51.74 -48.83
N PHE K 220 -79.49 -52.89 -49.39
CA PHE K 220 -80.59 -53.01 -50.34
C PHE K 220 -81.53 -54.13 -49.91
N GLN K 221 -82.81 -53.91 -50.15
CA GLN K 221 -83.84 -54.91 -49.81
C GLN K 221 -84.92 -54.85 -50.89
N THR K 222 -86.01 -55.59 -50.68
CA THR K 222 -87.08 -55.67 -51.65
C THR K 222 -88.39 -56.02 -50.95
N LEU K 223 -89.49 -55.79 -51.66
CA LEU K 223 -90.82 -56.07 -51.14
C LEU K 223 -91.55 -57.05 -52.06
N LEU K 224 -92.38 -57.90 -51.46
CA LEU K 224 -93.17 -58.86 -52.20
C LEU K 224 -94.59 -58.84 -51.68
N ALA K 225 -95.55 -59.07 -52.57
CA ALA K 225 -96.95 -59.03 -52.19
C ALA K 225 -97.37 -60.36 -51.56
N LEU K 226 -98.01 -60.29 -50.40
CA LEU K 226 -98.50 -61.46 -49.69
C LEU K 226 -100.00 -61.33 -49.45
N HIS K 227 -100.70 -62.46 -49.57
CA HIS K 227 -102.15 -62.49 -49.43
C HIS K 227 -102.55 -63.64 -48.51
N ARG K 228 -103.69 -63.47 -47.86
CA ARG K 228 -104.25 -64.48 -46.96
C ARG K 228 -105.66 -64.81 -47.40
N SER K 229 -106.00 -66.09 -47.36
CA SER K 229 -107.33 -66.55 -47.76
C SER K 229 -108.37 -66.22 -46.69
N ALA K 245 -91.72 -63.70 -55.92
CA ALA K 245 -91.39 -64.24 -57.23
C ALA K 245 -89.88 -64.31 -57.43
N ALA K 246 -89.43 -64.21 -58.68
CA ALA K 246 -88.03 -64.26 -59.04
C ALA K 246 -87.59 -62.91 -59.59
N TYR K 247 -86.37 -62.50 -59.23
CA TYR K 247 -85.84 -61.22 -59.66
C TYR K 247 -84.32 -61.30 -59.75
N TYR K 248 -83.76 -60.72 -60.81
CA TYR K 248 -82.32 -60.69 -60.98
C TYR K 248 -81.74 -59.46 -60.31
N VAL K 249 -80.58 -59.63 -59.67
CA VAL K 249 -79.88 -58.54 -58.99
C VAL K 249 -78.49 -58.42 -59.59
N GLY K 250 -78.19 -57.27 -60.19
CA GLY K 250 -76.90 -57.02 -60.78
C GLY K 250 -76.15 -55.88 -60.11
N TYR K 251 -74.83 -55.84 -60.29
CA TYR K 251 -73.98 -54.83 -59.66
C TYR K 251 -73.25 -54.04 -60.73
N LEU K 252 -73.17 -52.73 -60.54
CA LEU K 252 -72.57 -51.83 -61.50
C LEU K 252 -71.16 -51.42 -61.07
N GLN K 253 -70.26 -51.37 -62.05
CA GLN K 253 -68.87 -51.00 -61.83
C GLN K 253 -68.49 -49.86 -62.77
N PRO K 254 -67.60 -48.96 -62.34
CA PRO K 254 -67.19 -47.85 -63.22
C PRO K 254 -66.29 -48.34 -64.34
N ARG K 255 -66.75 -48.18 -65.57
CA ARG K 255 -65.97 -48.55 -66.75
C ARG K 255 -66.46 -47.73 -67.94
N THR K 256 -65.67 -47.77 -69.01
CA THR K 256 -65.93 -46.98 -70.20
C THR K 256 -66.70 -47.80 -71.23
N PHE K 257 -67.77 -47.23 -71.77
CA PHE K 257 -68.53 -47.83 -72.86
C PHE K 257 -68.45 -46.94 -74.10
N LEU K 258 -68.62 -47.56 -75.26
CA LEU K 258 -68.75 -46.87 -76.53
C LEU K 258 -70.18 -47.09 -77.04
N LEU K 259 -70.90 -45.99 -77.27
CA LEU K 259 -72.30 -46.04 -77.64
C LEU K 259 -72.48 -45.57 -79.07
N LYS K 260 -73.27 -46.30 -79.85
CA LYS K 260 -73.55 -45.98 -81.24
C LYS K 260 -75.02 -45.56 -81.36
N TYR K 261 -75.25 -44.27 -81.48
CA TYR K 261 -76.59 -43.76 -81.69
C TYR K 261 -77.02 -43.98 -83.14
N ASN K 262 -78.32 -43.80 -83.40
CA ASN K 262 -78.89 -43.98 -84.72
C ASN K 262 -79.47 -42.66 -85.22
N GLU K 263 -80.15 -42.72 -86.37
CA GLU K 263 -80.80 -41.53 -86.91
C GLU K 263 -81.94 -41.05 -86.03
N ASN K 264 -82.71 -41.99 -85.47
CA ASN K 264 -83.84 -41.63 -84.62
C ASN K 264 -83.42 -41.13 -83.25
N GLY K 265 -82.20 -41.44 -82.80
CA GLY K 265 -81.71 -40.93 -81.54
C GLY K 265 -81.88 -41.88 -80.36
N THR K 266 -81.66 -43.18 -80.59
CA THR K 266 -81.74 -44.18 -79.54
C THR K 266 -80.56 -45.14 -79.65
N ILE K 267 -80.25 -45.78 -78.54
CA ILE K 267 -79.14 -46.72 -78.48
C ILE K 267 -79.60 -48.04 -79.07
N THR K 268 -78.91 -48.51 -80.11
CA THR K 268 -79.24 -49.78 -80.76
C THR K 268 -78.26 -50.90 -80.47
N ASP K 269 -77.01 -50.58 -80.12
CA ASP K 269 -76.02 -51.56 -79.71
C ASP K 269 -74.93 -50.87 -78.91
N ALA K 270 -74.23 -51.65 -78.08
CA ALA K 270 -73.16 -51.14 -77.25
C ALA K 270 -72.03 -52.16 -77.19
N VAL K 271 -70.82 -51.66 -76.97
CA VAL K 271 -69.63 -52.50 -76.86
C VAL K 271 -68.82 -52.06 -75.64
N ASP K 272 -68.29 -53.04 -74.91
CA ASP K 272 -67.43 -52.78 -73.77
C ASP K 272 -66.03 -52.41 -74.23
N CYS K 273 -65.33 -51.65 -73.39
CA CYS K 273 -63.95 -51.27 -73.66
C CYS K 273 -62.93 -52.20 -73.02
N ALA K 274 -63.28 -52.88 -71.92
CA ALA K 274 -62.44 -53.92 -71.34
C ALA K 274 -63.30 -55.16 -71.09
N LEU K 275 -63.50 -55.94 -72.15
CA LEU K 275 -64.09 -57.27 -72.08
C LEU K 275 -63.31 -58.29 -72.90
N ASP K 276 -62.80 -57.90 -74.05
CA ASP K 276 -62.11 -58.77 -74.99
C ASP K 276 -61.07 -57.88 -75.66
N PRO K 277 -59.94 -58.43 -76.14
CA PRO K 277 -59.05 -57.62 -77.00
C PRO K 277 -59.73 -57.08 -78.25
N LEU K 278 -60.67 -57.83 -78.84
CA LEU K 278 -61.44 -57.30 -79.95
C LEU K 278 -62.33 -56.13 -79.52
N SER K 279 -62.97 -56.26 -78.34
CA SER K 279 -63.79 -55.18 -77.82
C SER K 279 -62.95 -53.95 -77.48
N GLU K 280 -61.76 -54.16 -76.92
CA GLU K 280 -60.87 -53.03 -76.63
C GLU K 280 -60.38 -52.36 -77.90
N THR K 281 -60.08 -53.14 -78.94
CA THR K 281 -59.68 -52.57 -80.22
C THR K 281 -60.82 -51.76 -80.85
N LYS K 282 -62.05 -52.29 -80.77
CA LYS K 282 -63.21 -51.56 -81.28
C LYS K 282 -63.46 -50.28 -80.49
N CYS K 283 -63.19 -50.32 -79.18
CA CYS K 283 -63.37 -49.14 -78.35
C CYS K 283 -62.32 -48.07 -78.65
N THR K 284 -61.08 -48.48 -78.87
CA THR K 284 -59.99 -47.52 -79.08
C THR K 284 -59.84 -47.07 -80.53
N LEU K 285 -60.47 -47.77 -81.49
CA LEU K 285 -60.49 -47.30 -82.87
C LEU K 285 -61.72 -46.47 -83.21
N LYS K 286 -62.65 -46.32 -82.25
CA LYS K 286 -63.88 -45.53 -82.42
C LYS K 286 -64.71 -46.02 -83.60
N SER K 287 -64.76 -47.34 -83.78
CA SER K 287 -65.52 -47.93 -84.87
C SER K 287 -65.95 -49.34 -84.46
N PHE K 288 -66.99 -49.84 -85.12
CA PHE K 288 -67.51 -51.17 -84.84
C PHE K 288 -66.95 -52.24 -85.78
N THR K 289 -66.28 -51.83 -86.86
CA THR K 289 -65.62 -52.76 -87.77
C THR K 289 -64.14 -52.47 -87.79
N VAL K 290 -63.32 -53.51 -87.63
CA VAL K 290 -61.88 -53.38 -87.56
C VAL K 290 -61.27 -54.16 -88.72
N GLU K 291 -60.45 -53.48 -89.53
CA GLU K 291 -59.81 -54.12 -90.67
C GLU K 291 -58.66 -55.00 -90.20
N LYS K 292 -58.20 -55.86 -91.12
CA LYS K 292 -57.12 -56.79 -90.80
C LYS K 292 -55.79 -56.03 -90.71
N GLY K 293 -55.06 -56.28 -89.64
CA GLY K 293 -53.77 -55.64 -89.43
C GLY K 293 -53.51 -55.40 -87.95
N ILE K 294 -52.29 -54.98 -87.67
CA ILE K 294 -51.89 -54.68 -86.30
C ILE K 294 -52.55 -53.37 -85.86
N TYR K 295 -52.80 -53.26 -84.55
CA TYR K 295 -53.45 -52.08 -83.99
C TYR K 295 -52.98 -51.90 -82.56
N GLN K 296 -52.29 -50.80 -82.29
CA GLN K 296 -51.95 -50.45 -80.91
C GLN K 296 -53.20 -49.99 -80.18
N THR K 297 -53.42 -50.52 -78.98
CA THR K 297 -54.68 -50.26 -78.29
C THR K 297 -54.48 -49.64 -76.90
N SER K 298 -53.43 -50.02 -76.20
CA SER K 298 -53.21 -49.57 -74.83
C SER K 298 -51.75 -49.82 -74.45
N ASN K 299 -51.43 -49.53 -73.19
CA ASN K 299 -50.11 -49.77 -72.63
C ASN K 299 -50.22 -50.82 -71.53
N PHE K 300 -49.32 -51.80 -71.57
CA PHE K 300 -49.33 -52.89 -70.61
C PHE K 300 -48.46 -52.55 -69.40
N ARG K 301 -49.04 -52.73 -68.22
CA ARG K 301 -48.33 -52.44 -66.98
C ARG K 301 -48.89 -53.27 -65.82
N VAL K 302 -48.03 -54.00 -65.13
CA VAL K 302 -48.46 -54.77 -63.96
C VAL K 302 -48.49 -53.85 -62.75
N GLN K 303 -49.55 -53.98 -61.94
CA GLN K 303 -49.71 -53.13 -60.78
C GLN K 303 -48.74 -53.53 -59.66
N PRO K 304 -48.23 -52.56 -58.91
CA PRO K 304 -47.37 -52.89 -57.76
C PRO K 304 -48.15 -53.60 -56.66
N THR K 305 -47.43 -54.43 -55.91
CA THR K 305 -48.05 -55.25 -54.86
C THR K 305 -48.08 -54.49 -53.53
N GLU K 306 -46.93 -54.10 -53.01
CA GLU K 306 -46.83 -53.46 -51.71
C GLU K 306 -45.74 -52.38 -51.75
N SER K 307 -45.77 -51.52 -50.75
CA SER K 307 -44.82 -50.42 -50.63
C SER K 307 -43.84 -50.68 -49.50
N ILE K 308 -42.56 -50.45 -49.77
CA ILE K 308 -41.51 -50.64 -48.78
C ILE K 308 -40.73 -49.33 -48.63
N VAL K 309 -40.28 -49.06 -47.40
CA VAL K 309 -39.56 -47.84 -47.07
C VAL K 309 -38.30 -48.23 -46.32
N ARG K 310 -37.15 -47.78 -46.81
CA ARG K 310 -35.86 -48.06 -46.19
C ARG K 310 -35.20 -46.75 -45.78
N PHE K 311 -34.47 -46.80 -44.68
CA PHE K 311 -33.86 -45.62 -44.08
C PHE K 311 -32.69 -46.08 -43.20
N PRO K 312 -31.72 -45.20 -42.93
CA PRO K 312 -30.54 -45.61 -42.15
C PRO K 312 -30.89 -45.90 -40.70
N ASN K 313 -29.85 -46.31 -39.97
CA ASN K 313 -30.00 -46.74 -38.58
C ASN K 313 -30.39 -45.57 -37.68
N ILE K 314 -31.15 -45.90 -36.63
CA ILE K 314 -31.50 -44.92 -35.61
C ILE K 314 -30.32 -44.80 -34.65
N THR K 315 -29.39 -43.89 -34.95
CA THR K 315 -28.19 -43.71 -34.17
C THR K 315 -28.09 -42.26 -33.69
N ASN K 316 -27.26 -42.06 -32.67
CA ASN K 316 -27.06 -40.77 -32.02
C ASN K 316 -28.38 -40.20 -31.50
N LEU K 317 -28.94 -40.92 -30.52
CA LEU K 317 -30.21 -40.51 -29.94
C LEU K 317 -30.04 -39.24 -29.12
N CYS K 318 -31.14 -38.50 -28.99
CA CYS K 318 -31.11 -37.22 -28.29
C CYS K 318 -30.95 -37.45 -26.78
N PRO K 319 -30.36 -36.47 -26.06
CA PRO K 319 -30.17 -36.62 -24.61
C PRO K 319 -31.41 -36.32 -23.79
N PHE K 320 -32.60 -36.38 -24.40
CA PHE K 320 -33.86 -36.15 -23.70
C PHE K 320 -34.07 -37.11 -22.53
N ASP K 321 -33.45 -38.29 -22.56
CA ASP K 321 -33.48 -39.20 -21.41
C ASP K 321 -32.66 -38.68 -20.23
N GLU K 322 -31.82 -37.67 -20.42
CA GLU K 322 -31.02 -37.08 -19.36
C GLU K 322 -31.60 -35.79 -18.82
N VAL K 323 -32.19 -34.96 -19.67
CA VAL K 323 -32.80 -33.72 -19.19
C VAL K 323 -34.11 -34.02 -18.46
N PHE K 324 -34.76 -35.15 -18.78
CA PHE K 324 -35.98 -35.55 -18.11
C PHE K 324 -35.74 -36.48 -16.93
N ASN K 325 -34.48 -36.85 -16.67
CA ASN K 325 -34.18 -37.80 -15.60
C ASN K 325 -32.78 -37.51 -15.09
N ALA K 326 -32.68 -36.97 -13.88
CA ALA K 326 -31.39 -36.64 -13.28
C ALA K 326 -31.54 -36.75 -11.76
N THR K 327 -30.42 -36.56 -11.05
CA THR K 327 -30.44 -36.66 -9.60
C THR K 327 -31.16 -35.46 -8.99
N ARG K 328 -30.82 -34.25 -9.44
CA ARG K 328 -31.44 -33.03 -8.91
C ARG K 328 -31.60 -32.00 -10.01
N PHE K 329 -32.58 -31.11 -9.88
CA PHE K 329 -32.86 -30.09 -10.87
C PHE K 329 -32.52 -28.72 -10.33
N ALA K 330 -32.17 -27.81 -11.24
CA ALA K 330 -31.82 -26.45 -10.87
C ALA K 330 -33.06 -25.67 -10.43
N SER K 331 -32.82 -24.60 -9.66
CA SER K 331 -33.91 -23.79 -9.14
C SER K 331 -34.49 -22.90 -10.25
N VAL K 332 -35.60 -22.23 -9.92
CA VAL K 332 -36.31 -21.42 -10.89
C VAL K 332 -35.56 -20.13 -11.21
N TYR K 333 -34.67 -19.69 -10.32
CA TYR K 333 -33.89 -18.48 -10.58
C TYR K 333 -32.57 -18.75 -11.28
N ALA K 334 -32.09 -19.99 -11.26
CA ALA K 334 -30.81 -20.36 -11.86
C ALA K 334 -30.96 -21.64 -12.66
N TRP K 335 -31.97 -21.68 -13.52
CA TRP K 335 -32.24 -22.87 -14.33
C TRP K 335 -31.13 -23.09 -15.35
N ASN K 336 -30.78 -24.36 -15.57
CA ASN K 336 -29.70 -24.73 -16.48
C ASN K 336 -30.27 -25.07 -17.85
N ARG K 337 -30.09 -24.15 -18.79
CA ARG K 337 -30.55 -24.38 -20.16
C ARG K 337 -29.60 -25.34 -20.87
N LYS K 338 -30.16 -26.39 -21.49
CA LYS K 338 -29.39 -27.40 -22.18
C LYS K 338 -29.74 -27.37 -23.66
N ARG K 339 -28.73 -27.29 -24.51
CA ARG K 339 -28.94 -27.27 -25.95
C ARG K 339 -29.10 -28.68 -26.49
N ILE K 340 -30.14 -28.88 -27.29
CA ILE K 340 -30.43 -30.16 -27.92
C ILE K 340 -30.33 -29.96 -29.42
N SER K 341 -29.33 -30.60 -30.05
CA SER K 341 -29.11 -30.44 -31.48
C SER K 341 -28.33 -31.64 -31.99
N ASN K 342 -28.41 -31.84 -33.32
CA ASN K 342 -27.69 -32.87 -34.06
C ASN K 342 -27.98 -34.28 -33.52
N CYS K 343 -29.26 -34.56 -33.30
CA CYS K 343 -29.70 -35.88 -32.86
C CYS K 343 -31.12 -36.12 -33.33
N VAL K 344 -31.50 -37.39 -33.36
CA VAL K 344 -32.87 -37.77 -33.71
C VAL K 344 -33.74 -37.68 -32.46
N ALA K 345 -34.84 -36.91 -32.57
CA ALA K 345 -35.68 -36.60 -31.42
C ALA K 345 -36.94 -37.47 -31.46
N ASP K 346 -36.79 -38.69 -30.97
CA ASP K 346 -37.94 -39.59 -30.87
C ASP K 346 -38.90 -39.13 -29.78
N TYR K 347 -40.19 -39.26 -30.04
CA TYR K 347 -41.21 -38.83 -29.10
C TYR K 347 -42.02 -40.00 -28.53
N SER K 348 -41.63 -41.23 -28.82
CA SER K 348 -42.29 -42.40 -28.25
C SER K 348 -41.80 -42.71 -26.84
N VAL K 349 -40.74 -42.05 -26.38
CA VAL K 349 -40.22 -42.24 -25.03
C VAL K 349 -40.53 -41.00 -24.20
N LEU K 350 -41.60 -40.29 -24.57
CA LEU K 350 -42.00 -39.06 -23.91
C LEU K 350 -43.12 -39.26 -22.89
N TYR K 351 -44.05 -40.18 -23.16
CA TYR K 351 -45.25 -40.34 -22.35
C TYR K 351 -45.15 -41.48 -21.34
N ASN K 352 -43.95 -42.01 -21.11
CA ASN K 352 -43.72 -43.04 -20.10
C ASN K 352 -42.90 -42.49 -18.95
N PHE K 353 -43.16 -41.25 -18.58
CA PHE K 353 -42.43 -40.53 -17.53
C PHE K 353 -43.40 -39.98 -16.50
N ALA K 354 -44.29 -40.87 -16.00
CA ALA K 354 -45.33 -40.66 -14.99
C ALA K 354 -46.48 -39.81 -15.55
N PRO K 355 -47.70 -39.94 -15.02
CA PRO K 355 -48.80 -39.08 -15.48
C PRO K 355 -48.51 -37.61 -15.23
N PHE K 356 -48.92 -36.78 -16.18
CA PHE K 356 -48.57 -35.37 -16.17
C PHE K 356 -49.60 -34.57 -15.36
N PHE K 357 -49.37 -33.26 -15.29
CA PHE K 357 -50.25 -32.37 -14.53
C PHE K 357 -50.76 -31.24 -15.42
N ALA K 358 -49.91 -30.77 -16.34
CA ALA K 358 -50.28 -29.70 -17.24
C ALA K 358 -49.54 -29.87 -18.56
N PHE K 359 -50.30 -30.05 -19.64
CA PHE K 359 -49.72 -30.24 -20.97
C PHE K 359 -50.50 -29.47 -22.02
N LYS K 360 -51.09 -28.33 -21.64
CA LYS K 360 -51.71 -27.45 -22.61
C LYS K 360 -50.64 -26.80 -23.47
N CYS K 361 -50.88 -26.68 -24.77
CA CYS K 361 -49.88 -26.20 -25.70
C CYS K 361 -50.44 -25.08 -26.58
N TYR K 362 -49.53 -24.27 -27.10
CA TYR K 362 -49.89 -23.02 -27.76
C TYR K 362 -49.29 -22.96 -29.16
N GLY K 363 -49.47 -24.01 -29.95
CA GLY K 363 -48.87 -24.07 -31.27
C GLY K 363 -49.04 -25.41 -31.96
N VAL K 364 -47.93 -25.96 -32.45
CA VAL K 364 -47.97 -27.21 -33.20
C VAL K 364 -48.35 -28.37 -32.29
N SER K 365 -48.97 -29.39 -32.87
CA SER K 365 -49.41 -30.55 -32.11
C SER K 365 -48.21 -31.39 -31.69
N PRO K 366 -48.25 -32.02 -30.51
CA PRO K 366 -47.13 -32.89 -30.11
C PRO K 366 -46.99 -34.15 -30.97
N THR K 367 -48.03 -34.56 -31.68
CA THR K 367 -47.95 -35.75 -32.53
C THR K 367 -47.50 -35.44 -33.95
N LYS K 368 -47.58 -34.20 -34.38
CA LYS K 368 -47.11 -33.80 -35.71
C LYS K 368 -45.66 -33.35 -35.69
N LEU K 369 -44.97 -33.45 -34.55
CA LEU K 369 -43.57 -33.06 -34.46
C LEU K 369 -42.67 -33.98 -35.28
N ASN K 370 -43.10 -35.22 -35.52
CA ASN K 370 -42.34 -36.11 -36.37
C ASN K 370 -42.47 -35.78 -37.85
N ASP K 371 -43.59 -35.14 -38.25
CA ASP K 371 -43.82 -34.81 -39.65
C ASP K 371 -43.14 -33.52 -40.08
N LEU K 372 -42.67 -32.70 -39.14
CA LEU K 372 -41.95 -31.48 -39.45
C LEU K 372 -40.60 -31.54 -38.77
N CYS K 373 -39.53 -31.45 -39.56
CA CYS K 373 -38.18 -31.62 -39.05
C CYS K 373 -37.61 -30.25 -38.69
N PHE K 374 -37.12 -30.12 -37.47
CA PHE K 374 -36.63 -28.86 -36.93
C PHE K 374 -35.11 -28.80 -37.04
N THR K 375 -34.54 -27.66 -36.63
CA THR K 375 -33.10 -27.47 -36.63
C THR K 375 -32.52 -27.09 -35.28
N ASN K 376 -33.31 -26.47 -34.39
CA ASN K 376 -32.83 -26.06 -33.08
C ASN K 376 -33.98 -26.12 -32.09
N VAL K 377 -33.79 -26.87 -31.00
CA VAL K 377 -34.79 -26.98 -29.93
C VAL K 377 -34.08 -26.70 -28.60
N TYR K 378 -34.74 -25.92 -27.75
CA TYR K 378 -34.18 -25.54 -26.45
C TYR K 378 -34.78 -26.40 -25.35
N ALA K 379 -33.96 -26.67 -24.33
CA ALA K 379 -34.38 -27.48 -23.19
C ALA K 379 -33.87 -26.84 -21.91
N ASP K 380 -34.81 -26.49 -21.02
CA ASP K 380 -34.47 -25.97 -19.70
C ASP K 380 -35.54 -26.43 -18.72
N SER K 381 -35.14 -26.58 -17.46
CA SER K 381 -36.02 -27.17 -16.46
C SER K 381 -35.81 -26.50 -15.11
N PHE K 382 -36.86 -26.54 -14.29
CA PHE K 382 -36.82 -26.03 -12.92
C PHE K 382 -37.93 -26.71 -12.13
N VAL K 383 -38.02 -26.38 -10.84
CA VAL K 383 -39.05 -26.90 -9.96
C VAL K 383 -39.76 -25.73 -9.29
N ILE K 384 -41.09 -25.81 -9.25
CA ILE K 384 -41.93 -24.78 -8.65
C ILE K 384 -43.02 -25.45 -7.82
N ARG K 385 -43.66 -24.65 -6.97
CA ARG K 385 -44.81 -25.11 -6.21
C ARG K 385 -45.99 -25.35 -7.16
N GLY K 386 -46.88 -26.27 -6.75
CA GLY K 386 -48.04 -26.60 -7.55
C GLY K 386 -49.02 -25.46 -7.76
N ASN K 387 -48.98 -24.44 -6.92
CA ASN K 387 -49.78 -23.24 -7.12
C ASN K 387 -49.15 -22.27 -8.12
N GLU K 388 -47.92 -22.54 -8.59
CA GLU K 388 -47.24 -21.68 -9.54
C GLU K 388 -47.20 -22.25 -10.95
N VAL K 389 -47.77 -23.43 -11.17
CA VAL K 389 -47.78 -24.03 -12.50
C VAL K 389 -48.74 -23.28 -13.43
N SER K 390 -49.80 -22.67 -12.86
CA SER K 390 -50.84 -22.06 -13.67
C SER K 390 -50.35 -20.84 -14.44
N GLN K 391 -49.49 -20.02 -13.83
CA GLN K 391 -49.07 -18.78 -14.46
C GLN K 391 -47.85 -18.95 -15.37
N ILE K 392 -47.35 -20.17 -15.53
CA ILE K 392 -46.29 -20.42 -16.51
C ILE K 392 -46.94 -20.56 -17.88
N ALA K 393 -47.12 -19.43 -18.56
CA ALA K 393 -47.83 -19.40 -19.83
C ALA K 393 -47.44 -18.13 -20.56
N PRO K 394 -47.58 -18.11 -21.89
CA PRO K 394 -47.35 -16.86 -22.64
C PRO K 394 -48.38 -15.79 -22.27
N GLY K 395 -47.90 -14.69 -21.71
CA GLY K 395 -48.77 -13.60 -21.31
C GLY K 395 -49.64 -13.91 -20.12
N GLN K 396 -49.01 -14.12 -18.96
CA GLN K 396 -49.74 -14.41 -17.73
C GLN K 396 -49.00 -13.78 -16.56
N THR K 397 -49.77 -13.28 -15.60
CA THR K 397 -49.24 -12.64 -14.41
C THR K 397 -49.36 -13.58 -13.21
N GLY K 398 -48.69 -13.20 -12.13
CA GLY K 398 -48.67 -14.00 -10.93
C GLY K 398 -47.46 -13.64 -10.09
N ASN K 399 -47.20 -14.50 -9.10
CA ASN K 399 -46.05 -14.29 -8.23
C ASN K 399 -44.75 -14.58 -8.97
N ILE K 400 -44.55 -15.83 -9.37
CA ILE K 400 -43.41 -16.18 -10.24
C ILE K 400 -43.95 -16.11 -11.67
N ALA K 401 -44.01 -14.89 -12.20
CA ALA K 401 -44.38 -14.69 -13.59
C ALA K 401 -43.43 -13.71 -14.27
N ASP K 402 -42.99 -12.69 -13.53
CA ASP K 402 -42.18 -11.61 -14.07
C ASP K 402 -40.89 -11.40 -13.29
N TYR K 403 -40.57 -12.26 -12.34
CA TYR K 403 -39.41 -12.07 -11.48
C TYR K 403 -38.39 -13.19 -11.56
N ASN K 404 -38.76 -14.35 -12.09
CA ASN K 404 -37.84 -15.47 -12.26
C ASN K 404 -37.81 -16.02 -13.67
N TYR K 405 -38.96 -16.07 -14.35
CA TYR K 405 -39.05 -16.69 -15.67
C TYR K 405 -40.28 -16.16 -16.37
N LYS K 406 -40.08 -15.49 -17.51
CA LYS K 406 -41.17 -14.92 -18.29
C LYS K 406 -41.20 -15.56 -19.68
N LEU K 407 -42.38 -15.54 -20.29
CA LEU K 407 -42.60 -16.13 -21.60
C LEU K 407 -43.17 -15.08 -22.54
N PRO K 408 -42.64 -14.95 -23.74
CA PRO K 408 -43.16 -13.96 -24.70
C PRO K 408 -44.39 -14.49 -25.42
N ASP K 409 -44.87 -13.70 -26.38
CA ASP K 409 -46.05 -14.09 -27.14
C ASP K 409 -45.76 -15.28 -28.05
N ASP K 410 -44.64 -15.24 -28.76
CA ASP K 410 -44.21 -16.37 -29.57
C ASP K 410 -43.55 -17.42 -28.69
N PHE K 411 -44.09 -18.63 -28.70
CA PHE K 411 -43.67 -19.67 -27.76
C PHE K 411 -43.03 -20.87 -28.44
N THR K 412 -43.72 -21.47 -29.42
CA THR K 412 -43.27 -22.64 -30.18
C THR K 412 -42.88 -23.81 -29.25
N GLY K 413 -43.86 -24.30 -28.53
CA GLY K 413 -43.65 -25.38 -27.60
C GLY K 413 -44.67 -25.33 -26.48
N CYS K 414 -44.41 -26.14 -25.45
CA CYS K 414 -45.23 -26.15 -24.24
C CYS K 414 -44.49 -26.88 -23.13
N VAL K 415 -45.04 -26.75 -21.92
CA VAL K 415 -44.40 -27.30 -20.73
C VAL K 415 -44.80 -28.76 -20.54
N ILE K 416 -43.99 -29.49 -19.77
CA ILE K 416 -44.26 -30.86 -19.38
C ILE K 416 -44.16 -30.90 -17.86
N ALA K 417 -45.30 -30.81 -17.19
CA ALA K 417 -45.36 -30.79 -15.73
C ALA K 417 -45.99 -32.07 -15.21
N TRP K 418 -45.33 -32.71 -14.26
CA TRP K 418 -45.83 -33.93 -13.63
C TRP K 418 -45.63 -33.83 -12.13
N ASN K 419 -46.02 -34.90 -11.42
CA ASN K 419 -45.94 -34.93 -9.97
C ASN K 419 -44.65 -35.60 -9.53
N SER K 420 -43.92 -34.94 -8.64
CA SER K 420 -42.65 -35.43 -8.11
C SER K 420 -42.63 -35.15 -6.60
N ASN K 421 -43.07 -36.13 -5.81
CA ASN K 421 -43.15 -35.99 -4.37
C ASN K 421 -42.35 -37.05 -3.62
N LYS K 422 -41.61 -37.91 -4.33
CA LYS K 422 -40.78 -38.91 -3.68
C LYS K 422 -39.30 -38.79 -4.04
N LEU K 423 -38.89 -37.70 -4.67
CA LEU K 423 -37.48 -37.35 -4.82
C LEU K 423 -37.10 -36.04 -4.14
N ASP K 424 -37.97 -35.03 -4.17
CA ASP K 424 -37.66 -33.70 -3.66
C ASP K 424 -38.40 -33.37 -2.36
N SER K 425 -39.09 -34.33 -1.77
CA SER K 425 -39.84 -34.10 -0.54
C SER K 425 -39.25 -34.92 0.59
N LYS K 426 -38.96 -34.26 1.71
CA LYS K 426 -38.41 -34.88 2.89
C LYS K 426 -39.32 -34.62 4.08
N VAL K 427 -39.16 -35.42 5.13
CA VAL K 427 -39.95 -35.24 6.35
C VAL K 427 -39.57 -33.96 7.08
N GLY K 428 -38.38 -33.42 6.80
CA GLY K 428 -37.97 -32.15 7.36
C GLY K 428 -38.18 -31.02 6.38
N GLY K 429 -37.11 -30.58 5.73
CA GLY K 429 -37.21 -29.53 4.74
C GLY K 429 -36.32 -29.81 3.53
N ASN K 430 -36.65 -29.13 2.44
CA ASN K 430 -35.84 -29.16 1.21
C ASN K 430 -35.63 -27.71 0.81
N TYR K 431 -34.58 -27.10 1.36
CA TYR K 431 -34.35 -25.67 1.24
C TYR K 431 -33.44 -25.32 0.06
N ASN K 432 -33.06 -26.30 -0.76
CA ASN K 432 -32.15 -26.04 -1.86
C ASN K 432 -32.82 -25.22 -2.96
N TYR K 433 -34.06 -25.53 -3.27
CA TYR K 433 -34.80 -24.79 -4.28
C TYR K 433 -35.34 -23.50 -3.71
N ARG K 434 -35.24 -22.43 -4.49
CA ARG K 434 -35.64 -21.11 -4.02
C ARG K 434 -36.14 -20.29 -5.21
N TYR K 435 -36.90 -19.24 -4.90
CA TYR K 435 -37.44 -18.33 -5.90
C TYR K 435 -37.11 -16.90 -5.51
N ARG K 436 -36.84 -16.07 -6.53
CA ARG K 436 -36.42 -14.69 -6.33
C ARG K 436 -37.57 -13.76 -6.71
N LEU K 437 -38.08 -13.01 -5.73
CA LEU K 437 -39.22 -12.14 -5.94
C LEU K 437 -38.97 -10.68 -5.58
N PHE K 438 -37.89 -10.36 -4.88
CA PHE K 438 -37.54 -8.96 -4.60
C PHE K 438 -36.62 -8.46 -5.71
N ARG K 439 -37.23 -8.14 -6.85
CA ARG K 439 -36.51 -7.64 -8.01
C ARG K 439 -36.84 -6.17 -8.26
N LYS K 440 -36.03 -5.55 -9.12
CA LYS K 440 -36.16 -4.11 -9.36
C LYS K 440 -37.35 -3.80 -10.25
N SER K 441 -37.36 -4.36 -11.46
CA SER K 441 -38.35 -3.98 -12.46
C SER K 441 -38.68 -5.20 -13.31
N ASN K 442 -39.28 -4.96 -14.48
CA ASN K 442 -39.74 -6.03 -15.36
C ASN K 442 -38.55 -6.83 -15.91
N LEU K 443 -38.78 -8.12 -16.12
CA LEU K 443 -37.76 -9.04 -16.59
C LEU K 443 -38.03 -9.40 -18.05
N LYS K 444 -37.01 -9.27 -18.89
CA LYS K 444 -37.15 -9.61 -20.30
C LYS K 444 -37.28 -11.13 -20.46
N PRO K 445 -38.24 -11.62 -21.24
CA PRO K 445 -38.45 -13.06 -21.34
C PRO K 445 -37.28 -13.79 -21.99
N PHE K 446 -37.13 -15.06 -21.61
CA PHE K 446 -36.03 -15.93 -22.03
C PHE K 446 -34.68 -15.31 -21.67
N GLU K 447 -34.53 -15.02 -20.37
CA GLU K 447 -33.29 -14.43 -19.85
C GLU K 447 -33.16 -14.82 -18.39
N ARG K 448 -32.12 -15.57 -18.06
CA ARG K 448 -31.85 -15.93 -16.68
C ARG K 448 -31.13 -14.79 -15.97
N ASP K 449 -31.22 -14.81 -14.64
CA ASP K 449 -30.59 -13.78 -13.82
C ASP K 449 -30.20 -14.37 -12.47
N ILE K 450 -28.98 -14.09 -12.04
CA ILE K 450 -28.48 -14.52 -10.72
C ILE K 450 -27.88 -13.29 -10.03
N SER K 451 -28.28 -13.09 -8.77
CA SER K 451 -27.80 -11.95 -8.00
C SER K 451 -27.87 -12.28 -6.52
N THR K 452 -27.09 -11.55 -5.73
CA THR K 452 -27.06 -11.73 -4.29
C THR K 452 -27.16 -10.43 -3.51
N GLU K 453 -27.22 -9.29 -4.18
CA GLU K 453 -27.33 -8.01 -3.49
C GLU K 453 -28.72 -7.83 -2.90
N ILE K 454 -28.78 -7.19 -1.74
CA ILE K 454 -30.03 -7.04 -0.99
C ILE K 454 -30.88 -5.96 -1.67
N TYR K 455 -32.11 -6.33 -2.00
CA TYR K 455 -33.05 -5.40 -2.62
C TYR K 455 -33.50 -4.33 -1.64
N GLN K 456 -33.70 -3.12 -2.16
CA GLN K 456 -34.17 -1.99 -1.37
C GLN K 456 -35.57 -1.62 -1.83
N ALA K 457 -36.52 -1.62 -0.91
CA ALA K 457 -37.90 -1.24 -1.21
C ALA K 457 -38.22 0.19 -0.81
N GLY K 458 -37.26 0.93 -0.27
CA GLY K 458 -37.49 2.31 0.13
C GLY K 458 -36.34 3.22 -0.23
N ASN K 459 -36.20 4.33 0.51
CA ASN K 459 -35.14 5.29 0.28
C ASN K 459 -33.92 5.06 1.18
N LYS K 460 -33.95 4.02 2.01
CA LYS K 460 -32.83 3.71 2.87
C LYS K 460 -31.71 3.06 2.08
N PRO K 461 -30.50 3.63 2.05
CA PRO K 461 -29.40 2.99 1.30
C PRO K 461 -28.88 1.75 2.02
N CYS K 462 -29.20 0.57 1.50
CA CYS K 462 -28.74 -0.69 2.06
C CYS K 462 -27.64 -1.25 1.18
N ASN K 463 -26.42 -1.32 1.72
CA ASN K 463 -25.26 -1.83 1.00
C ASN K 463 -24.77 -3.13 1.64
N GLY K 464 -25.71 -3.92 2.13
CA GLY K 464 -25.38 -5.18 2.76
C GLY K 464 -26.19 -5.46 4.02
N VAL K 465 -26.91 -4.45 4.51
CA VAL K 465 -27.73 -4.59 5.70
C VAL K 465 -29.15 -4.96 5.28
N ALA K 466 -29.90 -5.49 6.24
CA ALA K 466 -31.29 -5.91 6.02
C ALA K 466 -32.15 -5.21 7.07
N GLY K 467 -32.67 -4.03 6.72
CA GLY K 467 -33.49 -3.24 7.63
C GLY K 467 -34.95 -3.59 7.55
N VAL K 468 -35.79 -2.62 7.94
CA VAL K 468 -37.23 -2.84 7.93
C VAL K 468 -37.78 -2.80 6.52
N ASN K 469 -37.05 -2.20 5.59
CA ASN K 469 -37.49 -2.10 4.20
C ASN K 469 -36.61 -2.88 3.23
N CYS K 470 -35.41 -3.28 3.66
CA CYS K 470 -34.50 -4.06 2.81
C CYS K 470 -34.58 -5.52 3.24
N TYR K 471 -34.85 -6.41 2.28
CA TYR K 471 -35.04 -7.82 2.54
C TYR K 471 -34.17 -8.64 1.59
N PHE K 472 -33.87 -9.87 2.01
CA PHE K 472 -33.12 -10.79 1.16
C PHE K 472 -33.97 -11.17 -0.05
N PRO K 473 -33.43 -11.07 -1.27
CA PRO K 473 -34.25 -11.31 -2.46
C PRO K 473 -34.38 -12.77 -2.85
N LEU K 474 -33.77 -13.69 -2.11
CA LEU K 474 -33.82 -15.12 -2.42
C LEU K 474 -34.55 -15.83 -1.29
N GLN K 475 -35.79 -16.23 -1.54
CA GLN K 475 -36.60 -16.92 -0.55
C GLN K 475 -36.74 -18.39 -0.93
N SER K 476 -36.49 -19.27 0.04
CA SER K 476 -36.52 -20.71 -0.20
C SER K 476 -37.92 -21.27 0.00
N TYR K 477 -38.15 -22.46 -0.55
CA TYR K 477 -39.41 -23.17 -0.42
C TYR K 477 -39.41 -23.99 0.88
N GLY K 478 -40.45 -24.79 1.06
CA GLY K 478 -40.50 -25.79 2.10
C GLY K 478 -41.34 -26.96 1.66
N PHE K 479 -40.78 -28.17 1.68
CA PHE K 479 -41.40 -29.34 1.08
C PHE K 479 -41.52 -30.44 2.13
N ARG K 480 -42.73 -30.65 2.62
CA ARG K 480 -43.07 -31.68 3.60
C ARG K 480 -44.24 -32.51 3.13
N PRO K 481 -44.34 -33.78 3.55
CA PRO K 481 -45.55 -34.55 3.26
C PRO K 481 -46.81 -34.02 3.92
N THR K 482 -46.67 -33.19 4.97
CA THR K 482 -47.83 -32.57 5.59
C THR K 482 -48.52 -31.59 4.64
N TYR K 483 -47.75 -30.98 3.73
CA TYR K 483 -48.33 -30.07 2.75
C TYR K 483 -49.23 -30.81 1.78
N GLY K 484 -50.25 -30.11 1.28
CA GLY K 484 -51.24 -30.71 0.41
C GLY K 484 -50.76 -30.85 -1.02
N VAL K 485 -51.71 -31.19 -1.90
CA VAL K 485 -51.39 -31.41 -3.31
C VAL K 485 -51.04 -30.08 -3.98
N GLY K 486 -51.61 -28.97 -3.50
CA GLY K 486 -51.35 -27.68 -4.09
C GLY K 486 -50.11 -27.01 -3.55
N HIS K 487 -49.37 -27.71 -2.70
CA HIS K 487 -48.14 -27.19 -2.10
C HIS K 487 -47.03 -28.22 -2.20
N GLN K 488 -46.86 -28.82 -3.37
CA GLN K 488 -45.86 -29.84 -3.62
C GLN K 488 -45.03 -29.46 -4.83
N PRO K 489 -43.75 -29.84 -4.86
CA PRO K 489 -42.90 -29.47 -6.00
C PRO K 489 -43.23 -30.29 -7.24
N TYR K 490 -43.36 -29.60 -8.37
CA TYR K 490 -43.58 -30.22 -9.67
C TYR K 490 -42.41 -29.88 -10.56
N ARG K 491 -41.81 -30.90 -11.18
CA ARG K 491 -40.65 -30.72 -12.06
C ARG K 491 -41.14 -30.22 -13.41
N VAL K 492 -41.28 -28.90 -13.51
CA VAL K 492 -41.78 -28.26 -14.72
C VAL K 492 -40.61 -28.09 -15.70
N VAL K 493 -40.73 -28.72 -16.87
CA VAL K 493 -39.75 -28.61 -17.93
C VAL K 493 -40.44 -28.10 -19.18
N VAL K 494 -39.80 -27.15 -19.86
CA VAL K 494 -40.37 -26.49 -21.04
C VAL K 494 -39.40 -26.65 -22.20
N LEU K 495 -39.95 -26.95 -23.38
CA LEU K 495 -39.19 -27.08 -24.61
C LEU K 495 -39.55 -25.95 -25.57
N SER K 496 -38.54 -25.27 -26.08
CA SER K 496 -38.72 -24.16 -27.00
C SER K 496 -38.05 -24.48 -28.33
N PHE K 497 -38.73 -24.17 -29.42
CA PHE K 497 -38.25 -24.47 -30.76
C PHE K 497 -37.85 -23.18 -31.47
N GLU K 498 -36.76 -23.26 -32.24
CA GLU K 498 -36.23 -22.13 -32.98
C GLU K 498 -36.32 -22.38 -34.47
N LEU K 499 -36.64 -21.33 -35.22
CA LEU K 499 -36.84 -21.42 -36.66
C LEU K 499 -35.93 -20.43 -37.37
N LEU K 500 -35.59 -20.78 -38.62
CA LEU K 500 -34.86 -19.91 -39.55
C LEU K 500 -33.48 -19.52 -39.01
N HIS K 501 -32.69 -20.54 -38.68
CA HIS K 501 -31.30 -20.34 -38.28
C HIS K 501 -30.39 -21.23 -39.09
N ALA K 502 -30.88 -22.41 -39.49
CA ALA K 502 -30.12 -23.42 -40.18
C ALA K 502 -31.08 -24.40 -40.84
N PRO K 503 -30.63 -25.20 -41.83
CA PRO K 503 -31.49 -26.27 -42.34
C PRO K 503 -31.75 -27.33 -41.28
N ALA K 504 -32.83 -28.08 -41.50
CA ALA K 504 -33.35 -28.99 -40.48
C ALA K 504 -32.38 -30.11 -40.16
N THR K 505 -32.17 -30.36 -38.87
CA THR K 505 -31.26 -31.42 -38.44
C THR K 505 -31.81 -32.26 -37.29
N VAL K 506 -32.90 -31.85 -36.63
CA VAL K 506 -33.43 -32.61 -35.51
C VAL K 506 -34.90 -32.95 -35.72
N CYS K 507 -35.19 -34.26 -35.74
CA CYS K 507 -36.51 -34.87 -35.84
C CYS K 507 -36.34 -36.39 -35.71
N GLY K 508 -37.46 -37.05 -35.40
CA GLY K 508 -37.44 -38.40 -34.89
C GLY K 508 -37.21 -39.50 -35.90
N PRO K 509 -37.78 -40.68 -35.63
CA PRO K 509 -37.48 -41.86 -36.45
C PRO K 509 -38.10 -41.77 -37.83
N LYS K 510 -37.56 -42.59 -38.73
CA LYS K 510 -37.96 -42.59 -40.14
C LYS K 510 -38.74 -43.84 -40.54
N LYS K 511 -39.01 -44.76 -39.60
CA LYS K 511 -39.85 -45.94 -39.79
C LYS K 511 -39.30 -46.85 -40.91
N SER K 512 -38.12 -47.41 -40.64
CA SER K 512 -37.51 -48.36 -41.55
C SER K 512 -38.30 -49.66 -41.59
N THR K 513 -38.34 -50.28 -42.77
CA THR K 513 -39.08 -51.53 -42.97
C THR K 513 -38.18 -52.61 -43.55
N ASN K 514 -38.77 -53.73 -43.95
CA ASN K 514 -38.02 -54.87 -44.48
C ASN K 514 -37.70 -54.65 -45.96
N LEU K 515 -37.08 -55.65 -46.57
CA LEU K 515 -36.66 -55.60 -47.97
C LEU K 515 -37.38 -56.68 -48.76
N VAL K 516 -37.80 -56.33 -49.98
CA VAL K 516 -38.49 -57.25 -50.88
C VAL K 516 -37.69 -57.35 -52.16
N LYS K 517 -37.40 -58.57 -52.59
CA LYS K 517 -36.60 -58.84 -53.77
C LYS K 517 -37.44 -59.54 -54.83
N ASN K 518 -37.06 -59.29 -56.09
CA ASN K 518 -37.68 -59.91 -57.28
C ASN K 518 -39.18 -59.61 -57.35
N LYS K 519 -39.51 -58.33 -57.19
CA LYS K 519 -40.89 -57.88 -57.28
C LYS K 519 -40.91 -56.39 -57.62
N CYS K 520 -41.78 -56.02 -58.55
CA CYS K 520 -41.88 -54.62 -58.96
C CYS K 520 -42.62 -53.82 -57.89
N VAL K 521 -41.86 -53.16 -57.02
CA VAL K 521 -42.42 -52.35 -55.93
C VAL K 521 -41.77 -50.97 -55.97
N ASN K 522 -42.42 -50.02 -55.31
CA ASN K 522 -41.90 -48.67 -55.16
C ASN K 522 -41.11 -48.55 -53.86
N PHE K 523 -40.04 -47.77 -53.89
CA PHE K 523 -39.15 -47.67 -52.74
C PHE K 523 -38.87 -46.21 -52.38
N ASN K 524 -38.02 -46.01 -51.37
CA ASN K 524 -37.61 -44.68 -50.94
C ASN K 524 -36.25 -44.76 -50.25
N PHE K 525 -35.22 -44.22 -50.89
CA PHE K 525 -33.85 -44.31 -50.39
C PHE K 525 -33.33 -42.89 -50.14
N ASN K 526 -33.50 -42.43 -48.90
CA ASN K 526 -33.05 -41.11 -48.43
C ASN K 526 -33.64 -39.98 -49.28
N GLY K 527 -34.91 -40.10 -49.62
CA GLY K 527 -35.59 -39.10 -50.43
C GLY K 527 -35.53 -39.34 -51.92
N LEU K 528 -34.76 -40.33 -52.38
CA LEU K 528 -34.66 -40.65 -53.80
C LEU K 528 -35.79 -41.63 -54.13
N THR K 529 -36.91 -41.09 -54.57
CA THR K 529 -38.07 -41.91 -54.90
C THR K 529 -37.88 -42.57 -56.27
N GLY K 530 -38.69 -43.60 -56.52
CA GLY K 530 -38.65 -44.31 -57.77
C GLY K 530 -39.23 -45.69 -57.65
N THR K 531 -39.59 -46.26 -58.79
CA THR K 531 -40.15 -47.60 -58.87
C THR K 531 -39.22 -48.48 -59.70
N GLY K 532 -38.92 -49.67 -59.18
CA GLY K 532 -38.02 -50.56 -59.88
C GLY K 532 -37.88 -51.87 -59.13
N VAL K 533 -36.99 -52.71 -59.63
CA VAL K 533 -36.72 -54.03 -59.07
C VAL K 533 -35.34 -53.99 -58.42
N LEU K 534 -35.27 -54.39 -57.16
CA LEU K 534 -34.02 -54.38 -56.41
C LEU K 534 -33.20 -55.61 -56.77
N THR K 535 -31.97 -55.39 -57.24
CA THR K 535 -31.06 -56.46 -57.63
C THR K 535 -29.68 -56.15 -57.10
N GLU K 536 -28.96 -57.19 -56.66
CA GLU K 536 -27.59 -57.01 -56.18
C GLU K 536 -26.69 -56.59 -57.33
N SER K 537 -25.73 -55.72 -57.02
CA SER K 537 -24.88 -55.10 -58.02
C SER K 537 -23.51 -55.78 -58.06
N ASN K 538 -22.74 -55.44 -59.10
CA ASN K 538 -21.37 -55.89 -59.25
C ASN K 538 -20.37 -54.73 -59.32
N LYS K 539 -20.84 -53.49 -59.24
CA LYS K 539 -19.96 -52.34 -59.30
C LYS K 539 -19.23 -52.14 -57.97
N LYS K 540 -18.22 -51.29 -57.98
CA LYS K 540 -17.40 -51.00 -56.81
C LYS K 540 -17.56 -49.51 -56.49
N PHE K 541 -18.47 -49.20 -55.56
CA PHE K 541 -18.70 -47.82 -55.17
C PHE K 541 -17.57 -47.33 -54.27
N LEU K 542 -17.17 -46.07 -54.48
CA LEU K 542 -16.24 -45.43 -53.56
C LEU K 542 -16.94 -45.16 -52.23
N PRO K 543 -16.21 -45.26 -51.11
CA PRO K 543 -16.88 -45.15 -49.80
C PRO K 543 -17.19 -43.72 -49.36
N PHE K 544 -17.69 -42.89 -50.28
CA PHE K 544 -18.26 -41.60 -49.92
C PHE K 544 -19.47 -41.24 -50.77
N GLN K 545 -19.92 -42.13 -51.65
CA GLN K 545 -20.96 -41.85 -52.63
C GLN K 545 -22.21 -42.64 -52.28
N GLN K 546 -23.37 -41.98 -52.33
CA GLN K 546 -24.62 -42.61 -51.90
C GLN K 546 -25.37 -43.30 -53.03
N PHE K 547 -25.26 -42.80 -54.26
CA PHE K 547 -25.97 -43.38 -55.38
C PHE K 547 -25.21 -43.05 -56.66
N GLY K 548 -25.77 -43.46 -57.80
CA GLY K 548 -25.12 -43.23 -59.08
C GLY K 548 -26.13 -43.20 -60.20
N ARG K 549 -25.76 -42.51 -61.28
CA ARG K 549 -26.57 -42.38 -62.47
C ARG K 549 -25.80 -42.89 -63.69
N ASP K 550 -26.39 -42.69 -64.87
CA ASP K 550 -25.83 -43.16 -66.13
C ASP K 550 -25.93 -42.07 -67.19
N ILE K 551 -25.73 -42.45 -68.45
CA ILE K 551 -25.89 -41.52 -69.57
C ILE K 551 -27.33 -41.06 -69.72
N ALA K 552 -28.28 -41.81 -69.19
CA ALA K 552 -29.69 -41.45 -69.24
C ALA K 552 -30.09 -40.48 -68.13
N ASP K 553 -29.15 -40.11 -67.26
CA ASP K 553 -29.39 -39.21 -66.11
C ASP K 553 -30.50 -39.74 -65.21
N THR K 554 -30.51 -41.06 -65.03
CA THR K 554 -31.51 -41.73 -64.20
C THR K 554 -30.78 -42.57 -63.15
N THR K 555 -31.37 -42.63 -61.95
CA THR K 555 -30.76 -43.35 -60.84
C THR K 555 -30.91 -44.85 -61.09
N ASP K 556 -29.84 -45.47 -61.59
CA ASP K 556 -29.82 -46.91 -61.86
C ASP K 556 -28.95 -47.67 -60.87
N ALA K 557 -28.44 -47.00 -59.84
CA ALA K 557 -27.59 -47.65 -58.84
C ALA K 557 -27.74 -46.89 -57.53
N VAL K 558 -28.11 -47.60 -56.46
CA VAL K 558 -28.30 -47.00 -55.16
C VAL K 558 -27.55 -47.83 -54.12
N ARG K 559 -27.14 -47.19 -53.04
CA ARG K 559 -26.46 -47.84 -51.93
C ARG K 559 -27.30 -47.68 -50.68
N ASP K 560 -27.70 -48.79 -50.09
CA ASP K 560 -28.52 -48.74 -48.88
C ASP K 560 -27.66 -48.30 -47.70
N PRO K 561 -28.09 -47.31 -46.92
CA PRO K 561 -27.28 -46.86 -45.78
C PRO K 561 -27.26 -47.83 -44.61
N GLN K 562 -28.11 -48.86 -44.61
CA GLN K 562 -28.10 -49.85 -43.54
C GLN K 562 -26.85 -50.72 -43.60
N THR K 563 -26.68 -51.43 -44.71
CA THR K 563 -25.54 -52.30 -44.92
C THR K 563 -24.50 -51.59 -45.78
N LEU K 564 -23.47 -52.33 -46.20
CA LEU K 564 -22.43 -51.80 -47.07
C LEU K 564 -22.56 -52.30 -48.50
N GLU K 565 -23.68 -52.93 -48.85
CA GLU K 565 -23.88 -53.46 -50.19
C GLU K 565 -24.33 -52.36 -51.15
N ILE K 566 -24.41 -52.72 -52.42
CA ILE K 566 -24.87 -51.82 -53.48
C ILE K 566 -26.00 -52.52 -54.21
N LEU K 567 -27.13 -51.82 -54.37
CA LEU K 567 -28.33 -52.38 -54.97
C LEU K 567 -28.60 -51.71 -56.32
N ASP K 568 -28.71 -52.52 -57.37
CA ASP K 568 -29.03 -52.01 -58.69
C ASP K 568 -30.51 -51.62 -58.76
N ILE K 569 -30.81 -50.68 -59.64
CA ILE K 569 -32.18 -50.22 -59.88
C ILE K 569 -32.52 -50.52 -61.34
N THR K 570 -33.47 -51.43 -61.54
CA THR K 570 -33.97 -51.77 -62.87
C THR K 570 -35.48 -51.73 -62.83
N PRO K 571 -36.13 -51.06 -63.78
CA PRO K 571 -37.59 -51.01 -63.80
C PRO K 571 -38.19 -52.37 -64.14
N CYS K 572 -39.43 -52.57 -63.71
CA CYS K 572 -40.15 -53.83 -63.97
C CYS K 572 -40.70 -53.82 -65.39
N SER K 573 -41.60 -54.76 -65.69
CA SER K 573 -42.08 -54.95 -67.05
C SER K 573 -42.93 -53.77 -67.51
N PHE K 574 -42.64 -53.27 -68.71
CA PHE K 574 -43.37 -52.17 -69.30
C PHE K 574 -43.37 -52.32 -70.81
N GLY K 575 -44.29 -51.66 -71.47
CA GLY K 575 -44.38 -51.66 -72.92
C GLY K 575 -45.82 -51.64 -73.38
N GLY K 576 -46.01 -51.23 -74.64
CA GLY K 576 -47.33 -51.21 -75.21
C GLY K 576 -47.82 -52.59 -75.62
N VAL K 577 -49.11 -52.67 -75.93
CA VAL K 577 -49.76 -53.90 -76.33
C VAL K 577 -50.48 -53.68 -77.65
N SER K 578 -50.38 -54.67 -78.53
CA SER K 578 -51.06 -54.66 -79.82
C SER K 578 -51.90 -55.92 -79.96
N VAL K 579 -53.06 -55.78 -80.59
CA VAL K 579 -53.99 -56.88 -80.76
C VAL K 579 -53.98 -57.29 -82.22
N ILE K 580 -53.62 -58.55 -82.49
CA ILE K 580 -53.64 -59.08 -83.84
C ILE K 580 -55.01 -59.69 -84.11
N THR K 581 -55.68 -59.18 -85.15
CA THR K 581 -56.99 -59.69 -85.51
C THR K 581 -57.20 -59.63 -87.02
N PRO K 582 -57.99 -60.55 -87.57
CA PRO K 582 -58.44 -60.40 -88.97
C PRO K 582 -59.60 -59.42 -89.07
N GLY K 583 -60.19 -59.30 -90.26
CA GLY K 583 -61.39 -58.52 -90.44
C GLY K 583 -62.55 -59.02 -89.60
N THR K 584 -63.31 -58.10 -89.01
CA THR K 584 -64.40 -58.47 -88.12
C THR K 584 -65.55 -59.16 -88.86
N ASN K 585 -65.65 -58.97 -90.18
CA ASN K 585 -66.68 -59.66 -90.95
C ASN K 585 -66.37 -61.15 -91.07
N THR K 586 -65.09 -61.53 -91.00
CA THR K 586 -64.70 -62.93 -91.16
C THR K 586 -64.87 -63.71 -89.85
N SER K 587 -64.15 -63.31 -88.80
CA SER K 587 -64.18 -64.04 -87.54
C SER K 587 -63.79 -63.09 -86.41
N ASN K 588 -64.12 -63.51 -85.19
CA ASN K 588 -63.85 -62.73 -83.99
C ASN K 588 -62.63 -63.20 -83.22
N GLN K 589 -61.87 -64.16 -83.75
CA GLN K 589 -60.69 -64.65 -83.06
C GLN K 589 -59.58 -63.61 -83.12
N VAL K 590 -58.91 -63.40 -81.98
CA VAL K 590 -57.87 -62.38 -81.86
C VAL K 590 -56.62 -63.00 -81.23
N ALA K 591 -55.51 -62.28 -81.38
CA ALA K 591 -54.24 -62.65 -80.77
C ALA K 591 -53.66 -61.42 -80.07
N VAL K 592 -52.92 -61.67 -78.99
CA VAL K 592 -52.37 -60.61 -78.16
C VAL K 592 -50.84 -60.64 -78.29
N LEU K 593 -50.26 -59.49 -78.62
CA LEU K 593 -48.81 -59.35 -78.75
C LEU K 593 -48.32 -58.33 -77.72
N TYR K 594 -47.28 -58.69 -76.98
CA TYR K 594 -46.63 -57.79 -76.03
C TYR K 594 -45.33 -57.30 -76.64
N GLN K 595 -45.16 -55.98 -76.69
CA GLN K 595 -44.03 -55.37 -77.38
C GLN K 595 -42.79 -55.46 -76.50
N GLY K 596 -41.95 -56.45 -76.77
CA GLY K 596 -40.70 -56.62 -76.04
C GLY K 596 -40.85 -56.93 -74.58
N VAL K 597 -41.79 -57.81 -74.22
CA VAL K 597 -42.07 -58.16 -72.84
C VAL K 597 -41.90 -59.66 -72.68
N ASN K 598 -41.00 -60.07 -71.78
CA ASN K 598 -40.86 -61.47 -71.39
C ASN K 598 -42.02 -61.79 -70.45
N CYS K 599 -43.11 -62.30 -71.01
CA CYS K 599 -44.37 -62.45 -70.28
C CYS K 599 -44.36 -63.66 -69.35
N THR K 600 -43.46 -63.60 -68.36
CA THR K 600 -43.43 -64.57 -67.27
C THR K 600 -44.02 -64.03 -65.99
N GLU K 601 -44.58 -62.82 -66.01
CA GLU K 601 -45.17 -62.18 -64.84
C GLU K 601 -46.54 -61.61 -65.17
N VAL K 602 -47.29 -62.32 -66.02
CA VAL K 602 -48.62 -61.87 -66.42
C VAL K 602 -49.61 -63.03 -66.33
N ASN K 623 -51.51 -71.52 -75.39
CA ASN K 623 -50.65 -71.34 -76.56
C ASN K 623 -49.85 -70.05 -76.44
N VAL K 624 -48.62 -70.18 -75.93
CA VAL K 624 -47.72 -69.05 -75.75
C VAL K 624 -46.44 -69.34 -76.52
N PHE K 625 -46.08 -68.44 -77.44
CA PHE K 625 -44.86 -68.54 -78.22
C PHE K 625 -44.09 -67.23 -78.12
N GLN K 626 -42.78 -67.33 -77.92
CA GLN K 626 -41.93 -66.17 -77.71
C GLN K 626 -41.14 -65.89 -79.00
N THR K 627 -41.34 -64.70 -79.55
CA THR K 627 -40.57 -64.26 -80.71
C THR K 627 -39.47 -63.29 -80.26
N ARG K 628 -38.78 -62.70 -81.23
CA ARG K 628 -37.80 -61.66 -80.91
C ARG K 628 -38.47 -60.33 -80.59
N ALA K 629 -39.64 -60.07 -81.17
CA ALA K 629 -40.39 -58.84 -80.93
C ALA K 629 -41.22 -58.89 -79.66
N GLY K 630 -41.25 -60.02 -78.97
CA GLY K 630 -42.03 -60.19 -77.77
C GLY K 630 -42.58 -61.61 -77.70
N CYS K 631 -43.69 -61.76 -77.00
CA CYS K 631 -44.36 -63.05 -76.86
C CYS K 631 -45.77 -62.95 -77.40
N LEU K 632 -46.25 -64.05 -78.00
CA LEU K 632 -47.55 -64.11 -78.64
C LEU K 632 -48.46 -65.07 -77.87
N ILE K 633 -49.66 -64.60 -77.54
CA ILE K 633 -50.65 -65.39 -76.82
C ILE K 633 -51.87 -65.55 -77.71
N GLY K 634 -52.31 -66.80 -77.89
CA GLY K 634 -53.46 -67.11 -78.71
C GLY K 634 -53.12 -67.68 -80.08
N ALA K 635 -51.86 -67.62 -80.49
CA ALA K 635 -51.43 -68.15 -81.79
C ALA K 635 -50.30 -69.15 -81.57
N GLU K 636 -50.36 -70.26 -82.30
CA GLU K 636 -49.37 -71.31 -82.18
C GLU K 636 -48.25 -71.08 -83.20
N TYR K 637 -47.36 -72.06 -83.34
CA TYR K 637 -46.23 -71.98 -84.26
C TYR K 637 -46.35 -73.12 -85.27
N VAL K 638 -46.19 -72.77 -86.56
CA VAL K 638 -46.30 -73.73 -87.65
C VAL K 638 -44.95 -73.84 -88.34
N ASN K 639 -44.52 -75.06 -88.62
CA ASN K 639 -43.21 -75.29 -89.22
C ASN K 639 -43.15 -74.76 -90.66
N ASN K 640 -44.22 -74.97 -91.43
CA ASN K 640 -44.22 -74.51 -92.82
C ASN K 640 -44.42 -73.00 -92.88
N SER K 641 -44.08 -72.43 -94.03
CA SER K 641 -44.07 -70.98 -94.22
C SER K 641 -44.87 -70.60 -95.45
N TYR K 642 -45.54 -69.45 -95.37
CA TYR K 642 -46.29 -68.90 -96.49
C TYR K 642 -46.09 -67.39 -96.53
N GLU K 643 -46.58 -66.77 -97.60
CA GLU K 643 -46.50 -65.32 -97.72
C GLU K 643 -47.46 -64.66 -96.74
N CYS K 644 -46.95 -63.69 -95.98
CA CYS K 644 -47.71 -63.06 -94.91
C CYS K 644 -48.20 -61.67 -95.34
N ASP K 645 -49.17 -61.17 -94.58
CA ASP K 645 -49.75 -59.85 -94.84
C ASP K 645 -49.71 -58.99 -93.57
N ILE K 646 -49.83 -59.62 -92.42
CA ILE K 646 -49.82 -58.93 -91.13
C ILE K 646 -48.43 -59.02 -90.54
N PRO K 647 -47.71 -57.91 -90.38
CA PRO K 647 -46.37 -57.95 -89.82
C PRO K 647 -46.37 -57.86 -88.30
N ILE K 648 -45.30 -58.38 -87.69
CA ILE K 648 -45.10 -58.32 -86.25
C ILE K 648 -43.73 -57.69 -85.98
N GLY K 649 -42.70 -58.26 -86.55
CA GLY K 649 -41.33 -57.84 -86.34
C GLY K 649 -40.41 -59.03 -86.32
N ALA K 650 -39.17 -58.81 -86.80
CA ALA K 650 -38.10 -59.81 -86.87
C ALA K 650 -38.51 -61.06 -87.66
N GLY K 651 -39.31 -60.87 -88.71
CA GLY K 651 -39.66 -61.93 -89.63
C GLY K 651 -40.51 -63.06 -89.07
N ILE K 652 -41.42 -62.76 -88.16
CA ILE K 652 -42.36 -63.74 -87.63
C ILE K 652 -43.76 -63.20 -87.92
N CYS K 653 -44.33 -63.59 -89.05
CA CYS K 653 -45.64 -63.09 -89.46
C CYS K 653 -46.77 -63.96 -88.91
N ALA K 654 -47.95 -63.36 -88.84
CA ALA K 654 -49.17 -64.06 -88.43
C ALA K 654 -50.24 -63.87 -89.49
N SER K 655 -51.12 -64.86 -89.61
CA SER K 655 -52.19 -64.82 -90.61
C SER K 655 -53.41 -65.56 -90.03
N TYR K 656 -54.37 -65.85 -90.91
CA TYR K 656 -55.60 -66.53 -90.50
C TYR K 656 -55.97 -67.51 -91.61
N GLN K 657 -55.67 -68.79 -91.39
CA GLN K 657 -55.97 -69.82 -92.38
C GLN K 657 -57.42 -70.27 -92.27
N SER K 669 -58.38 -70.87 -87.13
CA SER K 669 -57.52 -70.41 -86.05
C SER K 669 -56.50 -69.41 -86.55
N ILE K 670 -55.79 -68.76 -85.62
CA ILE K 670 -54.76 -67.78 -85.93
C ILE K 670 -53.41 -68.46 -85.77
N ILE K 671 -52.61 -68.45 -86.83
CA ILE K 671 -51.31 -69.12 -86.85
C ILE K 671 -50.21 -68.09 -86.99
N ALA K 672 -49.02 -68.45 -86.51
CA ALA K 672 -47.83 -67.61 -86.61
C ALA K 672 -46.69 -68.44 -87.16
N TYR K 673 -45.93 -67.87 -88.09
CA TYR K 673 -44.85 -68.58 -88.75
C TYR K 673 -43.75 -67.59 -89.12
N THR K 674 -42.58 -68.14 -89.44
CA THR K 674 -41.56 -67.35 -90.10
C THR K 674 -41.99 -67.06 -91.53
N MET K 675 -41.90 -65.80 -91.93
CA MET K 675 -42.41 -65.39 -93.23
C MET K 675 -41.50 -65.89 -94.36
N SER K 676 -42.11 -66.29 -95.47
CA SER K 676 -41.37 -66.85 -96.58
C SER K 676 -40.51 -65.78 -97.26
N LEU K 677 -39.34 -66.20 -97.74
CA LEU K 677 -38.47 -65.36 -98.53
C LEU K 677 -38.83 -65.38 -100.02
N GLY K 678 -39.80 -66.19 -100.41
CA GLY K 678 -40.11 -66.44 -101.80
C GLY K 678 -39.74 -67.86 -102.21
N ALA K 679 -40.14 -68.20 -103.44
CA ALA K 679 -39.83 -69.51 -103.98
C ALA K 679 -38.34 -69.62 -104.27
N GLU K 680 -37.72 -70.68 -103.75
CA GLU K 680 -36.27 -70.88 -103.93
C GLU K 680 -36.03 -71.55 -105.27
N ASN K 681 -36.13 -70.75 -106.32
CA ASN K 681 -35.90 -71.25 -107.68
C ASN K 681 -34.43 -71.52 -107.91
N SER K 682 -34.14 -72.62 -108.59
CA SER K 682 -32.77 -73.02 -108.91
C SER K 682 -32.59 -73.01 -110.42
N VAL K 683 -31.49 -72.41 -110.87
CA VAL K 683 -31.17 -72.27 -112.29
C VAL K 683 -29.76 -72.80 -112.51
N ALA K 684 -29.57 -73.52 -113.62
CA ALA K 684 -28.27 -74.10 -113.94
C ALA K 684 -27.36 -73.04 -114.59
N TYR K 685 -26.08 -73.38 -114.67
CA TYR K 685 -25.09 -72.49 -115.25
C TYR K 685 -24.00 -73.31 -115.93
N SER K 686 -23.54 -72.81 -117.08
CA SER K 686 -22.42 -73.40 -117.80
C SER K 686 -21.75 -72.29 -118.61
N ASN K 687 -20.75 -72.66 -119.42
CA ASN K 687 -20.08 -71.70 -120.29
C ASN K 687 -20.32 -72.00 -121.76
N ASN K 688 -21.29 -72.86 -122.07
CA ASN K 688 -21.63 -73.16 -123.45
C ASN K 688 -23.13 -73.29 -123.67
N SER K 689 -23.96 -72.84 -122.73
CA SER K 689 -25.41 -73.00 -122.82
C SER K 689 -26.08 -71.64 -122.75
N ILE K 690 -27.10 -71.44 -123.59
CA ILE K 690 -27.88 -70.21 -123.61
C ILE K 690 -29.36 -70.61 -123.66
N ALA K 691 -30.21 -69.72 -123.15
CA ALA K 691 -31.65 -69.92 -123.19
C ALA K 691 -32.29 -68.77 -123.95
N ILE K 692 -33.09 -69.11 -124.97
CA ILE K 692 -33.75 -68.11 -125.80
C ILE K 692 -35.26 -68.39 -125.79
N PRO K 693 -36.09 -67.41 -125.45
CA PRO K 693 -37.54 -67.64 -125.45
C PRO K 693 -38.09 -67.80 -126.86
N THR K 694 -39.17 -68.57 -126.97
CA THR K 694 -39.82 -68.83 -128.24
C THR K 694 -41.17 -68.15 -128.40
N ASN K 695 -41.80 -67.73 -127.31
CA ASN K 695 -43.11 -67.09 -127.35
C ASN K 695 -43.09 -65.84 -126.48
N PHE K 696 -43.97 -64.90 -126.80
CA PHE K 696 -44.06 -63.64 -126.08
C PHE K 696 -45.52 -63.37 -125.69
N THR K 697 -45.70 -62.84 -124.48
CA THR K 697 -47.01 -62.50 -123.96
C THR K 697 -47.06 -61.02 -123.62
N ILE K 698 -48.22 -60.41 -123.79
CA ILE K 698 -48.44 -59.00 -123.48
C ILE K 698 -49.27 -58.91 -122.21
N SER K 699 -48.74 -58.21 -121.21
CA SER K 699 -49.40 -58.06 -119.92
C SER K 699 -49.61 -56.59 -119.61
N VAL K 700 -50.65 -56.31 -118.83
CA VAL K 700 -51.02 -54.95 -118.44
C VAL K 700 -51.01 -54.88 -116.92
N THR K 701 -50.21 -53.96 -116.37
CA THR K 701 -50.15 -53.73 -114.93
C THR K 701 -50.71 -52.34 -114.60
N THR K 702 -50.87 -52.09 -113.31
CA THR K 702 -51.46 -50.84 -112.83
C THR K 702 -50.50 -50.16 -111.86
N GLU K 703 -50.41 -48.84 -111.99
CA GLU K 703 -49.64 -48.01 -111.07
C GLU K 703 -50.50 -46.82 -110.64
N ILE K 704 -50.76 -46.71 -109.35
CA ILE K 704 -51.63 -45.68 -108.80
C ILE K 704 -50.78 -44.72 -107.98
N LEU K 705 -50.85 -43.44 -108.32
CA LEU K 705 -50.10 -42.40 -107.62
C LEU K 705 -51.02 -41.25 -107.25
N PRO K 706 -50.87 -40.70 -106.04
CA PRO K 706 -51.62 -39.50 -105.68
C PRO K 706 -51.08 -38.26 -106.36
N VAL K 707 -51.93 -37.25 -106.49
CA VAL K 707 -51.62 -36.03 -107.22
C VAL K 707 -51.79 -34.79 -106.35
N SER K 708 -52.97 -34.60 -105.78
CA SER K 708 -53.29 -33.32 -105.16
C SER K 708 -54.05 -33.52 -103.86
N MET K 709 -54.08 -32.46 -103.06
CA MET K 709 -54.84 -32.39 -101.82
C MET K 709 -56.09 -31.55 -102.01
N THR K 710 -57.12 -31.88 -101.24
CA THR K 710 -58.28 -31.01 -101.15
C THR K 710 -57.91 -29.76 -100.36
N LYS K 711 -58.06 -28.60 -100.98
CA LYS K 711 -57.53 -27.37 -100.43
C LYS K 711 -58.35 -26.92 -99.22
N THR K 712 -57.65 -26.57 -98.14
CA THR K 712 -58.27 -26.12 -96.90
C THR K 712 -57.69 -24.76 -96.51
N SER K 713 -58.52 -23.95 -95.86
CA SER K 713 -58.10 -22.62 -95.43
C SER K 713 -58.89 -22.27 -94.16
N VAL K 714 -58.23 -22.45 -93.00
CA VAL K 714 -58.84 -22.13 -91.72
C VAL K 714 -58.75 -20.63 -91.45
N ASP K 715 -59.48 -20.15 -90.46
CA ASP K 715 -59.50 -18.74 -90.10
C ASP K 715 -58.89 -18.55 -88.71
N CYS K 716 -58.67 -17.28 -88.37
CA CYS K 716 -57.95 -16.91 -87.15
C CYS K 716 -58.89 -16.48 -86.03
N THR K 717 -59.66 -15.42 -86.26
CA THR K 717 -60.41 -14.76 -85.19
C THR K 717 -61.81 -15.33 -84.99
N MET K 718 -62.27 -16.23 -85.86
CA MET K 718 -63.60 -16.80 -85.72
C MET K 718 -63.61 -18.29 -85.43
N TYR K 719 -62.55 -19.02 -85.80
CA TYR K 719 -62.43 -20.40 -85.37
C TYR K 719 -62.12 -20.48 -83.88
N ILE K 720 -61.16 -19.70 -83.41
CA ILE K 720 -60.74 -19.77 -82.02
C ILE K 720 -61.74 -19.07 -81.11
N CYS K 721 -62.23 -17.89 -81.53
CA CYS K 721 -63.10 -17.07 -80.70
C CYS K 721 -64.53 -17.06 -81.18
N GLY K 722 -64.77 -16.72 -82.44
CA GLY K 722 -66.12 -16.64 -82.96
C GLY K 722 -66.62 -15.21 -83.06
N ASP K 723 -67.74 -14.92 -82.38
CA ASP K 723 -68.35 -13.61 -82.41
C ASP K 723 -67.89 -12.71 -81.27
N SER K 724 -66.96 -13.17 -80.43
CA SER K 724 -66.49 -12.37 -79.31
C SER K 724 -65.45 -11.37 -79.78
N THR K 725 -65.76 -10.08 -79.65
CA THR K 725 -64.82 -9.04 -80.05
C THR K 725 -63.67 -8.90 -79.05
N GLU K 726 -63.93 -9.18 -77.77
CA GLU K 726 -62.88 -9.11 -76.76
C GLU K 726 -61.81 -10.18 -77.00
N CYS K 727 -62.24 -11.39 -77.39
CA CYS K 727 -61.29 -12.46 -77.68
C CYS K 727 -60.44 -12.12 -78.91
N SER K 728 -61.05 -11.51 -79.93
CA SER K 728 -60.27 -11.09 -81.09
C SER K 728 -59.30 -9.96 -80.75
N ASN K 729 -59.72 -9.03 -79.89
CA ASN K 729 -58.84 -7.95 -79.47
C ASN K 729 -57.66 -8.49 -78.65
N LEU K 730 -57.90 -9.51 -77.83
CA LEU K 730 -56.81 -10.16 -77.12
C LEU K 730 -55.92 -10.98 -78.04
N LEU K 731 -56.49 -11.59 -79.08
CA LEU K 731 -55.70 -12.31 -80.06
C LEU K 731 -54.80 -11.37 -80.87
N LEU K 732 -55.25 -10.13 -81.08
CA LEU K 732 -54.43 -9.16 -81.80
C LEU K 732 -53.20 -8.75 -80.99
N GLN K 733 -53.21 -8.97 -79.68
CA GLN K 733 -52.08 -8.59 -78.83
C GLN K 733 -50.88 -9.53 -79.00
N TYR K 734 -51.09 -10.74 -79.52
CA TYR K 734 -50.01 -11.73 -79.60
C TYR K 734 -49.17 -11.60 -80.86
N GLY K 735 -49.38 -10.58 -81.68
CA GLY K 735 -48.54 -10.41 -82.84
C GLY K 735 -49.03 -11.21 -84.04
N SER K 736 -48.07 -11.61 -84.88
CA SER K 736 -48.38 -12.22 -86.17
C SER K 736 -48.29 -13.75 -86.05
N PHE K 737 -49.33 -14.34 -85.46
CA PHE K 737 -49.56 -15.78 -85.51
C PHE K 737 -50.70 -16.14 -86.45
N CYS K 738 -51.19 -15.17 -87.23
CA CYS K 738 -52.31 -15.39 -88.13
C CYS K 738 -51.89 -15.29 -89.60
N THR K 739 -51.20 -14.22 -89.98
CA THR K 739 -50.85 -14.02 -91.38
C THR K 739 -49.83 -15.05 -91.87
N GLN K 740 -48.98 -15.55 -90.98
CA GLN K 740 -48.05 -16.61 -91.36
C GLN K 740 -48.79 -17.90 -91.71
N LEU K 741 -49.75 -18.29 -90.88
CA LEU K 741 -50.53 -19.50 -91.15
C LEU K 741 -51.40 -19.32 -92.39
N LYS K 742 -52.00 -18.14 -92.56
CA LYS K 742 -52.83 -17.88 -93.73
C LYS K 742 -51.99 -17.91 -95.01
N ARG K 743 -50.81 -17.30 -94.98
CA ARG K 743 -49.92 -17.33 -96.14
C ARG K 743 -49.44 -18.74 -96.44
N ALA K 744 -49.15 -19.52 -95.40
CA ALA K 744 -48.73 -20.91 -95.60
C ALA K 744 -49.84 -21.74 -96.22
N LEU K 745 -51.08 -21.56 -95.75
CA LEU K 745 -52.20 -22.31 -96.30
C LEU K 745 -52.51 -21.91 -97.74
N THR K 746 -52.45 -20.61 -98.05
CA THR K 746 -52.65 -20.17 -99.43
C THR K 746 -51.53 -20.66 -100.34
N GLY K 747 -50.30 -20.69 -99.83
CA GLY K 747 -49.20 -21.24 -100.62
C GLY K 747 -49.34 -22.72 -100.87
N ILE K 748 -49.85 -23.46 -99.88
CA ILE K 748 -50.12 -24.89 -100.07
C ILE K 748 -51.22 -25.09 -101.11
N ALA K 749 -52.26 -24.26 -101.06
CA ALA K 749 -53.33 -24.34 -102.05
C ALA K 749 -52.82 -24.03 -103.46
N VAL K 750 -51.97 -23.00 -103.59
CA VAL K 750 -51.39 -22.66 -104.89
C VAL K 750 -50.48 -23.78 -105.38
N GLU K 751 -49.73 -24.41 -104.47
CA GLU K 751 -48.88 -25.54 -104.83
C GLU K 751 -49.69 -26.73 -105.31
N GLN K 752 -50.82 -27.02 -104.66
CA GLN K 752 -51.69 -28.10 -105.11
C GLN K 752 -52.29 -27.80 -106.48
N ASP K 753 -52.72 -26.55 -106.70
CA ASP K 753 -53.25 -26.17 -108.01
C ASP K 753 -52.18 -26.28 -109.09
N LYS K 754 -50.95 -25.85 -108.77
CA LYS K 754 -49.84 -25.95 -109.72
C LYS K 754 -49.50 -27.40 -110.02
N ASN K 755 -49.53 -28.28 -109.01
CA ASN K 755 -49.29 -29.69 -109.25
C ASN K 755 -50.37 -30.31 -110.13
N THR K 756 -51.64 -29.94 -109.88
CA THR K 756 -52.74 -30.44 -110.70
C THR K 756 -52.61 -29.98 -112.15
N GLN K 757 -52.20 -28.72 -112.35
CA GLN K 757 -51.98 -28.21 -113.70
C GLN K 757 -50.78 -28.89 -114.36
N GLU K 758 -49.71 -29.14 -113.61
CA GLU K 758 -48.49 -29.66 -114.19
C GLU K 758 -48.58 -31.16 -114.52
N VAL K 759 -49.33 -31.93 -113.74
CA VAL K 759 -49.36 -33.37 -113.95
C VAL K 759 -50.14 -33.76 -115.20
N PHE K 760 -51.09 -32.94 -115.64
CA PHE K 760 -52.00 -33.32 -116.72
C PHE K 760 -51.81 -32.49 -117.98
N ALA K 761 -51.62 -31.17 -117.85
CA ALA K 761 -51.52 -30.29 -119.01
C ALA K 761 -50.09 -30.30 -119.54
N GLN K 762 -49.73 -31.42 -120.15
CA GLN K 762 -48.44 -31.56 -120.83
C GLN K 762 -48.51 -31.16 -122.29
N VAL K 763 -49.70 -30.91 -122.82
CA VAL K 763 -49.89 -30.48 -124.21
C VAL K 763 -50.71 -29.20 -124.23
N LYS K 764 -50.33 -28.28 -125.12
CA LYS K 764 -51.04 -27.01 -125.24
C LYS K 764 -52.36 -27.15 -125.97
N GLN K 765 -52.42 -28.01 -126.98
CA GLN K 765 -53.63 -28.22 -127.77
C GLN K 765 -54.33 -29.50 -127.31
N ILE K 766 -55.63 -29.55 -127.54
CA ILE K 766 -56.46 -30.68 -127.15
C ILE K 766 -56.86 -31.43 -128.40
N TYR K 767 -56.50 -32.71 -128.46
CA TYR K 767 -56.79 -33.55 -129.61
C TYR K 767 -58.16 -34.21 -129.45
N LYS K 768 -58.67 -34.73 -130.56
CA LYS K 768 -59.97 -35.39 -130.59
C LYS K 768 -59.81 -36.83 -131.05
N THR K 769 -60.66 -37.70 -130.52
CA THR K 769 -60.65 -39.10 -130.91
C THR K 769 -61.14 -39.25 -132.35
N PRO K 770 -60.61 -40.22 -133.10
CA PRO K 770 -61.10 -40.45 -134.45
C PRO K 770 -62.53 -40.96 -134.43
N PRO K 771 -63.31 -40.66 -135.49
CA PRO K 771 -64.70 -41.17 -135.53
C PRO K 771 -64.80 -42.69 -135.56
N ILE K 772 -63.83 -43.36 -136.18
CA ILE K 772 -63.80 -44.82 -136.18
C ILE K 772 -63.08 -45.30 -134.93
N LYS K 773 -63.25 -46.58 -134.59
CA LYS K 773 -62.60 -47.17 -133.44
C LYS K 773 -61.89 -48.47 -133.81
N TYR K 774 -61.38 -48.55 -135.03
CA TYR K 774 -60.66 -49.72 -135.51
C TYR K 774 -59.17 -49.40 -135.56
N PHE K 775 -58.37 -50.21 -134.88
CA PHE K 775 -56.93 -50.01 -134.80
C PHE K 775 -56.20 -51.33 -135.05
N GLY K 776 -56.62 -52.04 -136.09
CA GLY K 776 -56.01 -53.32 -136.42
C GLY K 776 -56.26 -54.43 -135.43
N GLY K 777 -57.48 -54.53 -134.91
CA GLY K 777 -57.85 -55.56 -133.97
C GLY K 777 -57.71 -55.17 -132.51
N PHE K 778 -57.11 -54.02 -132.22
CA PHE K 778 -56.95 -53.56 -130.84
C PHE K 778 -58.23 -52.88 -130.39
N ASN K 779 -58.96 -53.54 -129.48
CA ASN K 779 -60.25 -53.04 -129.01
C ASN K 779 -60.02 -51.91 -128.01
N PHE K 780 -60.02 -50.69 -128.51
CA PHE K 780 -59.88 -49.49 -127.68
C PHE K 780 -61.25 -48.93 -127.28
N SER K 781 -62.10 -49.77 -126.69
CA SER K 781 -63.43 -49.37 -126.26
C SER K 781 -63.57 -49.32 -124.74
N GLN K 782 -62.45 -49.41 -124.00
CA GLN K 782 -62.50 -49.39 -122.54
C GLN K 782 -61.83 -48.18 -121.93
N ILE K 783 -60.92 -47.51 -122.65
CA ILE K 783 -60.29 -46.30 -122.14
C ILE K 783 -60.73 -45.06 -122.89
N LEU K 784 -61.22 -45.18 -124.12
CA LEU K 784 -61.77 -44.04 -124.82
C LEU K 784 -63.13 -43.67 -124.23
N PRO K 785 -63.46 -42.38 -124.18
CA PRO K 785 -64.77 -41.98 -123.64
C PRO K 785 -65.92 -42.43 -124.52
N ASP K 786 -67.04 -42.73 -123.86
CA ASP K 786 -68.25 -43.17 -124.54
C ASP K 786 -69.30 -42.07 -124.51
N PRO K 787 -69.83 -41.65 -125.66
CA PRO K 787 -70.84 -40.59 -125.65
C PRO K 787 -72.20 -41.03 -125.12
N SER K 788 -72.44 -42.33 -124.97
CA SER K 788 -73.71 -42.80 -124.41
C SER K 788 -73.84 -42.42 -122.94
N LYS K 789 -72.76 -42.57 -122.18
CA LYS K 789 -72.78 -42.16 -120.79
C LYS K 789 -72.76 -40.64 -120.69
N PRO K 790 -73.56 -40.05 -119.80
CA PRO K 790 -73.61 -38.59 -119.68
C PRO K 790 -72.47 -37.98 -118.88
N SER K 791 -71.62 -38.79 -118.26
CA SER K 791 -70.49 -38.30 -117.50
C SER K 791 -69.23 -38.10 -118.34
N LYS K 792 -69.27 -38.47 -119.62
CA LYS K 792 -68.14 -38.38 -120.55
C LYS K 792 -66.91 -39.11 -120.00
N ARG K 793 -67.13 -40.33 -119.51
CA ARG K 793 -66.08 -41.12 -118.88
C ARG K 793 -66.04 -42.52 -119.46
N SER K 794 -64.83 -43.06 -119.56
CA SER K 794 -64.63 -44.45 -119.91
C SER K 794 -65.04 -45.34 -118.74
N PRO K 795 -65.41 -46.60 -119.02
CA PRO K 795 -65.82 -47.50 -117.92
C PRO K 795 -64.75 -47.74 -116.87
N ILE K 796 -63.47 -47.73 -117.24
CA ILE K 796 -62.41 -47.96 -116.28
C ILE K 796 -62.32 -46.81 -115.28
N GLU K 797 -62.30 -45.57 -115.78
CA GLU K 797 -62.25 -44.43 -114.86
C GLU K 797 -63.60 -44.21 -114.17
N ASP K 798 -64.70 -44.64 -114.77
CA ASP K 798 -65.98 -44.62 -114.07
C ASP K 798 -65.98 -45.58 -112.89
N LEU K 799 -65.39 -46.77 -113.07
CA LEU K 799 -65.23 -47.71 -111.97
C LEU K 799 -64.28 -47.16 -110.90
N LEU K 800 -63.23 -46.48 -111.34
CA LEU K 800 -62.31 -45.83 -110.38
C LEU K 800 -63.02 -44.75 -109.58
N PHE K 801 -63.87 -43.96 -110.22
CA PHE K 801 -64.63 -42.92 -109.53
C PHE K 801 -65.66 -43.53 -108.58
N ASN K 802 -66.27 -44.65 -108.97
CA ASN K 802 -67.30 -45.28 -108.14
C ASN K 802 -66.72 -46.01 -106.94
N LYS K 803 -65.41 -46.26 -106.91
CA LYS K 803 -64.78 -46.97 -105.81
C LYS K 803 -64.08 -46.05 -104.83
N VAL K 804 -64.26 -44.73 -104.96
CA VAL K 804 -63.63 -43.74 -104.08
C VAL K 804 -64.74 -43.04 -103.32
N THR K 805 -64.66 -43.09 -101.99
CA THR K 805 -65.64 -42.44 -101.13
C THR K 805 -65.01 -41.30 -100.35
N ASN K 834 -66.71 -23.98 -85.02
CA ASN K 834 -66.30 -24.42 -86.35
C ASN K 834 -65.65 -23.27 -87.12
N GLY K 835 -65.74 -23.33 -88.45
CA GLY K 835 -65.15 -22.30 -89.28
C GLY K 835 -64.14 -22.82 -90.27
N LEU K 836 -64.24 -24.11 -90.61
CA LEU K 836 -63.34 -24.76 -91.54
C LEU K 836 -64.06 -24.99 -92.87
N THR K 837 -63.43 -24.56 -93.96
CA THR K 837 -63.99 -24.71 -95.29
C THR K 837 -63.01 -25.45 -96.18
N VAL K 838 -63.54 -26.08 -97.24
CA VAL K 838 -62.75 -26.82 -98.20
C VAL K 838 -62.86 -26.10 -99.53
N LEU K 839 -61.74 -25.55 -100.01
CA LEU K 839 -61.73 -24.86 -101.29
C LEU K 839 -61.81 -25.86 -102.43
N PRO K 840 -62.71 -25.63 -103.38
CA PRO K 840 -62.81 -26.55 -104.53
C PRO K 840 -61.64 -26.38 -105.47
N PRO K 841 -61.20 -27.45 -106.13
CA PRO K 841 -60.06 -27.34 -107.05
C PRO K 841 -60.41 -26.57 -108.30
N LEU K 842 -59.39 -25.98 -108.92
CA LEU K 842 -59.58 -25.26 -110.17
C LEU K 842 -59.99 -26.20 -111.29
N LEU K 843 -59.41 -27.40 -111.34
CA LEU K 843 -59.74 -28.40 -112.33
C LEU K 843 -60.58 -29.50 -111.69
N THR K 844 -61.82 -29.64 -112.16
CA THR K 844 -62.69 -30.70 -111.66
C THR K 844 -62.50 -31.97 -112.48
N ASP K 845 -63.35 -32.98 -112.22
CA ASP K 845 -63.16 -34.30 -112.79
C ASP K 845 -63.38 -34.32 -114.30
N GLU K 846 -64.32 -33.52 -114.81
CA GLU K 846 -64.55 -33.48 -116.25
C GLU K 846 -63.36 -32.86 -116.99
N MET K 847 -62.73 -31.84 -116.39
CA MET K 847 -61.57 -31.20 -116.98
C MET K 847 -60.41 -32.17 -117.15
N ILE K 848 -60.05 -32.89 -116.08
CA ILE K 848 -58.94 -33.83 -116.15
C ILE K 848 -59.32 -35.06 -116.96
N ALA K 849 -60.61 -35.41 -117.00
CA ALA K 849 -61.07 -36.49 -117.86
C ALA K 849 -60.88 -36.16 -119.33
N GLN K 850 -61.22 -34.93 -119.72
CA GLN K 850 -60.99 -34.51 -121.11
C GLN K 850 -59.51 -34.36 -121.42
N TYR K 851 -58.71 -33.94 -120.43
CA TYR K 851 -57.25 -33.93 -120.62
C TYR K 851 -56.69 -35.33 -120.87
N THR K 852 -57.16 -36.32 -120.08
CA THR K 852 -56.71 -37.68 -120.29
C THR K 852 -57.20 -38.25 -121.61
N SER K 853 -58.41 -37.86 -122.03
CA SER K 853 -58.91 -38.27 -123.34
C SER K 853 -58.06 -37.71 -124.46
N ALA K 854 -57.66 -36.43 -124.36
CA ALA K 854 -56.79 -35.83 -125.36
C ALA K 854 -55.42 -36.50 -125.37
N LEU K 855 -54.89 -36.83 -124.19
CA LEU K 855 -53.60 -37.51 -124.12
C LEU K 855 -53.68 -38.91 -124.73
N LEU K 856 -54.78 -39.63 -124.49
CA LEU K 856 -54.96 -40.95 -125.07
C LEU K 856 -55.08 -40.86 -126.59
N ALA K 857 -55.83 -39.87 -127.09
CA ALA K 857 -55.93 -39.69 -128.53
C ALA K 857 -54.58 -39.35 -129.15
N GLY K 858 -53.81 -38.48 -128.49
CA GLY K 858 -52.50 -38.12 -129.02
C GLY K 858 -51.51 -39.26 -129.01
N THR K 859 -51.56 -40.11 -127.98
CA THR K 859 -50.67 -41.26 -127.93
C THR K 859 -51.18 -42.43 -128.76
N ILE K 860 -52.42 -42.40 -129.23
CA ILE K 860 -52.92 -43.44 -130.12
C ILE K 860 -52.68 -43.10 -131.59
N THR K 861 -53.06 -41.89 -132.03
CA THR K 861 -52.93 -41.57 -133.44
C THR K 861 -51.59 -40.95 -133.81
N SER K 862 -50.74 -40.64 -132.83
CA SER K 862 -49.45 -40.03 -133.14
C SER K 862 -48.27 -40.68 -132.42
N GLY K 863 -48.48 -41.39 -131.32
CA GLY K 863 -47.39 -42.03 -130.62
C GLY K 863 -46.58 -41.08 -129.76
N TRP K 864 -45.31 -40.86 -130.13
CA TRP K 864 -44.44 -39.94 -129.40
C TRP K 864 -44.07 -38.71 -130.21
N THR K 865 -44.55 -38.58 -131.45
CA THR K 865 -44.20 -37.43 -132.27
C THR K 865 -44.93 -36.17 -131.82
N PHE K 866 -46.12 -36.31 -131.25
CA PHE K 866 -46.87 -35.16 -130.76
C PHE K 866 -46.30 -34.59 -129.47
N GLY K 867 -45.50 -35.36 -128.74
CA GLY K 867 -44.83 -34.87 -127.56
C GLY K 867 -43.55 -34.11 -127.83
N ALA K 868 -43.13 -34.04 -129.09
CA ALA K 868 -41.94 -33.30 -129.47
C ALA K 868 -42.23 -32.18 -130.46
N GLY K 869 -43.50 -31.96 -130.80
CA GLY K 869 -43.87 -30.93 -131.75
C GLY K 869 -45.26 -31.18 -132.33
N PRO K 870 -45.41 -31.00 -133.64
CA PRO K 870 -46.69 -31.30 -134.28
C PRO K 870 -46.97 -32.78 -134.32
N ALA K 871 -48.26 -33.12 -134.33
CA ALA K 871 -48.68 -34.51 -134.35
C ALA K 871 -48.56 -35.10 -135.75
N LEU K 872 -47.93 -36.27 -135.84
CA LEU K 872 -47.76 -36.98 -137.09
C LEU K 872 -48.64 -38.23 -137.05
N GLN K 873 -49.49 -38.41 -138.06
CA GLN K 873 -50.40 -39.54 -138.08
C GLN K 873 -49.63 -40.82 -138.39
N ILE K 874 -49.64 -41.75 -137.45
CA ILE K 874 -48.90 -43.00 -137.56
C ILE K 874 -49.87 -44.16 -137.35
N PRO K 875 -49.86 -45.18 -138.21
CA PRO K 875 -50.70 -46.36 -137.97
C PRO K 875 -50.28 -47.11 -136.71
N PHE K 876 -51.26 -47.76 -136.08
CA PHE K 876 -50.98 -48.48 -134.85
C PHE K 876 -50.01 -49.66 -135.00
N PRO K 877 -50.17 -50.58 -135.98
CA PRO K 877 -49.16 -51.65 -136.09
C PRO K 877 -47.77 -51.15 -136.43
N MET K 878 -47.68 -50.05 -137.18
CA MET K 878 -46.38 -49.48 -137.54
C MET K 878 -45.65 -48.96 -136.31
N GLN K 879 -46.36 -48.26 -135.41
CA GLN K 879 -45.71 -47.79 -134.20
C GLN K 879 -45.49 -48.91 -133.17
N MET K 880 -46.31 -49.96 -133.19
CA MET K 880 -46.00 -51.14 -132.38
C MET K 880 -44.70 -51.80 -132.86
N ALA K 881 -44.51 -51.88 -134.18
CA ALA K 881 -43.24 -52.39 -134.71
C ALA K 881 -42.09 -51.44 -134.37
N TYR K 882 -42.36 -50.13 -134.36
CA TYR K 882 -41.34 -49.17 -133.94
C TYR K 882 -40.92 -49.40 -132.49
N ARG K 883 -41.89 -49.67 -131.60
CA ARG K 883 -41.56 -49.88 -130.20
C ARG K 883 -40.86 -51.23 -130.00
N PHE K 884 -41.22 -52.24 -130.80
CA PHE K 884 -40.50 -53.50 -130.76
C PHE K 884 -39.06 -53.33 -131.22
N ASN K 885 -38.84 -52.50 -132.24
CA ASN K 885 -37.48 -52.16 -132.64
C ASN K 885 -36.75 -51.38 -131.55
N GLY K 886 -37.48 -50.53 -130.83
CA GLY K 886 -36.88 -49.79 -129.72
C GLY K 886 -36.45 -50.69 -128.58
N ILE K 887 -37.22 -51.75 -128.31
CA ILE K 887 -36.90 -52.64 -127.20
C ILE K 887 -35.98 -53.78 -127.67
N GLY K 888 -35.48 -53.67 -128.90
CA GLY K 888 -34.50 -54.62 -129.39
C GLY K 888 -35.04 -55.86 -130.06
N VAL K 889 -36.22 -55.79 -130.67
CA VAL K 889 -36.83 -56.91 -131.38
C VAL K 889 -37.05 -56.48 -132.82
N THR K 890 -36.58 -57.31 -133.75
CA THR K 890 -36.74 -57.00 -135.17
C THR K 890 -38.22 -57.01 -135.56
N GLN K 891 -38.59 -56.07 -136.43
CA GLN K 891 -39.99 -55.82 -136.79
C GLN K 891 -40.50 -56.79 -137.87
N ASN K 892 -40.22 -58.07 -137.67
CA ASN K 892 -40.71 -59.12 -138.56
C ASN K 892 -41.55 -60.18 -137.85
N VAL K 893 -41.67 -60.12 -136.52
CA VAL K 893 -42.45 -61.09 -135.76
C VAL K 893 -43.71 -60.42 -135.22
N LEU K 894 -44.16 -59.37 -135.90
CA LEU K 894 -45.38 -58.66 -135.53
C LEU K 894 -46.51 -58.91 -136.52
N TYR K 895 -46.27 -58.67 -137.81
CA TYR K 895 -47.32 -58.80 -138.81
C TYR K 895 -47.67 -60.25 -139.10
N GLU K 896 -46.80 -61.20 -138.74
CA GLU K 896 -47.10 -62.61 -138.94
C GLU K 896 -48.12 -63.12 -137.93
N ASN K 897 -48.15 -62.54 -136.73
CA ASN K 897 -49.07 -62.97 -135.68
C ASN K 897 -49.72 -61.75 -135.01
N GLN K 898 -50.20 -60.82 -135.83
CA GLN K 898 -50.84 -59.60 -135.32
C GLN K 898 -52.12 -59.92 -134.56
N LYS K 899 -52.88 -60.91 -135.04
CA LYS K 899 -54.12 -61.29 -134.38
C LYS K 899 -53.87 -61.85 -132.98
N LEU K 900 -52.76 -62.57 -132.78
CA LEU K 900 -52.40 -63.06 -131.46
C LEU K 900 -52.13 -61.91 -130.50
N ILE K 901 -51.41 -60.88 -130.96
CA ILE K 901 -51.12 -59.72 -130.13
C ILE K 901 -52.40 -58.96 -129.80
N ALA K 902 -53.29 -58.81 -130.78
CA ALA K 902 -54.56 -58.13 -130.54
C ALA K 902 -55.43 -58.89 -129.55
N ASN K 903 -55.50 -60.21 -129.68
CA ASN K 903 -56.27 -61.03 -128.76
C ASN K 903 -55.70 -60.99 -127.35
N GLN K 904 -54.36 -61.02 -127.23
CA GLN K 904 -53.73 -60.91 -125.92
C GLN K 904 -53.94 -59.55 -125.30
N PHE K 905 -53.94 -58.48 -126.12
CA PHE K 905 -54.20 -57.14 -125.62
C PHE K 905 -55.63 -57.03 -125.09
N ASN K 906 -56.60 -57.56 -125.84
CA ASN K 906 -57.99 -57.54 -125.40
C ASN K 906 -58.19 -58.37 -124.14
N SER K 907 -57.53 -59.54 -124.07
CA SER K 907 -57.62 -60.38 -122.88
C SER K 907 -56.99 -59.70 -121.67
N ALA K 908 -55.87 -59.00 -121.87
CA ALA K 908 -55.23 -58.29 -120.76
C ALA K 908 -56.09 -57.13 -120.29
N ILE K 909 -56.73 -56.41 -121.21
CA ILE K 909 -57.63 -55.32 -120.84
C ILE K 909 -58.82 -55.84 -120.04
N GLY K 910 -59.42 -56.95 -120.51
CA GLY K 910 -60.53 -57.54 -119.78
C GLY K 910 -60.12 -58.08 -118.41
N LYS K 911 -58.93 -58.68 -118.34
CA LYS K 911 -58.43 -59.22 -117.07
C LYS K 911 -58.13 -58.11 -116.07
N ILE K 912 -57.53 -57.01 -116.52
CA ILE K 912 -57.24 -55.92 -115.58
C ILE K 912 -58.52 -55.20 -115.19
N GLN K 913 -59.52 -55.15 -116.08
CA GLN K 913 -60.81 -54.58 -115.70
C GLN K 913 -61.51 -55.45 -114.65
N ASP K 914 -61.47 -56.78 -114.83
CA ASP K 914 -62.07 -57.67 -113.86
C ASP K 914 -61.33 -57.64 -112.52
N SER K 915 -60.01 -57.49 -112.56
CA SER K 915 -59.22 -57.39 -111.33
C SER K 915 -59.50 -56.07 -110.61
N LEU K 916 -59.69 -54.97 -111.36
CA LEU K 916 -60.02 -53.70 -110.73
C LEU K 916 -61.43 -53.73 -110.14
N SER K 917 -62.37 -54.37 -110.82
CA SER K 917 -63.75 -54.43 -110.34
C SER K 917 -63.97 -55.51 -109.29
N SER K 918 -63.03 -56.44 -109.11
CA SER K 918 -63.22 -57.53 -108.17
C SER K 918 -62.90 -57.11 -106.74
N THR K 919 -61.66 -56.68 -106.50
CA THR K 919 -61.24 -56.31 -105.16
C THR K 919 -61.83 -54.95 -104.78
N PRO K 920 -62.60 -54.85 -103.68
CA PRO K 920 -63.15 -53.55 -103.30
C PRO K 920 -62.10 -52.61 -102.71
N SER K 921 -61.02 -53.14 -102.16
CA SER K 921 -59.95 -52.33 -101.57
C SER K 921 -58.67 -52.61 -102.34
N ALA K 922 -58.46 -51.86 -103.42
CA ALA K 922 -57.25 -51.99 -104.22
C ALA K 922 -56.55 -50.65 -104.38
N LEU K 923 -57.32 -49.56 -104.30
CA LEU K 923 -56.78 -48.21 -104.39
C LEU K 923 -56.22 -47.84 -103.02
N GLY K 924 -54.92 -48.08 -102.85
CA GLY K 924 -54.28 -47.88 -101.57
C GLY K 924 -54.08 -46.43 -101.16
N LYS K 925 -53.26 -45.70 -101.93
CA LYS K 925 -52.90 -44.35 -101.53
C LYS K 925 -54.04 -43.36 -101.77
N LEU K 926 -54.92 -43.65 -102.72
CA LEU K 926 -56.01 -42.72 -103.04
C LEU K 926 -56.99 -42.60 -101.87
N GLN K 927 -57.36 -43.72 -101.25
CA GLN K 927 -58.18 -43.64 -100.05
C GLN K 927 -57.37 -43.24 -98.83
N ASP K 928 -56.07 -43.52 -98.84
CA ASP K 928 -55.19 -43.16 -97.73
C ASP K 928 -55.09 -41.66 -97.55
N VAL K 929 -54.98 -40.92 -98.66
CA VAL K 929 -54.88 -39.46 -98.61
C VAL K 929 -56.16 -38.86 -98.03
N VAL K 930 -57.31 -39.34 -98.49
CA VAL K 930 -58.60 -38.83 -97.99
C VAL K 930 -58.79 -39.22 -96.53
N ASN K 931 -58.33 -40.41 -96.14
CA ASN K 931 -58.46 -40.86 -94.76
C ASN K 931 -57.62 -40.00 -93.81
N HIS K 932 -56.38 -39.70 -94.18
CA HIS K 932 -55.56 -38.81 -93.35
C HIS K 932 -56.09 -37.39 -93.34
N ASN K 933 -56.65 -36.91 -94.46
CA ASN K 933 -57.25 -35.59 -94.48
C ASN K 933 -58.44 -35.51 -93.53
N ALA K 934 -59.31 -36.53 -93.56
CA ALA K 934 -60.46 -36.57 -92.66
C ALA K 934 -60.01 -36.73 -91.21
N GLN K 935 -58.95 -37.51 -90.97
CA GLN K 935 -58.44 -37.67 -89.61
C GLN K 935 -57.90 -36.37 -89.05
N ALA K 936 -57.14 -35.62 -89.85
CA ALA K 936 -56.61 -34.33 -89.39
C ALA K 936 -57.73 -33.32 -89.17
N LEU K 937 -58.72 -33.31 -90.08
CA LEU K 937 -59.84 -32.38 -89.93
C LEU K 937 -60.67 -32.70 -88.68
N ASN K 938 -60.95 -33.98 -88.44
CA ASN K 938 -61.71 -34.35 -87.25
C ASN K 938 -60.90 -34.12 -85.97
N THR K 939 -59.58 -34.28 -86.05
CA THR K 939 -58.72 -33.95 -84.91
C THR K 939 -58.80 -32.46 -84.58
N LEU K 940 -58.76 -31.60 -85.60
CA LEU K 940 -58.84 -30.17 -85.34
C LEU K 940 -60.22 -29.75 -84.86
N VAL K 941 -61.28 -30.43 -85.33
CA VAL K 941 -62.63 -30.11 -84.86
C VAL K 941 -62.82 -30.55 -83.40
N LYS K 942 -62.37 -31.76 -83.05
CA LYS K 942 -62.58 -32.27 -81.69
C LYS K 942 -61.76 -31.51 -80.65
N GLN K 943 -60.79 -30.68 -81.05
CA GLN K 943 -60.07 -29.85 -80.09
C GLN K 943 -60.86 -28.65 -79.62
N LEU K 944 -62.04 -28.39 -80.20
CA LEU K 944 -62.86 -27.27 -79.75
C LEU K 944 -63.44 -27.51 -78.37
N SER K 945 -63.66 -28.77 -77.99
CA SER K 945 -64.22 -29.11 -76.70
C SER K 945 -63.17 -29.33 -75.62
N SER K 946 -61.89 -29.13 -75.93
CA SER K 946 -60.81 -29.28 -74.96
C SER K 946 -60.85 -28.11 -73.98
N LYS K 947 -60.78 -28.43 -72.69
CA LYS K 947 -60.89 -27.40 -71.67
C LYS K 947 -59.62 -26.55 -71.57
N PHE K 948 -58.46 -27.16 -71.84
CA PHE K 948 -57.14 -26.51 -71.79
C PHE K 948 -56.84 -25.93 -70.40
N GLY K 949 -57.35 -26.58 -69.35
CA GLY K 949 -57.13 -26.10 -68.00
C GLY K 949 -57.96 -24.90 -67.60
N ALA K 950 -58.93 -24.51 -68.42
CA ALA K 950 -59.76 -23.36 -68.15
C ALA K 950 -60.96 -23.77 -67.30
N ILE K 951 -61.96 -22.88 -67.18
CA ILE K 951 -63.15 -23.19 -66.40
C ILE K 951 -64.21 -23.84 -67.29
N SER K 952 -64.47 -23.24 -68.45
CA SER K 952 -65.45 -23.77 -69.39
C SER K 952 -64.84 -23.77 -70.79
N SER K 953 -65.30 -24.70 -71.61
CA SER K 953 -64.81 -24.82 -72.98
C SER K 953 -65.49 -23.87 -73.95
N VAL K 954 -66.75 -23.52 -73.69
CA VAL K 954 -67.48 -22.61 -74.56
C VAL K 954 -67.03 -21.18 -74.27
N LEU K 955 -66.53 -20.49 -75.30
CA LEU K 955 -66.01 -19.14 -75.10
C LEU K 955 -67.14 -18.14 -74.90
N ASN K 956 -68.32 -18.43 -75.46
CA ASN K 956 -69.48 -17.59 -75.19
C ASN K 956 -69.86 -17.62 -73.71
N ASP K 957 -69.81 -18.80 -73.09
CA ASP K 957 -70.06 -18.90 -71.66
C ASP K 957 -68.99 -18.17 -70.86
N ILE K 958 -67.72 -18.24 -71.30
CA ILE K 958 -66.65 -17.55 -70.61
C ILE K 958 -66.84 -16.04 -70.68
N LEU K 959 -67.23 -15.52 -71.85
CA LEU K 959 -67.45 -14.09 -71.99
C LEU K 959 -68.72 -13.61 -71.29
N SER K 960 -69.74 -14.47 -71.18
CA SER K 960 -71.00 -14.09 -70.55
C SER K 960 -71.07 -14.46 -69.08
N ARG K 961 -70.03 -15.07 -68.51
CA ARG K 961 -70.04 -15.46 -67.12
C ARG K 961 -69.05 -14.72 -66.23
N LEU K 962 -67.80 -14.54 -66.68
CA LEU K 962 -66.71 -14.14 -65.81
C LEU K 962 -66.23 -12.74 -66.15
N ASP K 963 -65.72 -12.03 -65.11
CA ASP K 963 -65.20 -10.69 -65.21
C ASP K 963 -63.97 -10.61 -66.10
N PRO K 964 -63.83 -9.54 -66.88
CA PRO K 964 -62.67 -9.39 -67.78
C PRO K 964 -61.32 -9.37 -67.08
N PRO K 965 -61.21 -8.93 -65.79
CA PRO K 965 -59.95 -9.21 -65.07
C PRO K 965 -59.53 -10.67 -65.03
N GLU K 966 -60.48 -11.60 -64.91
CA GLU K 966 -60.13 -13.02 -64.93
C GLU K 966 -60.40 -13.66 -66.29
N ALA K 967 -61.36 -13.10 -67.04
CA ALA K 967 -61.56 -13.55 -68.41
C ALA K 967 -60.36 -13.25 -69.29
N GLU K 968 -59.53 -12.27 -68.90
CA GLU K 968 -58.28 -12.02 -69.62
C GLU K 968 -57.37 -13.24 -69.58
N VAL K 969 -57.15 -13.82 -68.39
CA VAL K 969 -56.27 -14.98 -68.32
C VAL K 969 -56.97 -16.24 -68.83
N GLN K 970 -58.31 -16.29 -68.73
CA GLN K 970 -59.04 -17.41 -69.33
C GLN K 970 -58.87 -17.43 -70.85
N ILE K 971 -59.07 -16.27 -71.49
CA ILE K 971 -58.84 -16.16 -72.91
C ILE K 971 -57.37 -16.36 -73.24
N ASP K 972 -56.45 -15.94 -72.36
CA ASP K 972 -55.02 -16.16 -72.58
C ASP K 972 -54.69 -17.65 -72.72
N ARG K 973 -55.15 -18.45 -71.77
CA ARG K 973 -54.86 -19.89 -71.84
C ARG K 973 -55.61 -20.55 -72.99
N LEU K 974 -56.84 -20.09 -73.29
CA LEU K 974 -57.58 -20.66 -74.41
C LEU K 974 -56.90 -20.37 -75.74
N ILE K 975 -56.46 -19.13 -75.94
CA ILE K 975 -55.77 -18.75 -77.18
C ILE K 975 -54.45 -19.50 -77.32
N THR K 976 -53.67 -19.62 -76.23
CA THR K 976 -52.38 -20.30 -76.40
C THR K 976 -52.56 -21.80 -76.62
N GLY K 977 -53.58 -22.42 -76.02
CA GLY K 977 -53.83 -23.83 -76.27
C GLY K 977 -54.29 -24.10 -77.70
N ARG K 978 -55.29 -23.34 -78.17
CA ARG K 978 -55.74 -23.54 -79.53
C ARG K 978 -54.72 -23.06 -80.55
N LEU K 979 -53.82 -22.15 -80.15
CA LEU K 979 -52.77 -21.67 -81.04
C LEU K 979 -51.71 -22.74 -81.25
N GLN K 980 -51.28 -23.40 -80.17
CA GLN K 980 -50.31 -24.49 -80.36
C GLN K 980 -50.96 -25.69 -81.06
N SER K 981 -52.26 -25.89 -80.85
CA SER K 981 -52.97 -26.92 -81.61
C SER K 981 -53.00 -26.59 -83.11
N LEU K 982 -53.25 -25.32 -83.45
CA LEU K 982 -53.23 -24.90 -84.85
C LEU K 982 -51.83 -24.97 -85.44
N GLN K 983 -50.81 -24.69 -84.62
CA GLN K 983 -49.43 -24.82 -85.09
C GLN K 983 -49.10 -26.28 -85.42
N THR K 984 -49.54 -27.20 -84.56
CA THR K 984 -49.35 -28.63 -84.82
C THR K 984 -50.08 -29.05 -86.10
N TYR K 985 -51.32 -28.58 -86.27
CA TYR K 985 -52.09 -28.90 -87.47
C TYR K 985 -51.42 -28.35 -88.74
N VAL K 986 -50.91 -27.12 -88.68
CA VAL K 986 -50.25 -26.52 -89.83
C VAL K 986 -48.95 -27.24 -90.16
N THR K 987 -48.20 -27.64 -89.14
CA THR K 987 -46.97 -28.41 -89.37
C THR K 987 -47.27 -29.76 -90.02
N GLN K 988 -48.32 -30.44 -89.53
CA GLN K 988 -48.71 -31.72 -90.12
C GLN K 988 -49.16 -31.55 -91.57
N GLN K 989 -49.93 -30.49 -91.85
CA GLN K 989 -50.35 -30.21 -93.22
C GLN K 989 -49.17 -29.88 -94.12
N LEU K 990 -48.18 -29.16 -93.62
CA LEU K 990 -47.00 -28.85 -94.41
C LEU K 990 -46.19 -30.09 -94.74
N ILE K 991 -46.04 -31.00 -93.76
CA ILE K 991 -45.30 -32.24 -94.01
C ILE K 991 -46.04 -33.11 -95.02
N ARG K 992 -47.37 -33.22 -94.86
CA ARG K 992 -48.16 -34.01 -95.80
C ARG K 992 -48.15 -33.41 -97.20
N ALA K 993 -48.19 -32.07 -97.29
CA ALA K 993 -48.12 -31.41 -98.58
C ALA K 993 -46.75 -31.56 -99.23
N ALA K 994 -45.68 -31.60 -98.44
CA ALA K 994 -44.35 -31.87 -98.99
C ALA K 994 -44.28 -33.28 -99.57
N GLU K 995 -44.83 -34.27 -98.85
CA GLU K 995 -44.87 -35.62 -99.38
C GLU K 995 -45.74 -35.69 -100.64
N ILE K 996 -46.86 -34.97 -100.66
CA ILE K 996 -47.75 -34.96 -101.81
C ILE K 996 -47.10 -34.30 -103.02
N ARG K 997 -46.35 -33.20 -102.83
CA ARG K 997 -45.71 -32.57 -103.99
C ARG K 997 -44.53 -33.40 -104.49
N ALA K 998 -43.85 -34.13 -103.59
CA ALA K 998 -42.84 -35.07 -104.05
C ALA K 998 -43.45 -36.18 -104.90
N SER K 999 -44.59 -36.73 -104.45
CA SER K 999 -45.28 -37.75 -105.24
C SER K 999 -45.80 -37.18 -106.55
N ALA K 1000 -46.24 -35.91 -106.55
CA ALA K 1000 -46.72 -35.28 -107.77
C ALA K 1000 -45.59 -35.02 -108.76
N ASN K 1001 -44.40 -34.67 -108.26
CA ASN K 1001 -43.25 -34.53 -109.14
C ASN K 1001 -42.85 -35.87 -109.74
N LEU K 1002 -42.92 -36.95 -108.94
CA LEU K 1002 -42.68 -38.29 -109.48
C LEU K 1002 -43.71 -38.67 -110.53
N ALA K 1003 -44.98 -38.33 -110.30
CA ALA K 1003 -46.03 -38.62 -111.27
C ALA K 1003 -45.86 -37.80 -112.54
N ALA K 1004 -45.41 -36.55 -112.41
CA ALA K 1004 -45.14 -35.74 -113.59
C ALA K 1004 -43.96 -36.28 -114.40
N THR K 1005 -42.93 -36.78 -113.71
CA THR K 1005 -41.82 -37.43 -114.40
C THR K 1005 -42.29 -38.68 -115.13
N LYS K 1006 -43.16 -39.46 -114.49
CA LYS K 1006 -43.73 -40.65 -115.14
C LYS K 1006 -44.59 -40.27 -116.34
N MET K 1007 -45.36 -39.18 -116.23
CA MET K 1007 -46.14 -38.67 -117.36
C MET K 1007 -45.24 -38.27 -118.52
N SER K 1008 -44.13 -37.59 -118.22
CA SER K 1008 -43.23 -37.11 -119.26
C SER K 1008 -42.41 -38.22 -119.90
N GLU K 1009 -42.11 -39.29 -119.17
CA GLU K 1009 -41.21 -40.31 -119.67
C GLU K 1009 -41.86 -41.67 -119.94
N CYS K 1010 -43.17 -41.80 -119.78
CA CYS K 1010 -43.84 -43.06 -120.12
C CYS K 1010 -45.12 -42.89 -120.91
N VAL K 1011 -45.63 -41.66 -121.09
CA VAL K 1011 -46.86 -41.45 -121.84
C VAL K 1011 -46.51 -40.72 -123.14
N LEU K 1012 -45.63 -39.74 -123.06
CA LEU K 1012 -45.20 -38.97 -124.22
C LEU K 1012 -44.07 -39.64 -124.98
N GLY K 1013 -43.61 -40.80 -124.52
CA GLY K 1013 -42.54 -41.51 -125.19
C GLY K 1013 -42.39 -42.94 -124.71
N GLN K 1014 -41.18 -43.49 -124.85
CA GLN K 1014 -40.90 -44.86 -124.43
C GLN K 1014 -39.65 -44.86 -123.56
N SER K 1015 -39.74 -45.49 -122.39
CA SER K 1015 -38.63 -45.59 -121.46
C SER K 1015 -37.88 -46.89 -121.72
N LYS K 1016 -36.64 -46.77 -122.18
CA LYS K 1016 -35.83 -47.95 -122.47
C LYS K 1016 -35.22 -48.57 -121.23
N ARG K 1017 -35.22 -47.86 -120.11
CA ARG K 1017 -34.65 -48.40 -118.88
C ARG K 1017 -35.55 -49.47 -118.28
N VAL K 1018 -34.93 -50.46 -117.66
CA VAL K 1018 -35.64 -51.63 -117.14
C VAL K 1018 -36.31 -51.29 -115.82
N ASP K 1019 -37.57 -51.69 -115.68
CA ASP K 1019 -38.34 -51.62 -114.43
C ASP K 1019 -38.51 -50.17 -113.97
N PHE K 1020 -39.13 -49.36 -114.82
CA PHE K 1020 -39.59 -48.02 -114.45
C PHE K 1020 -41.09 -47.84 -114.60
N CYS K 1021 -41.68 -48.40 -115.64
CA CYS K 1021 -43.13 -48.38 -115.85
C CYS K 1021 -43.57 -49.80 -116.20
N GLY K 1022 -43.90 -50.56 -115.17
CA GLY K 1022 -44.33 -51.94 -115.35
C GLY K 1022 -43.21 -52.94 -115.10
N LYS K 1023 -43.61 -54.17 -114.78
CA LYS K 1023 -42.65 -55.24 -114.48
C LYS K 1023 -42.30 -55.96 -115.77
N GLY K 1024 -41.26 -55.45 -116.43
CA GLY K 1024 -40.77 -56.03 -117.67
C GLY K 1024 -40.39 -54.93 -118.63
N TYR K 1025 -40.22 -55.30 -119.90
CA TYR K 1025 -39.93 -54.33 -120.94
C TYR K 1025 -41.17 -53.48 -121.20
N HIS K 1026 -40.98 -52.16 -121.18
CA HIS K 1026 -42.08 -51.22 -121.27
C HIS K 1026 -42.40 -50.90 -122.72
N LEU K 1027 -43.65 -51.16 -123.12
CA LEU K 1027 -44.14 -50.82 -124.45
C LEU K 1027 -44.89 -49.49 -124.45
N MET K 1028 -45.95 -49.38 -123.67
CA MET K 1028 -46.75 -48.16 -123.61
C MET K 1028 -47.43 -48.09 -122.26
N SER K 1029 -47.99 -46.92 -121.96
CA SER K 1029 -48.76 -46.69 -120.75
C SER K 1029 -49.94 -45.79 -121.09
N PHE K 1030 -51.10 -46.14 -120.57
CA PHE K 1030 -52.32 -45.37 -120.80
C PHE K 1030 -52.81 -44.75 -119.50
N PRO K 1031 -52.87 -43.42 -119.40
CA PRO K 1031 -53.34 -42.78 -118.17
C PRO K 1031 -54.87 -42.75 -118.09
N GLN K 1032 -55.35 -42.84 -116.85
CA GLN K 1032 -56.77 -42.77 -116.56
C GLN K 1032 -57.01 -41.75 -115.46
N SER K 1033 -58.09 -40.98 -115.62
CA SER K 1033 -58.42 -39.90 -114.69
C SER K 1033 -58.98 -40.51 -113.41
N ALA K 1034 -58.44 -40.09 -112.28
CA ALA K 1034 -58.87 -40.56 -110.96
C ALA K 1034 -59.10 -39.38 -110.04
N PRO K 1035 -60.01 -39.50 -109.08
CA PRO K 1035 -60.19 -38.42 -108.10
C PRO K 1035 -59.00 -38.32 -107.15
N HIS K 1036 -58.43 -37.11 -107.09
CA HIS K 1036 -57.28 -36.79 -106.24
C HIS K 1036 -56.08 -37.70 -106.53
N GLY K 1037 -55.86 -37.99 -107.81
CA GLY K 1037 -54.77 -38.87 -108.20
C GLY K 1037 -54.87 -39.23 -109.66
N VAL K 1038 -54.12 -40.27 -110.03
CA VAL K 1038 -54.10 -40.77 -111.40
C VAL K 1038 -53.76 -42.25 -111.37
N VAL K 1039 -54.25 -42.98 -112.36
CA VAL K 1039 -54.05 -44.43 -112.46
C VAL K 1039 -53.41 -44.74 -113.81
N PHE K 1040 -52.29 -45.45 -113.77
CA PHE K 1040 -51.58 -45.87 -114.97
C PHE K 1040 -52.04 -47.25 -115.42
N LEU K 1041 -51.82 -47.54 -116.70
CA LEU K 1041 -52.08 -48.85 -117.31
C LEU K 1041 -50.83 -49.20 -118.13
N HIS K 1042 -49.86 -49.83 -117.48
CA HIS K 1042 -48.57 -50.11 -118.10
C HIS K 1042 -48.69 -51.34 -118.98
N VAL K 1043 -48.70 -51.12 -120.30
CA VAL K 1043 -48.65 -52.22 -121.26
C VAL K 1043 -47.19 -52.64 -121.41
N THR K 1044 -46.88 -53.86 -120.97
CA THR K 1044 -45.51 -54.34 -120.89
C THR K 1044 -45.29 -55.52 -121.84
N TYR K 1045 -44.02 -55.80 -122.10
CA TYR K 1045 -43.60 -56.92 -122.92
C TYR K 1045 -42.86 -57.92 -122.04
N VAL K 1046 -43.37 -59.14 -121.96
CA VAL K 1046 -42.82 -60.18 -121.10
C VAL K 1046 -42.63 -61.44 -121.92
N PRO K 1047 -41.40 -61.96 -122.03
CA PRO K 1047 -41.20 -63.23 -122.74
C PRO K 1047 -41.58 -64.42 -121.89
N ALA K 1048 -41.76 -65.55 -122.55
CA ALA K 1048 -42.12 -66.80 -121.88
C ALA K 1048 -41.68 -67.97 -122.74
N GLN K 1049 -41.85 -69.18 -122.18
CA GLN K 1049 -41.58 -70.45 -122.87
C GLN K 1049 -40.12 -70.53 -123.35
N GLU K 1050 -39.21 -70.52 -122.38
CA GLU K 1050 -37.79 -70.60 -122.68
C GLU K 1050 -37.41 -71.99 -123.18
N LYS K 1051 -36.28 -72.05 -123.89
CA LYS K 1051 -35.78 -73.30 -124.44
C LYS K 1051 -34.27 -73.34 -124.30
N ASN K 1052 -33.75 -74.53 -123.95
CA ASN K 1052 -32.31 -74.70 -123.78
C ASN K 1052 -31.61 -74.77 -125.13
N PHE K 1053 -30.43 -74.16 -125.21
CA PHE K 1053 -29.65 -74.13 -126.45
C PHE K 1053 -28.18 -74.15 -126.10
N THR K 1054 -27.36 -74.49 -127.10
CA THR K 1054 -25.90 -74.52 -126.97
C THR K 1054 -25.31 -73.40 -127.82
N THR K 1055 -24.47 -72.57 -127.21
CA THR K 1055 -23.93 -71.39 -127.86
C THR K 1055 -22.40 -71.43 -127.89
N ALA K 1056 -21.83 -70.47 -128.62
CA ALA K 1056 -20.39 -70.28 -128.70
C ALA K 1056 -20.14 -68.83 -129.09
N PRO K 1057 -19.05 -68.22 -128.60
CA PRO K 1057 -18.80 -66.80 -128.90
C PRO K 1057 -18.46 -66.52 -130.35
N ALA K 1058 -17.60 -67.33 -130.96
CA ALA K 1058 -17.13 -67.08 -132.31
C ALA K 1058 -17.17 -68.37 -133.12
N ILE K 1059 -17.23 -68.20 -134.45
CA ILE K 1059 -17.21 -69.30 -135.40
C ILE K 1059 -15.97 -69.15 -136.26
N CYS K 1060 -15.18 -70.23 -136.37
CA CYS K 1060 -13.93 -70.22 -137.11
C CYS K 1060 -14.17 -70.71 -138.53
N HIS K 1061 -13.60 -69.99 -139.50
CA HIS K 1061 -13.74 -70.35 -140.90
C HIS K 1061 -12.53 -69.83 -141.66
N ASP K 1062 -11.71 -70.75 -142.16
CA ASP K 1062 -10.52 -70.46 -142.98
C ASP K 1062 -9.53 -69.55 -142.26
N GLY K 1063 -9.40 -69.74 -140.95
CA GLY K 1063 -8.40 -69.06 -140.16
C GLY K 1063 -8.78 -67.69 -139.65
N LYS K 1064 -9.97 -67.18 -139.99
CA LYS K 1064 -10.43 -65.88 -139.53
C LYS K 1064 -11.66 -66.05 -138.65
N ALA K 1065 -11.72 -65.30 -137.55
CA ALA K 1065 -12.84 -65.39 -136.64
C ALA K 1065 -14.04 -64.62 -137.17
N HIS K 1066 -15.23 -65.06 -136.76
CA HIS K 1066 -16.48 -64.42 -137.14
C HIS K 1066 -17.27 -64.06 -135.89
N PHE K 1067 -17.90 -62.89 -135.92
CA PHE K 1067 -18.69 -62.40 -134.81
C PHE K 1067 -20.05 -61.95 -135.30
N PRO K 1068 -21.10 -62.15 -134.50
CA PRO K 1068 -22.45 -61.71 -134.92
C PRO K 1068 -22.58 -60.19 -134.84
N ARG K 1069 -23.31 -59.63 -135.81
CA ARG K 1069 -23.52 -58.19 -135.85
C ARG K 1069 -24.44 -57.73 -134.73
N GLU K 1070 -25.58 -58.41 -134.55
CA GLU K 1070 -26.56 -57.99 -133.57
C GLU K 1070 -27.13 -59.13 -132.73
N GLY K 1071 -26.91 -60.40 -133.09
CA GLY K 1071 -27.49 -61.50 -132.34
C GLY K 1071 -26.47 -62.37 -131.65
N VAL K 1072 -26.80 -63.65 -131.46
CA VAL K 1072 -25.91 -64.61 -130.83
C VAL K 1072 -26.00 -65.92 -131.61
N PHE K 1073 -24.92 -66.69 -131.57
CA PHE K 1073 -24.84 -67.97 -132.28
C PHE K 1073 -25.54 -69.02 -131.43
N VAL K 1074 -26.65 -69.55 -131.93
CA VAL K 1074 -27.46 -70.55 -131.23
C VAL K 1074 -27.43 -71.84 -132.05
N SER K 1075 -27.05 -72.93 -131.39
CA SER K 1075 -26.97 -74.25 -132.02
C SER K 1075 -27.86 -75.24 -131.28
N ASN K 1076 -28.55 -76.08 -132.04
CA ASN K 1076 -29.39 -77.13 -131.49
C ASN K 1076 -28.72 -78.51 -131.55
N GLY K 1077 -27.40 -78.53 -131.63
CA GLY K 1077 -26.62 -79.76 -131.59
C GLY K 1077 -26.12 -80.25 -132.92
N THR K 1078 -26.70 -79.78 -134.03
CA THR K 1078 -26.28 -80.21 -135.36
C THR K 1078 -25.79 -79.05 -136.22
N HIS K 1079 -26.56 -77.97 -136.30
CA HIS K 1079 -26.21 -76.82 -137.12
C HIS K 1079 -26.17 -75.57 -136.26
N TRP K 1080 -25.69 -74.48 -136.85
CA TRP K 1080 -25.50 -73.22 -136.14
C TRP K 1080 -26.32 -72.13 -136.82
N PHE K 1081 -27.07 -71.37 -136.03
CA PHE K 1081 -27.88 -70.27 -136.53
C PHE K 1081 -27.71 -69.06 -135.62
N VAL K 1082 -27.98 -67.88 -136.18
CA VAL K 1082 -27.94 -66.63 -135.43
C VAL K 1082 -29.37 -66.14 -135.24
N THR K 1083 -29.72 -65.82 -133.99
CA THR K 1083 -31.05 -65.35 -133.63
C THR K 1083 -30.93 -64.07 -132.83
N GLN K 1084 -32.00 -63.27 -132.83
CA GLN K 1084 -32.05 -62.10 -131.98
C GLN K 1084 -32.19 -62.50 -130.52
N ARG K 1085 -31.76 -61.60 -129.64
CA ARG K 1085 -31.59 -61.93 -128.23
C ARG K 1085 -32.88 -62.03 -127.45
N ASN K 1086 -34.01 -61.60 -128.02
CA ASN K 1086 -35.28 -61.60 -127.30
C ASN K 1086 -36.34 -62.49 -127.93
N PHE K 1087 -36.05 -63.15 -129.06
CA PHE K 1087 -37.02 -64.01 -129.72
C PHE K 1087 -36.27 -65.05 -130.54
N TYR K 1088 -36.87 -66.23 -130.69
CA TYR K 1088 -36.25 -67.31 -131.46
C TYR K 1088 -36.62 -67.16 -132.93
N GLU K 1089 -35.60 -66.95 -133.77
CA GLU K 1089 -35.77 -66.84 -135.20
C GLU K 1089 -34.48 -67.27 -135.90
N PRO K 1090 -34.33 -68.56 -136.21
CA PRO K 1090 -33.06 -69.03 -136.76
C PRO K 1090 -32.85 -68.60 -138.21
N GLN K 1091 -31.63 -68.19 -138.51
CA GLN K 1091 -31.22 -67.82 -139.86
C GLN K 1091 -29.88 -68.43 -140.17
N ILE K 1092 -29.64 -68.70 -141.46
CA ILE K 1092 -28.37 -69.25 -141.90
C ILE K 1092 -27.28 -68.20 -141.75
N ILE K 1093 -26.11 -68.64 -141.26
CA ILE K 1093 -24.97 -67.75 -141.08
C ILE K 1093 -24.50 -67.24 -142.43
N THR K 1094 -24.50 -65.91 -142.58
CA THR K 1094 -24.22 -65.26 -143.86
C THR K 1094 -23.24 -64.14 -143.60
N THR K 1095 -22.37 -63.87 -144.59
CA THR K 1095 -21.30 -62.89 -144.43
C THR K 1095 -21.79 -61.45 -144.33
N ASP K 1096 -23.05 -61.16 -144.66
CA ASP K 1096 -23.52 -59.78 -144.62
C ASP K 1096 -23.77 -59.30 -143.19
N ASN K 1097 -24.31 -60.17 -142.33
CA ASN K 1097 -24.58 -59.83 -140.94
C ASN K 1097 -23.54 -60.37 -139.99
N THR K 1098 -22.32 -60.61 -140.47
CA THR K 1098 -21.19 -60.99 -139.63
C THR K 1098 -19.97 -60.17 -140.03
N PHE K 1099 -19.14 -59.87 -139.04
CA PHE K 1099 -17.91 -59.11 -139.25
C PHE K 1099 -16.75 -59.86 -138.64
N VAL K 1100 -15.58 -59.72 -139.27
CA VAL K 1100 -14.38 -60.48 -138.88
C VAL K 1100 -13.48 -59.60 -138.04
N SER K 1101 -12.83 -60.23 -137.06
CA SER K 1101 -11.88 -59.54 -136.18
C SER K 1101 -10.96 -60.58 -135.57
N GLY K 1102 -9.68 -60.53 -135.89
CA GLY K 1102 -8.70 -61.43 -135.32
C GLY K 1102 -8.67 -62.79 -136.01
N ASN K 1103 -7.67 -63.57 -135.62
CA ASN K 1103 -7.47 -64.91 -136.17
C ASN K 1103 -8.18 -65.94 -135.28
N CYS K 1104 -7.88 -67.22 -135.50
CA CYS K 1104 -8.54 -68.32 -134.79
C CYS K 1104 -7.72 -68.81 -133.59
N ASP K 1105 -6.98 -67.94 -132.94
CA ASP K 1105 -6.17 -68.33 -131.78
C ASP K 1105 -6.40 -67.46 -130.55
N VAL K 1106 -6.63 -66.16 -130.73
CA VAL K 1106 -6.77 -65.26 -129.60
C VAL K 1106 -8.10 -65.49 -128.88
N VAL K 1107 -9.18 -65.64 -129.63
CA VAL K 1107 -10.51 -65.79 -129.03
C VAL K 1107 -10.66 -67.21 -128.49
N ILE K 1108 -11.19 -67.32 -127.27
CA ILE K 1108 -11.36 -68.61 -126.61
C ILE K 1108 -12.79 -69.10 -126.85
N GLY K 1109 -12.97 -70.41 -126.69
CA GLY K 1109 -14.27 -71.02 -126.87
C GLY K 1109 -14.78 -71.03 -128.29
N ILE K 1110 -13.89 -70.88 -129.28
CA ILE K 1110 -14.33 -70.81 -130.66
C ILE K 1110 -14.60 -72.21 -131.18
N VAL K 1111 -15.51 -72.32 -132.15
CA VAL K 1111 -15.93 -73.59 -132.71
C VAL K 1111 -15.69 -73.58 -134.21
N ASN K 1112 -15.74 -74.76 -134.80
CA ASN K 1112 -15.48 -74.94 -136.23
C ASN K 1112 -16.80 -75.12 -136.96
N ASN K 1113 -17.09 -74.21 -137.90
CA ASN K 1113 -18.28 -74.30 -138.72
C ASN K 1113 -18.07 -73.48 -139.99
N THR K 1114 -18.63 -73.96 -141.09
CA THR K 1114 -18.54 -73.25 -142.35
C THR K 1114 -19.43 -72.00 -142.34
N VAL K 1115 -19.07 -71.05 -143.19
CA VAL K 1115 -19.80 -69.79 -143.31
C VAL K 1115 -20.31 -69.68 -144.74
N TYR K 1116 -21.63 -69.52 -144.89
CA TYR K 1116 -22.24 -69.44 -146.20
C TYR K 1116 -22.05 -68.04 -146.79
N ASP K 1117 -21.42 -67.98 -147.97
CA ASP K 1117 -21.25 -66.74 -148.71
C ASP K 1117 -22.22 -66.72 -149.87
N PRO K 1118 -23.18 -65.78 -149.90
CA PRO K 1118 -24.20 -65.81 -150.97
C PRO K 1118 -23.67 -65.42 -152.34
N LEU K 1119 -22.51 -64.77 -152.42
CA LEU K 1119 -22.00 -64.31 -153.71
C LEU K 1119 -21.45 -65.47 -154.53
N GLN K 1120 -20.92 -66.51 -153.88
CA GLN K 1120 -20.34 -67.64 -154.59
C GLN K 1120 -21.33 -68.42 -155.45
N PRO K 1121 -22.53 -68.81 -154.96
CA PRO K 1121 -23.49 -69.44 -155.90
C PRO K 1121 -24.22 -68.45 -156.79
N GLU K 1122 -24.28 -67.17 -156.39
CA GLU K 1122 -24.92 -66.17 -157.25
C GLU K 1122 -24.06 -65.87 -158.48
N LEU K 1123 -22.74 -65.95 -158.34
CA LEU K 1123 -21.87 -65.78 -159.50
C LEU K 1123 -22.00 -66.94 -160.47
N ASP K 1124 -22.26 -68.14 -159.97
CA ASP K 1124 -22.43 -69.32 -160.81
C ASP K 1124 -23.83 -69.44 -161.40
N SER K 1125 -24.76 -68.59 -160.97
CA SER K 1125 -26.13 -68.64 -161.48
C SER K 1125 -26.50 -67.33 -162.17
N SER L 11 -76.88 22.36 -94.40
CA SER L 11 -76.24 22.02 -95.67
C SER L 11 -75.25 20.87 -95.48
N TYR L 12 -75.20 19.97 -96.47
CA TYR L 12 -74.31 18.82 -96.45
C TYR L 12 -73.36 18.88 -97.63
N THR L 13 -72.10 18.55 -97.37
CA THR L 13 -71.06 18.58 -98.40
C THR L 13 -70.06 17.48 -98.11
N ASN L 14 -69.80 16.64 -99.12
CA ASN L 14 -68.90 15.51 -98.95
C ASN L 14 -67.45 15.97 -98.90
N SER L 15 -66.70 15.42 -97.94
CA SER L 15 -65.27 15.68 -97.83
C SER L 15 -64.51 14.58 -98.57
N PHE L 16 -63.74 14.97 -99.59
CA PHE L 16 -63.11 14.01 -100.49
C PHE L 16 -62.06 13.13 -99.80
N THR L 17 -60.95 13.74 -99.36
CA THR L 17 -59.86 12.96 -98.78
C THR L 17 -59.15 13.65 -97.62
N ARG L 18 -59.64 14.80 -97.16
CA ARG L 18 -58.94 15.55 -96.12
C ARG L 18 -59.18 14.92 -94.76
N GLY L 19 -58.39 15.36 -93.78
CA GLY L 19 -58.51 14.87 -92.42
C GLY L 19 -57.58 13.71 -92.08
N VAL L 20 -56.30 13.89 -92.36
CA VAL L 20 -55.28 12.88 -92.04
C VAL L 20 -54.24 13.55 -91.13
N TYR L 21 -53.99 12.96 -89.97
CA TYR L 21 -53.06 13.50 -89.00
C TYR L 21 -52.05 12.44 -88.58
N TYR L 22 -50.95 12.89 -88.01
CA TYR L 22 -49.91 11.98 -87.55
C TYR L 22 -50.38 11.23 -86.31
N PRO L 23 -50.40 9.89 -86.32
CA PRO L 23 -50.85 9.16 -85.13
C PRO L 23 -49.87 9.21 -83.97
N ASP L 24 -48.59 9.44 -84.24
CA ASP L 24 -47.57 9.48 -83.19
C ASP L 24 -46.41 10.33 -83.71
N LYS L 25 -45.50 10.70 -82.81
CA LYS L 25 -44.33 11.50 -83.15
C LYS L 25 -43.16 10.66 -83.64
N VAL L 26 -43.42 9.45 -84.15
CA VAL L 26 -42.35 8.56 -84.59
C VAL L 26 -42.04 8.85 -86.06
N PHE L 27 -40.76 9.10 -86.34
CA PHE L 27 -40.31 9.38 -87.70
C PHE L 27 -40.15 8.08 -88.47
N ARG L 28 -40.55 8.10 -89.75
CA ARG L 28 -40.36 6.96 -90.64
C ARG L 28 -39.97 7.47 -92.02
N SER L 29 -39.16 6.67 -92.73
CA SER L 29 -38.58 7.06 -94.00
C SER L 29 -38.92 6.03 -95.07
N SER L 30 -39.87 6.37 -95.94
CA SER L 30 -40.23 5.60 -97.14
C SER L 30 -40.69 4.18 -96.80
N VAL L 31 -41.44 4.05 -95.70
CA VAL L 31 -42.01 2.76 -95.31
C VAL L 31 -43.52 2.91 -95.18
N LEU L 32 -44.21 1.79 -94.99
CA LEU L 32 -45.66 1.77 -94.78
C LEU L 32 -45.93 1.32 -93.36
N HIS L 33 -46.72 2.10 -92.62
CA HIS L 33 -47.03 1.83 -91.22
C HIS L 33 -48.54 1.70 -91.07
N SER L 34 -48.98 0.55 -90.57
CA SER L 34 -50.40 0.32 -90.29
C SER L 34 -50.70 0.74 -88.86
N THR L 35 -51.69 1.61 -88.69
CA THR L 35 -52.05 2.16 -87.39
C THR L 35 -53.52 1.87 -87.10
N GLN L 36 -53.84 1.77 -85.81
CA GLN L 36 -55.19 1.53 -85.32
C GLN L 36 -55.52 2.61 -84.30
N ASP L 37 -55.98 3.76 -84.79
CA ASP L 37 -56.37 4.89 -83.95
C ASP L 37 -57.68 5.48 -84.46
N LEU L 38 -58.04 6.67 -83.97
CA LEU L 38 -59.27 7.35 -84.36
C LEU L 38 -58.93 8.38 -85.43
N PHE L 39 -59.31 8.11 -86.67
CA PHE L 39 -59.07 8.99 -87.80
C PHE L 39 -60.41 9.45 -88.40
N LEU L 40 -60.31 10.25 -89.46
CA LEU L 40 -61.47 10.72 -90.21
C LEU L 40 -61.63 9.86 -91.46
N PRO L 41 -62.76 9.18 -91.64
CA PRO L 41 -62.94 8.36 -92.84
C PRO L 41 -63.07 9.21 -94.10
N PHE L 42 -62.68 8.61 -95.22
CA PHE L 42 -62.77 9.29 -96.50
C PHE L 42 -64.18 9.19 -97.05
N PHE L 43 -64.55 10.20 -97.85
CA PHE L 43 -65.86 10.28 -98.51
C PHE L 43 -67.01 10.24 -97.50
N SER L 44 -66.90 11.06 -96.46
CA SER L 44 -67.92 11.17 -95.43
C SER L 44 -68.49 12.57 -95.41
N ASN L 45 -69.82 12.66 -95.34
CA ASN L 45 -70.49 13.96 -95.28
C ASN L 45 -70.21 14.65 -93.94
N VAL L 46 -70.00 15.96 -94.01
CA VAL L 46 -69.79 16.79 -92.82
C VAL L 46 -70.85 17.88 -92.83
N THR L 47 -71.26 18.30 -91.62
CA THR L 47 -72.33 19.28 -91.47
C THR L 47 -71.76 20.68 -91.68
N TRP L 48 -71.90 21.19 -92.90
CA TRP L 48 -71.50 22.56 -93.20
C TRP L 48 -72.53 23.52 -92.65
N PHE L 49 -72.13 24.33 -91.66
CA PHE L 49 -73.04 25.27 -91.04
C PHE L 49 -72.94 26.64 -91.70
N HIS L 50 -74.03 27.39 -91.63
CA HIS L 50 -74.09 28.73 -92.21
C HIS L 50 -74.77 29.70 -91.25
N ALA L 51 -74.61 29.49 -89.95
CA ALA L 51 -75.23 30.37 -88.96
C ALA L 51 -74.54 31.73 -88.94
N ILE L 52 -75.33 32.78 -88.78
CA ILE L 52 -74.81 34.14 -88.73
C ILE L 52 -75.47 34.93 -87.61
N PRO L 64 -76.54 27.35 -81.02
CA PRO L 64 -77.02 26.30 -80.11
C PRO L 64 -75.87 25.48 -79.52
N VAL L 65 -76.06 24.17 -79.44
CA VAL L 65 -75.05 23.25 -78.92
C VAL L 65 -74.88 22.11 -79.92
N LEU L 66 -73.64 21.65 -80.10
CA LEU L 66 -73.36 20.61 -81.06
C LEU L 66 -72.93 19.32 -80.36
N PRO L 67 -73.41 18.16 -80.82
CA PRO L 67 -73.03 16.90 -80.17
C PRO L 67 -71.57 16.56 -80.42
N PHE L 68 -70.98 15.87 -79.45
CA PHE L 68 -69.59 15.40 -79.51
C PHE L 68 -69.58 13.91 -79.19
N ASN L 69 -69.47 13.07 -80.22
CA ASN L 69 -69.17 11.66 -79.99
C ASN L 69 -67.66 11.46 -79.85
N ASP L 70 -66.94 11.70 -80.96
CA ASP L 70 -65.48 11.61 -80.99
C ASP L 70 -65.01 12.48 -82.16
N GLY L 71 -64.27 13.55 -81.87
CA GLY L 71 -63.68 14.35 -82.92
C GLY L 71 -64.33 15.69 -83.15
N VAL L 72 -63.52 16.75 -83.17
CA VAL L 72 -63.98 18.12 -83.35
C VAL L 72 -63.24 18.63 -84.59
N TYR L 73 -63.10 17.75 -85.60
CA TYR L 73 -62.48 18.09 -86.87
C TYR L 73 -63.06 19.37 -87.47
N PHE L 74 -62.23 20.39 -87.58
CA PHE L 74 -62.68 21.77 -87.78
C PHE L 74 -61.85 22.41 -88.89
N ALA L 75 -62.53 23.09 -89.81
CA ALA L 75 -61.84 23.82 -90.87
C ALA L 75 -62.75 24.95 -91.34
N SER L 76 -62.23 26.17 -91.34
CA SER L 76 -62.99 27.34 -91.75
C SER L 76 -62.11 28.21 -92.65
N THR L 77 -62.78 29.00 -93.50
CA THR L 77 -62.08 29.90 -94.41
C THR L 77 -62.30 31.36 -94.03
N ILE L 82 -61.43 33.97 -89.40
CA ILE L 82 -62.41 34.96 -88.96
C ILE L 82 -62.91 34.59 -87.56
N ILE L 83 -63.39 33.36 -87.40
CA ILE L 83 -63.92 32.89 -86.14
C ILE L 83 -62.79 32.36 -85.26
N ARG L 84 -62.88 32.65 -83.97
CA ARG L 84 -61.92 32.19 -82.99
C ARG L 84 -62.65 31.82 -81.70
N GLY L 85 -62.29 30.67 -81.12
CA GLY L 85 -62.87 30.27 -79.86
C GLY L 85 -63.52 28.90 -79.89
N TRP L 86 -63.36 28.13 -78.82
CA TRP L 86 -63.94 26.80 -78.71
C TRP L 86 -64.34 26.54 -77.27
N ILE L 87 -65.58 26.11 -77.06
CA ILE L 87 -66.07 25.75 -75.73
C ILE L 87 -65.98 24.23 -75.56
N PHE L 88 -65.32 23.79 -74.50
CA PHE L 88 -65.19 22.37 -74.20
C PHE L 88 -65.58 22.12 -72.75
N GLY L 89 -66.18 20.97 -72.50
CA GLY L 89 -66.61 20.63 -71.16
C GLY L 89 -67.57 19.46 -71.18
N THR L 90 -68.25 19.27 -70.06
CA THR L 90 -69.21 18.19 -69.88
C THR L 90 -70.64 18.68 -69.81
N THR L 91 -70.95 19.60 -68.89
CA THR L 91 -72.29 20.13 -68.74
C THR L 91 -72.39 21.63 -68.99
N LEU L 92 -71.32 22.27 -69.45
CA LEU L 92 -71.23 23.67 -69.89
C LEU L 92 -71.37 24.67 -68.75
N ASP L 93 -71.62 24.23 -67.52
CA ASP L 93 -71.85 25.11 -66.39
C ASP L 93 -70.73 24.93 -65.35
N SER L 94 -70.91 25.58 -64.20
CA SER L 94 -69.92 25.55 -63.13
C SER L 94 -70.05 24.33 -62.23
N LYS L 95 -70.95 23.40 -62.54
CA LYS L 95 -71.09 22.19 -61.73
C LYS L 95 -69.87 21.29 -61.85
N THR L 96 -69.22 21.29 -63.02
CA THR L 96 -68.00 20.51 -63.23
C THR L 96 -66.98 21.40 -63.93
N GLN L 97 -65.82 20.83 -64.22
CA GLN L 97 -64.76 21.58 -64.88
C GLN L 97 -65.11 21.82 -66.35
N SER L 98 -64.78 23.02 -66.82
CA SER L 98 -65.04 23.41 -68.21
C SER L 98 -63.79 24.07 -68.78
N LEU L 99 -63.65 23.96 -70.09
CA LEU L 99 -62.46 24.44 -70.79
C LEU L 99 -62.80 25.62 -71.68
N LEU L 100 -61.88 26.58 -71.73
CA LEU L 100 -62.06 27.82 -72.49
C LEU L 100 -60.82 28.06 -73.33
N ILE L 101 -61.04 28.43 -74.60
CA ILE L 101 -59.96 28.79 -75.52
C ILE L 101 -60.34 30.09 -76.22
N VAL L 102 -59.51 31.12 -76.05
CA VAL L 102 -59.68 32.39 -76.74
C VAL L 102 -58.36 32.73 -77.42
N ASN L 103 -58.41 32.96 -78.73
CA ASN L 103 -57.22 33.23 -79.53
C ASN L 103 -57.30 34.65 -80.09
N ASN L 104 -56.27 35.45 -79.83
CA ASN L 104 -56.16 36.77 -80.44
C ASN L 104 -54.76 36.96 -81.02
N ALA L 105 -54.43 38.21 -81.41
CA ALA L 105 -53.20 38.46 -82.15
C ALA L 105 -51.96 38.33 -81.30
N THR L 106 -52.07 38.41 -79.97
CA THR L 106 -50.88 38.39 -79.12
C THR L 106 -50.48 36.97 -78.73
N ASN L 107 -51.39 36.25 -78.06
CA ASN L 107 -51.08 34.91 -77.57
C ASN L 107 -52.36 34.09 -77.57
N VAL L 108 -52.33 32.96 -76.87
CA VAL L 108 -53.49 32.11 -76.67
C VAL L 108 -53.59 31.77 -75.19
N VAL L 109 -54.81 31.83 -74.65
CA VAL L 109 -55.06 31.55 -73.24
C VAL L 109 -56.01 30.37 -73.16
N ILE L 110 -55.58 29.30 -72.50
CA ILE L 110 -56.42 28.12 -72.32
C ILE L 110 -56.72 27.95 -70.84
N LYS L 111 -57.87 28.48 -70.40
CA LYS L 111 -58.25 28.46 -68.99
C LYS L 111 -59.24 27.34 -68.75
N VAL L 112 -58.93 26.48 -67.78
CA VAL L 112 -59.83 25.42 -67.34
C VAL L 112 -60.19 25.64 -65.88
N CYS L 113 -61.48 25.61 -65.59
CA CYS L 113 -62.03 25.85 -64.25
C CYS L 113 -63.50 25.46 -64.28
N GLU L 114 -64.21 25.76 -63.19
CA GLU L 114 -65.66 25.60 -63.13
C GLU L 114 -66.29 26.94 -63.49
N PHE L 115 -66.34 27.19 -64.81
CA PHE L 115 -66.77 28.47 -65.34
C PHE L 115 -68.21 28.39 -65.83
N GLN L 116 -68.96 29.46 -65.59
CA GLN L 116 -70.34 29.57 -66.04
C GLN L 116 -70.38 30.19 -67.43
N PHE L 117 -71.17 29.59 -68.32
CA PHE L 117 -71.27 30.03 -69.70
C PHE L 117 -72.72 30.30 -70.08
N CYS L 118 -72.89 31.24 -71.00
CA CYS L 118 -74.21 31.57 -71.53
C CYS L 118 -74.63 30.58 -72.59
N ASN L 119 -75.90 30.67 -72.99
CA ASN L 119 -76.42 29.76 -74.02
C ASN L 119 -75.82 30.06 -75.38
N ASP L 120 -75.66 31.34 -75.72
CA ASP L 120 -75.08 31.77 -76.99
C ASP L 120 -73.98 32.81 -76.71
N PRO L 121 -72.79 32.36 -76.31
CA PRO L 121 -71.71 33.31 -76.06
C PRO L 121 -71.14 33.87 -77.36
N PHE L 122 -70.60 35.08 -77.26
CA PHE L 122 -69.99 35.73 -78.41
C PHE L 122 -68.95 36.72 -77.92
N LEU L 123 -68.03 37.08 -78.81
CA LEU L 123 -66.96 38.02 -78.50
C LEU L 123 -67.33 39.41 -79.01
N ASP L 124 -66.41 40.35 -78.83
CA ASP L 124 -66.62 41.73 -79.27
C ASP L 124 -65.49 42.19 -80.18
N GLU L 136 -61.60 44.56 -79.89
CA GLU L 136 -61.70 43.32 -79.13
C GLU L 136 -61.07 43.50 -77.74
N SER L 137 -61.81 44.14 -76.84
CA SER L 137 -61.33 44.37 -75.49
C SER L 137 -62.38 44.13 -74.41
N GLU L 138 -63.58 43.66 -74.76
CA GLU L 138 -64.65 43.41 -73.81
C GLU L 138 -65.05 41.93 -73.88
N PHE L 139 -65.28 41.33 -72.71
CA PHE L 139 -65.62 39.92 -72.59
C PHE L 139 -67.11 39.82 -72.28
N ARG L 140 -67.88 39.28 -73.23
CA ARG L 140 -69.31 39.08 -73.07
C ARG L 140 -69.68 37.60 -72.93
N VAL L 141 -68.69 36.72 -72.78
CA VAL L 141 -68.96 35.30 -72.65
C VAL L 141 -69.61 35.00 -71.29
N TYR L 142 -69.07 35.58 -70.22
CA TYR L 142 -69.61 35.37 -68.89
C TYR L 142 -70.40 36.60 -68.43
N PHE L 150 -55.79 26.09 -64.67
CA PHE L 150 -54.48 26.59 -65.06
C PHE L 150 -54.50 27.10 -66.49
N GLU L 151 -53.73 28.15 -66.76
CA GLU L 151 -53.65 28.73 -68.09
C GLU L 151 -52.47 28.17 -68.85
N TYR L 152 -52.49 28.38 -70.17
CA TYR L 152 -51.44 27.87 -71.07
C TYR L 152 -51.20 28.95 -72.13
N VAL L 153 -50.13 29.72 -71.95
CA VAL L 153 -49.78 30.82 -72.84
C VAL L 153 -48.70 30.35 -73.80
N SER L 154 -48.96 30.47 -75.10
CA SER L 154 -48.03 30.03 -76.13
C SER L 154 -48.29 30.84 -77.40
N GLN L 155 -47.72 30.37 -78.50
CA GLN L 155 -47.90 31.03 -79.78
C GLN L 155 -49.35 30.88 -80.26
N PRO L 156 -49.92 31.91 -80.90
CA PRO L 156 -51.27 31.77 -81.45
C PRO L 156 -51.32 30.79 -82.61
N PHE L 157 -52.55 30.41 -82.97
CA PHE L 157 -52.80 29.43 -84.02
C PHE L 157 -52.99 30.09 -85.39
N LEU L 158 -52.37 31.25 -85.60
CA LEU L 158 -52.47 31.94 -86.88
C LEU L 158 -51.18 31.82 -87.68
N LYS L 169 -57.20 31.91 -100.54
CA LYS L 169 -57.00 32.14 -99.11
C LYS L 169 -56.54 30.86 -98.42
N ASN L 170 -56.30 30.97 -97.11
CA ASN L 170 -55.81 29.84 -96.33
C ASN L 170 -56.99 28.97 -95.87
N LEU L 171 -56.65 27.88 -95.19
CA LEU L 171 -57.66 26.97 -94.65
C LEU L 171 -57.13 26.42 -93.33
N ARG L 172 -57.64 26.93 -92.22
CA ARG L 172 -57.16 26.54 -90.89
C ARG L 172 -57.85 25.24 -90.50
N GLU L 173 -57.20 24.12 -90.78
CA GLU L 173 -57.72 22.80 -90.45
C GLU L 173 -57.32 22.44 -89.02
N PHE L 174 -58.31 22.12 -88.20
CA PHE L 174 -58.10 21.77 -86.80
C PHE L 174 -58.67 20.39 -86.52
N VAL L 175 -57.86 19.53 -85.91
CA VAL L 175 -58.29 18.20 -85.48
C VAL L 175 -58.10 18.12 -83.97
N PHE L 176 -59.17 17.82 -83.25
CA PHE L 176 -59.14 17.72 -81.79
C PHE L 176 -59.42 16.30 -81.36
N LYS L 177 -58.75 15.86 -80.30
CA LYS L 177 -58.92 14.52 -79.76
C LYS L 177 -59.05 14.60 -78.24
N ASN L 178 -59.71 13.60 -77.67
CA ASN L 178 -59.91 13.54 -76.23
C ASN L 178 -59.90 12.07 -75.82
N ILE L 179 -58.74 11.60 -75.37
CA ILE L 179 -58.58 10.22 -74.92
C ILE L 179 -57.48 10.19 -73.87
N ASP L 180 -57.58 9.21 -72.96
CA ASP L 180 -56.62 8.98 -71.88
C ASP L 180 -56.47 10.19 -70.96
N GLY L 181 -57.54 10.98 -70.82
CA GLY L 181 -57.50 12.15 -69.97
C GLY L 181 -56.66 13.29 -70.51
N TYR L 182 -56.36 13.30 -71.81
CA TYR L 182 -55.53 14.30 -72.43
C TYR L 182 -56.34 15.12 -73.44
N PHE L 183 -55.67 16.06 -74.09
CA PHE L 183 -56.29 16.89 -75.12
C PHE L 183 -55.22 17.24 -76.14
N LYS L 184 -55.44 16.88 -77.39
CA LYS L 184 -54.46 17.04 -78.46
C LYS L 184 -55.01 17.97 -79.54
N ILE L 185 -54.12 18.80 -80.10
CA ILE L 185 -54.47 19.77 -81.13
C ILE L 185 -53.60 19.51 -82.34
N TYR L 186 -54.23 19.36 -83.51
CA TYR L 186 -53.53 19.16 -84.77
C TYR L 186 -53.92 20.27 -85.73
N SER L 187 -52.92 20.94 -86.31
CA SER L 187 -53.20 22.10 -87.14
C SER L 187 -52.05 22.37 -88.10
N LYS L 188 -52.40 22.50 -89.39
CA LYS L 188 -51.52 23.12 -90.38
C LYS L 188 -52.38 23.99 -91.28
N HIS L 189 -51.91 25.19 -91.58
CA HIS L 189 -52.65 26.15 -92.41
C HIS L 189 -52.16 26.00 -93.85
N THR L 190 -52.96 25.35 -94.68
CA THR L 190 -52.63 25.11 -96.07
C THR L 190 -53.48 25.99 -96.96
N PRO L 191 -52.89 26.89 -97.75
CA PRO L 191 -53.68 27.73 -98.65
C PRO L 191 -54.26 26.93 -99.80
N ILE L 192 -55.40 27.42 -100.30
CA ILE L 192 -56.08 26.76 -101.41
C ILE L 192 -55.73 27.42 -102.73
N ASP L 197 -67.66 22.65 -101.25
CA ASP L 197 -66.67 21.86 -101.97
C ASP L 197 -65.26 22.04 -101.41
N LEU L 198 -64.74 20.98 -100.80
CA LEU L 198 -63.38 21.01 -100.28
C LEU L 198 -62.38 21.01 -101.43
N PRO L 199 -61.24 21.68 -101.28
CA PRO L 199 -60.23 21.67 -102.35
C PRO L 199 -59.62 20.30 -102.54
N GLN L 200 -59.26 19.99 -103.78
CA GLN L 200 -58.70 18.70 -104.13
C GLN L 200 -57.21 18.69 -103.84
N GLY L 201 -56.79 17.83 -102.93
CA GLY L 201 -55.38 17.72 -102.58
C GLY L 201 -55.22 16.87 -101.34
N PHE L 202 -53.94 16.67 -100.98
CA PHE L 202 -53.60 15.87 -99.82
C PHE L 202 -52.60 16.61 -98.96
N SER L 203 -52.85 16.60 -97.64
CA SER L 203 -51.95 17.23 -96.69
C SER L 203 -52.16 16.57 -95.33
N ALA L 204 -51.16 16.70 -94.47
CA ALA L 204 -51.21 16.13 -93.14
C ALA L 204 -51.62 17.19 -92.12
N LEU L 205 -51.66 16.77 -90.85
CA LEU L 205 -51.93 17.66 -89.72
C LEU L 205 -50.86 17.39 -88.66
N GLU L 206 -49.93 18.32 -88.48
CA GLU L 206 -48.88 18.13 -87.50
C GLU L 206 -49.43 18.33 -86.09
N PRO L 207 -48.85 17.65 -85.09
CA PRO L 207 -49.32 17.82 -83.72
C PRO L 207 -48.87 19.14 -83.10
N LEU L 208 -49.28 19.34 -81.87
CA LEU L 208 -48.99 20.56 -81.11
C LEU L 208 -48.86 20.19 -79.64
N VAL L 209 -48.96 21.19 -78.76
CA VAL L 209 -48.84 20.95 -77.33
C VAL L 209 -50.01 20.12 -76.82
N ASP L 210 -49.79 19.42 -75.70
CA ASP L 210 -50.78 18.55 -75.10
C ASP L 210 -51.26 19.15 -73.79
N LEU L 211 -52.57 19.13 -73.57
CA LEU L 211 -53.16 19.72 -72.38
C LEU L 211 -53.68 18.62 -71.46
N PRO L 212 -53.02 18.35 -70.34
CA PRO L 212 -53.53 17.35 -69.40
C PRO L 212 -54.74 17.85 -68.63
N ILE L 213 -55.90 17.26 -68.88
CA ILE L 213 -57.16 17.65 -68.23
C ILE L 213 -57.64 16.55 -67.27
N GLY L 214 -57.90 15.35 -67.79
CA GLY L 214 -58.31 14.25 -66.96
C GLY L 214 -59.78 13.91 -67.06
N ILE L 215 -60.63 14.93 -67.12
CA ILE L 215 -62.07 14.70 -67.21
C ILE L 215 -62.45 14.32 -68.64
N ASN L 216 -63.67 13.82 -68.78
CA ASN L 216 -64.21 13.48 -70.09
C ASN L 216 -64.99 14.64 -70.69
N ILE L 217 -65.14 14.63 -72.01
CA ILE L 217 -65.83 15.67 -72.75
C ILE L 217 -67.08 15.08 -73.37
N THR L 218 -68.24 15.70 -73.11
CA THR L 218 -69.51 15.24 -73.64
C THR L 218 -70.08 16.17 -74.71
N ARG L 219 -70.20 17.46 -74.42
CA ARG L 219 -70.73 18.43 -75.38
C ARG L 219 -69.68 19.51 -75.62
N PHE L 220 -69.76 20.15 -76.79
CA PHE L 220 -68.85 21.23 -77.14
C PHE L 220 -69.63 22.32 -77.85
N GLN L 221 -68.97 23.47 -78.01
CA GLN L 221 -69.57 24.62 -78.69
C GLN L 221 -68.45 25.46 -79.28
N THR L 222 -68.81 26.27 -80.28
CA THR L 222 -67.88 27.18 -80.92
C THR L 222 -68.20 28.62 -80.54
N LEU L 223 -67.39 29.55 -81.05
CA LEU L 223 -67.56 30.96 -80.78
C LEU L 223 -67.67 31.73 -82.09
N LEU L 224 -68.29 32.91 -82.01
CA LEU L 224 -68.38 33.83 -83.12
C LEU L 224 -67.62 35.11 -82.76
N ALA L 225 -66.67 35.49 -83.61
CA ALA L 225 -65.85 36.67 -83.36
C ALA L 225 -66.48 37.87 -84.05
N LEU L 226 -66.94 38.84 -83.26
CA LEU L 226 -67.57 40.03 -83.80
C LEU L 226 -66.49 41.04 -84.15
N HIS L 227 -66.35 41.32 -85.46
CA HIS L 227 -65.35 42.27 -85.93
C HIS L 227 -65.84 43.70 -85.80
N ALA L 244 -70.89 35.76 -90.17
CA ALA L 244 -69.45 35.99 -90.24
C ALA L 244 -68.81 35.10 -91.30
N ALA L 245 -68.54 33.84 -90.93
CA ALA L 245 -67.92 32.89 -91.84
C ALA L 245 -68.65 31.55 -91.69
N ALA L 246 -68.09 30.51 -92.31
CA ALA L 246 -68.65 29.18 -92.28
C ALA L 246 -67.53 28.17 -91.99
N TYR L 247 -67.91 27.03 -91.43
CA TYR L 247 -66.95 26.04 -90.97
C TYR L 247 -67.51 24.63 -91.14
N TYR L 248 -66.62 23.67 -91.31
CA TYR L 248 -67.01 22.27 -91.34
C TYR L 248 -66.94 21.66 -89.95
N VAL L 249 -67.80 20.68 -89.71
CA VAL L 249 -67.83 19.94 -88.46
C VAL L 249 -67.75 18.45 -88.79
N GLY L 250 -66.73 17.77 -88.29
CA GLY L 250 -66.51 16.37 -88.56
C GLY L 250 -66.58 15.50 -87.32
N TYR L 251 -66.68 14.20 -87.56
CA TYR L 251 -66.78 13.20 -86.50
C TYR L 251 -65.87 12.03 -86.83
N LEU L 252 -65.22 11.48 -85.81
CA LEU L 252 -64.29 10.39 -85.98
C LEU L 252 -64.79 9.12 -85.30
N GLN L 253 -64.50 7.98 -85.91
CA GLN L 253 -64.71 6.68 -85.30
C GLN L 253 -63.46 5.85 -85.52
N PRO L 254 -63.13 4.93 -84.60
CA PRO L 254 -61.87 4.17 -84.73
C PRO L 254 -61.90 3.20 -85.91
N ARG L 255 -60.84 3.25 -86.70
CA ARG L 255 -60.65 2.34 -87.83
C ARG L 255 -59.16 2.22 -88.09
N THR L 256 -58.81 1.56 -89.20
CA THR L 256 -57.43 1.27 -89.55
C THR L 256 -57.04 2.04 -90.81
N PHE L 257 -55.93 2.78 -90.73
CA PHE L 257 -55.38 3.47 -91.89
C PHE L 257 -54.13 2.76 -92.37
N LEU L 258 -53.63 3.19 -93.53
CA LEU L 258 -52.35 2.73 -94.06
C LEU L 258 -51.64 3.95 -94.62
N LEU L 259 -50.70 4.49 -93.86
CA LEU L 259 -50.01 5.73 -94.21
C LEU L 259 -48.71 5.43 -94.93
N LYS L 260 -48.49 6.12 -96.04
CA LYS L 260 -47.27 5.97 -96.85
C LYS L 260 -46.35 7.15 -96.53
N TYR L 261 -45.39 6.91 -95.65
CA TYR L 261 -44.40 7.93 -95.33
C TYR L 261 -43.45 8.13 -96.50
N ASN L 262 -42.96 9.36 -96.65
CA ASN L 262 -42.00 9.69 -97.70
C ASN L 262 -40.59 9.47 -97.18
N GLU L 263 -39.59 9.79 -98.00
CA GLU L 263 -38.20 9.62 -97.58
C GLU L 263 -37.82 10.65 -96.53
N ASN L 264 -38.32 11.88 -96.66
CA ASN L 264 -38.00 12.92 -95.69
C ASN L 264 -38.75 12.74 -94.38
N GLY L 265 -39.91 12.10 -94.42
CA GLY L 265 -40.68 11.85 -93.21
C GLY L 265 -42.01 12.55 -93.17
N THR L 266 -42.62 12.77 -94.34
CA THR L 266 -43.90 13.45 -94.44
C THR L 266 -44.93 12.49 -95.00
N ILE L 267 -46.16 12.59 -94.48
CA ILE L 267 -47.26 11.76 -94.96
C ILE L 267 -47.85 12.42 -96.20
N THR L 268 -47.85 11.68 -97.32
CA THR L 268 -48.31 12.21 -98.59
C THR L 268 -49.45 11.42 -99.22
N ASP L 269 -49.73 10.20 -98.76
CA ASP L 269 -50.80 9.40 -99.34
C ASP L 269 -51.28 8.40 -98.29
N ALA L 270 -52.58 8.34 -98.07
CA ALA L 270 -53.20 7.40 -97.15
C ALA L 270 -54.38 6.71 -97.82
N VAL L 271 -54.51 5.42 -97.56
CA VAL L 271 -55.61 4.61 -98.09
C VAL L 271 -56.32 3.95 -96.91
N ASP L 272 -57.64 3.82 -97.01
CA ASP L 272 -58.42 3.29 -95.91
C ASP L 272 -58.31 1.77 -95.86
N CYS L 273 -59.07 1.16 -94.95
CA CYS L 273 -59.13 -0.28 -94.83
C CYS L 273 -60.57 -0.79 -94.85
N ALA L 274 -61.55 0.12 -94.83
CA ALA L 274 -62.96 -0.26 -94.93
C ALA L 274 -63.60 0.63 -96.01
N LEU L 275 -63.54 0.14 -97.24
CA LEU L 275 -64.00 0.85 -98.44
C LEU L 275 -64.33 -0.20 -99.50
N ASP L 276 -64.37 0.25 -100.75
CA ASP L 276 -64.42 -0.67 -101.88
C ASP L 276 -63.23 -1.64 -101.81
N PRO L 277 -63.41 -2.90 -102.22
CA PRO L 277 -62.47 -3.96 -101.81
C PRO L 277 -61.03 -3.80 -102.29
N LEU L 278 -60.77 -2.93 -103.27
CA LEU L 278 -59.38 -2.64 -103.64
C LEU L 278 -58.64 -1.96 -102.50
N SER L 279 -59.31 -1.06 -101.77
CA SER L 279 -58.70 -0.43 -100.61
C SER L 279 -58.43 -1.43 -99.51
N GLU L 280 -59.33 -2.41 -99.31
CA GLU L 280 -59.10 -3.44 -98.32
C GLU L 280 -57.96 -4.37 -98.74
N THR L 281 -57.82 -4.63 -100.04
CA THR L 281 -56.69 -5.40 -100.54
C THR L 281 -55.38 -4.67 -100.30
N LYS L 282 -55.37 -3.35 -100.52
CA LYS L 282 -54.18 -2.56 -100.24
C LYS L 282 -53.88 -2.51 -98.74
N CYS L 283 -54.93 -2.54 -97.91
CA CYS L 283 -54.76 -2.60 -96.47
C CYS L 283 -54.12 -3.92 -96.04
N THR L 284 -54.61 -5.03 -96.56
CA THR L 284 -54.13 -6.34 -96.13
C THR L 284 -52.85 -6.79 -96.83
N LEU L 285 -52.44 -6.11 -97.90
CA LEU L 285 -51.22 -6.46 -98.60
C LEU L 285 -50.03 -5.57 -98.23
N LYS L 286 -50.28 -4.48 -97.48
CA LYS L 286 -49.26 -3.52 -97.06
C LYS L 286 -48.50 -2.93 -98.25
N SER L 287 -49.23 -2.63 -99.32
CA SER L 287 -48.63 -2.06 -100.51
C SER L 287 -49.67 -1.19 -101.22
N PHE L 288 -49.19 -0.24 -102.02
CA PHE L 288 -50.05 0.66 -102.75
C PHE L 288 -50.33 0.20 -104.18
N THR L 289 -49.46 -0.63 -104.75
CA THR L 289 -49.62 -1.15 -106.10
C THR L 289 -49.86 -2.65 -106.03
N VAL L 290 -50.96 -3.11 -106.64
CA VAL L 290 -51.31 -4.51 -106.66
C VAL L 290 -51.32 -5.00 -108.10
N GLU L 291 -51.09 -6.31 -108.25
CA GLU L 291 -51.10 -6.95 -109.56
C GLU L 291 -52.35 -7.81 -109.70
N LYS L 292 -52.51 -8.40 -110.89
CA LYS L 292 -53.64 -9.28 -111.13
C LYS L 292 -53.47 -10.60 -110.41
N GLY L 293 -54.59 -11.23 -110.08
CA GLY L 293 -54.60 -12.48 -109.35
C GLY L 293 -55.71 -12.49 -108.32
N ILE L 294 -55.68 -13.49 -107.45
CA ILE L 294 -56.68 -13.67 -106.41
C ILE L 294 -56.04 -13.41 -105.06
N TYR L 295 -56.72 -12.62 -104.23
CA TYR L 295 -56.24 -12.27 -102.90
C TYR L 295 -57.34 -12.49 -101.88
N GLN L 296 -57.05 -13.28 -100.85
CA GLN L 296 -57.97 -13.48 -99.74
C GLN L 296 -57.63 -12.48 -98.64
N THR L 297 -58.53 -11.54 -98.39
CA THR L 297 -58.28 -10.45 -97.46
C THR L 297 -58.88 -10.71 -96.08
N SER L 298 -60.18 -10.95 -96.00
CA SER L 298 -60.86 -11.13 -94.72
C SER L 298 -62.13 -11.93 -94.97
N ASN L 299 -63.01 -11.99 -93.98
CA ASN L 299 -64.20 -12.85 -94.12
C ASN L 299 -65.50 -12.12 -94.40
N PHE L 300 -66.54 -12.91 -94.70
CA PHE L 300 -67.85 -12.35 -95.00
C PHE L 300 -68.90 -13.00 -94.12
N ARG L 301 -68.54 -13.28 -92.87
CA ARG L 301 -69.48 -13.97 -91.99
C ARG L 301 -70.79 -13.22 -91.98
N VAL L 302 -71.87 -13.90 -92.34
CA VAL L 302 -73.16 -13.23 -92.42
C VAL L 302 -73.49 -12.69 -91.04
N GLN L 303 -74.08 -11.50 -90.99
CA GLN L 303 -74.33 -10.88 -89.69
C GLN L 303 -75.78 -10.92 -89.23
N PRO L 304 -75.99 -11.08 -87.92
CA PRO L 304 -77.34 -11.12 -87.34
C PRO L 304 -77.95 -9.73 -87.25
N THR L 305 -79.27 -9.70 -87.10
CA THR L 305 -80.01 -8.45 -87.05
C THR L 305 -80.84 -8.24 -85.79
N GLU L 306 -81.06 -9.28 -84.99
CA GLU L 306 -81.88 -9.15 -83.78
C GLU L 306 -81.48 -10.24 -82.81
N SER L 307 -81.90 -10.07 -81.55
CA SER L 307 -81.60 -11.01 -80.47
C SER L 307 -82.86 -11.76 -80.07
N ILE L 308 -82.71 -13.07 -79.86
CA ILE L 308 -83.80 -13.94 -79.45
C ILE L 308 -83.43 -14.57 -78.12
N VAL L 309 -84.22 -14.29 -77.09
CA VAL L 309 -84.02 -14.86 -75.75
C VAL L 309 -85.33 -15.49 -75.29
N ARG L 310 -85.23 -16.72 -74.78
CA ARG L 310 -86.40 -17.44 -74.27
C ARG L 310 -85.98 -18.23 -73.03
N PHE L 311 -86.67 -17.98 -71.91
CA PHE L 311 -86.56 -18.67 -70.63
C PHE L 311 -87.86 -19.34 -70.26
N PRO L 312 -87.85 -20.35 -69.38
CA PRO L 312 -89.10 -21.01 -68.97
C PRO L 312 -90.09 -20.06 -68.31
N ASN L 313 -91.38 -20.32 -68.54
CA ASN L 313 -92.46 -19.49 -68.02
C ASN L 313 -92.88 -19.94 -66.62
N ILE L 314 -91.90 -20.02 -65.73
CA ILE L 314 -92.10 -20.35 -64.34
C ILE L 314 -91.60 -19.18 -63.49
N THR L 315 -92.42 -18.74 -62.55
CA THR L 315 -92.08 -17.59 -61.70
C THR L 315 -92.43 -17.98 -60.27
N ASN L 316 -91.44 -18.54 -59.55
CA ASN L 316 -91.66 -19.03 -58.21
C ASN L 316 -90.89 -18.29 -57.13
N LEU L 317 -89.98 -17.37 -57.51
CA LEU L 317 -89.28 -16.47 -56.58
C LEU L 317 -88.47 -17.25 -55.55
N CYS L 318 -87.37 -17.88 -56.04
CA CYS L 318 -86.41 -18.72 -55.33
C CYS L 318 -86.13 -18.24 -53.91
N PRO L 319 -86.15 -19.13 -52.92
CA PRO L 319 -86.05 -18.71 -51.51
C PRO L 319 -84.63 -18.29 -51.12
N PHE L 320 -84.15 -17.20 -51.72
CA PHE L 320 -82.91 -16.58 -51.28
C PHE L 320 -83.09 -15.81 -49.99
N ASP L 321 -84.33 -15.43 -49.65
CA ASP L 321 -84.59 -14.75 -48.39
C ASP L 321 -84.45 -15.69 -47.21
N GLU L 322 -84.74 -16.97 -47.39
CA GLU L 322 -84.63 -17.95 -46.31
C GLU L 322 -83.17 -18.16 -45.90
N VAL L 323 -82.27 -18.27 -46.89
CA VAL L 323 -80.87 -18.52 -46.58
C VAL L 323 -80.16 -17.24 -46.13
N PHE L 324 -80.67 -16.07 -46.52
CA PHE L 324 -80.05 -14.80 -46.14
C PHE L 324 -80.65 -14.24 -44.86
N ASN L 325 -81.97 -14.02 -44.84
CA ASN L 325 -82.64 -13.40 -43.69
C ASN L 325 -83.01 -14.50 -42.69
N ALA L 326 -82.03 -14.89 -41.89
CA ALA L 326 -82.22 -15.87 -40.83
C ALA L 326 -81.57 -15.36 -39.55
N THR L 327 -82.15 -15.74 -38.42
CA THR L 327 -81.62 -15.32 -37.12
C THR L 327 -80.27 -15.98 -36.83
N ARG L 328 -80.20 -17.29 -37.00
CA ARG L 328 -78.97 -18.06 -36.81
C ARG L 328 -78.74 -18.93 -38.03
N PHE L 329 -77.53 -18.86 -38.60
CA PHE L 329 -77.27 -19.62 -39.81
C PHE L 329 -76.92 -21.07 -39.49
N ALA L 330 -75.77 -21.28 -38.85
CA ALA L 330 -75.21 -22.60 -38.52
C ALA L 330 -73.92 -22.44 -37.75
N SER L 331 -73.33 -23.55 -37.31
CA SER L 331 -71.96 -23.55 -36.82
C SER L 331 -70.99 -23.79 -37.98
N VAL L 332 -69.70 -23.72 -37.66
CA VAL L 332 -68.69 -23.97 -38.70
C VAL L 332 -68.66 -25.45 -39.07
N TYR L 333 -68.73 -26.33 -38.07
CA TYR L 333 -68.72 -27.76 -38.31
C TYR L 333 -70.11 -28.32 -38.59
N ALA L 334 -71.15 -27.51 -38.50
CA ALA L 334 -72.53 -27.94 -38.68
C ALA L 334 -73.19 -27.17 -39.82
N TRP L 335 -72.46 -27.01 -40.92
CA TRP L 335 -73.00 -26.33 -42.10
C TRP L 335 -74.08 -27.17 -42.77
N ASN L 336 -75.29 -26.62 -42.84
CA ASN L 336 -76.51 -27.34 -43.17
C ASN L 336 -76.72 -27.49 -44.68
N ARG L 337 -77.87 -28.04 -45.03
CA ARG L 337 -78.24 -28.35 -46.42
C ARG L 337 -79.54 -27.66 -46.82
N LYS L 338 -79.46 -26.73 -47.77
CA LYS L 338 -80.64 -26.19 -48.44
C LYS L 338 -80.49 -26.36 -49.94
N ARG L 339 -81.58 -26.82 -50.57
CA ARG L 339 -81.60 -27.09 -52.01
C ARG L 339 -82.67 -26.21 -52.65
N ILE L 340 -82.23 -25.29 -53.51
CA ILE L 340 -83.12 -24.36 -54.19
C ILE L 340 -83.17 -24.74 -55.66
N SER L 341 -84.38 -25.00 -56.16
CA SER L 341 -84.55 -25.48 -57.52
C SER L 341 -85.97 -25.13 -58.00
N ASN L 342 -86.15 -25.24 -59.32
CA ASN L 342 -87.46 -25.09 -59.99
C ASN L 342 -88.05 -23.69 -59.76
N CYS L 343 -87.23 -22.67 -59.99
CA CYS L 343 -87.67 -21.29 -59.85
C CYS L 343 -86.72 -20.40 -60.66
N VAL L 344 -86.95 -19.09 -60.60
CA VAL L 344 -86.10 -18.11 -61.24
C VAL L 344 -85.43 -17.25 -60.16
N ALA L 345 -84.14 -17.00 -60.33
CA ALA L 345 -83.36 -16.29 -59.33
C ALA L 345 -83.51 -14.78 -59.49
N ASP L 346 -83.19 -14.05 -58.43
CA ASP L 346 -83.22 -12.60 -58.45
C ASP L 346 -81.99 -12.11 -57.68
N TYR L 347 -80.93 -11.77 -58.41
CA TYR L 347 -79.67 -11.35 -57.81
C TYR L 347 -79.63 -9.85 -57.54
N SER L 348 -80.70 -9.11 -57.87
CA SER L 348 -80.77 -7.68 -57.61
C SER L 348 -81.14 -7.37 -56.16
N VAL L 349 -81.59 -8.37 -55.39
CA VAL L 349 -81.94 -8.15 -53.99
C VAL L 349 -80.79 -8.44 -53.04
N LEU L 350 -79.66 -8.96 -53.54
CA LEU L 350 -78.53 -9.25 -52.66
C LEU L 350 -77.83 -7.97 -52.21
N TYR L 351 -77.75 -6.98 -53.09
CA TYR L 351 -77.03 -5.75 -52.76
C TYR L 351 -77.77 -4.88 -51.76
N ASN L 352 -79.07 -5.09 -51.57
CA ASN L 352 -79.86 -4.29 -50.65
C ASN L 352 -79.80 -4.78 -49.21
N PHE L 353 -79.17 -5.91 -48.95
CA PHE L 353 -79.15 -6.47 -47.60
C PHE L 353 -78.06 -5.84 -46.75
N ALA L 354 -76.81 -5.99 -47.15
CA ALA L 354 -75.68 -5.52 -46.35
C ALA L 354 -74.51 -5.25 -47.29
N PRO L 355 -73.61 -4.32 -46.93
CA PRO L 355 -72.40 -4.12 -47.74
C PRO L 355 -71.47 -5.31 -47.65
N PHE L 356 -70.96 -5.73 -48.81
CA PHE L 356 -70.12 -6.91 -48.89
C PHE L 356 -68.67 -6.58 -48.51
N PHE L 357 -67.97 -7.60 -48.02
CA PHE L 357 -66.61 -7.42 -47.51
C PHE L 357 -65.56 -7.62 -48.60
N ALA L 358 -65.51 -8.82 -49.19
CA ALA L 358 -64.58 -9.13 -50.26
C ALA L 358 -65.26 -9.21 -51.61
N PHE L 359 -66.27 -10.07 -51.74
CA PHE L 359 -67.14 -10.19 -52.91
C PHE L 359 -66.37 -10.57 -54.18
N LYS L 360 -65.21 -11.20 -54.02
CA LYS L 360 -64.46 -11.75 -55.13
C LYS L 360 -65.15 -12.99 -55.69
N CYS L 361 -64.99 -13.22 -57.00
CA CYS L 361 -65.61 -14.38 -57.62
C CYS L 361 -64.75 -15.00 -58.70
N TYR L 362 -64.75 -16.33 -58.73
CA TYR L 362 -64.12 -17.13 -59.77
C TYR L 362 -65.20 -17.91 -60.52
N GLY L 363 -64.93 -18.20 -61.78
CA GLY L 363 -65.88 -18.95 -62.59
C GLY L 363 -66.94 -18.06 -63.20
N VAL L 364 -67.73 -17.40 -62.35
CA VAL L 364 -68.74 -16.45 -62.78
C VAL L 364 -68.39 -15.08 -62.21
N SER L 365 -69.01 -14.06 -62.80
CA SER L 365 -68.89 -12.71 -62.28
C SER L 365 -70.20 -12.27 -61.62
N PRO L 366 -70.13 -11.48 -60.55
CA PRO L 366 -71.37 -10.96 -59.96
C PRO L 366 -71.87 -9.69 -60.63
N THR L 367 -71.80 -9.65 -61.96
CA THR L 367 -72.42 -8.58 -62.74
C THR L 367 -73.25 -9.21 -63.85
N LYS L 368 -72.72 -10.28 -64.45
CA LYS L 368 -73.42 -11.02 -65.51
C LYS L 368 -74.13 -12.24 -64.96
N LEU L 369 -74.96 -12.06 -63.94
CA LEU L 369 -75.74 -13.15 -63.36
C LEU L 369 -77.20 -13.12 -63.80
N ASN L 370 -77.62 -12.09 -64.53
CA ASN L 370 -78.97 -12.01 -65.05
C ASN L 370 -79.12 -12.68 -66.41
N ASP L 371 -78.01 -13.10 -67.02
CA ASP L 371 -78.03 -13.74 -68.33
C ASP L 371 -77.74 -15.23 -68.30
N LEU L 372 -77.72 -15.85 -67.12
CA LEU L 372 -77.39 -17.27 -67.03
C LEU L 372 -78.57 -18.06 -66.50
N CYS L 373 -78.68 -19.30 -66.98
CA CYS L 373 -79.68 -20.23 -66.45
C CYS L 373 -79.07 -21.62 -66.40
N PHE L 374 -79.03 -22.20 -65.20
CA PHE L 374 -78.41 -23.49 -64.96
C PHE L 374 -79.27 -24.22 -63.92
N THR L 375 -78.72 -25.26 -63.29
CA THR L 375 -79.49 -26.07 -62.36
C THR L 375 -78.74 -26.30 -61.05
N ASN L 376 -79.52 -26.50 -59.99
CA ASN L 376 -79.07 -27.07 -58.71
C ASN L 376 -77.97 -26.22 -58.05
N VAL L 377 -78.39 -25.02 -57.62
CA VAL L 377 -77.51 -24.20 -56.78
C VAL L 377 -77.33 -24.87 -55.42
N TYR L 378 -76.22 -24.53 -54.75
CA TYR L 378 -75.93 -24.98 -53.40
C TYR L 378 -75.53 -23.79 -52.55
N ALA L 379 -76.25 -23.58 -51.44
CA ALA L 379 -76.01 -22.47 -50.53
C ALA L 379 -75.49 -23.00 -49.20
N ASP L 380 -74.39 -22.45 -48.73
CA ASP L 380 -73.76 -22.84 -47.48
C ASP L 380 -73.94 -21.75 -46.44
N SER L 381 -74.05 -22.15 -45.18
CA SER L 381 -74.21 -21.20 -44.08
C SER L 381 -73.20 -21.52 -43.00
N PHE L 382 -72.33 -20.55 -42.72
CA PHE L 382 -71.41 -20.63 -41.59
C PHE L 382 -70.93 -19.22 -41.27
N VAL L 383 -70.35 -19.06 -40.08
CA VAL L 383 -69.85 -17.78 -39.61
C VAL L 383 -68.39 -17.94 -39.21
N ILE L 384 -67.56 -16.97 -39.59
CA ILE L 384 -66.13 -17.02 -39.36
C ILE L 384 -65.65 -15.65 -38.86
N ARG L 385 -64.48 -15.65 -38.24
CA ARG L 385 -63.95 -14.49 -37.53
C ARG L 385 -63.03 -13.62 -38.38
N GLY L 386 -63.50 -13.19 -39.55
CA GLY L 386 -62.82 -12.15 -40.29
C GLY L 386 -61.56 -12.53 -41.04
N ASN L 387 -60.51 -12.93 -40.32
CA ASN L 387 -59.23 -13.23 -40.96
C ASN L 387 -59.28 -14.51 -41.80
N GLU L 388 -60.29 -15.35 -41.60
CA GLU L 388 -60.44 -16.59 -42.34
C GLU L 388 -61.40 -16.45 -43.51
N VAL L 389 -61.77 -15.22 -43.88
CA VAL L 389 -62.59 -15.00 -45.07
C VAL L 389 -61.81 -15.41 -46.32
N SER L 390 -60.54 -15.03 -46.40
CA SER L 390 -59.68 -15.43 -47.51
C SER L 390 -59.41 -16.93 -47.52
N GLN L 391 -59.55 -17.61 -46.38
CA GLN L 391 -59.41 -19.06 -46.34
C GLN L 391 -60.61 -19.79 -46.93
N ILE L 392 -61.76 -19.13 -47.06
CA ILE L 392 -62.92 -19.72 -47.73
C ILE L 392 -62.75 -19.39 -49.21
N ALA L 393 -62.00 -20.25 -49.89
CA ALA L 393 -61.62 -20.06 -51.28
C ALA L 393 -61.21 -21.42 -51.84
N PRO L 394 -61.23 -21.58 -53.17
CA PRO L 394 -60.75 -22.86 -53.73
C PRO L 394 -59.26 -23.06 -53.53
N GLY L 395 -58.90 -23.97 -52.63
CA GLY L 395 -57.51 -24.28 -52.36
C GLY L 395 -56.80 -23.30 -51.45
N GLN L 396 -57.21 -23.23 -50.19
CA GLN L 396 -56.52 -22.43 -49.19
C GLN L 396 -56.34 -23.25 -47.92
N THR L 397 -55.26 -22.96 -47.19
CA THR L 397 -54.91 -23.67 -45.97
C THR L 397 -55.10 -22.77 -44.75
N GLY L 398 -55.09 -23.39 -43.59
CA GLY L 398 -55.27 -22.69 -42.34
C GLY L 398 -55.97 -23.58 -41.33
N ASN L 399 -56.47 -22.94 -40.27
CA ASN L 399 -57.26 -23.66 -39.27
C ASN L 399 -58.57 -24.16 -39.87
N ILE L 400 -59.24 -23.31 -40.64
CA ILE L 400 -60.41 -23.69 -41.41
C ILE L 400 -59.95 -23.92 -42.85
N ALA L 401 -60.70 -24.75 -43.58
CA ALA L 401 -60.46 -25.29 -44.92
C ALA L 401 -59.36 -26.34 -44.93
N ASP L 402 -58.84 -26.75 -43.76
CA ASP L 402 -58.03 -27.95 -43.65
C ASP L 402 -58.66 -29.00 -42.76
N TYR L 403 -59.63 -28.64 -41.92
CA TYR L 403 -60.24 -29.57 -40.98
C TYR L 403 -61.76 -29.51 -41.01
N ASN L 404 -62.31 -28.36 -41.43
CA ASN L 404 -63.74 -28.10 -41.29
C ASN L 404 -64.48 -28.10 -42.62
N TYR L 405 -64.06 -27.27 -43.57
CA TYR L 405 -64.82 -27.10 -44.82
C TYR L 405 -63.85 -26.65 -45.91
N LYS L 406 -63.42 -27.60 -46.74
CA LYS L 406 -62.42 -27.35 -47.77
C LYS L 406 -63.08 -27.28 -49.13
N LEU L 407 -62.79 -26.20 -49.86
CA LEU L 407 -63.29 -26.05 -51.22
C LEU L 407 -62.39 -26.80 -52.21
N PRO L 408 -62.97 -27.42 -53.24
CA PRO L 408 -62.16 -28.21 -54.17
C PRO L 408 -61.33 -27.37 -55.14
N ASP L 409 -60.64 -28.03 -56.06
CA ASP L 409 -59.81 -27.34 -57.03
C ASP L 409 -60.66 -26.48 -57.97
N ASP L 410 -61.74 -27.05 -58.48
CA ASP L 410 -62.69 -26.31 -59.31
C ASP L 410 -64.00 -26.13 -58.54
N PHE L 411 -64.47 -24.89 -58.49
CA PHE L 411 -65.61 -24.54 -57.65
C PHE L 411 -66.85 -24.19 -58.46
N THR L 412 -66.71 -23.38 -59.51
CA THR L 412 -67.81 -22.82 -60.30
C THR L 412 -68.82 -22.11 -59.38
N GLY L 413 -68.31 -21.10 -58.69
CA GLY L 413 -69.10 -20.37 -57.72
C GLY L 413 -68.17 -19.51 -56.88
N CYS L 414 -68.76 -18.80 -55.92
CA CYS L 414 -67.96 -17.87 -55.12
C CYS L 414 -68.66 -17.51 -53.82
N VAL L 415 -68.18 -16.41 -53.22
CA VAL L 415 -68.48 -16.06 -51.85
C VAL L 415 -69.41 -14.85 -51.82
N ILE L 416 -70.18 -14.76 -50.73
CA ILE L 416 -70.94 -13.57 -50.37
C ILE L 416 -70.72 -13.37 -48.88
N ALA L 417 -69.85 -12.43 -48.51
CA ALA L 417 -69.50 -12.20 -47.12
C ALA L 417 -69.82 -10.76 -46.74
N TRP L 418 -70.46 -10.59 -45.58
CA TRP L 418 -70.77 -9.26 -45.07
C TRP L 418 -70.53 -9.23 -43.57
N ASN L 419 -70.29 -8.03 -43.05
CA ASN L 419 -70.04 -7.84 -41.63
C ASN L 419 -71.34 -7.85 -40.85
N SER L 420 -71.31 -8.47 -39.66
CA SER L 420 -72.46 -8.49 -38.77
C SER L 420 -71.91 -8.54 -37.33
N ASN L 421 -71.78 -7.35 -36.73
CA ASN L 421 -71.25 -7.23 -35.38
C ASN L 421 -72.33 -6.86 -34.35
N LYS L 422 -73.60 -6.88 -34.76
CA LYS L 422 -74.70 -6.55 -33.85
C LYS L 422 -75.86 -7.52 -33.91
N LEU L 423 -76.04 -8.27 -35.00
CA LEU L 423 -77.15 -9.20 -35.08
C LEU L 423 -76.91 -10.47 -34.27
N ASP L 424 -75.65 -10.91 -34.17
CA ASP L 424 -75.34 -12.13 -33.44
C ASP L 424 -74.13 -11.98 -32.52
N SER L 425 -73.60 -10.78 -32.36
CA SER L 425 -72.47 -10.52 -31.48
C SER L 425 -72.97 -9.83 -30.21
N LYS L 426 -72.55 -10.34 -29.07
CA LYS L 426 -73.01 -9.85 -27.77
C LYS L 426 -71.83 -9.44 -26.91
N VAL L 427 -72.12 -8.57 -25.93
CA VAL L 427 -71.06 -7.94 -25.13
C VAL L 427 -70.32 -8.98 -24.30
N GLY L 428 -71.06 -9.88 -23.65
CA GLY L 428 -70.42 -10.95 -22.89
C GLY L 428 -69.85 -12.05 -23.75
N GLY L 429 -70.34 -12.19 -24.99
CA GLY L 429 -69.84 -13.20 -25.90
C GLY L 429 -70.95 -14.10 -26.40
N ASN L 430 -70.79 -14.58 -27.63
CA ASN L 430 -71.70 -15.55 -28.22
C ASN L 430 -70.96 -16.88 -28.34
N TYR L 431 -71.39 -17.87 -27.56
CA TYR L 431 -70.73 -19.17 -27.51
C TYR L 431 -71.40 -20.21 -28.40
N ASN L 432 -72.50 -19.87 -29.07
CA ASN L 432 -73.19 -20.83 -29.92
C ASN L 432 -72.37 -21.15 -31.18
N TYR L 433 -71.59 -20.18 -31.65
CA TYR L 433 -70.83 -20.32 -32.88
C TYR L 433 -69.48 -20.96 -32.53
N ARG L 434 -69.37 -22.27 -32.76
CA ARG L 434 -68.15 -23.02 -32.48
C ARG L 434 -67.55 -23.52 -33.78
N TYR L 435 -66.31 -24.01 -33.67
CA TYR L 435 -65.62 -24.57 -34.82
C TYR L 435 -64.80 -25.77 -34.38
N ARG L 436 -64.51 -26.65 -35.34
CA ARG L 436 -63.74 -27.85 -35.10
C ARG L 436 -62.25 -27.54 -35.21
N LEU L 437 -61.47 -28.04 -34.25
CA LEU L 437 -60.05 -27.73 -34.16
C LEU L 437 -59.15 -28.87 -34.60
N PHE L 438 -59.34 -30.07 -34.06
CA PHE L 438 -58.42 -31.19 -34.26
C PHE L 438 -59.12 -32.33 -34.98
N ARG L 439 -58.41 -32.96 -35.92
CA ARG L 439 -58.90 -34.12 -36.64
C ARG L 439 -57.73 -35.06 -36.92
N LYS L 440 -58.08 -36.31 -37.22
CA LYS L 440 -57.05 -37.31 -37.51
C LYS L 440 -56.36 -37.06 -38.84
N SER L 441 -57.09 -36.57 -39.84
CA SER L 441 -56.54 -36.33 -41.16
C SER L 441 -57.26 -35.14 -41.79
N ASN L 442 -57.09 -34.97 -43.09
CA ASN L 442 -57.72 -33.86 -43.81
C ASN L 442 -59.18 -34.19 -44.11
N LEU L 443 -59.86 -33.26 -44.78
CA LEU L 443 -61.29 -33.36 -45.04
C LEU L 443 -61.54 -33.28 -46.55
N LYS L 444 -62.26 -34.27 -47.06
CA LYS L 444 -62.65 -34.29 -48.46
C LYS L 444 -63.66 -33.17 -48.73
N PRO L 445 -63.54 -32.50 -49.89
CA PRO L 445 -64.48 -31.42 -50.21
C PRO L 445 -65.93 -31.89 -50.27
N PHE L 446 -66.83 -31.03 -49.78
CA PHE L 446 -68.26 -31.29 -49.65
C PHE L 446 -68.52 -32.56 -48.82
N GLU L 447 -68.06 -32.50 -47.57
CA GLU L 447 -68.22 -33.62 -46.63
C GLU L 447 -68.23 -33.05 -45.23
N ARG L 448 -69.41 -33.00 -44.60
CA ARG L 448 -69.50 -32.50 -43.24
C ARG L 448 -69.12 -33.59 -42.25
N ASP L 449 -68.84 -33.17 -41.01
CA ASP L 449 -68.42 -34.09 -39.96
C ASP L 449 -69.02 -33.63 -38.64
N ILE L 450 -70.00 -34.37 -38.14
CA ILE L 450 -70.59 -34.12 -36.82
C ILE L 450 -70.06 -35.19 -35.88
N SER L 451 -69.14 -34.80 -34.99
CA SER L 451 -68.53 -35.75 -34.08
C SER L 451 -68.03 -35.00 -32.85
N THR L 452 -68.26 -35.59 -31.67
CA THR L 452 -67.77 -35.03 -30.40
C THR L 452 -66.76 -35.96 -29.73
N GLU L 453 -66.19 -36.90 -30.48
CA GLU L 453 -65.22 -37.82 -29.92
C GLU L 453 -63.91 -37.10 -29.58
N ILE L 454 -63.27 -37.57 -28.52
CA ILE L 454 -62.04 -36.94 -28.03
C ILE L 454 -60.88 -37.34 -28.93
N TYR L 455 -60.13 -36.35 -29.40
CA TYR L 455 -58.96 -36.58 -30.23
C TYR L 455 -57.75 -36.85 -29.33
N GLN L 456 -57.11 -38.01 -29.52
CA GLN L 456 -55.97 -38.41 -28.72
C GLN L 456 -54.68 -37.90 -29.36
N ALA L 457 -53.75 -37.46 -28.51
CA ALA L 457 -52.46 -36.95 -28.95
C ALA L 457 -51.33 -37.56 -28.12
N GLY L 458 -51.41 -38.86 -27.88
CA GLY L 458 -50.39 -39.54 -27.10
C GLY L 458 -50.44 -41.03 -27.33
N ASN L 459 -49.51 -41.73 -26.67
CA ASN L 459 -49.45 -43.18 -26.78
C ASN L 459 -50.65 -43.84 -26.10
N LYS L 460 -51.09 -43.28 -24.98
CA LYS L 460 -52.24 -43.84 -24.27
C LYS L 460 -53.52 -43.58 -25.05
N PRO L 461 -54.47 -44.52 -25.05
CA PRO L 461 -55.71 -44.31 -25.79
C PRO L 461 -56.73 -43.53 -24.97
N CYS L 462 -57.51 -42.71 -25.67
CA CYS L 462 -58.53 -41.88 -25.06
C CYS L 462 -59.89 -42.19 -25.70
N ASN L 463 -60.88 -42.47 -24.85
CA ASN L 463 -62.24 -42.71 -25.33
C ASN L 463 -63.24 -41.85 -24.56
N GLY L 464 -62.95 -41.60 -23.28
CA GLY L 464 -63.80 -40.76 -22.46
C GLY L 464 -63.02 -39.92 -21.47
N VAL L 465 -61.69 -39.91 -21.62
CA VAL L 465 -60.80 -39.21 -20.71
C VAL L 465 -60.08 -38.12 -21.50
N ALA L 466 -60.05 -36.91 -20.94
CA ALA L 466 -59.36 -35.80 -21.56
C ALA L 466 -58.81 -34.89 -20.48
N GLY L 467 -57.78 -34.12 -20.84
CA GLY L 467 -57.21 -33.17 -19.92
C GLY L 467 -55.69 -33.21 -19.84
N VAL L 468 -55.10 -34.40 -19.95
CA VAL L 468 -53.67 -34.57 -19.82
C VAL L 468 -52.97 -34.64 -21.18
N ASN L 469 -53.52 -35.39 -22.14
CA ASN L 469 -52.94 -35.43 -23.48
C ASN L 469 -53.98 -35.50 -24.58
N CYS L 470 -55.28 -35.48 -24.26
CA CYS L 470 -56.34 -35.55 -25.25
C CYS L 470 -57.26 -34.36 -25.06
N TYR L 471 -57.74 -33.80 -26.18
CA TYR L 471 -58.45 -32.53 -26.18
C TYR L 471 -59.79 -32.68 -26.88
N PHE L 472 -60.74 -31.84 -26.46
CA PHE L 472 -62.06 -31.80 -27.10
C PHE L 472 -61.93 -31.15 -28.48
N PRO L 473 -62.56 -31.71 -29.52
CA PRO L 473 -62.34 -31.17 -30.87
C PRO L 473 -62.98 -29.82 -31.11
N LEU L 474 -64.09 -29.50 -30.46
CA LEU L 474 -64.77 -28.24 -30.71
C LEU L 474 -64.21 -27.13 -29.82
N GLN L 475 -64.21 -25.92 -30.36
CA GLN L 475 -63.74 -24.74 -29.64
C GLN L 475 -64.69 -23.58 -29.96
N SER L 476 -65.04 -22.81 -28.94
CA SER L 476 -66.04 -21.75 -29.08
C SER L 476 -65.38 -20.41 -29.38
N TYR L 477 -66.01 -19.65 -30.27
CA TYR L 477 -65.54 -18.30 -30.59
C TYR L 477 -65.91 -17.34 -29.48
N GLY L 478 -64.98 -16.43 -29.15
CA GLY L 478 -65.25 -15.34 -28.24
C GLY L 478 -65.71 -14.10 -28.96
N PHE L 479 -66.93 -14.13 -29.50
CA PHE L 479 -67.43 -13.04 -30.33
C PHE L 479 -67.87 -11.88 -29.45
N ARG L 480 -67.08 -10.82 -29.43
CA ARG L 480 -67.36 -9.61 -28.66
C ARG L 480 -67.28 -8.40 -29.57
N PRO L 481 -68.08 -7.36 -29.30
CA PRO L 481 -67.94 -6.09 -30.04
C PRO L 481 -66.79 -5.23 -29.55
N THR L 482 -66.15 -5.60 -28.43
CA THR L 482 -64.99 -4.85 -27.94
C THR L 482 -63.80 -5.02 -28.88
N TYR L 483 -63.71 -6.16 -29.56
CA TYR L 483 -62.60 -6.45 -30.45
C TYR L 483 -62.63 -5.54 -31.68
N GLY L 484 -61.55 -5.61 -32.46
CA GLY L 484 -61.39 -4.73 -33.60
C GLY L 484 -62.03 -5.25 -34.87
N VAL L 485 -61.24 -5.42 -35.93
CA VAL L 485 -61.76 -5.87 -37.21
C VAL L 485 -61.44 -7.33 -37.50
N GLY L 486 -60.38 -7.88 -36.92
CA GLY L 486 -59.95 -9.23 -37.19
C GLY L 486 -60.63 -10.33 -36.41
N HIS L 487 -61.64 -10.00 -35.59
CA HIS L 487 -62.32 -11.01 -34.80
C HIS L 487 -63.83 -10.88 -34.84
N GLN L 488 -64.39 -10.03 -35.71
CA GLN L 488 -65.83 -9.87 -35.80
C GLN L 488 -66.46 -11.07 -36.50
N PRO L 489 -67.67 -11.47 -36.06
CA PRO L 489 -68.36 -12.59 -36.73
C PRO L 489 -68.89 -12.23 -38.10
N TYR L 490 -68.31 -12.81 -39.15
CA TYR L 490 -68.75 -12.55 -40.51
C TYR L 490 -69.67 -13.67 -40.97
N ARG L 491 -70.93 -13.33 -41.25
CA ARG L 491 -71.88 -14.30 -41.78
C ARG L 491 -71.55 -14.52 -43.25
N VAL L 492 -71.01 -15.69 -43.58
CA VAL L 492 -70.52 -16.00 -44.91
C VAL L 492 -71.47 -17.01 -45.55
N VAL L 493 -72.07 -16.63 -46.66
CA VAL L 493 -72.84 -17.53 -47.51
C VAL L 493 -72.12 -17.64 -48.86
N VAL L 494 -71.93 -18.86 -49.33
CA VAL L 494 -71.24 -19.07 -50.59
C VAL L 494 -72.16 -19.86 -51.51
N LEU L 495 -71.83 -19.84 -52.80
CA LEU L 495 -72.64 -20.48 -53.83
C LEU L 495 -71.75 -21.43 -54.62
N SER L 496 -72.29 -22.59 -54.96
CA SER L 496 -71.56 -23.63 -55.70
C SER L 496 -72.44 -24.09 -56.86
N PHE L 497 -72.25 -23.50 -58.03
CA PHE L 497 -73.03 -23.87 -59.20
C PHE L 497 -72.39 -25.08 -59.90
N GLU L 498 -73.06 -25.55 -60.94
CA GLU L 498 -72.54 -26.62 -61.77
C GLU L 498 -73.12 -26.48 -63.18
N LEU L 499 -72.31 -26.78 -64.18
CA LEU L 499 -72.67 -26.60 -65.58
C LEU L 499 -72.79 -27.94 -66.29
N LEU L 500 -73.32 -28.94 -65.60
CA LEU L 500 -73.56 -30.23 -66.22
C LEU L 500 -74.72 -30.14 -67.21
N HIS L 501 -74.71 -31.03 -68.20
CA HIS L 501 -75.75 -31.03 -69.21
C HIS L 501 -77.02 -31.63 -68.64
N ALA L 502 -77.83 -30.79 -67.98
CA ALA L 502 -79.00 -31.23 -67.24
C ALA L 502 -80.11 -30.21 -67.48
N PRO L 503 -81.37 -30.59 -67.23
CA PRO L 503 -82.45 -29.60 -67.28
C PRO L 503 -82.23 -28.46 -66.29
N ALA L 504 -82.07 -27.26 -66.83
CA ALA L 504 -81.78 -26.09 -66.01
C ALA L 504 -83.03 -25.65 -65.26
N THR L 505 -82.91 -25.55 -63.94
CA THR L 505 -84.05 -25.26 -63.09
C THR L 505 -83.97 -23.93 -62.35
N VAL L 506 -82.87 -23.19 -62.49
CA VAL L 506 -82.77 -21.83 -61.94
C VAL L 506 -82.23 -20.90 -63.03
N CYS L 507 -82.96 -19.81 -63.27
CA CYS L 507 -82.61 -18.90 -64.36
C CYS L 507 -82.46 -17.49 -63.82
N GLY L 508 -81.76 -16.66 -64.58
CA GLY L 508 -81.75 -15.24 -64.36
C GLY L 508 -82.99 -14.59 -64.95
N PRO L 509 -83.34 -13.38 -64.50
CA PRO L 509 -84.56 -12.74 -64.96
C PRO L 509 -84.38 -12.07 -66.32
N LYS L 510 -84.98 -12.68 -67.35
CA LYS L 510 -85.06 -12.12 -68.70
C LYS L 510 -86.42 -12.45 -69.29
N LYS L 511 -86.91 -11.57 -70.15
CA LYS L 511 -88.20 -11.78 -70.79
C LYS L 511 -88.06 -12.60 -72.06
N SER L 512 -89.15 -13.24 -72.47
CA SER L 512 -89.16 -14.08 -73.65
C SER L 512 -89.34 -13.24 -74.92
N THR L 513 -88.98 -13.83 -76.05
CA THR L 513 -89.04 -13.17 -77.34
C THR L 513 -89.61 -14.12 -78.37
N ASN L 514 -90.47 -13.61 -79.25
CA ASN L 514 -91.12 -14.42 -80.25
C ASN L 514 -90.11 -14.97 -81.27
N LEU L 515 -90.43 -16.13 -81.83
CA LEU L 515 -89.52 -16.82 -82.73
C LEU L 515 -89.48 -16.14 -84.10
N VAL L 516 -88.36 -16.30 -84.79
CA VAL L 516 -88.17 -15.84 -86.16
C VAL L 516 -87.64 -17.00 -86.99
N LYS L 517 -88.08 -17.09 -88.25
CA LYS L 517 -87.73 -18.18 -89.13
C LYS L 517 -87.07 -17.66 -90.40
N ASN L 518 -86.11 -18.43 -90.91
CA ASN L 518 -85.40 -18.21 -92.18
C ASN L 518 -84.59 -16.91 -92.20
N LYS L 519 -84.38 -16.29 -91.04
CA LYS L 519 -83.50 -15.14 -90.90
C LYS L 519 -82.54 -15.44 -89.75
N CYS L 520 -81.25 -15.62 -90.07
CA CYS L 520 -80.29 -16.08 -89.08
C CYS L 520 -79.97 -14.94 -88.12
N VAL L 521 -80.04 -15.24 -86.82
CA VAL L 521 -79.85 -14.26 -85.76
C VAL L 521 -78.87 -14.86 -84.75
N ASN L 522 -78.79 -14.23 -83.57
CA ASN L 522 -77.99 -14.79 -82.49
C ASN L 522 -78.99 -15.28 -81.44
N PHE L 523 -78.55 -16.11 -80.52
CA PHE L 523 -79.49 -16.68 -79.54
C PHE L 523 -78.85 -17.02 -78.19
N ASN L 524 -79.70 -17.23 -77.19
CA ASN L 524 -79.26 -17.64 -75.86
C ASN L 524 -80.41 -18.28 -75.10
N PHE L 525 -80.22 -19.47 -74.54
CA PHE L 525 -81.29 -20.07 -73.72
C PHE L 525 -80.77 -21.00 -72.63
N ASN L 526 -81.54 -21.17 -71.56
CA ASN L 526 -81.11 -22.01 -70.43
C ASN L 526 -79.61 -21.93 -70.25
N GLY L 527 -79.08 -20.72 -70.36
CA GLY L 527 -77.66 -20.48 -70.19
C GLY L 527 -76.80 -20.82 -71.39
N LEU L 528 -77.38 -21.01 -72.56
CA LEU L 528 -76.65 -21.41 -73.76
C LEU L 528 -76.71 -20.26 -74.76
N THR L 529 -75.63 -19.49 -74.84
CA THR L 529 -75.55 -18.34 -75.72
C THR L 529 -74.79 -18.71 -76.99
N GLY L 530 -75.39 -18.41 -78.14
CA GLY L 530 -74.75 -18.70 -79.42
C GLY L 530 -75.40 -17.89 -80.53
N THR L 531 -74.95 -18.16 -81.76
CA THR L 531 -75.44 -17.48 -82.94
C THR L 531 -75.91 -18.50 -83.97
N GLY L 532 -77.16 -18.39 -84.40
CA GLY L 532 -77.69 -19.31 -85.37
C GLY L 532 -79.16 -19.04 -85.63
N VAL L 533 -79.64 -19.62 -86.73
CA VAL L 533 -81.02 -19.45 -87.16
C VAL L 533 -81.92 -20.35 -86.31
N LEU L 534 -83.17 -19.96 -86.17
CA LEU L 534 -84.18 -20.74 -85.47
C LEU L 534 -85.23 -21.20 -86.47
N THR L 535 -85.50 -22.51 -86.49
CA THR L 535 -86.48 -23.07 -87.40
C THR L 535 -87.00 -24.38 -86.84
N GLU L 536 -88.13 -24.83 -87.37
CA GLU L 536 -88.68 -26.12 -86.99
C GLU L 536 -87.81 -27.24 -87.53
N SER L 537 -87.55 -28.24 -86.69
CA SER L 537 -86.64 -29.32 -87.02
C SER L 537 -87.40 -30.61 -87.30
N ASN L 538 -86.81 -31.44 -88.17
CA ASN L 538 -87.35 -32.76 -88.46
C ASN L 538 -87.03 -33.77 -87.36
N LYS L 539 -86.13 -33.43 -86.44
CA LYS L 539 -85.77 -34.33 -85.35
C LYS L 539 -86.91 -34.43 -84.34
N LYS L 540 -86.83 -35.45 -83.49
CA LYS L 540 -87.80 -35.65 -82.43
C LYS L 540 -87.07 -35.88 -81.11
N PHE L 541 -87.72 -35.49 -80.02
CA PHE L 541 -87.15 -35.59 -78.69
C PHE L 541 -88.01 -36.49 -77.81
N LEU L 542 -87.34 -37.36 -77.04
CA LEU L 542 -88.00 -38.02 -75.93
C LEU L 542 -88.34 -36.98 -74.87
N PRO L 543 -89.46 -37.18 -74.10
CA PRO L 543 -89.92 -36.16 -73.15
C PRO L 543 -89.12 -36.08 -71.86
N PHE L 544 -87.79 -36.15 -71.97
CA PHE L 544 -86.90 -35.86 -70.86
C PHE L 544 -85.66 -35.08 -71.27
N GLN L 545 -85.49 -34.78 -72.55
CA GLN L 545 -84.28 -34.14 -73.05
C GLN L 545 -84.49 -32.63 -73.21
N GLN L 546 -83.37 -31.91 -73.19
CA GLN L 546 -83.38 -30.46 -73.29
C GLN L 546 -82.68 -29.94 -74.55
N PHE L 547 -81.46 -30.36 -74.80
CA PHE L 547 -80.73 -29.87 -75.97
C PHE L 547 -79.99 -31.01 -76.63
N GLY L 548 -79.89 -30.94 -77.96
CA GLY L 548 -79.14 -31.91 -78.74
C GLY L 548 -77.70 -31.47 -78.97
N ARG L 549 -76.94 -32.34 -79.62
CA ARG L 549 -75.54 -32.09 -79.91
C ARG L 549 -75.22 -32.66 -81.30
N ASP L 550 -73.96 -32.54 -81.70
CA ASP L 550 -73.51 -32.97 -83.01
C ASP L 550 -72.13 -33.60 -82.87
N ILE L 551 -71.47 -33.80 -84.01
CA ILE L 551 -70.11 -34.33 -84.01
C ILE L 551 -69.12 -33.33 -83.44
N ALA L 552 -69.31 -32.04 -83.71
CA ALA L 552 -68.36 -31.00 -83.33
C ALA L 552 -68.43 -30.62 -81.84
N ASP L 553 -69.18 -31.37 -81.03
CA ASP L 553 -69.35 -31.12 -79.60
C ASP L 553 -69.91 -29.71 -79.35
N THR L 554 -70.85 -29.31 -80.20
CA THR L 554 -71.54 -28.03 -80.11
C THR L 554 -73.04 -28.28 -79.98
N THR L 555 -73.82 -27.22 -80.05
CA THR L 555 -75.26 -27.31 -79.90
C THR L 555 -75.92 -27.06 -81.25
N ASP L 556 -76.72 -28.02 -81.70
CA ASP L 556 -77.44 -27.91 -82.96
C ASP L 556 -78.94 -28.12 -82.82
N ALA L 557 -79.43 -28.44 -81.63
CA ALA L 557 -80.86 -28.64 -81.40
C ALA L 557 -81.16 -28.25 -79.96
N VAL L 558 -82.19 -27.41 -79.78
CA VAL L 558 -82.55 -26.90 -78.46
C VAL L 558 -84.06 -26.99 -78.32
N ARG L 559 -84.52 -27.04 -77.07
CA ARG L 559 -85.93 -27.04 -76.73
C ARG L 559 -86.25 -25.81 -75.90
N ASP L 560 -87.17 -24.98 -76.38
CA ASP L 560 -87.53 -23.83 -75.57
C ASP L 560 -88.51 -24.26 -74.47
N PRO L 561 -88.25 -23.89 -73.22
CA PRO L 561 -89.14 -24.31 -72.14
C PRO L 561 -90.39 -23.45 -72.00
N GLN L 562 -90.55 -22.46 -72.89
CA GLN L 562 -91.79 -21.70 -72.95
C GLN L 562 -92.97 -22.61 -73.33
N THR L 563 -92.91 -23.18 -74.52
CA THR L 563 -93.88 -24.17 -74.99
C THR L 563 -93.10 -25.41 -75.41
N LEU L 564 -93.59 -26.59 -75.03
CA LEU L 564 -92.86 -27.84 -75.23
C LEU L 564 -92.84 -28.19 -76.71
N GLU L 565 -91.92 -27.56 -77.43
CA GLU L 565 -91.71 -27.79 -78.85
C GLU L 565 -90.22 -27.81 -79.13
N ILE L 566 -89.85 -28.48 -80.22
CA ILE L 566 -88.45 -28.70 -80.58
C ILE L 566 -88.01 -27.62 -81.56
N LEU L 567 -86.80 -27.12 -81.37
CA LEU L 567 -86.23 -26.08 -82.22
C LEU L 567 -84.89 -26.55 -82.77
N ASP L 568 -84.47 -25.91 -83.87
CA ASP L 568 -83.22 -26.25 -84.54
C ASP L 568 -82.25 -25.08 -84.42
N ILE L 569 -80.97 -25.41 -84.21
CA ILE L 569 -79.90 -24.41 -84.10
C ILE L 569 -78.90 -24.68 -85.21
N THR L 570 -78.66 -23.67 -86.06
CA THR L 570 -77.69 -23.77 -87.14
C THR L 570 -77.22 -22.37 -87.51
N PRO L 571 -75.92 -22.09 -87.45
CA PRO L 571 -75.41 -20.83 -87.99
C PRO L 571 -75.62 -20.77 -89.50
N CYS L 572 -75.86 -19.55 -90.00
CA CYS L 572 -76.16 -19.38 -91.41
C CYS L 572 -74.88 -19.39 -92.24
N SER L 573 -75.00 -18.96 -93.50
CA SER L 573 -73.89 -19.03 -94.44
C SER L 573 -72.76 -18.09 -94.01
N PHE L 574 -71.55 -18.63 -93.93
CA PHE L 574 -70.37 -17.88 -93.54
C PHE L 574 -69.21 -18.27 -94.44
N GLY L 575 -68.27 -17.34 -94.61
CA GLY L 575 -67.12 -17.61 -95.42
C GLY L 575 -66.22 -16.40 -95.51
N GLY L 576 -65.13 -16.56 -96.25
CA GLY L 576 -64.17 -15.49 -96.49
C GLY L 576 -64.45 -14.82 -97.82
N VAL L 577 -64.19 -13.53 -97.88
CA VAL L 577 -64.41 -12.73 -99.09
C VAL L 577 -63.06 -12.56 -99.80
N SER L 578 -63.09 -12.64 -101.12
CA SER L 578 -61.90 -12.49 -101.94
C SER L 578 -62.12 -11.37 -102.96
N VAL L 579 -61.04 -10.69 -103.30
CA VAL L 579 -61.07 -9.54 -104.19
C VAL L 579 -60.42 -9.94 -105.50
N ILE L 580 -61.20 -9.95 -106.58
CA ILE L 580 -60.66 -10.24 -107.90
C ILE L 580 -60.40 -8.91 -108.61
N THR L 581 -59.13 -8.57 -108.79
CA THR L 581 -58.75 -7.29 -109.34
C THR L 581 -57.70 -7.48 -110.43
N PRO L 582 -57.68 -6.60 -111.43
CA PRO L 582 -56.56 -6.59 -112.39
C PRO L 582 -55.38 -5.81 -111.85
N GLY L 583 -54.36 -5.61 -112.68
CA GLY L 583 -53.21 -4.82 -112.26
C GLY L 583 -53.58 -3.38 -112.00
N THR L 584 -52.74 -2.71 -111.20
CA THR L 584 -53.06 -1.35 -110.74
C THR L 584 -53.11 -0.36 -111.90
N ASN L 585 -52.12 -0.41 -112.79
CA ASN L 585 -52.12 0.45 -113.96
C ASN L 585 -52.78 -0.22 -115.16
N THR L 586 -53.96 -0.79 -114.94
CA THR L 586 -54.78 -1.32 -116.03
C THR L 586 -56.22 -0.84 -115.96
N SER L 587 -56.79 -0.75 -114.77
CA SER L 587 -58.18 -0.36 -114.55
C SER L 587 -58.35 -0.03 -113.07
N ASN L 588 -59.60 0.17 -112.65
CA ASN L 588 -59.90 0.43 -111.24
C ASN L 588 -61.06 -0.41 -110.70
N GLN L 589 -61.86 -1.04 -111.55
CA GLN L 589 -62.98 -1.84 -111.08
C GLN L 589 -62.49 -3.15 -110.48
N VAL L 590 -63.26 -3.67 -109.51
CA VAL L 590 -62.93 -4.89 -108.80
C VAL L 590 -64.15 -5.80 -108.79
N ALA L 591 -63.90 -7.08 -108.56
CA ALA L 591 -64.93 -8.10 -108.45
C ALA L 591 -64.91 -8.73 -107.06
N VAL L 592 -66.10 -9.07 -106.56
CA VAL L 592 -66.27 -9.60 -105.21
C VAL L 592 -66.78 -11.03 -105.32
N LEU L 593 -66.05 -11.96 -104.70
CA LEU L 593 -66.43 -13.37 -104.67
C LEU L 593 -66.61 -13.79 -103.22
N TYR L 594 -67.76 -14.39 -102.92
CA TYR L 594 -68.04 -14.91 -101.59
C TYR L 594 -67.89 -16.42 -101.61
N GLN L 595 -67.06 -16.94 -100.71
CA GLN L 595 -66.76 -18.37 -100.66
C GLN L 595 -67.77 -19.07 -99.76
N GLY L 596 -68.49 -20.04 -100.33
CA GLY L 596 -69.44 -20.82 -99.57
C GLY L 596 -70.71 -20.11 -99.19
N VAL L 597 -71.00 -18.97 -99.81
CA VAL L 597 -72.19 -18.17 -99.50
C VAL L 597 -73.06 -18.08 -100.74
N ASN L 598 -74.31 -18.49 -100.61
CA ASN L 598 -75.28 -18.36 -101.69
C ASN L 598 -75.79 -16.94 -101.78
N CYS L 599 -75.97 -16.45 -103.00
CA CYS L 599 -76.48 -15.10 -103.23
C CYS L 599 -78.01 -15.05 -103.17
N THR L 600 -78.54 -15.42 -102.00
CA THR L 600 -79.96 -15.32 -101.73
C THR L 600 -80.16 -14.56 -100.41
N GLU L 601 -79.24 -14.76 -99.46
CA GLU L 601 -79.27 -14.09 -98.18
C GLU L 601 -78.06 -13.16 -98.01
N VAL L 602 -77.50 -12.68 -99.11
CA VAL L 602 -76.33 -11.82 -99.07
C VAL L 602 -76.72 -10.40 -98.65
N ASN L 623 -74.83 -9.89 -113.63
CA ASN L 623 -74.03 -9.30 -112.58
C ASN L 623 -73.96 -10.21 -111.35
N VAL L 624 -74.93 -11.10 -111.24
CA VAL L 624 -75.01 -12.05 -110.13
C VAL L 624 -74.86 -13.44 -110.74
N PHE L 625 -73.64 -13.98 -110.69
CA PHE L 625 -73.35 -15.30 -111.22
C PHE L 625 -72.93 -16.23 -110.08
N GLN L 626 -73.50 -17.44 -110.08
CA GLN L 626 -73.26 -18.42 -109.03
C GLN L 626 -72.46 -19.58 -109.60
N THR L 627 -71.33 -19.88 -108.97
CA THR L 627 -70.48 -21.01 -109.32
C THR L 627 -70.45 -22.00 -108.15
N ARG L 628 -69.66 -23.06 -108.32
CA ARG L 628 -69.48 -24.04 -107.26
C ARG L 628 -68.57 -23.53 -106.14
N ALA L 629 -67.73 -22.55 -106.41
CA ALA L 629 -66.90 -21.93 -105.38
C ALA L 629 -67.61 -20.81 -104.63
N GLY L 630 -68.87 -20.54 -104.97
CA GLY L 630 -69.66 -19.47 -104.41
C GLY L 630 -70.30 -18.65 -105.50
N CYS L 631 -70.94 -17.56 -105.10
CA CYS L 631 -71.59 -16.65 -106.03
C CYS L 631 -70.73 -15.42 -106.25
N LEU L 632 -70.62 -14.98 -107.49
CA LEU L 632 -69.76 -13.87 -107.87
C LEU L 632 -70.57 -12.60 -108.03
N ILE L 633 -70.08 -11.51 -107.45
CA ILE L 633 -70.74 -10.22 -107.47
C ILE L 633 -69.81 -9.20 -108.10
N GLY L 634 -70.28 -8.50 -109.12
CA GLY L 634 -69.51 -7.47 -109.78
C GLY L 634 -68.94 -7.85 -111.14
N ALA L 635 -69.27 -9.02 -111.67
CA ALA L 635 -68.78 -9.44 -112.97
C ALA L 635 -69.92 -10.09 -113.76
N GLU L 636 -69.78 -10.09 -115.07
CA GLU L 636 -70.78 -10.62 -115.98
C GLU L 636 -70.30 -11.92 -116.60
N TYR L 637 -71.26 -12.76 -116.99
CA TYR L 637 -70.96 -14.07 -117.56
C TYR L 637 -70.86 -13.97 -119.08
N VAL L 638 -69.85 -14.62 -119.63
CA VAL L 638 -69.60 -14.66 -121.08
C VAL L 638 -69.59 -16.11 -121.52
N ASN L 639 -70.41 -16.43 -122.53
CA ASN L 639 -70.50 -17.81 -123.01
C ASN L 639 -69.28 -18.25 -123.81
N ASN L 640 -68.49 -17.30 -124.31
CA ASN L 640 -67.30 -17.65 -125.08
C ASN L 640 -66.21 -18.17 -124.15
N SER L 641 -65.20 -18.79 -124.75
CA SER L 641 -64.10 -19.40 -124.01
C SER L 641 -62.77 -18.83 -124.47
N TYR L 642 -61.97 -18.35 -123.52
CA TYR L 642 -60.63 -17.84 -123.78
C TYR L 642 -59.68 -18.37 -122.72
N GLU L 643 -58.38 -18.22 -123.00
CA GLU L 643 -57.37 -18.53 -122.00
C GLU L 643 -57.43 -17.52 -120.88
N CYS L 644 -57.42 -18.00 -119.63
CA CYS L 644 -57.68 -17.17 -118.47
C CYS L 644 -56.38 -16.88 -117.72
N ASP L 645 -56.43 -15.83 -116.90
CA ASP L 645 -55.28 -15.37 -116.13
C ASP L 645 -55.48 -15.47 -114.63
N ILE L 646 -56.61 -15.01 -114.11
CA ILE L 646 -56.90 -14.97 -112.68
C ILE L 646 -57.81 -16.14 -112.36
N PRO L 647 -57.35 -17.15 -111.63
CA PRO L 647 -58.21 -18.29 -111.29
C PRO L 647 -59.26 -17.90 -110.26
N ILE L 648 -60.40 -18.60 -110.32
CA ILE L 648 -61.47 -18.43 -109.35
C ILE L 648 -61.69 -19.75 -108.63
N GLY L 649 -61.99 -20.79 -109.39
CA GLY L 649 -62.21 -22.11 -108.87
C GLY L 649 -63.29 -22.82 -109.67
N ALA L 650 -63.17 -24.17 -109.72
CA ALA L 650 -64.10 -25.05 -110.42
C ALA L 650 -64.25 -24.69 -111.90
N GLY L 651 -63.13 -24.40 -112.55
CA GLY L 651 -63.15 -24.08 -113.96
C GLY L 651 -63.64 -22.69 -114.31
N ILE L 652 -63.52 -21.73 -113.40
CA ILE L 652 -63.94 -20.35 -113.63
C ILE L 652 -62.73 -19.45 -113.50
N CYS L 653 -62.63 -18.46 -114.39
CA CYS L 653 -61.61 -17.42 -114.31
C CYS L 653 -62.22 -16.07 -114.63
N ALA L 654 -61.56 -15.01 -114.17
CA ALA L 654 -61.93 -13.65 -114.50
C ALA L 654 -60.75 -12.93 -115.16
N SER L 655 -61.07 -12.01 -116.07
CA SER L 655 -60.03 -11.27 -116.78
C SER L 655 -60.60 -9.93 -117.22
N TYR L 656 -59.69 -9.00 -117.51
CA TYR L 656 -60.02 -7.67 -117.99
C TYR L 656 -59.60 -7.56 -119.45
N GLN L 657 -60.52 -7.90 -120.34
CA GLN L 657 -60.25 -7.85 -121.78
C GLN L 657 -61.52 -7.58 -122.57
N SER L 669 -64.36 -4.09 -118.65
CA SER L 669 -64.98 -4.63 -117.45
C SER L 669 -64.41 -6.01 -117.12
N ILE L 670 -64.87 -6.58 -116.02
CA ILE L 670 -64.44 -7.91 -115.57
C ILE L 670 -65.47 -8.92 -116.04
N ILE L 671 -65.00 -9.92 -116.79
CA ILE L 671 -65.87 -10.95 -117.35
C ILE L 671 -65.43 -12.31 -116.82
N ALA L 672 -66.40 -13.17 -116.52
CA ALA L 672 -66.15 -14.53 -116.06
C ALA L 672 -66.72 -15.50 -117.08
N TYR L 673 -65.89 -16.46 -117.50
CA TYR L 673 -66.26 -17.40 -118.54
C TYR L 673 -65.79 -18.81 -118.17
N THR L 674 -66.17 -19.77 -118.99
CA THR L 674 -65.69 -21.14 -118.84
C THR L 674 -64.30 -21.29 -119.46
N MET L 675 -63.74 -22.49 -119.32
CA MET L 675 -62.34 -22.70 -119.71
C MET L 675 -62.23 -23.09 -121.18
N SER L 676 -61.24 -22.49 -121.84
CA SER L 676 -60.80 -22.91 -123.16
C SER L 676 -59.57 -23.77 -122.95
N LEU L 677 -59.73 -25.09 -123.13
CA LEU L 677 -58.66 -26.04 -122.83
C LEU L 677 -57.48 -25.92 -123.79
N GLY L 678 -57.66 -25.30 -124.94
CA GLY L 678 -56.60 -25.15 -125.91
C GLY L 678 -57.19 -25.06 -127.30
N ALA L 679 -56.29 -25.00 -128.28
CA ALA L 679 -56.71 -24.98 -129.68
C ALA L 679 -57.21 -26.37 -130.07
N GLU L 680 -58.44 -26.43 -130.58
CA GLU L 680 -59.05 -27.70 -130.96
C GLU L 680 -58.41 -28.16 -132.26
N ASN L 681 -57.35 -28.96 -132.16
CA ASN L 681 -56.62 -29.46 -133.31
C ASN L 681 -56.87 -30.96 -133.41
N SER L 682 -57.75 -31.35 -134.33
CA SER L 682 -58.08 -32.75 -134.55
C SER L 682 -57.48 -33.21 -135.87
N VAL L 683 -56.76 -34.33 -135.82
CA VAL L 683 -56.13 -34.91 -137.01
C VAL L 683 -56.97 -36.09 -137.47
N ALA L 684 -57.20 -36.16 -138.78
CA ALA L 684 -58.03 -37.21 -139.37
C ALA L 684 -57.19 -38.47 -139.50
N TYR L 685 -57.39 -39.39 -138.56
CA TYR L 685 -56.69 -40.67 -138.59
C TYR L 685 -57.24 -41.54 -139.73
N SER L 686 -56.33 -42.17 -140.45
CA SER L 686 -56.69 -43.03 -141.57
C SER L 686 -56.05 -44.40 -141.39
N ASN L 687 -56.65 -45.40 -142.04
CA ASN L 687 -56.15 -46.76 -141.94
C ASN L 687 -54.84 -46.96 -142.69
N ASN L 688 -54.51 -46.05 -143.61
CA ASN L 688 -53.22 -46.11 -144.32
C ASN L 688 -52.81 -44.67 -144.61
N SER L 689 -52.02 -44.08 -143.72
CA SER L 689 -51.54 -42.72 -143.88
C SER L 689 -50.32 -42.51 -142.99
N ILE L 690 -49.42 -41.64 -143.44
CA ILE L 690 -48.21 -41.32 -142.69
C ILE L 690 -47.80 -39.89 -143.03
N ALA L 691 -47.23 -39.20 -142.04
CA ALA L 691 -46.71 -37.85 -142.23
C ALA L 691 -45.23 -37.84 -141.86
N ILE L 692 -44.40 -37.34 -142.77
CA ILE L 692 -42.96 -37.29 -142.60
C ILE L 692 -42.52 -35.83 -142.69
N PRO L 693 -41.86 -35.29 -141.67
CA PRO L 693 -41.40 -33.90 -141.75
C PRO L 693 -40.30 -33.71 -142.79
N THR L 694 -40.25 -32.51 -143.36
CA THR L 694 -39.24 -32.15 -144.34
C THR L 694 -38.30 -31.06 -143.87
N ASN L 695 -38.68 -30.27 -142.86
CA ASN L 695 -37.83 -29.21 -142.34
C ASN L 695 -37.86 -29.26 -140.82
N PHE L 696 -36.81 -28.74 -140.20
CA PHE L 696 -36.67 -28.75 -138.76
C PHE L 696 -36.29 -27.37 -138.25
N THR L 697 -36.77 -27.03 -137.06
CA THR L 697 -36.51 -25.75 -136.43
C THR L 697 -35.82 -25.99 -135.08
N ILE L 698 -34.68 -25.35 -134.87
CA ILE L 698 -33.91 -25.47 -133.64
C ILE L 698 -34.25 -24.29 -132.75
N SER L 699 -34.74 -24.57 -131.54
CA SER L 699 -35.14 -23.53 -130.60
C SER L 699 -34.54 -23.82 -129.24
N VAL L 700 -34.40 -22.77 -128.43
CA VAL L 700 -33.79 -22.86 -127.11
C VAL L 700 -34.81 -22.41 -126.06
N THR L 701 -34.88 -23.14 -124.95
CA THR L 701 -35.81 -22.85 -123.86
C THR L 701 -35.05 -22.61 -122.57
N THR L 702 -35.71 -21.93 -121.63
CA THR L 702 -35.15 -21.68 -120.31
C THR L 702 -35.87 -22.52 -119.27
N GLU L 703 -35.12 -23.03 -118.30
CA GLU L 703 -35.69 -23.74 -117.17
C GLU L 703 -34.79 -23.46 -115.97
N ILE L 704 -35.28 -22.63 -115.05
CA ILE L 704 -34.50 -22.13 -113.93
C ILE L 704 -34.85 -22.94 -112.69
N LEU L 705 -33.83 -23.45 -112.01
CA LEU L 705 -34.00 -24.24 -110.80
C LEU L 705 -33.16 -23.63 -109.69
N PRO L 706 -33.74 -23.35 -108.53
CA PRO L 706 -32.95 -22.84 -107.41
C PRO L 706 -32.00 -23.91 -106.88
N VAL L 707 -30.87 -23.46 -106.34
CA VAL L 707 -29.82 -24.33 -105.83
C VAL L 707 -29.67 -24.21 -104.32
N SER L 708 -29.41 -22.99 -103.84
CA SER L 708 -29.19 -22.80 -102.41
C SER L 708 -29.60 -21.38 -102.02
N MET L 709 -30.16 -21.25 -100.82
CA MET L 709 -30.51 -19.95 -100.26
C MET L 709 -29.46 -19.54 -99.22
N THR L 710 -29.61 -18.34 -98.68
CA THR L 710 -28.56 -17.74 -97.87
C THR L 710 -28.44 -18.44 -96.52
N LYS L 711 -27.23 -18.82 -96.15
CA LYS L 711 -27.00 -19.49 -94.87
C LYS L 711 -27.24 -18.52 -93.72
N THR L 712 -27.90 -19.01 -92.68
CA THR L 712 -28.33 -18.19 -91.56
C THR L 712 -27.90 -18.86 -90.27
N SER L 713 -27.34 -18.07 -89.35
CA SER L 713 -27.05 -18.50 -87.99
C SER L 713 -27.71 -17.54 -87.01
N VAL L 714 -28.45 -18.08 -86.05
CA VAL L 714 -29.21 -17.29 -85.11
C VAL L 714 -28.40 -17.13 -83.84
N ASP L 715 -28.40 -15.92 -83.28
CA ASP L 715 -27.84 -15.66 -81.96
C ASP L 715 -28.94 -15.93 -80.94
N CYS L 716 -28.80 -17.03 -80.20
CA CYS L 716 -29.93 -17.61 -79.49
C CYS L 716 -30.23 -16.88 -78.18
N THR L 717 -29.26 -16.85 -77.26
CA THR L 717 -29.53 -16.37 -75.91
C THR L 717 -29.72 -14.86 -75.83
N MET L 718 -29.31 -14.11 -76.86
CA MET L 718 -29.57 -12.68 -76.85
C MET L 718 -30.89 -12.35 -77.55
N TYR L 719 -31.29 -13.16 -78.53
CA TYR L 719 -32.63 -13.01 -79.10
C TYR L 719 -33.70 -13.41 -78.09
N ILE L 720 -33.37 -14.35 -77.21
CA ILE L 720 -34.29 -14.69 -76.11
C ILE L 720 -34.49 -13.48 -75.21
N CYS L 721 -33.41 -13.03 -74.56
CA CYS L 721 -33.34 -11.74 -73.87
C CYS L 721 -31.88 -11.45 -73.51
N GLY L 722 -31.41 -10.24 -73.82
CA GLY L 722 -30.02 -9.91 -73.60
C GLY L 722 -29.76 -9.03 -72.40
N ASP L 723 -28.54 -9.13 -71.86
CA ASP L 723 -28.05 -8.30 -70.75
C ASP L 723 -28.92 -8.45 -69.49
N SER L 724 -29.01 -9.69 -69.00
CA SER L 724 -29.78 -9.96 -67.79
C SER L 724 -29.29 -11.26 -67.18
N THR L 725 -28.90 -11.23 -65.91
CA THR L 725 -28.52 -12.44 -65.19
C THR L 725 -29.74 -13.32 -64.92
N GLU L 726 -30.91 -12.70 -64.71
CA GLU L 726 -32.14 -13.44 -64.50
C GLU L 726 -32.51 -14.25 -65.73
N CYS L 727 -32.24 -13.71 -66.92
CA CYS L 727 -32.41 -14.47 -68.16
C CYS L 727 -31.52 -15.70 -68.17
N SER L 728 -30.28 -15.57 -67.72
CA SER L 728 -29.37 -16.72 -67.67
C SER L 728 -29.87 -17.78 -66.71
N ASN L 729 -30.30 -17.37 -65.51
CA ASN L 729 -30.72 -18.37 -64.53
C ASN L 729 -32.13 -18.88 -64.77
N LEU L 730 -32.91 -18.28 -65.69
CA LEU L 730 -34.15 -18.90 -66.12
C LEU L 730 -33.99 -19.74 -67.38
N LEU L 731 -32.98 -19.45 -68.20
CA LEU L 731 -32.79 -20.19 -69.45
C LEU L 731 -31.91 -21.41 -69.29
N LEU L 732 -30.94 -21.36 -68.37
CA LEU L 732 -30.11 -22.54 -68.13
C LEU L 732 -30.84 -23.62 -67.34
N GLN L 733 -31.97 -23.30 -66.72
CA GLN L 733 -32.79 -24.29 -66.01
C GLN L 733 -33.90 -24.86 -66.86
N TYR L 734 -34.00 -24.46 -68.13
CA TYR L 734 -35.00 -24.98 -69.05
C TYR L 734 -34.55 -26.25 -69.77
N GLY L 735 -33.57 -26.96 -69.22
CA GLY L 735 -33.04 -28.12 -69.89
C GLY L 735 -32.19 -27.75 -71.09
N SER L 736 -32.72 -27.98 -72.30
CA SER L 736 -32.06 -27.63 -73.54
C SER L 736 -33.12 -27.40 -74.61
N PHE L 737 -33.36 -26.13 -74.93
CA PHE L 737 -34.21 -25.74 -76.05
C PHE L 737 -33.48 -24.89 -77.07
N CYS L 738 -32.17 -24.76 -76.93
CA CYS L 738 -31.34 -23.90 -77.78
C CYS L 738 -30.25 -24.67 -78.51
N THR L 739 -29.68 -25.70 -77.87
CA THR L 739 -28.62 -26.48 -78.50
C THR L 739 -29.14 -27.24 -79.72
N GLN L 740 -30.36 -27.78 -79.63
CA GLN L 740 -30.95 -28.48 -80.77
C GLN L 740 -31.19 -27.54 -81.93
N LEU L 741 -31.67 -26.32 -81.64
CA LEU L 741 -31.91 -25.33 -82.68
C LEU L 741 -30.61 -24.90 -83.36
N LYS L 742 -29.56 -24.67 -82.56
CA LYS L 742 -28.27 -24.29 -83.12
C LYS L 742 -27.67 -25.42 -83.96
N ARG L 743 -27.76 -26.65 -83.48
CA ARG L 743 -27.26 -27.80 -84.24
C ARG L 743 -28.03 -28.00 -85.53
N ALA L 744 -29.36 -27.85 -85.48
CA ALA L 744 -30.17 -27.99 -86.69
C ALA L 744 -29.86 -26.90 -87.70
N LEU L 745 -29.67 -25.66 -87.24
CA LEU L 745 -29.39 -24.57 -88.17
C LEU L 745 -28.00 -24.73 -88.80
N THR L 746 -27.02 -25.18 -88.01
CA THR L 746 -25.70 -25.47 -88.58
C THR L 746 -25.77 -26.64 -89.55
N GLY L 747 -26.62 -27.63 -89.28
CA GLY L 747 -26.83 -28.72 -90.23
C GLY L 747 -27.46 -28.24 -91.53
N ILE L 748 -28.39 -27.29 -91.43
CA ILE L 748 -28.96 -26.68 -92.64
C ILE L 748 -27.89 -25.93 -93.42
N ALA L 749 -27.01 -25.21 -92.71
CA ALA L 749 -25.92 -24.49 -93.39
C ALA L 749 -24.97 -25.46 -94.10
N VAL L 750 -24.62 -26.56 -93.43
CA VAL L 750 -23.74 -27.57 -94.03
C VAL L 750 -24.44 -28.24 -95.23
N GLU L 751 -25.75 -28.46 -95.12
CA GLU L 751 -26.49 -29.07 -96.22
C GLU L 751 -26.58 -28.16 -97.43
N GLN L 752 -26.80 -26.86 -97.22
CA GLN L 752 -26.80 -25.91 -98.33
C GLN L 752 -25.42 -25.80 -98.97
N ASP L 753 -24.37 -25.82 -98.15
CA ASP L 753 -23.01 -25.82 -98.70
C ASP L 753 -22.74 -27.07 -99.53
N LYS L 754 -23.19 -28.23 -99.03
CA LYS L 754 -23.03 -29.49 -99.77
C LYS L 754 -23.82 -29.47 -101.07
N ASN L 755 -25.02 -28.90 -101.06
CA ASN L 755 -25.81 -28.77 -102.29
C ASN L 755 -25.13 -27.87 -103.29
N THR L 756 -24.56 -26.75 -102.83
CA THR L 756 -23.85 -25.83 -103.72
C THR L 756 -22.61 -26.50 -104.30
N GLN L 757 -21.91 -27.30 -103.50
CA GLN L 757 -20.75 -28.03 -104.01
C GLN L 757 -21.17 -29.12 -105.00
N GLU L 758 -22.30 -29.78 -104.76
CA GLU L 758 -22.71 -30.91 -105.60
C GLU L 758 -23.29 -30.46 -106.93
N VAL L 759 -24.00 -29.33 -106.96
CA VAL L 759 -24.64 -28.90 -108.20
C VAL L 759 -23.61 -28.44 -109.22
N PHE L 760 -22.65 -27.62 -108.80
CA PHE L 760 -21.72 -26.99 -109.73
C PHE L 760 -20.42 -27.75 -109.93
N ALA L 761 -19.79 -28.22 -108.85
CA ALA L 761 -18.47 -28.86 -108.94
C ALA L 761 -18.64 -30.34 -109.29
N GLN L 762 -19.03 -30.59 -110.54
CA GLN L 762 -19.14 -31.93 -111.07
C GLN L 762 -17.89 -32.40 -111.79
N VAL L 763 -16.89 -31.53 -111.94
CA VAL L 763 -15.64 -31.87 -112.61
C VAL L 763 -14.48 -31.45 -111.71
N LYS L 764 -13.35 -32.13 -111.87
CA LYS L 764 -12.14 -31.84 -111.09
C LYS L 764 -11.11 -31.06 -111.89
N GLN L 765 -11.44 -30.65 -113.11
CA GLN L 765 -10.52 -29.90 -113.96
C GLN L 765 -11.16 -28.58 -114.37
N ILE L 766 -10.31 -27.60 -114.63
CA ILE L 766 -10.75 -26.27 -115.08
C ILE L 766 -10.30 -26.14 -116.53
N TYR L 767 -11.21 -26.43 -117.46
CA TYR L 767 -10.88 -26.35 -118.87
C TYR L 767 -10.93 -24.90 -119.36
N LYS L 768 -10.00 -24.58 -120.26
CA LYS L 768 -9.89 -23.25 -120.82
C LYS L 768 -10.26 -23.30 -122.30
N THR L 769 -11.00 -22.29 -122.76
CA THR L 769 -11.40 -22.23 -124.15
C THR L 769 -10.19 -21.96 -125.05
N PRO L 770 -10.20 -22.50 -126.28
CA PRO L 770 -9.13 -22.17 -127.22
C PRO L 770 -9.21 -20.71 -127.64
N PRO L 771 -8.07 -20.11 -128.01
CA PRO L 771 -8.10 -18.71 -128.45
C PRO L 771 -8.85 -18.48 -129.75
N ILE L 772 -9.04 -19.52 -130.57
CA ILE L 772 -9.81 -19.36 -131.80
C ILE L 772 -11.29 -19.24 -131.47
N LYS L 773 -11.94 -18.23 -132.02
CA LYS L 773 -13.35 -17.98 -131.79
C LYS L 773 -14.24 -18.56 -132.88
N TYR L 774 -13.67 -19.27 -133.84
CA TYR L 774 -14.44 -19.85 -134.95
C TYR L 774 -14.65 -21.33 -134.64
N PHE L 775 -15.86 -21.67 -134.21
CA PHE L 775 -16.23 -23.04 -133.89
C PHE L 775 -16.99 -23.74 -135.02
N GLY L 776 -17.06 -23.12 -136.19
CA GLY L 776 -17.79 -23.70 -137.30
C GLY L 776 -18.95 -22.84 -137.75
N GLY L 777 -18.81 -21.52 -137.56
CA GLY L 777 -19.87 -20.59 -137.90
C GLY L 777 -20.87 -20.32 -136.79
N PHE L 778 -20.70 -20.97 -135.63
CA PHE L 778 -21.61 -20.79 -134.50
C PHE L 778 -21.14 -19.64 -133.62
N ASN L 779 -22.06 -18.74 -133.28
CA ASN L 779 -21.74 -17.54 -132.52
C ASN L 779 -21.81 -17.88 -131.04
N PHE L 780 -20.67 -18.30 -130.49
CA PHE L 780 -20.55 -18.57 -129.06
C PHE L 780 -19.94 -17.37 -128.33
N SER L 781 -20.67 -16.26 -128.37
CA SER L 781 -20.26 -15.04 -127.69
C SER L 781 -21.17 -14.66 -126.52
N GLN L 782 -22.46 -14.97 -126.58
CA GLN L 782 -23.36 -14.74 -125.47
C GLN L 782 -23.33 -15.87 -124.44
N ILE L 783 -22.59 -16.94 -124.72
CA ILE L 783 -22.52 -18.08 -123.81
C ILE L 783 -21.13 -18.14 -123.20
N LEU L 784 -20.11 -18.12 -124.05
CA LEU L 784 -18.73 -18.17 -123.56
C LEU L 784 -18.35 -16.84 -122.92
N PRO L 785 -17.86 -16.84 -121.68
CA PRO L 785 -17.47 -15.58 -121.04
C PRO L 785 -16.25 -14.96 -121.69
N ASP L 786 -16.16 -13.63 -121.54
CA ASP L 786 -15.07 -12.85 -122.09
C ASP L 786 -14.24 -12.23 -120.96
N PRO L 787 -12.93 -12.08 -121.15
CA PRO L 787 -12.10 -11.49 -120.10
C PRO L 787 -12.19 -9.97 -120.01
N SER L 788 -12.93 -9.32 -120.91
CA SER L 788 -13.06 -7.86 -120.85
C SER L 788 -13.91 -7.41 -119.66
N LYS L 789 -14.88 -8.23 -119.27
CA LYS L 789 -15.72 -7.88 -118.12
C LYS L 789 -14.92 -8.01 -116.82
N PRO L 790 -15.15 -7.11 -115.86
CA PRO L 790 -14.42 -7.18 -114.59
C PRO L 790 -14.79 -8.38 -113.74
N SER L 791 -16.00 -8.93 -113.89
CA SER L 791 -16.45 -10.07 -113.11
C SER L 791 -16.21 -11.40 -113.81
N LYS L 792 -15.68 -11.38 -115.04
CA LYS L 792 -15.44 -12.58 -115.86
C LYS L 792 -16.73 -13.40 -116.04
N ARG L 793 -17.78 -12.73 -116.48
CA ARG L 793 -19.10 -13.34 -116.61
C ARG L 793 -19.63 -13.12 -118.03
N SER L 794 -20.48 -14.05 -118.46
CA SER L 794 -21.14 -13.93 -119.75
C SER L 794 -22.17 -12.80 -119.71
N PRO L 795 -22.52 -12.23 -120.87
CA PRO L 795 -23.58 -11.23 -120.91
C PRO L 795 -24.94 -11.74 -120.43
N ILE L 796 -25.25 -13.02 -120.66
CA ILE L 796 -26.49 -13.59 -120.15
C ILE L 796 -26.48 -13.66 -118.62
N GLU L 797 -25.35 -14.08 -118.05
CA GLU L 797 -25.22 -14.14 -116.59
C GLU L 797 -25.25 -12.74 -115.99
N ASP L 798 -24.61 -11.77 -116.66
CA ASP L 798 -24.65 -10.40 -116.17
C ASP L 798 -26.06 -9.81 -116.22
N LEU L 799 -26.80 -10.11 -117.30
CA LEU L 799 -28.19 -9.66 -117.41
C LEU L 799 -29.07 -10.30 -116.34
N LEU L 800 -28.86 -11.59 -116.07
CA LEU L 800 -29.64 -12.28 -115.04
C LEU L 800 -29.31 -11.74 -113.65
N PHE L 801 -28.04 -11.42 -113.40
CA PHE L 801 -27.65 -10.87 -112.10
C PHE L 801 -28.16 -9.45 -111.92
N ASN L 802 -28.19 -8.65 -113.00
CA ASN L 802 -28.70 -7.29 -112.90
C ASN L 802 -30.21 -7.25 -112.79
N LYS L 803 -30.92 -8.19 -113.44
CA LYS L 803 -32.38 -8.22 -113.34
C LYS L 803 -32.83 -8.67 -111.95
N VAL L 804 -32.15 -9.65 -111.37
CA VAL L 804 -32.53 -10.16 -110.06
C VAL L 804 -32.04 -9.18 -108.99
N THR L 805 -32.97 -8.66 -108.20
CA THR L 805 -32.64 -7.72 -107.13
C THR L 805 -33.06 -8.26 -105.78
N ASN L 834 -32.66 -7.54 -82.78
CA ASN L 834 -31.85 -7.99 -83.90
C ASN L 834 -31.09 -9.27 -83.55
N GLY L 835 -29.84 -9.35 -83.99
CA GLY L 835 -28.99 -10.50 -83.72
C GLY L 835 -29.06 -11.61 -84.76
N LEU L 836 -29.94 -11.49 -85.75
CA LEU L 836 -30.02 -12.47 -86.82
C LEU L 836 -28.84 -12.27 -87.75
N THR L 837 -27.99 -13.29 -87.86
CA THR L 837 -26.76 -13.22 -88.65
C THR L 837 -26.92 -14.08 -89.90
N VAL L 838 -26.60 -13.50 -91.04
CA VAL L 838 -26.63 -14.22 -92.32
C VAL L 838 -25.20 -14.55 -92.70
N LEU L 839 -24.88 -15.84 -92.73
CA LEU L 839 -23.54 -16.27 -93.10
C LEU L 839 -23.31 -16.08 -94.60
N PRO L 840 -22.14 -15.61 -94.99
CA PRO L 840 -21.79 -15.57 -96.42
C PRO L 840 -21.57 -16.97 -96.95
N PRO L 841 -21.91 -17.21 -98.22
CA PRO L 841 -21.69 -18.55 -98.79
C PRO L 841 -20.20 -18.84 -98.95
N LEU L 842 -19.87 -20.13 -98.88
CA LEU L 842 -18.50 -20.57 -99.10
C LEU L 842 -18.08 -20.32 -100.54
N LEU L 843 -18.99 -20.55 -101.48
CA LEU L 843 -18.69 -20.47 -102.90
C LEU L 843 -19.23 -19.16 -103.46
N THR L 844 -18.34 -18.22 -103.78
CA THR L 844 -18.75 -16.92 -104.28
C THR L 844 -19.06 -16.99 -105.77
N ASP L 845 -19.61 -15.89 -106.29
CA ASP L 845 -20.12 -15.89 -107.66
C ASP L 845 -19.00 -15.96 -108.71
N GLU L 846 -17.81 -15.43 -108.39
CA GLU L 846 -16.72 -15.44 -109.36
C GLU L 846 -16.21 -16.85 -109.64
N MET L 847 -16.02 -17.64 -108.59
CA MET L 847 -15.52 -19.00 -108.79
C MET L 847 -16.60 -19.95 -109.31
N ILE L 848 -17.87 -19.67 -108.99
CA ILE L 848 -18.97 -20.39 -109.64
C ILE L 848 -19.00 -20.07 -111.13
N ALA L 849 -18.76 -18.80 -111.48
CA ALA L 849 -18.65 -18.43 -112.89
C ALA L 849 -17.46 -19.12 -113.55
N GLN L 850 -16.37 -19.30 -112.81
CA GLN L 850 -15.22 -20.04 -113.31
C GLN L 850 -15.58 -21.50 -113.59
N TYR L 851 -16.34 -22.13 -112.69
CA TYR L 851 -16.83 -23.47 -112.94
C TYR L 851 -17.74 -23.54 -114.17
N THR L 852 -18.62 -22.55 -114.35
CA THR L 852 -19.50 -22.56 -115.52
C THR L 852 -18.70 -22.39 -116.81
N SER L 853 -17.69 -21.52 -116.79
CA SER L 853 -16.84 -21.33 -117.96
C SER L 853 -16.06 -22.61 -118.29
N ALA L 854 -15.53 -23.28 -117.26
CA ALA L 854 -14.81 -24.54 -117.49
C ALA L 854 -15.74 -25.62 -118.00
N LEU L 855 -16.97 -25.68 -117.49
CA LEU L 855 -17.93 -26.69 -117.93
C LEU L 855 -18.37 -26.46 -119.36
N LEU L 856 -18.60 -25.19 -119.74
CA LEU L 856 -18.93 -24.89 -121.13
C LEU L 856 -17.75 -25.16 -122.06
N ALA L 857 -16.52 -24.92 -121.59
CA ALA L 857 -15.36 -25.31 -122.38
C ALA L 857 -15.31 -26.82 -122.59
N GLY L 858 -15.60 -27.59 -121.53
CA GLY L 858 -15.61 -29.03 -121.65
C GLY L 858 -16.70 -29.55 -122.57
N THR L 859 -17.86 -28.91 -122.55
CA THR L 859 -18.95 -29.32 -123.43
C THR L 859 -18.82 -28.80 -124.86
N ILE L 860 -17.95 -27.80 -125.11
CA ILE L 860 -17.79 -27.29 -126.46
C ILE L 860 -16.60 -27.95 -127.15
N THR L 861 -15.40 -27.83 -126.58
CA THR L 861 -14.21 -28.27 -127.29
C THR L 861 -13.84 -29.72 -127.01
N SER L 862 -14.57 -30.41 -126.14
CA SER L 862 -14.27 -31.80 -125.81
C SER L 862 -15.45 -32.73 -125.99
N GLY L 863 -16.58 -32.23 -126.47
CA GLY L 863 -17.74 -33.09 -126.65
C GLY L 863 -18.36 -33.49 -125.31
N TRP L 864 -18.94 -34.69 -125.29
CA TRP L 864 -19.48 -35.26 -124.07
C TRP L 864 -18.57 -36.30 -123.45
N THR L 865 -17.44 -36.61 -124.08
CA THR L 865 -16.52 -37.62 -123.58
C THR L 865 -15.41 -37.01 -122.71
N PHE L 866 -15.83 -36.21 -121.73
CA PHE L 866 -14.90 -35.65 -120.76
C PHE L 866 -15.33 -35.88 -119.32
N GLY L 867 -16.61 -36.08 -119.05
CA GLY L 867 -17.07 -36.49 -117.74
C GLY L 867 -16.95 -37.96 -117.45
N ALA L 868 -16.56 -38.75 -118.46
CA ALA L 868 -16.32 -40.18 -118.31
C ALA L 868 -14.90 -40.44 -118.79
N GLY L 869 -13.93 -40.30 -117.88
CA GLY L 869 -12.55 -40.45 -118.22
C GLY L 869 -11.91 -39.14 -118.66
N PRO L 870 -10.76 -39.21 -119.31
CA PRO L 870 -10.08 -37.99 -119.74
C PRO L 870 -10.76 -37.34 -120.93
N ALA L 871 -10.49 -36.05 -121.08
CA ALA L 871 -11.07 -35.28 -122.17
C ALA L 871 -10.42 -35.64 -123.51
N LEU L 872 -11.22 -35.63 -124.56
CA LEU L 872 -10.77 -35.93 -125.92
C LEU L 872 -11.16 -34.79 -126.84
N GLN L 873 -10.26 -34.44 -127.75
CA GLN L 873 -10.54 -33.37 -128.71
C GLN L 873 -11.56 -33.85 -129.73
N ILE L 874 -12.73 -33.20 -129.75
CA ILE L 874 -13.79 -33.53 -130.69
C ILE L 874 -14.18 -32.27 -131.43
N PRO L 875 -14.19 -32.27 -132.77
CA PRO L 875 -14.70 -31.11 -133.51
C PRO L 875 -16.20 -30.91 -133.26
N PHE L 876 -16.60 -29.65 -133.15
CA PHE L 876 -17.99 -29.28 -132.88
C PHE L 876 -18.97 -29.72 -133.97
N PRO L 877 -18.67 -29.57 -135.28
CA PRO L 877 -19.57 -30.19 -136.27
C PRO L 877 -19.66 -31.70 -136.13
N MET L 878 -18.55 -32.39 -135.83
CA MET L 878 -18.61 -33.83 -135.63
C MET L 878 -19.36 -34.18 -134.36
N GLN L 879 -19.19 -33.37 -133.30
CA GLN L 879 -19.92 -33.59 -132.06
C GLN L 879 -21.43 -33.44 -132.26
N MET L 880 -21.85 -32.39 -132.95
CA MET L 880 -23.28 -32.20 -133.17
C MET L 880 -23.83 -33.16 -134.24
N ALA L 881 -22.95 -33.68 -135.09
CA ALA L 881 -23.34 -34.80 -135.95
C ALA L 881 -23.61 -36.06 -135.13
N TYR L 882 -22.79 -36.30 -134.11
CA TYR L 882 -23.05 -37.40 -133.19
C TYR L 882 -24.34 -37.16 -132.41
N ARG L 883 -24.62 -35.91 -132.07
CA ARG L 883 -25.87 -35.58 -131.38
C ARG L 883 -27.09 -35.84 -132.27
N PHE L 884 -26.99 -35.51 -133.56
CA PHE L 884 -28.06 -35.88 -134.49
C PHE L 884 -28.17 -37.39 -134.64
N ASN L 885 -27.03 -38.10 -134.64
CA ASN L 885 -27.06 -39.55 -134.74
C ASN L 885 -27.62 -40.21 -133.48
N GLY L 886 -27.62 -39.51 -132.35
CA GLY L 886 -28.17 -40.06 -131.12
C GLY L 886 -29.68 -40.10 -131.08
N ILE L 887 -30.35 -39.32 -131.91
CA ILE L 887 -31.82 -39.27 -131.89
C ILE L 887 -32.38 -39.94 -133.13
N GLY L 888 -31.63 -40.88 -133.70
CA GLY L 888 -32.11 -41.66 -134.83
C GLY L 888 -32.13 -40.95 -136.16
N VAL L 889 -31.36 -39.87 -136.33
CA VAL L 889 -31.28 -39.14 -137.58
C VAL L 889 -29.87 -39.29 -138.14
N THR L 890 -29.78 -39.64 -139.42
CA THR L 890 -28.48 -39.82 -140.05
C THR L 890 -27.74 -38.49 -140.14
N GLN L 891 -26.41 -38.57 -140.10
CA GLN L 891 -25.58 -37.35 -140.03
C GLN L 891 -25.40 -36.69 -141.39
N ASN L 892 -25.90 -37.30 -142.47
CA ASN L 892 -25.72 -36.72 -143.80
C ASN L 892 -26.57 -35.47 -144.00
N VAL L 893 -27.66 -35.34 -143.24
CA VAL L 893 -28.54 -34.17 -143.36
C VAL L 893 -27.88 -32.92 -142.78
N LEU L 894 -26.90 -33.08 -141.89
CA LEU L 894 -26.23 -31.93 -141.30
C LEU L 894 -25.36 -31.20 -142.32
N TYR L 895 -24.52 -31.94 -143.05
CA TYR L 895 -23.50 -31.33 -143.88
C TYR L 895 -24.06 -30.69 -145.15
N GLU L 896 -25.31 -30.97 -145.48
CA GLU L 896 -26.00 -30.26 -146.56
C GLU L 896 -26.77 -29.04 -146.07
N ASN L 897 -26.87 -28.85 -144.74
CA ASN L 897 -27.62 -27.74 -144.17
C ASN L 897 -26.90 -27.13 -142.97
N GLN L 898 -25.56 -27.14 -142.98
CA GLN L 898 -24.79 -26.66 -141.84
C GLN L 898 -24.96 -25.15 -141.64
N LYS L 899 -24.98 -24.39 -142.74
CA LYS L 899 -25.15 -22.94 -142.65
C LYS L 899 -26.52 -22.58 -142.09
N LEU L 900 -27.57 -23.30 -142.52
CA LEU L 900 -28.91 -23.05 -142.00
C LEU L 900 -29.00 -23.37 -140.52
N ILE L 901 -28.38 -24.47 -140.08
CA ILE L 901 -28.38 -24.84 -138.68
C ILE L 901 -27.64 -23.80 -137.84
N ALA L 902 -26.49 -23.31 -138.33
CA ALA L 902 -25.74 -22.30 -137.61
C ALA L 902 -26.52 -20.98 -137.52
N ASN L 903 -27.16 -20.57 -138.62
CA ASN L 903 -27.95 -19.34 -138.62
C ASN L 903 -29.15 -19.46 -137.69
N GLN L 904 -29.82 -20.62 -137.69
CA GLN L 904 -30.96 -20.83 -136.78
C GLN L 904 -30.50 -20.82 -135.33
N PHE L 905 -29.34 -21.41 -135.03
CA PHE L 905 -28.82 -21.40 -133.67
C PHE L 905 -28.48 -19.99 -133.22
N ASN L 906 -27.86 -19.19 -134.10
CA ASN L 906 -27.54 -17.81 -133.74
C ASN L 906 -28.79 -16.97 -133.54
N SER L 907 -29.80 -17.18 -134.40
CA SER L 907 -31.07 -16.46 -134.26
C SER L 907 -31.77 -16.85 -132.95
N ALA L 908 -31.72 -18.14 -132.60
CA ALA L 908 -32.32 -18.59 -131.34
C ALA L 908 -31.57 -18.04 -130.14
N ILE L 909 -30.25 -17.93 -130.24
CA ILE L 909 -29.45 -17.35 -129.15
C ILE L 909 -29.82 -15.89 -128.95
N GLY L 910 -29.92 -15.13 -130.05
CA GLY L 910 -30.32 -13.73 -129.94
C GLY L 910 -31.75 -13.56 -129.42
N LYS L 911 -32.65 -14.44 -129.87
CA LYS L 911 -34.03 -14.39 -129.42
C LYS L 911 -34.16 -14.69 -127.93
N ILE L 912 -33.44 -15.70 -127.44
CA ILE L 912 -33.54 -15.99 -126.02
C ILE L 912 -32.80 -14.92 -125.21
N GLN L 913 -31.77 -14.30 -125.81
CA GLN L 913 -31.03 -13.25 -125.11
C GLN L 913 -31.90 -12.02 -124.88
N ASP L 914 -32.62 -11.54 -125.91
CA ASP L 914 -33.43 -10.35 -125.68
C ASP L 914 -34.80 -10.69 -125.10
N SER L 915 -35.19 -11.97 -125.11
CA SER L 915 -36.41 -12.34 -124.40
C SER L 915 -36.18 -12.59 -122.91
N LEU L 916 -34.93 -12.85 -122.51
CA LEU L 916 -34.61 -12.90 -121.08
C LEU L 916 -34.71 -11.53 -120.43
N SER L 917 -34.62 -10.46 -121.20
CA SER L 917 -34.79 -9.10 -120.70
C SER L 917 -36.14 -8.50 -121.04
N SER L 918 -36.78 -8.96 -122.11
CA SER L 918 -38.10 -8.44 -122.47
C SER L 918 -39.17 -8.90 -121.47
N THR L 919 -39.13 -10.18 -121.09
CA THR L 919 -40.14 -10.71 -120.17
C THR L 919 -39.74 -10.40 -118.74
N PRO L 920 -40.58 -9.70 -117.96
CA PRO L 920 -40.21 -9.40 -116.57
C PRO L 920 -40.52 -10.51 -115.58
N SER L 921 -41.43 -11.42 -115.91
CA SER L 921 -41.84 -12.49 -115.01
C SER L 921 -41.19 -13.82 -115.32
N ALA L 922 -39.96 -13.80 -115.82
CA ALA L 922 -39.21 -15.02 -116.14
C ALA L 922 -38.28 -15.46 -115.03
N LEU L 923 -38.30 -14.76 -113.89
CA LEU L 923 -37.40 -15.10 -112.79
C LEU L 923 -38.14 -15.12 -111.46
N GLY L 924 -39.32 -15.73 -111.44
CA GLY L 924 -40.12 -15.74 -110.22
C GLY L 924 -39.53 -16.48 -109.05
N LYS L 925 -38.98 -17.67 -109.28
CA LYS L 925 -38.49 -18.47 -108.17
C LYS L 925 -37.36 -17.82 -107.40
N LEU L 926 -36.27 -17.54 -108.07
CA LEU L 926 -35.13 -16.95 -107.39
C LEU L 926 -35.61 -15.70 -106.71
N GLN L 927 -36.63 -15.06 -107.29
CA GLN L 927 -37.21 -13.90 -106.61
C GLN L 927 -38.16 -14.34 -105.50
N ASP L 928 -38.94 -15.39 -105.73
CA ASP L 928 -39.86 -15.89 -104.71
C ASP L 928 -39.10 -16.44 -103.50
N VAL L 929 -38.02 -17.20 -103.73
CA VAL L 929 -37.32 -17.79 -102.60
C VAL L 929 -36.54 -16.72 -101.83
N VAL L 930 -35.99 -15.71 -102.52
CA VAL L 930 -35.29 -14.66 -101.78
C VAL L 930 -36.28 -13.76 -101.04
N ASN L 931 -37.48 -13.55 -101.60
CA ASN L 931 -38.49 -12.78 -100.89
C ASN L 931 -39.03 -13.56 -99.70
N HIS L 932 -39.15 -14.88 -99.83
CA HIS L 932 -39.54 -15.72 -98.70
C HIS L 932 -38.50 -15.68 -97.59
N ASN L 933 -37.21 -15.72 -97.95
CA ASN L 933 -36.15 -15.63 -96.96
C ASN L 933 -36.18 -14.28 -96.26
N ALA L 934 -36.36 -13.20 -97.02
CA ALA L 934 -36.44 -11.87 -96.43
C ALA L 934 -37.64 -11.72 -95.51
N GLN L 935 -38.80 -12.25 -95.92
CA GLN L 935 -40.00 -12.17 -95.10
C GLN L 935 -39.87 -13.01 -93.84
N ALA L 936 -39.25 -14.19 -93.93
CA ALA L 936 -39.05 -15.03 -92.76
C ALA L 936 -38.04 -14.41 -91.79
N LEU L 937 -37.04 -13.70 -92.32
CA LEU L 937 -36.12 -12.98 -91.44
C LEU L 937 -36.77 -11.77 -90.80
N ASN L 938 -37.68 -11.09 -91.52
CA ASN L 938 -38.32 -9.89 -91.00
C ASN L 938 -39.40 -10.21 -89.98
N THR L 939 -40.13 -11.32 -90.16
CA THR L 939 -41.23 -11.63 -89.25
C THR L 939 -40.73 -12.06 -87.88
N LEU L 940 -39.50 -12.58 -87.78
CA LEU L 940 -38.94 -12.90 -86.46
C LEU L 940 -38.66 -11.64 -85.66
N VAL L 941 -38.09 -10.62 -86.31
CA VAL L 941 -37.86 -9.35 -85.65
C VAL L 941 -39.18 -8.65 -85.35
N LYS L 942 -40.18 -8.83 -86.21
CA LYS L 942 -41.52 -8.30 -85.93
C LYS L 942 -42.12 -8.96 -84.69
N GLN L 943 -41.95 -10.28 -84.56
CA GLN L 943 -42.43 -11.01 -83.40
C GLN L 943 -41.58 -10.76 -82.15
N LEU L 944 -40.38 -10.19 -82.32
CA LEU L 944 -39.54 -9.86 -81.17
C LEU L 944 -40.16 -8.75 -80.30
N SER L 945 -41.02 -7.92 -80.88
CA SER L 945 -41.57 -6.75 -80.19
C SER L 945 -43.06 -6.91 -79.90
N SER L 946 -43.46 -8.10 -79.46
CA SER L 946 -44.84 -8.37 -79.08
C SER L 946 -44.90 -8.67 -77.59
N LYS L 947 -46.04 -8.37 -76.98
CA LYS L 947 -46.18 -8.47 -75.53
C LYS L 947 -46.27 -9.91 -75.06
N PHE L 948 -46.81 -10.81 -75.89
CA PHE L 948 -46.99 -12.23 -75.57
C PHE L 948 -47.84 -12.45 -74.33
N GLY L 949 -48.80 -11.56 -74.08
CA GLY L 949 -49.67 -11.67 -72.93
C GLY L 949 -49.11 -11.14 -71.63
N ALA L 950 -47.89 -10.61 -71.64
CA ALA L 950 -47.28 -10.06 -70.44
C ALA L 950 -47.77 -8.63 -70.22
N ILE L 951 -47.34 -8.01 -69.11
CA ILE L 951 -47.71 -6.62 -68.84
C ILE L 951 -46.98 -5.70 -69.80
N SER L 952 -45.71 -5.96 -70.06
CA SER L 952 -44.91 -5.17 -71.00
C SER L 952 -44.22 -6.12 -71.96
N SER L 953 -43.36 -5.56 -72.82
CA SER L 953 -42.62 -6.35 -73.80
C SER L 953 -41.16 -5.97 -73.87
N VAL L 954 -40.68 -5.10 -72.99
CA VAL L 954 -39.31 -4.61 -73.00
C VAL L 954 -38.65 -5.05 -71.70
N LEU L 955 -37.41 -5.53 -71.80
CA LEU L 955 -36.76 -6.21 -70.68
C LEU L 955 -36.49 -5.28 -69.51
N ASN L 956 -35.92 -4.09 -69.77
CA ASN L 956 -35.55 -3.19 -68.68
C ASN L 956 -36.75 -2.50 -68.05
N ASP L 957 -37.92 -2.57 -68.66
CA ASP L 957 -39.17 -2.12 -68.05
C ASP L 957 -39.87 -3.24 -67.28
N ILE L 958 -39.72 -4.48 -67.73
CA ILE L 958 -40.38 -5.60 -67.05
C ILE L 958 -39.55 -6.14 -65.90
N LEU L 959 -38.27 -5.81 -65.82
CA LEU L 959 -37.39 -6.31 -64.76
C LEU L 959 -37.01 -5.24 -63.74
N SER L 960 -37.59 -4.05 -63.80
CA SER L 960 -37.22 -2.97 -62.90
C SER L 960 -38.35 -2.55 -61.97
N ARG L 961 -39.51 -2.17 -62.50
CA ARG L 961 -40.56 -1.61 -61.65
C ARG L 961 -41.47 -2.70 -61.10
N LEU L 962 -41.38 -3.91 -61.64
CA LEU L 962 -42.21 -5.00 -61.14
C LEU L 962 -41.61 -5.62 -59.87
N ASP L 963 -42.44 -6.36 -59.15
CA ASP L 963 -42.02 -7.14 -57.99
C ASP L 963 -41.66 -8.55 -58.44
N PRO L 964 -40.46 -9.02 -58.11
CA PRO L 964 -39.87 -10.20 -58.80
C PRO L 964 -40.68 -11.49 -58.63
N PRO L 965 -41.47 -11.70 -57.54
CA PRO L 965 -42.40 -12.85 -57.55
C PRO L 965 -43.35 -12.91 -58.75
N GLU L 966 -43.88 -11.78 -59.23
CA GLU L 966 -44.69 -11.83 -60.44
C GLU L 966 -43.89 -11.48 -61.70
N ALA L 967 -42.77 -10.77 -61.55
CA ALA L 967 -41.92 -10.48 -62.70
C ALA L 967 -41.29 -11.73 -63.27
N GLU L 968 -40.94 -12.70 -62.40
CA GLU L 968 -40.40 -13.97 -62.88
C GLU L 968 -41.43 -14.73 -63.72
N VAL L 969 -42.68 -14.75 -63.28
CA VAL L 969 -43.74 -15.43 -64.03
C VAL L 969 -44.01 -14.72 -65.35
N GLN L 970 -44.05 -13.38 -65.33
CA GLN L 970 -44.28 -12.62 -66.56
C GLN L 970 -43.16 -12.83 -67.57
N ILE L 971 -41.91 -12.79 -67.12
CA ILE L 971 -40.79 -12.98 -68.04
C ILE L 971 -40.71 -14.45 -68.47
N ASP L 972 -41.17 -15.38 -67.64
CA ASP L 972 -41.24 -16.77 -68.06
C ASP L 972 -42.24 -16.96 -69.19
N ARG L 973 -43.41 -16.32 -69.08
CA ARG L 973 -44.39 -16.37 -70.17
C ARG L 973 -43.85 -15.71 -71.43
N LEU L 974 -43.17 -14.57 -71.29
CA LEU L 974 -42.62 -13.87 -72.45
C LEU L 974 -41.54 -14.69 -73.15
N ILE L 975 -40.65 -15.31 -72.37
CA ILE L 975 -39.59 -16.14 -72.94
C ILE L 975 -40.16 -17.41 -73.55
N THR L 976 -41.21 -17.98 -72.95
CA THR L 976 -41.88 -19.13 -73.55
C THR L 976 -42.50 -18.78 -74.91
N GLY L 977 -43.14 -17.60 -75.00
CA GLY L 977 -43.69 -17.17 -76.28
C GLY L 977 -42.62 -16.92 -77.33
N ARG L 978 -41.51 -16.27 -76.93
CA ARG L 978 -40.41 -16.04 -77.86
C ARG L 978 -39.77 -17.35 -78.31
N LEU L 979 -39.64 -18.31 -77.41
CA LEU L 979 -39.09 -19.62 -77.77
C LEU L 979 -40.03 -20.37 -78.71
N GLN L 980 -41.34 -20.25 -78.49
CA GLN L 980 -42.30 -20.87 -79.42
C GLN L 980 -42.20 -20.25 -80.81
N SER L 981 -42.07 -18.92 -80.89
CA SER L 981 -41.89 -18.26 -82.18
C SER L 981 -40.59 -18.69 -82.86
N LEU L 982 -39.50 -18.80 -82.08
CA LEU L 982 -38.23 -19.22 -82.63
C LEU L 982 -38.28 -20.67 -83.13
N GLN L 983 -38.98 -21.55 -82.39
CA GLN L 983 -39.13 -22.93 -82.81
C GLN L 983 -39.97 -23.03 -84.09
N THR L 984 -41.00 -22.19 -84.20
CA THR L 984 -41.79 -22.14 -85.43
C THR L 984 -40.94 -21.68 -86.62
N TYR L 985 -40.09 -20.67 -86.40
CA TYR L 985 -39.20 -20.21 -87.45
C TYR L 985 -38.20 -21.28 -87.86
N VAL L 986 -37.67 -22.03 -86.87
CA VAL L 986 -36.72 -23.10 -87.16
C VAL L 986 -37.40 -24.23 -87.94
N THR L 987 -38.65 -24.56 -87.58
CA THR L 987 -39.39 -25.59 -88.31
C THR L 987 -39.67 -25.17 -89.75
N GLN L 988 -40.06 -23.90 -89.95
CA GLN L 988 -40.29 -23.41 -91.30
C GLN L 988 -39.00 -23.40 -92.13
N GLN L 989 -37.89 -23.03 -91.49
CA GLN L 989 -36.59 -23.08 -92.16
C GLN L 989 -36.21 -24.51 -92.53
N LEU L 990 -36.52 -25.48 -91.65
CA LEU L 990 -36.26 -26.88 -91.94
C LEU L 990 -37.09 -27.37 -93.13
N ILE L 991 -38.36 -26.98 -93.19
CA ILE L 991 -39.23 -27.42 -94.29
C ILE L 991 -38.76 -26.81 -95.62
N ARG L 992 -38.47 -25.51 -95.62
CA ARG L 992 -38.01 -24.87 -96.86
C ARG L 992 -36.62 -25.36 -97.25
N ALA L 993 -35.81 -25.77 -96.27
CA ALA L 993 -34.51 -26.34 -96.57
C ALA L 993 -34.63 -27.73 -97.18
N ALA L 994 -35.60 -28.53 -96.73
CA ALA L 994 -35.87 -29.81 -97.36
C ALA L 994 -36.34 -29.63 -98.80
N GLU L 995 -37.21 -28.64 -99.02
CA GLU L 995 -37.66 -28.34 -100.39
C GLU L 995 -36.50 -27.88 -101.27
N ILE L 996 -35.62 -27.03 -100.73
CA ILE L 996 -34.46 -26.55 -101.47
C ILE L 996 -33.50 -27.69 -101.76
N ARG L 997 -33.35 -28.63 -100.81
CA ARG L 997 -32.50 -29.79 -101.03
C ARG L 997 -33.04 -30.68 -102.13
N ALA L 998 -34.37 -30.89 -102.16
CA ALA L 998 -34.98 -31.67 -103.24
C ALA L 998 -34.80 -30.98 -104.59
N SER L 999 -34.97 -29.65 -104.63
CA SER L 999 -34.78 -28.91 -105.88
C SER L 999 -33.32 -28.95 -106.33
N ALA L 1000 -32.38 -28.90 -105.38
CA ALA L 1000 -30.97 -28.97 -105.72
C ALA L 1000 -30.57 -30.35 -106.20
N ASN L 1001 -31.17 -31.41 -105.63
CA ASN L 1001 -30.94 -32.76 -106.14
C ASN L 1001 -31.47 -32.92 -107.56
N LEU L 1002 -32.65 -32.35 -107.84
CA LEU L 1002 -33.18 -32.39 -109.20
C LEU L 1002 -32.30 -31.61 -110.16
N ALA L 1003 -31.79 -30.45 -109.72
CA ALA L 1003 -30.89 -29.66 -110.56
C ALA L 1003 -29.56 -30.37 -110.79
N ALA L 1004 -29.06 -31.10 -109.79
CA ALA L 1004 -27.85 -31.88 -109.96
C ALA L 1004 -28.05 -33.03 -110.93
N THR L 1005 -29.22 -33.68 -110.88
CA THR L 1005 -29.55 -34.71 -111.86
C THR L 1005 -29.64 -34.13 -113.26
N LYS L 1006 -30.24 -32.95 -113.39
CA LYS L 1006 -30.31 -32.27 -114.69
C LYS L 1006 -28.93 -31.91 -115.21
N MET L 1007 -28.04 -31.45 -114.33
CA MET L 1007 -26.67 -31.12 -114.72
C MET L 1007 -25.90 -32.36 -115.14
N SER L 1008 -26.10 -33.47 -114.43
CA SER L 1008 -25.37 -34.70 -114.75
C SER L 1008 -25.89 -35.36 -116.02
N GLU L 1009 -27.18 -35.19 -116.34
CA GLU L 1009 -27.77 -35.87 -117.48
C GLU L 1009 -27.89 -34.99 -118.73
N CYS L 1010 -28.52 -33.82 -118.60
CA CYS L 1010 -28.78 -32.99 -119.77
C CYS L 1010 -27.55 -32.27 -120.29
N VAL L 1011 -26.51 -32.12 -119.48
CA VAL L 1011 -25.29 -31.40 -119.88
C VAL L 1011 -24.15 -32.36 -120.17
N LEU L 1012 -23.83 -33.23 -119.20
CA LEU L 1012 -22.74 -34.20 -119.36
C LEU L 1012 -23.26 -35.42 -120.12
N GLY L 1013 -23.49 -35.22 -121.41
CA GLY L 1013 -24.01 -36.25 -122.29
C GLY L 1013 -25.37 -35.89 -122.83
N GLN L 1014 -25.91 -36.83 -123.61
CA GLN L 1014 -27.22 -36.68 -124.22
C GLN L 1014 -28.23 -37.61 -123.55
N SER L 1015 -29.39 -37.06 -123.21
CA SER L 1015 -30.47 -37.82 -122.57
C SER L 1015 -31.59 -38.01 -123.59
N LYS L 1016 -31.96 -39.27 -123.84
CA LYS L 1016 -32.90 -39.59 -124.89
C LYS L 1016 -34.37 -39.56 -124.43
N ARG L 1017 -34.63 -39.45 -123.14
CA ARG L 1017 -36.00 -39.46 -122.67
C ARG L 1017 -36.68 -38.12 -122.94
N VAL L 1018 -37.96 -38.19 -123.28
CA VAL L 1018 -38.72 -37.03 -123.74
C VAL L 1018 -39.11 -36.17 -122.54
N ASP L 1019 -39.00 -34.85 -122.71
CA ASP L 1019 -39.48 -33.84 -121.76
C ASP L 1019 -38.76 -33.94 -120.41
N PHE L 1020 -37.43 -34.03 -120.46
CA PHE L 1020 -36.63 -33.92 -119.26
C PHE L 1020 -35.53 -32.88 -119.48
N CYS L 1021 -35.10 -32.71 -120.71
CA CYS L 1021 -34.06 -31.75 -121.09
C CYS L 1021 -34.59 -30.83 -122.18
N GLY L 1022 -35.79 -30.31 -121.99
CA GLY L 1022 -36.39 -29.40 -122.94
C GLY L 1022 -37.53 -30.07 -123.71
N LYS L 1023 -38.40 -29.24 -124.26
CA LYS L 1023 -39.54 -29.75 -125.02
C LYS L 1023 -39.09 -30.20 -126.41
N GLY L 1024 -39.19 -31.49 -126.66
CA GLY L 1024 -38.76 -32.07 -127.92
C GLY L 1024 -37.52 -32.93 -127.73
N TYR L 1025 -36.91 -33.30 -128.86
CA TYR L 1025 -35.69 -34.08 -128.84
C TYR L 1025 -34.53 -33.24 -128.32
N HIS L 1026 -33.78 -33.79 -127.38
CA HIS L 1026 -32.70 -33.06 -126.72
C HIS L 1026 -31.39 -33.20 -127.50
N LEU L 1027 -30.72 -32.06 -127.71
CA LEU L 1027 -29.43 -32.05 -128.40
C LEU L 1027 -28.30 -31.58 -127.49
N MET L 1028 -28.38 -30.35 -126.97
CA MET L 1028 -27.34 -29.79 -126.11
C MET L 1028 -28.04 -29.01 -125.00
N SER L 1029 -27.25 -28.57 -124.02
CA SER L 1029 -27.73 -27.65 -122.99
C SER L 1029 -26.52 -26.90 -122.44
N PHE L 1030 -26.73 -25.61 -122.16
CA PHE L 1030 -25.68 -24.73 -121.68
C PHE L 1030 -26.11 -24.07 -120.38
N PRO L 1031 -25.62 -24.51 -119.23
CA PRO L 1031 -25.98 -23.85 -117.97
C PRO L 1031 -25.20 -22.55 -117.78
N GLN L 1032 -25.84 -21.61 -117.10
CA GLN L 1032 -25.22 -20.32 -116.78
C GLN L 1032 -25.34 -20.06 -115.29
N SER L 1033 -24.38 -19.31 -114.75
CA SER L 1033 -24.39 -18.98 -113.34
C SER L 1033 -25.53 -18.03 -113.01
N ALA L 1034 -26.21 -18.30 -111.91
CA ALA L 1034 -27.35 -17.50 -111.47
C ALA L 1034 -27.21 -17.21 -109.98
N PRO L 1035 -27.73 -16.07 -109.51
CA PRO L 1035 -27.70 -15.79 -108.06
C PRO L 1035 -28.69 -16.69 -107.32
N HIS L 1036 -28.16 -17.47 -106.38
CA HIS L 1036 -28.94 -18.40 -105.53
C HIS L 1036 -29.70 -19.41 -106.38
N GLY L 1037 -29.07 -19.92 -107.43
CA GLY L 1037 -29.71 -20.89 -108.28
C GLY L 1037 -28.88 -21.13 -109.54
N VAL L 1038 -29.48 -21.84 -110.48
CA VAL L 1038 -28.86 -22.14 -111.76
C VAL L 1038 -29.93 -22.02 -112.85
N VAL L 1039 -29.50 -21.60 -114.04
CA VAL L 1039 -30.37 -21.47 -115.19
C VAL L 1039 -29.82 -22.34 -116.31
N PHE L 1040 -30.73 -23.03 -117.02
CA PHE L 1040 -30.36 -23.96 -118.08
C PHE L 1040 -30.85 -23.42 -119.42
N LEU L 1041 -30.05 -23.63 -120.46
CA LEU L 1041 -30.39 -23.22 -121.83
C LEU L 1041 -30.34 -24.47 -122.70
N HIS L 1042 -31.46 -25.19 -122.75
CA HIS L 1042 -31.55 -26.42 -123.51
C HIS L 1042 -31.57 -26.13 -125.01
N VAL L 1043 -31.12 -27.12 -125.79
CA VAL L 1043 -31.19 -27.07 -127.25
C VAL L 1043 -32.12 -28.20 -127.70
N THR L 1044 -33.17 -27.85 -128.42
CA THR L 1044 -34.21 -28.80 -128.79
C THR L 1044 -34.31 -28.91 -130.31
N TYR L 1045 -34.64 -30.11 -130.78
CA TYR L 1045 -34.84 -30.41 -132.19
C TYR L 1045 -36.34 -30.54 -132.43
N VAL L 1046 -36.93 -29.52 -133.04
CA VAL L 1046 -38.37 -29.46 -133.25
C VAL L 1046 -38.62 -29.53 -134.76
N PRO L 1047 -39.10 -30.64 -135.29
CA PRO L 1047 -39.44 -30.71 -136.72
C PRO L 1047 -40.75 -30.01 -137.03
N ALA L 1048 -40.92 -29.69 -138.31
CA ALA L 1048 -42.12 -29.03 -138.79
C ALA L 1048 -42.31 -29.38 -140.26
N GLN L 1049 -43.23 -28.66 -140.92
CA GLN L 1049 -43.52 -28.78 -142.35
C GLN L 1049 -43.93 -30.21 -142.72
N GLU L 1050 -45.08 -30.62 -142.17
CA GLU L 1050 -45.61 -31.95 -142.38
C GLU L 1050 -46.02 -32.15 -143.83
N LYS L 1051 -45.99 -33.42 -144.26
CA LYS L 1051 -46.33 -33.78 -145.63
C LYS L 1051 -47.02 -35.14 -145.62
N ASN L 1052 -48.20 -35.22 -146.21
CA ASN L 1052 -48.95 -36.46 -146.23
C ASN L 1052 -48.36 -37.43 -147.23
N PHE L 1053 -48.39 -38.72 -146.89
CA PHE L 1053 -47.85 -39.77 -147.74
C PHE L 1053 -48.65 -41.04 -147.57
N THR L 1054 -48.47 -41.97 -148.50
CA THR L 1054 -49.10 -43.29 -148.46
C THR L 1054 -48.00 -44.33 -148.26
N THR L 1055 -48.20 -45.20 -147.27
CA THR L 1055 -47.18 -46.16 -146.86
C THR L 1055 -47.69 -47.59 -146.99
N ALA L 1056 -46.87 -48.55 -146.52
CA ALA L 1056 -47.21 -49.96 -146.48
C ALA L 1056 -46.32 -50.63 -145.46
N PRO L 1057 -46.83 -51.62 -144.71
CA PRO L 1057 -45.97 -52.30 -143.73
C PRO L 1057 -44.88 -53.15 -144.34
N ALA L 1058 -45.05 -53.65 -145.57
CA ALA L 1058 -44.06 -54.51 -146.20
C ALA L 1058 -44.22 -54.41 -147.71
N ILE L 1059 -43.20 -54.90 -148.41
CA ILE L 1059 -43.16 -54.91 -149.87
C ILE L 1059 -43.09 -56.35 -150.34
N CYS L 1060 -43.98 -56.73 -151.25
CA CYS L 1060 -44.05 -58.07 -151.78
C CYS L 1060 -43.25 -58.17 -153.07
N HIS L 1061 -42.36 -59.16 -153.16
CA HIS L 1061 -41.54 -59.34 -154.35
C HIS L 1061 -41.14 -60.80 -154.44
N ASP L 1062 -41.52 -61.45 -155.54
CA ASP L 1062 -41.15 -62.85 -155.86
C ASP L 1062 -41.59 -63.82 -154.76
N GLY L 1063 -42.76 -63.58 -154.18
CA GLY L 1063 -43.33 -64.47 -153.20
C GLY L 1063 -42.79 -64.32 -151.79
N LYS L 1064 -41.89 -63.36 -151.54
CA LYS L 1064 -41.35 -63.13 -150.22
C LYS L 1064 -41.52 -61.67 -149.84
N ALA L 1065 -41.60 -61.41 -148.54
CA ALA L 1065 -41.86 -60.07 -148.02
C ALA L 1065 -40.55 -59.38 -147.64
N HIS L 1066 -40.54 -58.07 -147.81
CA HIS L 1066 -39.39 -57.24 -147.44
C HIS L 1066 -39.78 -56.29 -146.33
N PHE L 1067 -38.86 -56.07 -145.40
CA PHE L 1067 -39.08 -55.19 -144.27
C PHE L 1067 -37.98 -54.16 -144.18
N PRO L 1068 -38.30 -52.92 -143.81
CA PRO L 1068 -37.27 -51.88 -143.71
C PRO L 1068 -36.34 -52.13 -142.52
N ARG L 1069 -35.08 -51.73 -142.70
CA ARG L 1069 -34.09 -51.92 -141.64
C ARG L 1069 -34.04 -50.74 -140.69
N GLU L 1070 -34.03 -49.52 -141.23
CA GLU L 1070 -33.88 -48.31 -140.43
C GLU L 1070 -35.08 -47.39 -140.46
N GLY L 1071 -35.95 -47.49 -141.47
CA GLY L 1071 -37.04 -46.56 -141.58
C GLY L 1071 -38.38 -47.15 -141.97
N VAL L 1072 -39.02 -46.56 -142.98
CA VAL L 1072 -40.38 -46.91 -143.38
C VAL L 1072 -40.52 -46.70 -144.88
N PHE L 1073 -41.28 -47.58 -145.52
CA PHE L 1073 -41.57 -47.44 -146.95
C PHE L 1073 -42.58 -46.31 -147.15
N VAL L 1074 -42.19 -45.29 -147.91
CA VAL L 1074 -43.00 -44.10 -148.13
C VAL L 1074 -43.18 -43.88 -149.63
N SER L 1075 -44.44 -43.73 -150.06
CA SER L 1075 -44.76 -43.48 -151.45
C SER L 1075 -45.58 -42.20 -151.56
N ASN L 1076 -45.23 -41.36 -152.52
CA ASN L 1076 -46.02 -40.17 -152.83
C ASN L 1076 -47.12 -40.49 -153.85
N GLY L 1077 -46.73 -41.07 -154.98
CA GLY L 1077 -47.68 -41.46 -156.00
C GLY L 1077 -47.68 -42.96 -156.27
N THR L 1078 -47.17 -43.35 -157.44
CA THR L 1078 -47.13 -44.75 -157.85
C THR L 1078 -45.76 -45.38 -157.68
N HIS L 1079 -44.81 -44.67 -157.06
CA HIS L 1079 -43.48 -45.19 -156.84
C HIS L 1079 -43.15 -45.11 -155.35
N TRP L 1080 -42.37 -46.09 -154.87
CA TRP L 1080 -42.12 -46.26 -153.44
C TRP L 1080 -40.67 -45.92 -153.12
N PHE L 1081 -40.47 -45.33 -151.94
CA PHE L 1081 -39.15 -44.99 -151.44
C PHE L 1081 -39.02 -45.45 -150.00
N VAL L 1082 -37.78 -45.64 -149.57
CA VAL L 1082 -37.46 -45.88 -148.17
C VAL L 1082 -36.82 -44.61 -147.59
N THR L 1083 -37.29 -44.20 -146.42
CA THR L 1083 -36.87 -42.95 -145.81
C THR L 1083 -36.60 -43.18 -144.32
N GLN L 1084 -35.77 -42.32 -143.75
CA GLN L 1084 -35.53 -42.35 -142.32
C GLN L 1084 -36.75 -41.78 -141.58
N ARG L 1085 -36.79 -42.03 -140.26
CA ARG L 1085 -38.00 -41.81 -139.49
C ARG L 1085 -38.30 -40.32 -139.31
N ASN L 1086 -37.29 -39.51 -139.01
CA ASN L 1086 -37.50 -38.12 -138.64
C ASN L 1086 -37.19 -37.13 -139.75
N PHE L 1087 -36.93 -37.61 -140.96
CA PHE L 1087 -36.64 -36.71 -142.07
C PHE L 1087 -37.00 -37.40 -143.38
N TYR L 1088 -37.27 -36.57 -144.40
CA TYR L 1088 -37.63 -37.06 -145.73
C TYR L 1088 -36.39 -37.13 -146.60
N GLU L 1089 -35.89 -38.34 -146.83
CA GLU L 1089 -34.74 -38.55 -147.73
C GLU L 1089 -35.06 -39.76 -148.60
N PRO L 1090 -35.66 -39.53 -149.78
CA PRO L 1090 -36.11 -40.66 -150.62
C PRO L 1090 -34.94 -41.38 -151.26
N GLN L 1091 -34.87 -42.68 -151.05
CA GLN L 1091 -33.85 -43.54 -151.63
C GLN L 1091 -34.50 -44.70 -152.35
N ILE L 1092 -33.77 -45.26 -153.32
CA ILE L 1092 -34.28 -46.42 -154.07
C ILE L 1092 -34.24 -47.65 -153.19
N ILE L 1093 -35.29 -48.46 -153.27
CA ILE L 1093 -35.42 -49.66 -152.45
C ILE L 1093 -34.45 -50.71 -152.98
N THR L 1094 -33.45 -51.06 -152.18
CA THR L 1094 -32.47 -52.08 -152.52
C THR L 1094 -32.46 -53.16 -151.44
N THR L 1095 -31.59 -54.16 -151.65
CA THR L 1095 -31.47 -55.27 -150.71
C THR L 1095 -30.45 -55.01 -149.60
N ASP L 1096 -29.68 -53.91 -149.69
CA ASP L 1096 -28.69 -53.61 -148.66
C ASP L 1096 -29.30 -52.94 -147.44
N ASN L 1097 -30.53 -52.44 -147.53
CA ASN L 1097 -31.22 -51.81 -146.41
C ASN L 1097 -32.54 -52.49 -146.12
N THR L 1098 -32.73 -53.70 -146.63
CA THR L 1098 -33.92 -54.49 -146.37
C THR L 1098 -33.51 -55.91 -145.99
N PHE L 1099 -34.35 -56.57 -145.20
CA PHE L 1099 -34.14 -57.95 -144.80
C PHE L 1099 -35.43 -58.73 -145.02
N VAL L 1100 -35.28 -59.96 -145.52
CA VAL L 1100 -36.42 -60.80 -145.85
C VAL L 1100 -36.78 -61.66 -144.65
N SER L 1101 -38.07 -62.02 -144.57
CA SER L 1101 -38.58 -62.85 -143.48
C SER L 1101 -39.91 -63.45 -143.91
N GLY L 1102 -40.00 -64.78 -143.90
CA GLY L 1102 -41.26 -65.44 -144.21
C GLY L 1102 -41.61 -65.36 -145.68
N ASN L 1103 -42.92 -65.40 -145.96
CA ASN L 1103 -43.43 -65.37 -147.32
C ASN L 1103 -44.51 -64.29 -147.44
N CYS L 1104 -45.00 -64.11 -148.67
CA CYS L 1104 -45.99 -63.08 -148.97
C CYS L 1104 -47.40 -63.66 -148.91
N ASP L 1105 -47.74 -64.20 -147.73
CA ASP L 1105 -49.07 -64.76 -147.52
C ASP L 1105 -49.66 -64.43 -146.16
N VAL L 1106 -48.95 -63.70 -145.30
CA VAL L 1106 -49.42 -63.46 -143.94
C VAL L 1106 -49.44 -61.97 -143.58
N VAL L 1107 -48.66 -61.12 -144.26
CA VAL L 1107 -48.59 -59.71 -143.89
C VAL L 1107 -49.86 -59.00 -144.34
N ILE L 1108 -50.52 -58.33 -143.40
CA ILE L 1108 -51.75 -57.61 -143.69
C ILE L 1108 -51.40 -56.23 -144.25
N GLY L 1109 -51.92 -55.91 -145.43
CA GLY L 1109 -51.66 -54.64 -146.05
C GLY L 1109 -50.41 -54.58 -146.92
N ILE L 1110 -49.86 -55.72 -147.31
CA ILE L 1110 -48.67 -55.73 -148.16
C ILE L 1110 -49.06 -55.34 -149.58
N VAL L 1111 -48.13 -54.71 -150.29
CA VAL L 1111 -48.35 -54.26 -151.66
C VAL L 1111 -47.29 -54.88 -152.56
N ASN L 1112 -47.63 -54.96 -153.84
CA ASN L 1112 -46.74 -55.54 -154.84
C ASN L 1112 -45.87 -54.46 -155.45
N ASN L 1113 -44.55 -54.61 -155.30
CA ASN L 1113 -43.60 -53.66 -155.86
C ASN L 1113 -42.26 -54.36 -156.04
N THR L 1114 -41.60 -54.06 -157.15
CA THR L 1114 -40.28 -54.60 -157.41
C THR L 1114 -39.24 -53.92 -156.52
N VAL L 1115 -38.12 -54.61 -156.32
CA VAL L 1115 -37.02 -54.12 -155.52
C VAL L 1115 -35.76 -54.11 -156.40
N TYR L 1116 -34.97 -53.05 -156.30
CA TYR L 1116 -33.75 -52.95 -157.08
C TYR L 1116 -32.70 -53.91 -156.55
N ASP L 1117 -32.11 -54.69 -157.44
CA ASP L 1117 -31.05 -55.63 -157.09
C ASP L 1117 -29.71 -54.94 -157.28
N PRO L 1118 -28.81 -55.01 -156.27
CA PRO L 1118 -27.48 -54.44 -156.46
C PRO L 1118 -26.63 -55.08 -157.58
N LEU L 1119 -25.54 -54.42 -157.99
CA LEU L 1119 -24.63 -54.95 -159.04
C LEU L 1119 -25.29 -55.58 -160.27
N GLN L 1120 -26.57 -55.33 -160.48
CA GLN L 1120 -27.28 -55.87 -161.64
C GLN L 1120 -26.61 -55.56 -162.98
N PRO L 1121 -26.10 -54.33 -163.28
CA PRO L 1121 -25.34 -54.17 -164.53
C PRO L 1121 -23.87 -54.50 -164.38
N GLU L 1122 -23.50 -55.18 -163.29
CA GLU L 1122 -22.11 -55.47 -162.99
C GLU L 1122 -21.72 -56.93 -163.19
N LEU L 1123 -22.61 -57.89 -162.88
CA LEU L 1123 -22.25 -59.29 -163.02
C LEU L 1123 -22.24 -59.77 -164.46
N ASP L 1124 -22.91 -59.04 -165.36
CA ASP L 1124 -22.94 -59.40 -166.78
C ASP L 1124 -22.03 -58.55 -167.63
N SER L 1125 -21.42 -57.50 -167.08
CA SER L 1125 -20.53 -56.64 -167.83
C SER L 1125 -19.10 -57.13 -167.76
N PRO M 2 -74.66 50.41 -31.00
CA PRO M 2 -73.61 49.68 -30.26
C PRO M 2 -72.67 50.62 -29.50
N VAL M 3 -73.11 51.86 -29.29
CA VAL M 3 -72.30 52.84 -28.57
C VAL M 3 -72.39 52.57 -27.08
N LEU M 4 -71.27 52.75 -26.38
CA LEU M 4 -71.25 52.55 -24.93
C LEU M 4 -72.02 53.66 -24.23
N THR M 5 -72.80 53.28 -23.23
CA THR M 5 -73.63 54.22 -22.47
C THR M 5 -73.01 54.41 -21.09
N GLN M 6 -72.63 55.66 -20.78
CA GLN M 6 -72.08 56.01 -19.48
C GLN M 6 -72.72 57.30 -18.99
N PRO M 7 -72.93 57.43 -17.68
CA PRO M 7 -73.46 58.69 -17.16
C PRO M 7 -72.42 59.79 -17.26
N PRO M 8 -72.85 61.04 -17.46
CA PRO M 8 -71.88 62.14 -17.53
C PRO M 8 -71.28 62.50 -16.17
N SER M 9 -72.01 62.24 -15.09
CA SER M 9 -71.53 62.52 -13.74
C SER M 9 -71.85 61.35 -12.84
N ALA M 10 -71.07 61.20 -11.77
CA ALA M 10 -71.25 60.15 -10.79
C ALA M 10 -71.46 60.75 -9.41
N SER M 11 -72.43 60.19 -8.68
CA SER M 11 -72.78 60.66 -7.34
C SER M 11 -72.31 59.60 -6.35
N GLY M 12 -71.07 59.76 -5.87
CA GLY M 12 -70.47 58.80 -4.97
C GLY M 12 -70.25 59.34 -3.58
N PRO M 13 -71.00 58.84 -2.60
CA PRO M 13 -70.81 59.26 -1.21
C PRO M 13 -69.68 58.49 -0.55
N PRO M 14 -68.74 59.17 0.09
CA PRO M 14 -67.65 58.47 0.78
C PRO M 14 -68.15 57.76 2.03
N GLY M 15 -67.45 56.70 2.40
CA GLY M 15 -67.78 55.92 3.57
C GLY M 15 -68.58 54.66 3.31
N GLN M 16 -69.14 54.51 2.12
CA GLN M 16 -69.92 53.33 1.79
C GLN M 16 -69.67 52.96 0.32
N SER M 17 -69.89 51.69 0.01
CA SER M 17 -69.69 51.19 -1.34
C SER M 17 -70.82 51.62 -2.26
N VAL M 18 -70.49 51.80 -3.54
CA VAL M 18 -71.47 52.16 -4.56
C VAL M 18 -71.02 51.53 -5.88
N SER M 19 -71.99 51.28 -6.76
CA SER M 19 -71.73 50.62 -8.03
C SER M 19 -72.18 51.52 -9.17
N ILE M 20 -71.44 51.49 -10.27
CA ILE M 20 -71.76 52.24 -11.48
C ILE M 20 -71.80 51.26 -12.64
N SER M 21 -72.52 51.63 -13.70
CA SER M 21 -72.77 50.74 -14.82
C SER M 21 -72.20 51.33 -16.11
N CYS M 22 -71.71 50.43 -16.97
CA CYS M 22 -71.24 50.77 -18.30
C CYS M 22 -71.85 49.75 -19.27
N SER M 23 -72.86 50.18 -20.02
CA SER M 23 -73.63 49.30 -20.87
C SER M 23 -73.48 49.67 -22.33
N GLY M 24 -73.56 48.66 -23.19
CA GLY M 24 -73.49 48.88 -24.63
C GLY M 24 -74.77 48.51 -25.33
N SER M 25 -74.74 47.43 -26.12
CA SER M 25 -75.91 46.96 -26.85
C SER M 25 -75.75 45.47 -27.09
N ARG M 26 -76.62 44.92 -27.94
CA ARG M 26 -76.53 43.51 -28.30
C ARG M 26 -75.30 43.26 -29.16
N SER M 27 -74.60 42.16 -28.86
CA SER M 27 -73.35 41.77 -29.52
C SER M 27 -72.30 42.87 -29.43
N ASN M 28 -72.28 43.57 -28.30
CA ASN M 28 -71.31 44.64 -28.03
C ASN M 28 -70.55 44.43 -26.73
N ILE M 29 -71.21 43.93 -25.68
CA ILE M 29 -70.58 43.65 -24.40
C ILE M 29 -70.83 42.18 -24.08
N GLY M 30 -69.76 41.45 -23.79
CA GLY M 30 -69.87 40.04 -23.48
C GLY M 30 -69.16 39.17 -24.49
N THR M 31 -69.32 39.51 -25.78
CA THR M 31 -68.57 38.81 -26.83
C THR M 31 -67.10 39.19 -26.80
N ASN M 32 -66.79 40.41 -26.37
CA ASN M 32 -65.41 40.87 -26.23
C ASN M 32 -65.21 41.39 -24.81
N PHE M 33 -63.96 41.32 -24.35
CA PHE M 33 -63.64 41.74 -22.99
C PHE M 33 -63.73 43.25 -22.85
N VAL M 34 -64.10 43.69 -21.64
CA VAL M 34 -64.29 45.09 -21.33
C VAL M 34 -63.16 45.54 -20.42
N TYR M 35 -62.61 46.72 -20.70
CA TYR M 35 -61.49 47.26 -19.94
C TYR M 35 -61.89 48.57 -19.25
N TRP M 36 -61.25 48.83 -18.12
CA TRP M 36 -61.44 50.06 -17.36
C TRP M 36 -60.18 50.91 -17.47
N TYR M 37 -60.34 52.15 -17.92
CA TYR M 37 -59.21 53.05 -18.12
C TYR M 37 -59.46 54.37 -17.40
N GLN M 38 -58.37 55.02 -17.00
CA GLN M 38 -58.43 56.29 -16.32
C GLN M 38 -57.33 57.19 -16.85
N GLN M 39 -57.53 58.51 -16.71
CA GLN M 39 -56.53 59.48 -17.11
C GLN M 39 -56.47 60.61 -16.09
N LEU M 40 -55.25 60.98 -15.71
CA LEU M 40 -55.06 62.14 -14.85
C LEU M 40 -55.29 63.42 -15.66
N PRO M 41 -55.89 64.44 -15.06
CA PRO M 41 -56.06 65.73 -15.77
C PRO M 41 -54.71 66.38 -16.04
N GLY M 42 -54.40 66.57 -17.32
CA GLY M 42 -53.12 67.12 -17.71
C GLY M 42 -51.98 66.13 -17.74
N ALA M 43 -52.28 64.83 -17.86
CA ALA M 43 -51.24 63.81 -17.86
C ALA M 43 -51.72 62.63 -18.70
N ALA M 44 -50.79 61.71 -18.96
CA ALA M 44 -51.08 60.55 -19.79
C ALA M 44 -52.00 59.57 -19.06
N PRO M 45 -52.86 58.86 -19.78
CA PRO M 45 -53.75 57.89 -19.15
C PRO M 45 -53.00 56.64 -18.69
N LYS M 46 -53.70 55.83 -17.90
CA LYS M 46 -53.20 54.54 -17.44
C LYS M 46 -54.34 53.53 -17.49
N LEU M 47 -54.05 52.30 -17.05
CA LEU M 47 -55.04 51.24 -17.01
C LEU M 47 -55.44 50.97 -15.56
N LEU M 48 -56.75 50.84 -15.34
CA LEU M 48 -57.29 50.51 -14.03
C LEU M 48 -57.56 49.01 -13.88
N ILE M 49 -58.42 48.45 -14.73
CA ILE M 49 -58.78 47.04 -14.68
C ILE M 49 -58.76 46.50 -16.10
N TYR M 50 -58.03 45.40 -16.31
CA TYR M 50 -57.98 44.73 -17.61
C TYR M 50 -58.77 43.44 -17.56
N LYS M 51 -59.58 43.20 -18.59
CA LYS M 51 -60.33 41.98 -18.85
C LYS M 51 -61.42 41.69 -17.82
N ASN M 52 -61.61 42.58 -16.84
CA ASN M 52 -62.58 42.44 -15.73
C ASN M 52 -62.36 41.14 -14.95
N ASP M 53 -61.14 40.62 -14.96
CA ASP M 53 -60.82 39.37 -14.27
C ASP M 53 -59.81 39.55 -13.15
N GLN M 54 -58.64 40.12 -13.46
CA GLN M 54 -57.58 40.30 -12.48
C GLN M 54 -57.16 41.76 -12.45
N ARG M 55 -56.69 42.20 -11.28
CA ARG M 55 -56.21 43.57 -11.12
C ARG M 55 -54.72 43.64 -11.41
N PRO M 56 -54.25 44.62 -12.18
CA PRO M 56 -52.82 44.70 -12.49
C PRO M 56 -52.01 45.19 -11.29
N SER M 57 -50.71 44.90 -11.35
CA SER M 57 -49.79 45.36 -10.33
C SER M 57 -49.59 46.87 -10.41
N GLY M 58 -49.29 47.47 -9.27
CA GLY M 58 -49.12 48.91 -9.18
C GLY M 58 -50.39 49.69 -8.90
N VAL M 59 -51.53 49.03 -8.86
CA VAL M 59 -52.81 49.67 -8.59
C VAL M 59 -53.32 49.13 -7.25
N PRO M 60 -53.74 50.00 -6.32
CA PRO M 60 -54.29 49.50 -5.06
C PRO M 60 -55.59 48.74 -5.25
N GLU M 61 -55.83 47.78 -4.35
CA GLU M 61 -56.99 46.89 -4.45
C GLU M 61 -58.20 47.64 -3.88
N ARG M 62 -58.78 48.49 -4.73
CA ARG M 62 -60.00 49.22 -4.41
C ARG M 62 -61.09 49.04 -5.44
N PHE M 63 -60.73 48.99 -6.72
CA PHE M 63 -61.73 48.86 -7.78
C PHE M 63 -61.93 47.39 -8.15
N PHE M 64 -63.17 46.95 -8.13
CA PHE M 64 -63.54 45.59 -8.51
C PHE M 64 -64.23 45.62 -9.86
N GLY M 65 -63.73 44.83 -10.80
CA GLY M 65 -64.25 44.79 -12.16
C GLY M 65 -64.93 43.46 -12.44
N SER M 66 -66.12 43.55 -13.02
CA SER M 66 -66.89 42.36 -13.39
C SER M 66 -67.86 42.75 -14.50
N LYS M 67 -68.36 41.73 -15.19
CA LYS M 67 -69.33 41.92 -16.27
C LYS M 67 -70.59 41.11 -15.96
N SER M 68 -71.74 41.73 -16.20
CA SER M 68 -73.05 41.07 -16.03
C SER M 68 -73.85 41.32 -17.30
N GLY M 69 -73.65 40.47 -18.31
CA GLY M 69 -74.36 40.64 -19.56
C GLY M 69 -73.92 41.89 -20.29
N THR M 70 -74.92 42.69 -20.69
CA THR M 70 -74.62 43.95 -21.39
C THR M 70 -74.04 44.99 -20.43
N SER M 71 -74.53 45.04 -19.20
CA SER M 71 -74.07 46.03 -18.24
C SER M 71 -72.79 45.55 -17.55
N ALA M 72 -71.78 46.43 -17.53
CA ALA M 72 -70.53 46.18 -16.84
C ALA M 72 -70.49 47.02 -15.57
N SER M 73 -70.19 46.38 -14.45
CA SER M 73 -70.25 47.01 -13.14
C SER M 73 -68.86 47.27 -12.60
N LEU M 74 -68.67 48.46 -12.04
CA LEU M 74 -67.41 48.85 -11.40
C LEU M 74 -67.70 49.04 -9.91
N ALA M 75 -67.25 48.09 -9.11
CA ALA M 75 -67.48 48.11 -7.66
C ALA M 75 -66.26 48.71 -6.96
N ILE M 76 -66.52 49.60 -6.01
CA ILE M 76 -65.48 50.27 -5.24
C ILE M 76 -65.75 50.10 -3.76
N SER M 77 -64.68 50.22 -2.97
CA SER M 77 -64.76 50.11 -1.52
C SER M 77 -64.03 51.30 -0.92
N GLY M 78 -64.80 52.29 -0.45
CA GLY M 78 -64.21 53.48 0.14
C GLY M 78 -63.79 54.51 -0.90
N LEU M 79 -64.14 55.76 -0.67
CA LEU M 79 -63.76 56.85 -1.58
C LEU M 79 -62.77 57.76 -0.87
N ARG M 80 -61.60 57.94 -1.47
CA ARG M 80 -60.53 58.74 -0.90
C ARG M 80 -60.37 60.01 -1.74
N SER M 81 -59.73 61.01 -1.15
CA SER M 81 -59.55 62.29 -1.83
C SER M 81 -58.50 62.21 -2.93
N GLU M 82 -57.52 61.33 -2.79
CA GLU M 82 -56.47 61.19 -3.79
C GLU M 82 -56.83 60.22 -4.90
N ASP M 83 -58.03 59.63 -4.86
CA ASP M 83 -58.49 58.68 -5.86
C ASP M 83 -59.64 59.27 -6.68
N GLU M 84 -59.55 60.56 -7.00
CA GLU M 84 -60.58 61.26 -7.79
C GLU M 84 -60.19 61.36 -9.25
N VAL M 85 -59.51 60.34 -9.78
CA VAL M 85 -59.10 60.36 -11.18
C VAL M 85 -60.32 60.17 -12.08
N ASP M 86 -60.20 60.69 -13.31
CA ASP M 86 -61.29 60.63 -14.28
C ASP M 86 -61.41 59.21 -14.81
N TYR M 87 -62.52 58.55 -14.50
CA TYR M 87 -62.74 57.16 -14.90
C TYR M 87 -63.37 57.10 -16.29
N TYR M 88 -63.05 56.04 -17.02
CA TYR M 88 -63.56 55.84 -18.37
C TYR M 88 -63.78 54.36 -18.62
N CYS M 89 -64.62 54.05 -19.59
CA CYS M 89 -64.98 52.69 -19.95
C CYS M 89 -64.45 52.39 -21.35
N ALA M 90 -63.76 51.27 -21.49
CA ALA M 90 -63.18 50.85 -22.77
C ALA M 90 -63.73 49.48 -23.16
N ALA M 91 -64.10 49.34 -24.43
CA ALA M 91 -64.68 48.09 -24.91
C ALA M 91 -64.37 47.92 -26.38
N TRP M 92 -64.49 46.68 -26.84
CA TRP M 92 -64.25 46.32 -28.24
C TRP M 92 -65.52 45.75 -28.86
N ASP M 93 -65.80 46.16 -30.09
CA ASP M 93 -66.98 45.72 -30.82
C ASP M 93 -66.55 45.21 -32.20
N ASP M 94 -67.13 44.09 -32.61
CA ASP M 94 -66.82 43.49 -33.91
C ASP M 94 -67.62 44.10 -35.05
N SER M 95 -68.65 44.90 -34.76
CA SER M 95 -69.47 45.50 -35.80
C SER M 95 -68.92 46.85 -36.28
N LEU M 96 -67.82 47.33 -35.70
CA LEU M 96 -67.26 48.63 -36.06
C LEU M 96 -65.78 48.57 -36.40
N SER M 97 -65.06 47.54 -35.96
CA SER M 97 -63.60 47.42 -36.08
C SER M 97 -62.90 48.63 -35.46
N GLY M 98 -63.42 49.09 -34.33
CA GLY M 98 -62.83 50.21 -33.62
C GLY M 98 -63.30 50.18 -32.18
N HIS M 99 -62.44 50.67 -31.29
CA HIS M 99 -62.77 50.70 -29.87
C HIS M 99 -63.87 51.73 -29.60
N VAL M 100 -64.84 51.34 -28.78
CA VAL M 100 -65.94 52.20 -28.38
C VAL M 100 -65.73 52.58 -26.92
N PHE M 101 -65.74 53.87 -26.65
CA PHE M 101 -65.53 54.40 -25.30
C PHE M 101 -66.79 55.08 -24.79
N GLY M 102 -66.98 55.03 -23.48
CA GLY M 102 -68.14 55.65 -22.87
C GLY M 102 -68.01 57.16 -22.80
N ALA M 103 -69.10 57.79 -22.35
CA ALA M 103 -69.14 59.25 -22.25
C ALA M 103 -68.21 59.78 -21.15
N GLY M 104 -67.86 58.96 -20.17
CA GLY M 104 -66.99 59.40 -19.10
C GLY M 104 -67.75 59.81 -17.86
N THR M 105 -67.43 59.21 -16.72
CA THR M 105 -68.10 59.48 -15.46
C THR M 105 -67.20 60.32 -14.57
N LYS M 106 -67.73 61.45 -14.09
CA LYS M 106 -67.00 62.34 -13.20
C LYS M 106 -67.44 62.06 -11.76
N VAL M 107 -66.48 61.67 -10.92
CA VAL M 107 -66.75 61.34 -9.52
C VAL M 107 -66.45 62.58 -8.68
N THR M 108 -67.47 63.04 -7.96
CA THR M 108 -67.36 64.21 -7.09
C THR M 108 -67.76 63.81 -5.67
N VAL M 109 -66.99 64.27 -4.69
CA VAL M 109 -67.28 63.95 -3.29
C VAL M 109 -68.50 64.75 -2.83
N LEU M 110 -69.48 64.04 -2.29
CA LEU M 110 -70.71 64.67 -1.81
C LEU M 110 -70.48 65.40 -0.50
N GLY M 118 -69.76 72.04 0.61
CA GLY M 118 -68.31 72.09 0.78
C GLY M 118 -67.79 73.46 1.14
N GLN M 119 -68.11 74.45 0.30
CA GLN M 119 -67.67 75.82 0.53
C GLN M 119 -68.87 76.71 0.87
N PRO M 120 -68.70 77.66 1.78
CA PRO M 120 -69.83 78.54 2.13
C PRO M 120 -70.10 79.56 1.04
N LYS M 121 -71.35 80.03 1.02
CA LYS M 121 -71.75 81.06 0.07
C LYS M 121 -71.11 82.40 0.42
N ALA M 122 -70.71 83.14 -0.61
CA ALA M 122 -70.09 84.45 -0.42
C ALA M 122 -70.74 85.46 -1.36
N ALA M 123 -70.64 86.73 -0.98
CA ALA M 123 -71.20 87.80 -1.79
C ALA M 123 -70.37 87.99 -3.05
N PRO M 124 -70.97 87.96 -4.24
CA PRO M 124 -70.20 88.15 -5.47
C PRO M 124 -69.71 89.59 -5.62
N SER M 125 -68.57 89.72 -6.30
CA SER M 125 -67.97 91.01 -6.57
C SER M 125 -67.78 91.18 -8.07
N VAL M 126 -68.31 92.26 -8.62
CA VAL M 126 -68.23 92.56 -10.05
C VAL M 126 -67.55 93.91 -10.21
N THR M 127 -66.46 93.94 -10.96
CA THR M 127 -65.74 95.17 -11.27
C THR M 127 -65.63 95.31 -12.77
N LEU M 128 -65.98 96.49 -13.29
CA LEU M 128 -65.99 96.76 -14.71
C LEU M 128 -64.80 97.66 -15.06
N PHE M 129 -64.10 97.29 -16.13
CA PHE M 129 -62.93 98.03 -16.60
C PHE M 129 -63.18 98.60 -17.99
N PRO M 130 -63.53 99.88 -18.11
CA PRO M 130 -63.73 100.46 -19.43
C PRO M 130 -62.41 100.64 -20.15
N PRO M 131 -62.42 100.63 -21.48
CA PRO M 131 -61.19 100.91 -22.24
C PRO M 131 -60.78 102.37 -22.09
N SER M 132 -59.47 102.60 -22.28
CA SER M 132 -58.90 103.94 -22.12
C SER M 132 -59.17 104.77 -23.37
N SER M 133 -58.53 105.94 -23.45
CA SER M 133 -58.73 106.85 -24.57
C SER M 133 -57.94 106.46 -25.81
N GLU M 134 -57.05 105.48 -25.72
CA GLU M 134 -56.28 105.04 -26.87
C GLU M 134 -56.99 104.01 -27.73
N GLU M 135 -58.06 103.40 -27.22
CA GLU M 135 -58.80 102.42 -28.00
C GLU M 135 -59.67 103.08 -29.07
N LEU M 136 -60.21 104.26 -28.79
CA LEU M 136 -61.09 104.93 -29.74
C LEU M 136 -60.34 105.48 -30.94
N GLN M 137 -59.02 105.67 -30.83
CA GLN M 137 -58.25 106.14 -31.97
C GLN M 137 -58.08 105.06 -33.02
N ALA M 138 -58.06 103.79 -32.60
CA ALA M 138 -57.95 102.66 -33.50
C ALA M 138 -59.30 102.09 -33.90
N ASN M 139 -60.40 102.75 -33.52
CA ASN M 139 -61.77 102.35 -33.84
C ASN M 139 -62.10 100.95 -33.31
N LYS M 140 -61.69 100.68 -32.08
CA LYS M 140 -62.03 99.43 -31.41
C LYS M 140 -62.46 99.72 -29.98
N ALA M 141 -63.36 98.87 -29.47
CA ALA M 141 -63.88 99.05 -28.12
C ALA M 141 -64.40 97.72 -27.60
N THR M 142 -63.94 97.32 -26.41
CA THR M 142 -64.41 96.12 -25.76
C THR M 142 -64.62 96.41 -24.27
N LEU M 143 -65.53 95.64 -23.66
CA LEU M 143 -65.87 95.80 -22.25
C LEU M 143 -65.70 94.47 -21.55
N VAL M 144 -64.86 94.43 -20.52
CA VAL M 144 -64.58 93.22 -19.74
C VAL M 144 -64.90 93.51 -18.28
N CYS M 145 -65.73 92.65 -17.68
CA CYS M 145 -66.01 92.70 -16.25
C CYS M 145 -65.91 91.29 -15.68
N LEU M 146 -65.24 91.16 -14.54
CA LEU M 146 -64.97 89.85 -13.93
C LEU M 146 -65.99 89.54 -12.84
N ILE M 147 -66.34 88.26 -12.73
CA ILE M 147 -67.27 87.77 -11.73
C ILE M 147 -66.57 86.69 -10.93
N SER M 148 -66.57 86.84 -9.61
CA SER M 148 -65.91 85.87 -8.72
C SER M 148 -66.69 85.79 -7.42
N ASP M 149 -66.14 85.03 -6.47
CA ASP M 149 -66.72 84.83 -5.13
C ASP M 149 -68.13 84.25 -5.19
N PHE M 150 -68.31 83.21 -6.00
CA PHE M 150 -69.60 82.54 -6.15
C PHE M 150 -69.41 81.04 -6.11
N TYR M 151 -70.41 80.34 -5.55
CA TYR M 151 -70.37 78.89 -5.42
C TYR M 151 -71.80 78.34 -5.32
N PRO M 152 -72.21 77.43 -6.22
CA PRO M 152 -71.45 76.91 -7.35
C PRO M 152 -71.50 77.81 -8.58
N GLY M 153 -71.16 77.26 -9.74
CA GLY M 153 -71.15 78.03 -10.97
C GLY M 153 -72.49 78.06 -11.68
N ALA M 154 -72.46 77.83 -13.00
CA ALA M 154 -73.64 77.85 -13.87
C ALA M 154 -74.41 79.17 -13.77
N VAL M 155 -73.66 80.27 -13.68
CA VAL M 155 -74.26 81.60 -13.61
C VAL M 155 -74.43 82.15 -15.02
N THR M 156 -75.28 83.17 -15.14
CA THR M 156 -75.53 83.83 -16.41
C THR M 156 -75.14 85.30 -16.30
N VAL M 157 -74.68 85.87 -17.40
CA VAL M 157 -74.26 87.26 -17.47
C VAL M 157 -75.06 87.97 -18.56
N ALA M 158 -75.51 89.19 -18.27
CA ALA M 158 -76.25 89.98 -19.23
C ALA M 158 -75.71 91.40 -19.24
N TRP M 159 -75.89 92.08 -20.37
CA TRP M 159 -75.42 93.45 -20.56
C TRP M 159 -76.62 94.37 -20.73
N LYS M 160 -76.62 95.47 -19.99
CA LYS M 160 -77.71 96.45 -20.02
C LYS M 160 -77.14 97.84 -20.28
N ALA M 161 -77.80 98.59 -21.17
CA ALA M 161 -77.42 99.95 -21.47
C ALA M 161 -78.30 100.97 -20.76
N ASP M 162 -79.00 100.55 -19.70
CA ASP M 162 -79.90 101.35 -18.87
C ASP M 162 -81.12 101.89 -19.62
N SER M 163 -81.34 101.45 -20.85
CA SER M 163 -82.55 101.78 -21.60
C SER M 163 -83.25 100.56 -22.15
N SER M 164 -82.49 99.56 -22.63
CA SER M 164 -83.02 98.32 -23.17
C SER M 164 -81.89 97.32 -23.25
N PRO M 165 -82.12 96.04 -22.93
CA PRO M 165 -81.07 95.04 -23.08
C PRO M 165 -80.72 94.79 -24.53
N VAL M 166 -79.46 94.47 -24.77
CA VAL M 166 -78.93 94.22 -26.12
C VAL M 166 -78.31 92.83 -26.15
N LYS M 167 -78.61 92.07 -27.20
CA LYS M 167 -78.06 90.74 -27.41
C LYS M 167 -77.37 90.74 -28.78
N ALA M 168 -76.10 91.14 -28.80
CA ALA M 168 -75.35 91.22 -30.05
C ALA M 168 -73.88 91.06 -29.72
N GLY M 169 -73.30 89.92 -30.09
CA GLY M 169 -71.90 89.65 -29.81
C GLY M 169 -71.57 89.49 -28.34
N VAL M 170 -72.45 88.85 -27.58
CA VAL M 170 -72.23 88.62 -26.16
C VAL M 170 -71.47 87.31 -26.00
N GLU M 171 -70.31 87.38 -25.34
CA GLU M 171 -69.43 86.23 -25.18
C GLU M 171 -69.49 85.76 -23.72
N THR M 172 -69.84 84.49 -23.53
CA THR M 172 -69.88 83.87 -22.20
C THR M 172 -69.24 82.49 -22.28
N THR M 173 -68.74 82.02 -21.13
CA THR M 173 -68.04 80.75 -21.07
C THR M 173 -68.30 80.09 -19.73
N THR M 174 -68.06 78.78 -19.69
CA THR M 174 -68.22 78.03 -18.45
C THR M 174 -67.10 78.38 -17.49
N PRO M 175 -67.41 78.72 -16.23
CA PRO M 175 -66.36 79.04 -15.26
C PRO M 175 -65.50 77.82 -14.93
N SER M 176 -64.24 78.09 -14.62
CA SER M 176 -63.27 77.05 -14.30
C SER M 176 -63.00 77.02 -12.81
N LYS M 177 -62.52 75.86 -12.34
CA LYS M 177 -62.24 75.68 -10.92
C LYS M 177 -60.92 76.34 -10.54
N GLN M 178 -60.97 77.24 -9.56
CA GLN M 178 -59.76 77.89 -9.06
C GLN M 178 -58.95 76.92 -8.21
N SER M 179 -57.68 77.25 -8.02
CA SER M 179 -56.81 76.46 -7.15
C SER M 179 -57.18 76.61 -5.68
N ASN M 180 -57.89 77.68 -5.31
CA ASN M 180 -58.31 77.91 -3.94
C ASN M 180 -59.71 77.39 -3.66
N ASN M 181 -60.16 76.37 -4.41
CA ASN M 181 -61.47 75.74 -4.27
C ASN M 181 -62.61 76.76 -4.43
N LYS M 182 -62.59 77.44 -5.58
CA LYS M 182 -63.59 78.44 -5.91
C LYS M 182 -63.80 78.46 -7.42
N TYR M 183 -64.79 79.21 -7.87
CA TYR M 183 -65.10 79.37 -9.28
C TYR M 183 -65.00 80.85 -9.65
N ALA M 184 -64.48 81.12 -10.84
CA ALA M 184 -64.36 82.48 -11.36
C ALA M 184 -64.85 82.52 -12.80
N ALA M 185 -65.56 83.60 -13.15
CA ALA M 185 -66.13 83.75 -14.47
C ALA M 185 -65.72 85.09 -15.06
N SER M 186 -65.50 85.10 -16.37
CA SER M 186 -65.14 86.31 -17.10
C SER M 186 -66.08 86.50 -18.28
N SER M 187 -66.48 87.74 -18.51
CA SER M 187 -67.39 88.08 -19.60
C SER M 187 -66.77 89.16 -20.47
N TYR M 188 -67.05 89.09 -21.76
CA TYR M 188 -66.50 90.01 -22.75
C TYR M 188 -67.61 90.50 -23.67
N LEU M 189 -67.41 91.70 -24.22
CA LEU M 189 -68.37 92.30 -25.14
C LEU M 189 -67.61 93.24 -26.07
N SER M 190 -67.34 92.77 -27.29
CA SER M 190 -66.66 93.58 -28.30
C SER M 190 -67.70 94.35 -29.10
N LEU M 191 -67.57 95.68 -29.13
CA LEU M 191 -68.54 96.52 -29.80
C LEU M 191 -67.88 97.46 -30.81
N THR M 192 -68.65 98.38 -31.36
CA THR M 192 -68.21 99.38 -32.31
C THR M 192 -68.20 100.77 -31.67
N PRO M 193 -67.33 101.67 -32.13
CA PRO M 193 -67.33 103.04 -31.56
C PRO M 193 -68.62 103.81 -31.79
N GLU M 194 -69.40 103.46 -32.82
CA GLU M 194 -70.72 104.05 -32.99
C GLU M 194 -71.65 103.64 -31.85
N GLN M 195 -71.57 102.38 -31.43
CA GLN M 195 -72.37 101.89 -30.31
C GLN M 195 -71.74 102.18 -28.96
N TRP M 196 -70.41 102.26 -28.89
CA TRP M 196 -69.73 102.52 -27.62
C TRP M 196 -70.01 103.94 -27.12
N LYS M 197 -70.06 104.91 -28.04
CA LYS M 197 -70.34 106.30 -27.68
C LYS M 197 -71.81 106.65 -27.80
N SER M 198 -72.68 105.68 -28.08
CA SER M 198 -74.10 105.98 -28.24
C SER M 198 -74.75 106.33 -26.89
N HIS M 199 -74.40 105.61 -25.83
CA HIS M 199 -74.97 105.83 -24.52
C HIS M 199 -73.87 106.16 -23.52
N ARG M 200 -74.26 106.81 -22.42
CA ARG M 200 -73.32 107.29 -21.42
C ARG M 200 -73.29 106.42 -20.17
N SER M 201 -73.87 105.22 -20.22
CA SER M 201 -73.87 104.33 -19.05
C SER M 201 -73.98 102.89 -19.53
N TYR M 202 -72.91 102.13 -19.37
CA TYR M 202 -72.86 100.72 -19.74
C TYR M 202 -72.52 99.89 -18.51
N SER M 203 -73.18 98.75 -18.37
CA SER M 203 -73.02 97.88 -17.21
C SER M 203 -73.25 96.43 -17.61
N CYS M 204 -72.75 95.53 -16.77
CA CYS M 204 -72.99 94.09 -16.90
C CYS M 204 -73.61 93.57 -15.62
N GLN M 205 -74.54 92.64 -15.75
CA GLN M 205 -75.30 92.13 -14.60
C GLN M 205 -75.25 90.61 -14.57
N VAL M 206 -75.20 90.07 -13.35
CA VAL M 206 -75.29 88.65 -13.09
C VAL M 206 -76.29 88.43 -11.97
N THR M 207 -76.80 87.20 -11.89
CA THR M 207 -77.75 86.83 -10.86
C THR M 207 -77.14 85.77 -9.94
N HIS M 208 -77.54 85.81 -8.67
CA HIS M 208 -77.01 84.89 -7.66
C HIS M 208 -78.12 84.65 -6.64
N GLU M 209 -78.87 83.55 -6.83
CA GLU M 209 -80.02 83.17 -5.99
C GLU M 209 -81.05 84.29 -5.91
N GLY M 210 -81.31 84.94 -7.04
CA GLY M 210 -82.28 86.02 -7.11
C GLY M 210 -81.73 87.40 -6.82
N SER M 211 -80.45 87.52 -6.45
CA SER M 211 -79.84 88.80 -6.17
C SER M 211 -78.95 89.23 -7.32
N THR M 212 -78.96 90.53 -7.61
CA THR M 212 -78.18 91.10 -8.70
C THR M 212 -77.36 92.28 -8.21
N VAL M 213 -76.29 92.57 -8.93
CA VAL M 213 -75.37 93.67 -8.60
C VAL M 213 -75.32 94.61 -9.79
N GLU M 214 -75.59 95.89 -9.55
CA GLU M 214 -75.60 96.92 -10.59
C GLU M 214 -74.41 97.85 -10.35
N LYS M 215 -73.40 97.76 -11.22
CA LYS M 215 -72.23 98.62 -11.18
C LYS M 215 -72.25 99.51 -12.41
N THR M 216 -72.49 100.81 -12.21
CA THR M 216 -72.60 101.76 -13.31
C THR M 216 -71.26 102.45 -13.51
N VAL M 217 -70.68 102.30 -14.69
CA VAL M 217 -69.40 102.92 -15.05
C VAL M 217 -69.61 103.68 -16.35
N ALA M 218 -69.33 104.98 -16.34
CA ALA M 218 -69.45 105.80 -17.54
C ALA M 218 -68.30 105.54 -18.50
N PRO M 219 -68.56 105.61 -19.81
CA PRO M 219 -67.45 105.50 -20.78
C PRO M 219 -66.41 106.59 -20.66
N THR M 220 -66.82 107.81 -20.28
CA THR M 220 -65.89 108.91 -20.12
C THR M 220 -65.11 108.84 -18.81
N GLU M 221 -65.54 108.00 -17.87
CA GLU M 221 -64.90 107.79 -16.57
C GLU M 221 -64.74 109.08 -15.77
N VAL N 2 -39.15 53.95 -21.65
CA VAL N 2 -38.86 54.12 -23.08
C VAL N 2 -39.00 55.59 -23.46
N GLN N 3 -38.40 55.95 -24.60
CA GLN N 3 -38.44 57.33 -25.10
C GLN N 3 -39.69 57.49 -25.95
N LEU N 4 -40.79 57.86 -25.31
CA LEU N 4 -42.07 58.07 -25.97
C LEU N 4 -42.43 59.54 -26.07
N VAL N 5 -41.44 60.41 -26.29
CA VAL N 5 -41.66 61.85 -26.36
C VAL N 5 -42.33 62.20 -27.67
N GLN N 6 -42.85 63.43 -27.77
CA GLN N 6 -43.59 63.89 -28.93
C GLN N 6 -42.98 65.17 -29.47
N SER N 7 -43.12 65.37 -30.79
CA SER N 7 -42.64 66.57 -31.45
C SER N 7 -43.72 67.63 -31.46
N GLY N 8 -43.30 68.90 -31.39
CA GLY N 8 -44.24 69.99 -31.33
C GLY N 8 -44.97 70.20 -32.65
N ALA N 9 -46.18 70.73 -32.55
CA ALA N 9 -47.02 71.01 -33.71
C ALA N 9 -47.56 72.44 -33.61
N GLU N 10 -47.78 73.04 -34.77
CA GLU N 10 -48.24 74.41 -34.87
C GLU N 10 -49.67 74.44 -35.41
N VAL N 11 -50.48 75.33 -34.84
CA VAL N 11 -51.91 75.38 -35.14
C VAL N 11 -52.11 75.94 -36.54
N LYS N 12 -52.77 75.17 -37.40
CA LYS N 12 -52.92 75.50 -38.80
C LYS N 12 -54.39 75.74 -39.14
N LYS N 13 -54.62 76.68 -40.06
CA LYS N 13 -55.96 76.97 -40.54
C LYS N 13 -56.48 75.77 -41.34
N PRO N 14 -57.79 75.49 -41.26
CA PRO N 14 -58.35 74.40 -42.07
C PRO N 14 -58.18 74.63 -43.57
N GLY N 15 -57.92 73.54 -44.28
CA GLY N 15 -57.54 73.58 -45.68
C GLY N 15 -56.12 73.13 -45.95
N ALA N 16 -55.38 72.71 -44.93
CA ALA N 16 -54.02 72.21 -45.08
C ALA N 16 -53.86 70.99 -44.20
N SER N 17 -52.62 70.57 -43.98
CA SER N 17 -52.33 69.37 -43.20
C SER N 17 -51.20 69.64 -42.23
N VAL N 18 -51.18 68.87 -41.14
CA VAL N 18 -50.17 69.00 -40.09
C VAL N 18 -49.48 67.66 -39.90
N LYS N 19 -48.30 67.72 -39.27
CA LYS N 19 -47.50 66.54 -38.97
C LYS N 19 -47.41 66.37 -37.46
N VAL N 20 -47.81 65.19 -36.97
CA VAL N 20 -47.68 64.82 -35.56
C VAL N 20 -46.78 63.60 -35.49
N SER N 21 -45.71 63.70 -34.70
CA SER N 21 -44.72 62.65 -34.60
C SER N 21 -44.53 62.23 -33.15
N CYS N 22 -44.49 60.92 -32.91
CA CYS N 22 -44.21 60.34 -31.60
C CYS N 22 -42.95 59.51 -31.70
N LYS N 23 -42.02 59.71 -30.79
CA LYS N 23 -40.75 58.99 -30.82
C LYS N 23 -40.97 57.53 -30.41
N ALA N 24 -40.41 56.62 -31.19
CA ALA N 24 -40.56 55.19 -30.96
C ALA N 24 -39.28 54.51 -30.48
N SER N 25 -38.27 55.29 -30.10
CA SER N 25 -37.01 54.72 -29.64
C SER N 25 -37.16 54.22 -28.21
N GLY N 26 -36.10 53.57 -27.71
CA GLY N 26 -36.11 52.98 -26.39
C GLY N 26 -36.63 51.55 -26.35
N TYR N 27 -37.11 51.02 -27.47
CA TYR N 27 -37.60 49.65 -27.53
C TYR N 27 -37.48 49.16 -28.97
N ILE N 28 -37.57 47.84 -29.13
CA ILE N 28 -37.44 47.24 -30.45
C ILE N 28 -38.67 47.54 -31.29
N PHE N 29 -38.46 47.80 -32.57
CA PHE N 29 -39.52 48.22 -33.48
C PHE N 29 -40.12 47.06 -34.28
N SER N 30 -39.70 45.83 -34.01
CA SER N 30 -40.17 44.68 -34.76
C SER N 30 -41.19 43.84 -33.99
N ASP N 31 -41.41 44.13 -32.70
CA ASP N 31 -42.31 43.33 -31.89
C ASP N 31 -43.34 44.14 -31.10
N TYR N 32 -43.17 45.46 -30.96
CA TYR N 32 -44.04 46.28 -30.15
C TYR N 32 -44.91 47.15 -31.04
N ASN N 33 -46.21 47.17 -30.78
CA ASN N 33 -47.14 47.97 -31.55
C ASN N 33 -47.30 49.37 -30.93
N ILE N 34 -47.70 50.32 -31.76
CA ILE N 34 -47.94 51.69 -31.34
C ILE N 34 -49.38 52.05 -31.69
N HIS N 35 -50.14 52.49 -30.70
CA HIS N 35 -51.54 52.84 -30.87
C HIS N 35 -51.76 54.32 -30.57
N TRP N 36 -52.71 54.92 -31.28
CA TRP N 36 -53.03 56.33 -31.14
C TRP N 36 -54.49 56.47 -30.72
N VAL N 37 -54.74 57.19 -29.63
CA VAL N 37 -56.08 57.46 -29.13
C VAL N 37 -56.23 58.96 -28.96
N ARG N 38 -57.32 59.52 -29.46
CA ARG N 38 -57.63 60.94 -29.26
C ARG N 38 -58.70 61.09 -28.19
N GLN N 39 -58.55 62.11 -27.36
CA GLN N 39 -59.49 62.43 -26.29
C GLN N 39 -60.07 63.81 -26.54
N ALA N 40 -61.39 63.87 -26.73
CA ALA N 40 -62.07 65.12 -27.00
C ALA N 40 -63.06 65.42 -25.89
N PRO N 41 -63.08 66.64 -25.36
CA PRO N 41 -64.06 66.99 -24.32
C PRO N 41 -65.48 67.02 -24.86
N GLY N 42 -66.42 66.71 -23.98
CA GLY N 42 -67.83 66.67 -24.34
C GLY N 42 -68.30 65.39 -24.98
N GLN N 43 -67.42 64.43 -25.23
CA GLN N 43 -67.79 63.16 -25.83
C GLN N 43 -66.76 62.12 -25.42
N GLY N 44 -66.96 60.88 -25.88
CA GLY N 44 -66.05 59.81 -25.58
C GLY N 44 -64.83 59.80 -26.47
N LEU N 45 -63.89 58.94 -26.13
CA LEU N 45 -62.66 58.80 -26.89
C LEU N 45 -62.93 58.06 -28.20
N GLU N 46 -62.08 58.30 -29.19
CA GLU N 46 -62.19 57.70 -30.51
C GLU N 46 -60.94 56.92 -30.85
N TRP N 47 -61.11 55.82 -31.59
CA TRP N 47 -60.02 54.94 -31.97
C TRP N 47 -60.13 54.65 -33.46
N MET N 48 -59.04 54.83 -34.19
CA MET N 48 -59.09 54.82 -35.66
C MET N 48 -58.37 53.66 -36.31
N GLY N 49 -57.43 53.00 -35.64
CA GLY N 49 -56.69 51.92 -36.26
C GLY N 49 -55.32 51.69 -35.66
N TRP N 50 -54.71 50.55 -35.96
CA TRP N 50 -53.40 50.20 -35.46
C TRP N 50 -52.38 50.19 -36.60
N ILE N 51 -51.14 49.88 -36.26
CA ILE N 51 -50.06 49.73 -37.25
C ILE N 51 -49.28 48.47 -36.94
N SER N 52 -48.66 47.90 -37.97
CA SER N 52 -47.73 46.80 -37.84
C SER N 52 -46.35 47.28 -38.26
N PRO N 53 -45.42 47.50 -37.34
CA PRO N 53 -44.17 48.18 -37.70
C PRO N 53 -43.11 47.26 -38.31
N ASP N 54 -43.52 46.40 -39.23
CA ASP N 54 -42.60 45.64 -40.06
C ASP N 54 -43.05 45.54 -41.51
N SER N 55 -44.30 45.85 -41.83
CA SER N 55 -44.85 45.74 -43.18
C SER N 55 -46.01 46.71 -43.29
N ASP N 56 -46.81 46.56 -44.34
CA ASP N 56 -47.94 47.45 -44.61
C ASP N 56 -49.24 46.73 -44.25
N ASP N 57 -49.61 46.78 -42.97
CA ASP N 57 -50.87 46.21 -42.50
C ASP N 57 -51.59 47.24 -41.66
N THR N 58 -52.87 47.46 -41.96
CA THR N 58 -53.67 48.45 -41.23
C THR N 58 -55.14 48.08 -41.33
N ASN N 59 -55.93 48.65 -40.44
CA ASN N 59 -57.38 48.46 -40.42
C ASN N 59 -58.03 49.77 -40.01
N TYR N 60 -59.16 50.10 -40.63
CA TYR N 60 -59.84 51.35 -40.40
C TYR N 60 -61.25 51.10 -39.85
N ALA N 61 -61.70 52.03 -39.01
CA ALA N 61 -63.07 52.02 -38.49
C ALA N 61 -63.94 52.95 -39.33
N GLN N 62 -65.23 52.94 -39.03
CA GLN N 62 -66.20 53.74 -39.78
C GLN N 62 -66.37 55.14 -39.18
N SER N 63 -65.26 55.82 -38.97
CA SER N 63 -65.29 57.21 -38.51
C SER N 63 -64.48 58.15 -39.40
N PHE N 64 -63.31 57.70 -39.87
CA PHE N 64 -62.46 58.48 -40.74
C PHE N 64 -61.84 57.56 -41.79
N GLN N 65 -61.80 58.04 -43.03
CA GLN N 65 -61.30 57.24 -44.14
C GLN N 65 -60.05 57.82 -44.79
N GLY N 66 -60.08 59.10 -45.18
CA GLY N 66 -58.94 59.71 -45.81
C GLY N 66 -58.25 60.74 -44.94
N ARG N 67 -58.89 61.08 -43.82
CA ARG N 67 -58.29 62.02 -42.89
C ARG N 67 -57.17 61.37 -42.08
N VAL N 68 -57.24 60.06 -41.86
CA VAL N 68 -56.25 59.32 -41.09
C VAL N 68 -55.38 58.53 -42.05
N THR N 69 -54.10 58.91 -42.12
CA THR N 69 -53.09 58.18 -42.87
C THR N 69 -51.98 57.76 -41.91
N MET N 70 -51.72 56.46 -41.84
CA MET N 70 -50.80 55.89 -40.88
C MET N 70 -49.55 55.42 -41.59
N THR N 71 -48.39 55.92 -41.16
CA THR N 71 -47.10 55.59 -41.75
C THR N 71 -46.16 55.05 -40.68
N ARG N 72 -45.02 54.53 -41.13
CA ARG N 72 -44.02 53.98 -40.23
C ARG N 72 -42.64 54.08 -40.87
N ASP N 73 -41.62 54.06 -40.02
CA ASP N 73 -40.23 54.11 -40.48
C ASP N 73 -39.39 53.25 -39.55
N THR N 74 -38.69 52.26 -40.12
CA THR N 74 -37.91 51.33 -39.33
C THR N 74 -36.43 51.68 -39.25
N SER N 75 -35.91 52.42 -40.22
CA SER N 75 -34.49 52.80 -40.20
C SER N 75 -34.22 53.84 -39.12
N ILE N 76 -35.14 54.79 -38.93
CA ILE N 76 -35.00 55.82 -37.92
C ILE N 76 -35.72 55.45 -36.62
N THR N 77 -36.69 54.54 -36.69
CA THR N 77 -37.58 54.15 -35.59
C THR N 77 -38.29 55.40 -35.04
N THR N 78 -39.12 55.97 -35.91
CA THR N 78 -39.97 57.11 -35.56
C THR N 78 -41.20 57.06 -36.45
N VAL N 79 -42.38 57.14 -35.85
CA VAL N 79 -43.64 57.10 -36.58
C VAL N 79 -44.11 58.53 -36.84
N TYR N 80 -44.80 58.73 -37.96
CA TYR N 80 -45.30 60.04 -38.35
C TYR N 80 -46.79 59.93 -38.64
N MET N 81 -47.58 60.82 -38.06
CA MET N 81 -49.02 60.81 -38.18
C MET N 81 -49.47 62.11 -38.85
N GLU N 82 -50.30 61.99 -39.88
CA GLU N 82 -50.71 63.11 -40.71
C GLU N 82 -52.20 63.40 -40.53
N LEU N 83 -52.52 64.62 -40.12
CA LEU N 83 -53.90 65.06 -39.94
C LEU N 83 -54.21 66.16 -40.94
N SER N 84 -55.32 65.99 -41.67
CA SER N 84 -55.76 66.96 -42.66
C SER N 84 -57.17 67.45 -42.31
N SER N 85 -57.42 68.72 -42.63
CA SER N 85 -58.73 69.38 -42.44
C SER N 85 -59.17 69.33 -40.96
N LEU N 86 -58.43 70.06 -40.13
CA LEU N 86 -58.75 70.14 -38.71
C LEU N 86 -60.07 70.89 -38.50
N ARG N 87 -60.81 70.46 -37.49
CA ARG N 87 -62.09 71.08 -37.17
C ARG N 87 -62.37 70.86 -35.68
N SER N 88 -63.60 71.16 -35.26
CA SER N 88 -63.98 70.98 -33.86
C SER N 88 -64.04 69.50 -33.49
N ASP N 89 -64.46 68.65 -34.42
CA ASP N 89 -64.46 67.21 -34.17
C ASP N 89 -63.04 66.67 -34.09
N ASP N 90 -62.11 67.25 -34.86
CA ASP N 90 -60.72 66.83 -34.86
C ASP N 90 -59.90 67.46 -33.73
N THR N 91 -60.48 68.41 -32.98
CA THR N 91 -59.78 69.03 -31.87
C THR N 91 -59.74 68.09 -30.67
N ALA N 92 -58.65 67.34 -30.52
CA ALA N 92 -58.53 66.36 -29.46
C ALA N 92 -57.06 66.16 -29.12
N VAL N 93 -56.83 65.63 -27.92
CA VAL N 93 -55.47 65.34 -27.45
C VAL N 93 -55.06 63.98 -28.00
N TYR N 94 -54.12 63.97 -28.94
CA TYR N 94 -53.66 62.73 -29.57
C TYR N 94 -52.64 62.06 -28.65
N PHE N 95 -53.03 60.96 -28.04
CA PHE N 95 -52.19 60.26 -27.07
C PHE N 95 -51.41 59.15 -27.76
N CYS N 96 -50.11 59.10 -27.52
CA CYS N 96 -49.24 58.07 -28.08
C CYS N 96 -49.14 56.93 -27.07
N ALA N 97 -49.69 55.78 -27.44
CA ALA N 97 -49.78 54.63 -26.54
C ALA N 97 -48.91 53.49 -27.08
N ARG N 98 -48.23 52.81 -26.17
CA ARG N 98 -47.37 51.67 -26.50
C ARG N 98 -47.98 50.40 -25.90
N SER N 99 -48.17 49.40 -26.74
CA SER N 99 -48.70 48.11 -26.31
C SER N 99 -47.90 46.98 -26.96
N VAL N 100 -47.76 45.88 -26.22
CA VAL N 100 -47.09 44.71 -26.77
C VAL N 100 -48.04 43.95 -27.68
N GLY N 101 -47.49 43.11 -28.54
CA GLY N 101 -48.31 42.34 -29.44
C GLY N 101 -48.18 42.82 -30.87
N TYR N 102 -48.40 41.89 -31.80
CA TYR N 102 -48.33 42.21 -33.23
C TYR N 102 -49.70 42.58 -33.77
N CYS N 103 -50.65 41.64 -33.74
CA CYS N 103 -52.07 41.84 -34.03
C CYS N 103 -52.27 42.40 -35.45
N SER N 104 -51.96 41.55 -36.43
CA SER N 104 -52.24 41.85 -37.82
C SER N 104 -53.54 41.21 -38.32
N LEU N 105 -54.37 40.72 -37.42
CA LEU N 105 -55.66 40.12 -37.76
C LEU N 105 -56.78 40.93 -37.13
N ASN N 106 -58.01 40.40 -37.22
CA ASN N 106 -59.18 41.07 -36.68
C ASN N 106 -59.60 40.54 -35.31
N SER N 107 -59.22 39.31 -34.97
CA SER N 107 -59.61 38.71 -33.70
C SER N 107 -58.58 38.89 -32.59
N CYS N 108 -57.45 39.53 -32.89
CA CYS N 108 -56.40 39.73 -31.90
C CYS N 108 -56.61 40.96 -31.04
N GLN N 109 -57.48 41.88 -31.46
CA GLN N 109 -57.65 43.14 -30.75
C GLN N 109 -58.40 42.96 -29.43
N ARG N 110 -59.12 41.86 -29.27
CA ARG N 110 -59.87 41.61 -28.04
C ARG N 110 -58.96 41.41 -26.83
N TRP N 111 -57.78 40.84 -27.04
CA TRP N 111 -56.84 40.57 -25.96
C TRP N 111 -55.89 41.73 -25.69
N MET N 112 -55.99 42.81 -26.45
CA MET N 112 -55.09 43.94 -26.34
C MET N 112 -55.45 44.83 -25.15
N TRP N 113 -54.43 45.49 -24.61
CA TRP N 113 -54.62 46.54 -23.61
C TRP N 113 -53.44 47.49 -23.68
N PHE N 114 -53.72 48.78 -23.57
CA PHE N 114 -52.69 49.80 -23.71
C PHE N 114 -51.77 49.74 -22.50
N ASP N 115 -50.54 49.27 -22.72
CA ASP N 115 -49.61 49.08 -21.61
C ASP N 115 -49.13 50.41 -21.04
N THR N 116 -48.70 51.33 -21.90
CA THR N 116 -48.10 52.58 -21.45
C THR N 116 -48.52 53.70 -22.38
N TRP N 117 -48.90 54.83 -21.80
CA TRP N 117 -49.25 56.04 -22.55
C TRP N 117 -48.16 57.08 -22.30
N GLY N 118 -47.61 57.63 -23.38
CA GLY N 118 -46.52 58.58 -23.24
C GLY N 118 -46.60 59.82 -24.10
N GLN N 119 -46.68 60.98 -23.45
CA GLN N 119 -46.53 62.31 -24.07
C GLN N 119 -47.57 62.53 -25.18
N GLY N 120 -48.83 62.59 -24.75
CA GLY N 120 -49.92 62.91 -25.65
C GLY N 120 -49.82 64.31 -26.24
N ALA N 121 -49.80 64.40 -27.56
CA ALA N 121 -49.66 65.68 -28.23
C ALA N 121 -50.95 66.47 -28.18
N LEU N 122 -50.81 67.79 -28.08
CA LEU N 122 -51.95 68.70 -28.03
C LEU N 122 -52.10 69.35 -29.41
N VAL N 123 -53.25 69.13 -30.04
CA VAL N 123 -53.54 69.67 -31.37
C VAL N 123 -54.81 70.50 -31.27
N THR N 124 -54.73 71.73 -31.76
CA THR N 124 -55.86 72.61 -31.78
C THR N 124 -55.85 73.27 -33.16
N VAL N 125 -57.00 73.72 -33.63
CA VAL N 125 -57.08 74.34 -34.95
C VAL N 125 -58.09 75.47 -34.91
N SER N 126 -57.83 76.53 -35.66
CA SER N 126 -58.77 77.64 -35.71
C SER N 126 -58.61 78.51 -36.95
N SER N 127 -59.54 79.45 -37.15
CA SER N 127 -59.44 80.37 -38.27
C SER N 127 -58.18 81.17 -38.12
N ALA N 128 -57.66 81.21 -36.90
CA ALA N 128 -56.43 81.95 -36.64
C ALA N 128 -55.23 81.03 -36.73
N SER N 129 -54.11 81.57 -37.21
CA SER N 129 -52.88 80.79 -37.30
C SER N 129 -51.74 81.55 -36.62
N THR N 130 -51.18 82.57 -37.28
CA THR N 130 -50.16 83.35 -36.59
C THR N 130 -50.46 84.83 -36.76
N LYS N 131 -50.50 85.55 -35.64
CA LYS N 131 -50.68 87.00 -35.66
C LYS N 131 -50.13 87.58 -34.37
N GLY N 132 -49.90 88.89 -34.38
CA GLY N 132 -49.38 89.58 -33.23
C GLY N 132 -50.44 90.42 -32.52
N PRO N 133 -50.33 90.52 -31.20
CA PRO N 133 -51.31 91.29 -30.44
C PRO N 133 -51.11 92.80 -30.63
N SER N 134 -52.19 93.53 -30.39
CA SER N 134 -52.22 95.00 -30.47
C SER N 134 -52.89 95.57 -29.23
N VAL N 135 -52.45 95.09 -28.06
CA VAL N 135 -53.10 95.42 -26.80
C VAL N 135 -52.73 96.83 -26.39
N PHE N 136 -53.74 97.61 -26.01
CA PHE N 136 -53.64 98.98 -25.52
C PHE N 136 -53.80 99.01 -24.00
N PRO N 137 -53.27 100.04 -23.34
CA PRO N 137 -53.42 100.13 -21.87
C PRO N 137 -54.87 100.30 -21.44
N LEU N 138 -55.17 99.82 -20.24
CA LEU N 138 -56.51 99.81 -19.68
C LEU N 138 -56.68 100.93 -18.66
N ALA N 139 -57.88 101.49 -18.61
CA ALA N 139 -58.21 102.53 -17.63
C ALA N 139 -59.16 101.95 -16.60
N PRO N 140 -58.73 101.72 -15.36
CA PRO N 140 -59.62 101.16 -14.34
C PRO N 140 -60.63 102.18 -13.84
N SER N 141 -61.73 101.66 -13.31
CA SER N 141 -62.79 102.50 -12.77
C SER N 141 -63.53 101.79 -11.64
N THR N 149 -63.33 95.39 -1.41
CA THR N 149 -62.08 96.00 -1.84
C THR N 149 -62.09 96.27 -3.34
N ALA N 150 -61.13 97.08 -3.79
CA ALA N 150 -61.03 97.42 -5.20
C ALA N 150 -60.34 96.29 -5.98
N ALA N 151 -60.38 96.40 -7.30
CA ALA N 151 -59.77 95.41 -8.18
C ALA N 151 -59.13 96.11 -9.36
N LEU N 152 -57.97 95.61 -9.78
CA LEU N 152 -57.25 96.13 -10.93
C LEU N 152 -56.85 94.95 -11.82
N GLY N 153 -57.04 95.10 -13.12
CA GLY N 153 -56.77 94.02 -14.05
C GLY N 153 -56.15 94.51 -15.34
N CYS N 154 -55.46 93.59 -16.01
CA CYS N 154 -54.85 93.84 -17.31
C CYS N 154 -55.37 92.82 -18.31
N LEU N 155 -55.71 93.28 -19.51
CA LEU N 155 -56.31 92.44 -20.52
C LEU N 155 -55.32 92.14 -21.64
N VAL N 156 -55.64 91.12 -22.43
CA VAL N 156 -54.95 90.83 -23.68
C VAL N 156 -56.00 90.45 -24.71
N LYS N 157 -55.86 90.97 -25.93
CA LYS N 157 -56.85 90.79 -26.99
C LYS N 157 -56.14 90.55 -28.30
N ASP N 158 -56.92 90.08 -29.28
CA ASP N 158 -56.51 89.71 -30.64
C ASP N 158 -55.18 88.96 -30.68
N TYR N 159 -55.08 87.95 -29.80
CA TYR N 159 -53.89 87.11 -29.71
C TYR N 159 -54.26 85.67 -29.96
N PHE N 160 -53.34 84.93 -30.60
CA PHE N 160 -53.57 83.54 -30.97
C PHE N 160 -52.22 82.89 -31.22
N PRO N 161 -52.00 81.66 -30.76
CA PRO N 161 -52.88 80.85 -29.91
C PRO N 161 -52.54 80.91 -28.42
N GLU N 162 -53.18 80.02 -27.65
CA GLU N 162 -52.89 79.89 -26.23
C GLU N 162 -51.49 79.29 -26.04
N PRO N 163 -50.82 79.57 -24.90
CA PRO N 163 -51.20 80.46 -23.79
C PRO N 163 -50.38 81.75 -23.70
N VAL N 164 -50.72 82.58 -22.72
CA VAL N 164 -49.98 83.79 -22.39
C VAL N 164 -49.80 83.85 -20.89
N THR N 165 -48.84 84.67 -20.46
CA THR N 165 -48.55 84.87 -19.05
C THR N 165 -48.75 86.34 -18.69
N VAL N 166 -48.99 86.57 -17.40
CA VAL N 166 -49.17 87.91 -16.86
C VAL N 166 -48.22 88.10 -15.69
N SER N 167 -47.79 89.34 -15.48
CA SER N 167 -46.90 89.68 -14.37
C SER N 167 -47.20 91.09 -13.90
N TRP N 168 -47.21 91.28 -12.58
CA TRP N 168 -47.48 92.59 -11.97
C TRP N 168 -46.21 93.08 -11.29
N ASN N 169 -45.78 94.29 -11.66
CA ASN N 169 -44.54 94.91 -11.17
C ASN N 169 -43.34 94.00 -11.40
N SER N 170 -43.21 93.54 -12.65
CA SER N 170 -42.15 92.62 -13.09
C SER N 170 -42.13 91.34 -12.28
N GLY N 171 -43.32 90.85 -11.92
CA GLY N 171 -43.43 89.59 -11.21
C GLY N 171 -43.04 89.62 -9.75
N ALA N 172 -42.88 90.81 -9.16
CA ALA N 172 -42.45 90.91 -7.78
C ALA N 172 -43.61 90.86 -6.78
N LEU N 173 -44.84 90.90 -7.25
CA LEU N 173 -46.02 90.86 -6.39
C LEU N 173 -46.92 89.71 -6.80
N THR N 174 -47.37 88.92 -5.83
CA THR N 174 -48.28 87.81 -6.06
C THR N 174 -49.56 88.04 -5.27
N SER N 175 -50.69 87.95 -5.96
CA SER N 175 -51.99 88.17 -5.34
C SER N 175 -52.99 87.06 -5.69
N GLY N 176 -52.49 85.85 -5.94
CA GLY N 176 -53.35 84.74 -6.29
C GLY N 176 -53.93 84.87 -7.68
N VAL N 177 -53.06 84.90 -8.68
CA VAL N 177 -53.48 85.06 -10.08
C VAL N 177 -54.01 83.74 -10.59
N HIS N 178 -55.22 83.76 -11.16
CA HIS N 178 -55.86 82.59 -11.73
C HIS N 178 -56.22 82.85 -13.18
N THR N 179 -55.98 81.86 -14.03
CA THR N 179 -56.33 81.98 -15.44
C THR N 179 -57.84 81.91 -15.62
N PHE N 180 -58.31 82.47 -16.74
CA PHE N 180 -59.73 82.51 -17.03
C PHE N 180 -60.00 81.94 -18.41
N PRO N 181 -61.09 81.19 -18.58
CA PRO N 181 -61.43 80.67 -19.92
C PRO N 181 -61.88 81.80 -20.84
N ALA N 182 -61.68 81.56 -22.14
CA ALA N 182 -62.04 82.52 -23.17
C ALA N 182 -63.16 81.97 -24.03
N VAL N 183 -63.66 82.81 -24.94
CA VAL N 183 -64.76 82.48 -25.83
C VAL N 183 -64.25 82.57 -27.27
N LEU N 184 -64.49 81.51 -28.04
CA LEU N 184 -64.11 81.52 -29.44
C LEU N 184 -65.01 82.47 -30.24
N GLN N 185 -64.38 83.30 -31.07
CA GLN N 185 -65.10 84.29 -31.86
C GLN N 185 -65.30 83.80 -33.28
N SER N 186 -65.96 84.63 -34.10
CA SER N 186 -66.18 84.27 -35.50
C SER N 186 -64.88 84.30 -36.29
N SER N 187 -64.09 85.36 -36.12
CA SER N 187 -62.79 85.42 -36.78
C SER N 187 -61.78 84.50 -36.10
N GLY N 188 -61.90 84.33 -34.78
CA GLY N 188 -61.03 83.44 -34.04
C GLY N 188 -59.94 84.16 -33.28
N LEU N 189 -60.18 84.38 -31.99
CA LEU N 189 -59.22 85.03 -31.11
C LEU N 189 -59.61 84.73 -29.66
N TYR N 190 -58.61 84.63 -28.80
CA TYR N 190 -58.84 84.40 -27.39
C TYR N 190 -58.89 85.74 -26.64
N SER N 191 -59.36 85.69 -25.40
CA SER N 191 -59.48 86.89 -24.58
C SER N 191 -59.23 86.52 -23.13
N LEU N 192 -58.19 87.12 -22.54
CA LEU N 192 -57.82 86.88 -21.15
C LEU N 192 -57.64 88.22 -20.45
N SER N 193 -58.15 88.31 -19.22
CA SER N 193 -58.04 89.52 -18.40
C SER N 193 -57.80 89.09 -16.96
N SER N 194 -56.53 88.99 -16.57
CA SER N 194 -56.16 88.62 -15.21
C SER N 194 -56.36 89.82 -14.29
N VAL N 195 -57.15 89.63 -13.23
CA VAL N 195 -57.49 90.70 -12.30
C VAL N 195 -56.99 90.31 -10.92
N VAL N 196 -56.22 91.22 -10.30
CA VAL N 196 -55.69 91.01 -8.97
C VAL N 196 -56.37 91.97 -8.01
N THR N 197 -56.35 91.61 -6.72
CA THR N 197 -56.98 92.42 -5.69
C THR N 197 -56.03 93.54 -5.26
N VAL N 198 -56.53 94.76 -5.25
CA VAL N 198 -55.74 95.93 -4.84
C VAL N 198 -56.51 96.70 -3.78
N PRO N 199 -55.84 97.41 -2.87
CA PRO N 199 -56.55 98.26 -1.91
C PRO N 199 -57.24 99.43 -2.60
N SER N 200 -58.33 99.89 -1.98
CA SER N 200 -59.09 101.00 -2.54
C SER N 200 -58.32 102.31 -2.46
N SER N 201 -57.48 102.47 -1.44
CA SER N 201 -56.69 103.68 -1.27
C SER N 201 -55.34 103.61 -1.96
N SER N 202 -55.02 102.49 -2.61
CA SER N 202 -53.75 102.30 -3.31
C SER N 202 -54.05 101.99 -4.78
N LEU N 203 -54.21 103.03 -5.57
CA LEU N 203 -54.46 102.89 -7.01
C LEU N 203 -53.47 103.68 -7.86
N GLY N 204 -53.03 104.84 -7.40
CA GLY N 204 -52.09 105.64 -8.16
C GLY N 204 -50.84 105.99 -7.38
N THR N 205 -50.89 105.83 -6.06
CA THR N 205 -49.72 106.12 -5.23
C THR N 205 -48.70 104.99 -5.30
N GLN N 206 -49.13 103.81 -5.76
CA GLN N 206 -48.23 102.68 -5.94
C GLN N 206 -48.26 102.26 -7.40
N THR N 207 -47.09 102.01 -7.98
CA THR N 207 -47.00 101.62 -9.38
C THR N 207 -47.58 100.23 -9.61
N TYR N 208 -48.18 100.06 -10.79
CA TYR N 208 -48.81 98.80 -11.16
C TYR N 208 -48.68 98.66 -12.67
N ILE N 209 -47.67 97.92 -13.12
CA ILE N 209 -47.38 97.77 -14.53
C ILE N 209 -47.71 96.34 -14.95
N CYS N 210 -48.09 96.17 -16.21
CA CYS N 210 -48.58 94.90 -16.72
C CYS N 210 -47.61 94.35 -17.77
N ASN N 211 -47.32 93.05 -17.66
CA ASN N 211 -46.45 92.36 -18.59
C ASN N 211 -47.23 91.26 -19.29
N VAL N 212 -47.23 91.29 -20.63
CA VAL N 212 -47.90 90.29 -21.44
C VAL N 212 -46.88 89.74 -22.43
N ASN N 213 -46.67 88.43 -22.41
CA ASN N 213 -45.70 87.77 -23.28
C ASN N 213 -46.42 86.74 -24.15
N HIS N 214 -46.13 86.78 -25.45
CA HIS N 214 -46.71 85.83 -26.42
C HIS N 214 -45.57 84.99 -26.97
N LYS N 215 -45.52 83.72 -26.53
CA LYS N 215 -44.46 82.82 -27.00
C LYS N 215 -44.54 82.50 -28.49
N PRO N 216 -45.69 82.16 -29.10
CA PRO N 216 -45.67 81.95 -30.56
C PRO N 216 -45.41 83.21 -31.36
N SER N 217 -45.86 84.38 -30.89
CA SER N 217 -45.63 85.62 -31.60
C SER N 217 -44.26 86.22 -31.32
N ASN N 218 -43.57 85.76 -30.27
CA ASN N 218 -42.22 86.22 -29.89
C ASN N 218 -42.17 87.73 -29.69
N THR N 219 -43.19 88.28 -29.05
CA THR N 219 -43.24 89.71 -28.77
C THR N 219 -43.52 89.93 -27.29
N LYS N 220 -43.02 91.06 -26.78
CA LYS N 220 -43.22 91.46 -25.40
C LYS N 220 -43.72 92.89 -25.36
N VAL N 221 -44.78 93.13 -24.60
CA VAL N 221 -45.35 94.47 -24.42
C VAL N 221 -45.34 94.79 -22.93
N ASP N 222 -45.08 96.06 -22.62
CA ASP N 222 -45.00 96.52 -21.23
C ASP N 222 -45.77 97.85 -21.15
N LYS N 223 -47.07 97.75 -20.86
CA LYS N 223 -47.95 98.91 -20.80
C LYS N 223 -48.52 99.02 -19.40
N LYS N 224 -48.41 100.21 -18.81
CA LYS N 224 -48.97 100.45 -17.49
C LYS N 224 -50.46 100.75 -17.57
N VAL N 225 -51.12 100.70 -16.42
CA VAL N 225 -52.54 101.00 -16.31
C VAL N 225 -52.73 102.21 -15.40
N GLU N 226 -53.61 103.12 -15.82
CA GLU N 226 -53.87 104.34 -15.07
C GLU N 226 -55.26 104.82 -15.40
N PRO N 227 -55.91 105.56 -14.50
CA PRO N 227 -57.23 106.13 -14.82
C PRO N 227 -57.13 107.23 -15.86
N LYS N 228 -58.28 107.55 -16.45
CA LYS N 228 -58.35 108.57 -17.48
C LYS N 228 -58.08 109.95 -16.90
N SER N 229 -57.43 110.79 -17.71
CA SER N 229 -57.10 112.15 -17.30
C SER N 229 -57.72 113.17 -18.25
N PRO O 2 -11.54 -12.69 7.92
CA PRO O 2 -12.17 -12.09 9.10
C PRO O 2 -12.45 -13.11 10.19
N VAL O 3 -12.51 -12.65 11.44
CA VAL O 3 -12.75 -13.52 12.58
C VAL O 3 -13.86 -12.90 13.42
N LEU O 4 -14.62 -13.76 14.11
CA LEU O 4 -15.72 -13.31 14.96
C LEU O 4 -15.25 -13.19 16.41
N THR O 5 -15.57 -12.07 17.03
CA THR O 5 -15.11 -11.77 18.37
C THR O 5 -16.27 -11.75 19.36
N GLN O 6 -15.98 -12.15 20.59
CA GLN O 6 -16.92 -12.13 21.70
C GLN O 6 -16.18 -11.74 22.96
N PRO O 7 -16.87 -11.14 23.94
CA PRO O 7 -16.22 -10.86 25.21
C PRO O 7 -15.84 -12.16 25.91
N PRO O 8 -14.73 -12.16 26.65
CA PRO O 8 -14.33 -13.38 27.39
C PRO O 8 -15.32 -13.79 28.45
N SER O 9 -15.99 -12.84 29.10
CA SER O 9 -16.96 -13.14 30.13
C SER O 9 -17.96 -12.00 30.22
N ALA O 10 -19.17 -12.32 30.70
CA ALA O 10 -20.23 -11.34 30.88
C ALA O 10 -20.43 -11.06 32.36
N SER O 11 -20.39 -9.79 32.73
CA SER O 11 -20.62 -9.36 34.11
C SER O 11 -22.10 -9.00 34.24
N GLY O 12 -22.87 -9.88 34.88
CA GLY O 12 -24.29 -9.67 35.01
C GLY O 12 -24.81 -9.91 36.41
N PRO O 13 -25.39 -8.89 37.02
CA PRO O 13 -26.01 -9.06 38.33
C PRO O 13 -27.40 -9.66 38.21
N PRO O 14 -27.82 -10.49 39.16
CA PRO O 14 -29.17 -11.05 39.10
C PRO O 14 -30.22 -10.01 39.42
N GLY O 15 -31.43 -10.25 38.89
CA GLY O 15 -32.56 -9.36 39.10
C GLY O 15 -32.64 -8.18 38.16
N GLN O 16 -31.68 -8.02 37.26
CA GLN O 16 -31.69 -6.92 36.30
C GLN O 16 -31.34 -7.47 34.92
N SER O 17 -31.85 -6.80 33.89
CA SER O 17 -31.66 -7.26 32.52
C SER O 17 -30.19 -7.14 32.10
N VAL O 18 -29.72 -8.14 31.37
CA VAL O 18 -28.38 -8.16 30.81
C VAL O 18 -28.47 -8.56 29.34
N SER O 19 -27.42 -8.24 28.59
CA SER O 19 -27.38 -8.55 27.17
C SER O 19 -25.94 -8.67 26.72
N ILE O 20 -25.75 -9.31 25.57
CA ILE O 20 -24.44 -9.52 24.98
C ILE O 20 -24.48 -9.06 23.53
N SER O 21 -23.33 -8.68 23.00
CA SER O 21 -23.22 -8.22 21.62
C SER O 21 -22.23 -9.10 20.86
N CYS O 22 -22.52 -9.31 19.58
CA CYS O 22 -21.69 -10.14 18.70
C CYS O 22 -21.45 -9.36 17.41
N SER O 23 -20.37 -8.59 17.38
CA SER O 23 -20.01 -7.82 16.19
C SER O 23 -19.20 -8.69 15.24
N GLY O 24 -19.51 -8.56 13.94
CA GLY O 24 -18.81 -9.33 12.93
C GLY O 24 -18.39 -8.52 11.72
N SER O 25 -18.66 -9.04 10.53
CA SER O 25 -18.28 -8.37 9.30
C SER O 25 -19.54 -8.04 8.51
N ARG O 26 -19.34 -7.36 7.38
CA ARG O 26 -20.49 -6.93 6.58
C ARG O 26 -21.11 -8.10 5.83
N SER O 27 -20.31 -9.10 5.45
CA SER O 27 -20.82 -10.28 4.76
C SER O 27 -21.20 -11.40 5.72
N ASN O 28 -21.14 -11.16 7.02
CA ASN O 28 -21.43 -12.18 8.03
C ASN O 28 -22.72 -11.92 8.79
N ILE O 29 -23.03 -10.66 9.11
CA ILE O 29 -24.22 -10.29 9.87
C ILE O 29 -25.09 -9.41 8.98
N GLY O 30 -26.40 -9.51 9.18
CA GLY O 30 -27.35 -8.74 8.40
C GLY O 30 -27.92 -9.49 7.21
N THR O 31 -27.06 -9.91 6.28
CA THR O 31 -27.52 -10.69 5.14
C THR O 31 -27.85 -12.13 5.51
N ASN O 32 -27.34 -12.62 6.63
CA ASN O 32 -27.62 -13.97 7.11
C ASN O 32 -28.11 -13.89 8.56
N PHE O 33 -28.91 -14.89 8.95
CA PHE O 33 -29.44 -14.93 10.30
C PHE O 33 -28.37 -15.28 11.31
N VAL O 34 -28.58 -14.85 12.56
CA VAL O 34 -27.64 -15.06 13.65
C VAL O 34 -28.25 -16.05 14.62
N TYR O 35 -27.49 -17.09 14.96
CA TYR O 35 -27.93 -18.14 15.87
C TYR O 35 -27.13 -18.09 17.16
N TRP O 36 -27.82 -18.23 18.29
CA TRP O 36 -27.20 -18.23 19.61
C TRP O 36 -27.25 -19.63 20.20
N TYR O 37 -26.13 -20.07 20.76
CA TYR O 37 -26.01 -21.39 21.35
C TYR O 37 -25.51 -21.27 22.79
N GLN O 38 -26.00 -22.16 23.64
CA GLN O 38 -25.56 -22.22 25.03
C GLN O 38 -25.32 -23.67 25.42
N GLN O 39 -24.30 -23.89 26.24
CA GLN O 39 -23.92 -25.22 26.68
C GLN O 39 -23.87 -25.29 28.20
N LEU O 40 -24.19 -26.45 28.74
CA LEU O 40 -24.03 -26.71 30.16
C LEU O 40 -22.58 -27.02 30.46
N PRO O 41 -22.10 -26.74 31.68
CA PRO O 41 -20.74 -27.13 32.05
C PRO O 41 -20.55 -28.63 32.10
N GLY O 42 -19.75 -29.17 31.19
CA GLY O 42 -19.54 -30.60 31.10
C GLY O 42 -20.59 -31.37 30.32
N ALA O 43 -21.43 -30.69 29.55
CA ALA O 43 -22.47 -31.36 28.77
C ALA O 43 -22.49 -30.75 27.38
N ALA O 44 -23.52 -31.13 26.58
CA ALA O 44 -23.74 -30.79 25.20
C ALA O 44 -24.38 -29.41 25.06
N PRO O 45 -24.09 -28.69 23.96
CA PRO O 45 -24.75 -27.40 23.73
C PRO O 45 -26.21 -27.52 23.33
N LYS O 46 -26.88 -26.37 23.20
CA LYS O 46 -28.28 -26.34 22.78
C LYS O 46 -28.56 -24.97 22.19
N LEU O 47 -29.24 -24.96 21.03
CA LEU O 47 -29.58 -23.72 20.37
C LEU O 47 -30.58 -22.91 21.20
N LEU O 48 -30.42 -21.59 21.16
CA LEU O 48 -31.28 -20.68 21.91
C LEU O 48 -32.23 -19.91 20.99
N ILE O 49 -31.71 -19.19 20.00
CA ILE O 49 -32.51 -18.38 19.09
C ILE O 49 -32.11 -18.72 17.66
N TYR O 50 -33.10 -19.01 16.82
CA TYR O 50 -32.88 -19.25 15.40
C TYR O 50 -33.73 -18.29 14.58
N LYS O 51 -33.13 -17.76 13.51
CA LYS O 51 -33.75 -16.83 12.55
C LYS O 51 -34.19 -15.52 13.18
N ASN O 52 -33.67 -15.20 14.38
CA ASN O 52 -33.75 -13.92 15.08
C ASN O 52 -35.14 -13.55 15.57
N ASP O 53 -36.19 -14.31 15.21
CA ASP O 53 -37.51 -14.04 15.76
C ASP O 53 -38.36 -15.27 16.08
N GLN O 54 -37.89 -16.48 15.82
CA GLN O 54 -38.57 -17.70 16.27
C GLN O 54 -37.76 -18.36 17.38
N ARG O 55 -38.48 -19.06 18.25
CA ARG O 55 -37.86 -19.74 19.38
C ARG O 55 -38.25 -21.21 19.39
N PRO O 56 -37.33 -22.10 19.73
CA PRO O 56 -37.64 -23.54 19.72
C PRO O 56 -38.56 -23.93 20.86
N SER O 57 -39.17 -25.10 20.70
CA SER O 57 -40.05 -25.66 21.73
C SER O 57 -39.19 -26.31 22.81
N GLY O 58 -39.34 -25.85 24.05
CA GLY O 58 -38.56 -26.37 25.15
C GLY O 58 -37.99 -25.28 26.03
N VAL O 59 -38.29 -24.03 25.68
CA VAL O 59 -37.83 -22.88 26.46
C VAL O 59 -39.05 -21.97 26.72
N PRO O 60 -39.20 -21.44 27.93
CA PRO O 60 -40.31 -20.52 28.19
C PRO O 60 -40.05 -19.14 27.58
N GLU O 61 -41.08 -18.30 27.66
CA GLU O 61 -40.99 -16.92 27.16
C GLU O 61 -40.16 -16.09 28.13
N ARG O 62 -38.84 -16.27 28.04
CA ARG O 62 -37.91 -15.70 29.01
C ARG O 62 -36.79 -14.95 28.30
N PHE O 63 -36.40 -15.43 27.13
CA PHE O 63 -35.24 -14.89 26.40
C PHE O 63 -35.70 -14.12 25.17
N PHE O 64 -34.83 -13.22 24.68
CA PHE O 64 -35.08 -12.47 23.47
C PHE O 64 -33.78 -12.30 22.70
N GLY O 65 -33.88 -12.29 21.38
CA GLY O 65 -32.74 -12.04 20.52
C GLY O 65 -33.10 -11.06 19.42
N SER O 66 -32.11 -10.26 19.03
CA SER O 66 -32.32 -9.24 18.03
C SER O 66 -31.03 -9.02 17.24
N LYS O 67 -31.18 -8.45 16.05
CA LYS O 67 -30.05 -8.13 15.18
C LYS O 67 -30.23 -6.73 14.63
N SER O 68 -29.15 -5.95 14.67
CA SER O 68 -29.19 -4.56 14.19
C SER O 68 -27.87 -4.28 13.47
N GLY O 69 -27.87 -4.46 12.15
CA GLY O 69 -26.71 -4.15 11.34
C GLY O 69 -25.52 -5.06 11.55
N THR O 70 -24.41 -4.48 12.01
CA THR O 70 -23.17 -5.24 12.17
C THR O 70 -23.23 -6.17 13.38
N SER O 71 -23.87 -5.74 14.46
CA SER O 71 -23.91 -6.49 15.71
C SER O 71 -25.31 -6.99 16.00
N ALA O 72 -25.38 -8.13 16.68
CA ALA O 72 -26.64 -8.73 17.11
C ALA O 72 -26.66 -8.83 18.62
N SER O 73 -27.82 -8.55 19.22
CA SER O 73 -27.97 -8.46 20.66
C SER O 73 -28.85 -9.59 21.16
N LEU O 74 -28.43 -10.22 22.26
CA LEU O 74 -29.19 -11.27 22.93
C LEU O 74 -29.59 -10.76 24.31
N ALA O 75 -30.77 -10.15 24.40
CA ALA O 75 -31.24 -9.56 25.65
C ALA O 75 -31.76 -10.65 26.57
N ILE O 76 -31.38 -10.59 27.84
CA ILE O 76 -31.74 -11.59 28.84
C ILE O 76 -32.50 -10.85 29.94
N SER O 77 -33.67 -11.37 30.29
CA SER O 77 -34.53 -10.74 31.30
C SER O 77 -34.15 -11.27 32.68
N GLY O 78 -33.16 -10.64 33.30
CA GLY O 78 -32.69 -11.06 34.60
C GLY O 78 -31.75 -12.25 34.50
N LEU O 79 -31.25 -12.68 35.67
CA LEU O 79 -30.32 -13.79 35.73
C LEU O 79 -30.63 -14.67 36.94
N ARG O 80 -30.63 -15.98 36.72
CA ARG O 80 -30.76 -16.95 37.79
C ARG O 80 -29.38 -17.35 38.28
N SER O 81 -29.19 -17.30 39.61
CA SER O 81 -27.88 -17.63 40.17
C SER O 81 -27.55 -19.11 40.04
N GLU O 82 -28.57 -19.98 40.11
CA GLU O 82 -28.34 -21.42 40.02
C GLU O 82 -28.18 -21.90 38.58
N ASP O 83 -28.48 -21.07 37.58
CA ASP O 83 -28.37 -21.44 36.17
C ASP O 83 -27.50 -20.41 35.48
N GLU O 84 -26.21 -20.73 35.33
CA GLU O 84 -25.26 -19.88 34.63
C GLU O 84 -24.56 -20.71 33.57
N VAL O 85 -24.68 -20.30 32.31
CA VAL O 85 -24.13 -21.03 31.17
C VAL O 85 -23.39 -20.05 30.26
N ASP O 86 -22.48 -20.61 29.46
CA ASP O 86 -21.76 -19.84 28.46
C ASP O 86 -22.63 -19.72 27.20
N TYR O 87 -22.44 -18.61 26.49
CA TYR O 87 -23.21 -18.31 25.30
C TYR O 87 -22.32 -18.25 24.07
N TYR O 88 -22.87 -18.64 22.92
CA TYR O 88 -22.15 -18.68 21.66
C TYR O 88 -22.87 -17.83 20.63
N CYS O 89 -22.10 -17.38 19.62
CA CYS O 89 -22.63 -16.64 18.49
C CYS O 89 -22.13 -17.29 17.21
N ALA O 90 -23.05 -17.58 16.29
CA ALA O 90 -22.74 -18.26 15.05
C ALA O 90 -23.38 -17.56 13.86
N ALA O 91 -22.71 -17.61 12.73
CA ALA O 91 -23.19 -17.01 11.48
C ALA O 91 -22.49 -17.71 10.32
N TRP O 92 -22.63 -17.13 9.13
CA TRP O 92 -22.04 -17.68 7.91
C TRP O 92 -21.35 -16.57 7.13
N ASP O 93 -20.22 -16.90 6.52
CA ASP O 93 -19.49 -15.97 5.65
C ASP O 93 -19.31 -16.63 4.29
N ASP O 94 -19.65 -15.90 3.22
CA ASP O 94 -19.58 -16.45 1.89
C ASP O 94 -18.14 -16.57 1.39
N SER O 95 -17.28 -15.62 1.77
CA SER O 95 -15.90 -15.66 1.33
C SER O 95 -15.12 -16.79 1.98
N LEU O 96 -15.32 -17.01 3.28
CA LEU O 96 -14.64 -18.09 3.97
C LEU O 96 -15.25 -19.44 3.63
N SER O 97 -16.52 -19.46 3.23
CA SER O 97 -17.27 -20.67 2.86
C SER O 97 -17.28 -21.70 3.99
N GLY O 98 -17.46 -21.21 5.21
CA GLY O 98 -17.54 -22.08 6.37
C GLY O 98 -18.23 -21.39 7.52
N HIS O 99 -18.85 -22.18 8.38
CA HIS O 99 -19.48 -21.65 9.58
C HIS O 99 -18.45 -21.11 10.55
N VAL O 100 -18.76 -19.97 11.15
CA VAL O 100 -17.88 -19.30 12.11
C VAL O 100 -18.61 -19.21 13.44
N PHE O 101 -17.89 -19.47 14.53
CA PHE O 101 -18.45 -19.45 15.86
C PHE O 101 -17.73 -18.40 16.71
N GLY O 102 -18.46 -17.85 17.68
CA GLY O 102 -17.91 -16.84 18.55
C GLY O 102 -16.94 -17.41 19.58
N ALA O 103 -16.28 -16.50 20.29
CA ALA O 103 -15.29 -16.91 21.28
C ALA O 103 -15.95 -17.59 22.49
N GLY O 104 -17.08 -17.06 22.94
CA GLY O 104 -17.78 -17.63 24.07
C GLY O 104 -17.87 -16.66 25.24
N THR O 105 -19.10 -16.34 25.64
CA THR O 105 -19.35 -15.40 26.73
C THR O 105 -19.98 -16.13 27.90
N LYS O 106 -19.29 -16.11 29.04
CA LYS O 106 -19.78 -16.76 30.26
C LYS O 106 -20.31 -15.69 31.21
N VAL O 107 -21.56 -15.85 31.63
CA VAL O 107 -22.19 -14.89 32.53
C VAL O 107 -21.68 -15.14 33.95
N THR O 108 -21.44 -14.06 34.69
CA THR O 108 -20.90 -14.13 36.04
C THR O 108 -21.71 -13.20 36.95
N VAL O 109 -22.10 -13.73 38.11
CA VAL O 109 -22.87 -12.94 39.07
C VAL O 109 -21.96 -11.90 39.73
N LEU O 110 -22.60 -10.86 40.26
CA LEU O 110 -21.87 -9.81 40.97
C LEU O 110 -22.16 -9.87 42.47
N GLY O 118 -20.32 -10.10 45.51
CA GLY O 118 -19.42 -9.46 46.43
C GLY O 118 -19.42 -10.10 47.81
N GLN O 119 -18.39 -10.90 48.08
CA GLN O 119 -18.24 -11.58 49.35
C GLN O 119 -16.84 -11.35 49.90
N PRO O 120 -16.68 -11.33 51.23
CA PRO O 120 -15.35 -11.09 51.81
C PRO O 120 -14.42 -12.28 51.62
N LYS O 121 -13.14 -12.01 51.83
CA LYS O 121 -12.10 -13.00 51.64
C LYS O 121 -12.10 -14.01 52.79
N ALA O 122 -11.38 -15.11 52.58
CA ALA O 122 -11.24 -16.18 53.56
C ALA O 122 -9.77 -16.33 53.94
N ALA O 123 -9.50 -17.31 54.82
CA ALA O 123 -8.15 -17.57 55.29
C ALA O 123 -7.60 -18.82 54.62
N PRO O 124 -6.63 -18.72 53.74
CA PRO O 124 -6.10 -19.91 53.07
C PRO O 124 -5.24 -20.75 53.99
N SER O 125 -5.16 -22.05 53.66
CA SER O 125 -4.31 -23.00 54.38
C SER O 125 -3.44 -23.73 53.37
N VAL O 126 -2.14 -23.78 53.63
CA VAL O 126 -1.16 -24.34 52.71
C VAL O 126 -0.41 -25.48 53.40
N THR O 127 -0.20 -26.57 52.67
CA THR O 127 0.60 -27.69 53.15
C THR O 127 1.66 -28.01 52.10
N LEU O 128 2.78 -28.60 52.56
CA LEU O 128 3.90 -28.95 51.70
C LEU O 128 4.31 -30.38 51.98
N PHE O 129 4.41 -31.19 50.94
CA PHE O 129 4.71 -32.61 51.09
C PHE O 129 6.09 -32.93 50.54
N PRO O 130 7.07 -33.24 51.40
CA PRO O 130 8.37 -33.69 50.91
C PRO O 130 8.28 -35.08 50.31
N PRO O 131 9.17 -35.42 49.38
CA PRO O 131 9.15 -36.78 48.81
C PRO O 131 9.58 -37.83 49.82
N SER O 132 9.07 -39.04 49.62
CA SER O 132 9.36 -40.16 50.52
C SER O 132 10.67 -40.83 50.12
N SER O 133 11.09 -41.82 50.92
CA SER O 133 12.31 -42.54 50.63
C SER O 133 12.15 -43.45 49.42
N GLU O 134 10.94 -43.93 49.15
CA GLU O 134 10.70 -44.76 47.97
C GLU O 134 10.87 -43.97 46.67
N GLU O 135 10.48 -42.69 46.68
CA GLU O 135 10.71 -41.85 45.51
C GLU O 135 12.21 -41.59 45.31
N LEU O 136 12.95 -41.39 46.40
CA LEU O 136 14.40 -41.21 46.30
C LEU O 136 15.12 -42.52 45.96
N GLN O 137 14.45 -43.66 46.12
CA GLN O 137 15.04 -44.93 45.72
C GLN O 137 15.18 -45.02 44.20
N ALA O 138 14.36 -44.27 43.45
CA ALA O 138 14.40 -44.26 42.00
C ALA O 138 15.32 -43.18 41.43
N ASN O 139 16.26 -42.68 42.25
CA ASN O 139 17.20 -41.62 41.88
C ASN O 139 16.47 -40.37 41.37
N LYS O 140 15.38 -40.02 42.04
CA LYS O 140 14.58 -38.87 41.66
C LYS O 140 13.93 -38.27 42.90
N ALA O 141 13.50 -37.01 42.78
CA ALA O 141 12.87 -36.32 43.88
C ALA O 141 11.95 -35.24 43.33
N THR O 142 10.70 -35.23 43.79
CA THR O 142 9.73 -34.23 43.39
C THR O 142 9.15 -33.55 44.62
N LEU O 143 8.78 -32.29 44.47
CA LEU O 143 8.24 -31.49 45.55
C LEU O 143 6.89 -30.91 45.12
N VAL O 144 5.89 -31.07 45.97
CA VAL O 144 4.55 -30.58 45.69
C VAL O 144 4.00 -29.89 46.94
N CYS O 145 3.38 -28.72 46.75
CA CYS O 145 2.68 -28.03 47.81
C CYS O 145 1.30 -27.62 47.30
N LEU O 146 0.34 -27.59 48.21
CA LEU O 146 -1.06 -27.44 47.85
C LEU O 146 -1.69 -26.32 48.66
N ILE O 147 -2.64 -25.63 48.03
CA ILE O 147 -3.40 -24.55 48.67
C ILE O 147 -4.88 -24.90 48.60
N SER O 148 -5.60 -24.66 49.69
CA SER O 148 -7.03 -24.93 49.77
C SER O 148 -7.65 -23.98 50.77
N ASP O 149 -8.97 -24.08 50.91
CA ASP O 149 -9.78 -23.29 51.87
C ASP O 149 -9.60 -21.80 51.66
N PHE O 150 -9.58 -21.36 50.39
CA PHE O 150 -9.42 -19.96 50.06
C PHE O 150 -10.55 -19.52 49.14
N TYR O 151 -10.94 -18.25 49.27
CA TYR O 151 -12.03 -17.68 48.50
C TYR O 151 -11.78 -16.18 48.36
N PRO O 152 -11.74 -15.63 47.13
CA PRO O 152 -11.88 -16.35 45.85
C PRO O 152 -10.57 -16.97 45.37
N GLY O 153 -10.54 -17.38 44.10
CA GLY O 153 -9.37 -18.03 43.55
C GLY O 153 -8.36 -17.07 42.97
N ALA O 154 -7.85 -17.39 41.77
CA ALA O 154 -6.82 -16.63 41.06
C ALA O 154 -5.57 -16.43 41.92
N VAL O 155 -4.95 -17.56 42.27
CA VAL O 155 -3.78 -17.57 43.13
C VAL O 155 -2.57 -17.99 42.30
N THR O 156 -1.39 -17.55 42.74
CA THR O 156 -0.13 -17.89 42.10
C THR O 156 0.81 -18.47 43.15
N VAL O 157 1.42 -19.61 42.83
CA VAL O 157 2.29 -20.32 43.76
C VAL O 157 3.70 -20.35 43.18
N ALA O 158 4.68 -19.94 43.98
CA ALA O 158 6.08 -19.97 43.59
C ALA O 158 6.90 -20.59 44.72
N TRP O 159 7.99 -21.25 44.35
CA TRP O 159 8.83 -21.95 45.31
C TRP O 159 9.88 -21.02 45.89
N LYS O 160 10.43 -21.43 47.04
CA LYS O 160 11.41 -20.63 47.75
C LYS O 160 12.37 -21.54 48.49
N ALA O 161 13.67 -21.30 48.34
CA ALA O 161 14.71 -22.04 49.04
C ALA O 161 15.30 -21.24 50.19
N ASP O 162 14.60 -20.20 50.65
CA ASP O 162 14.96 -19.32 51.76
C ASP O 162 16.23 -18.50 51.50
N SER O 163 16.76 -18.60 50.29
CA SER O 163 17.94 -17.84 49.93
C SER O 163 17.76 -17.42 48.49
N SER O 164 17.21 -18.31 47.68
CA SER O 164 16.97 -17.99 46.28
C SER O 164 15.89 -18.90 45.70
N PRO O 165 14.72 -18.33 45.38
CA PRO O 165 13.68 -19.12 44.75
C PRO O 165 14.21 -19.76 43.48
N VAL O 166 13.90 -21.03 43.23
CA VAL O 166 14.46 -21.71 42.07
C VAL O 166 13.49 -21.86 40.91
N LYS O 167 14.01 -21.77 39.69
CA LYS O 167 13.16 -21.96 38.51
C LYS O 167 13.73 -23.12 37.70
N ALA O 168 13.28 -24.33 38.02
CA ALA O 168 13.68 -25.55 37.33
C ALA O 168 12.47 -26.26 36.74
N GLY O 169 11.57 -25.51 36.12
CA GLY O 169 10.35 -26.07 35.58
C GLY O 169 9.15 -25.81 36.46
N VAL O 170 9.03 -24.58 36.96
CA VAL O 170 7.95 -24.20 37.86
C VAL O 170 6.67 -23.96 37.04
N GLU O 171 5.58 -24.62 37.44
CA GLU O 171 4.29 -24.43 36.81
C GLU O 171 3.25 -24.10 37.86
N THR O 172 2.15 -23.48 37.41
CA THR O 172 1.06 -23.09 38.30
C THR O 172 -0.25 -23.63 37.71
N THR O 173 -0.92 -24.51 38.44
CA THR O 173 -2.19 -25.04 38.00
C THR O 173 -3.29 -24.00 38.14
N THR O 174 -4.25 -24.05 37.22
CA THR O 174 -5.41 -23.16 37.29
C THR O 174 -6.32 -23.59 38.44
N PRO O 175 -6.98 -22.63 39.10
CA PRO O 175 -7.94 -23.01 40.15
C PRO O 175 -9.15 -23.72 39.58
N SER O 176 -9.73 -24.59 40.40
CA SER O 176 -10.90 -25.38 40.02
C SER O 176 -11.98 -25.23 41.09
N LYS O 177 -13.24 -25.22 40.63
CA LYS O 177 -14.36 -25.08 41.54
C LYS O 177 -14.78 -26.44 42.10
N GLN O 178 -14.88 -26.53 43.42
CA GLN O 178 -15.33 -27.74 44.08
C GLN O 178 -16.81 -27.64 44.40
N SER O 179 -17.33 -28.60 45.16
CA SER O 179 -18.74 -28.62 45.52
C SER O 179 -19.02 -28.04 46.91
N ASN O 180 -17.99 -27.84 47.73
CA ASN O 180 -18.17 -27.30 49.08
C ASN O 180 -17.89 -25.80 49.15
N ASN O 181 -18.19 -25.07 48.08
CA ASN O 181 -18.08 -23.60 48.02
C ASN O 181 -16.65 -23.12 48.30
N LYS O 182 -15.69 -23.72 47.60
CA LYS O 182 -14.29 -23.35 47.74
C LYS O 182 -13.53 -23.74 46.48
N TYR O 183 -12.36 -23.14 46.30
CA TYR O 183 -11.45 -23.46 45.22
C TYR O 183 -10.22 -24.16 45.76
N ALA O 184 -9.42 -24.70 44.85
CA ALA O 184 -8.20 -25.41 45.20
C ALA O 184 -7.20 -25.30 44.06
N ALA O 185 -5.92 -25.32 44.42
CA ALA O 185 -4.84 -25.25 43.44
C ALA O 185 -3.59 -25.90 44.03
N SER O 186 -2.64 -26.19 43.16
CA SER O 186 -1.41 -26.86 43.56
C SER O 186 -0.29 -26.48 42.60
N SER O 187 0.94 -26.78 43.01
CA SER O 187 2.12 -26.55 42.20
C SER O 187 3.04 -27.76 42.31
N TYR O 188 3.61 -28.17 41.18
CA TYR O 188 4.49 -29.33 41.12
C TYR O 188 5.89 -28.89 40.72
N LEU O 189 6.87 -29.65 41.20
CA LEU O 189 8.28 -29.37 40.87
C LEU O 189 9.08 -30.65 41.04
N SER O 190 9.67 -31.13 39.96
CA SER O 190 10.47 -32.35 39.96
C SER O 190 11.94 -31.98 39.82
N LEU O 191 12.78 -32.56 40.67
CA LEU O 191 14.20 -32.26 40.67
C LEU O 191 15.05 -33.52 40.71
N THR O 192 16.36 -33.37 40.91
CA THR O 192 17.36 -34.41 41.11
C THR O 192 17.71 -34.50 42.59
N PRO O 193 18.11 -35.68 43.07
CA PRO O 193 18.50 -35.80 44.49
C PRO O 193 19.73 -34.98 44.87
N GLU O 194 20.58 -34.61 43.91
CA GLU O 194 21.73 -33.78 44.24
C GLU O 194 21.32 -32.36 44.59
N GLN O 195 20.42 -31.77 43.81
CA GLN O 195 19.94 -30.42 44.10
C GLN O 195 18.93 -30.40 45.24
N TRP O 196 18.16 -31.48 45.42
CA TRP O 196 17.16 -31.53 46.47
C TRP O 196 17.79 -31.52 47.86
N LYS O 197 18.90 -32.25 48.04
CA LYS O 197 19.60 -32.28 49.31
C LYS O 197 20.61 -31.15 49.47
N SER O 198 20.76 -30.30 48.46
CA SER O 198 21.69 -29.17 48.58
C SER O 198 21.16 -28.12 49.54
N HIS O 199 19.84 -27.93 49.57
CA HIS O 199 19.19 -26.98 50.46
C HIS O 199 18.46 -27.71 51.58
N ARG O 200 18.63 -27.23 52.81
CA ARG O 200 18.03 -27.86 53.97
C ARG O 200 16.71 -27.21 54.37
N SER O 201 16.17 -26.33 53.54
CA SER O 201 14.88 -25.71 53.82
C SER O 201 14.21 -25.33 52.51
N TYR O 202 12.98 -25.80 52.32
CA TYR O 202 12.20 -25.52 51.12
C TYR O 202 10.80 -25.09 51.51
N SER O 203 10.25 -24.13 50.77
CA SER O 203 8.91 -23.62 51.06
C SER O 203 8.33 -23.02 49.79
N CYS O 204 7.01 -22.86 49.79
CA CYS O 204 6.30 -22.22 48.70
C CYS O 204 5.34 -21.18 49.27
N GLN O 205 5.11 -20.12 48.51
CA GLN O 205 4.25 -19.02 48.92
C GLN O 205 3.04 -18.94 48.01
N VAL O 206 1.91 -18.50 48.58
CA VAL O 206 0.67 -18.33 47.83
C VAL O 206 0.29 -16.86 47.87
N THR O 207 -0.40 -16.42 46.81
CA THR O 207 -0.81 -15.03 46.65
C THR O 207 -2.33 -14.98 46.62
N HIS O 208 -2.95 -14.62 47.75
CA HIS O 208 -4.39 -14.50 47.86
C HIS O 208 -4.86 -13.06 47.67
N GLU O 209 -4.13 -12.29 46.86
CA GLU O 209 -4.43 -10.88 46.55
C GLU O 209 -4.51 -10.02 47.81
N GLY O 210 -3.48 -10.11 48.65
CA GLY O 210 -3.44 -9.30 49.86
C GLY O 210 -2.84 -10.00 51.06
N SER O 211 -2.83 -11.33 51.04
CA SER O 211 -2.29 -12.13 52.14
C SER O 211 -1.35 -13.19 51.59
N THR O 212 -0.24 -13.40 52.28
CA THR O 212 0.76 -14.38 51.88
C THR O 212 1.26 -15.10 53.12
N VAL O 213 1.18 -16.43 53.12
CA VAL O 213 1.62 -17.25 54.23
C VAL O 213 2.57 -18.32 53.69
N GLU O 214 3.53 -18.71 54.53
CA GLU O 214 4.58 -19.63 54.14
C GLU O 214 4.44 -20.95 54.87
N LYS O 215 4.71 -22.04 54.16
CA LYS O 215 4.71 -23.40 54.72
C LYS O 215 6.12 -23.97 54.56
N THR O 216 6.88 -23.99 55.65
CA THR O 216 8.28 -24.41 55.61
C THR O 216 8.40 -25.80 56.24
N VAL O 217 8.99 -26.73 55.49
CA VAL O 217 9.25 -28.08 55.98
C VAL O 217 10.75 -28.33 55.95
N ALA O 218 11.17 -29.51 56.40
CA ALA O 218 12.56 -29.91 56.39
C ALA O 218 12.71 -31.25 55.70
N PRO O 219 13.85 -31.47 54.98
CA PRO O 219 14.08 -32.75 54.30
C PRO O 219 14.65 -33.84 55.21
N THR O 220 14.04 -34.01 56.38
CA THR O 220 14.43 -35.03 57.34
C THR O 220 13.32 -36.04 57.58
N GLU O 221 12.09 -35.57 57.81
CA GLU O 221 10.96 -36.45 58.06
C GLU O 221 9.66 -35.82 57.58
N PRO P 2 -74.64 -38.84 -13.98
CA PRO P 2 -75.64 -38.28 -13.07
C PRO P 2 -75.03 -37.45 -11.96
N VAL P 3 -75.36 -37.78 -10.70
CA VAL P 3 -74.84 -37.06 -9.55
C VAL P 3 -73.39 -37.47 -9.30
N LEU P 4 -72.68 -36.71 -8.48
CA LEU P 4 -71.29 -36.96 -8.17
C LEU P 4 -71.11 -37.28 -6.70
N THR P 5 -70.15 -38.14 -6.40
CA THR P 5 -69.88 -38.57 -5.04
C THR P 5 -68.93 -37.59 -4.36
N GLN P 6 -69.32 -37.11 -3.19
CA GLN P 6 -68.53 -36.17 -2.41
C GLN P 6 -68.49 -36.62 -0.96
N PRO P 7 -67.40 -36.34 -0.25
CA PRO P 7 -67.35 -36.65 1.19
C PRO P 7 -68.30 -35.78 1.98
N PRO P 8 -69.03 -36.36 2.94
CA PRO P 8 -69.96 -35.56 3.75
C PRO P 8 -69.27 -34.50 4.61
N SER P 9 -68.06 -34.77 5.08
CA SER P 9 -67.35 -33.82 5.94
C SER P 9 -65.85 -34.05 5.82
N ALA P 10 -65.12 -32.96 5.57
CA ALA P 10 -63.66 -32.98 5.54
C ALA P 10 -63.15 -31.81 6.38
N SER P 11 -62.22 -32.09 7.27
CA SER P 11 -61.72 -31.09 8.21
C SER P 11 -60.20 -31.11 8.23
N GLY P 12 -59.63 -29.96 8.61
CA GLY P 12 -58.20 -29.81 8.71
C GLY P 12 -57.82 -28.69 9.66
N PRO P 13 -56.76 -28.91 10.44
CA PRO P 13 -56.31 -27.86 11.35
C PRO P 13 -55.70 -26.69 10.58
N PRO P 14 -55.75 -25.48 11.13
CA PRO P 14 -55.14 -24.34 10.45
C PRO P 14 -53.61 -24.42 10.45
N GLY P 15 -53.02 -23.72 9.49
CA GLY P 15 -51.59 -23.71 9.29
C GLY P 15 -51.11 -24.57 8.13
N GLN P 16 -51.97 -25.43 7.59
CA GLN P 16 -51.63 -26.25 6.44
C GLN P 16 -52.85 -26.30 5.52
N SER P 17 -52.80 -27.20 4.54
CA SER P 17 -53.84 -27.29 3.51
C SER P 17 -54.57 -28.62 3.61
N VAL P 18 -55.80 -28.62 3.09
CA VAL P 18 -56.65 -29.79 3.06
C VAL P 18 -57.17 -29.95 1.62
N SER P 19 -57.48 -31.19 1.25
CA SER P 19 -57.89 -31.53 -0.10
C SER P 19 -59.33 -32.05 -0.10
N ILE P 20 -60.10 -31.62 -1.09
CA ILE P 20 -61.49 -32.05 -1.28
C ILE P 20 -61.59 -32.73 -2.64
N SER P 21 -62.08 -33.96 -2.65
CA SER P 21 -62.17 -34.75 -3.87
C SER P 21 -63.58 -34.71 -4.44
N CYS P 22 -63.66 -34.88 -5.76
CA CYS P 22 -64.95 -34.93 -6.46
C CYS P 22 -64.79 -35.85 -7.65
N SER P 23 -65.36 -37.06 -7.55
CA SER P 23 -65.26 -38.05 -8.60
C SER P 23 -66.38 -37.83 -9.63
N GLY P 24 -66.33 -38.62 -10.70
CA GLY P 24 -67.34 -38.54 -11.74
C GLY P 24 -67.28 -39.77 -12.63
N SER P 25 -68.28 -39.87 -13.51
CA SER P 25 -68.38 -40.99 -14.42
C SER P 25 -67.57 -40.68 -15.69
N ARG P 26 -67.76 -41.52 -16.72
CA ARG P 26 -67.04 -41.32 -17.97
C ARG P 26 -67.54 -40.10 -18.73
N SER P 27 -68.83 -39.76 -18.58
CA SER P 27 -69.44 -38.64 -19.28
C SER P 27 -69.83 -37.51 -18.34
N ASN P 28 -69.23 -37.47 -17.15
CA ASN P 28 -69.48 -36.41 -16.19
C ASN P 28 -68.29 -35.48 -16.04
N ILE P 29 -67.12 -36.02 -15.71
CA ILE P 29 -65.87 -35.27 -15.69
C ILE P 29 -64.87 -36.06 -16.51
N GLY P 30 -64.29 -35.42 -17.52
CA GLY P 30 -63.40 -36.10 -18.44
C GLY P 30 -63.73 -35.72 -19.87
N THR P 31 -64.96 -35.25 -20.09
CA THR P 31 -65.37 -34.69 -21.38
C THR P 31 -65.92 -33.28 -21.27
N ASN P 32 -66.31 -32.84 -20.07
CA ASN P 32 -66.85 -31.52 -19.84
C ASN P 32 -66.10 -30.86 -18.68
N PHE P 33 -66.12 -29.54 -18.66
CA PHE P 33 -65.45 -28.80 -17.61
C PHE P 33 -66.22 -28.90 -16.28
N VAL P 34 -65.49 -28.76 -15.18
CA VAL P 34 -66.05 -28.85 -13.83
C VAL P 34 -65.72 -27.57 -13.09
N TYR P 35 -66.68 -27.07 -12.32
CA TYR P 35 -66.55 -25.80 -11.62
C TYR P 35 -66.83 -25.98 -10.13
N TRP P 36 -66.20 -25.13 -9.32
CA TRP P 36 -66.30 -25.20 -7.87
C TRP P 36 -67.09 -24.00 -7.36
N TYR P 37 -68.10 -24.27 -6.54
CA TYR P 37 -68.95 -23.23 -5.95
C TYR P 37 -68.96 -23.35 -4.44
N GLN P 38 -68.91 -22.21 -3.77
CA GLN P 38 -69.09 -22.14 -2.32
C GLN P 38 -70.16 -21.11 -2.02
N GLN P 39 -70.82 -21.26 -0.87
CA GLN P 39 -71.87 -20.34 -0.47
C GLN P 39 -71.76 -20.03 1.01
N LEU P 40 -71.92 -18.75 1.35
CA LEU P 40 -71.98 -18.36 2.75
C LEU P 40 -73.32 -18.79 3.35
N PRO P 41 -73.37 -19.04 4.65
CA PRO P 41 -74.65 -19.38 5.29
C PRO P 41 -75.60 -18.19 5.26
N GLY P 42 -76.78 -18.41 4.69
CA GLY P 42 -77.76 -17.34 4.52
C GLY P 42 -77.34 -16.27 3.54
N ALA P 43 -76.75 -16.66 2.41
CA ALA P 43 -76.29 -15.73 1.40
C ALA P 43 -76.31 -16.42 0.04
N ALA P 44 -75.64 -15.79 -0.95
CA ALA P 44 -75.64 -16.30 -2.31
C ALA P 44 -74.28 -16.89 -2.67
N PRO P 45 -74.26 -17.96 -3.46
CA PRO P 45 -72.98 -18.52 -3.92
C PRO P 45 -72.29 -17.60 -4.92
N LYS P 46 -70.99 -17.83 -5.09
CA LYS P 46 -70.14 -17.05 -5.96
C LYS P 46 -69.24 -17.98 -6.78
N LEU P 47 -68.36 -17.39 -7.58
CA LEU P 47 -67.47 -18.13 -8.46
C LEU P 47 -66.06 -18.20 -7.87
N LEU P 48 -65.47 -19.39 -7.90
CA LEU P 48 -64.07 -19.58 -7.51
C LEU P 48 -63.20 -20.04 -8.67
N ILE P 49 -63.55 -21.16 -9.31
CA ILE P 49 -62.71 -21.78 -10.33
C ILE P 49 -63.52 -21.92 -11.61
N TYR P 50 -62.96 -21.47 -12.73
CA TYR P 50 -63.57 -21.60 -14.05
C TYR P 50 -62.52 -22.03 -15.07
N LYS P 51 -62.93 -22.93 -15.98
CA LYS P 51 -62.03 -23.72 -16.84
C LYS P 51 -60.93 -24.44 -16.04
N ASN P 52 -61.26 -24.84 -14.80
CA ASN P 52 -60.50 -25.77 -13.97
C ASN P 52 -59.16 -25.23 -13.47
N ASP P 53 -58.75 -24.07 -13.97
CA ASP P 53 -57.47 -23.48 -13.57
C ASP P 53 -57.59 -22.00 -13.21
N GLN P 54 -58.43 -21.26 -13.91
CA GLN P 54 -58.47 -19.81 -13.77
C GLN P 54 -59.43 -19.38 -12.66
N ARG P 55 -59.16 -18.21 -12.09
CA ARG P 55 -59.96 -17.64 -11.02
C ARG P 55 -60.26 -16.18 -11.35
N PRO P 56 -61.45 -15.70 -11.01
CA PRO P 56 -61.81 -14.32 -11.32
C PRO P 56 -61.10 -13.34 -10.37
N SER P 57 -61.26 -12.05 -10.70
CA SER P 57 -60.67 -10.99 -9.88
C SER P 57 -61.34 -10.92 -8.52
N GLY P 58 -60.54 -10.59 -7.50
CA GLY P 58 -61.02 -10.57 -6.13
C GLY P 58 -60.86 -11.87 -5.39
N VAL P 59 -60.20 -12.87 -5.98
CA VAL P 59 -59.98 -14.17 -5.36
C VAL P 59 -58.51 -14.25 -4.96
N PRO P 60 -58.19 -14.58 -3.72
CA PRO P 60 -56.78 -14.67 -3.31
C PRO P 60 -56.07 -15.86 -3.95
N GLU P 61 -54.75 -15.88 -3.76
CA GLU P 61 -53.88 -16.87 -4.39
C GLU P 61 -53.83 -18.19 -3.65
N ARG P 62 -54.53 -18.33 -2.52
CA ARG P 62 -54.49 -19.56 -1.74
C ARG P 62 -55.42 -20.65 -2.26
N PHE P 63 -56.32 -20.32 -3.20
CA PHE P 63 -57.28 -21.29 -3.72
C PHE P 63 -56.72 -21.91 -5.00
N PHE P 64 -56.71 -23.23 -5.07
CA PHE P 64 -56.20 -23.94 -6.23
C PHE P 64 -56.95 -25.25 -6.41
N GLY P 65 -57.23 -25.59 -7.67
CA GLY P 65 -57.88 -26.85 -7.99
C GLY P 65 -57.43 -27.33 -9.34
N SER P 66 -57.49 -28.65 -9.53
CA SER P 66 -57.03 -29.27 -10.76
C SER P 66 -57.68 -30.64 -10.90
N LYS P 67 -57.61 -31.19 -12.12
CA LYS P 67 -58.09 -32.53 -12.40
C LYS P 67 -57.07 -33.25 -13.26
N SER P 68 -57.02 -34.57 -13.12
CA SER P 68 -56.10 -35.41 -13.88
C SER P 68 -56.84 -36.36 -14.82
N GLY P 69 -57.75 -37.17 -14.29
CA GLY P 69 -58.50 -38.11 -15.10
C GLY P 69 -59.98 -37.84 -15.11
N THR P 70 -60.75 -38.76 -14.53
CA THR P 70 -62.21 -38.63 -14.43
C THR P 70 -62.65 -38.01 -13.11
N SER P 71 -61.70 -37.50 -12.32
CA SER P 71 -62.01 -36.90 -11.03
C SER P 71 -61.23 -35.61 -10.87
N ALA P 72 -61.74 -34.73 -10.03
CA ALA P 72 -61.13 -33.43 -9.77
C ALA P 72 -60.91 -33.25 -8.28
N SER P 73 -59.89 -32.48 -7.94
CA SER P 73 -59.54 -32.22 -6.54
C SER P 73 -59.36 -30.72 -6.34
N LEU P 74 -59.76 -30.26 -5.15
CA LEU P 74 -59.66 -28.86 -4.76
C LEU P 74 -58.87 -28.78 -3.46
N ALA P 75 -57.87 -27.90 -3.42
CA ALA P 75 -57.03 -27.72 -2.25
C ALA P 75 -57.11 -26.27 -1.77
N ILE P 76 -57.34 -26.10 -0.47
CA ILE P 76 -57.41 -24.78 0.15
C ILE P 76 -56.38 -24.72 1.26
N SER P 77 -55.57 -23.65 1.26
CA SER P 77 -54.50 -23.47 2.24
C SER P 77 -54.80 -22.23 3.06
N GLY P 78 -54.93 -22.40 4.37
CA GLY P 78 -55.21 -21.30 5.26
C GLY P 78 -56.67 -21.23 5.65
N LEU P 79 -57.01 -21.72 6.83
CA LEU P 79 -58.40 -21.82 7.30
C LEU P 79 -58.52 -21.02 8.59
N ARG P 80 -58.94 -19.76 8.47
CA ARG P 80 -59.14 -18.90 9.63
C ARG P 80 -60.60 -18.53 9.83
N SER P 81 -61.23 -17.89 8.84
CA SER P 81 -62.62 -17.49 8.97
C SER P 81 -63.47 -17.70 7.72
N GLU P 82 -62.87 -18.03 6.57
CA GLU P 82 -63.62 -18.07 5.31
C GLU P 82 -63.80 -19.47 4.74
N ASP P 83 -63.07 -20.46 5.23
CA ASP P 83 -63.17 -21.82 4.70
C ASP P 83 -64.14 -22.70 5.49
N GLU P 84 -64.87 -22.13 6.45
CA GLU P 84 -65.87 -22.89 7.19
C GLU P 84 -67.16 -23.08 6.41
N VAL P 85 -67.31 -22.41 5.27
CA VAL P 85 -68.50 -22.55 4.42
C VAL P 85 -68.42 -23.85 3.64
N ASP P 86 -69.54 -24.27 3.07
CA ASP P 86 -69.60 -25.50 2.29
C ASP P 86 -69.14 -25.27 0.86
N TYR P 87 -68.85 -26.37 0.17
CA TYR P 87 -68.40 -26.34 -1.21
C TYR P 87 -69.24 -27.29 -2.05
N TYR P 88 -69.37 -26.96 -3.33
CA TYR P 88 -70.14 -27.77 -4.28
C TYR P 88 -69.32 -28.01 -5.53
N CYS P 89 -69.55 -29.16 -6.15
CA CYS P 89 -68.82 -29.60 -7.35
C CYS P 89 -69.80 -29.57 -8.53
N ALA P 90 -69.76 -28.48 -9.28
CA ALA P 90 -70.66 -28.29 -10.41
C ALA P 90 -69.98 -28.70 -11.72
N ALA P 91 -70.68 -29.51 -12.50
CA ALA P 91 -70.16 -29.98 -13.79
C ALA P 91 -71.32 -30.08 -14.76
N TRP P 92 -71.06 -30.66 -15.94
CA TRP P 92 -72.10 -30.81 -16.95
C TRP P 92 -71.95 -32.19 -17.58
N ASP P 93 -73.07 -32.74 -18.05
CA ASP P 93 -73.08 -34.07 -18.66
C ASP P 93 -74.11 -34.09 -19.78
N ASP P 94 -74.32 -35.28 -20.34
CA ASP P 94 -75.27 -35.47 -21.44
C ASP P 94 -76.48 -36.32 -21.07
N SER P 95 -76.39 -37.10 -19.98
CA SER P 95 -77.51 -37.97 -19.60
C SER P 95 -78.70 -37.16 -19.09
N LEU P 96 -78.45 -36.20 -18.20
CA LEU P 96 -79.49 -35.31 -17.72
C LEU P 96 -79.69 -34.09 -18.60
N SER P 97 -78.81 -33.89 -19.59
CA SER P 97 -78.88 -32.77 -20.54
C SER P 97 -78.89 -31.42 -19.82
N GLY P 98 -78.09 -31.30 -18.76
CA GLY P 98 -78.06 -30.06 -18.02
C GLY P 98 -77.03 -30.12 -16.91
N HIS P 99 -76.94 -29.01 -16.17
CA HIS P 99 -75.97 -28.90 -15.08
C HIS P 99 -76.35 -29.83 -13.93
N VAL P 100 -75.35 -30.49 -13.36
CA VAL P 100 -75.52 -31.38 -12.22
C VAL P 100 -74.63 -30.86 -11.09
N PHE P 101 -75.04 -31.15 -9.85
CA PHE P 101 -74.33 -30.70 -8.67
C PHE P 101 -74.07 -31.86 -7.72
N GLY P 102 -73.04 -31.70 -6.89
CA GLY P 102 -72.71 -32.71 -5.91
C GLY P 102 -73.62 -32.67 -4.70
N ALA P 103 -73.40 -33.65 -3.80
CA ALA P 103 -74.21 -33.72 -2.59
C ALA P 103 -73.88 -32.58 -1.63
N GLY P 104 -72.60 -32.26 -1.49
CA GLY P 104 -72.19 -31.18 -0.60
C GLY P 104 -71.12 -31.58 0.38
N THR P 105 -70.07 -30.78 0.49
CA THR P 105 -68.96 -31.02 1.39
C THR P 105 -68.96 -29.97 2.50
N LYS P 106 -68.93 -30.43 3.75
CA LYS P 106 -68.89 -29.55 4.90
C LYS P 106 -67.45 -29.46 5.41
N VAL P 107 -66.93 -28.25 5.51
CA VAL P 107 -65.54 -28.00 5.91
C VAL P 107 -65.55 -27.31 7.27
N THR P 108 -64.81 -27.87 8.22
CA THR P 108 -64.68 -27.33 9.56
C THR P 108 -63.19 -27.23 9.91
N VAL P 109 -62.92 -26.82 11.15
CA VAL P 109 -61.56 -26.70 11.65
C VAL P 109 -61.43 -27.47 12.96
N LEU P 110 -60.20 -27.83 13.27
CA LEU P 110 -59.92 -28.59 14.50
C LEU P 110 -59.70 -27.64 15.68
N GLY P 118 -63.93 -26.20 18.94
CA GLY P 118 -63.34 -26.43 20.25
C GLY P 118 -63.98 -25.61 21.35
N GLN P 119 -65.02 -26.15 21.96
CA GLN P 119 -65.74 -25.49 23.04
C GLN P 119 -65.90 -26.44 24.21
N PRO P 120 -65.94 -25.91 25.44
CA PRO P 120 -66.16 -26.77 26.60
C PRO P 120 -67.57 -27.36 26.61
N LYS P 121 -67.68 -28.54 27.23
CA LYS P 121 -68.97 -29.22 27.32
C LYS P 121 -69.87 -28.49 28.32
N ALA P 122 -71.11 -28.22 27.90
CA ALA P 122 -72.09 -27.54 28.74
C ALA P 122 -73.12 -28.53 29.24
N ALA P 123 -73.36 -28.52 30.55
CA ALA P 123 -74.35 -29.41 31.14
C ALA P 123 -75.75 -28.97 30.72
N PRO P 124 -76.65 -29.91 30.43
CA PRO P 124 -78.02 -29.54 30.06
C PRO P 124 -78.79 -28.97 31.24
N SER P 125 -79.71 -28.07 30.92
CA SER P 125 -80.56 -27.41 31.92
C SER P 125 -82.02 -27.54 31.45
N VAL P 126 -82.66 -28.63 31.83
CA VAL P 126 -84.05 -28.89 31.46
C VAL P 126 -84.96 -28.28 32.53
N THR P 127 -86.03 -27.63 32.07
CA THR P 127 -87.00 -26.99 32.96
C THR P 127 -88.40 -27.41 32.51
N LEU P 128 -89.01 -28.34 33.24
CA LEU P 128 -90.36 -28.79 32.92
C LEU P 128 -91.37 -27.77 33.45
N PHE P 129 -92.16 -27.20 32.55
CA PHE P 129 -93.12 -26.18 32.92
C PHE P 129 -94.52 -26.79 32.95
N PRO P 130 -95.15 -26.90 34.13
CA PRO P 130 -96.53 -27.38 34.16
C PRO P 130 -97.47 -26.32 33.60
N PRO P 131 -98.63 -26.73 33.08
CA PRO P 131 -99.61 -25.74 32.61
C PRO P 131 -100.16 -24.91 33.76
N SER P 132 -100.43 -23.63 33.46
CA SER P 132 -100.94 -22.71 34.46
C SER P 132 -102.45 -22.88 34.64
N SER P 133 -102.98 -22.22 35.67
CA SER P 133 -104.42 -22.27 35.91
C SER P 133 -105.20 -21.52 34.84
N GLU P 134 -104.55 -20.57 34.16
CA GLU P 134 -105.19 -19.89 33.04
C GLU P 134 -105.44 -20.84 31.87
N GLU P 135 -104.61 -21.88 31.74
CA GLU P 135 -104.88 -22.91 30.75
C GLU P 135 -105.99 -23.86 31.21
N LEU P 136 -106.05 -24.14 32.52
CA LEU P 136 -107.07 -25.05 33.04
C LEU P 136 -108.46 -24.43 32.99
N GLN P 137 -108.57 -23.11 33.22
CA GLN P 137 -109.88 -22.46 33.13
C GLN P 137 -110.37 -22.34 31.69
N ALA P 138 -109.45 -22.43 30.72
CA ALA P 138 -109.80 -22.41 29.30
C ALA P 138 -109.88 -23.81 28.71
N ASN P 139 -109.77 -24.85 29.55
CA ASN P 139 -109.87 -26.26 29.17
C ASN P 139 -108.81 -26.64 28.13
N LYS P 140 -107.55 -26.46 28.51
CA LYS P 140 -106.43 -26.85 27.69
C LYS P 140 -105.23 -27.14 28.58
N ALA P 141 -104.36 -28.03 28.12
CA ALA P 141 -103.18 -28.42 28.88
C ALA P 141 -102.12 -28.92 27.91
N THR P 142 -101.08 -28.12 27.69
CA THR P 142 -99.97 -28.49 26.81
C THR P 142 -98.73 -28.68 27.68
N LEU P 143 -98.31 -29.94 27.82
CA LEU P 143 -97.13 -30.27 28.61
C LEU P 143 -95.88 -29.92 27.81
N VAL P 144 -95.06 -29.01 28.36
CA VAL P 144 -93.87 -28.53 27.66
C VAL P 144 -92.68 -28.65 28.59
N CYS P 145 -91.53 -29.02 28.02
CA CYS P 145 -90.26 -29.06 28.73
C CYS P 145 -89.13 -28.90 27.72
N LEU P 146 -88.28 -27.91 27.95
CA LEU P 146 -87.27 -27.50 26.99
C LEU P 146 -85.88 -27.62 27.60
N ILE P 147 -84.89 -27.93 26.75
CA ILE P 147 -83.50 -28.06 27.17
C ILE P 147 -82.69 -27.00 26.43
N SER P 148 -81.90 -26.24 27.17
CA SER P 148 -81.10 -25.16 26.60
C SER P 148 -79.69 -25.20 27.18
N ASP P 149 -78.76 -24.60 26.44
CA ASP P 149 -77.35 -24.46 26.82
C ASP P 149 -76.69 -25.83 27.05
N PHE P 150 -76.64 -26.61 25.97
CA PHE P 150 -76.01 -27.93 26.00
C PHE P 150 -75.11 -28.08 24.79
N TYR P 151 -74.00 -28.79 24.98
CA TYR P 151 -73.01 -29.02 23.94
C TYR P 151 -72.21 -30.29 24.25
N PRO P 152 -72.09 -31.23 23.30
CA PRO P 152 -72.69 -31.23 21.96
C PRO P 152 -74.14 -31.70 21.97
N GLY P 153 -74.84 -31.51 20.85
CA GLY P 153 -76.23 -31.92 20.77
C GLY P 153 -76.41 -33.42 20.70
N ALA P 154 -76.88 -34.01 21.80
CA ALA P 154 -77.17 -35.44 21.87
C ALA P 154 -78.40 -35.71 22.73
N VAL P 155 -79.30 -34.72 22.84
CA VAL P 155 -80.41 -34.83 23.76
C VAL P 155 -81.46 -35.79 23.22
N THR P 156 -82.20 -36.41 24.15
CA THR P 156 -83.30 -37.30 23.80
C THR P 156 -84.34 -37.18 24.91
N VAL P 157 -85.47 -36.56 24.60
CA VAL P 157 -86.52 -36.33 25.59
C VAL P 157 -87.42 -37.54 25.67
N ALA P 158 -87.80 -37.93 26.89
CA ALA P 158 -88.68 -39.06 27.12
C ALA P 158 -89.92 -38.59 27.85
N TRP P 159 -91.09 -38.90 27.30
CA TRP P 159 -92.37 -38.51 27.89
C TRP P 159 -92.83 -39.65 28.81
N LYS P 160 -92.55 -39.51 30.10
CA LYS P 160 -92.85 -40.54 31.09
C LYS P 160 -93.98 -40.05 31.98
N ALA P 161 -95.05 -40.84 32.06
CA ALA P 161 -96.13 -40.56 33.02
C ALA P 161 -95.91 -41.32 34.33
N ASP P 162 -94.69 -41.21 34.85
CA ASP P 162 -94.24 -41.70 36.15
C ASP P 162 -94.21 -43.23 36.28
N SER P 163 -94.70 -43.95 35.28
CA SER P 163 -94.61 -45.40 35.31
C SER P 163 -94.32 -46.05 33.96
N SER P 164 -94.28 -45.31 32.85
CA SER P 164 -94.14 -45.89 31.53
C SER P 164 -93.82 -44.81 30.49
N PRO P 165 -92.97 -45.11 29.51
CA PRO P 165 -92.75 -44.17 28.40
C PRO P 165 -93.90 -44.21 27.41
N VAL P 166 -94.72 -43.16 27.41
CA VAL P 166 -95.88 -43.05 26.54
C VAL P 166 -95.62 -41.98 25.51
N LYS P 167 -95.71 -42.34 24.23
CA LYS P 167 -95.50 -41.42 23.12
C LYS P 167 -96.75 -41.40 22.25
N ALA P 168 -97.34 -40.21 22.12
CA ALA P 168 -98.52 -40.02 21.26
C ALA P 168 -98.59 -38.56 20.90
N GLY P 169 -98.43 -38.24 19.62
CA GLY P 169 -98.40 -36.87 19.17
C GLY P 169 -97.15 -36.13 19.62
N VAL P 170 -95.98 -36.71 19.35
CA VAL P 170 -94.71 -36.08 19.68
C VAL P 170 -94.32 -35.12 18.55
N GLU P 171 -93.94 -33.90 18.92
CA GLU P 171 -93.39 -32.93 17.97
C GLU P 171 -92.03 -32.49 18.49
N THR P 172 -90.97 -33.06 17.92
CA THR P 172 -89.60 -32.77 18.33
C THR P 172 -88.86 -32.12 17.18
N THR P 173 -88.26 -30.95 17.44
CA THR P 173 -87.49 -30.22 16.44
C THR P 173 -86.00 -30.52 16.61
N THR P 174 -85.17 -29.82 15.83
CA THR P 174 -83.73 -29.96 15.89
C THR P 174 -83.10 -28.77 16.62
N PRO P 175 -81.99 -28.98 17.31
CA PRO P 175 -81.27 -27.85 17.92
C PRO P 175 -80.71 -26.90 16.86
N SER P 176 -80.66 -25.61 17.22
CA SER P 176 -80.19 -24.57 16.32
C SER P 176 -78.99 -23.86 16.94
N LYS P 177 -78.09 -23.40 16.07
CA LYS P 177 -76.89 -22.70 16.50
C LYS P 177 -77.23 -21.24 16.81
N GLN P 178 -77.02 -20.84 18.05
CA GLN P 178 -77.29 -19.47 18.49
C GLN P 178 -76.05 -18.60 18.25
N SER P 179 -76.06 -17.39 18.80
CA SER P 179 -74.93 -16.48 18.62
C SER P 179 -73.72 -16.87 19.46
N ASN P 180 -73.90 -17.72 20.47
CA ASN P 180 -72.81 -18.17 21.32
C ASN P 180 -72.32 -19.56 20.95
N ASN P 181 -72.65 -20.04 19.74
CA ASN P 181 -72.30 -21.37 19.24
C ASN P 181 -72.80 -22.47 20.18
N LYS P 182 -74.02 -22.33 20.66
CA LYS P 182 -74.66 -23.29 21.55
C LYS P 182 -75.89 -23.89 20.87
N TYR P 183 -76.64 -24.69 21.62
CA TYR P 183 -77.82 -25.35 21.11
C TYR P 183 -78.98 -25.18 22.08
N ALA P 184 -80.20 -25.18 21.54
CA ALA P 184 -81.40 -25.04 22.36
C ALA P 184 -82.51 -25.85 21.69
N ALA P 185 -82.73 -27.07 22.17
CA ALA P 185 -83.74 -27.94 21.61
C ALA P 185 -85.12 -27.64 22.19
N SER P 186 -86.14 -28.18 21.54
CA SER P 186 -87.52 -27.97 21.99
C SER P 186 -88.34 -29.21 21.64
N SER P 187 -89.39 -29.44 22.43
CA SER P 187 -90.26 -30.60 22.22
C SER P 187 -91.59 -30.33 22.92
N TYR P 188 -92.68 -30.50 22.18
CA TYR P 188 -94.03 -30.29 22.70
C TYR P 188 -94.87 -31.56 22.52
N LEU P 189 -95.87 -31.70 23.38
CA LEU P 189 -96.82 -32.80 23.27
C LEU P 189 -98.12 -32.36 23.92
N SER P 190 -99.14 -32.12 23.11
CA SER P 190 -100.41 -31.62 23.62
C SER P 190 -101.30 -32.77 24.09
N LEU P 191 -102.03 -32.53 25.18
CA LEU P 191 -102.94 -33.52 25.76
C LEU P 191 -104.25 -32.84 26.12
N THR P 192 -105.27 -33.67 26.33
CA THR P 192 -106.53 -33.17 26.87
C THR P 192 -106.32 -32.76 28.33
N PRO P 193 -107.03 -31.73 28.82
CA PRO P 193 -106.83 -31.30 30.21
C PRO P 193 -107.18 -32.36 31.25
N GLU P 194 -108.18 -33.20 31.00
CA GLU P 194 -108.55 -34.22 31.97
C GLU P 194 -107.50 -35.32 32.08
N GLN P 195 -106.82 -35.65 30.98
CA GLN P 195 -105.76 -36.65 31.03
C GLN P 195 -104.55 -36.12 31.80
N TRP P 196 -104.21 -34.84 31.62
CA TRP P 196 -103.12 -34.25 32.39
C TRP P 196 -103.49 -34.12 33.87
N LYS P 197 -104.75 -33.77 34.16
CA LYS P 197 -105.17 -33.67 35.56
C LYS P 197 -105.28 -35.03 36.22
N SER P 198 -105.51 -36.09 35.46
CA SER P 198 -105.57 -37.44 36.04
C SER P 198 -104.19 -37.93 36.48
N HIS P 199 -103.12 -37.42 35.88
CA HIS P 199 -101.78 -37.83 36.25
C HIS P 199 -101.40 -37.30 37.62
N ARG P 200 -100.70 -38.12 38.41
CA ARG P 200 -100.24 -37.68 39.72
C ARG P 200 -99.16 -36.61 39.60
N SER P 201 -98.22 -36.79 38.68
CA SER P 201 -97.16 -35.81 38.44
C SER P 201 -96.65 -36.02 37.01
N TYR P 202 -95.54 -35.36 36.69
CA TYR P 202 -94.93 -35.51 35.37
C TYR P 202 -93.44 -35.24 35.49
N SER P 203 -92.68 -35.85 34.58
CA SER P 203 -91.23 -35.67 34.56
C SER P 203 -90.73 -35.68 33.13
N CYS P 204 -89.74 -34.83 32.85
CA CYS P 204 -89.00 -34.83 31.58
C CYS P 204 -87.53 -35.06 31.91
N GLN P 205 -87.08 -36.30 31.79
CA GLN P 205 -85.67 -36.64 31.94
C GLN P 205 -85.04 -36.68 30.55
N VAL P 206 -83.88 -36.05 30.42
CA VAL P 206 -83.20 -35.93 29.13
C VAL P 206 -81.84 -36.60 29.22
N THR P 207 -81.51 -37.41 28.23
CA THR P 207 -80.25 -38.15 28.18
C THR P 207 -79.28 -37.39 27.27
N HIS P 208 -78.48 -36.53 27.87
CA HIS P 208 -77.44 -35.78 27.15
C HIS P 208 -76.09 -36.25 27.69
N GLU P 209 -75.45 -37.14 26.92
CA GLU P 209 -74.11 -37.70 27.16
C GLU P 209 -74.10 -38.63 28.38
N GLY P 210 -75.24 -38.78 29.05
CA GLY P 210 -75.35 -39.57 30.26
C GLY P 210 -75.61 -38.78 31.52
N SER P 211 -75.51 -37.45 31.48
CA SER P 211 -75.80 -36.61 32.65
C SER P 211 -77.29 -36.28 32.64
N THR P 212 -78.09 -37.25 33.05
CA THR P 212 -79.54 -37.09 33.08
C THR P 212 -79.95 -36.28 34.31
N VAL P 213 -80.70 -35.21 34.09
CA VAL P 213 -81.18 -34.35 35.17
C VAL P 213 -82.66 -34.61 35.36
N GLU P 214 -83.04 -35.01 36.57
CA GLU P 214 -84.42 -35.32 36.88
C GLU P 214 -85.17 -34.03 37.22
N LYS P 215 -86.32 -33.83 36.58
CA LYS P 215 -87.14 -32.63 36.78
C LYS P 215 -88.60 -33.09 36.92
N THR P 216 -89.03 -33.31 38.16
CA THR P 216 -90.40 -33.71 38.45
C THR P 216 -91.09 -32.58 39.20
N VAL P 217 -92.24 -32.14 38.68
CA VAL P 217 -92.99 -31.03 39.27
C VAL P 217 -94.44 -31.48 39.44
N ALA P 218 -95.08 -30.98 40.50
CA ALA P 218 -96.47 -31.26 40.78
C ALA P 218 -97.37 -30.46 39.84
N PRO P 219 -98.57 -30.97 39.54
CA PRO P 219 -99.53 -30.16 38.77
C PRO P 219 -99.96 -28.88 39.47
N THR P 220 -100.01 -28.89 40.79
CA THR P 220 -100.34 -27.69 41.57
C THR P 220 -99.10 -26.96 42.07
N GLU P 221 -97.91 -27.41 41.67
CA GLU P 221 -96.61 -26.85 42.07
C GLU P 221 -96.44 -26.80 43.59
N VAL Q 2 -34.78 -38.35 19.02
CA VAL Q 2 -33.45 -38.39 18.43
C VAL Q 2 -32.43 -38.84 19.47
N GLN Q 3 -31.27 -39.31 19.00
CA GLN Q 3 -30.22 -39.76 19.89
C GLN Q 3 -28.88 -39.59 19.19
N LEU Q 4 -27.82 -39.39 19.98
CA LEU Q 4 -26.47 -39.20 19.47
C LEU Q 4 -25.44 -39.88 20.34
N VAL Q 5 -25.82 -40.99 20.99
CA VAL Q 5 -24.88 -41.70 21.86
C VAL Q 5 -23.85 -42.43 21.02
N GLN Q 6 -22.62 -42.49 21.53
CA GLN Q 6 -21.53 -43.16 20.83
C GLN Q 6 -20.52 -43.66 21.87
N SER Q 7 -19.37 -44.09 21.40
CA SER Q 7 -18.28 -44.53 22.26
C SER Q 7 -17.21 -43.45 22.33
N GLY Q 8 -16.47 -43.44 23.43
CA GLY Q 8 -15.40 -42.47 23.60
C GLY Q 8 -14.24 -42.76 22.66
N ALA Q 9 -13.70 -41.71 22.08
CA ALA Q 9 -12.57 -41.84 21.16
C ALA Q 9 -11.29 -42.13 21.94
N GLU Q 10 -10.46 -43.01 21.37
CA GLU Q 10 -9.21 -43.39 22.00
C GLU Q 10 -8.12 -42.37 21.66
N VAL Q 11 -7.21 -42.17 22.62
CA VAL Q 11 -6.19 -41.13 22.50
C VAL Q 11 -5.18 -41.53 21.42
N LYS Q 12 -4.86 -40.59 20.54
CA LYS Q 12 -4.00 -40.85 19.39
C LYS Q 12 -2.75 -39.99 19.44
N LYS Q 13 -1.60 -40.60 19.19
CA LYS Q 13 -0.36 -39.88 19.05
C LYS Q 13 -0.35 -39.10 17.73
N PRO Q 14 0.50 -38.08 17.61
CA PRO Q 14 0.65 -37.41 16.31
C PRO Q 14 1.14 -38.37 15.23
N GLY Q 15 0.59 -38.21 14.03
CA GLY Q 15 0.88 -39.11 12.93
C GLY Q 15 0.19 -40.45 13.08
N ALA Q 16 -1.14 -40.44 13.14
CA ALA Q 16 -1.93 -41.66 13.31
C ALA Q 16 -3.27 -41.46 12.63
N SER Q 17 -4.19 -42.40 12.87
CA SER Q 17 -5.53 -42.35 12.30
C SER Q 17 -6.55 -42.74 13.37
N VAL Q 18 -7.67 -42.01 13.40
CA VAL Q 18 -8.73 -42.24 14.37
C VAL Q 18 -10.07 -42.24 13.64
N LYS Q 19 -11.04 -42.96 14.20
CA LYS Q 19 -12.38 -43.05 13.63
C LYS Q 19 -13.39 -42.77 14.73
N VAL Q 20 -14.35 -41.88 14.44
CA VAL Q 20 -15.43 -41.58 15.36
C VAL Q 20 -16.75 -41.63 14.59
N SER Q 21 -17.79 -42.08 15.27
CA SER Q 21 -19.10 -42.27 14.64
C SER Q 21 -20.18 -42.24 15.72
N CYS Q 22 -21.20 -41.41 15.53
CA CYS Q 22 -22.32 -41.33 16.46
C CYS Q 22 -23.54 -42.01 15.83
N LYS Q 23 -24.19 -42.86 16.61
CA LYS Q 23 -25.26 -43.71 16.10
C LYS Q 23 -26.51 -42.91 15.77
N ALA Q 24 -27.16 -43.27 14.68
CA ALA Q 24 -28.39 -42.62 14.23
C ALA Q 24 -29.52 -43.65 14.18
N SER Q 25 -30.64 -43.34 14.83
CA SER Q 25 -31.77 -44.25 14.90
C SER Q 25 -33.02 -43.45 15.24
N GLY Q 26 -34.17 -44.11 15.08
CA GLY Q 26 -35.45 -43.48 15.32
C GLY Q 26 -36.02 -42.70 14.17
N TYR Q 27 -35.34 -42.69 13.02
CA TYR Q 27 -35.77 -41.95 11.84
C TYR Q 27 -35.10 -42.59 10.62
N ILE Q 28 -35.31 -42.00 9.46
CA ILE Q 28 -34.70 -42.49 8.22
C ILE Q 28 -33.52 -41.58 7.88
N PHE Q 29 -32.37 -42.20 7.63
CA PHE Q 29 -31.11 -41.45 7.49
C PHE Q 29 -30.84 -41.14 6.01
N SER Q 30 -31.79 -40.44 5.40
CA SER Q 30 -31.66 -40.04 4.01
C SER Q 30 -32.20 -38.63 3.75
N ASP Q 31 -32.52 -37.86 4.80
CA ASP Q 31 -33.11 -36.55 4.62
C ASP Q 31 -32.47 -35.44 5.45
N TYR Q 32 -31.70 -35.76 6.48
CA TYR Q 32 -31.01 -34.77 7.29
C TYR Q 32 -29.51 -34.93 7.12
N ASN Q 33 -28.82 -33.85 6.78
CA ASN Q 33 -27.37 -33.89 6.62
C ASN Q 33 -26.67 -33.69 7.98
N ILE Q 34 -25.91 -34.69 8.39
CA ILE Q 34 -25.21 -34.64 9.66
C ILE Q 34 -23.98 -33.75 9.52
N HIS Q 35 -23.68 -33.00 10.58
CA HIS Q 35 -22.52 -32.12 10.61
C HIS Q 35 -21.52 -32.62 11.64
N TRP Q 36 -20.35 -31.98 11.66
CA TRP Q 36 -19.31 -32.30 12.63
C TRP Q 36 -18.59 -31.02 13.01
N VAL Q 37 -18.19 -30.93 14.28
CA VAL Q 37 -17.55 -29.72 14.80
C VAL Q 37 -16.77 -30.13 16.05
N ARG Q 38 -15.72 -29.36 16.36
CA ARG Q 38 -14.90 -29.60 17.52
C ARG Q 38 -14.93 -28.39 18.45
N GLN Q 39 -14.95 -28.67 19.76
CA GLN Q 39 -15.02 -27.63 20.78
C GLN Q 39 -13.64 -27.50 21.43
N ALA Q 40 -12.86 -26.55 20.93
CA ALA Q 40 -11.54 -26.29 21.51
C ALA Q 40 -11.70 -25.63 22.87
N PRO Q 41 -10.89 -26.00 23.86
CA PRO Q 41 -11.02 -25.40 25.20
C PRO Q 41 -10.55 -23.96 25.21
N GLY Q 42 -11.34 -23.09 25.81
CA GLY Q 42 -11.00 -21.69 25.98
C GLY Q 42 -11.23 -20.81 24.77
N GLN Q 43 -11.79 -21.34 23.68
CA GLN Q 43 -12.03 -20.54 22.48
C GLN Q 43 -13.25 -21.12 21.77
N GLY Q 44 -13.42 -20.73 20.50
CA GLY Q 44 -14.59 -21.09 19.73
C GLY Q 44 -14.48 -22.45 19.07
N LEU Q 45 -15.14 -22.59 17.92
CA LEU Q 45 -15.24 -23.84 17.20
C LEU Q 45 -14.91 -23.62 15.73
N GLU Q 46 -14.50 -24.69 15.06
CA GLU Q 46 -14.19 -24.66 13.64
C GLU Q 46 -14.93 -25.77 12.92
N TRP Q 47 -15.25 -25.52 11.66
CA TRP Q 47 -16.14 -26.37 10.87
C TRP Q 47 -15.50 -26.71 9.54
N MET Q 48 -15.83 -27.88 9.01
CA MET Q 48 -15.19 -28.38 7.79
C MET Q 48 -16.15 -28.73 6.66
N GLY Q 49 -17.39 -29.09 6.95
CA GLY Q 49 -18.33 -29.43 5.89
C GLY Q 49 -19.46 -30.29 6.40
N TRP Q 50 -20.42 -30.52 5.50
CA TRP Q 50 -21.60 -31.32 5.78
C TRP Q 50 -21.48 -32.67 5.10
N ILE Q 51 -22.33 -33.60 5.53
CA ILE Q 51 -22.36 -34.95 4.96
C ILE Q 51 -23.80 -35.24 4.54
N SER Q 52 -24.06 -35.22 3.24
CA SER Q 52 -25.33 -35.72 2.74
C SER Q 52 -25.32 -37.24 2.71
N PRO Q 53 -26.30 -37.89 3.33
CA PRO Q 53 -26.25 -39.36 3.47
C PRO Q 53 -26.75 -40.15 2.27
N ASP Q 54 -26.88 -39.52 1.10
CA ASP Q 54 -27.41 -40.20 -0.08
C ASP Q 54 -26.36 -40.36 -1.18
N SER Q 55 -25.73 -39.28 -1.62
CA SER Q 55 -24.80 -39.31 -2.74
C SER Q 55 -23.53 -38.53 -2.38
N ASP Q 56 -22.59 -38.52 -3.31
CA ASP Q 56 -21.31 -37.81 -3.13
C ASP Q 56 -21.44 -36.38 -3.66
N ASP Q 57 -21.74 -35.45 -2.74
CA ASP Q 57 -21.85 -34.05 -3.09
C ASP Q 57 -21.25 -33.15 -2.03
N THR Q 58 -20.43 -33.70 -1.13
CA THR Q 58 -19.90 -32.93 -0.03
C THR Q 58 -18.80 -31.99 -0.51
N ASN Q 59 -18.38 -31.10 0.39
CA ASN Q 59 -17.35 -30.13 0.09
C ASN Q 59 -16.35 -30.03 1.23
N TYR Q 60 -15.46 -29.04 1.19
CA TYR Q 60 -14.50 -28.83 2.26
C TYR Q 60 -14.41 -27.34 2.56
N ALA Q 61 -13.93 -27.04 3.77
CA ALA Q 61 -13.76 -25.66 4.20
C ALA Q 61 -12.45 -25.09 3.66
N GLN Q 62 -12.22 -23.80 3.93
CA GLN Q 62 -11.03 -23.11 3.44
C GLN Q 62 -9.76 -23.53 4.19
N SER Q 63 -9.88 -23.98 5.44
CA SER Q 63 -8.71 -24.34 6.23
C SER Q 63 -8.45 -25.83 6.30
N PHE Q 64 -9.40 -26.66 5.91
CA PHE Q 64 -9.28 -28.12 5.96
C PHE Q 64 -9.48 -28.66 4.55
N GLN Q 65 -8.37 -28.99 3.88
CA GLN Q 65 -8.42 -29.51 2.52
C GLN Q 65 -8.38 -31.04 2.50
N GLY Q 66 -7.33 -31.64 3.05
CA GLY Q 66 -7.16 -33.07 3.00
C GLY Q 66 -6.95 -33.73 4.36
N ARG Q 67 -6.92 -32.92 5.42
CA ARG Q 67 -6.71 -33.46 6.76
C ARG Q 67 -7.92 -34.25 7.24
N VAL Q 68 -9.11 -33.97 6.70
CA VAL Q 68 -10.29 -34.77 6.96
C VAL Q 68 -10.69 -35.51 5.68
N THR Q 69 -11.02 -36.79 5.84
CA THR Q 69 -11.55 -37.61 4.77
C THR Q 69 -12.86 -38.21 5.24
N MET Q 70 -13.78 -38.38 4.30
CA MET Q 70 -15.19 -38.55 4.64
C MET Q 70 -15.72 -39.82 3.98
N THR Q 71 -16.61 -40.51 4.69
CA THR Q 71 -17.14 -41.78 4.21
C THR Q 71 -18.51 -42.03 4.81
N ARG Q 72 -19.49 -42.31 3.95
CA ARG Q 72 -20.85 -42.64 4.39
C ARG Q 72 -21.05 -44.15 4.40
N ASP Q 73 -22.13 -44.57 5.08
CA ASP Q 73 -22.47 -45.99 5.18
C ASP Q 73 -23.98 -46.08 5.38
N THR Q 74 -24.70 -46.44 4.32
CA THR Q 74 -26.16 -46.52 4.39
C THR Q 74 -26.65 -47.85 4.96
N SER Q 75 -25.80 -48.87 5.03
CA SER Q 75 -26.23 -50.16 5.58
C SER Q 75 -26.42 -50.08 7.09
N ILE Q 76 -25.56 -49.32 7.77
CA ILE Q 76 -25.64 -49.15 9.22
C ILE Q 76 -26.22 -47.79 9.59
N THR Q 77 -26.39 -46.89 8.62
CA THR Q 77 -26.89 -45.51 8.81
C THR Q 77 -26.06 -44.76 9.84
N THR Q 78 -24.74 -44.89 9.72
CA THR Q 78 -23.80 -44.15 10.55
C THR Q 78 -22.65 -43.66 9.68
N VAL Q 79 -22.31 -42.39 9.84
CA VAL Q 79 -21.23 -41.79 9.07
C VAL Q 79 -19.90 -42.22 9.69
N TYR Q 80 -18.87 -42.33 8.86
CA TYR Q 80 -17.54 -42.73 9.29
C TYR Q 80 -16.52 -41.67 8.88
N MET Q 81 -15.45 -41.60 9.66
CA MET Q 81 -14.40 -40.59 9.49
C MET Q 81 -13.04 -41.24 9.64
N GLU Q 82 -12.09 -40.80 8.82
CA GLU Q 82 -10.72 -41.28 8.90
C GLU Q 82 -9.86 -40.01 9.00
N LEU Q 83 -9.59 -39.59 10.23
CA LEU Q 83 -8.81 -38.38 10.47
C LEU Q 83 -7.34 -38.68 10.30
N SER Q 84 -6.62 -37.75 9.67
CA SER Q 84 -5.19 -37.90 9.41
C SER Q 84 -4.47 -36.63 9.80
N SER Q 85 -3.17 -36.78 10.10
CA SER Q 85 -2.26 -35.70 10.46
C SER Q 85 -2.77 -34.94 11.71
N LEU Q 86 -2.83 -35.67 12.82
CA LEU Q 86 -3.27 -35.08 14.08
C LEU Q 86 -2.12 -34.29 14.72
N ARG Q 87 -2.36 -33.01 14.98
CA ARG Q 87 -1.37 -32.14 15.62
C ARG Q 87 -1.91 -31.61 16.94
N SER Q 88 -1.17 -30.69 17.55
CA SER Q 88 -1.56 -30.15 18.87
C SER Q 88 -2.80 -29.28 18.80
N ASP Q 89 -3.12 -28.72 17.63
CA ASP Q 89 -4.32 -27.90 17.49
C ASP Q 89 -5.59 -28.74 17.34
N ASP Q 90 -5.46 -30.05 17.17
CA ASP Q 90 -6.61 -30.95 17.03
C ASP Q 90 -7.15 -31.39 18.38
N THR Q 91 -6.49 -31.02 19.48
CA THR Q 91 -6.88 -31.48 20.81
C THR Q 91 -8.17 -30.79 21.24
N ALA Q 92 -9.30 -31.45 20.98
CA ALA Q 92 -10.62 -30.93 21.34
C ALA Q 92 -11.60 -32.09 21.32
N VAL Q 93 -12.72 -31.89 22.01
CA VAL Q 93 -13.80 -32.87 21.98
C VAL Q 93 -14.55 -32.75 20.66
N TYR Q 94 -14.98 -33.88 20.11
CA TYR Q 94 -15.63 -33.93 18.81
C TYR Q 94 -17.12 -34.15 19.00
N PHE Q 95 -17.92 -33.25 18.44
CA PHE Q 95 -19.38 -33.31 18.51
C PHE Q 95 -19.95 -33.38 17.10
N CYS Q 96 -20.91 -34.27 16.89
CA CYS Q 96 -21.65 -34.32 15.63
C CYS Q 96 -22.94 -33.54 15.80
N ALA Q 97 -23.12 -32.51 14.95
CA ALA Q 97 -24.22 -31.57 15.10
C ALA Q 97 -25.37 -31.98 14.20
N ARG Q 98 -26.55 -32.16 14.79
CA ARG Q 98 -27.74 -32.47 14.01
C ARG Q 98 -28.24 -31.23 13.28
N SER Q 99 -28.80 -31.45 12.08
CA SER Q 99 -29.30 -30.39 11.23
C SER Q 99 -30.72 -30.71 10.77
N VAL Q 100 -31.50 -29.67 10.54
CA VAL Q 100 -32.84 -29.80 10.00
C VAL Q 100 -32.81 -29.45 8.52
N GLY Q 101 -33.74 -30.05 7.76
CA GLY Q 101 -33.84 -29.75 6.35
C GLY Q 101 -32.77 -30.44 5.52
N TYR Q 102 -32.69 -30.02 4.26
CA TYR Q 102 -31.73 -30.56 3.31
C TYR Q 102 -31.03 -29.40 2.61
N CYS Q 103 -29.72 -29.55 2.41
CA CYS Q 103 -28.93 -28.51 1.77
C CYS Q 103 -27.83 -29.18 0.96
N SER Q 104 -27.86 -28.99 -0.35
CA SER Q 104 -26.83 -29.54 -1.23
C SER Q 104 -25.89 -28.46 -1.77
N LEU Q 105 -26.40 -27.27 -2.05
CA LEU Q 105 -25.60 -26.18 -2.57
C LEU Q 105 -24.99 -25.39 -1.42
N ASN Q 106 -24.37 -24.25 -1.74
CA ASN Q 106 -23.67 -23.43 -0.75
C ASN Q 106 -24.46 -22.20 -0.32
N SER Q 107 -25.75 -22.14 -0.67
CA SER Q 107 -26.58 -21.01 -0.32
C SER Q 107 -27.92 -21.38 0.29
N CYS Q 108 -28.13 -22.65 0.66
CA CYS Q 108 -29.40 -23.11 1.19
C CYS Q 108 -29.42 -23.33 2.69
N GLN Q 109 -28.29 -23.19 3.37
CA GLN Q 109 -28.19 -23.49 4.79
C GLN Q 109 -28.43 -22.27 5.67
N ARG Q 110 -28.73 -21.11 5.09
CA ARG Q 110 -28.91 -19.92 5.91
C ARG Q 110 -30.19 -19.99 6.73
N TRP Q 111 -31.22 -20.68 6.22
CA TRP Q 111 -32.41 -20.95 7.02
C TRP Q 111 -32.21 -22.17 7.92
N MET Q 112 -31.18 -22.96 7.65
CA MET Q 112 -30.89 -24.16 8.45
C MET Q 112 -30.29 -23.76 9.78
N TRP Q 113 -30.68 -24.49 10.84
CA TRP Q 113 -30.19 -24.27 12.19
C TRP Q 113 -29.85 -25.60 12.82
N PHE Q 114 -28.84 -25.60 13.70
CA PHE Q 114 -28.37 -26.84 14.31
C PHE Q 114 -29.38 -27.35 15.32
N ASP Q 115 -29.82 -28.61 15.13
CA ASP Q 115 -30.97 -29.12 15.88
C ASP Q 115 -30.57 -29.64 17.26
N THR Q 116 -29.73 -30.68 17.30
CA THR Q 116 -29.50 -31.44 18.52
C THR Q 116 -28.02 -31.70 18.72
N TRP Q 117 -27.57 -31.54 19.96
CA TRP Q 117 -26.22 -31.89 20.39
C TRP Q 117 -26.32 -32.91 21.52
N GLY Q 118 -25.45 -33.93 21.50
CA GLY Q 118 -25.44 -34.86 22.62
C GLY Q 118 -24.30 -35.86 22.69
N GLN Q 119 -23.57 -35.82 23.82
CA GLN Q 119 -22.57 -36.82 24.23
C GLN Q 119 -21.48 -36.99 23.16
N GLY Q 120 -20.58 -36.01 23.13
CA GLY Q 120 -19.46 -36.07 22.23
C GLY Q 120 -18.34 -36.97 22.74
N ALA Q 121 -17.39 -37.25 21.84
CA ALA Q 121 -16.24 -38.05 22.18
C ALA Q 121 -15.05 -37.14 22.54
N LEU Q 122 -14.07 -37.73 23.21
CA LEU Q 122 -12.89 -37.01 23.68
C LEU Q 122 -11.69 -37.38 22.81
N VAL Q 123 -11.11 -36.37 22.17
CA VAL Q 123 -9.93 -36.54 21.31
C VAL Q 123 -8.83 -35.66 21.85
N THR Q 124 -7.66 -36.22 22.14
CA THR Q 124 -6.51 -35.40 22.55
C THR Q 124 -5.22 -35.81 21.83
N VAL Q 125 -4.69 -34.92 20.99
CA VAL Q 125 -3.48 -35.24 20.24
C VAL Q 125 -2.27 -35.03 21.12
N SER Q 126 -1.48 -36.07 21.32
CA SER Q 126 -0.35 -35.96 22.22
C SER Q 126 0.82 -36.86 21.85
N SER Q 127 2.03 -36.32 21.91
CA SER Q 127 3.20 -37.09 21.54
C SER Q 127 3.48 -38.20 22.53
N ALA Q 128 3.70 -37.85 23.78
CA ALA Q 128 3.87 -38.87 24.80
C ALA Q 128 2.50 -39.44 25.08
N SER Q 129 2.36 -40.76 25.04
CA SER Q 129 1.04 -41.34 25.22
C SER Q 129 0.94 -42.39 26.31
N THR Q 130 -0.09 -43.23 26.26
CA THR Q 130 -0.33 -44.22 27.32
C THR Q 130 0.88 -45.02 27.74
N LYS Q 131 0.91 -45.45 29.01
CA LYS Q 131 2.04 -46.20 29.53
C LYS Q 131 1.77 -46.71 30.94
N GLY Q 132 2.28 -47.89 31.31
CA GLY Q 132 1.97 -48.39 32.62
C GLY Q 132 2.62 -47.58 33.72
N PRO Q 133 1.86 -47.21 34.74
CA PRO Q 133 2.41 -46.40 35.82
C PRO Q 133 3.32 -47.21 36.74
N SER Q 134 4.29 -46.52 37.32
CA SER Q 134 5.22 -47.06 38.32
C SER Q 134 5.27 -46.15 39.53
N VAL Q 135 4.10 -45.78 40.02
CA VAL Q 135 3.97 -44.75 41.05
C VAL Q 135 4.42 -45.30 42.39
N PHE Q 136 5.21 -44.49 43.11
CA PHE Q 136 5.80 -44.68 44.44
C PHE Q 136 5.10 -43.78 45.46
N PRO Q 137 5.03 -44.20 46.72
CA PRO Q 137 4.32 -43.41 47.73
C PRO Q 137 4.97 -42.07 48.02
N LEU Q 138 4.14 -41.10 48.38
CA LEU Q 138 4.56 -39.74 48.69
C LEU Q 138 4.41 -39.50 50.19
N ALA Q 139 5.47 -38.95 50.80
CA ALA Q 139 5.47 -38.69 52.23
C ALA Q 139 4.56 -37.51 52.58
N PRO Q 140 3.92 -37.55 53.74
CA PRO Q 140 3.10 -36.42 54.19
C PRO Q 140 3.97 -35.28 54.71
N SER Q 141 3.30 -34.24 55.20
CA SER Q 141 3.99 -33.07 55.74
C SER Q 141 4.63 -33.38 57.09
N THR Q 149 -3.76 -29.44 62.79
CA THR Q 149 -4.15 -30.54 61.92
C THR Q 149 -3.03 -30.91 60.95
N ALA Q 150 -3.16 -32.08 60.32
CA ALA Q 150 -2.17 -32.57 59.38
C ALA Q 150 -2.87 -33.01 58.09
N ALA Q 151 -2.09 -33.04 57.01
CA ALA Q 151 -2.59 -33.42 55.70
C ALA Q 151 -1.65 -34.45 55.08
N LEU Q 152 -2.22 -35.30 54.22
CA LEU Q 152 -1.45 -36.31 53.52
C LEU Q 152 -2.15 -36.64 52.21
N GLY Q 153 -1.37 -37.21 51.28
CA GLY Q 153 -1.91 -37.59 50.00
C GLY Q 153 -0.87 -38.31 49.18
N CYS Q 154 -1.32 -38.91 48.09
CA CYS Q 154 -0.46 -39.61 47.15
C CYS Q 154 -0.62 -39.00 45.76
N LEU Q 155 0.51 -38.68 45.13
CA LEU Q 155 0.51 -38.06 43.82
C LEU Q 155 0.89 -39.10 42.76
N VAL Q 156 0.14 -39.08 41.65
CA VAL Q 156 0.32 -40.02 40.56
C VAL Q 156 1.12 -39.35 39.44
N LYS Q 157 2.03 -40.11 38.84
CA LYS Q 157 2.86 -39.59 37.75
C LYS Q 157 3.28 -40.75 36.85
N ASP Q 158 3.82 -40.40 35.69
CA ASP Q 158 4.30 -41.34 34.66
C ASP Q 158 3.16 -42.27 34.23
N TYR Q 159 2.12 -41.66 33.66
CA TYR Q 159 0.95 -42.39 33.22
C TYR Q 159 0.26 -41.62 32.10
N PHE Q 160 -0.54 -42.33 31.32
CA PHE Q 160 -1.23 -41.76 30.17
C PHE Q 160 -2.38 -42.67 29.80
N PRO Q 161 -3.59 -42.14 29.54
CA PRO Q 161 -3.95 -40.72 29.58
C PRO Q 161 -4.77 -40.34 30.83
N GLU Q 162 -5.24 -39.11 30.86
CA GLU Q 162 -6.13 -38.65 31.91
C GLU Q 162 -7.51 -39.29 31.75
N PRO Q 163 -8.26 -39.49 32.85
CA PRO Q 163 -7.88 -39.31 34.25
C PRO Q 163 -7.67 -40.62 35.01
N VAL Q 164 -7.41 -40.52 36.31
CA VAL Q 164 -7.35 -41.67 37.20
C VAL Q 164 -8.18 -41.35 38.44
N THR Q 165 -8.63 -42.40 39.11
CA THR Q 165 -9.47 -42.28 40.30
C THR Q 165 -8.68 -42.68 41.53
N VAL Q 166 -8.63 -41.79 42.53
CA VAL Q 166 -7.92 -42.04 43.78
C VAL Q 166 -8.97 -42.31 44.85
N SER Q 167 -8.96 -43.51 45.40
CA SER Q 167 -9.89 -43.92 46.44
C SER Q 167 -9.10 -44.22 47.72
N TRP Q 168 -9.60 -43.73 48.85
CA TRP Q 168 -8.95 -43.89 50.14
C TRP Q 168 -9.77 -44.82 51.03
N ASN Q 169 -9.06 -45.68 51.78
CA ASN Q 169 -9.66 -46.64 52.69
C ASN Q 169 -10.65 -47.57 51.99
N SER Q 170 -10.28 -48.00 50.78
CA SER Q 170 -11.09 -48.88 49.92
C SER Q 170 -12.48 -48.30 49.66
N GLY Q 171 -12.53 -46.99 49.41
CA GLY Q 171 -13.78 -46.32 49.10
C GLY Q 171 -14.67 -46.00 50.28
N ALA Q 172 -14.18 -46.18 51.51
CA ALA Q 172 -14.97 -45.88 52.70
C ALA Q 172 -14.89 -44.41 53.12
N LEU Q 173 -14.02 -43.63 52.49
CA LEU Q 173 -13.88 -42.22 52.79
C LEU Q 173 -14.13 -41.43 51.53
N THR Q 174 -15.01 -40.42 51.61
CA THR Q 174 -15.37 -39.62 50.46
C THR Q 174 -15.24 -38.12 50.70
N SER Q 175 -15.45 -37.65 51.93
CA SER Q 175 -15.38 -36.23 52.25
C SER Q 175 -13.95 -35.75 52.20
N GLY Q 176 -13.72 -34.63 51.51
CA GLY Q 176 -12.40 -34.06 51.36
C GLY Q 176 -11.59 -34.63 50.21
N VAL Q 177 -12.11 -35.63 49.50
CA VAL Q 177 -11.39 -36.24 48.38
C VAL Q 177 -11.65 -35.38 47.14
N HIS Q 178 -10.66 -34.56 46.78
CA HIS Q 178 -10.76 -33.67 45.63
C HIS Q 178 -9.63 -33.98 44.65
N THR Q 179 -9.96 -34.04 43.37
CA THR Q 179 -8.97 -34.30 42.32
C THR Q 179 -8.41 -32.96 41.84
N PHE Q 180 -7.16 -32.69 42.22
CA PHE Q 180 -6.51 -31.45 41.81
C PHE Q 180 -6.17 -31.50 40.33
N PRO Q 181 -6.25 -30.36 39.62
CA PRO Q 181 -5.98 -30.37 38.18
C PRO Q 181 -4.52 -30.65 37.86
N ALA Q 182 -4.30 -31.26 36.70
CA ALA Q 182 -2.96 -31.62 36.25
C ALA Q 182 -2.50 -30.63 35.18
N VAL Q 183 -1.24 -30.77 34.76
CA VAL Q 183 -0.67 -29.92 33.71
C VAL Q 183 0.05 -30.82 32.71
N LEU Q 184 0.32 -30.26 31.52
CA LEU Q 184 1.04 -30.98 30.49
C LEU Q 184 2.54 -30.79 30.73
N GLN Q 185 3.20 -31.86 31.16
CA GLN Q 185 4.63 -31.81 31.44
C GLN Q 185 5.44 -31.79 30.15
N SER Q 186 6.73 -31.47 30.29
CA SER Q 186 7.63 -31.51 29.14
C SER Q 186 7.83 -32.92 28.62
N SER Q 187 7.88 -33.91 29.51
CA SER Q 187 7.98 -35.31 29.10
C SER Q 187 6.62 -35.93 28.77
N GLY Q 188 5.54 -35.19 28.96
CA GLY Q 188 4.21 -35.68 28.63
C GLY Q 188 3.46 -36.36 29.76
N LEU Q 189 3.93 -36.24 31.00
CA LEU Q 189 3.28 -36.87 32.13
C LEU Q 189 2.24 -35.95 32.75
N TYR Q 190 1.39 -36.54 33.59
CA TYR Q 190 0.34 -35.82 34.29
C TYR Q 190 0.54 -35.99 35.79
N SER Q 191 -0.21 -35.18 36.56
CA SER Q 191 -0.09 -35.21 38.02
C SER Q 191 -1.45 -34.88 38.62
N LEU Q 192 -2.21 -35.91 38.97
CA LEU Q 192 -3.48 -35.76 39.68
C LEU Q 192 -3.24 -35.95 41.16
N SER Q 193 -3.62 -34.95 41.96
CA SER Q 193 -3.36 -34.94 43.39
C SER Q 193 -4.65 -35.06 44.16
N SER Q 194 -4.72 -36.00 45.10
CA SER Q 194 -5.84 -36.16 46.00
C SER Q 194 -5.31 -36.19 47.43
N VAL Q 195 -5.91 -35.38 48.31
CA VAL Q 195 -5.44 -35.24 49.68
C VAL Q 195 -6.60 -35.42 50.64
N VAL Q 196 -6.29 -35.91 51.84
CA VAL Q 196 -7.24 -36.03 52.93
C VAL Q 196 -6.63 -35.44 54.18
N THR Q 197 -7.48 -35.08 55.14
CA THR Q 197 -7.07 -34.41 56.35
C THR Q 197 -7.27 -35.32 57.56
N VAL Q 198 -6.23 -35.49 58.36
CA VAL Q 198 -6.29 -36.31 59.57
C VAL Q 198 -5.83 -35.45 60.75
N PRO Q 199 -6.24 -35.76 61.97
CA PRO Q 199 -5.70 -35.04 63.13
C PRO Q 199 -4.22 -35.34 63.34
N SER Q 200 -3.53 -34.38 63.95
CA SER Q 200 -2.08 -34.48 64.16
C SER Q 200 -1.71 -35.52 65.21
N SER Q 201 -2.67 -36.00 66.00
CA SER Q 201 -2.36 -37.01 67.01
C SER Q 201 -2.09 -38.39 66.41
N SER Q 202 -2.53 -38.62 65.17
CA SER Q 202 -2.32 -39.90 64.49
C SER Q 202 -1.71 -39.62 63.12
N LEU Q 203 -0.40 -39.78 63.01
CA LEU Q 203 0.33 -39.55 61.77
C LEU Q 203 1.11 -40.77 61.31
N GLY Q 204 1.71 -41.52 62.23
CA GLY Q 204 2.47 -42.70 61.86
C GLY Q 204 2.00 -43.96 62.58
N THR Q 205 0.82 -43.87 63.21
CA THR Q 205 0.24 -44.99 63.94
C THR Q 205 -0.80 -45.75 63.14
N GLN Q 206 -1.75 -45.05 62.52
CA GLN Q 206 -2.81 -45.66 61.74
C GLN Q 206 -2.35 -45.84 60.30
N THR Q 207 -2.59 -47.02 59.74
CA THR Q 207 -2.19 -47.32 58.37
C THR Q 207 -3.17 -46.66 57.40
N TYR Q 208 -2.64 -45.86 56.48
CA TYR Q 208 -3.44 -45.17 55.47
C TYR Q 208 -2.99 -45.62 54.09
N ILE Q 209 -3.96 -46.01 53.25
CA ILE Q 209 -3.67 -46.47 51.90
C ILE Q 209 -4.55 -45.70 50.92
N CYS Q 210 -4.08 -45.61 49.67
CA CYS Q 210 -4.84 -45.02 48.59
C CYS Q 210 -4.72 -45.90 47.36
N ASN Q 211 -5.82 -46.04 46.62
CA ASN Q 211 -5.89 -46.92 45.46
C ASN Q 211 -6.06 -46.08 44.20
N VAL Q 212 -5.17 -46.29 43.24
CA VAL Q 212 -5.23 -45.62 41.94
C VAL Q 212 -5.36 -46.70 40.87
N ASN Q 213 -6.41 -46.61 40.06
CA ASN Q 213 -6.70 -47.59 39.03
C ASN Q 213 -6.44 -46.98 37.66
N HIS Q 214 -5.74 -47.72 36.81
CA HIS Q 214 -5.42 -47.29 35.45
C HIS Q 214 -6.23 -48.14 34.48
N LYS Q 215 -7.01 -47.49 33.63
CA LYS Q 215 -7.92 -48.18 32.73
C LYS Q 215 -7.23 -48.85 31.53
N PRO Q 216 -6.37 -48.16 30.71
CA PRO Q 216 -5.79 -48.87 29.56
C PRO Q 216 -4.67 -49.82 29.95
N SER Q 217 -3.99 -49.56 31.07
CA SER Q 217 -2.88 -50.39 31.51
C SER Q 217 -3.31 -51.55 32.41
N ASN Q 218 -4.55 -51.51 32.91
CA ASN Q 218 -5.10 -52.55 33.79
C ASN Q 218 -4.25 -52.78 35.03
N THR Q 219 -3.75 -51.69 35.62
CA THR Q 219 -2.91 -51.75 36.81
C THR Q 219 -3.65 -51.07 37.96
N LYS Q 220 -3.85 -51.80 39.05
CA LYS Q 220 -4.49 -51.27 40.25
C LYS Q 220 -3.51 -51.46 41.41
N VAL Q 221 -3.07 -50.35 41.99
CA VAL Q 221 -2.05 -50.35 43.03
C VAL Q 221 -2.66 -49.80 44.32
N ASP Q 222 -2.61 -50.60 45.39
CA ASP Q 222 -3.04 -50.17 46.72
C ASP Q 222 -1.78 -49.78 47.50
N LYS Q 223 -1.33 -48.55 47.28
CA LYS Q 223 -0.07 -48.08 47.83
C LYS Q 223 -0.28 -47.47 49.21
N LYS Q 224 0.50 -47.93 50.18
CA LYS Q 224 0.50 -47.35 51.51
C LYS Q 224 1.47 -46.17 51.56
N VAL Q 225 1.04 -45.11 52.24
CA VAL Q 225 1.83 -43.89 52.36
C VAL Q 225 2.57 -43.92 53.70
N GLU Q 226 3.83 -43.52 53.68
CA GLU Q 226 4.68 -43.50 54.87
C GLU Q 226 5.46 -42.19 54.91
N PRO Q 227 5.83 -41.73 56.10
CA PRO Q 227 6.68 -40.54 56.19
C PRO Q 227 8.08 -40.81 55.67
N LYS Q 228 8.76 -39.72 55.30
CA LYS Q 228 10.12 -39.82 54.77
C LYS Q 228 11.10 -40.21 55.86
N SER Q 229 11.92 -41.22 55.58
CA SER Q 229 12.90 -41.70 56.54
C SER Q 229 14.32 -41.32 56.10
N VAL R 2 -74.04 -6.56 -10.77
CA VAL R 2 -75.18 -5.73 -10.43
C VAL R 2 -76.18 -6.49 -9.56
N GLN R 3 -77.28 -5.82 -9.21
CA GLN R 3 -78.27 -6.40 -8.33
C GLN R 3 -79.25 -7.27 -9.10
N LEU R 4 -79.59 -8.42 -8.52
CA LEU R 4 -80.47 -9.43 -9.12
C LEU R 4 -81.56 -9.82 -8.12
N VAL R 5 -82.25 -8.83 -7.57
CA VAL R 5 -83.26 -9.09 -6.54
C VAL R 5 -84.44 -9.86 -7.15
N GLN R 6 -85.09 -10.68 -6.34
CA GLN R 6 -86.22 -11.49 -6.77
C GLN R 6 -87.33 -11.41 -5.73
N SER R 7 -88.54 -11.76 -6.17
CA SER R 7 -89.73 -11.71 -5.33
C SER R 7 -90.16 -13.13 -4.99
N GLY R 8 -90.36 -13.39 -3.70
CA GLY R 8 -90.76 -14.69 -3.22
C GLY R 8 -92.26 -14.83 -3.04
N ALA R 9 -92.64 -15.89 -2.34
CA ALA R 9 -94.04 -16.18 -2.07
C ALA R 9 -94.16 -16.73 -0.66
N GLU R 10 -95.33 -17.27 -0.33
CA GLU R 10 -95.59 -17.81 1.01
C GLU R 10 -96.10 -19.24 0.92
N VAL R 11 -96.57 -19.78 2.05
CA VAL R 11 -97.09 -21.14 2.09
C VAL R 11 -98.40 -21.22 1.31
N LYS R 12 -98.70 -22.40 0.77
CA LYS R 12 -99.88 -22.59 -0.05
C LYS R 12 -100.26 -24.07 -0.03
N LYS R 13 -101.50 -24.33 -0.47
CA LYS R 13 -101.98 -25.70 -0.57
C LYS R 13 -101.29 -26.42 -1.74
N PRO R 14 -101.10 -27.74 -1.62
CA PRO R 14 -100.51 -28.49 -2.72
C PRO R 14 -101.44 -28.56 -3.93
N GLY R 15 -100.83 -28.66 -5.11
CA GLY R 15 -101.58 -28.79 -6.35
C GLY R 15 -101.94 -27.49 -7.03
N ALA R 16 -101.70 -26.36 -6.39
CA ALA R 16 -102.02 -25.06 -6.98
C ALA R 16 -100.82 -24.53 -7.76
N SER R 17 -100.87 -23.27 -8.15
CA SER R 17 -99.82 -22.64 -8.94
C SER R 17 -99.19 -21.50 -8.16
N VAL R 18 -97.86 -21.45 -8.15
CA VAL R 18 -97.11 -20.40 -7.47
C VAL R 18 -96.28 -19.66 -8.52
N LYS R 19 -96.25 -18.33 -8.41
CA LYS R 19 -95.52 -17.48 -9.34
C LYS R 19 -94.35 -16.81 -8.61
N VAL R 20 -93.15 -16.94 -9.17
CA VAL R 20 -91.95 -16.31 -8.63
C VAL R 20 -91.40 -15.36 -9.68
N SER R 21 -90.92 -14.21 -9.24
CA SER R 21 -90.50 -13.14 -10.13
C SER R 21 -89.06 -12.74 -9.82
N CYS R 22 -88.30 -12.44 -10.87
CA CYS R 22 -86.95 -11.91 -10.75
C CYS R 22 -86.83 -10.67 -11.62
N LYS R 23 -86.16 -9.64 -11.10
CA LYS R 23 -86.00 -8.38 -11.80
C LYS R 23 -84.52 -8.15 -12.11
N ALA R 24 -84.25 -7.63 -13.31
CA ALA R 24 -82.90 -7.35 -13.77
C ALA R 24 -82.76 -5.86 -14.08
N SER R 25 -81.58 -5.32 -13.79
CA SER R 25 -81.32 -3.91 -14.00
C SER R 25 -79.82 -3.71 -14.18
N GLY R 26 -79.46 -2.53 -14.70
CA GLY R 26 -78.07 -2.20 -14.92
C GLY R 26 -77.53 -2.71 -16.24
N TYR R 27 -77.38 -4.02 -16.37
CA TYR R 27 -76.87 -4.62 -17.60
C TYR R 27 -77.97 -4.69 -18.65
N ILE R 28 -77.56 -4.90 -19.90
CA ILE R 28 -78.49 -5.02 -21.01
C ILE R 28 -79.09 -6.42 -20.99
N PHE R 29 -80.42 -6.50 -20.90
CA PHE R 29 -81.12 -7.78 -20.82
C PHE R 29 -81.46 -8.32 -22.21
N SER R 30 -80.46 -8.38 -23.08
CA SER R 30 -80.63 -8.98 -24.41
C SER R 30 -79.40 -9.79 -24.82
N ASP R 31 -78.40 -9.90 -23.96
CA ASP R 31 -77.16 -10.61 -24.30
C ASP R 31 -76.81 -11.74 -23.35
N TYR R 32 -77.45 -11.84 -22.19
CA TYR R 32 -77.10 -12.82 -21.17
C TYR R 32 -78.24 -13.80 -20.94
N ASN R 33 -77.93 -15.09 -20.93
CA ASN R 33 -78.91 -16.09 -20.52
C ASN R 33 -79.03 -16.11 -19.00
N ILE R 34 -80.16 -16.66 -18.53
CA ILE R 34 -80.40 -16.79 -17.10
C ILE R 34 -80.57 -18.26 -16.77
N HIS R 35 -80.36 -18.59 -15.50
CA HIS R 35 -80.53 -19.96 -15.02
C HIS R 35 -81.26 -19.94 -13.69
N TRP R 36 -82.09 -20.95 -13.49
CA TRP R 36 -82.90 -21.11 -12.28
C TRP R 36 -82.41 -22.35 -11.54
N VAL R 37 -82.09 -22.16 -10.25
CA VAL R 37 -81.67 -23.25 -9.38
C VAL R 37 -82.41 -23.14 -8.07
N ARG R 38 -82.68 -24.28 -7.44
CA ARG R 38 -83.33 -24.33 -6.14
C ARG R 38 -82.39 -24.95 -5.11
N GLN R 39 -82.60 -24.58 -3.85
CA GLN R 39 -81.79 -25.10 -2.75
C GLN R 39 -82.72 -25.45 -1.60
N ALA R 40 -82.88 -26.75 -1.34
CA ALA R 40 -83.67 -27.22 -0.21
C ALA R 40 -82.75 -27.56 0.96
N PRO R 41 -83.24 -27.39 2.19
CA PRO R 41 -82.44 -27.81 3.36
C PRO R 41 -82.22 -29.30 3.37
N GLY R 42 -81.02 -29.70 3.79
CA GLY R 42 -80.65 -31.10 3.81
C GLY R 42 -80.12 -31.66 2.51
N GLN R 43 -80.02 -30.86 1.45
CA GLN R 43 -79.52 -31.32 0.17
C GLN R 43 -78.89 -30.16 -0.57
N GLY R 44 -78.30 -30.45 -1.73
CA GLY R 44 -77.55 -29.49 -2.51
C GLY R 44 -78.40 -28.79 -3.56
N LEU R 45 -77.71 -28.16 -4.52
CA LEU R 45 -78.36 -27.40 -5.56
C LEU R 45 -78.93 -28.32 -6.64
N GLU R 46 -80.03 -27.89 -7.25
CA GLU R 46 -80.68 -28.63 -8.31
C GLU R 46 -81.04 -27.69 -9.46
N TRP R 47 -80.90 -28.17 -10.68
CA TRP R 47 -81.15 -27.40 -11.89
C TRP R 47 -82.35 -27.96 -12.64
N MET R 48 -83.19 -27.07 -13.16
CA MET R 48 -84.30 -27.49 -14.03
C MET R 48 -84.18 -26.96 -15.45
N GLY R 49 -83.82 -25.70 -15.66
CA GLY R 49 -83.81 -25.20 -17.03
C GLY R 49 -83.34 -23.77 -17.12
N TRP R 50 -83.19 -23.32 -18.38
CA TRP R 50 -82.77 -21.98 -18.71
C TRP R 50 -83.64 -21.45 -19.84
N ILE R 51 -83.70 -20.12 -19.98
CA ILE R 51 -84.39 -19.46 -21.07
C ILE R 51 -83.50 -18.36 -21.64
N SER R 52 -84.04 -17.63 -22.61
CA SER R 52 -83.33 -16.53 -23.27
C SER R 52 -84.20 -15.27 -23.25
N PRO R 53 -83.59 -14.10 -23.09
CA PRO R 53 -84.38 -12.85 -23.07
C PRO R 53 -84.68 -12.32 -24.47
N ASP R 54 -83.81 -12.61 -25.43
CA ASP R 54 -83.97 -12.12 -26.80
C ASP R 54 -84.57 -13.16 -27.74
N SER R 55 -84.92 -14.34 -27.23
CA SER R 55 -85.49 -15.40 -28.06
C SER R 55 -86.46 -16.20 -27.22
N ASP R 56 -87.26 -17.02 -27.90
CA ASP R 56 -88.28 -17.85 -27.26
C ASP R 56 -87.75 -19.25 -26.93
N ASP R 57 -86.45 -19.38 -26.71
CA ASP R 57 -85.88 -20.67 -26.38
C ASP R 57 -86.20 -21.05 -24.94
N THR R 58 -86.62 -22.30 -24.76
CA THR R 58 -86.94 -22.83 -23.44
C THR R 58 -86.47 -24.27 -23.36
N ASN R 59 -85.78 -24.61 -22.27
CA ASN R 59 -85.28 -25.96 -22.06
C ASN R 59 -85.66 -26.44 -20.67
N TYR R 60 -85.91 -27.74 -20.55
CA TYR R 60 -86.36 -28.36 -19.32
C TYR R 60 -85.39 -29.46 -18.90
N ALA R 61 -85.47 -29.83 -17.62
CA ALA R 61 -84.66 -30.92 -17.10
C ALA R 61 -85.23 -32.26 -17.54
N GLN R 62 -84.46 -33.32 -17.28
CA GLN R 62 -84.91 -34.68 -17.59
C GLN R 62 -85.90 -35.22 -16.58
N SER R 63 -86.09 -34.52 -15.45
CA SER R 63 -87.05 -34.95 -14.43
C SER R 63 -88.30 -34.08 -14.36
N PHE R 64 -88.25 -32.86 -14.88
CA PHE R 64 -89.38 -31.94 -14.87
C PHE R 64 -89.71 -31.58 -16.32
N GLN R 65 -90.67 -32.29 -16.90
CA GLN R 65 -91.10 -32.03 -18.28
C GLN R 65 -92.32 -31.13 -18.35
N GLY R 66 -93.34 -31.37 -17.54
CA GLY R 66 -94.55 -30.57 -17.60
C GLY R 66 -94.91 -29.94 -16.27
N ARG R 67 -94.12 -30.22 -15.23
CA ARG R 67 -94.39 -29.65 -13.92
C ARG R 67 -94.04 -28.17 -13.85
N VAL R 68 -93.12 -27.69 -14.69
CA VAL R 68 -92.68 -26.30 -14.66
C VAL R 68 -92.72 -25.75 -16.09
N THR R 69 -93.25 -24.54 -16.24
CA THR R 69 -93.26 -23.81 -17.50
C THR R 69 -92.74 -22.40 -17.25
N MET R 70 -91.97 -21.89 -18.20
CA MET R 70 -91.29 -20.61 -18.06
C MET R 70 -91.95 -19.54 -18.93
N THR R 71 -92.00 -18.31 -18.42
CA THR R 71 -92.58 -17.19 -19.13
C THR R 71 -91.58 -16.05 -19.16
N ARG R 72 -91.47 -15.38 -20.30
CA ARG R 72 -90.53 -14.28 -20.50
C ARG R 72 -91.29 -13.00 -20.84
N ASP R 73 -90.87 -11.88 -20.24
CA ASP R 73 -91.40 -10.55 -20.51
C ASP R 73 -90.22 -9.62 -20.75
N THR R 74 -89.95 -9.32 -22.01
CA THR R 74 -88.78 -8.51 -22.35
C THR R 74 -89.03 -7.03 -22.07
N SER R 75 -90.27 -6.56 -22.25
CA SER R 75 -90.56 -5.12 -22.20
C SER R 75 -90.38 -4.56 -20.79
N ILE R 76 -90.92 -5.23 -19.78
CA ILE R 76 -90.77 -4.75 -18.40
C ILE R 76 -89.52 -5.31 -17.73
N THR R 77 -88.74 -6.13 -18.43
CA THR R 77 -87.44 -6.65 -18.00
C THR R 77 -87.59 -7.44 -16.69
N THR R 78 -88.43 -8.47 -16.75
CA THR R 78 -88.59 -9.43 -15.67
C THR R 78 -88.74 -10.82 -16.28
N VAL R 79 -88.51 -11.84 -15.45
CA VAL R 79 -88.72 -13.22 -15.85
C VAL R 79 -89.65 -13.88 -14.84
N TYR R 80 -90.55 -14.72 -15.34
CA TYR R 80 -91.58 -15.36 -14.53
C TYR R 80 -91.50 -16.86 -14.65
N MET R 81 -91.69 -17.54 -13.52
CA MET R 81 -91.78 -19.00 -13.48
C MET R 81 -93.03 -19.40 -12.70
N GLU R 82 -93.78 -20.36 -13.24
CA GLU R 82 -94.92 -20.92 -12.56
C GLU R 82 -94.72 -22.42 -12.36
N LEU R 83 -95.11 -22.91 -11.20
CA LEU R 83 -94.96 -24.32 -10.83
C LEU R 83 -96.34 -24.96 -10.74
N SER R 84 -96.51 -26.08 -11.45
CA SER R 84 -97.78 -26.80 -11.47
C SER R 84 -97.63 -28.12 -10.72
N SER R 85 -98.66 -28.44 -9.92
CA SER R 85 -98.75 -29.67 -9.13
C SER R 85 -97.55 -29.81 -8.20
N LEU R 86 -97.49 -28.90 -7.23
CA LEU R 86 -96.44 -28.91 -6.23
C LEU R 86 -96.55 -30.15 -5.34
N ARG R 87 -95.43 -30.82 -5.13
CA ARG R 87 -95.39 -32.03 -4.32
C ARG R 87 -95.14 -31.65 -2.86
N SER R 88 -94.82 -32.64 -2.03
CA SER R 88 -94.50 -32.39 -0.63
C SER R 88 -93.03 -32.08 -0.41
N ASP R 89 -92.14 -32.73 -1.15
CA ASP R 89 -90.70 -32.54 -0.99
C ASP R 89 -90.17 -31.53 -2.02
N ASP R 90 -90.65 -30.29 -1.90
CA ASP R 90 -90.19 -29.21 -2.77
C ASP R 90 -89.97 -27.90 -2.03
N THR R 91 -89.95 -27.92 -0.71
CA THR R 91 -89.70 -26.70 0.08
C THR R 91 -88.23 -26.32 -0.08
N ALA R 92 -87.95 -25.38 -0.98
CA ALA R 92 -86.60 -25.03 -1.33
C ALA R 92 -86.49 -23.51 -1.50
N VAL R 93 -85.25 -23.05 -1.61
CA VAL R 93 -84.94 -21.64 -1.87
C VAL R 93 -84.53 -21.52 -3.33
N TYR R 94 -85.33 -20.80 -4.11
CA TYR R 94 -85.10 -20.65 -5.54
C TYR R 94 -84.22 -19.44 -5.77
N PHE R 95 -83.17 -19.60 -6.56
CA PHE R 95 -82.17 -18.57 -6.80
C PHE R 95 -82.23 -18.10 -8.24
N CYS R 96 -82.29 -16.78 -8.43
CA CYS R 96 -82.25 -16.17 -9.76
C CYS R 96 -80.80 -15.85 -10.07
N ALA R 97 -80.20 -16.64 -10.97
CA ALA R 97 -78.78 -16.53 -11.30
C ALA R 97 -78.63 -15.98 -12.71
N ARG R 98 -77.75 -14.99 -12.87
CA ARG R 98 -77.43 -14.44 -14.17
C ARG R 98 -76.11 -15.03 -14.66
N SER R 99 -76.13 -15.57 -15.87
CA SER R 99 -74.97 -16.17 -16.50
C SER R 99 -74.49 -15.29 -17.64
N VAL R 100 -73.16 -15.25 -17.83
CA VAL R 100 -72.60 -14.50 -18.95
C VAL R 100 -72.76 -15.28 -20.25
N GLY R 101 -72.30 -14.69 -21.35
CA GLY R 101 -72.30 -15.37 -22.63
C GLY R 101 -73.71 -15.54 -23.18
N TYR R 102 -73.82 -16.42 -24.19
CA TYR R 102 -75.12 -16.80 -24.72
C TYR R 102 -75.00 -18.20 -25.32
N CYS R 103 -75.91 -19.09 -24.91
CA CYS R 103 -76.01 -20.42 -25.48
C CYS R 103 -77.46 -20.75 -25.72
N SER R 104 -77.71 -21.47 -26.81
CA SER R 104 -79.03 -21.97 -27.15
C SER R 104 -79.03 -23.45 -27.53
N LEU R 105 -77.91 -23.97 -28.04
CA LEU R 105 -77.83 -25.36 -28.41
C LEU R 105 -77.62 -26.23 -27.17
N ASN R 106 -77.78 -27.54 -27.37
CA ASN R 106 -77.63 -28.48 -26.26
C ASN R 106 -76.17 -28.62 -25.83
N SER R 107 -75.25 -28.63 -26.79
CA SER R 107 -73.84 -28.85 -26.50
C SER R 107 -73.09 -27.59 -26.11
N CYS R 108 -73.74 -26.43 -26.08
CA CYS R 108 -73.07 -25.18 -25.74
C CYS R 108 -72.80 -25.04 -24.25
N GLN R 109 -73.51 -25.79 -23.42
CA GLN R 109 -73.50 -25.62 -21.97
C GLN R 109 -72.20 -26.12 -21.29
N ARG R 110 -71.17 -26.57 -22.01
CA ARG R 110 -69.94 -27.01 -21.36
C ARG R 110 -69.16 -25.86 -20.75
N TRP R 111 -69.20 -24.69 -21.38
CA TRP R 111 -68.41 -23.54 -20.97
C TRP R 111 -69.16 -22.61 -20.03
N MET R 112 -70.34 -23.00 -19.53
CA MET R 112 -71.20 -22.07 -18.83
C MET R 112 -71.07 -22.22 -17.32
N TRP R 113 -70.93 -21.08 -16.62
CA TRP R 113 -70.86 -21.04 -15.16
C TRP R 113 -71.75 -19.91 -14.67
N PHE R 114 -72.36 -20.10 -13.49
CA PHE R 114 -73.25 -19.09 -12.91
C PHE R 114 -72.39 -18.02 -12.23
N ASP R 115 -72.22 -16.89 -12.91
CA ASP R 115 -71.30 -15.85 -12.43
C ASP R 115 -71.95 -14.96 -11.39
N THR R 116 -73.00 -14.23 -11.77
CA THR R 116 -73.64 -13.24 -10.89
C THR R 116 -74.93 -13.86 -10.34
N TRP R 117 -74.88 -14.22 -9.07
CA TRP R 117 -76.03 -14.82 -8.41
C TRP R 117 -76.94 -13.75 -7.82
N GLY R 118 -78.15 -14.16 -7.46
CA GLY R 118 -79.08 -13.29 -6.78
C GLY R 118 -79.55 -13.93 -5.49
N GLN R 119 -80.08 -13.10 -4.60
CA GLN R 119 -80.58 -13.59 -3.32
C GLN R 119 -81.83 -14.43 -3.52
N GLY R 120 -81.95 -15.50 -2.74
CA GLY R 120 -83.08 -16.40 -2.86
C GLY R 120 -84.15 -16.14 -1.82
N ALA R 121 -85.31 -16.75 -2.06
CA ALA R 121 -86.44 -16.69 -1.14
C ALA R 121 -86.96 -18.10 -0.92
N LEU R 122 -87.27 -18.45 0.33
CA LEU R 122 -87.67 -19.84 0.62
C LEU R 122 -89.07 -20.21 0.18
N VAL R 123 -89.17 -21.19 -0.72
CA VAL R 123 -90.47 -21.65 -1.16
C VAL R 123 -90.99 -22.75 -0.25
N THR R 124 -92.22 -22.59 0.22
CA THR R 124 -92.83 -23.60 1.06
C THR R 124 -94.26 -23.85 0.62
N VAL R 125 -94.54 -25.06 0.13
CA VAL R 125 -95.91 -25.40 -0.22
C VAL R 125 -96.42 -26.47 0.72
N SER R 126 -97.48 -26.17 1.44
CA SER R 126 -98.00 -27.13 2.41
C SER R 126 -99.47 -26.89 2.70
N SER R 127 -100.21 -27.97 2.95
CA SER R 127 -101.61 -27.83 3.28
C SER R 127 -101.78 -27.59 4.77
N ALA R 128 -102.25 -26.40 5.14
CA ALA R 128 -102.40 -26.08 6.56
C ALA R 128 -103.35 -24.92 6.79
N SER R 129 -103.67 -24.63 8.04
CA SER R 129 -104.65 -23.58 8.34
C SER R 129 -104.05 -22.23 8.73
N THR R 130 -104.53 -21.15 8.10
CA THR R 130 -104.04 -19.80 8.42
C THR R 130 -105.03 -18.99 9.26
N LYS R 131 -104.51 -18.25 10.24
CA LYS R 131 -105.36 -17.45 11.12
C LYS R 131 -104.45 -16.73 12.09
N GLY R 132 -104.91 -15.65 12.73
CA GLY R 132 -104.03 -15.05 13.71
C GLY R 132 -103.50 -16.02 14.76
N PRO R 133 -102.45 -15.62 15.45
CA PRO R 133 -101.86 -16.50 16.47
C PRO R 133 -102.70 -16.58 17.73
N SER R 134 -102.52 -17.68 18.45
CA SER R 134 -103.15 -17.90 19.75
C SER R 134 -102.07 -18.13 20.79
N VAL R 135 -102.18 -17.43 21.91
CA VAL R 135 -101.15 -17.45 22.95
C VAL R 135 -101.62 -18.35 24.08
N PHE R 136 -100.76 -19.29 24.48
CA PHE R 136 -101.09 -20.24 25.53
C PHE R 136 -100.35 -19.86 26.81
N PRO R 137 -101.05 -19.65 27.92
CA PRO R 137 -100.37 -19.29 29.18
C PRO R 137 -99.54 -20.45 29.72
N LEU R 138 -98.53 -20.08 30.51
CA LEU R 138 -97.62 -21.06 31.08
C LEU R 138 -97.24 -20.62 32.49
N ALA R 139 -96.96 -21.62 33.38
CA ALA R 139 -96.55 -21.44 34.76
C ALA R 139 -95.07 -21.79 34.93
N PRO R 140 -94.37 -21.11 35.83
CA PRO R 140 -92.98 -21.45 36.08
C PRO R 140 -92.82 -22.79 36.78
N SER R 141 -91.64 -23.37 36.63
CA SER R 141 -91.33 -24.66 37.24
C SER R 141 -91.20 -24.55 38.75
N THR R 149 -82.49 -18.20 40.41
CA THR R 149 -83.32 -17.62 39.38
C THR R 149 -84.54 -18.50 39.09
N ALA R 150 -85.58 -17.89 38.54
CA ALA R 150 -86.81 -18.60 38.18
C ALA R 150 -87.09 -18.42 36.69
N ALA R 151 -87.37 -19.53 36.02
CA ALA R 151 -87.60 -19.53 34.57
C ALA R 151 -89.08 -19.68 34.28
N LEU R 152 -89.61 -18.78 33.44
CA LEU R 152 -90.97 -18.86 32.96
C LEU R 152 -90.98 -18.57 31.46
N GLY R 153 -91.97 -19.13 30.77
CA GLY R 153 -92.04 -19.01 29.34
C GLY R 153 -93.42 -18.58 28.87
N CYS R 154 -93.46 -18.13 27.62
CA CYS R 154 -94.69 -17.73 26.96
C CYS R 154 -94.87 -18.59 25.71
N LEU R 155 -96.03 -19.23 25.59
CA LEU R 155 -96.31 -20.15 24.50
C LEU R 155 -97.28 -19.53 23.52
N VAL R 156 -96.92 -19.56 22.24
CA VAL R 156 -97.79 -19.14 21.14
C VAL R 156 -98.03 -20.33 20.23
N LYS R 157 -99.28 -20.55 19.85
CA LYS R 157 -99.68 -21.71 19.07
C LYS R 157 -100.49 -21.27 17.86
N ASP R 158 -100.65 -22.23 16.94
CA ASP R 158 -101.43 -22.15 15.69
C ASP R 158 -101.31 -20.82 14.93
N TYR R 159 -100.10 -20.27 14.86
CA TYR R 159 -99.86 -19.09 14.03
C TYR R 159 -99.56 -19.52 12.60
N PHE R 160 -100.12 -18.79 11.64
CA PHE R 160 -100.04 -19.19 10.25
C PHE R 160 -100.16 -17.96 9.35
N PRO R 161 -99.17 -17.68 8.49
CA PRO R 161 -97.90 -18.40 8.34
C PRO R 161 -96.73 -17.74 9.06
N GLU R 162 -95.52 -18.24 8.78
CA GLU R 162 -94.30 -17.65 9.32
C GLU R 162 -94.06 -16.26 8.71
N PRO R 163 -93.37 -15.37 9.45
CA PRO R 163 -92.85 -15.46 10.81
C PRO R 163 -93.67 -14.70 11.84
N VAL R 164 -93.20 -14.70 13.09
CA VAL R 164 -93.80 -13.93 14.17
C VAL R 164 -92.71 -13.15 14.89
N THR R 165 -93.08 -12.01 15.45
CA THR R 165 -92.18 -11.18 16.23
C THR R 165 -92.66 -11.17 17.69
N VAL R 166 -91.74 -11.42 18.61
CA VAL R 166 -92.04 -11.52 20.03
C VAL R 166 -91.44 -10.30 20.74
N SER R 167 -92.21 -9.72 21.65
CA SER R 167 -91.76 -8.60 22.46
C SER R 167 -92.30 -8.75 23.87
N TRP R 168 -91.58 -8.18 24.83
CA TRP R 168 -91.95 -8.25 26.24
C TRP R 168 -92.11 -6.84 26.78
N ASN R 169 -93.23 -6.60 27.47
CA ASN R 169 -93.60 -5.29 28.04
C ASN R 169 -93.62 -4.20 26.96
N SER R 170 -94.11 -4.57 25.77
CA SER R 170 -94.15 -3.70 24.59
C SER R 170 -92.77 -3.14 24.26
N GLY R 171 -91.75 -3.99 24.36
CA GLY R 171 -90.39 -3.60 24.06
C GLY R 171 -89.59 -3.07 25.23
N ALA R 172 -90.22 -2.87 26.39
CA ALA R 172 -89.49 -2.35 27.54
C ALA R 172 -88.58 -3.39 28.19
N LEU R 173 -88.82 -4.67 27.95
CA LEU R 173 -88.00 -5.74 28.51
C LEU R 173 -87.23 -6.40 27.37
N THR R 174 -85.90 -6.41 27.47
CA THR R 174 -85.05 -6.95 26.42
C THR R 174 -84.10 -7.99 27.00
N SER R 175 -83.60 -7.74 28.22
CA SER R 175 -82.64 -8.64 28.85
C SER R 175 -83.31 -9.94 29.25
N GLY R 176 -82.67 -11.06 28.91
CA GLY R 176 -83.19 -12.37 29.23
C GLY R 176 -84.14 -12.96 28.22
N VAL R 177 -84.52 -12.20 27.19
CA VAL R 177 -85.46 -12.70 26.19
C VAL R 177 -84.74 -13.67 25.26
N HIS R 178 -85.30 -14.87 25.11
CA HIS R 178 -84.70 -15.91 24.26
C HIS R 178 -85.83 -16.69 23.60
N THR R 179 -85.99 -16.48 22.29
CA THR R 179 -87.00 -17.21 21.54
C THR R 179 -86.50 -18.60 21.17
N PHE R 180 -87.39 -19.40 20.59
CA PHE R 180 -87.10 -20.77 20.21
C PHE R 180 -87.49 -21.01 18.77
N PRO R 181 -86.79 -21.90 18.06
CA PRO R 181 -87.14 -22.19 16.66
C PRO R 181 -88.47 -22.90 16.55
N ALA R 182 -89.10 -22.74 15.39
CA ALA R 182 -90.42 -23.29 15.14
C ALA R 182 -90.35 -24.81 14.97
N VAL R 183 -91.24 -25.52 15.65
CA VAL R 183 -91.35 -26.97 15.55
C VAL R 183 -92.27 -27.33 14.39
N LEU R 184 -92.24 -28.59 13.97
CA LEU R 184 -93.19 -29.08 12.98
C LEU R 184 -94.35 -29.78 13.68
N GLN R 185 -95.55 -29.56 13.15
CA GLN R 185 -96.77 -30.14 13.70
C GLN R 185 -97.40 -31.08 12.68
N SER R 186 -98.09 -32.10 13.19
CA SER R 186 -98.78 -33.04 12.31
C SER R 186 -100.12 -32.48 11.83
N SER R 187 -100.63 -31.42 12.46
CA SER R 187 -101.91 -30.84 12.08
C SER R 187 -101.77 -29.71 11.07
N GLY R 188 -100.56 -29.34 10.69
CA GLY R 188 -100.32 -28.32 9.69
C GLY R 188 -100.02 -26.95 10.24
N LEU R 189 -100.29 -26.70 11.53
CA LEU R 189 -100.00 -25.41 12.14
C LEU R 189 -98.56 -25.35 12.61
N TYR R 190 -98.20 -24.22 13.23
CA TYR R 190 -96.86 -23.99 13.74
C TYR R 190 -96.92 -23.55 15.20
N SER R 191 -95.86 -23.88 15.94
CA SER R 191 -95.78 -23.56 17.36
C SER R 191 -94.43 -22.92 17.66
N LEU R 192 -94.42 -22.08 18.70
CA LEU R 192 -93.21 -21.36 19.10
C LEU R 192 -93.33 -21.03 20.59
N SER R 193 -92.17 -20.86 21.23
CA SER R 193 -92.11 -20.51 22.64
C SER R 193 -91.09 -19.40 22.86
N SER R 194 -91.27 -18.68 23.96
CA SER R 194 -90.37 -17.60 24.37
C SER R 194 -90.18 -17.69 25.87
N VAL R 195 -89.03 -18.21 26.30
CA VAL R 195 -88.71 -18.41 27.71
C VAL R 195 -87.70 -17.36 28.13
N VAL R 196 -87.99 -16.66 29.23
CA VAL R 196 -87.13 -15.61 29.74
C VAL R 196 -86.47 -16.09 31.03
N THR R 197 -85.28 -15.56 31.31
CA THR R 197 -84.51 -15.89 32.50
C THR R 197 -84.52 -14.67 33.41
N VAL R 198 -85.35 -14.70 34.44
CA VAL R 198 -85.49 -13.58 35.38
C VAL R 198 -85.10 -14.09 36.75
N PRO R 199 -84.66 -13.20 37.65
CA PRO R 199 -84.39 -13.61 39.02
C PRO R 199 -85.65 -14.06 39.75
N SER R 200 -85.47 -14.98 40.69
CA SER R 200 -86.60 -15.54 41.43
C SER R 200 -87.19 -14.56 42.44
N SER R 201 -86.44 -13.51 42.82
CA SER R 201 -86.97 -12.53 43.76
C SER R 201 -87.95 -11.58 43.10
N SER R 202 -88.00 -11.54 41.78
CA SER R 202 -88.92 -10.67 41.04
C SER R 202 -89.91 -11.47 40.21
N LEU R 203 -90.24 -12.68 40.67
CA LEU R 203 -91.18 -13.52 39.95
C LEU R 203 -92.61 -13.02 40.12
N GLY R 204 -92.95 -12.56 41.33
CA GLY R 204 -94.30 -12.07 41.59
C GLY R 204 -94.34 -10.62 41.99
N THR R 205 -93.21 -10.08 42.46
CA THR R 205 -93.14 -8.67 42.84
C THR R 205 -93.21 -7.77 41.61
N GLN R 206 -92.47 -8.12 40.56
CA GLN R 206 -92.53 -7.42 39.29
C GLN R 206 -93.13 -8.36 38.26
N THR R 207 -94.26 -7.95 37.68
CA THR R 207 -95.00 -8.78 36.74
C THR R 207 -94.77 -8.27 35.32
N TYR R 208 -94.42 -9.17 34.41
CA TYR R 208 -94.10 -8.83 33.03
C TYR R 208 -95.27 -9.14 32.11
N ILE R 209 -95.19 -8.62 30.89
CA ILE R 209 -96.23 -8.78 29.88
C ILE R 209 -95.62 -9.46 28.67
N CYS R 210 -96.29 -10.50 28.17
CA CYS R 210 -95.87 -11.20 26.97
C CYS R 210 -96.70 -10.73 25.78
N ASN R 211 -96.03 -10.34 24.71
CA ASN R 211 -96.68 -9.83 23.51
C ASN R 211 -96.13 -10.52 22.28
N VAL R 212 -96.95 -10.59 21.24
CA VAL R 212 -96.56 -11.19 19.97
C VAL R 212 -97.32 -10.48 18.86
N ASN R 213 -96.67 -10.36 17.69
CA ASN R 213 -97.27 -9.71 16.53
C ASN R 213 -97.13 -10.62 15.32
N HIS R 214 -98.14 -10.59 14.45
CA HIS R 214 -98.16 -11.38 13.22
C HIS R 214 -98.65 -10.48 12.09
N LYS R 215 -97.71 -9.97 11.29
CA LYS R 215 -98.02 -9.07 10.19
C LYS R 215 -98.83 -9.65 9.00
N PRO R 216 -98.81 -10.95 8.67
CA PRO R 216 -99.74 -11.40 7.61
C PRO R 216 -101.20 -11.36 8.02
N SER R 217 -101.50 -11.60 9.30
CA SER R 217 -102.88 -11.57 9.77
C SER R 217 -103.33 -10.20 10.25
N ASN R 218 -102.39 -9.27 10.46
CA ASN R 218 -102.67 -7.89 10.87
C ASN R 218 -103.45 -7.84 12.18
N THR R 219 -103.09 -8.69 13.13
CA THR R 219 -103.75 -8.74 14.43
C THR R 219 -102.70 -8.70 15.54
N LYS R 220 -103.10 -8.15 16.68
CA LYS R 220 -102.24 -8.06 17.85
C LYS R 220 -103.06 -8.41 19.09
N VAL R 221 -102.55 -9.33 19.90
CA VAL R 221 -103.19 -9.73 21.14
C VAL R 221 -102.20 -9.53 22.29
N ASP R 222 -102.73 -9.24 23.47
CA ASP R 222 -101.94 -9.05 24.68
C ASP R 222 -102.54 -9.88 25.81
N LYS R 223 -101.70 -10.18 26.81
CA LYS R 223 -102.12 -11.01 27.93
C LYS R 223 -101.49 -10.47 29.20
N LYS R 224 -101.56 -11.27 30.27
CA LYS R 224 -100.95 -10.92 31.55
C LYS R 224 -100.53 -12.24 32.21
N VAL R 225 -99.24 -12.54 32.14
CA VAL R 225 -98.75 -13.80 32.70
C VAL R 225 -98.62 -13.68 34.21
N GLU R 226 -99.02 -14.74 34.92
CA GLU R 226 -98.90 -14.75 36.37
C GLU R 226 -98.50 -16.13 36.86
N PRO R 227 -97.52 -16.23 37.77
CA PRO R 227 -97.17 -17.53 38.34
C PRO R 227 -98.24 -18.04 39.28
N LYS R 228 -98.34 -19.36 39.37
CA LYS R 228 -99.30 -19.99 40.26
C LYS R 228 -98.63 -20.36 41.59
N SER R 229 -99.44 -20.40 42.64
CA SER R 229 -98.94 -20.72 43.98
C SER R 229 -98.95 -22.23 44.21
#